data_4V9E
#
_entry.id   4V9E
#
_cell.length_a   91.660
_cell.length_b   173.330
_cell.length_c   172.900
_cell.angle_alpha   119.950
_cell.angle_beta   99.340
_cell.angle_gamma   90.120
#
_symmetry.space_group_name_H-M   'P 1'
#
loop_
_entity.id
_entity.type
_entity.pdbx_description
1 polymer 'Nucleocapsid protein'
2 polymer '35-mer poly(U) RNA'
#
loop_
_entity_poly.entity_id
_entity_poly.type
_entity_poly.pdbx_seq_one_letter_code
_entity_poly.pdbx_strand_id
1 'polypeptide(L)'
;MDNYQELAIQFAAQAVDRNEIEQWVREFAYQGFDARRVIELLKQYGGADWEKDAKKMIVLALTRGNKPRRMMMKMSKEGK
ATVEALINKYKLKEGNPSRDELTLSRVAAALAGRTCQALVVLSEWLPVTGTTMDGLSPAYPRHMMHPSFAGMVDPSLPGD
YLRAILDAHSLYLLQFSRVINPNLRGRTKEEVAATFTQPMNAAVNSNFISHEKRREFLKAFGLVDSNGKPSAAVMAAAQA
YKTAA
;
AA,AB,AC,AD,AE,AF,AG,AH,AI,AJ,AK,AL,AM,AN,AO,AP,AQ,AR,BA,BB,BC,BD,BE,BF,BG,BH,BI,BJ,BK,BL,BM,BN,BO,BP,BQ,BR
2 'polyribonucleotide' UUUUUUUUUUUUUUUUUUUUUUUUUUUUUUUUUUUU Aa,Ag,Am,Ba,Bg,Bm
#
loop_
_chem_comp.id
_chem_comp.type
_chem_comp.name
_chem_comp.formula
U RNA linking URIDINE-5'-MONOPHOSPHATE 'C9 H13 N2 O9 P'
#
# COMPACT_ATOMS: atom_id res chain seq x y z
N GLN A 5 -17.71 -23.84 -73.22
CA GLN A 5 -16.75 -23.15 -72.36
C GLN A 5 -17.37 -21.90 -71.72
N GLU A 6 -18.31 -21.24 -72.43
CA GLU A 6 -18.99 -20.05 -71.93
C GLU A 6 -20.07 -20.44 -70.89
N LEU A 7 -19.61 -20.86 -69.72
CA LEU A 7 -20.43 -21.28 -68.57
C LEU A 7 -20.30 -20.28 -67.41
N ALA A 8 -19.55 -19.19 -67.64
CA ALA A 8 -19.31 -18.11 -66.68
C ALA A 8 -20.59 -17.27 -66.46
N ILE A 9 -21.52 -17.29 -67.45
CA ILE A 9 -22.81 -16.60 -67.43
C ILE A 9 -23.67 -17.14 -66.28
N GLN A 10 -23.64 -18.48 -66.10
CA GLN A 10 -24.38 -19.21 -65.06
C GLN A 10 -23.79 -18.90 -63.67
N PHE A 11 -22.45 -18.73 -63.61
CA PHE A 11 -21.71 -18.38 -62.39
C PHE A 11 -22.00 -16.92 -61.99
N ALA A 12 -22.22 -16.07 -63.00
CA ALA A 12 -22.53 -14.64 -62.85
C ALA A 12 -24.00 -14.42 -62.49
N ALA A 13 -24.90 -15.30 -63.00
CA ALA A 13 -26.35 -15.24 -62.76
C ALA A 13 -26.70 -15.53 -61.28
N GLN A 14 -25.75 -16.15 -60.54
CA GLN A 14 -25.86 -16.48 -59.12
C GLN A 14 -26.05 -15.24 -58.25
N ALA A 15 -26.95 -15.32 -57.26
CA ALA A 15 -27.23 -14.23 -56.33
C ALA A 15 -26.06 -14.06 -55.37
N VAL A 16 -25.52 -12.84 -55.26
CA VAL A 16 -24.38 -12.53 -54.39
C VAL A 16 -24.82 -12.52 -52.92
N ASP A 17 -24.13 -13.32 -52.08
CA ASP A 17 -24.40 -13.42 -50.66
C ASP A 17 -23.59 -12.37 -49.92
N ARG A 18 -24.27 -11.30 -49.45
CA ARG A 18 -23.72 -10.14 -48.73
C ARG A 18 -22.82 -10.54 -47.55
N ASN A 19 -23.32 -11.45 -46.70
CA ASN A 19 -22.66 -11.95 -45.49
C ASN A 19 -21.47 -12.87 -45.80
N GLU A 20 -21.54 -13.66 -46.88
CA GLU A 20 -20.50 -14.62 -47.30
C GLU A 20 -19.22 -13.89 -47.72
N ILE A 21 -19.40 -12.73 -48.38
CA ILE A 21 -18.32 -11.86 -48.85
C ILE A 21 -17.74 -11.10 -47.63
N GLU A 22 -18.61 -10.68 -46.69
CA GLU A 22 -18.26 -9.96 -45.46
C GLU A 22 -17.34 -10.78 -44.54
N GLN A 23 -17.44 -12.11 -44.60
CA GLN A 23 -16.63 -13.05 -43.82
C GLN A 23 -15.19 -13.08 -44.34
N TRP A 24 -15.03 -13.11 -45.68
CA TRP A 24 -13.75 -13.19 -46.36
C TRP A 24 -12.98 -11.86 -46.36
N VAL A 25 -13.68 -10.70 -46.44
CA VAL A 25 -13.03 -9.39 -46.45
C VAL A 25 -12.35 -9.12 -45.08
N ARG A 26 -12.97 -9.56 -43.97
CA ARG A 26 -12.43 -9.43 -42.61
C ARG A 26 -11.29 -10.43 -42.40
N GLU A 27 -11.36 -11.60 -43.07
CA GLU A 27 -10.35 -12.65 -43.02
C GLU A 27 -9.11 -12.23 -43.82
N PHE A 28 -9.31 -11.70 -45.04
CA PHE A 28 -8.23 -11.24 -45.93
C PHE A 28 -8.01 -9.72 -45.80
N ALA A 29 -8.16 -9.18 -44.57
CA ALA A 29 -7.97 -7.76 -44.29
C ALA A 29 -6.50 -7.38 -44.16
N TYR A 30 -6.17 -6.11 -44.42
CA TYR A 30 -4.81 -5.57 -44.32
C TYR A 30 -4.58 -5.00 -42.92
N GLN A 31 -3.41 -5.32 -42.34
CA GLN A 31 -3.02 -4.84 -41.01
C GLN A 31 -1.83 -3.86 -41.14
N GLY A 32 -1.98 -2.71 -40.51
CA GLY A 32 -1.00 -1.62 -40.49
C GLY A 32 -1.16 -0.77 -39.26
N PHE A 33 -2.40 -0.30 -39.03
CA PHE A 33 -2.79 0.49 -37.86
C PHE A 33 -3.02 -0.48 -36.68
N ASP A 34 -3.41 0.04 -35.50
CA ASP A 34 -3.60 -0.82 -34.34
C ASP A 34 -4.99 -0.66 -33.69
N ALA A 35 -5.35 0.57 -33.25
CA ALA A 35 -6.60 0.96 -32.57
C ALA A 35 -6.83 0.17 -31.26
N ARG A 36 -7.23 -1.12 -31.36
CA ARG A 36 -7.45 -2.00 -30.22
C ARG A 36 -6.12 -2.37 -29.53
N ARG A 37 -5.06 -2.59 -30.34
CA ARG A 37 -3.72 -2.93 -29.89
C ARG A 37 -3.06 -1.77 -29.12
N VAL A 38 -3.34 -0.50 -29.52
CA VAL A 38 -2.80 0.72 -28.90
C VAL A 38 -3.25 0.79 -27.43
N ILE A 39 -4.58 0.68 -27.17
CA ILE A 39 -5.17 0.73 -25.83
C ILE A 39 -4.64 -0.47 -24.99
N GLU A 40 -4.50 -1.65 -25.63
CA GLU A 40 -3.99 -2.88 -25.02
C GLU A 40 -2.53 -2.69 -24.55
N LEU A 41 -1.72 -1.93 -25.33
CA LEU A 41 -0.32 -1.64 -25.02
C LEU A 41 -0.21 -0.49 -24.01
N LEU A 42 -1.14 0.50 -24.05
CA LEU A 42 -1.16 1.64 -23.13
C LEU A 42 -1.37 1.18 -21.68
N LYS A 43 -2.27 0.20 -21.47
CA LYS A 43 -2.57 -0.38 -20.16
C LYS A 43 -1.48 -1.37 -19.72
N GLN A 44 -0.73 -1.93 -20.70
CA GLN A 44 0.36 -2.89 -20.47
C GLN A 44 1.58 -2.19 -19.88
N TYR A 45 1.95 -1.01 -20.41
CA TYR A 45 3.12 -0.24 -19.96
C TYR A 45 2.75 0.75 -18.83
N GLY A 46 1.64 1.46 -19.00
CA GLY A 46 1.16 2.45 -18.04
C GLY A 46 0.59 1.88 -16.76
N GLY A 47 -0.38 0.98 -16.89
CA GLY A 47 -1.05 0.34 -15.77
C GLY A 47 -2.26 1.10 -15.30
N ALA A 48 -2.10 1.90 -14.23
CA ALA A 48 -3.15 2.72 -13.65
C ALA A 48 -3.03 4.19 -14.07
N ASP A 49 -1.79 4.67 -14.28
CA ASP A 49 -1.49 6.05 -14.68
C ASP A 49 -1.49 6.21 -16.22
N TRP A 50 -2.10 5.26 -16.95
CA TRP A 50 -2.16 5.27 -18.41
C TRP A 50 -3.09 6.38 -18.96
N GLU A 51 -4.17 6.71 -18.21
CA GLU A 51 -5.16 7.73 -18.62
C GLU A 51 -4.59 9.14 -18.53
N LYS A 52 -3.81 9.45 -17.47
CA LYS A 52 -3.20 10.77 -17.26
C LYS A 52 -2.09 11.01 -18.28
N ASP A 53 -1.28 9.96 -18.58
CA ASP A 53 -0.18 10.02 -19.54
C ASP A 53 -0.69 10.11 -20.98
N ALA A 54 -1.86 9.49 -21.28
CA ALA A 54 -2.49 9.54 -22.61
C ALA A 54 -2.93 10.97 -22.93
N LYS A 55 -3.45 11.70 -21.91
CA LYS A 55 -3.88 13.10 -22.01
C LYS A 55 -2.67 13.99 -22.32
N LYS A 56 -1.51 13.68 -21.71
CA LYS A 56 -0.23 14.38 -21.91
C LYS A 56 0.30 14.14 -23.33
N MET A 57 0.19 12.89 -23.81
CA MET A 57 0.65 12.46 -25.13
C MET A 57 -0.20 13.05 -26.27
N ILE A 58 -1.51 13.33 -26.00
CA ILE A 58 -2.42 13.93 -26.99
C ILE A 58 -2.01 15.40 -27.22
N VAL A 59 -1.75 16.16 -26.14
CA VAL A 59 -1.33 17.56 -26.18
C VAL A 59 0.05 17.67 -26.86
N LEU A 60 0.95 16.70 -26.59
CA LEU A 60 2.31 16.63 -27.14
C LEU A 60 2.30 16.39 -28.67
N ALA A 61 1.46 15.45 -29.15
CA ALA A 61 1.35 15.10 -30.57
C ALA A 61 0.66 16.19 -31.39
N LEU A 62 -0.29 16.91 -30.78
CA LEU A 62 -1.08 17.98 -31.43
C LEU A 62 -0.28 19.27 -31.63
N THR A 63 0.49 19.68 -30.61
CA THR A 63 1.26 20.93 -30.63
C THR A 63 2.64 20.77 -31.29
N ARG A 64 3.37 19.69 -30.97
CA ARG A 64 4.72 19.48 -31.52
C ARG A 64 4.71 18.57 -32.75
N GLY A 65 4.66 17.25 -32.56
CA GLY A 65 4.66 16.30 -33.66
C GLY A 65 4.69 14.83 -33.26
N ASN A 66 5.25 13.99 -34.15
CA ASN A 66 5.34 12.54 -33.96
C ASN A 66 6.74 12.09 -33.49
N LYS A 67 7.82 12.78 -33.93
CA LYS A 67 9.20 12.46 -33.57
C LYS A 67 9.50 12.97 -32.14
N PRO A 68 9.68 12.07 -31.13
CA PRO A 68 9.90 12.55 -29.75
C PRO A 68 11.33 13.00 -29.45
N ARG A 69 12.34 12.38 -30.08
CA ARG A 69 13.75 12.71 -29.87
C ARG A 69 14.12 14.02 -30.56
N ARG A 70 13.43 14.36 -31.67
CA ARG A 70 13.67 15.59 -32.43
C ARG A 70 13.09 16.82 -31.74
N MET A 71 11.89 16.70 -31.14
CA MET A 71 11.21 17.80 -30.44
C MET A 71 11.87 18.09 -29.07
N MET A 72 12.56 17.10 -28.48
CA MET A 72 13.25 17.23 -27.19
C MET A 72 14.45 18.17 -27.27
N MET A 73 15.06 18.30 -28.46
CA MET A 73 16.22 19.15 -28.73
C MET A 73 15.89 20.63 -28.49
N LYS A 74 14.69 21.07 -28.90
CA LYS A 74 14.21 22.44 -28.73
C LYS A 74 12.98 22.43 -27.80
N MET A 75 13.23 22.22 -26.49
CA MET A 75 12.20 22.15 -25.45
C MET A 75 12.78 22.57 -24.08
N SER A 76 11.91 22.98 -23.13
CA SER A 76 12.27 23.39 -21.77
C SER A 76 12.72 22.18 -20.93
N LYS A 77 13.46 22.44 -19.83
CA LYS A 77 13.97 21.42 -18.90
C LYS A 77 12.83 20.61 -18.27
N GLU A 78 11.69 21.27 -18.00
CA GLU A 78 10.48 20.67 -17.43
C GLU A 78 9.85 19.67 -18.42
N GLY A 79 9.83 20.05 -19.70
CA GLY A 79 9.31 19.23 -20.78
C GLY A 79 10.21 18.05 -21.11
N LYS A 80 11.54 18.29 -21.18
CA LYS A 80 12.58 17.30 -21.48
C LYS A 80 12.50 16.08 -20.56
N ALA A 81 12.25 16.29 -19.25
CA ALA A 81 12.15 15.22 -18.26
C ALA A 81 10.83 14.43 -18.38
N THR A 82 9.71 15.13 -18.63
CA THR A 82 8.37 14.55 -18.76
C THR A 82 8.24 13.71 -20.06
N VAL A 83 8.79 14.21 -21.18
CA VAL A 83 8.75 13.55 -22.50
C VAL A 83 9.61 12.27 -22.46
N GLU A 84 10.84 12.35 -21.91
CA GLU A 84 11.76 11.20 -21.79
C GLU A 84 11.18 10.10 -20.88
N ALA A 85 10.38 10.49 -19.87
CA ALA A 85 9.71 9.57 -18.96
C ALA A 85 8.67 8.71 -19.71
N LEU A 86 8.01 9.30 -20.72
CA LEU A 86 7.00 8.62 -21.56
C LEU A 86 7.65 7.68 -22.57
N ILE A 87 8.85 8.03 -23.09
CA ILE A 87 9.61 7.25 -24.07
C ILE A 87 10.15 5.97 -23.40
N ASN A 88 10.69 6.09 -22.17
CA ASN A 88 11.27 4.97 -21.42
C ASN A 88 10.19 4.03 -20.83
N LYS A 89 8.94 4.52 -20.66
CA LYS A 89 7.85 3.74 -20.09
C LYS A 89 7.02 3.02 -21.17
N TYR A 90 6.50 3.79 -22.14
CA TYR A 90 5.61 3.29 -23.21
C TYR A 90 6.38 2.79 -24.45
N LYS A 91 7.72 2.95 -24.47
CA LYS A 91 8.64 2.56 -25.55
C LYS A 91 8.19 3.21 -26.88
N LEU A 92 7.94 4.54 -26.84
CA LEU A 92 7.47 5.35 -27.95
C LEU A 92 8.54 5.49 -29.03
N LYS A 93 8.12 5.37 -30.31
CA LYS A 93 9.00 5.45 -31.47
C LYS A 93 8.56 6.59 -32.41
N GLU A 94 9.29 6.76 -33.54
CA GLU A 94 9.00 7.78 -34.55
C GLU A 94 8.90 7.14 -35.94
N GLY A 95 7.89 7.58 -36.70
CA GLY A 95 7.63 7.08 -38.04
C GLY A 95 6.51 6.06 -38.10
N ASN A 96 6.67 5.05 -38.97
CA ASN A 96 5.70 3.97 -39.16
C ASN A 96 6.35 2.62 -38.80
N PRO A 97 6.33 2.22 -37.50
CA PRO A 97 6.97 0.95 -37.11
C PRO A 97 5.98 -0.23 -37.16
N SER A 98 6.32 -1.34 -36.46
CA SER A 98 5.52 -2.57 -36.40
C SER A 98 4.23 -2.39 -35.56
N ARG A 99 3.33 -3.40 -35.64
CA ARG A 99 2.03 -3.47 -34.96
C ARG A 99 2.16 -3.36 -33.43
N ASP A 100 3.21 -3.99 -32.85
CA ASP A 100 3.47 -4.03 -31.41
C ASP A 100 4.13 -2.73 -30.88
N GLU A 101 4.51 -1.80 -31.77
CA GLU A 101 5.16 -0.54 -31.39
C GLU A 101 4.15 0.61 -31.29
N LEU A 102 4.47 1.61 -30.44
CA LEU A 102 3.62 2.79 -30.20
C LEU A 102 4.30 4.08 -30.65
N THR A 103 3.49 5.02 -31.18
CA THR A 103 3.90 6.36 -31.61
C THR A 103 2.89 7.37 -31.06
N LEU A 104 3.29 8.66 -30.98
CA LEU A 104 2.43 9.73 -30.47
C LEU A 104 1.19 9.95 -31.35
N SER A 105 1.31 9.72 -32.67
CA SER A 105 0.22 9.84 -33.64
C SER A 105 -0.80 8.71 -33.48
N ARG A 106 -0.33 7.49 -33.13
CA ARG A 106 -1.18 6.31 -32.93
C ARG A 106 -2.05 6.44 -31.67
N VAL A 107 -1.52 7.08 -30.61
CA VAL A 107 -2.22 7.31 -29.34
C VAL A 107 -3.36 8.32 -29.58
N ALA A 108 -3.07 9.38 -30.35
CA ALA A 108 -4.04 10.44 -30.71
C ALA A 108 -5.12 9.92 -31.65
N ALA A 109 -4.78 8.96 -32.53
CA ALA A 109 -5.71 8.36 -33.49
C ALA A 109 -6.68 7.38 -32.81
N ALA A 110 -6.18 6.56 -31.87
CA ALA A 110 -6.96 5.57 -31.13
C ALA A 110 -7.99 6.23 -30.20
N LEU A 111 -7.58 7.32 -29.53
CA LEU A 111 -8.44 8.09 -28.61
C LEU A 111 -8.89 9.39 -29.32
N ALA A 112 -9.54 9.22 -30.49
CA ALA A 112 -10.03 10.29 -31.37
C ALA A 112 -11.04 11.24 -30.69
N GLY A 113 -11.85 10.71 -29.77
CA GLY A 113 -12.84 11.48 -29.04
C GLY A 113 -12.29 12.58 -28.15
N ARG A 114 -11.22 12.25 -27.39
CA ARG A 114 -10.53 13.18 -26.50
C ARG A 114 -9.67 14.17 -27.32
N THR A 115 -9.05 13.67 -28.41
CA THR A 115 -8.19 14.42 -29.32
C THR A 115 -8.96 15.58 -29.99
N CYS A 116 -10.18 15.31 -30.49
CA CYS A 116 -11.04 16.30 -31.16
C CYS A 116 -11.50 17.39 -30.20
N GLN A 117 -11.77 17.01 -28.93
CA GLN A 117 -12.20 17.93 -27.86
C GLN A 117 -11.06 18.85 -27.43
N ALA A 118 -9.81 18.34 -27.50
CA ALA A 118 -8.59 19.06 -27.12
C ALA A 118 -8.25 20.18 -28.13
N LEU A 119 -8.74 20.06 -29.38
CA LEU A 119 -8.53 21.01 -30.47
C LEU A 119 -9.24 22.36 -30.22
N VAL A 120 -10.31 22.36 -29.40
CA VAL A 120 -11.07 23.55 -29.03
C VAL A 120 -10.19 24.45 -28.14
N VAL A 121 -9.45 23.84 -27.20
CA VAL A 121 -8.52 24.52 -26.30
C VAL A 121 -7.24 24.85 -27.08
N LEU A 122 -6.59 23.83 -27.67
CA LEU A 122 -5.37 23.97 -28.48
C LEU A 122 -5.76 24.35 -29.91
N SER A 123 -6.13 25.63 -30.10
CA SER A 123 -6.56 26.13 -31.41
C SER A 123 -5.45 26.90 -32.12
N GLU A 124 -4.75 27.79 -31.39
CA GLU A 124 -3.69 28.64 -31.95
C GLU A 124 -2.29 28.05 -31.73
N TRP A 125 -2.19 26.84 -31.13
CA TRP A 125 -0.91 26.18 -30.87
C TRP A 125 -0.63 25.06 -31.90
N LEU A 126 -1.60 24.77 -32.79
CA LEU A 126 -1.50 23.78 -33.86
C LEU A 126 -0.60 24.28 -35.01
N PRO A 127 -0.07 23.42 -35.92
CA PRO A 127 0.74 23.95 -37.05
C PRO A 127 -0.07 24.88 -37.95
N VAL A 128 -1.37 24.57 -38.11
CA VAL A 128 -2.34 25.37 -38.85
C VAL A 128 -3.32 25.91 -37.80
N THR A 129 -3.29 27.23 -37.54
CA THR A 129 -4.12 27.89 -36.53
C THR A 129 -5.58 27.98 -36.99
N GLY A 130 -6.48 28.18 -36.01
CA GLY A 130 -7.91 28.32 -36.23
C GLY A 130 -8.28 29.57 -36.99
N THR A 131 -7.49 30.65 -36.81
CA THR A 131 -7.66 31.94 -37.47
C THR A 131 -7.35 31.80 -38.98
N THR A 132 -6.36 30.95 -39.32
CA THR A 132 -5.94 30.66 -40.70
C THR A 132 -7.06 29.89 -41.42
N MET A 133 -7.70 28.94 -40.71
CA MET A 133 -8.81 28.13 -41.24
C MET A 133 -10.09 28.97 -41.38
N ASP A 134 -10.23 30.01 -40.54
CA ASP A 134 -11.38 30.94 -40.56
C ASP A 134 -11.35 31.83 -41.80
N GLY A 135 -10.15 32.07 -42.33
CA GLY A 135 -9.93 32.86 -43.54
C GLY A 135 -10.40 32.17 -44.79
N LEU A 136 -10.22 30.84 -44.86
CA LEU A 136 -10.63 29.99 -45.98
C LEU A 136 -12.15 29.76 -45.93
N SER A 137 -12.67 29.39 -44.75
CA SER A 137 -14.09 29.15 -44.49
C SER A 137 -14.50 29.83 -43.17
N PRO A 138 -15.48 30.78 -43.19
CA PRO A 138 -15.87 31.46 -41.94
C PRO A 138 -16.41 30.49 -40.89
N ALA A 139 -15.90 30.63 -39.63
CA ALA A 139 -16.22 29.83 -38.45
C ALA A 139 -16.03 28.32 -38.72
N TYR A 140 -14.78 27.94 -39.09
CA TYR A 140 -14.40 26.56 -39.39
C TYR A 140 -14.50 25.67 -38.13
N PRO A 141 -15.10 24.44 -38.22
CA PRO A 141 -15.21 23.58 -37.03
C PRO A 141 -13.84 23.15 -36.49
N ARG A 142 -13.56 23.49 -35.22
CA ARG A 142 -12.29 23.22 -34.54
C ARG A 142 -12.04 21.72 -34.34
N HIS A 143 -13.10 20.90 -34.19
CA HIS A 143 -13.02 19.46 -33.97
C HIS A 143 -12.45 18.69 -35.18
N MET A 144 -12.53 19.30 -36.40
CA MET A 144 -12.04 18.74 -37.66
C MET A 144 -10.56 19.05 -37.94
N MET A 145 -9.89 19.76 -37.01
CA MET A 145 -8.51 20.21 -37.19
C MET A 145 -7.43 19.18 -36.74
N HIS A 146 -7.60 17.90 -37.15
CA HIS A 146 -6.65 16.81 -36.91
C HIS A 146 -7.00 15.57 -37.76
N PRO A 147 -6.01 14.87 -38.37
CA PRO A 147 -6.36 13.68 -39.21
C PRO A 147 -7.07 12.55 -38.45
N SER A 148 -7.01 12.55 -37.10
CA SER A 148 -7.65 11.55 -36.24
C SER A 148 -9.19 11.69 -36.22
N PHE A 149 -9.73 12.85 -36.70
CA PHE A 149 -11.16 13.14 -36.77
C PHE A 149 -11.90 12.12 -37.68
N ALA A 150 -11.19 11.54 -38.68
CA ALA A 150 -11.73 10.54 -39.60
C ALA A 150 -12.26 9.30 -38.86
N GLY A 151 -11.71 9.03 -37.68
CA GLY A 151 -12.14 7.93 -36.81
C GLY A 151 -13.45 8.20 -36.09
N MET A 152 -13.91 9.46 -36.11
CA MET A 152 -15.15 9.91 -35.48
C MET A 152 -16.28 10.05 -36.52
N VAL A 153 -15.94 9.99 -37.82
CA VAL A 153 -16.87 10.11 -38.95
C VAL A 153 -17.69 8.81 -39.08
N ASP A 154 -19.03 8.95 -39.17
CA ASP A 154 -19.98 7.85 -39.29
C ASP A 154 -20.20 7.51 -40.80
N PRO A 155 -19.79 6.31 -41.27
CA PRO A 155 -19.98 5.99 -42.70
C PRO A 155 -21.42 5.65 -43.07
N SER A 156 -22.29 5.32 -42.08
CA SER A 156 -23.70 4.98 -42.30
C SER A 156 -24.55 6.22 -42.67
N LEU A 157 -23.97 7.44 -42.54
CA LEU A 157 -24.60 8.72 -42.87
C LEU A 157 -24.95 8.80 -44.37
N PRO A 158 -26.03 9.54 -44.77
CA PRO A 158 -26.37 9.62 -46.21
C PRO A 158 -25.24 10.21 -47.06
N GLY A 159 -25.14 9.75 -48.31
CA GLY A 159 -24.13 10.14 -49.30
C GLY A 159 -23.75 11.60 -49.34
N ASP A 160 -24.75 12.49 -49.50
CA ASP A 160 -24.56 13.94 -49.56
C ASP A 160 -24.01 14.51 -48.26
N TYR A 161 -24.44 13.95 -47.12
CA TYR A 161 -24.02 14.37 -45.78
C TYR A 161 -22.62 13.86 -45.46
N LEU A 162 -22.34 12.57 -45.79
CA LEU A 162 -21.05 11.91 -45.57
C LEU A 162 -19.94 12.62 -46.35
N ARG A 163 -20.22 13.01 -47.61
CA ARG A 163 -19.28 13.73 -48.47
C ARG A 163 -19.03 15.14 -47.94
N ALA A 164 -20.08 15.79 -47.38
CA ALA A 164 -20.00 17.14 -46.81
C ALA A 164 -19.08 17.21 -45.59
N ILE A 165 -19.05 16.14 -44.77
CA ILE A 165 -18.20 16.04 -43.58
C ILE A 165 -16.74 15.81 -44.03
N LEU A 166 -16.54 14.89 -45.00
CA LEU A 166 -15.22 14.55 -45.55
C LEU A 166 -14.59 15.70 -46.33
N ASP A 167 -15.39 16.45 -47.13
CA ASP A 167 -14.92 17.61 -47.91
C ASP A 167 -14.51 18.77 -47.00
N ALA A 168 -15.25 18.96 -45.89
CA ALA A 168 -14.97 19.99 -44.90
C ALA A 168 -13.69 19.66 -44.12
N HIS A 169 -13.52 18.36 -43.77
CA HIS A 169 -12.37 17.81 -43.05
C HIS A 169 -11.12 17.84 -43.94
N SER A 170 -11.29 17.58 -45.25
CA SER A 170 -10.20 17.59 -46.25
C SER A 170 -9.63 18.99 -46.46
N LEU A 171 -10.42 20.05 -46.14
CA LEU A 171 -9.99 21.46 -46.23
C LEU A 171 -8.82 21.69 -45.26
N TYR A 172 -8.85 21.06 -44.08
CA TYR A 172 -7.77 21.15 -43.09
C TYR A 172 -6.58 20.31 -43.56
N LEU A 173 -6.84 19.03 -43.92
CA LEU A 173 -5.85 18.06 -44.40
C LEU A 173 -5.00 18.63 -45.54
N LEU A 174 -5.64 19.38 -46.46
CA LEU A 174 -5.03 20.05 -47.61
C LEU A 174 -3.97 21.06 -47.14
N GLN A 175 -4.28 21.82 -46.07
CA GLN A 175 -3.38 22.83 -45.52
C GLN A 175 -2.32 22.20 -44.61
N PHE A 176 -2.74 21.25 -43.74
CA PHE A 176 -1.90 20.54 -42.78
C PHE A 176 -0.82 19.69 -43.46
N SER A 177 -1.20 18.82 -44.44
CA SER A 177 -0.27 17.94 -45.17
C SER A 177 0.80 18.73 -45.90
N ARG A 178 0.46 19.92 -46.43
CA ARG A 178 1.42 20.78 -47.12
C ARG A 178 2.37 21.45 -46.12
N VAL A 179 1.94 21.62 -44.84
CA VAL A 179 2.75 22.22 -43.78
C VAL A 179 3.80 21.20 -43.27
N ILE A 180 3.37 19.97 -42.92
CA ILE A 180 4.27 18.93 -42.39
C ILE A 180 5.12 18.27 -43.49
N ASN A 181 4.57 18.11 -44.71
CA ASN A 181 5.30 17.54 -45.85
C ASN A 181 5.72 18.68 -46.80
N PRO A 182 7.03 19.08 -46.81
CA PRO A 182 7.44 20.22 -47.65
C PRO A 182 7.40 19.97 -49.17
N ASN A 183 7.55 18.71 -49.63
CA ASN A 183 7.55 18.41 -51.06
C ASN A 183 6.13 18.43 -51.67
N LEU A 184 5.08 18.46 -50.84
CA LEU A 184 3.69 18.52 -51.28
C LEU A 184 3.18 19.96 -51.46
N ARG A 185 4.00 20.96 -51.07
CA ARG A 185 3.69 22.40 -51.13
C ARG A 185 3.40 22.89 -52.55
N GLY A 186 4.25 22.51 -53.50
CA GLY A 186 4.12 22.89 -54.91
C GLY A 186 3.08 22.14 -55.70
N ARG A 187 2.76 20.92 -55.25
CA ARG A 187 1.79 20.03 -55.90
C ARG A 187 0.35 20.52 -55.68
N THR A 188 -0.50 20.33 -56.71
CA THR A 188 -1.91 20.75 -56.76
C THR A 188 -2.79 19.99 -55.75
N LYS A 189 -4.03 20.48 -55.53
CA LYS A 189 -5.05 19.96 -54.61
C LYS A 189 -5.29 18.45 -54.81
N GLU A 190 -5.39 17.99 -56.08
CA GLU A 190 -5.63 16.59 -56.46
C GLU A 190 -4.45 15.68 -56.06
N GLU A 191 -3.21 16.20 -56.20
CA GLU A 191 -1.97 15.48 -55.85
C GLU A 191 -1.86 15.28 -54.35
N VAL A 192 -2.25 16.33 -53.57
CA VAL A 192 -2.27 16.33 -52.10
C VAL A 192 -3.40 15.40 -51.62
N ALA A 193 -4.57 15.43 -52.30
CA ALA A 193 -5.75 14.62 -51.99
C ALA A 193 -5.42 13.13 -51.96
N ALA A 194 -4.68 12.64 -52.96
CA ALA A 194 -4.29 11.24 -53.15
C ALA A 194 -3.46 10.66 -51.99
N THR A 195 -2.75 11.52 -51.22
CA THR A 195 -1.91 11.08 -50.10
C THR A 195 -2.70 10.93 -48.78
N PHE A 196 -3.75 11.76 -48.57
CA PHE A 196 -4.54 11.72 -47.34
C PHE A 196 -5.87 10.94 -47.45
N THR A 197 -6.44 10.79 -48.66
CA THR A 197 -7.75 10.12 -48.87
C THR A 197 -7.73 8.63 -48.51
N GLN A 198 -6.61 7.92 -48.77
CA GLN A 198 -6.47 6.50 -48.46
C GLN A 198 -6.50 6.21 -46.93
N PRO A 199 -5.65 6.84 -46.06
CA PRO A 199 -5.77 6.55 -44.61
C PRO A 199 -7.02 7.16 -43.96
N MET A 200 -7.64 8.18 -44.62
CA MET A 200 -8.86 8.85 -44.13
C MET A 200 -10.05 7.89 -44.21
N ASN A 201 -10.30 7.33 -45.41
CA ASN A 201 -11.39 6.38 -45.68
C ASN A 201 -11.22 5.09 -44.88
N ALA A 202 -9.97 4.68 -44.61
CA ALA A 202 -9.65 3.48 -43.82
C ALA A 202 -10.10 3.66 -42.37
N ALA A 203 -10.01 4.89 -41.84
CA ALA A 203 -10.43 5.24 -40.48
C ALA A 203 -11.95 5.38 -40.39
N VAL A 204 -12.58 5.85 -41.49
CA VAL A 204 -14.03 6.05 -41.60
C VAL A 204 -14.72 4.66 -41.65
N ASN A 205 -14.18 3.74 -42.47
CA ASN A 205 -14.72 2.40 -42.69
C ASN A 205 -14.23 1.36 -41.66
N SER A 206 -13.42 1.78 -40.66
CA SER A 206 -12.90 0.89 -39.61
C SER A 206 -14.03 0.46 -38.65
N ASN A 207 -13.97 -0.79 -38.18
CA ASN A 207 -14.97 -1.39 -37.28
C ASN A 207 -14.89 -0.85 -35.83
N PHE A 208 -13.80 -0.14 -35.47
CA PHE A 208 -13.61 0.44 -34.12
C PHE A 208 -14.58 1.59 -33.88
N ILE A 209 -15.42 1.46 -32.82
CA ILE A 209 -16.50 2.37 -32.39
C ILE A 209 -17.66 2.26 -33.42
N SER A 210 -18.84 1.79 -32.95
CA SER A 210 -20.03 1.58 -33.77
C SER A 210 -20.53 2.86 -34.46
N HIS A 211 -21.29 2.68 -35.56
CA HIS A 211 -21.87 3.72 -36.41
C HIS A 211 -22.77 4.68 -35.63
N GLU A 212 -23.57 4.15 -34.68
CA GLU A 212 -24.49 4.92 -33.84
C GLU A 212 -23.75 5.75 -32.81
N LYS A 213 -22.68 5.18 -32.20
CA LYS A 213 -21.84 5.86 -31.20
C LYS A 213 -21.04 6.99 -31.85
N ARG A 214 -20.55 6.75 -33.09
CA ARG A 214 -19.80 7.72 -33.90
C ARG A 214 -20.67 8.93 -34.26
N ARG A 215 -21.96 8.66 -34.56
CA ARG A 215 -22.97 9.67 -34.91
C ARG A 215 -23.27 10.57 -33.70
N GLU A 216 -23.27 9.99 -32.48
CA GLU A 216 -23.51 10.69 -31.22
C GLU A 216 -22.43 11.72 -30.93
N PHE A 217 -21.16 11.39 -31.25
CA PHE A 217 -20.00 12.27 -31.06
C PHE A 217 -20.10 13.51 -31.95
N LEU A 218 -20.45 13.32 -33.23
CA LEU A 218 -20.63 14.38 -34.23
C LEU A 218 -21.75 15.34 -33.81
N LYS A 219 -22.81 14.80 -33.16
CA LYS A 219 -23.95 15.57 -32.63
C LYS A 219 -23.52 16.37 -31.40
N ALA A 220 -22.68 15.76 -30.54
CA ALA A 220 -22.16 16.35 -29.30
C ALA A 220 -21.17 17.48 -29.59
N PHE A 221 -20.35 17.36 -30.66
CA PHE A 221 -19.38 18.38 -31.06
C PHE A 221 -20.07 19.56 -31.76
N GLY A 222 -21.32 19.36 -32.17
CA GLY A 222 -22.12 20.37 -32.85
C GLY A 222 -21.83 20.44 -34.34
N LEU A 223 -21.60 19.27 -34.96
CA LEU A 223 -21.31 19.16 -36.39
C LEU A 223 -22.56 18.81 -37.17
N VAL A 224 -23.37 17.86 -36.66
CA VAL A 224 -24.63 17.43 -37.30
C VAL A 224 -25.81 17.60 -36.34
N ASP A 225 -27.04 17.67 -36.88
CA ASP A 225 -28.28 17.82 -36.10
C ASP A 225 -28.78 16.45 -35.60
N SER A 226 -30.02 16.40 -35.05
CA SER A 226 -30.68 15.21 -34.51
C SER A 226 -30.83 14.07 -35.54
N ASN A 227 -30.97 14.40 -36.84
CA ASN A 227 -31.12 13.41 -37.91
C ASN A 227 -29.76 12.98 -38.48
N GLY A 228 -28.96 13.95 -38.92
CA GLY A 228 -27.65 13.71 -39.50
C GLY A 228 -27.16 14.76 -40.48
N LYS A 229 -27.95 15.84 -40.68
CA LYS A 229 -27.65 16.95 -41.57
C LYS A 229 -26.55 17.84 -40.94
N PRO A 230 -25.43 18.11 -41.66
CA PRO A 230 -24.36 18.95 -41.09
C PRO A 230 -24.77 20.42 -40.95
N SER A 231 -24.09 21.14 -40.05
CA SER A 231 -24.32 22.56 -39.77
C SER A 231 -23.83 23.45 -40.92
N ALA A 232 -24.25 24.74 -40.93
CA ALA A 232 -23.88 25.75 -41.93
C ALA A 232 -22.36 25.96 -42.01
N ALA A 233 -21.65 25.78 -40.88
CA ALA A 233 -20.20 25.90 -40.76
C ALA A 233 -19.48 24.80 -41.53
N VAL A 234 -20.03 23.57 -41.49
CA VAL A 234 -19.51 22.39 -42.16
C VAL A 234 -19.79 22.50 -43.67
N MET A 235 -21.02 22.92 -44.04
CA MET A 235 -21.48 23.09 -45.42
C MET A 235 -20.65 24.13 -46.18
N ALA A 236 -20.25 25.22 -45.50
CA ALA A 236 -19.44 26.29 -46.08
C ALA A 236 -18.00 25.83 -46.32
N ALA A 237 -17.47 24.99 -45.40
CA ALA A 237 -16.11 24.42 -45.49
C ALA A 237 -16.01 23.38 -46.61
N ALA A 238 -17.11 22.62 -46.83
CA ALA A 238 -17.20 21.59 -47.87
C ALA A 238 -17.25 22.25 -49.26
N GLN A 239 -17.93 23.41 -49.35
CA GLN A 239 -18.07 24.19 -50.58
C GLN A 239 -16.76 24.90 -50.91
N ALA A 240 -16.00 25.31 -49.87
CA ALA A 240 -14.70 25.99 -49.99
C ALA A 240 -13.64 25.05 -50.56
N TYR A 241 -13.72 23.74 -50.23
CA TYR A 241 -12.80 22.70 -50.69
C TYR A 241 -12.98 22.42 -52.18
N LYS A 242 -14.21 22.56 -52.69
CA LYS A 242 -14.58 22.33 -54.09
C LYS A 242 -13.93 23.37 -55.01
N THR A 243 -13.78 24.62 -54.53
CA THR A 243 -13.19 25.72 -55.28
C THR A 243 -11.75 26.04 -54.80
N ALA A 244 -11.20 25.22 -53.87
CA ALA A 244 -9.86 25.38 -53.31
C ALA A 244 -8.76 25.12 -54.35
N ALA A 245 -7.59 25.77 -54.16
CA ALA A 245 -6.43 25.64 -55.03
C ALA A 245 -5.37 24.74 -54.40
N GLN B 5 9.57 -1.00 -112.13
CA GLN B 5 9.68 -1.19 -110.68
C GLN B 5 8.38 -0.76 -109.96
N GLU B 6 7.66 0.24 -110.50
CA GLU B 6 6.40 0.73 -109.93
C GLU B 6 5.27 -0.25 -110.26
N LEU B 7 5.29 -1.42 -109.60
CA LEU B 7 4.32 -2.51 -109.78
C LEU B 7 3.45 -2.69 -108.52
N ALA B 8 3.66 -1.80 -107.52
CA ALA B 8 2.90 -1.80 -106.26
C ALA B 8 1.45 -1.36 -106.47
N ILE B 9 1.19 -0.59 -107.57
CA ILE B 9 -0.13 -0.08 -107.98
C ILE B 9 -1.06 -1.27 -108.28
N GLN B 10 -0.52 -2.30 -108.96
CA GLN B 10 -1.22 -3.54 -109.33
C GLN B 10 -1.53 -4.37 -108.09
N PHE B 11 -0.62 -4.35 -107.09
CA PHE B 11 -0.78 -5.05 -105.80
C PHE B 11 -1.85 -4.36 -104.97
N ALA B 12 -1.95 -3.03 -105.10
CA ALA B 12 -2.91 -2.18 -104.39
C ALA B 12 -4.29 -2.23 -105.04
N ALA B 13 -4.34 -2.40 -106.38
CA ALA B 13 -5.59 -2.48 -107.16
C ALA B 13 -6.39 -3.75 -106.85
N GLN B 14 -5.72 -4.75 -106.23
CA GLN B 14 -6.30 -6.04 -105.81
C GLN B 14 -7.43 -5.84 -104.80
N ALA B 15 -8.53 -6.59 -104.97
CA ALA B 15 -9.68 -6.53 -104.07
C ALA B 15 -9.32 -7.17 -102.73
N VAL B 16 -9.54 -6.44 -101.62
CA VAL B 16 -9.22 -6.91 -100.27
C VAL B 16 -10.23 -7.97 -99.82
N ASP B 17 -9.70 -9.14 -99.42
CA ASP B 17 -10.50 -10.27 -98.94
C ASP B 17 -10.69 -10.12 -97.44
N ARG B 18 -11.92 -9.75 -97.03
CA ARG B 18 -12.33 -9.50 -95.64
C ARG B 18 -11.99 -10.68 -94.71
N ASN B 19 -12.30 -11.91 -95.13
CA ASN B 19 -12.08 -13.12 -94.33
C ASN B 19 -10.62 -13.60 -94.33
N GLU B 20 -9.85 -13.31 -95.40
CA GLU B 20 -8.43 -13.68 -95.50
C GLU B 20 -7.61 -12.92 -94.46
N ILE B 21 -8.00 -11.64 -94.21
CA ILE B 21 -7.39 -10.76 -93.22
C ILE B 21 -7.85 -11.21 -91.82
N GLU B 22 -9.12 -11.62 -91.68
CA GLU B 22 -9.75 -12.10 -90.44
C GLU B 22 -9.06 -13.36 -89.88
N GLN B 23 -8.47 -14.18 -90.77
CA GLN B 23 -7.74 -15.40 -90.41
C GLN B 23 -6.40 -15.07 -89.75
N TRP B 24 -5.68 -14.08 -90.32
CA TRP B 24 -4.37 -13.66 -89.85
C TRP B 24 -4.42 -12.81 -88.57
N VAL B 25 -5.48 -11.99 -88.38
CA VAL B 25 -5.62 -11.15 -87.18
C VAL B 25 -5.81 -12.05 -85.93
N ARG B 26 -6.56 -13.16 -86.06
CA ARG B 26 -6.80 -14.12 -84.99
C ARG B 26 -5.54 -14.95 -84.73
N GLU B 27 -4.74 -15.19 -85.79
CA GLU B 27 -3.48 -15.94 -85.74
C GLU B 27 -2.40 -15.10 -85.06
N PHE B 28 -2.27 -13.81 -85.47
CA PHE B 28 -1.29 -12.86 -84.94
C PHE B 28 -1.90 -11.98 -83.82
N ALA B 29 -2.81 -12.56 -83.01
CA ALA B 29 -3.47 -11.86 -81.90
C ALA B 29 -2.58 -11.83 -80.66
N TYR B 30 -2.84 -10.89 -79.71
CA TYR B 30 -2.06 -10.82 -78.48
C TYR B 30 -2.33 -12.06 -77.64
N GLN B 31 -1.24 -12.80 -77.30
CA GLN B 31 -1.15 -14.05 -76.54
C GLN B 31 -2.02 -15.18 -77.19
N GLY B 32 -1.90 -16.40 -76.65
CA GLY B 32 -2.62 -17.57 -77.16
C GLY B 32 -4.05 -17.70 -76.67
N PHE B 33 -4.83 -16.59 -76.77
CA PHE B 33 -6.24 -16.42 -76.38
C PHE B 33 -6.48 -16.67 -74.88
N ASP B 34 -6.85 -15.57 -74.17
CA ASP B 34 -7.13 -15.55 -72.73
C ASP B 34 -8.60 -15.89 -72.43
N ALA B 35 -9.04 -15.67 -71.17
CA ALA B 35 -10.40 -15.90 -70.61
C ALA B 35 -10.82 -17.38 -70.63
N ARG B 36 -10.84 -18.01 -71.83
CA ARG B 36 -11.22 -19.42 -72.03
C ARG B 36 -10.24 -20.35 -71.32
N ARG B 37 -8.93 -20.02 -71.39
CA ARG B 37 -7.84 -20.78 -70.79
C ARG B 37 -7.92 -20.73 -69.25
N VAL B 38 -8.36 -19.58 -68.69
CA VAL B 38 -8.48 -19.34 -67.23
C VAL B 38 -9.49 -20.33 -66.62
N ILE B 39 -10.71 -20.43 -67.21
CA ILE B 39 -11.78 -21.33 -66.76
C ILE B 39 -11.33 -22.79 -66.94
N GLU B 40 -10.62 -23.08 -68.06
CA GLU B 40 -10.07 -24.40 -68.39
C GLU B 40 -9.04 -24.85 -67.33
N LEU B 41 -8.24 -23.89 -66.81
CA LEU B 41 -7.23 -24.15 -65.79
C LEU B 41 -7.85 -24.20 -64.39
N LEU B 42 -8.92 -23.40 -64.13
CA LEU B 42 -9.62 -23.36 -62.85
C LEU B 42 -10.27 -24.72 -62.53
N LYS B 43 -10.87 -25.37 -63.54
CA LYS B 43 -11.51 -26.69 -63.41
C LYS B 43 -10.46 -27.81 -63.39
N GLN B 44 -9.26 -27.54 -63.95
CA GLN B 44 -8.14 -28.48 -64.02
C GLN B 44 -7.50 -28.68 -62.64
N TYR B 45 -7.28 -27.58 -61.89
CA TYR B 45 -6.67 -27.59 -60.56
C TYR B 45 -7.71 -27.76 -59.45
N GLY B 46 -8.81 -27.01 -59.53
CA GLY B 46 -9.90 -27.03 -58.55
C GLY B 46 -10.76 -28.27 -58.57
N GLY B 47 -11.29 -28.60 -59.74
CA GLY B 47 -12.16 -29.75 -59.93
C GLY B 47 -13.62 -29.43 -59.71
N ALA B 48 -14.13 -29.76 -58.51
CA ALA B 48 -15.52 -29.51 -58.10
C ALA B 48 -15.65 -28.27 -57.21
N ASP B 49 -14.60 -28.00 -56.39
CA ASP B 49 -14.55 -26.86 -55.47
C ASP B 49 -13.98 -25.60 -56.14
N TRP B 50 -13.94 -25.56 -57.49
CA TRP B 50 -13.40 -24.44 -58.27
C TRP B 50 -14.31 -23.19 -58.19
N GLU B 51 -15.63 -23.36 -58.07
CA GLU B 51 -16.60 -22.26 -58.01
C GLU B 51 -16.54 -21.52 -56.67
N LYS B 52 -16.38 -22.24 -55.55
CA LYS B 52 -16.28 -21.65 -54.21
C LYS B 52 -14.97 -20.89 -54.04
N ASP B 53 -13.86 -21.46 -54.58
CA ASP B 53 -12.52 -20.86 -54.51
C ASP B 53 -12.41 -19.63 -55.43
N ALA B 54 -13.13 -19.63 -56.57
CA ALA B 54 -13.16 -18.50 -57.51
C ALA B 54 -13.80 -17.28 -56.86
N LYS B 55 -14.87 -17.49 -56.06
CA LYS B 55 -15.59 -16.47 -55.30
C LYS B 55 -14.66 -15.85 -54.25
N LYS B 56 -13.80 -16.69 -53.62
CA LYS B 56 -12.81 -16.28 -52.62
C LYS B 56 -11.70 -15.44 -53.28
N MET B 57 -11.25 -15.87 -54.47
CA MET B 57 -10.19 -15.21 -55.24
C MET B 57 -10.64 -13.86 -55.82
N ILE B 58 -11.96 -13.67 -56.08
CA ILE B 58 -12.50 -12.41 -56.60
C ILE B 58 -12.45 -11.35 -55.47
N VAL B 59 -12.90 -11.72 -54.24
CA VAL B 59 -12.89 -10.86 -53.05
C VAL B 59 -11.44 -10.48 -52.68
N LEU B 60 -10.51 -11.44 -52.80
CA LEU B 60 -9.09 -11.29 -52.50
C LEU B 60 -8.39 -10.29 -53.46
N ALA B 61 -8.67 -10.40 -54.78
CA ALA B 61 -8.09 -9.53 -55.81
C ALA B 61 -8.65 -8.11 -55.79
N LEU B 62 -9.92 -7.96 -55.40
CA LEU B 62 -10.63 -6.68 -55.34
C LEU B 62 -10.22 -5.82 -54.14
N THR B 63 -10.08 -6.44 -52.95
CA THR B 63 -9.75 -5.75 -51.70
C THR B 63 -8.25 -5.57 -51.50
N ARG B 64 -7.43 -6.61 -51.77
CA ARG B 64 -5.99 -6.54 -51.55
C ARG B 64 -5.23 -6.19 -52.85
N GLY B 65 -4.99 -7.17 -53.72
CA GLY B 65 -4.27 -6.95 -54.97
C GLY B 65 -4.00 -8.17 -55.81
N ASN B 66 -2.91 -8.11 -56.61
CA ASN B 66 -2.51 -9.20 -57.52
C ASN B 66 -1.37 -10.06 -56.95
N LYS B 67 -0.43 -9.44 -56.19
CA LYS B 67 0.72 -10.13 -55.59
C LYS B 67 0.26 -10.93 -54.35
N PRO B 68 0.25 -12.29 -54.40
CA PRO B 68 -0.25 -13.06 -53.24
C PRO B 68 0.76 -13.21 -52.10
N ARG B 69 2.07 -13.29 -52.42
CA ARG B 69 3.12 -13.45 -51.42
C ARG B 69 3.38 -12.15 -50.64
N ARG B 70 3.12 -10.99 -51.28
CA ARG B 70 3.31 -9.67 -50.68
C ARG B 70 2.18 -9.32 -49.70
N MET B 71 0.91 -9.66 -50.05
CA MET B 71 -0.26 -9.39 -49.21
C MET B 71 -0.32 -10.33 -47.99
N MET B 72 0.31 -11.53 -48.09
CA MET B 72 0.36 -12.52 -47.02
C MET B 72 1.19 -12.07 -45.82
N MET B 73 2.16 -11.15 -46.05
CA MET B 73 3.05 -10.60 -45.03
C MET B 73 2.27 -9.78 -44.00
N LYS B 74 1.26 -9.00 -44.45
CA LYS B 74 0.42 -8.17 -43.59
C LYS B 74 -1.03 -8.68 -43.68
N MET B 75 -1.29 -9.85 -43.06
CA MET B 75 -2.59 -10.53 -43.03
C MET B 75 -2.75 -11.38 -41.76
N SER B 76 -4.00 -11.69 -41.38
CA SER B 76 -4.35 -12.51 -40.22
C SER B 76 -3.97 -13.98 -40.45
N LYS B 77 -3.84 -14.77 -39.36
CA LYS B 77 -3.49 -16.20 -39.38
C LYS B 77 -4.53 -17.02 -40.17
N GLU B 78 -5.82 -16.63 -40.08
CA GLU B 78 -6.95 -17.25 -40.78
C GLU B 78 -6.83 -17.04 -42.29
N GLY B 79 -6.42 -15.84 -42.68
CA GLY B 79 -6.22 -15.46 -44.08
C GLY B 79 -4.98 -16.10 -44.69
N LYS B 80 -3.86 -16.09 -43.94
CA LYS B 80 -2.56 -16.66 -44.32
C LYS B 80 -2.66 -18.12 -44.77
N ALA B 81 -3.48 -18.93 -44.06
CA ALA B 81 -3.68 -20.35 -44.37
C ALA B 81 -4.56 -20.55 -45.61
N THR B 82 -5.63 -19.74 -45.77
CA THR B 82 -6.59 -19.82 -46.87
C THR B 82 -5.95 -19.35 -48.20
N VAL B 83 -5.15 -18.28 -48.16
CA VAL B 83 -4.47 -17.70 -49.34
C VAL B 83 -3.39 -18.68 -49.84
N GLU B 84 -2.56 -19.23 -48.93
CA GLU B 84 -1.49 -20.19 -49.26
C GLU B 84 -2.06 -21.48 -49.86
N ALA B 85 -3.28 -21.87 -49.43
CA ALA B 85 -3.98 -23.06 -49.94
C ALA B 85 -4.35 -22.89 -51.41
N LEU B 86 -4.68 -21.65 -51.82
CA LEU B 86 -5.04 -21.30 -53.20
C LEU B 86 -3.81 -21.23 -54.11
N ILE B 87 -2.66 -20.80 -53.56
CA ILE B 87 -1.38 -20.68 -54.29
C ILE B 87 -0.84 -22.09 -54.61
N ASN B 88 -0.88 -23.01 -53.63
CA ASN B 88 -0.38 -24.37 -53.79
C ASN B 88 -1.31 -25.27 -54.65
N LYS B 89 -2.59 -24.89 -54.80
CA LYS B 89 -3.57 -25.65 -55.57
C LYS B 89 -3.67 -25.17 -57.02
N TYR B 90 -3.94 -23.87 -57.23
CA TYR B 90 -4.14 -23.26 -58.55
C TYR B 90 -2.84 -22.74 -59.18
N LYS B 91 -1.69 -22.84 -58.46
CA LYS B 91 -0.36 -22.40 -58.88
C LYS B 91 -0.39 -20.91 -59.31
N LEU B 92 -0.98 -20.08 -58.45
CA LEU B 92 -1.15 -18.64 -58.65
C LEU B 92 0.18 -17.90 -58.60
N LYS B 93 0.37 -16.95 -59.54
CA LYS B 93 1.59 -16.16 -59.66
C LYS B 93 1.29 -14.65 -59.53
N GLU B 94 2.33 -13.81 -59.64
CA GLU B 94 2.22 -12.36 -59.54
C GLU B 94 2.86 -11.70 -60.76
N GLY B 95 2.19 -10.68 -61.28
CA GLY B 95 2.64 -9.93 -62.45
C GLY B 95 1.98 -10.36 -63.73
N ASN B 96 2.75 -10.37 -64.83
CA ASN B 96 2.26 -10.75 -66.16
C ASN B 96 3.05 -11.99 -66.66
N PRO B 97 2.61 -13.23 -66.30
CA PRO B 97 3.34 -14.43 -66.74
C PRO B 97 2.82 -14.97 -68.08
N SER B 98 3.12 -16.27 -68.36
CA SER B 98 2.72 -16.96 -69.60
C SER B 98 1.21 -17.28 -69.64
N ARG B 99 0.72 -17.72 -70.82
CA ARG B 99 -0.67 -18.10 -71.12
C ARG B 99 -1.19 -19.21 -70.20
N ASP B 100 -0.34 -20.20 -69.88
CA ASP B 100 -0.69 -21.36 -69.05
C ASP B 100 -0.67 -21.04 -67.53
N GLU B 101 -0.24 -19.83 -67.14
CA GLU B 101 -0.17 -19.42 -65.74
C GLU B 101 -1.41 -18.62 -65.32
N LEU B 102 -1.75 -18.68 -64.02
CA LEU B 102 -2.89 -17.99 -63.43
C LEU B 102 -2.48 -16.92 -62.41
N THR B 103 -3.21 -15.80 -62.39
CA THR B 103 -3.04 -14.69 -61.45
C THR B 103 -4.42 -14.30 -60.90
N LEU B 104 -4.46 -13.62 -59.74
CA LEU B 104 -5.71 -13.19 -59.11
C LEU B 104 -6.49 -12.21 -59.98
N SER B 105 -5.79 -11.37 -60.75
CA SER B 105 -6.39 -10.39 -61.67
C SER B 105 -7.03 -11.07 -62.89
N ARG B 106 -6.42 -12.19 -63.36
CA ARG B 106 -6.91 -12.96 -64.52
C ARG B 106 -8.21 -13.70 -64.19
N VAL B 107 -8.36 -14.18 -62.93
CA VAL B 107 -9.55 -14.89 -62.45
C VAL B 107 -10.73 -13.89 -62.38
N ALA B 108 -10.46 -12.67 -61.87
CA ALA B 108 -11.44 -11.59 -61.76
C ALA B 108 -11.86 -11.05 -63.13
N ALA B 109 -10.93 -11.06 -64.11
CA ALA B 109 -11.17 -10.58 -65.48
C ALA B 109 -12.01 -11.56 -66.28
N ALA B 110 -11.74 -12.88 -66.15
CA ALA B 110 -12.46 -13.96 -66.85
C ALA B 110 -13.92 -14.08 -66.38
N LEU B 111 -14.14 -13.94 -65.06
CA LEU B 111 -15.47 -14.01 -64.45
C LEU B 111 -15.93 -12.58 -64.10
N ALA B 112 -15.96 -11.71 -65.13
CA ALA B 112 -16.32 -10.29 -65.06
C ALA B 112 -17.73 -10.03 -64.50
N GLY B 113 -18.67 -10.94 -64.79
CA GLY B 113 -20.05 -10.84 -64.34
C GLY B 113 -20.24 -10.90 -62.84
N ARG B 114 -19.54 -11.84 -62.17
CA ARG B 114 -19.57 -12.03 -60.72
C ARG B 114 -18.75 -10.91 -60.02
N THR B 115 -17.63 -10.50 -60.65
CA THR B 115 -16.71 -9.46 -60.17
C THR B 115 -17.43 -8.11 -60.05
N CYS B 116 -18.20 -7.71 -61.08
CA CYS B 116 -18.94 -6.45 -61.13
C CYS B 116 -20.05 -6.41 -60.07
N GLN B 117 -20.71 -7.56 -59.82
CA GLN B 117 -21.77 -7.70 -58.82
C GLN B 117 -21.21 -7.62 -57.40
N ALA B 118 -19.96 -8.08 -57.20
CA ALA B 118 -19.25 -8.09 -55.91
C ALA B 118 -18.85 -6.67 -55.48
N LEU B 119 -18.74 -5.73 -56.44
CA LEU B 119 -18.36 -4.33 -56.21
C LEU B 119 -19.46 -3.55 -55.47
N VAL B 120 -20.72 -4.01 -55.54
CA VAL B 120 -21.86 -3.41 -54.86
C VAL B 120 -21.71 -3.64 -53.34
N VAL B 121 -21.29 -4.86 -52.95
CA VAL B 121 -21.04 -5.24 -51.55
C VAL B 121 -19.70 -4.64 -51.11
N LEU B 122 -18.61 -4.95 -51.84
CA LEU B 122 -17.27 -4.43 -51.58
C LEU B 122 -17.12 -3.05 -52.21
N SER B 123 -17.72 -2.03 -51.59
CA SER B 123 -17.70 -0.66 -52.11
C SER B 123 -16.67 0.20 -51.39
N GLU B 124 -16.62 0.11 -50.05
CA GLU B 124 -15.72 0.91 -49.23
C GLU B 124 -14.41 0.17 -48.86
N TRP B 125 -14.24 -1.07 -49.36
CA TRP B 125 -13.04 -1.88 -49.10
C TRP B 125 -12.05 -1.87 -50.29
N LEU B 126 -12.45 -1.24 -51.40
CA LEU B 126 -11.64 -1.08 -52.62
C LEU B 126 -10.54 -0.01 -52.40
N PRO B 127 -9.45 0.05 -53.23
CA PRO B 127 -8.44 1.13 -53.03
C PRO B 127 -9.06 2.51 -53.22
N VAL B 128 -10.03 2.63 -54.14
CA VAL B 128 -10.80 3.83 -54.42
C VAL B 128 -12.23 3.53 -53.97
N THR B 129 -12.68 4.17 -52.88
CA THR B 129 -14.01 3.95 -52.29
C THR B 129 -15.11 4.58 -53.15
N GLY B 130 -16.34 4.09 -52.95
CA GLY B 130 -17.54 4.57 -53.64
C GLY B 130 -17.90 6.00 -53.32
N THR B 131 -17.60 6.43 -52.07
CA THR B 131 -17.85 7.79 -51.58
C THR B 131 -16.93 8.78 -52.32
N THR B 132 -15.68 8.35 -52.62
CA THR B 132 -14.67 9.15 -53.34
C THR B 132 -15.12 9.36 -54.80
N MET B 133 -15.64 8.30 -55.45
CA MET B 133 -16.12 8.37 -56.83
C MET B 133 -17.44 9.15 -56.94
N ASP B 134 -18.24 9.17 -55.85
CA ASP B 134 -19.51 9.89 -55.79
C ASP B 134 -19.29 11.42 -55.67
N GLY B 135 -18.10 11.81 -55.22
CA GLY B 135 -17.68 13.21 -55.09
C GLY B 135 -17.35 13.83 -56.44
N LEU B 136 -16.77 13.03 -57.35
CA LEU B 136 -16.40 13.43 -58.71
C LEU B 136 -17.65 13.50 -59.60
N SER B 137 -18.50 12.44 -59.54
CA SER B 137 -19.74 12.32 -60.28
C SER B 137 -20.87 11.82 -59.35
N PRO B 138 -21.97 12.58 -59.16
CA PRO B 138 -23.05 12.13 -58.25
C PRO B 138 -23.64 10.79 -58.67
N ALA B 139 -23.73 9.86 -57.70
CA ALA B 139 -24.20 8.47 -57.82
C ALA B 139 -23.47 7.72 -58.93
N TYR B 140 -22.14 7.54 -58.75
CA TYR B 140 -21.28 6.86 -59.71
C TYR B 140 -21.61 5.34 -59.71
N PRO B 141 -21.75 4.71 -60.91
CA PRO B 141 -22.08 3.27 -60.95
C PRO B 141 -21.01 2.38 -60.32
N ARG B 142 -21.40 1.61 -59.29
CA ARG B 142 -20.54 0.71 -58.53
C ARG B 142 -19.99 -0.43 -59.37
N HIS B 143 -20.74 -0.90 -60.38
CA HIS B 143 -20.38 -2.01 -61.26
C HIS B 143 -19.18 -1.68 -62.17
N MET B 144 -18.93 -0.39 -62.44
CA MET B 144 -17.82 0.06 -63.30
C MET B 144 -16.49 0.16 -62.54
N MET B 145 -16.53 0.07 -61.20
CA MET B 145 -15.38 0.27 -60.31
C MET B 145 -14.36 -0.91 -60.25
N HIS B 146 -13.96 -1.43 -61.43
CA HIS B 146 -12.91 -2.46 -61.61
C HIS B 146 -12.53 -2.55 -63.10
N PRO B 147 -11.21 -2.68 -63.45
CA PRO B 147 -10.84 -2.75 -64.87
C PRO B 147 -11.45 -3.93 -65.65
N SER B 148 -11.95 -4.97 -64.94
CA SER B 148 -12.57 -6.16 -65.53
C SER B 148 -13.95 -5.85 -66.13
N PHE B 149 -14.55 -4.68 -65.81
CA PHE B 149 -15.85 -4.22 -66.33
C PHE B 149 -15.83 -4.08 -67.86
N ALA B 150 -14.64 -3.80 -68.43
CA ALA B 150 -14.42 -3.65 -69.88
C ALA B 150 -14.83 -4.92 -70.66
N GLY B 151 -14.81 -6.08 -69.98
CA GLY B 151 -15.21 -7.37 -70.53
C GLY B 151 -16.71 -7.55 -70.57
N MET B 152 -17.47 -6.65 -69.91
CA MET B 152 -18.94 -6.65 -69.86
C MET B 152 -19.52 -5.62 -70.83
N VAL B 153 -18.67 -4.73 -71.39
CA VAL B 153 -19.05 -3.66 -72.33
C VAL B 153 -19.34 -4.29 -73.72
N ASP B 154 -20.50 -3.93 -74.29
CA ASP B 154 -20.97 -4.40 -75.60
C ASP B 154 -20.43 -3.47 -76.72
N PRO B 155 -19.55 -3.96 -77.62
CA PRO B 155 -19.03 -3.08 -78.69
C PRO B 155 -20.03 -2.80 -79.81
N SER B 156 -21.10 -3.60 -79.94
CA SER B 156 -22.14 -3.43 -80.97
C SER B 156 -23.05 -2.22 -80.67
N LEU B 157 -22.94 -1.62 -79.46
CA LEU B 157 -23.69 -0.43 -79.02
C LEU B 157 -23.37 0.79 -79.91
N PRO B 158 -24.32 1.74 -80.11
CA PRO B 158 -24.02 2.92 -80.96
C PRO B 158 -22.85 3.75 -80.44
N GLY B 159 -22.10 4.34 -81.38
CA GLY B 159 -20.90 5.16 -81.14
C GLY B 159 -20.95 6.09 -79.96
N ASP B 160 -21.98 6.96 -79.90
CA ASP B 160 -22.18 7.93 -78.83
C ASP B 160 -22.44 7.26 -77.47
N TYR B 161 -23.12 6.10 -77.48
CA TYR B 161 -23.44 5.35 -76.27
C TYR B 161 -22.27 4.50 -75.80
N LEU B 162 -21.54 3.88 -76.74
CA LEU B 162 -20.35 3.07 -76.47
C LEU B 162 -19.26 3.93 -75.82
N ARG B 163 -19.06 5.16 -76.33
CA ARG B 163 -18.10 6.13 -75.81
C ARG B 163 -18.51 6.62 -74.43
N ALA B 164 -19.83 6.78 -74.18
CA ALA B 164 -20.40 7.23 -72.90
C ALA B 164 -20.14 6.23 -71.78
N ILE B 165 -20.16 4.91 -72.09
CA ILE B 165 -19.89 3.84 -71.12
C ILE B 165 -18.38 3.81 -70.81
N LEU B 166 -17.54 3.90 -71.86
CA LEU B 166 -16.08 3.87 -71.74
C LEU B 166 -15.52 5.11 -71.04
N ASP B 167 -16.08 6.32 -71.30
CA ASP B 167 -15.66 7.57 -70.67
C ASP B 167 -16.02 7.59 -69.18
N ALA B 168 -17.19 7.01 -68.83
CA ALA B 168 -17.66 6.91 -67.44
C ALA B 168 -16.79 5.94 -66.65
N HIS B 169 -16.40 4.81 -67.28
CA HIS B 169 -15.53 3.77 -66.70
C HIS B 169 -14.10 4.28 -66.56
N SER B 170 -13.65 5.15 -67.49
CA SER B 170 -12.31 5.75 -67.50
C SER B 170 -12.10 6.71 -66.31
N LEU B 171 -13.19 7.30 -65.79
CA LEU B 171 -13.15 8.22 -64.65
C LEU B 171 -12.60 7.49 -63.41
N TYR B 172 -13.00 6.21 -63.22
CA TYR B 172 -12.53 5.34 -62.14
C TYR B 172 -11.08 4.95 -62.39
N LEU B 173 -10.78 4.42 -63.60
CA LEU B 173 -9.46 3.97 -64.06
C LEU B 173 -8.40 5.06 -63.86
N LEU B 174 -8.78 6.34 -64.06
CA LEU B 174 -7.90 7.49 -63.87
C LEU B 174 -7.48 7.60 -62.39
N GLN B 175 -8.44 7.40 -61.47
CA GLN B 175 -8.22 7.46 -60.03
C GLN B 175 -7.49 6.20 -59.53
N PHE B 176 -7.93 5.01 -60.00
CA PHE B 176 -7.40 3.70 -59.62
C PHE B 176 -5.94 3.51 -60.04
N SER B 177 -5.60 3.82 -61.33
CA SER B 177 -4.24 3.68 -61.87
C SER B 177 -3.24 4.55 -61.11
N ARG B 178 -3.67 5.74 -60.65
CA ARG B 178 -2.81 6.65 -59.89
C ARG B 178 -2.62 6.16 -58.45
N VAL B 179 -3.57 5.37 -57.92
CA VAL B 179 -3.48 4.82 -56.56
C VAL B 179 -2.51 3.61 -56.54
N ILE B 180 -2.72 2.63 -57.44
CA ILE B 180 -1.89 1.40 -57.51
C ILE B 180 -0.48 1.68 -58.09
N ASN B 181 -0.34 2.67 -59.00
CA ASN B 181 0.94 3.03 -59.58
C ASN B 181 1.35 4.42 -59.06
N PRO B 182 2.41 4.51 -58.20
CA PRO B 182 2.76 5.81 -57.60
C PRO B 182 3.43 6.81 -58.55
N ASN B 183 4.13 6.34 -59.60
CA ASN B 183 4.82 7.23 -60.54
C ASN B 183 3.84 7.93 -61.52
N LEU B 184 2.57 7.47 -61.59
CA LEU B 184 1.53 8.05 -62.46
C LEU B 184 0.74 9.16 -61.75
N ARG B 185 0.98 9.38 -60.45
CA ARG B 185 0.31 10.37 -59.60
C ARG B 185 0.52 11.82 -60.09
N GLY B 186 1.76 12.17 -60.41
CA GLY B 186 2.12 13.50 -60.89
C GLY B 186 1.78 13.78 -62.34
N ARG B 187 1.68 12.73 -63.15
CA ARG B 187 1.38 12.80 -64.59
C ARG B 187 -0.09 13.16 -64.84
N THR B 188 -0.33 13.95 -65.91
CA THR B 188 -1.64 14.47 -66.33
C THR B 188 -2.61 13.37 -66.79
N LYS B 189 -3.91 13.72 -66.93
CA LYS B 189 -5.03 12.86 -67.36
C LYS B 189 -4.70 12.08 -68.65
N GLU B 190 -4.12 12.76 -69.65
CA GLU B 190 -3.75 12.20 -70.96
C GLU B 190 -2.67 11.12 -70.83
N GLU B 191 -1.69 11.33 -69.92
CA GLU B 191 -0.58 10.42 -69.65
C GLU B 191 -1.07 9.14 -68.99
N VAL B 192 -2.01 9.27 -68.02
CA VAL B 192 -2.62 8.16 -67.29
C VAL B 192 -3.57 7.37 -68.22
N ALA B 193 -4.34 8.08 -69.07
CA ALA B 193 -5.29 7.49 -70.01
C ALA B 193 -4.62 6.51 -70.98
N ALA B 194 -3.43 6.86 -71.50
CA ALA B 194 -2.65 6.07 -72.45
C ALA B 194 -2.23 4.68 -71.91
N THR B 195 -2.16 4.52 -70.57
CA THR B 195 -1.75 3.26 -69.94
C THR B 195 -2.93 2.28 -69.80
N PHE B 196 -4.17 2.77 -69.57
CA PHE B 196 -5.33 1.89 -69.36
C PHE B 196 -6.26 1.76 -70.58
N THR B 197 -6.21 2.69 -71.57
CA THR B 197 -7.09 2.65 -72.77
C THR B 197 -6.83 1.44 -73.66
N GLN B 198 -5.56 1.01 -73.79
CA GLN B 198 -5.17 -0.13 -74.62
C GLN B 198 -5.75 -1.47 -74.08
N PRO B 199 -5.55 -1.90 -72.79
CA PRO B 199 -6.15 -3.17 -72.34
C PRO B 199 -7.67 -3.09 -72.18
N MET B 200 -8.24 -1.88 -72.05
CA MET B 200 -9.68 -1.65 -71.92
C MET B 200 -10.39 -1.99 -73.25
N ASN B 201 -9.91 -1.39 -74.37
CA ASN B 201 -10.44 -1.60 -75.72
C ASN B 201 -10.29 -3.06 -76.17
N ALA B 202 -9.21 -3.74 -75.72
CA ALA B 202 -8.93 -5.15 -76.01
C ALA B 202 -9.98 -6.07 -75.38
N ALA B 203 -10.48 -5.71 -74.19
CA ALA B 203 -11.49 -6.47 -73.45
C ALA B 203 -12.90 -6.24 -74.02
N VAL B 204 -13.15 -5.04 -74.59
CA VAL B 204 -14.43 -4.68 -75.21
C VAL B 204 -14.56 -5.41 -76.56
N ASN B 205 -13.48 -5.39 -77.36
CA ASN B 205 -13.44 -6.01 -78.69
C ASN B 205 -13.13 -7.53 -78.65
N SER B 206 -13.00 -8.12 -77.44
CA SER B 206 -12.75 -9.56 -77.28
C SER B 206 -13.99 -10.38 -77.63
N ASN B 207 -13.78 -11.54 -78.26
CA ASN B 207 -14.85 -12.45 -78.72
C ASN B 207 -15.54 -13.21 -77.57
N PHE B 208 -14.96 -13.21 -76.34
CA PHE B 208 -15.52 -13.90 -75.18
C PHE B 208 -16.80 -13.21 -74.68
N ILE B 209 -17.92 -13.98 -74.65
CA ILE B 209 -19.30 -13.57 -74.29
C ILE B 209 -19.86 -12.71 -75.43
N SER B 210 -20.96 -13.19 -76.04
CA SER B 210 -21.66 -12.55 -77.17
C SER B 210 -22.10 -11.11 -76.89
N HIS B 211 -22.24 -10.32 -77.97
CA HIS B 211 -22.68 -8.91 -77.95
C HIS B 211 -24.05 -8.75 -77.29
N GLU B 212 -24.98 -9.67 -77.56
CA GLU B 212 -26.34 -9.67 -77.03
C GLU B 212 -26.35 -10.02 -75.54
N LYS B 213 -25.52 -11.01 -75.12
CA LYS B 213 -25.39 -11.45 -73.73
C LYS B 213 -24.74 -10.36 -72.88
N ARG B 214 -23.73 -9.66 -73.44
CA ARG B 214 -23.03 -8.55 -72.79
C ARG B 214 -23.97 -7.38 -72.54
N ARG B 215 -24.87 -7.11 -73.51
CA ARG B 215 -25.87 -6.04 -73.46
C ARG B 215 -26.89 -6.32 -72.34
N GLU B 216 -27.23 -7.62 -72.13
CA GLU B 216 -28.17 -8.07 -71.09
C GLU B 216 -27.63 -7.79 -69.69
N PHE B 217 -26.30 -7.96 -69.49
CA PHE B 217 -25.62 -7.72 -68.22
C PHE B 217 -25.69 -6.24 -67.83
N LEU B 218 -25.40 -5.34 -68.80
CA LEU B 218 -25.44 -3.89 -68.63
C LEU B 218 -26.86 -3.41 -68.27
N LYS B 219 -27.89 -4.08 -68.82
CA LYS B 219 -29.31 -3.80 -68.54
C LYS B 219 -29.67 -4.28 -67.13
N ALA B 220 -29.14 -5.46 -66.73
CA ALA B 220 -29.36 -6.08 -65.42
C ALA B 220 -28.70 -5.28 -64.29
N PHE B 221 -27.51 -4.69 -64.55
CA PHE B 221 -26.78 -3.88 -63.57
C PHE B 221 -27.41 -2.48 -63.41
N GLY B 222 -28.28 -2.11 -64.36
CA GLY B 222 -28.96 -0.83 -64.39
C GLY B 222 -28.12 0.29 -64.96
N LEU B 223 -27.34 -0.03 -66.00
CA LEU B 223 -26.45 0.91 -66.68
C LEU B 223 -27.10 1.47 -67.95
N VAL B 224 -27.74 0.59 -68.76
CA VAL B 224 -28.43 0.97 -70.00
C VAL B 224 -29.91 0.52 -69.93
N ASP B 225 -30.79 1.19 -70.71
CA ASP B 225 -32.23 0.89 -70.77
C ASP B 225 -32.50 -0.30 -71.73
N SER B 226 -33.79 -0.54 -72.06
CA SER B 226 -34.26 -1.62 -72.95
C SER B 226 -33.65 -1.56 -74.37
N ASN B 227 -33.33 -0.35 -74.86
CA ASN B 227 -32.75 -0.16 -76.20
C ASN B 227 -31.22 -0.21 -76.17
N GLY B 228 -30.61 0.63 -75.33
CA GLY B 228 -29.15 0.71 -75.19
C GLY B 228 -28.63 2.06 -74.72
N LYS B 229 -29.54 3.00 -74.41
CA LYS B 229 -29.21 4.34 -73.93
C LYS B 229 -28.75 4.28 -72.46
N PRO B 230 -27.56 4.83 -72.12
CA PRO B 230 -27.10 4.78 -70.72
C PRO B 230 -27.90 5.68 -69.79
N SER B 231 -27.88 5.36 -68.48
CA SER B 231 -28.59 6.10 -67.44
C SER B 231 -27.93 7.46 -67.17
N ALA B 232 -28.66 8.36 -66.46
CA ALA B 232 -28.21 9.71 -66.09
C ALA B 232 -26.92 9.68 -65.26
N ALA B 233 -26.72 8.62 -64.46
CA ALA B 233 -25.54 8.40 -63.62
C ALA B 233 -24.29 8.16 -64.47
N VAL B 234 -24.44 7.40 -65.58
CA VAL B 234 -23.37 7.07 -66.53
C VAL B 234 -23.03 8.31 -67.37
N MET B 235 -24.06 9.05 -67.84
CA MET B 235 -23.93 10.26 -68.65
C MET B 235 -23.19 11.38 -67.91
N ALA B 236 -23.46 11.52 -66.59
CA ALA B 236 -22.83 12.52 -65.73
C ALA B 236 -21.35 12.19 -65.50
N ALA B 237 -21.03 10.88 -65.35
CA ALA B 237 -19.67 10.38 -65.14
C ALA B 237 -18.81 10.54 -66.40
N ALA B 238 -19.43 10.39 -67.59
CA ALA B 238 -18.76 10.55 -68.89
C ALA B 238 -18.42 12.02 -69.15
N GLN B 239 -19.31 12.94 -68.70
CA GLN B 239 -19.15 14.38 -68.81
C GLN B 239 -18.09 14.88 -67.82
N ALA B 240 -18.02 14.24 -66.63
CA ALA B 240 -17.06 14.56 -65.57
C ALA B 240 -15.62 14.24 -65.99
N TYR B 241 -15.43 13.17 -66.80
CA TYR B 241 -14.12 12.73 -67.30
C TYR B 241 -13.56 13.73 -68.34
N LYS B 242 -14.46 14.40 -69.09
CA LYS B 242 -14.10 15.38 -70.12
C LYS B 242 -13.49 16.64 -69.50
N THR B 243 -13.94 17.03 -68.30
CA THR B 243 -13.46 18.21 -67.57
C THR B 243 -12.53 17.82 -66.39
N ALA B 244 -12.20 16.52 -66.27
CA ALA B 244 -11.33 15.98 -65.20
C ALA B 244 -9.88 16.45 -65.35
N ALA B 245 -9.15 16.52 -64.21
CA ALA B 245 -7.75 16.94 -64.16
C ALA B 245 -6.82 15.74 -63.98
N GLN C 5 35.82 43.74 -103.90
CA GLN C 5 35.51 42.45 -103.28
C GLN C 5 34.00 42.17 -103.33
N GLU C 6 33.16 43.23 -103.26
CA GLU C 6 31.70 43.10 -103.32
C GLU C 6 31.24 42.84 -104.77
N LEU C 7 31.53 41.62 -105.25
CA LEU C 7 31.18 41.14 -106.59
C LEU C 7 30.12 40.02 -106.51
N ALA C 8 29.63 39.74 -105.29
CA ALA C 8 28.60 38.74 -104.99
C ALA C 8 27.24 39.18 -105.52
N ILE C 9 27.04 40.51 -105.69
CA ILE C 9 25.82 41.14 -106.21
C ILE C 9 25.58 40.68 -107.66
N GLN C 10 26.66 40.60 -108.46
CA GLN C 10 26.66 40.17 -109.86
C GLN C 10 26.34 38.67 -109.95
N PHE C 11 26.82 37.88 -108.97
CA PHE C 11 26.59 36.43 -108.86
C PHE C 11 25.14 36.18 -108.47
N ALA C 12 24.56 37.08 -107.66
CA ALA C 12 23.17 37.02 -107.18
C ALA C 12 22.19 37.52 -108.24
N ALA C 13 22.61 38.48 -109.08
CA ALA C 13 21.80 39.06 -110.17
C ALA C 13 21.51 38.04 -111.27
N GLN C 14 22.31 36.95 -111.32
CA GLN C 14 22.20 35.85 -112.29
C GLN C 14 20.84 35.15 -112.19
N ALA C 15 20.25 34.81 -113.34
CA ALA C 15 18.97 34.10 -113.41
C ALA C 15 19.16 32.65 -112.96
N VAL C 16 18.35 32.21 -111.99
CA VAL C 16 18.44 30.85 -111.42
C VAL C 16 17.90 29.82 -112.42
N ASP C 17 18.74 28.81 -112.73
CA ASP C 17 18.40 27.73 -113.65
C ASP C 17 17.71 26.62 -112.86
N ARG C 18 16.38 26.50 -113.05
CA ARG C 18 15.49 25.56 -112.37
C ARG C 18 15.98 24.11 -112.47
N ASN C 19 16.37 23.67 -113.68
CA ASN C 19 16.80 22.30 -113.94
C ASN C 19 18.25 22.03 -113.50
N GLU C 20 19.11 23.07 -113.47
CA GLU C 20 20.51 22.93 -113.02
C GLU C 20 20.57 22.59 -111.53
N ILE C 21 19.63 23.16 -110.75
CA ILE C 21 19.47 22.94 -109.32
C ILE C 21 18.82 21.55 -109.11
N GLU C 22 17.86 21.19 -109.98
CA GLU C 22 17.14 19.91 -109.96
C GLU C 22 18.07 18.70 -110.15
N GLN C 23 19.18 18.89 -110.87
CA GLN C 23 20.20 17.86 -111.12
C GLN C 23 21.00 17.55 -109.86
N TRP C 24 21.39 18.62 -109.11
CA TRP C 24 22.19 18.51 -107.90
C TRP C 24 21.40 18.03 -106.69
N VAL C 25 20.09 18.37 -106.58
CA VAL C 25 19.25 17.95 -105.45
C VAL C 25 19.06 16.41 -105.49
N ARG C 26 18.91 15.83 -106.70
CA ARG C 26 18.76 14.39 -106.90
C ARG C 26 20.09 13.67 -106.68
N GLU C 27 21.21 14.36 -106.98
CA GLU C 27 22.58 13.86 -106.81
C GLU C 27 22.94 13.86 -105.31
N PHE C 28 22.66 14.96 -104.60
CA PHE C 28 22.94 15.14 -103.17
C PHE C 28 21.69 14.82 -102.32
N ALA C 29 20.90 13.81 -102.74
CA ALA C 29 19.68 13.39 -102.05
C ALA C 29 20.00 12.51 -100.84
N TYR C 30 19.12 12.55 -99.83
CA TYR C 30 19.23 11.78 -98.58
C TYR C 30 18.92 10.31 -98.87
N GLN C 31 19.93 9.44 -98.72
CA GLN C 31 19.79 8.01 -98.96
C GLN C 31 19.14 7.34 -97.74
N GLY C 32 17.81 7.36 -97.75
CA GLY C 32 16.98 6.80 -96.70
C GLY C 32 15.68 6.21 -97.21
N PHE C 33 15.23 5.12 -96.56
CA PHE C 33 14.01 4.34 -96.83
C PHE C 33 14.03 3.75 -98.27
N ASP C 34 13.58 4.53 -99.30
CA ASP C 34 13.46 4.17 -100.73
C ASP C 34 12.49 2.97 -100.90
N ALA C 35 11.25 3.27 -101.39
CA ALA C 35 10.18 2.29 -101.60
C ALA C 35 10.50 1.28 -102.72
N ARG C 36 11.39 1.63 -103.67
CA ARG C 36 11.79 0.81 -104.81
C ARG C 36 12.66 -0.38 -104.38
N ARG C 37 13.57 -0.15 -103.41
CA ARG C 37 14.49 -1.15 -102.87
C ARG C 37 13.73 -2.24 -102.08
N VAL C 38 12.63 -1.86 -101.39
CA VAL C 38 11.78 -2.75 -100.58
C VAL C 38 11.16 -3.83 -101.48
N ILE C 39 10.51 -3.44 -102.60
CA ILE C 39 9.87 -4.34 -103.57
C ILE C 39 10.95 -5.21 -104.24
N GLU C 40 12.12 -4.62 -104.54
CA GLU C 40 13.28 -5.30 -105.14
C GLU C 40 13.80 -6.42 -104.22
N LEU C 41 13.79 -6.18 -102.89
CA LEU C 41 14.23 -7.14 -101.88
C LEU C 41 13.14 -8.18 -101.58
N LEU C 42 11.85 -7.78 -101.65
CA LEU C 42 10.70 -8.67 -101.41
C LEU C 42 10.66 -9.80 -102.44
N LYS C 43 10.94 -9.48 -103.72
CA LYS C 43 10.96 -10.45 -104.82
C LYS C 43 12.26 -11.26 -104.82
N GLN C 44 13.32 -10.71 -104.20
CA GLN C 44 14.64 -11.34 -104.08
C GLN C 44 14.60 -12.51 -103.08
N TYR C 45 13.95 -12.31 -101.91
CA TYR C 45 13.84 -13.33 -100.87
C TYR C 45 12.61 -14.23 -101.04
N GLY C 46 11.46 -13.60 -101.33
CA GLY C 46 10.20 -14.29 -101.52
C GLY C 46 10.08 -15.10 -102.79
N GLY C 47 10.32 -14.44 -103.92
CA GLY C 47 10.25 -15.06 -105.24
C GLY C 47 8.87 -14.96 -105.85
N ALA C 48 8.08 -16.04 -105.74
CA ALA C 48 6.71 -16.12 -106.26
C ALA C 48 5.67 -15.93 -105.16
N ASP C 49 5.99 -16.37 -103.92
CA ASP C 49 5.12 -16.27 -102.75
C ASP C 49 5.31 -14.94 -102.00
N TRP C 50 5.92 -13.93 -102.65
CA TRP C 50 6.18 -12.62 -102.06
C TRP C 50 4.91 -11.80 -101.84
N GLU C 51 3.90 -11.95 -102.72
CA GLU C 51 2.63 -11.22 -102.66
C GLU C 51 1.75 -11.68 -101.49
N LYS C 52 1.70 -13.01 -101.24
CA LYS C 52 0.90 -13.59 -100.15
C LYS C 52 1.51 -13.24 -98.79
N ASP C 53 2.86 -13.28 -98.69
CA ASP C 53 3.62 -12.97 -97.48
C ASP C 53 3.56 -11.47 -97.15
N ALA C 54 3.51 -10.60 -98.19
CA ALA C 54 3.42 -9.14 -98.02
C ALA C 54 2.08 -8.78 -97.38
N LYS C 55 0.99 -9.47 -97.77
CA LYS C 55 -0.36 -9.30 -97.24
C LYS C 55 -0.38 -9.69 -95.74
N LYS C 56 0.37 -10.74 -95.38
CA LYS C 56 0.53 -11.23 -94.01
C LYS C 56 1.31 -10.23 -93.14
N MET C 57 2.39 -9.66 -93.70
CA MET C 57 3.27 -8.71 -93.01
C MET C 57 2.61 -7.34 -92.79
N ILE C 58 1.69 -6.91 -93.69
CA ILE C 58 0.98 -5.64 -93.57
C ILE C 58 0.04 -5.70 -92.34
N VAL C 59 -0.73 -6.81 -92.22
CA VAL C 59 -1.67 -7.08 -91.12
C VAL C 59 -0.88 -7.17 -89.79
N LEU C 60 0.28 -7.85 -89.81
CA LEU C 60 1.17 -8.04 -88.65
C LEU C 60 1.70 -6.69 -88.12
N ALA C 61 2.11 -5.79 -89.02
CA ALA C 61 2.62 -4.45 -88.68
C ALA C 61 1.50 -3.51 -88.23
N LEU C 62 0.27 -3.75 -88.70
CA LEU C 62 -0.91 -2.94 -88.39
C LEU C 62 -1.46 -3.21 -86.99
N THR C 63 -1.59 -4.48 -86.60
CA THR C 63 -2.16 -4.90 -85.32
C THR C 63 -1.13 -4.97 -84.18
N ARG C 64 0.12 -5.45 -84.46
CA ARG C 64 1.12 -5.60 -83.41
C ARG C 64 2.14 -4.45 -83.40
N GLY C 65 3.14 -4.49 -84.30
CA GLY C 65 4.16 -3.44 -84.36
C GLY C 65 5.28 -3.66 -85.36
N ASN C 66 6.47 -3.13 -85.05
CA ASN C 66 7.66 -3.21 -85.91
C ASN C 66 8.67 -4.27 -85.41
N LYS C 67 8.79 -4.44 -84.08
CA LYS C 67 9.71 -5.40 -83.45
C LYS C 67 9.15 -6.83 -83.57
N PRO C 68 9.74 -7.72 -84.40
CA PRO C 68 9.17 -9.07 -84.57
C PRO C 68 9.50 -10.05 -83.45
N ARG C 69 10.70 -9.93 -82.84
CA ARG C 69 11.13 -10.82 -81.76
C ARG C 69 10.42 -10.51 -80.45
N ARG C 70 10.01 -9.24 -80.25
CA ARG C 70 9.32 -8.79 -79.04
C ARG C 70 7.84 -9.23 -79.04
N MET C 71 7.16 -9.14 -80.21
CA MET C 71 5.75 -9.52 -80.35
C MET C 71 5.56 -11.06 -80.31
N MET C 72 6.61 -11.83 -80.67
CA MET C 72 6.60 -13.30 -80.69
C MET C 72 6.49 -13.90 -79.30
N MET C 73 6.96 -13.15 -78.27
CA MET C 73 6.95 -13.56 -76.86
C MET C 73 5.50 -13.74 -76.34
N LYS C 74 4.60 -12.82 -76.73
CA LYS C 74 3.19 -12.86 -76.34
C LYS C 74 2.32 -13.08 -77.60
N MET C 75 2.34 -14.31 -78.14
CA MET C 75 1.62 -14.72 -79.34
C MET C 75 1.27 -16.22 -79.31
N SER C 76 0.26 -16.64 -80.10
CA SER C 76 -0.18 -18.03 -80.22
C SER C 76 0.84 -18.89 -80.99
N LYS C 77 0.78 -20.24 -80.83
CA LYS C 77 1.66 -21.21 -81.50
C LYS C 77 1.56 -21.08 -83.03
N GLU C 78 0.35 -20.80 -83.56
CA GLU C 78 0.07 -20.64 -84.99
C GLU C 78 0.80 -19.41 -85.53
N GLY C 79 0.78 -18.33 -84.75
CA GLY C 79 1.43 -17.07 -85.09
C GLY C 79 2.94 -17.15 -84.99
N LYS C 80 3.46 -17.77 -83.90
CA LYS C 80 4.90 -17.94 -83.61
C LYS C 80 5.65 -18.60 -84.76
N ALA C 81 5.05 -19.63 -85.39
CA ALA C 81 5.65 -20.37 -86.50
C ALA C 81 5.65 -19.56 -87.81
N THR C 82 4.53 -18.85 -88.09
CA THR C 82 4.33 -18.04 -89.31
C THR C 82 5.24 -16.79 -89.29
N VAL C 83 5.36 -16.11 -88.13
CA VAL C 83 6.17 -14.90 -87.96
C VAL C 83 7.67 -15.25 -88.11
N GLU C 84 8.13 -16.33 -87.44
CA GLU C 84 9.54 -16.78 -87.50
C GLU C 84 9.93 -17.21 -88.92
N ALA C 85 8.97 -17.74 -89.71
CA ALA C 85 9.17 -18.14 -91.10
C ALA C 85 9.48 -16.93 -91.98
N LEU C 86 8.87 -15.78 -91.67
CA LEU C 86 9.05 -14.51 -92.39
C LEU C 86 10.39 -13.86 -92.05
N ILE C 87 10.85 -14.01 -90.78
CA ILE C 87 12.12 -13.45 -90.28
C ILE C 87 13.31 -14.19 -90.93
N ASN C 88 13.23 -15.53 -91.01
CA ASN C 88 14.28 -16.37 -91.58
C ASN C 88 14.35 -16.31 -93.11
N LYS C 89 13.25 -15.89 -93.77
CA LYS C 89 13.18 -15.80 -95.23
C LYS C 89 13.54 -14.40 -95.76
N TYR C 90 12.85 -13.36 -95.26
CA TYR C 90 13.02 -11.97 -95.70
C TYR C 90 14.09 -11.20 -94.91
N LYS C 91 14.69 -11.85 -93.89
CA LYS C 91 15.73 -11.29 -92.99
C LYS C 91 15.25 -9.98 -92.37
N LEU C 92 14.03 -10.01 -91.80
CA LEU C 92 13.35 -8.88 -91.18
C LEU C 92 14.05 -8.46 -89.89
N LYS C 93 14.19 -7.14 -89.70
CA LYS C 93 14.85 -6.54 -88.53
C LYS C 93 13.89 -5.61 -87.77
N GLU C 94 14.38 -4.99 -86.69
CA GLU C 94 13.63 -4.06 -85.85
C GLU C 94 14.40 -2.75 -85.70
N GLY C 95 13.68 -1.64 -85.80
CA GLY C 95 14.23 -0.29 -85.69
C GLY C 95 14.48 0.36 -87.03
N ASN C 96 15.58 1.14 -87.13
CA ASN C 96 15.96 1.85 -88.35
C ASN C 96 17.33 1.34 -88.84
N PRO C 97 17.36 0.25 -89.65
CA PRO C 97 18.65 -0.28 -90.11
C PRO C 97 19.09 0.33 -91.44
N SER C 98 20.02 -0.34 -92.15
CA SER C 98 20.57 0.11 -93.44
C SER C 98 19.55 -0.01 -94.59
N ARG C 99 19.90 0.58 -95.76
CA ARG C 99 19.11 0.61 -97.00
C ARG C 99 18.76 -0.80 -97.51
N ASP C 100 19.72 -1.75 -97.41
CA ASP C 100 19.57 -3.13 -97.87
C ASP C 100 18.77 -4.01 -96.90
N GLU C 101 18.35 -3.45 -95.75
CA GLU C 101 17.59 -4.17 -94.74
C GLU C 101 16.08 -3.96 -94.87
N LEU C 102 15.30 -4.93 -94.34
CA LEU C 102 13.83 -4.88 -94.35
C LEU C 102 13.25 -4.91 -92.94
N THR C 103 12.17 -4.13 -92.73
CA THR C 103 11.39 -4.08 -91.48
C THR C 103 9.91 -4.15 -91.83
N LEU C 104 9.06 -4.53 -90.87
CA LEU C 104 7.60 -4.65 -91.06
C LEU C 104 6.96 -3.31 -91.42
N SER C 105 7.50 -2.19 -90.89
CA SER C 105 7.01 -0.84 -91.16
C SER C 105 7.36 -0.39 -92.59
N ARG C 106 8.52 -0.84 -93.12
CA ARG C 106 8.99 -0.50 -94.47
C ARG C 106 8.15 -1.20 -95.54
N VAL C 107 7.69 -2.44 -95.27
CA VAL C 107 6.85 -3.23 -96.18
C VAL C 107 5.46 -2.57 -96.29
N ALA C 108 4.91 -2.13 -95.14
CA ALA C 108 3.62 -1.45 -95.05
C ALA C 108 3.66 -0.06 -95.70
N ALA C 109 4.82 0.63 -95.63
CA ALA C 109 5.01 1.97 -96.20
C ALA C 109 5.15 1.92 -97.72
N ALA C 110 5.88 0.92 -98.26
CA ALA C 110 6.11 0.74 -99.70
C ALA C 110 4.82 0.37 -100.43
N LEU C 111 3.99 -0.50 -99.82
CA LEU C 111 2.72 -0.96 -100.38
C LEU C 111 1.58 -0.23 -99.63
N ALA C 112 1.61 1.11 -99.67
CA ALA C 112 0.69 2.03 -99.01
C ALA C 112 -0.77 1.85 -99.44
N GLY C 113 -1.00 1.48 -100.71
CA GLY C 113 -2.33 1.26 -101.26
C GLY C 113 -3.10 0.13 -100.61
N ARG C 114 -2.44 -1.03 -100.41
CA ARG C 114 -3.01 -2.22 -99.78
C ARG C 114 -3.17 -2.00 -98.27
N THR C 115 -2.19 -1.30 -97.66
CA THR C 115 -2.14 -0.97 -96.23
C THR C 115 -3.34 -0.10 -95.83
N CYS C 116 -3.65 0.94 -96.64
CA CYS C 116 -4.76 1.87 -96.45
C CYS C 116 -6.10 1.14 -96.47
N GLN C 117 -6.27 0.22 -97.43
CA GLN C 117 -7.48 -0.58 -97.63
C GLN C 117 -7.71 -1.57 -96.49
N ALA C 118 -6.61 -2.07 -95.89
CA ALA C 118 -6.62 -3.03 -94.78
C ALA C 118 -7.12 -2.39 -93.47
N LEU C 119 -7.00 -1.05 -93.35
CA LEU C 119 -7.41 -0.28 -92.18
C LEU C 119 -8.94 -0.24 -92.01
N VAL C 120 -9.70 -0.46 -93.09
CA VAL C 120 -11.17 -0.48 -93.09
C VAL C 120 -11.62 -1.75 -92.34
N VAL C 121 -10.95 -2.89 -92.60
CA VAL C 121 -11.22 -4.17 -91.95
C VAL C 121 -10.63 -4.13 -90.53
N LEU C 122 -9.32 -3.87 -90.42
CA LEU C 122 -8.60 -3.77 -89.15
C LEU C 122 -8.77 -2.37 -88.57
N SER C 123 -9.97 -2.10 -88.01
CA SER C 123 -10.30 -0.79 -87.45
C SER C 123 -10.18 -0.77 -85.92
N GLU C 124 -10.70 -1.81 -85.25
CA GLU C 124 -10.71 -1.91 -83.79
C GLU C 124 -9.52 -2.73 -83.24
N TRP C 125 -8.63 -3.21 -84.13
CA TRP C 125 -7.46 -4.00 -83.74
C TRP C 125 -6.16 -3.16 -83.73
N LEU C 126 -6.24 -1.89 -84.17
CA LEU C 126 -5.11 -0.95 -84.19
C LEU C 126 -4.81 -0.41 -82.77
N PRO C 127 -3.62 0.20 -82.49
CA PRO C 127 -3.36 0.75 -81.14
C PRO C 127 -4.35 1.88 -80.79
N VAL C 128 -4.76 2.65 -81.81
CA VAL C 128 -5.77 3.71 -81.72
C VAL C 128 -6.96 3.21 -82.54
N THR C 129 -8.08 2.88 -81.87
CA THR C 129 -9.28 2.34 -82.50
C THR C 129 -10.05 3.44 -83.27
N GLY C 130 -10.90 3.01 -84.21
CA GLY C 130 -11.73 3.89 -85.02
C GLY C 130 -12.78 4.64 -84.22
N THR C 131 -13.27 4.01 -83.13
CA THR C 131 -14.27 4.57 -82.22
C THR C 131 -13.64 5.73 -81.43
N THR C 132 -12.35 5.63 -81.08
CA THR C 132 -11.58 6.65 -80.36
C THR C 132 -11.41 7.88 -81.26
N MET C 133 -11.12 7.65 -82.57
CA MET C 133 -10.95 8.70 -83.57
C MET C 133 -12.27 9.38 -83.90
N ASP C 134 -13.40 8.64 -83.78
CA ASP C 134 -14.75 9.13 -84.02
C ASP C 134 -15.19 10.13 -82.94
N GLY C 135 -14.63 9.99 -81.74
CA GLY C 135 -14.90 10.86 -80.61
C GLY C 135 -14.31 12.25 -80.78
N LEU C 136 -13.10 12.32 -81.39
CA LEU C 136 -12.39 13.57 -81.67
C LEU C 136 -13.01 14.28 -82.87
N SER C 137 -13.25 13.53 -83.97
CA SER C 137 -13.87 14.02 -85.20
C SER C 137 -14.94 13.01 -85.66
N PRO C 138 -16.23 13.43 -85.79
CA PRO C 138 -17.26 12.47 -86.22
C PRO C 138 -17.00 11.89 -87.60
N ALA C 139 -17.12 10.54 -87.72
CA ALA C 139 -16.90 9.73 -88.94
C ALA C 139 -15.51 10.00 -89.54
N TYR C 140 -14.45 9.74 -88.74
CA TYR C 140 -13.06 9.94 -89.14
C TYR C 140 -12.67 8.95 -90.27
N PRO C 141 -11.98 9.41 -91.35
CA PRO C 141 -11.60 8.49 -92.44
C PRO C 141 -10.62 7.40 -91.97
N ARG C 142 -11.05 6.13 -92.14
CA ARG C 142 -10.30 4.93 -91.73
C ARG C 142 -8.99 4.75 -92.51
N HIS C 143 -8.95 5.20 -93.78
CA HIS C 143 -7.79 5.10 -94.67
C HIS C 143 -6.58 5.95 -94.21
N MET C 144 -6.82 6.98 -93.38
CA MET C 144 -5.79 7.88 -92.85
C MET C 144 -5.15 7.36 -91.55
N MET C 145 -5.66 6.24 -91.01
CA MET C 145 -5.24 5.67 -89.72
C MET C 145 -3.96 4.81 -89.76
N HIS C 146 -2.90 5.34 -90.41
CA HIS C 146 -1.55 4.74 -90.48
C HIS C 146 -0.56 5.75 -91.07
N PRO C 147 0.69 5.87 -90.53
CA PRO C 147 1.65 6.84 -91.09
C PRO C 147 2.02 6.63 -92.57
N SER C 148 1.75 5.42 -93.11
CA SER C 148 2.03 5.06 -94.51
C SER C 148 1.07 5.75 -95.50
N PHE C 149 -0.04 6.35 -95.00
CA PHE C 149 -1.03 7.08 -95.80
C PHE C 149 -0.40 8.28 -96.51
N ALA C 150 0.66 8.86 -95.90
CA ALA C 150 1.41 10.01 -96.44
C ALA C 150 1.99 9.72 -97.85
N GLY C 151 2.20 8.44 -98.15
CA GLY C 151 2.68 7.98 -99.46
C GLY C 151 1.59 7.93 -100.52
N MET C 152 0.32 8.10 -100.11
CA MET C 152 -0.86 8.11 -100.98
C MET C 152 -1.34 9.54 -101.24
N VAL C 153 -0.81 10.53 -100.47
CA VAL C 153 -1.15 11.96 -100.57
C VAL C 153 -0.51 12.55 -101.84
N ASP C 154 -1.32 13.26 -102.64
CA ASP C 154 -0.91 13.91 -103.88
C ASP C 154 -0.40 15.35 -103.59
N PRO C 155 0.90 15.65 -103.81
CA PRO C 155 1.39 17.01 -103.52
C PRO C 155 0.97 18.06 -104.56
N SER C 156 0.54 17.62 -105.77
CA SER C 156 0.10 18.53 -106.85
C SER C 156 -1.27 19.17 -106.55
N LEU C 157 -1.96 18.69 -105.49
CA LEU C 157 -3.26 19.20 -105.04
C LEU C 157 -3.16 20.68 -104.58
N PRO C 158 -4.24 21.50 -104.74
CA PRO C 158 -4.15 22.91 -104.29
C PRO C 158 -3.84 23.06 -102.80
N GLY C 159 -3.13 24.14 -102.47
CA GLY C 159 -2.67 24.48 -101.12
C GLY C 159 -3.64 24.23 -99.99
N ASP C 160 -4.87 24.79 -100.09
CA ASP C 160 -5.92 24.65 -99.08
C ASP C 160 -6.38 23.20 -98.95
N TYR C 161 -6.44 22.46 -100.06
CA TYR C 161 -6.86 21.06 -100.10
C TYR C 161 -5.77 20.13 -99.56
N LEU C 162 -4.50 20.37 -99.97
CA LEU C 162 -3.33 19.60 -99.57
C LEU C 162 -3.10 19.69 -98.06
N ARG C 163 -3.28 20.90 -97.48
CA ARG C 163 -3.16 21.14 -96.04
C ARG C 163 -4.30 20.47 -95.26
N ALA C 164 -5.52 20.44 -95.85
CA ALA C 164 -6.71 19.83 -95.25
C ALA C 164 -6.55 18.31 -95.10
N ILE C 165 -5.86 17.65 -96.05
CA ILE C 165 -5.60 16.21 -96.02
C ILE C 165 -4.53 15.91 -94.95
N LEU C 166 -3.45 16.72 -94.93
CA LEU C 166 -2.33 16.58 -94.00
C LEU C 166 -2.74 16.88 -92.54
N ASP C 167 -3.59 17.91 -92.32
CA ASP C 167 -4.08 18.28 -90.98
C ASP C 167 -5.02 17.22 -90.42
N ALA C 168 -5.84 16.59 -91.29
CA ALA C 168 -6.77 15.53 -90.91
C ALA C 168 -6.00 14.26 -90.55
N HIS C 169 -4.93 13.94 -91.31
CA HIS C 169 -4.06 12.79 -91.10
C HIS C 169 -3.19 12.99 -89.84
N SER C 170 -2.82 14.25 -89.53
CA SER C 170 -2.02 14.61 -88.36
C SER C 170 -2.78 14.39 -87.04
N LEU C 171 -4.13 14.38 -87.08
CA LEU C 171 -5.01 14.15 -85.93
C LEU C 171 -4.80 12.73 -85.39
N TYR C 172 -4.62 11.74 -86.30
CA TYR C 172 -4.33 10.35 -85.94
C TYR C 172 -2.90 10.24 -85.42
N LEU C 173 -1.93 10.81 -86.18
CA LEU C 173 -0.50 10.79 -85.87
C LEU C 173 -0.22 11.37 -84.47
N LEU C 174 -0.98 12.39 -84.05
CA LEU C 174 -0.88 13.01 -82.73
C LEU C 174 -1.24 12.00 -81.63
N GLN C 175 -2.31 11.22 -81.86
CA GLN C 175 -2.79 10.20 -80.93
C GLN C 175 -1.91 8.95 -80.97
N PHE C 176 -1.54 8.50 -82.18
CA PHE C 176 -0.72 7.31 -82.44
C PHE C 176 0.70 7.44 -81.87
N SER C 177 1.40 8.57 -82.16
CA SER C 177 2.77 8.83 -81.69
C SER C 177 2.86 8.84 -80.16
N ARG C 178 1.81 9.35 -79.47
CA ARG C 178 1.76 9.39 -78.02
C ARG C 178 1.49 7.99 -77.43
N VAL C 179 0.84 7.10 -78.19
CA VAL C 179 0.54 5.73 -77.75
C VAL C 179 1.82 4.87 -77.86
N ILE C 180 2.48 4.84 -79.03
CA ILE C 180 3.67 4.03 -79.27
C ILE C 180 4.93 4.59 -78.56
N ASN C 181 5.01 5.92 -78.38
CA ASN C 181 6.13 6.56 -77.69
C ASN C 181 5.64 7.11 -76.35
N PRO C 182 6.07 6.52 -75.20
CA PRO C 182 5.54 6.96 -73.90
C PRO C 182 6.06 8.31 -73.41
N ASN C 183 7.27 8.75 -73.82
CA ASN C 183 7.83 10.02 -73.36
C ASN C 183 7.19 11.24 -74.05
N LEU C 184 6.42 11.02 -75.14
CA LEU C 184 5.72 12.08 -75.88
C LEU C 184 4.30 12.35 -75.34
N ARG C 185 3.84 11.54 -74.37
CA ARG C 185 2.52 11.62 -73.75
C ARG C 185 2.26 12.95 -73.03
N GLY C 186 3.24 13.39 -72.23
CA GLY C 186 3.15 14.64 -71.48
C GLY C 186 3.38 15.90 -72.28
N ARG C 187 4.11 15.78 -73.40
CA ARG C 187 4.48 16.88 -74.29
C ARG C 187 3.26 17.36 -75.11
N THR C 188 3.19 18.69 -75.34
CA THR C 188 2.12 19.38 -76.06
C THR C 188 2.04 18.99 -77.55
N LYS C 189 0.92 19.38 -78.21
CA LYS C 189 0.60 19.14 -79.63
C LYS C 189 1.75 19.54 -80.57
N GLU C 190 2.35 20.73 -80.34
CA GLU C 190 3.45 21.28 -81.13
C GLU C 190 4.72 20.42 -81.03
N GLU C 191 5.00 19.89 -79.83
CA GLU C 191 6.17 19.03 -79.54
C GLU C 191 6.04 17.69 -80.25
N VAL C 192 4.82 17.09 -80.25
CA VAL C 192 4.50 15.81 -80.88
C VAL C 192 4.51 15.99 -82.42
N ALA C 193 3.97 17.12 -82.91
CA ALA C 193 3.89 17.44 -84.35
C ALA C 193 5.26 17.44 -85.01
N ALA C 194 6.28 18.03 -84.34
CA ALA C 194 7.66 18.16 -84.83
C ALA C 194 8.35 16.80 -85.11
N THR C 195 7.88 15.70 -84.46
CA THR C 195 8.47 14.38 -84.63
C THR C 195 7.90 13.62 -85.85
N PHE C 196 6.61 13.84 -86.20
CA PHE C 196 5.99 13.12 -87.32
C PHE C 196 5.85 13.95 -88.62
N THR C 197 5.92 15.30 -88.56
CA THR C 197 5.76 16.17 -89.73
C THR C 197 6.89 15.99 -90.76
N GLN C 198 8.14 15.75 -90.30
CA GLN C 198 9.30 15.56 -91.17
C GLN C 198 9.18 14.27 -92.04
N PRO C 199 8.96 13.04 -91.49
CA PRO C 199 8.84 11.86 -92.37
C PRO C 199 7.53 11.84 -93.18
N MET C 200 6.50 12.60 -92.74
CA MET C 200 5.20 12.71 -93.42
C MET C 200 5.37 13.47 -94.75
N ASN C 201 5.98 14.68 -94.69
CA ASN C 201 6.24 15.54 -95.85
C ASN C 201 7.19 14.87 -96.85
N ALA C 202 8.13 14.04 -96.36
CA ALA C 202 9.09 13.29 -97.17
C ALA C 202 8.38 12.22 -98.03
N ALA C 203 7.30 11.62 -97.48
CA ALA C 203 6.50 10.60 -98.18
C ALA C 203 5.55 11.23 -99.19
N VAL C 204 5.09 12.47 -98.93
CA VAL C 204 4.19 13.22 -99.83
C VAL C 204 4.99 13.70 -101.05
N ASN C 205 6.19 14.27 -100.80
CA ASN C 205 7.06 14.82 -101.83
C ASN C 205 7.94 13.74 -102.53
N SER C 206 7.78 12.45 -102.17
CA SER C 206 8.53 11.35 -102.78
C SER C 206 8.06 11.10 -104.21
N ASN C 207 9.00 10.76 -105.11
CA ASN C 207 8.76 10.51 -106.53
C ASN C 207 8.05 9.16 -106.81
N PHE C 208 7.96 8.26 -105.80
CA PHE C 208 7.32 6.94 -105.94
C PHE C 208 5.80 7.09 -106.06
N ILE C 209 5.23 6.58 -107.18
CA ILE C 209 3.82 6.63 -107.60
C ILE C 209 3.51 8.07 -108.03
N SER C 210 3.17 8.26 -109.32
CA SER C 210 2.88 9.56 -109.93
C SER C 210 1.72 10.31 -109.24
N HIS C 211 1.72 11.65 -109.40
CA HIS C 211 0.75 12.59 -108.83
C HIS C 211 -0.70 12.28 -109.23
N GLU C 212 -0.90 11.87 -110.50
CA GLU C 212 -2.22 11.54 -111.05
C GLU C 212 -2.73 10.21 -110.49
N LYS C 213 -1.83 9.19 -110.35
CA LYS C 213 -2.17 7.88 -109.80
C LYS C 213 -2.50 7.98 -108.31
N ARG C 214 -1.76 8.83 -107.57
CA ARG C 214 -1.97 9.08 -106.14
C ARG C 214 -3.33 9.74 -105.90
N ARG C 215 -3.72 10.67 -106.80
CA ARG C 215 -5.00 11.39 -106.77
C ARG C 215 -6.17 10.42 -106.98
N GLU C 216 -5.98 9.39 -107.85
CA GLU C 216 -6.97 8.35 -108.14
C GLU C 216 -7.29 7.52 -106.91
N PHE C 217 -6.26 7.20 -106.08
CA PHE C 217 -6.40 6.41 -104.86
C PHE C 217 -7.25 7.15 -103.83
N LEU C 218 -6.99 8.46 -103.63
CA LEU C 218 -7.72 9.33 -102.70
C LEU C 218 -9.20 9.44 -103.11
N LYS C 219 -9.49 9.42 -104.43
CA LYS C 219 -10.83 9.46 -104.99
C LYS C 219 -11.55 8.11 -104.76
N ALA C 220 -10.80 7.00 -104.92
CA ALA C 220 -11.28 5.62 -104.74
C ALA C 220 -11.61 5.32 -103.28
N PHE C 221 -10.81 5.88 -102.33
CA PHE C 221 -11.01 5.69 -100.90
C PHE C 221 -12.16 6.56 -100.37
N GLY C 222 -12.60 7.52 -101.17
CA GLY C 222 -13.69 8.44 -100.85
C GLY C 222 -13.25 9.59 -99.97
N LEU C 223 -12.04 10.11 -100.22
CA LEU C 223 -11.44 11.21 -99.47
C LEU C 223 -11.64 12.53 -100.20
N VAL C 224 -11.40 12.56 -101.54
CA VAL C 224 -11.56 13.74 -102.39
C VAL C 224 -12.57 13.45 -103.52
N ASP C 225 -13.20 14.51 -104.07
CA ASP C 225 -14.17 14.40 -105.17
C ASP C 225 -13.45 14.31 -106.53
N SER C 226 -14.22 14.43 -107.65
CA SER C 226 -13.74 14.36 -109.03
C SER C 226 -12.66 15.40 -109.36
N ASN C 227 -12.70 16.58 -108.71
CA ASN C 227 -11.74 17.66 -108.94
C ASN C 227 -10.52 17.54 -108.01
N GLY C 228 -10.77 17.48 -106.70
CA GLY C 228 -9.72 17.36 -105.69
C GLY C 228 -10.09 17.91 -104.32
N LYS C 229 -11.34 18.39 -104.16
CA LYS C 229 -11.86 18.95 -102.92
C LYS C 229 -12.14 17.81 -101.90
N PRO C 230 -11.59 17.90 -100.66
CA PRO C 230 -11.83 16.82 -99.68
C PRO C 230 -13.27 16.80 -99.17
N SER C 231 -13.70 15.62 -98.67
CA SER C 231 -15.04 15.38 -98.13
C SER C 231 -15.23 16.08 -96.77
N ALA C 232 -16.50 16.20 -96.32
CA ALA C 232 -16.90 16.81 -95.05
C ALA C 232 -16.24 16.13 -93.84
N ALA C 233 -15.98 14.82 -93.95
CA ALA C 233 -15.33 13.99 -92.92
C ALA C 233 -13.86 14.40 -92.72
N VAL C 234 -13.17 14.72 -93.83
CA VAL C 234 -11.77 15.14 -93.86
C VAL C 234 -11.66 16.59 -93.34
N MET C 235 -12.59 17.48 -93.78
CA MET C 235 -12.65 18.89 -93.38
C MET C 235 -12.89 19.07 -91.89
N ALA C 236 -13.73 18.20 -91.29
CA ALA C 236 -14.04 18.22 -89.85
C ALA C 236 -12.83 17.77 -89.02
N ALA C 237 -12.06 16.78 -89.53
CA ALA C 237 -10.88 16.24 -88.88
C ALA C 237 -9.70 17.24 -88.92
N ALA C 238 -9.62 18.04 -90.00
CA ALA C 238 -8.60 19.08 -90.19
C ALA C 238 -8.86 20.25 -89.25
N GLN C 239 -10.15 20.58 -89.01
CA GLN C 239 -10.60 21.64 -88.12
C GLN C 239 -10.41 21.22 -86.65
N ALA C 240 -10.58 19.92 -86.36
CA ALA C 240 -10.41 19.32 -85.02
C ALA C 240 -8.96 19.37 -84.56
N TYR C 241 -8.00 19.24 -85.50
CA TYR C 241 -6.56 19.27 -85.24
C TYR C 241 -6.10 20.69 -84.86
N LYS C 242 -6.77 21.72 -85.41
CA LYS C 242 -6.46 23.14 -85.15
C LYS C 242 -6.78 23.53 -83.70
N THR C 243 -7.83 22.93 -83.11
CA THR C 243 -8.28 23.18 -81.74
C THR C 243 -7.90 22.04 -80.78
N ALA C 244 -7.12 21.05 -81.27
CA ALA C 244 -6.67 19.88 -80.50
C ALA C 244 -5.66 20.27 -79.42
N ALA C 245 -5.61 19.47 -78.33
CA ALA C 245 -4.70 19.68 -77.20
C ALA C 245 -3.53 18.69 -77.25
N GLN D 5 37.23 62.59 -55.44
CA GLN D 5 37.13 61.29 -56.11
C GLN D 5 36.00 61.28 -57.17
N GLU D 6 34.93 62.06 -56.93
CA GLU D 6 33.80 62.19 -57.86
C GLU D 6 34.20 63.10 -59.04
N LEU D 7 35.07 62.56 -59.92
CA LEU D 7 35.58 63.25 -61.10
C LEU D 7 35.03 62.62 -62.40
N ALA D 8 34.13 61.64 -62.25
CA ALA D 8 33.46 60.95 -63.35
C ALA D 8 32.47 61.87 -64.09
N ILE D 9 31.98 62.92 -63.38
CA ILE D 9 31.04 63.93 -63.89
C ILE D 9 31.71 64.71 -65.04
N GLN D 10 33.01 65.04 -64.88
CA GLN D 10 33.83 65.75 -65.86
C GLN D 10 34.09 64.87 -67.09
N PHE D 11 34.25 63.54 -66.87
CA PHE D 11 34.45 62.53 -67.92
C PHE D 11 33.15 62.34 -68.72
N ALA D 12 32.00 62.49 -68.03
CA ALA D 12 30.66 62.36 -68.60
C ALA D 12 30.23 63.63 -69.34
N ALA D 13 30.71 64.82 -68.87
CA ALA D 13 30.41 66.12 -69.47
C ALA D 13 31.06 66.28 -70.86
N GLN D 14 32.05 65.42 -71.17
CA GLN D 14 32.77 65.39 -72.45
C GLN D 14 31.82 65.10 -73.61
N ALA D 15 32.01 65.81 -74.75
CA ALA D 15 31.19 65.62 -75.94
C ALA D 15 31.58 64.30 -76.63
N VAL D 16 30.58 63.42 -76.88
CA VAL D 16 30.81 62.11 -77.49
C VAL D 16 31.11 62.26 -78.98
N ASP D 17 32.26 61.70 -79.40
CA ASP D 17 32.70 61.72 -80.80
C ASP D 17 32.14 60.48 -81.51
N ARG D 18 31.13 60.71 -82.37
CA ARG D 18 30.38 59.70 -83.12
C ARG D 18 31.30 58.74 -83.90
N ASN D 19 32.28 59.29 -84.65
CA ASN D 19 33.18 58.49 -85.48
C ASN D 19 34.30 57.82 -84.67
N GLU D 20 34.71 58.39 -83.51
CA GLU D 20 35.75 57.81 -82.65
C GLU D 20 35.27 56.48 -82.06
N ILE D 21 33.95 56.40 -81.74
CA ILE D 21 33.28 55.22 -81.21
C ILE D 21 33.08 54.21 -82.36
N GLU D 22 32.75 54.73 -83.58
CA GLU D 22 32.53 53.94 -84.80
C GLU D 22 33.78 53.16 -85.23
N GLN D 23 34.98 53.68 -84.91
CA GLN D 23 36.27 53.05 -85.22
C GLN D 23 36.50 51.83 -84.34
N TRP D 24 36.18 51.95 -83.03
CA TRP D 24 36.37 50.90 -82.03
C TRP D 24 35.33 49.78 -82.13
N VAL D 25 34.06 50.09 -82.51
CA VAL D 25 33.00 49.08 -82.63
C VAL D 25 33.34 48.09 -83.78
N ARG D 26 33.92 48.60 -84.90
CA ARG D 26 34.32 47.80 -86.05
C ARG D 26 35.59 47.00 -85.71
N GLU D 27 36.45 47.55 -84.84
CA GLU D 27 37.69 46.93 -84.37
C GLU D 27 37.36 45.79 -83.40
N PHE D 28 36.46 46.05 -82.42
CA PHE D 28 36.04 45.09 -81.40
C PHE D 28 34.73 44.39 -81.80
N ALA D 29 34.55 44.11 -83.11
CA ALA D 29 33.37 43.45 -83.65
C ALA D 29 33.45 41.94 -83.48
N TYR D 30 32.29 41.25 -83.42
CA TYR D 30 32.22 39.79 -83.28
C TYR D 30 32.63 39.14 -84.60
N GLN D 31 33.95 38.95 -84.79
CA GLN D 31 34.51 38.33 -85.99
C GLN D 31 34.41 36.82 -85.91
N GLY D 32 34.24 36.19 -87.07
CA GLY D 32 34.09 34.75 -87.20
C GLY D 32 33.16 34.38 -88.32
N PHE D 33 32.11 35.21 -88.55
CA PHE D 33 31.11 35.03 -89.61
C PHE D 33 31.71 35.33 -91.01
N ASP D 34 32.88 36.03 -91.03
CA ASP D 34 33.69 36.45 -92.19
C ASP D 34 32.87 37.26 -93.22
N ALA D 35 31.98 36.58 -93.98
CA ALA D 35 31.08 37.10 -95.01
C ALA D 35 31.83 37.70 -96.22
N ARG D 36 32.62 38.79 -96.02
CA ARG D 36 33.35 39.45 -97.12
C ARG D 36 34.59 38.68 -97.55
N ARG D 37 35.29 37.99 -96.62
CA ARG D 37 36.50 37.26 -96.97
C ARG D 37 36.19 35.78 -97.31
N VAL D 38 34.90 35.41 -97.39
CA VAL D 38 34.45 34.07 -97.80
C VAL D 38 34.70 33.96 -99.31
N ILE D 39 34.32 35.02 -100.06
CA ILE D 39 34.51 35.18 -101.51
C ILE D 39 36.02 35.23 -101.81
N GLU D 40 36.81 35.85 -100.90
CA GLU D 40 38.28 35.94 -101.02
C GLU D 40 38.92 34.56 -100.91
N LEU D 41 38.37 33.67 -100.04
CA LEU D 41 38.85 32.30 -99.87
C LEU D 41 38.31 31.38 -100.97
N LEU D 42 37.08 31.64 -101.48
CA LEU D 42 36.45 30.86 -102.55
C LEU D 42 37.24 30.96 -103.85
N LYS D 43 37.74 32.17 -104.19
CA LYS D 43 38.55 32.41 -105.38
C LYS D 43 39.99 31.93 -105.18
N GLN D 44 40.44 31.84 -103.90
CA GLN D 44 41.78 31.39 -103.53
C GLN D 44 41.94 29.87 -103.75
N TYR D 45 40.92 29.08 -103.35
CA TYR D 45 40.94 27.63 -103.50
C TYR D 45 40.35 27.17 -104.84
N GLY D 46 39.18 27.71 -105.18
CA GLY D 46 38.44 27.35 -106.39
C GLY D 46 39.00 27.85 -107.70
N GLY D 47 39.49 29.08 -107.70
CA GLY D 47 40.06 29.70 -108.89
C GLY D 47 39.00 30.18 -109.86
N ALA D 48 38.89 29.51 -111.02
CA ALA D 48 37.94 29.83 -112.09
C ALA D 48 36.62 29.09 -111.94
N ASP D 49 36.68 27.86 -111.38
CA ASP D 49 35.51 26.99 -111.17
C ASP D 49 34.85 27.25 -109.80
N TRP D 50 35.14 28.41 -109.17
CA TRP D 50 34.59 28.78 -107.87
C TRP D 50 33.09 29.09 -107.92
N GLU D 51 32.59 29.66 -109.04
CA GLU D 51 31.19 30.03 -109.22
C GLU D 51 30.27 28.81 -109.38
N LYS D 52 30.73 27.78 -110.12
CA LYS D 52 29.96 26.55 -110.36
C LYS D 52 29.90 25.72 -109.06
N ASP D 53 31.01 25.66 -108.30
CA ASP D 53 31.11 24.92 -107.04
C ASP D 53 30.31 25.61 -105.93
N ALA D 54 30.21 26.95 -105.95
CA ALA D 54 29.45 27.73 -104.97
C ALA D 54 27.96 27.43 -105.11
N LYS D 55 27.47 27.27 -106.36
CA LYS D 55 26.09 26.91 -106.70
C LYS D 55 25.77 25.52 -106.17
N LYS D 56 26.74 24.58 -106.25
CA LYS D 56 26.64 23.21 -105.75
C LYS D 56 26.58 23.19 -104.23
N MET D 57 27.42 24.03 -103.58
CA MET D 57 27.51 24.15 -102.11
C MET D 57 26.27 24.80 -101.50
N ILE D 58 25.55 25.67 -102.26
CA ILE D 58 24.33 26.33 -101.79
C ILE D 58 23.20 25.27 -101.71
N VAL D 59 23.04 24.44 -102.77
CA VAL D 59 22.04 23.37 -102.86
C VAL D 59 22.32 22.30 -101.76
N LEU D 60 23.61 22.00 -101.52
CA LEU D 60 24.07 21.03 -100.53
C LEU D 60 23.74 21.47 -99.08
N ALA D 61 24.00 22.76 -98.75
CA ALA D 61 23.76 23.33 -97.42
C ALA D 61 22.27 23.51 -97.12
N LEU D 62 21.46 23.79 -98.15
CA LEU D 62 20.02 24.03 -98.04
C LEU D 62 19.21 22.74 -97.83
N THR D 63 19.55 21.68 -98.57
CA THR D 63 18.84 20.40 -98.53
C THR D 63 19.34 19.46 -97.42
N ARG D 64 20.67 19.36 -97.23
CA ARG D 64 21.24 18.45 -96.22
C ARG D 64 21.58 19.19 -94.93
N GLY D 65 22.72 19.89 -94.86
CA GLY D 65 23.13 20.61 -93.66
C GLY D 65 24.50 21.27 -93.71
N ASN D 66 25.12 21.45 -92.54
CA ASN D 66 26.44 22.09 -92.40
C ASN D 66 27.58 21.07 -92.24
N LYS D 67 27.33 19.93 -91.57
CA LYS D 67 28.32 18.87 -91.34
C LYS D 67 28.52 18.06 -92.64
N PRO D 68 29.69 18.16 -93.31
CA PRO D 68 29.87 17.43 -94.58
C PRO D 68 30.22 15.95 -94.42
N ARG D 69 30.95 15.58 -93.36
CA ARG D 69 31.35 14.20 -93.10
C ARG D 69 30.17 13.36 -92.59
N ARG D 70 29.20 13.99 -91.91
CA ARG D 70 28.01 13.32 -91.36
C ARG D 70 26.99 13.00 -92.47
N MET D 71 26.78 13.94 -93.42
CA MET D 71 25.84 13.77 -94.53
C MET D 71 26.35 12.77 -95.59
N MET D 72 27.68 12.60 -95.68
CA MET D 72 28.35 11.69 -96.62
C MET D 72 28.07 10.22 -96.30
N MET D 73 27.78 9.91 -95.03
CA MET D 73 27.48 8.55 -94.54
C MET D 73 26.20 8.00 -95.17
N LYS D 74 25.16 8.85 -95.31
CA LYS D 74 23.87 8.49 -95.92
C LYS D 74 23.67 9.29 -97.20
N MET D 75 24.43 8.94 -98.26
CA MET D 75 24.40 9.58 -99.57
C MET D 75 24.79 8.60 -100.69
N SER D 76 24.41 8.90 -101.94
CA SER D 76 24.70 8.10 -103.13
C SER D 76 26.19 8.19 -103.50
N LYS D 77 26.69 7.21 -104.29
CA LYS D 77 28.09 7.13 -104.76
C LYS D 77 28.48 8.36 -105.58
N GLU D 78 27.53 8.91 -106.38
CA GLU D 78 27.69 10.10 -107.21
C GLU D 78 27.90 11.35 -106.34
N GLY D 79 27.13 11.43 -105.25
CA GLY D 79 27.19 12.51 -104.28
C GLY D 79 28.44 12.47 -103.43
N LYS D 80 28.80 11.26 -102.93
CA LYS D 80 29.97 10.98 -102.09
C LYS D 80 31.28 11.50 -102.71
N ALA D 81 31.45 11.31 -104.04
CA ALA D 81 32.64 11.75 -104.78
C ALA D 81 32.68 13.27 -104.98
N THR D 82 31.52 13.89 -105.29
CA THR D 82 31.38 15.33 -105.54
C THR D 82 31.56 16.14 -104.24
N VAL D 83 30.99 15.66 -103.12
CA VAL D 83 31.06 16.33 -101.80
C VAL D 83 32.51 16.28 -101.28
N GLU D 84 33.18 15.10 -101.35
CA GLU D 84 34.56 14.91 -100.90
C GLU D 84 35.55 15.77 -101.72
N ALA D 85 35.23 16.00 -103.01
CA ALA D 85 36.03 16.84 -103.91
C ALA D 85 36.03 18.30 -103.44
N LEU D 86 34.90 18.77 -102.87
CA LEU D 86 34.73 20.13 -102.34
C LEU D 86 35.45 20.31 -101.00
N ILE D 87 35.48 19.24 -100.17
CA ILE D 87 36.13 19.24 -98.85
C ILE D 87 37.67 19.32 -99.02
N ASN D 88 38.23 18.54 -99.97
CA ASN D 88 39.67 18.49 -100.23
C ASN D 88 40.18 19.73 -100.99
N LYS D 89 39.29 20.47 -101.68
CA LYS D 89 39.66 21.67 -102.44
C LYS D 89 39.52 22.95 -101.62
N TYR D 90 38.31 23.21 -101.06
CA TYR D 90 37.98 24.42 -100.31
C TYR D 90 38.29 24.31 -98.80
N LYS D 91 38.75 23.13 -98.34
CA LYS D 91 39.09 22.81 -96.94
C LYS D 91 37.90 23.12 -96.02
N LEU D 92 36.71 22.63 -96.41
CA LEU D 92 35.44 22.83 -95.70
C LEU D 92 35.42 22.10 -94.36
N LYS D 93 34.88 22.77 -93.33
CA LYS D 93 34.80 22.25 -91.96
C LYS D 93 33.34 22.21 -91.48
N GLU D 94 33.12 21.76 -90.22
CA GLU D 94 31.79 21.68 -89.60
C GLU D 94 31.79 22.39 -88.26
N GLY D 95 30.71 23.14 -88.00
CA GLY D 95 30.53 23.91 -86.78
C GLY D 95 30.89 25.37 -86.93
N ASN D 96 31.48 25.95 -85.87
CA ASN D 96 31.89 27.36 -85.84
C ASN D 96 33.43 27.46 -85.67
N PRO D 97 34.20 27.40 -86.79
CA PRO D 97 35.67 27.46 -86.67
C PRO D 97 36.21 28.90 -86.75
N SER D 98 37.51 29.06 -87.06
CA SER D 98 38.19 30.36 -87.15
C SER D 98 37.79 31.15 -88.40
N ARG D 99 38.23 32.42 -88.45
CA ARG D 99 38.03 33.46 -89.46
C ARG D 99 38.52 33.02 -90.87
N ASP D 100 39.63 32.25 -90.93
CA ASP D 100 40.25 31.78 -92.16
C ASP D 100 39.65 30.45 -92.67
N GLU D 101 38.73 29.83 -91.89
CA GLU D 101 38.10 28.56 -92.26
C GLU D 101 36.74 28.75 -92.94
N LEU D 102 36.36 27.79 -93.80
CA LEU D 102 35.10 27.82 -94.55
C LEU D 102 34.16 26.66 -94.15
N THR D 103 32.85 26.95 -94.13
CA THR D 103 31.77 26.00 -93.84
C THR D 103 30.68 26.18 -94.91
N LEU D 104 29.82 25.17 -95.10
CA LEU D 104 28.73 25.20 -96.09
C LEU D 104 27.70 26.31 -95.76
N SER D 105 27.50 26.60 -94.47
CA SER D 105 26.58 27.64 -94.01
C SER D 105 27.13 29.04 -94.28
N ARG D 106 28.47 29.21 -94.20
CA ARG D 106 29.16 30.49 -94.45
C ARG D 106 29.13 30.87 -95.93
N VAL D 107 29.19 29.87 -96.85
CA VAL D 107 29.14 30.08 -98.30
C VAL D 107 27.71 30.54 -98.68
N ALA D 108 26.68 29.92 -98.09
CA ALA D 108 25.28 30.24 -98.31
C ALA D 108 24.92 31.62 -97.72
N ALA D 109 25.58 32.02 -96.61
CA ALA D 109 25.36 33.31 -95.95
C ALA D 109 25.99 34.47 -96.71
N ALA D 110 27.21 34.27 -97.25
CA ALA D 110 27.95 35.29 -98.02
C ALA D 110 27.26 35.60 -99.35
N LEU D 111 26.75 34.56 -100.04
CA LEU D 111 26.04 34.68 -101.32
C LEU D 111 24.53 34.54 -101.07
N ALA D 112 23.99 35.40 -100.18
CA ALA D 112 22.60 35.45 -99.74
C ALA D 112 21.59 35.65 -100.88
N GLY D 113 21.98 36.40 -101.90
CA GLY D 113 21.16 36.70 -103.06
C GLY D 113 20.78 35.49 -103.90
N ARG D 114 21.77 34.60 -104.17
CA ARG D 114 21.58 33.37 -104.93
C ARG D 114 20.87 32.32 -104.07
N THR D 115 21.19 32.29 -102.76
CA THR D 115 20.63 31.36 -101.77
C THR D 115 19.10 31.54 -101.63
N CYS D 116 18.63 32.81 -101.53
CA CYS D 116 17.20 33.15 -101.39
C CYS D 116 16.42 32.78 -102.65
N GLN D 117 17.02 32.94 -103.83
CA GLN D 117 16.42 32.62 -105.13
C GLN D 117 16.30 31.10 -105.32
N ALA D 118 17.24 30.33 -104.74
CA ALA D 118 17.30 28.87 -104.80
C ALA D 118 16.18 28.22 -103.97
N LEU D 119 15.65 28.95 -102.96
CA LEU D 119 14.58 28.50 -102.06
C LEU D 119 13.23 28.36 -102.79
N VAL D 120 13.05 29.07 -103.91
CA VAL D 120 11.82 29.02 -104.73
C VAL D 120 11.76 27.65 -105.41
N VAL D 121 12.91 27.15 -105.92
CA VAL D 121 13.04 25.84 -106.57
C VAL D 121 13.06 24.77 -105.47
N LEU D 122 14.01 24.86 -104.51
CA LEU D 122 14.14 23.95 -103.38
C LEU D 122 13.18 24.36 -102.27
N SER D 123 11.88 24.07 -102.45
CA SER D 123 10.84 24.43 -101.49
C SER D 123 10.43 23.26 -100.60
N GLU D 124 10.24 22.08 -101.22
CA GLU D 124 9.79 20.88 -100.51
C GLU D 124 10.96 19.95 -100.12
N TRP D 125 12.22 20.36 -100.41
CA TRP D 125 13.42 19.58 -100.08
C TRP D 125 14.13 20.12 -98.82
N LEU D 126 13.66 21.26 -98.29
CA LEU D 126 14.17 21.89 -97.06
C LEU D 126 13.74 21.10 -95.81
N PRO D 127 14.38 21.28 -94.61
CA PRO D 127 13.90 20.56 -93.41
C PRO D 127 12.47 20.97 -93.04
N VAL D 128 12.12 22.24 -93.29
CA VAL D 128 10.78 22.80 -93.09
C VAL D 128 10.27 23.13 -94.49
N THR D 129 9.26 22.37 -94.96
CA THR D 129 8.69 22.53 -96.31
C THR D 129 7.82 23.80 -96.40
N GLY D 130 7.61 24.26 -97.63
CA GLY D 130 6.80 25.44 -97.95
C GLY D 130 5.33 25.27 -97.61
N THR D 131 4.83 24.02 -97.72
CA THR D 131 3.46 23.63 -97.42
C THR D 131 3.20 23.75 -95.91
N THR D 132 4.22 23.41 -95.08
CA THR D 132 4.18 23.49 -93.61
C THR D 132 4.09 24.97 -93.19
N MET D 133 4.86 25.84 -93.86
CA MET D 133 4.88 27.28 -93.61
C MET D 133 3.59 27.96 -94.06
N ASP D 134 2.93 27.39 -95.09
CA ASP D 134 1.67 27.88 -95.65
C ASP D 134 0.51 27.64 -94.67
N GLY D 135 0.64 26.61 -93.83
CA GLY D 135 -0.34 26.25 -92.80
C GLY D 135 -0.39 27.26 -91.66
N LEU D 136 0.79 27.80 -91.28
CA LEU D 136 0.94 28.79 -90.22
C LEU D 136 0.50 30.17 -90.72
N SER D 137 0.99 30.56 -91.92
CA SER D 137 0.68 31.82 -92.58
C SER D 137 0.37 31.57 -94.07
N PRO D 138 -0.84 31.91 -94.57
CA PRO D 138 -1.16 31.65 -95.98
C PRO D 138 -0.23 32.39 -96.94
N ALA D 139 0.29 31.64 -97.95
CA ALA D 139 1.24 32.09 -98.99
C ALA D 139 2.49 32.74 -98.37
N TYR D 140 3.22 31.97 -97.55
CA TYR D 140 4.44 32.40 -96.87
C TYR D 140 5.56 32.68 -97.90
N PRO D 141 6.31 33.81 -97.78
CA PRO D 141 7.38 34.11 -98.74
C PRO D 141 8.51 33.07 -98.68
N ARG D 142 8.76 32.40 -99.82
CA ARG D 142 9.77 31.34 -99.99
C ARG D 142 11.19 31.85 -99.80
N HIS D 143 11.47 33.13 -100.15
CA HIS D 143 12.79 33.76 -100.06
C HIS D 143 13.27 33.92 -98.60
N MET D 144 12.34 33.96 -97.63
CA MET D 144 12.64 34.12 -96.19
C MET D 144 12.98 32.78 -95.51
N MET D 145 12.86 31.65 -96.23
CA MET D 145 13.02 30.30 -95.70
C MET D 145 14.49 29.82 -95.58
N HIS D 146 15.36 30.67 -95.00
CA HIS D 146 16.76 30.37 -94.69
C HIS D 146 17.36 31.47 -93.81
N PRO D 147 18.17 31.13 -92.76
CA PRO D 147 18.75 32.18 -91.89
C PRO D 147 19.63 33.21 -92.61
N SER D 148 20.11 32.90 -93.83
CA SER D 148 20.95 33.77 -94.64
C SER D 148 20.18 34.97 -95.23
N PHE D 149 18.83 34.93 -95.18
CA PHE D 149 17.95 36.01 -95.67
C PHE D 149 18.18 37.31 -94.89
N ALA D 150 18.64 37.22 -93.62
CA ALA D 150 18.95 38.35 -92.75
C ALA D 150 20.03 39.27 -93.36
N GLY D 151 20.86 38.73 -94.25
CA GLY D 151 21.89 39.47 -94.98
C GLY D 151 21.36 40.26 -96.16
N MET D 152 20.07 40.03 -96.52
CA MET D 152 19.36 40.72 -97.60
C MET D 152 18.43 41.81 -97.05
N VAL D 153 18.20 41.82 -95.72
CA VAL D 153 17.34 42.77 -95.03
C VAL D 153 18.04 44.14 -94.95
N ASP D 154 17.32 45.20 -95.35
CA ASP D 154 17.79 46.59 -95.34
C ASP D 154 17.51 47.25 -93.98
N PRO D 155 18.55 47.62 -93.18
CA PRO D 155 18.28 48.23 -91.86
C PRO D 155 17.81 49.70 -91.94
N SER D 156 18.01 50.37 -93.09
CA SER D 156 17.61 51.77 -93.29
C SER D 156 16.08 51.91 -93.46
N LEU D 157 15.35 50.77 -93.60
CA LEU D 157 13.90 50.70 -93.73
C LEU D 157 13.20 51.26 -92.47
N PRO D 158 11.99 51.87 -92.58
CA PRO D 158 11.30 52.40 -91.37
C PRO D 158 11.01 51.31 -90.32
N GLY D 159 11.04 51.73 -89.05
CA GLY D 159 10.83 50.89 -87.88
C GLY D 159 9.76 49.82 -87.97
N ASP D 160 8.52 50.23 -88.32
CA ASP D 160 7.37 49.33 -88.46
C ASP D 160 7.57 48.33 -89.60
N TYR D 161 8.19 48.77 -90.71
CA TYR D 161 8.46 47.93 -91.87
C TYR D 161 9.61 46.96 -91.61
N LEU D 162 10.70 47.44 -90.98
CA LEU D 162 11.89 46.65 -90.64
C LEU D 162 11.53 45.52 -89.68
N ARG D 163 10.68 45.81 -88.67
CA ARG D 163 10.20 44.82 -87.69
C ARG D 163 9.28 43.80 -88.35
N ALA D 164 8.47 44.22 -89.34
CA ALA D 164 7.53 43.38 -90.08
C ALA D 164 8.27 42.32 -90.91
N ILE D 165 9.45 42.67 -91.47
CA ILE D 165 10.28 41.75 -92.27
C ILE D 165 10.94 40.74 -91.32
N LEU D 166 11.50 41.23 -90.19
CA LEU D 166 12.18 40.41 -89.19
C LEU D 166 11.23 39.46 -88.46
N ASP D 167 10.00 39.91 -88.12
CA ASP D 167 8.97 39.09 -87.45
C ASP D 167 8.46 37.98 -88.35
N ALA D 168 8.33 38.27 -89.67
CA ALA D 168 7.88 37.31 -90.68
C ALA D 168 8.95 36.24 -90.91
N HIS D 169 10.24 36.67 -90.92
CA HIS D 169 11.40 35.78 -91.09
C HIS D 169 11.61 34.92 -89.85
N SER D 170 11.28 35.46 -88.65
CA SER D 170 11.41 34.78 -87.36
C SER D 170 10.43 33.59 -87.24
N LEU D 171 9.31 33.62 -88.00
CA LEU D 171 8.29 32.57 -88.03
C LEU D 171 8.91 31.27 -88.56
N TYR D 172 9.78 31.36 -89.59
CA TYR D 172 10.51 30.23 -90.17
C TYR D 172 11.57 29.76 -89.19
N LEU D 173 12.40 30.71 -88.68
CA LEU D 173 13.50 30.47 -87.75
C LEU D 173 13.03 29.74 -86.50
N LEU D 174 11.81 30.03 -86.01
CA LEU D 174 11.19 29.37 -84.86
C LEU D 174 10.96 27.88 -85.15
N GLN D 175 10.47 27.57 -86.36
CA GLN D 175 10.20 26.21 -86.80
C GLN D 175 11.48 25.47 -87.16
N PHE D 176 12.40 26.15 -87.89
CA PHE D 176 13.69 25.62 -88.37
C PHE D 176 14.62 25.27 -87.20
N SER D 177 14.82 26.19 -86.24
CA SER D 177 15.70 25.99 -85.08
C SER D 177 15.26 24.79 -84.22
N ARG D 178 13.93 24.56 -84.12
CA ARG D 178 13.39 23.44 -83.36
C ARG D 178 13.56 22.11 -84.12
N VAL D 179 13.66 22.16 -85.46
CA VAL D 179 13.85 20.97 -86.29
C VAL D 179 15.32 20.51 -86.22
N ILE D 180 16.28 21.44 -86.49
CA ILE D 180 17.72 21.14 -86.51
C ILE D 180 18.29 20.92 -85.08
N ASN D 181 17.72 21.59 -84.06
CA ASN D 181 18.16 21.43 -82.67
C ASN D 181 17.04 20.72 -81.88
N PRO D 182 17.25 19.45 -81.45
CA PRO D 182 16.18 18.69 -80.77
C PRO D 182 15.87 19.14 -79.35
N ASN D 183 16.85 19.72 -78.61
CA ASN D 183 16.62 20.15 -77.22
C ASN D 183 15.81 21.47 -77.14
N LEU D 184 15.63 22.18 -78.26
CA LEU D 184 14.84 23.43 -78.32
C LEU D 184 13.35 23.17 -78.63
N ARG D 185 12.99 21.91 -78.92
CA ARG D 185 11.63 21.47 -79.26
C ARG D 185 10.61 21.74 -78.14
N GLY D 186 10.98 21.39 -76.90
CA GLY D 186 10.13 21.57 -75.73
C GLY D 186 10.06 22.98 -75.20
N ARG D 187 11.09 23.78 -75.46
CA ARG D 187 11.23 25.16 -75.01
C ARG D 187 10.29 26.10 -75.77
N THR D 188 9.75 27.11 -75.06
CA THR D 188 8.79 28.11 -75.55
C THR D 188 9.38 29.03 -76.64
N LYS D 189 8.49 29.79 -77.32
CA LYS D 189 8.80 30.75 -78.40
C LYS D 189 9.91 31.73 -78.01
N GLU D 190 9.83 32.29 -76.78
CA GLU D 190 10.79 33.26 -76.23
C GLU D 190 12.19 32.66 -76.06
N GLU D 191 12.26 31.38 -75.64
CA GLU D 191 13.50 30.63 -75.43
C GLU D 191 14.21 30.34 -76.76
N VAL D 192 13.43 29.98 -77.79
CA VAL D 192 13.92 29.67 -79.15
C VAL D 192 14.35 30.98 -79.83
N ALA D 193 13.57 32.08 -79.64
CA ALA D 193 13.85 33.40 -80.22
C ALA D 193 15.22 33.94 -79.82
N ALA D 194 15.61 33.78 -78.55
CA ALA D 194 16.88 34.25 -77.98
C ALA D 194 18.13 33.63 -78.64
N THR D 195 17.99 32.44 -79.27
CA THR D 195 19.11 31.76 -79.93
C THR D 195 19.35 32.25 -81.36
N PHE D 196 18.29 32.66 -82.10
CA PHE D 196 18.44 33.09 -83.49
C PHE D 196 18.39 34.62 -83.70
N THR D 197 17.85 35.41 -82.74
CA THR D 197 17.74 36.87 -82.86
C THR D 197 19.10 37.58 -82.90
N GLN D 198 20.11 37.07 -82.15
CA GLN D 198 21.46 37.64 -82.10
C GLN D 198 22.19 37.52 -83.46
N PRO D 199 22.35 36.34 -84.12
CA PRO D 199 23.03 36.31 -85.41
C PRO D 199 22.22 36.93 -86.55
N MET D 200 20.89 37.05 -86.38
CA MET D 200 19.98 37.65 -87.37
C MET D 200 20.23 39.16 -87.46
N ASN D 201 20.21 39.86 -86.30
CA ASN D 201 20.43 41.31 -86.20
C ASN D 201 21.85 41.69 -86.65
N ALA D 202 22.83 40.79 -86.43
CA ALA D 202 24.24 40.97 -86.83
C ALA D 202 24.38 40.98 -88.36
N ALA D 203 23.55 40.18 -89.06
CA ALA D 203 23.55 40.09 -90.52
C ALA D 203 22.82 41.28 -91.16
N VAL D 204 21.82 41.85 -90.46
CA VAL D 204 21.04 43.01 -90.93
C VAL D 204 21.91 44.27 -90.81
N ASN D 205 22.59 44.43 -89.66
CA ASN D 205 23.45 45.58 -89.35
C ASN D 205 24.87 45.47 -89.93
N SER D 206 25.17 44.40 -90.72
CA SER D 206 26.49 44.23 -91.34
C SER D 206 26.64 45.18 -92.55
N ASN D 207 27.82 45.80 -92.69
CA ASN D 207 28.14 46.77 -93.74
C ASN D 207 28.24 46.13 -95.15
N PHE D 208 28.27 44.78 -95.25
CA PHE D 208 28.36 44.06 -96.53
C PHE D 208 27.06 44.21 -97.33
N ILE D 209 27.18 44.76 -98.56
CA ILE D 209 26.11 45.10 -99.53
C ILE D 209 25.35 46.32 -98.97
N SER D 210 25.41 47.45 -99.72
CA SER D 210 24.80 48.74 -99.35
C SER D 210 23.28 48.63 -99.11
N HIS D 211 22.75 49.58 -98.31
CA HIS D 211 21.35 49.70 -97.91
C HIS D 211 20.40 49.80 -99.12
N GLU D 212 20.81 50.55 -100.16
CA GLU D 212 20.03 50.75 -101.37
C GLU D 212 19.99 49.49 -102.24
N LYS D 213 21.14 48.76 -102.34
CA LYS D 213 21.26 47.52 -103.10
C LYS D 213 20.45 46.40 -102.44
N ARG D 214 20.45 46.35 -101.08
CA ARG D 214 19.71 45.38 -100.28
C ARG D 214 18.20 45.58 -100.45
N ARG D 215 17.76 46.86 -100.53
CA ARG D 215 16.37 47.26 -100.73
C ARG D 215 15.87 46.81 -102.11
N GLU D 216 16.76 46.86 -103.13
CA GLU D 216 16.46 46.45 -104.52
C GLU D 216 16.16 44.95 -104.60
N PHE D 217 16.90 44.12 -103.82
CA PHE D 217 16.73 42.67 -103.77
C PHE D 217 15.35 42.30 -103.21
N LEU D 218 14.95 42.96 -102.10
CA LEU D 218 13.65 42.75 -101.43
C LEU D 218 12.50 43.12 -102.38
N LYS D 219 12.70 44.15 -103.24
CA LYS D 219 11.73 44.59 -104.24
C LYS D 219 11.63 43.58 -105.38
N ALA D 220 12.80 43.02 -105.79
CA ALA D 220 12.92 42.03 -106.86
C ALA D 220 12.31 40.68 -106.46
N PHE D 221 12.43 40.29 -105.18
CA PHE D 221 11.87 39.04 -104.67
C PHE D 221 10.34 39.15 -104.46
N GLY D 222 9.83 40.38 -104.47
CA GLY D 222 8.42 40.68 -104.29
C GLY D 222 8.01 40.70 -102.83
N LEU D 223 8.89 41.24 -101.96
CA LEU D 223 8.66 41.33 -100.51
C LEU D 223 8.16 42.72 -100.14
N VAL D 224 8.79 43.78 -100.69
CA VAL D 224 8.42 45.18 -100.43
C VAL D 224 8.07 45.89 -101.77
N ASP D 225 7.27 46.96 -101.69
CA ASP D 225 6.84 47.74 -102.86
C ASP D 225 7.93 48.78 -103.25
N SER D 226 7.60 49.71 -104.17
CA SER D 226 8.48 50.77 -104.68
C SER D 226 9.05 51.69 -103.58
N ASN D 227 8.28 51.90 -102.49
CA ASN D 227 8.70 52.76 -101.37
C ASN D 227 9.47 51.97 -100.30
N GLY D 228 8.87 50.89 -99.80
CA GLY D 228 9.47 50.03 -98.77
C GLY D 228 8.48 49.29 -97.89
N LYS D 229 7.17 49.45 -98.17
CA LYS D 229 6.08 48.80 -97.44
C LYS D 229 6.01 47.30 -97.81
N PRO D 230 6.04 46.38 -96.82
CA PRO D 230 5.98 44.94 -97.14
C PRO D 230 4.61 44.51 -97.67
N SER D 231 4.60 43.40 -98.43
CA SER D 231 3.39 42.81 -99.03
C SER D 231 2.48 42.18 -97.97
N ALA D 232 1.22 41.88 -98.34
CA ALA D 232 0.20 41.26 -97.50
C ALA D 232 0.65 39.90 -96.96
N ALA D 233 1.47 39.16 -97.74
CA ALA D 233 2.03 37.86 -97.39
C ALA D 233 3.02 37.97 -96.22
N VAL D 234 3.83 39.05 -96.21
CA VAL D 234 4.83 39.34 -95.18
C VAL D 234 4.12 39.82 -93.90
N MET D 235 3.12 40.71 -94.05
CA MET D 235 2.33 41.28 -92.96
C MET D 235 1.54 40.20 -92.19
N ALA D 236 1.02 39.19 -92.90
CA ALA D 236 0.27 38.07 -92.31
C ALA D 236 1.20 37.15 -91.51
N ALA D 237 2.44 36.95 -92.02
CA ALA D 237 3.46 36.12 -91.38
C ALA D 237 4.01 36.77 -90.11
N ALA D 238 4.10 38.12 -90.10
CA ALA D 238 4.58 38.91 -88.96
C ALA D 238 3.53 38.89 -87.84
N GLN D 239 2.24 38.90 -88.20
CA GLN D 239 1.10 38.85 -87.29
C GLN D 239 0.96 37.43 -86.69
N ALA D 240 1.29 36.39 -87.49
CA ALA D 240 1.23 34.99 -87.10
C ALA D 240 2.29 34.67 -86.02
N TYR D 241 3.46 35.33 -86.08
CA TYR D 241 4.57 35.16 -85.13
C TYR D 241 4.21 35.73 -83.76
N LYS D 242 3.38 36.79 -83.73
CA LYS D 242 2.93 37.48 -82.51
C LYS D 242 2.02 36.58 -81.66
N THR D 243 1.21 35.73 -82.33
CA THR D 243 0.27 34.81 -81.68
C THR D 243 0.78 33.35 -81.72
N ALA D 244 2.01 33.13 -82.21
CA ALA D 244 2.65 31.81 -82.32
C ALA D 244 2.98 31.22 -80.94
N ALA D 245 3.00 29.87 -80.86
CA ALA D 245 3.30 29.13 -79.64
C ALA D 245 4.72 28.56 -79.67
N GLN E 5 10.26 42.12 -16.11
CA GLN E 5 11.06 41.75 -17.27
C GLN E 5 10.57 42.49 -18.52
N GLU E 6 9.25 42.79 -18.60
CA GLU E 6 8.67 43.52 -19.74
C GLU E 6 8.98 45.02 -19.63
N LEU E 7 10.25 45.37 -19.87
CA LEU E 7 10.79 46.73 -19.83
C LEU E 7 11.18 47.21 -21.23
N ALA E 8 10.90 46.38 -22.26
CA ALA E 8 11.16 46.66 -23.67
C ALA E 8 10.22 47.75 -24.20
N ILE E 9 9.05 47.93 -23.56
CA ILE E 9 8.02 48.93 -23.87
C ILE E 9 8.62 50.34 -23.69
N GLN E 10 9.40 50.53 -22.61
CA GLN E 10 10.07 51.79 -22.27
C GLN E 10 11.19 52.09 -23.27
N PHE E 11 11.88 51.04 -23.75
CA PHE E 11 12.94 51.12 -24.76
C PHE E 11 12.35 51.48 -26.13
N ALA E 12 11.12 51.00 -26.39
CA ALA E 12 10.37 51.23 -27.61
C ALA E 12 9.71 52.62 -27.63
N ALA E 13 9.29 53.11 -26.44
CA ALA E 13 8.64 54.42 -26.26
C ALA E 13 9.60 55.58 -26.56
N GLN E 14 10.93 55.30 -26.56
CA GLN E 14 12.01 56.25 -26.84
C GLN E 14 11.89 56.84 -28.25
N ALA E 15 12.11 58.16 -28.39
CA ALA E 15 12.06 58.85 -29.68
C ALA E 15 13.28 58.46 -30.51
N VAL E 16 13.03 58.01 -31.75
CA VAL E 16 14.09 57.55 -32.66
C VAL E 16 14.88 58.76 -33.21
N ASP E 17 16.21 58.73 -33.02
CA ASP E 17 17.12 59.77 -33.49
C ASP E 17 17.56 59.43 -34.90
N ARG E 18 17.04 60.17 -35.90
CA ARG E 18 17.29 60.00 -37.34
C ARG E 18 18.78 59.95 -37.69
N ASN E 19 19.58 60.89 -37.17
CA ASN E 19 21.01 60.99 -37.46
C ASN E 19 21.86 59.99 -36.67
N GLU E 20 21.40 59.54 -35.48
CA GLU E 20 22.11 58.55 -34.67
C GLU E 20 22.14 57.19 -35.39
N ILE E 21 21.05 56.87 -36.09
CA ILE E 21 20.88 55.65 -36.89
C ILE E 21 21.70 55.79 -38.19
N GLU E 22 21.70 57.02 -38.78
CA GLU E 22 22.42 57.37 -40.00
C GLU E 22 23.95 57.19 -39.86
N GLN E 23 24.48 57.35 -38.63
CA GLN E 23 25.90 57.19 -38.30
C GLN E 23 26.30 55.72 -38.35
N TRP E 24 25.44 54.83 -37.80
CA TRP E 24 25.68 53.40 -37.71
C TRP E 24 25.48 52.68 -39.04
N VAL E 25 24.52 53.12 -39.89
CA VAL E 25 24.26 52.48 -41.18
C VAL E 25 25.48 52.67 -42.14
N ARG E 26 26.13 53.85 -42.08
CA ARG E 26 27.32 54.16 -42.86
C ARG E 26 28.54 53.42 -42.31
N GLU E 27 28.57 53.18 -40.98
CA GLU E 27 29.62 52.44 -40.28
C GLU E 27 29.52 50.95 -40.59
N PHE E 28 28.30 50.38 -40.50
CA PHE E 28 28.01 48.97 -40.76
C PHE E 28 27.52 48.75 -42.22
N ALA E 29 28.08 49.51 -43.17
CA ALA E 29 27.73 49.43 -44.58
C ALA E 29 28.43 48.26 -45.26
N TYR E 30 27.82 47.75 -46.36
CA TYR E 30 28.32 46.65 -47.19
C TYR E 30 29.53 47.13 -48.01
N GLN E 31 30.63 46.32 -48.02
CA GLN E 31 31.90 46.60 -48.71
C GLN E 31 32.60 47.88 -48.18
N GLY E 32 33.69 48.26 -48.84
CA GLY E 32 34.45 49.46 -48.53
C GLY E 32 33.78 50.64 -49.22
N PHE E 33 34.18 50.92 -50.48
CA PHE E 33 33.61 51.95 -51.34
C PHE E 33 33.90 51.67 -52.82
N ASP E 34 32.96 50.99 -53.51
CA ASP E 34 33.08 50.69 -54.93
C ASP E 34 32.67 51.93 -55.74
N ALA E 35 33.12 52.00 -57.01
CA ALA E 35 32.98 53.12 -57.98
C ALA E 35 34.10 54.13 -57.76
N ARG E 36 34.42 54.42 -56.47
CA ARG E 36 35.53 55.29 -56.08
C ARG E 36 36.88 54.55 -56.27
N ARG E 37 36.92 53.25 -55.92
CA ARG E 37 38.09 52.38 -56.04
C ARG E 37 38.46 52.13 -57.51
N VAL E 38 37.43 52.04 -58.40
CA VAL E 38 37.59 51.79 -59.85
C VAL E 38 38.40 52.94 -60.49
N ILE E 39 37.99 54.21 -60.26
CA ILE E 39 38.66 55.41 -60.78
C ILE E 39 40.07 55.51 -60.19
N GLU E 40 40.22 55.16 -58.89
CA GLU E 40 41.50 55.16 -58.16
C GLU E 40 42.48 54.16 -58.78
N LEU E 41 41.97 53.00 -59.24
CA LEU E 41 42.76 51.94 -59.88
C LEU E 41 43.04 52.27 -61.36
N LEU E 42 42.08 52.94 -62.04
CA LEU E 42 42.22 53.33 -63.45
C LEU E 42 43.37 54.31 -63.65
N LYS E 43 43.53 55.27 -62.72
CA LYS E 43 44.61 56.27 -62.75
C LYS E 43 45.93 55.67 -62.24
N GLN E 44 45.85 54.58 -61.46
CA GLN E 44 47.00 53.88 -60.89
C GLN E 44 47.75 53.08 -61.99
N TYR E 45 46.99 52.37 -62.85
CA TYR E 45 47.56 51.56 -63.94
C TYR E 45 47.74 52.37 -65.24
N GLY E 46 46.72 53.16 -65.61
CA GLY E 46 46.72 53.97 -66.82
C GLY E 46 47.63 55.17 -66.77
N GLY E 47 47.45 56.01 -65.76
CA GLY E 47 48.23 57.23 -65.56
C GLY E 47 47.59 58.43 -66.24
N ALA E 48 48.10 58.77 -67.44
CA ALA E 48 47.60 59.89 -68.23
C ALA E 48 46.68 59.43 -69.36
N ASP E 49 46.93 58.23 -69.91
CA ASP E 49 46.16 57.63 -71.00
C ASP E 49 44.96 56.80 -70.47
N TRP E 50 44.57 57.02 -69.20
CA TRP E 50 43.46 56.31 -68.56
C TRP E 50 42.09 56.70 -69.13
N GLU E 51 41.92 57.96 -69.57
CA GLU E 51 40.66 58.48 -70.11
C GLU E 51 40.35 57.92 -71.50
N LYS E 52 41.38 57.80 -72.37
CA LYS E 52 41.24 57.27 -73.73
C LYS E 52 40.94 55.76 -73.69
N ASP E 53 41.62 55.02 -72.77
CA ASP E 53 41.45 53.59 -72.60
C ASP E 53 40.10 53.25 -71.96
N ALA E 54 39.58 54.12 -71.08
CA ALA E 54 38.27 53.96 -70.43
C ALA E 54 37.15 54.03 -71.47
N LYS E 55 37.29 54.93 -72.46
CA LYS E 55 36.35 55.11 -73.58
C LYS E 55 36.33 53.84 -74.43
N LYS E 56 37.51 53.21 -74.64
CA LYS E 56 37.69 51.97 -75.40
C LYS E 56 37.04 50.79 -74.65
N MET E 57 37.22 50.74 -73.32
CA MET E 57 36.69 49.69 -72.44
C MET E 57 35.15 49.76 -72.31
N ILE E 58 34.56 50.97 -72.44
CA ILE E 58 33.11 51.18 -72.38
C ILE E 58 32.46 50.56 -73.64
N VAL E 59 33.02 50.84 -74.83
CA VAL E 59 32.56 50.34 -76.13
C VAL E 59 32.70 48.79 -76.16
N LEU E 60 33.80 48.27 -75.59
CA LEU E 60 34.13 46.85 -75.52
C LEU E 60 33.13 46.07 -74.63
N ALA E 61 32.79 46.61 -73.44
CA ALA E 61 31.88 45.99 -72.49
C ALA E 61 30.42 46.03 -72.96
N LEU E 62 30.03 47.08 -73.70
CA LEU E 62 28.68 47.30 -74.21
C LEU E 62 28.33 46.40 -75.41
N THR E 63 29.27 46.25 -76.35
CA THR E 63 29.07 45.47 -77.58
C THR E 63 29.37 43.98 -77.40
N ARG E 64 30.47 43.62 -76.71
CA ARG E 64 30.86 42.22 -76.53
C ARG E 64 30.38 41.65 -75.19
N GLY E 65 31.12 41.90 -74.10
CA GLY E 65 30.76 41.39 -72.78
C GLY E 65 31.70 41.73 -71.64
N ASN E 66 31.73 40.85 -70.62
CA ASN E 66 32.55 41.01 -69.41
C ASN E 66 33.82 40.14 -69.45
N LYS E 67 33.75 38.96 -70.10
CA LYS E 67 34.88 38.03 -70.21
C LYS E 67 35.84 38.47 -71.34
N PRO E 68 37.07 38.95 -71.02
CA PRO E 68 37.96 39.44 -72.09
C PRO E 68 38.69 38.34 -72.86
N ARG E 69 39.04 37.23 -72.20
CA ARG E 69 39.76 36.11 -72.84
C ARG E 69 38.84 35.31 -73.76
N ARG E 70 37.53 35.28 -73.46
CA ARG E 70 36.53 34.53 -74.24
C ARG E 70 36.17 35.28 -75.54
N MET E 71 36.04 36.62 -75.47
CA MET E 71 35.70 37.46 -76.64
C MET E 71 36.88 37.60 -77.61
N MET E 72 38.12 37.44 -77.13
CA MET E 72 39.36 37.53 -77.91
C MET E 72 39.50 36.39 -78.92
N MET E 73 38.87 35.24 -78.63
CA MET E 73 38.88 34.03 -79.47
C MET E 73 38.20 34.29 -80.81
N LYS E 74 37.08 35.03 -80.81
CA LYS E 74 36.31 35.37 -82.01
C LYS E 74 36.35 36.89 -82.22
N MET E 75 37.50 37.40 -82.69
CA MET E 75 37.76 38.81 -82.97
C MET E 75 38.85 38.98 -84.05
N SER E 76 38.91 40.17 -84.70
CA SER E 76 39.89 40.50 -85.75
C SER E 76 41.28 40.72 -85.15
N LYS E 77 42.34 40.73 -86.00
CA LYS E 77 43.74 40.94 -85.57
C LYS E 77 43.91 42.32 -84.91
N GLU E 78 43.19 43.34 -85.43
CA GLU E 78 43.19 44.72 -84.91
C GLU E 78 42.54 44.76 -83.53
N GLY E 79 41.45 43.98 -83.38
CA GLY E 79 40.69 43.86 -82.14
C GLY E 79 41.44 43.10 -81.06
N LYS E 80 41.94 41.89 -81.41
CA LYS E 80 42.74 41.01 -80.53
C LYS E 80 43.91 41.75 -79.90
N ALA E 81 44.48 42.70 -80.66
CA ALA E 81 45.63 43.54 -80.31
C ALA E 81 45.30 44.54 -79.19
N THR E 82 44.34 45.46 -79.42
CA THR E 82 43.96 46.52 -78.48
C THR E 82 43.39 45.95 -77.15
N VAL E 83 42.66 44.81 -77.21
CA VAL E 83 42.06 44.16 -76.04
C VAL E 83 43.14 43.57 -75.11
N GLU E 84 44.13 42.82 -75.67
CA GLU E 84 45.22 42.17 -74.92
C GLU E 84 46.13 43.19 -74.20
N ALA E 85 46.27 44.41 -74.76
CA ALA E 85 47.07 45.49 -74.18
C ALA E 85 46.43 46.03 -72.90
N LEU E 86 45.09 46.09 -72.86
CA LEU E 86 44.28 46.58 -71.72
C LEU E 86 44.31 45.59 -70.55
N ILE E 87 44.36 44.27 -70.85
CA ILE E 87 44.40 43.19 -69.86
C ILE E 87 45.75 43.21 -69.12
N ASN E 88 46.86 43.38 -69.87
CA ASN E 88 48.21 43.40 -69.31
C ASN E 88 48.55 44.70 -68.55
N LYS E 89 47.80 45.80 -68.84
CA LYS E 89 48.03 47.11 -68.21
C LYS E 89 47.15 47.31 -66.97
N TYR E 90 45.81 47.17 -67.12
CA TYR E 90 44.83 47.40 -66.05
C TYR E 90 44.54 46.14 -65.21
N LYS E 91 45.14 44.98 -65.57
CA LYS E 91 44.98 43.68 -64.91
C LYS E 91 43.50 43.30 -64.81
N LEU E 92 42.79 43.41 -65.96
CA LEU E 92 41.36 43.14 -66.11
C LEU E 92 41.06 41.65 -65.93
N LYS E 93 39.98 41.34 -65.20
CA LYS E 93 39.53 39.98 -64.91
C LYS E 93 38.10 39.75 -65.43
N GLU E 94 37.58 38.53 -65.19
CA GLU E 94 36.23 38.14 -65.61
C GLU E 94 35.45 37.55 -64.42
N GLY E 95 34.19 37.96 -64.30
CA GLY E 95 33.29 37.53 -63.23
C GLY E 95 33.16 38.54 -62.12
N ASN E 96 33.05 38.04 -60.87
CA ASN E 96 32.92 38.87 -59.67
C ASN E 96 34.15 38.64 -58.75
N PRO E 97 35.26 39.37 -58.97
CA PRO E 97 36.45 39.17 -58.12
C PRO E 97 36.47 40.08 -56.89
N SER E 98 37.66 40.28 -56.29
CA SER E 98 37.85 41.11 -55.08
C SER E 98 37.72 42.62 -55.39
N ARG E 99 37.66 43.43 -54.32
CA ARG E 99 37.54 44.89 -54.33
C ARG E 99 38.68 45.58 -55.12
N ASP E 100 39.91 45.07 -54.98
CA ASP E 100 41.11 45.62 -55.62
C ASP E 100 41.25 45.21 -57.11
N GLU E 101 40.36 44.32 -57.61
CA GLU E 101 40.39 43.85 -59.00
C GLU E 101 39.43 44.64 -59.90
N LEU E 102 39.75 44.74 -61.20
CA LEU E 102 38.97 45.46 -62.20
C LEU E 102 38.38 44.53 -63.26
N THR E 103 37.15 44.82 -63.72
CA THR E 103 36.42 44.12 -64.78
C THR E 103 35.85 45.16 -65.74
N LEU E 104 35.52 44.75 -66.98
CA LEU E 104 34.96 45.63 -68.01
C LEU E 104 33.60 46.21 -67.59
N SER E 105 32.80 45.42 -66.83
CA SER E 105 31.48 45.83 -66.33
C SER E 105 31.60 46.88 -65.22
N ARG E 106 32.66 46.78 -64.39
CA ARG E 106 32.92 47.71 -63.28
C ARG E 106 33.33 49.09 -63.79
N VAL E 107 34.08 49.15 -64.92
CA VAL E 107 34.54 50.39 -65.55
C VAL E 107 33.32 51.13 -66.13
N ALA E 108 32.41 50.39 -66.78
CA ALA E 108 31.19 50.91 -67.38
C ALA E 108 30.19 51.39 -66.32
N ALA E 109 30.17 50.72 -65.14
CA ALA E 109 29.28 51.05 -64.03
C ALA E 109 29.73 52.32 -63.28
N ALA E 110 31.06 52.47 -63.06
CA ALA E 110 31.66 53.63 -62.36
C ALA E 110 31.53 54.92 -63.18
N LEU E 111 31.71 54.82 -64.51
CA LEU E 111 31.59 55.94 -65.44
C LEU E 111 30.25 55.84 -66.16
N ALA E 112 29.15 55.75 -65.37
CA ALA E 112 27.77 55.60 -65.82
C ALA E 112 27.30 56.75 -66.73
N GLY E 113 27.89 57.93 -66.55
CA GLY E 113 27.59 59.13 -67.33
C GLY E 113 27.85 58.99 -68.82
N ARG E 114 29.08 58.57 -69.20
CA ARG E 114 29.46 58.36 -70.60
C ARG E 114 28.86 57.05 -71.14
N THR E 115 28.56 56.08 -70.25
CA THR E 115 27.99 54.78 -70.60
C THR E 115 26.58 54.95 -71.17
N CYS E 116 25.76 55.83 -70.56
CA CYS E 116 24.40 56.14 -71.00
C CYS E 116 24.43 56.89 -72.33
N GLN E 117 25.41 57.80 -72.49
CA GLN E 117 25.64 58.61 -73.70
C GLN E 117 26.18 57.77 -74.87
N ALA E 118 26.85 56.64 -74.57
CA ALA E 118 27.40 55.74 -75.59
C ALA E 118 26.32 54.91 -76.28
N LEU E 119 25.17 54.72 -75.59
CA LEU E 119 24.04 53.92 -76.05
C LEU E 119 23.20 54.58 -77.17
N VAL E 120 23.34 55.91 -77.39
CA VAL E 120 22.61 56.59 -78.47
C VAL E 120 23.34 56.35 -79.80
N VAL E 121 24.66 56.11 -79.73
CA VAL E 121 25.52 55.81 -80.89
C VAL E 121 25.48 54.30 -81.14
N LEU E 122 25.75 53.50 -80.09
CA LEU E 122 25.77 52.04 -80.13
C LEU E 122 24.40 51.47 -79.72
N SER E 123 23.43 51.51 -80.65
CA SER E 123 22.08 51.01 -80.37
C SER E 123 21.86 49.63 -80.98
N GLU E 124 22.25 49.43 -82.24
CA GLU E 124 22.04 48.17 -82.96
C GLU E 124 23.19 47.17 -82.77
N TRP E 125 24.21 47.53 -81.97
CA TRP E 125 25.37 46.68 -81.71
C TRP E 125 25.29 45.99 -80.33
N LEU E 126 24.28 46.37 -79.52
CA LEU E 126 24.02 45.80 -78.19
C LEU E 126 23.40 44.39 -78.30
N PRO E 127 23.41 43.53 -77.24
CA PRO E 127 22.77 42.20 -77.36
C PRO E 127 21.26 42.33 -77.63
N VAL E 128 20.63 43.38 -77.07
CA VAL E 128 19.22 43.74 -77.27
C VAL E 128 19.25 45.05 -78.06
N THR E 129 18.84 45.02 -79.34
CA THR E 129 18.85 46.19 -80.22
C THR E 129 17.73 47.17 -79.85
N GLY E 130 17.89 48.42 -80.30
CA GLY E 130 16.94 49.51 -80.09
C GLY E 130 15.61 49.29 -80.79
N THR E 131 15.66 48.60 -81.95
CA THR E 131 14.49 48.27 -82.77
C THR E 131 13.63 47.24 -82.04
N THR E 132 14.26 46.30 -81.30
CA THR E 132 13.60 45.25 -80.52
C THR E 132 12.86 45.90 -79.33
N MET E 133 13.50 46.91 -78.69
CA MET E 133 12.93 47.66 -77.57
C MET E 133 11.79 48.57 -78.02
N ASP E 134 11.84 49.04 -79.29
CA ASP E 134 10.84 49.90 -79.90
C ASP E 134 9.53 49.13 -80.15
N GLY E 135 9.64 47.81 -80.34
CA GLY E 135 8.51 46.92 -80.56
C GLY E 135 7.67 46.72 -79.32
N LEU E 136 8.33 46.66 -78.16
CA LEU E 136 7.68 46.50 -76.84
C LEU E 136 7.05 47.82 -76.40
N SER E 137 7.82 48.93 -76.50
CA SER E 137 7.41 50.28 -76.15
C SER E 137 7.85 51.25 -77.26
N PRO E 138 6.90 51.98 -77.92
CA PRO E 138 7.31 52.90 -78.99
C PRO E 138 8.24 54.00 -78.51
N ALA E 139 9.35 54.23 -79.26
CA ALA E 139 10.41 55.21 -79.01
C ALA E 139 11.00 55.04 -77.59
N TYR E 140 11.56 53.84 -77.31
CA TYR E 140 12.16 53.50 -76.02
C TYR E 140 13.43 54.32 -75.77
N PRO E 141 13.62 54.90 -74.55
CA PRO E 141 14.82 55.72 -74.28
C PRO E 141 16.11 54.91 -74.38
N ARG E 142 17.01 55.37 -75.27
CA ARG E 142 18.28 54.73 -75.58
C ARG E 142 19.32 54.85 -74.44
N HIS E 143 19.13 55.78 -73.49
CA HIS E 143 20.04 55.95 -72.35
C HIS E 143 19.79 54.89 -71.25
N MET E 144 18.61 54.24 -71.27
CA MET E 144 18.20 53.18 -70.33
C MET E 144 18.58 51.78 -70.87
N MET E 145 19.49 51.71 -71.86
CA MET E 145 19.89 50.46 -72.52
C MET E 145 21.13 49.78 -71.88
N HIS E 146 21.28 49.85 -70.54
CA HIS E 146 22.41 49.24 -69.84
C HIS E 146 22.18 49.22 -68.31
N PRO E 147 22.55 48.13 -67.58
CA PRO E 147 22.31 48.09 -66.13
C PRO E 147 23.01 49.20 -65.32
N SER E 148 24.03 49.86 -65.91
CA SER E 148 24.79 50.95 -65.28
C SER E 148 23.97 52.25 -65.17
N PHE E 149 22.81 52.33 -65.88
CA PHE E 149 21.91 53.49 -65.86
C PHE E 149 21.34 53.72 -64.44
N ALA E 150 21.23 52.66 -63.64
CA ALA E 150 20.74 52.70 -62.25
C ALA E 150 21.58 53.65 -61.37
N GLY E 151 22.83 53.87 -61.76
CA GLY E 151 23.75 54.79 -61.09
C GLY E 151 23.52 56.24 -61.42
N MET E 152 22.66 56.50 -62.44
CA MET E 152 22.28 57.84 -62.90
C MET E 152 20.89 58.24 -62.37
N VAL E 153 20.14 57.27 -61.80
CA VAL E 153 18.80 57.45 -61.24
C VAL E 153 18.89 58.21 -59.91
N ASP E 154 18.08 59.28 -59.78
CA ASP E 154 18.01 60.13 -58.59
C ASP E 154 16.97 59.56 -57.59
N PRO E 155 17.38 59.09 -56.39
CA PRO E 155 16.40 58.54 -55.45
C PRO E 155 15.55 59.60 -54.73
N SER E 156 15.98 60.88 -54.76
CA SER E 156 15.25 61.99 -54.12
C SER E 156 13.99 62.39 -54.91
N LEU E 157 13.82 61.83 -56.14
CA LEU E 157 12.66 62.06 -57.02
C LEU E 157 11.36 61.56 -56.38
N PRO E 158 10.17 62.18 -56.66
CA PRO E 158 8.92 61.70 -56.05
C PRO E 158 8.59 60.25 -56.39
N GLY E 159 7.95 59.55 -55.46
CA GLY E 159 7.56 58.15 -55.53
C GLY E 159 7.05 57.64 -56.86
N ASP E 160 6.02 58.32 -57.41
CA ASP E 160 5.40 57.97 -58.70
C ASP E 160 6.38 58.13 -59.87
N TYR E 161 7.24 59.16 -59.80
CA TYR E 161 8.24 59.47 -60.83
C TYR E 161 9.42 58.51 -60.75
N LEU E 162 9.92 58.23 -59.52
CA LEU E 162 11.03 57.33 -59.24
C LEU E 162 10.71 55.91 -59.71
N ARG E 163 9.48 55.44 -59.45
CA ARG E 163 9.00 54.12 -59.86
C ARG E 163 8.86 54.03 -61.37
N ALA E 164 8.44 55.15 -62.03
CA ALA E 164 8.26 55.24 -63.48
C ALA E 164 9.59 55.09 -64.23
N ILE E 165 10.69 55.61 -63.66
CA ILE E 165 12.05 55.52 -64.23
C ILE E 165 12.56 54.08 -64.08
N LEU E 166 12.38 53.49 -62.87
CA LEU E 166 12.83 52.13 -62.55
C LEU E 166 12.05 51.07 -63.32
N ASP E 167 10.71 51.24 -63.50
CA ASP E 167 9.85 50.30 -64.25
C ASP E 167 10.19 50.32 -65.74
N ALA E 168 10.51 51.51 -66.29
CA ALA E 168 10.88 51.69 -67.69
C ALA E 168 12.24 51.06 -67.97
N HIS E 169 13.19 51.20 -67.02
CA HIS E 169 14.54 50.65 -67.09
C HIS E 169 14.49 49.11 -66.93
N SER E 170 13.56 48.61 -66.11
CA SER E 170 13.37 47.18 -65.85
C SER E 170 12.89 46.42 -67.09
N LEU E 171 12.24 47.12 -68.06
CA LEU E 171 11.75 46.56 -69.32
C LEU E 171 12.93 46.06 -70.16
N TYR E 172 14.06 46.81 -70.16
CA TYR E 172 15.29 46.41 -70.85
C TYR E 172 15.96 45.26 -70.10
N LEU E 173 16.13 45.42 -68.77
CA LEU E 173 16.76 44.44 -67.87
C LEU E 173 16.09 43.07 -67.97
N LEU E 174 14.77 43.03 -68.16
CA LEU E 174 13.99 41.80 -68.33
C LEU E 174 14.43 41.07 -69.61
N GLN E 175 14.61 41.84 -70.71
CA GLN E 175 15.02 41.30 -72.01
C GLN E 175 16.52 40.96 -72.02
N PHE E 176 17.36 41.86 -71.45
CA PHE E 176 18.82 41.73 -71.39
C PHE E 176 19.26 40.54 -70.53
N SER E 177 18.71 40.39 -69.30
CA SER E 177 19.05 39.29 -68.38
C SER E 177 18.73 37.93 -68.98
N ARG E 178 17.65 37.83 -69.78
CA ARG E 178 17.25 36.58 -70.43
C ARG E 178 18.17 36.27 -71.62
N VAL E 179 18.78 37.29 -72.23
CA VAL E 179 19.69 37.12 -73.37
C VAL E 179 21.07 36.61 -72.87
N ILE E 180 21.67 37.32 -71.89
CA ILE E 180 23.00 36.98 -71.34
C ILE E 180 22.96 35.72 -70.45
N ASN E 181 21.84 35.46 -69.76
CA ASN E 181 21.69 34.26 -68.91
C ASN E 181 20.66 33.31 -69.57
N PRO E 182 21.10 32.14 -70.09
CA PRO E 182 20.17 31.25 -70.81
C PRO E 182 19.17 30.50 -69.93
N ASN E 183 19.49 30.23 -68.65
CA ASN E 183 18.58 29.50 -67.76
C ASN E 183 17.40 30.37 -67.27
N LEU E 184 17.46 31.70 -67.47
CA LEU E 184 16.40 32.64 -67.08
C LEU E 184 15.36 32.86 -68.19
N ARG E 185 15.61 32.28 -69.39
CA ARG E 185 14.76 32.40 -70.58
C ARG E 185 13.34 31.83 -70.37
N GLY E 186 13.25 30.66 -69.77
CA GLY E 186 11.97 29.99 -69.52
C GLY E 186 11.21 30.51 -68.32
N ARG E 187 11.93 31.11 -67.35
CA ARG E 187 11.37 31.65 -66.11
C ARG E 187 10.58 32.94 -66.36
N THR E 188 9.49 33.11 -65.59
CA THR E 188 8.54 34.24 -65.68
C THR E 188 9.17 35.59 -65.30
N LYS E 189 8.45 36.69 -65.60
CA LYS E 189 8.83 38.10 -65.35
C LYS E 189 9.27 38.33 -63.89
N GLU E 190 8.51 37.78 -62.92
CA GLU E 190 8.76 37.90 -61.47
C GLU E 190 10.08 37.22 -61.07
N GLU E 191 10.39 36.06 -61.69
CA GLU E 191 11.61 35.28 -61.43
C GLU E 191 12.85 36.02 -61.93
N VAL E 192 12.74 36.64 -63.12
CA VAL E 192 13.83 37.41 -63.77
C VAL E 192 14.03 38.73 -62.99
N ALA E 193 12.93 39.38 -62.56
CA ALA E 193 12.95 40.65 -61.82
C ALA E 193 13.77 40.55 -60.54
N ALA E 194 13.61 39.45 -59.77
CA ALA E 194 14.29 39.17 -58.50
C ALA E 194 15.83 39.15 -58.61
N THR E 195 16.37 38.86 -59.80
CA THR E 195 17.82 38.78 -60.02
C THR E 195 18.46 40.16 -60.31
N PHE E 196 17.73 41.09 -60.97
CA PHE E 196 18.30 42.41 -61.30
C PHE E 196 17.82 43.56 -60.39
N THR E 197 16.69 43.40 -59.64
CA THR E 197 16.14 44.46 -58.76
C THR E 197 17.07 44.80 -57.59
N GLN E 198 17.78 43.80 -57.03
CA GLN E 198 18.70 43.99 -55.90
C GLN E 198 19.93 44.86 -56.29
N PRO E 199 20.74 44.54 -57.35
CA PRO E 199 21.88 45.43 -57.67
C PRO E 199 21.45 46.78 -58.28
N MET E 200 20.20 46.87 -58.81
CA MET E 200 19.63 48.10 -59.39
C MET E 200 19.37 49.12 -58.28
N ASN E 201 18.63 48.71 -57.21
CA ASN E 201 18.29 49.55 -56.07
C ASN E 201 19.55 49.99 -55.29
N ALA E 202 20.60 49.13 -55.28
CA ALA E 202 21.88 49.41 -54.63
C ALA E 202 22.63 50.55 -55.33
N ALA E 203 22.49 50.64 -56.67
CA ALA E 203 23.11 51.68 -57.48
C ALA E 203 22.35 53.01 -57.39
N VAL E 204 21.02 52.95 -57.18
CA VAL E 204 20.15 54.14 -57.04
C VAL E 204 20.42 54.77 -55.66
N ASN E 205 20.47 53.95 -54.61
CA ASN E 205 20.66 54.39 -53.22
C ASN E 205 22.16 54.61 -52.87
N SER E 206 23.09 54.43 -53.83
CA SER E 206 24.52 54.64 -53.61
C SER E 206 24.84 56.13 -53.46
N ASN E 207 25.80 56.45 -52.58
CA ASN E 207 26.23 57.81 -52.26
C ASN E 207 27.08 58.47 -53.38
N PHE E 208 27.56 57.67 -54.37
CA PHE E 208 28.38 58.17 -55.48
C PHE E 208 27.54 59.02 -56.44
N ILE E 209 27.96 60.30 -56.63
CA ILE E 209 27.30 61.37 -57.42
C ILE E 209 26.04 61.82 -56.68
N SER E 210 26.00 63.11 -56.26
CA SER E 210 24.90 63.71 -55.51
C SER E 210 23.55 63.65 -56.25
N HIS E 211 22.45 63.72 -55.47
CA HIS E 211 21.05 63.67 -55.91
C HIS E 211 20.71 64.75 -56.95
N GLU E 212 21.24 65.97 -56.77
CA GLU E 212 21.02 67.11 -57.65
C GLU E 212 21.77 66.93 -58.98
N LYS E 213 23.02 66.42 -58.92
CA LYS E 213 23.86 66.16 -60.11
C LYS E 213 23.28 65.04 -60.95
N ARG E 214 22.73 63.98 -60.29
CA ARG E 214 22.09 62.84 -60.93
C ARG E 214 20.83 63.26 -61.67
N ARG E 215 20.05 64.21 -61.07
CA ARG E 215 18.83 64.78 -61.63
C ARG E 215 19.13 65.58 -62.90
N GLU E 216 20.29 66.28 -62.93
CA GLU E 216 20.76 67.08 -64.06
C GLU E 216 21.04 66.20 -65.29
N PHE E 217 21.61 64.99 -65.07
CA PHE E 217 21.93 64.03 -66.12
C PHE E 217 20.66 63.53 -66.82
N LEU E 218 19.62 63.17 -66.02
CA LEU E 218 18.32 62.68 -66.51
C LEU E 218 17.58 63.78 -67.31
N LYS E 219 17.82 65.07 -66.97
CA LYS E 219 17.27 66.22 -67.68
C LYS E 219 18.01 66.42 -69.00
N ALA E 220 19.35 66.25 -68.98
CA ALA E 220 20.24 66.40 -70.13
C ALA E 220 20.02 65.31 -71.17
N PHE E 221 19.71 64.07 -70.72
CA PHE E 221 19.45 62.93 -71.61
C PHE E 221 18.05 63.03 -72.24
N GLY E 222 17.19 63.86 -71.66
CA GLY E 222 15.82 64.08 -72.12
C GLY E 222 14.86 63.05 -71.57
N LEU E 223 15.05 62.64 -70.31
CA LEU E 223 14.23 61.64 -69.63
C LEU E 223 13.18 62.32 -68.76
N VAL E 224 13.58 63.35 -67.98
CA VAL E 224 12.70 64.11 -67.10
C VAL E 224 12.71 65.61 -67.48
N ASP E 225 11.64 66.35 -67.13
CA ASP E 225 11.52 67.78 -67.41
C ASP E 225 12.25 68.63 -66.32
N SER E 226 12.03 69.96 -66.32
CA SER E 226 12.63 70.93 -65.40
C SER E 226 12.34 70.63 -63.91
N ASN E 227 11.18 70.03 -63.62
CA ASN E 227 10.77 69.70 -62.24
C ASN E 227 11.25 68.29 -61.85
N GLY E 228 10.89 67.28 -62.64
CA GLY E 228 11.26 65.89 -62.39
C GLY E 228 10.30 64.86 -62.97
N LYS E 229 9.27 65.32 -63.70
CA LYS E 229 8.25 64.47 -64.35
C LYS E 229 8.86 63.78 -65.58
N PRO E 230 8.78 62.43 -65.69
CA PRO E 230 9.35 61.74 -66.86
C PRO E 230 8.57 62.00 -68.14
N SER E 231 9.24 61.83 -69.30
CA SER E 231 8.67 62.03 -70.63
C SER E 231 7.67 60.92 -70.98
N ALA E 232 6.86 61.14 -72.05
CA ALA E 232 5.85 60.20 -72.55
C ALA E 232 6.46 58.85 -72.96
N ALA E 233 7.73 58.87 -73.43
CA ALA E 233 8.50 57.70 -73.84
C ALA E 233 8.81 56.79 -72.64
N VAL E 234 9.14 57.40 -71.49
CA VAL E 234 9.47 56.72 -70.24
C VAL E 234 8.17 56.14 -69.62
N MET E 235 7.08 56.95 -69.62
CA MET E 235 5.76 56.58 -69.09
C MET E 235 5.15 55.38 -69.82
N ALA E 236 5.35 55.31 -71.16
CA ALA E 236 4.85 54.22 -71.99
C ALA E 236 5.61 52.92 -71.72
N ALA E 237 6.95 53.03 -71.48
CA ALA E 237 7.83 51.90 -71.17
C ALA E 237 7.55 51.32 -69.79
N ALA E 238 7.17 52.18 -68.83
CA ALA E 238 6.83 51.79 -67.45
C ALA E 238 5.49 51.05 -67.43
N GLN E 239 4.54 51.47 -68.29
CA GLN E 239 3.22 50.86 -68.44
C GLN E 239 3.34 49.50 -69.16
N ALA E 240 4.30 49.40 -70.10
CA ALA E 240 4.57 48.19 -70.89
C ALA E 240 5.13 47.06 -70.00
N TYR E 241 5.91 47.42 -68.98
CA TYR E 241 6.52 46.48 -68.02
C TYR E 241 5.46 45.86 -67.10
N LYS E 242 4.38 46.61 -66.80
CA LYS E 242 3.28 46.18 -65.95
C LYS E 242 2.45 45.05 -66.60
N THR E 243 2.33 45.09 -67.95
CA THR E 243 1.58 44.10 -68.73
C THR E 243 2.52 43.12 -69.48
N ALA E 244 3.85 43.23 -69.23
CA ALA E 244 4.88 42.38 -69.84
C ALA E 244 4.80 40.91 -69.39
N ALA E 245 5.24 39.99 -70.25
CA ALA E 245 5.25 38.54 -69.97
C ALA E 245 6.66 38.06 -69.61
N GLN F 5 -12.85 -3.85 -25.32
CA GLN F 5 -11.71 -3.04 -25.72
C GLN F 5 -12.13 -1.61 -26.07
N GLU F 6 -13.37 -1.42 -26.57
CA GLU F 6 -13.92 -0.11 -26.92
C GLU F 6 -14.33 0.65 -25.65
N LEU F 7 -13.33 1.09 -24.87
CA LEU F 7 -13.49 1.83 -23.62
C LEU F 7 -12.99 3.28 -23.77
N ALA F 8 -12.58 3.64 -25.01
CA ALA F 8 -12.08 4.98 -25.38
C ALA F 8 -13.21 6.01 -25.37
N ILE F 9 -14.47 5.53 -25.54
CA ILE F 9 -15.71 6.34 -25.54
C ILE F 9 -15.88 7.01 -24.16
N GLN F 10 -15.61 6.25 -23.08
CA GLN F 10 -15.68 6.69 -21.69
C GLN F 10 -14.58 7.71 -21.38
N PHE F 11 -13.39 7.53 -22.00
CA PHE F 11 -12.23 8.42 -21.88
C PHE F 11 -12.50 9.74 -22.61
N ALA F 12 -13.27 9.67 -23.71
CA ALA F 12 -13.66 10.79 -24.55
C ALA F 12 -14.83 11.57 -23.94
N ALA F 13 -15.74 10.87 -23.23
CA ALA F 13 -16.92 11.45 -22.58
C ALA F 13 -16.53 12.37 -21.40
N GLN F 14 -15.28 12.23 -20.91
CA GLN F 14 -14.70 13.03 -19.82
C GLN F 14 -14.65 14.51 -20.18
N ALA F 15 -14.98 15.39 -19.20
CA ALA F 15 -14.96 16.84 -19.39
C ALA F 15 -13.51 17.33 -19.48
N VAL F 16 -13.19 18.07 -20.56
CA VAL F 16 -11.85 18.60 -20.82
C VAL F 16 -11.55 19.77 -19.87
N ASP F 17 -10.44 19.65 -19.13
CA ASP F 17 -9.98 20.69 -18.20
C ASP F 17 -9.08 21.66 -18.95
N ARG F 18 -9.62 22.87 -19.22
CA ARG F 18 -9.00 23.96 -19.98
C ARG F 18 -7.59 24.31 -19.45
N ASN F 19 -7.45 24.48 -18.12
CA ASN F 19 -6.20 24.86 -17.49
C ASN F 19 -5.20 23.71 -17.34
N GLU F 20 -5.69 22.45 -17.26
CA GLU F 20 -4.83 21.25 -17.16
C GLU F 20 -4.03 21.07 -18.46
N ILE F 21 -4.66 21.39 -19.59
CA ILE F 21 -4.08 21.33 -20.94
C ILE F 21 -3.12 22.53 -21.09
N GLU F 22 -3.50 23.72 -20.56
CA GLU F 22 -2.74 24.96 -20.58
C GLU F 22 -1.38 24.84 -19.87
N GLN F 23 -1.29 23.95 -18.86
CA GLN F 23 -0.07 23.68 -18.09
C GLN F 23 0.94 22.90 -18.94
N TRP F 24 0.45 21.89 -19.69
CA TRP F 24 1.28 21.02 -20.53
C TRP F 24 1.73 21.69 -21.83
N VAL F 25 0.91 22.59 -22.43
CA VAL F 25 1.28 23.27 -23.67
C VAL F 25 2.49 24.22 -23.43
N ARG F 26 2.52 24.88 -22.24
CA ARG F 26 3.61 25.78 -21.85
C ARG F 26 4.86 24.97 -21.48
N GLU F 27 4.65 23.75 -20.95
CA GLU F 27 5.72 22.82 -20.56
C GLU F 27 6.36 22.21 -21.81
N PHE F 28 5.53 21.75 -22.77
CA PHE F 28 5.96 21.14 -24.03
C PHE F 28 6.00 22.17 -25.18
N ALA F 29 6.37 23.42 -24.87
CA ALA F 29 6.45 24.51 -25.85
C ALA F 29 7.78 24.47 -26.62
N TYR F 30 7.81 25.07 -27.83
CA TYR F 30 9.01 25.12 -28.67
C TYR F 30 10.02 26.12 -28.09
N GLN F 31 11.28 25.68 -27.91
CA GLN F 31 12.38 26.49 -27.39
C GLN F 31 12.77 27.57 -28.42
N GLY F 32 12.14 28.73 -28.24
CA GLY F 32 12.32 29.92 -29.06
C GLY F 32 11.76 31.15 -28.37
N PHE F 33 11.06 30.92 -27.24
CA PHE F 33 10.44 31.93 -26.35
C PHE F 33 11.54 32.72 -25.61
N ASP F 34 12.53 33.21 -26.38
CA ASP F 34 13.69 33.93 -25.89
C ASP F 34 13.37 35.42 -25.67
N ALA F 35 12.10 35.85 -25.90
CA ALA F 35 11.62 37.23 -25.72
C ALA F 35 11.99 37.81 -24.34
N ARG F 36 12.03 36.95 -23.30
CA ARG F 36 12.42 37.30 -21.93
C ARG F 36 13.90 37.07 -21.70
N ARG F 37 14.42 35.95 -22.26
CA ARG F 37 15.80 35.51 -22.13
C ARG F 37 16.78 36.51 -22.76
N VAL F 38 16.45 37.07 -23.95
CA VAL F 38 17.28 38.03 -24.67
C VAL F 38 17.58 39.25 -23.78
N ILE F 39 16.52 39.93 -23.26
CA ILE F 39 16.62 41.10 -22.37
C ILE F 39 17.40 40.73 -21.10
N GLU F 40 17.13 39.53 -20.54
CA GLU F 40 17.80 39.01 -19.35
C GLU F 40 19.31 38.81 -19.60
N LEU F 41 19.68 38.34 -20.82
CA LEU F 41 21.06 38.10 -21.23
C LEU F 41 21.78 39.42 -21.56
N LEU F 42 21.07 40.38 -22.19
CA LEU F 42 21.62 41.71 -22.55
C LEU F 42 22.06 42.47 -21.30
N LYS F 43 21.27 42.35 -20.20
CA LYS F 43 21.55 42.96 -18.90
C LYS F 43 22.71 42.26 -18.19
N GLN F 44 22.91 40.95 -18.47
CA GLN F 44 23.98 40.16 -17.87
C GLN F 44 25.33 40.46 -18.53
N TYR F 45 25.39 40.45 -19.88
CA TYR F 45 26.63 40.67 -20.63
C TYR F 45 27.00 42.15 -20.78
N GLY F 46 26.09 42.94 -21.33
CA GLY F 46 26.30 44.37 -21.57
C GLY F 46 26.35 45.22 -20.32
N GLY F 47 25.36 45.04 -19.45
CA GLY F 47 25.25 45.78 -18.20
C GLY F 47 24.44 47.04 -18.38
N ALA F 48 25.08 48.21 -18.18
CA ALA F 48 24.46 49.54 -18.30
C ALA F 48 24.45 50.03 -19.74
N ASP F 49 25.44 49.61 -20.55
CA ASP F 49 25.59 49.98 -21.96
C ASP F 49 24.80 49.04 -22.90
N TRP F 50 23.83 48.26 -22.34
CA TRP F 50 23.04 47.30 -23.09
C TRP F 50 22.03 47.98 -24.03
N GLU F 51 21.49 49.16 -23.66
CA GLU F 51 20.51 49.91 -24.44
C GLU F 51 21.13 50.55 -25.69
N LYS F 52 22.36 51.10 -25.58
CA LYS F 52 23.08 51.73 -26.69
C LYS F 52 23.52 50.67 -27.70
N ASP F 53 24.00 49.50 -27.22
CA ASP F 53 24.46 48.39 -28.04
C ASP F 53 23.29 47.69 -28.75
N ALA F 54 22.10 47.65 -28.10
CA ALA F 54 20.89 47.05 -28.67
C ALA F 54 20.43 47.84 -29.89
N LYS F 55 20.54 49.18 -29.82
CA LYS F 55 20.21 50.12 -30.90
C LYS F 55 21.14 49.89 -32.10
N LYS F 56 22.43 49.61 -31.82
CA LYS F 56 23.46 49.32 -32.81
C LYS F 56 23.19 47.98 -33.50
N MET F 57 22.79 46.96 -32.70
CA MET F 57 22.49 45.61 -33.15
C MET F 57 21.22 45.53 -33.99
N ILE F 58 20.25 46.45 -33.77
CA ILE F 58 18.99 46.51 -34.54
C ILE F 58 19.30 47.01 -35.97
N VAL F 59 20.10 48.08 -36.09
CA VAL F 59 20.54 48.68 -37.37
C VAL F 59 21.38 47.65 -38.16
N LEU F 60 22.25 46.91 -37.45
CA LEU F 60 23.14 45.89 -38.02
C LEU F 60 22.36 44.69 -38.60
N ALA F 61 21.34 44.19 -37.87
CA ALA F 61 20.51 43.06 -38.29
C ALA F 61 19.56 43.40 -39.44
N LEU F 62 19.08 44.66 -39.48
CA LEU F 62 18.13 45.16 -40.48
C LEU F 62 18.78 45.41 -41.85
N THR F 63 19.98 46.01 -41.85
CA THR F 63 20.70 46.38 -43.07
C THR F 63 21.56 45.25 -43.64
N ARG F 64 22.29 44.51 -42.77
CA ARG F 64 23.17 43.43 -43.22
C ARG F 64 22.50 42.05 -43.11
N GLY F 65 22.48 41.46 -41.91
CA GLY F 65 21.89 40.14 -41.69
C GLY F 65 22.03 39.56 -40.29
N ASN F 66 22.05 38.22 -40.19
CA ASN F 66 22.16 37.51 -38.90
C ASN F 66 23.49 36.77 -38.74
N LYS F 67 24.32 36.71 -39.81
CA LYS F 67 25.63 36.06 -39.76
C LYS F 67 26.69 37.14 -39.51
N PRO F 68 27.18 37.32 -38.24
CA PRO F 68 28.11 38.42 -37.97
C PRO F 68 29.52 38.19 -38.53
N ARG F 69 29.97 36.93 -38.62
CA ARG F 69 31.29 36.61 -39.13
C ARG F 69 31.35 36.71 -40.65
N ARG F 70 30.21 36.46 -41.34
CA ARG F 70 30.11 36.53 -42.80
C ARG F 70 30.06 37.99 -43.30
N MET F 71 29.31 38.86 -42.59
CA MET F 71 29.16 40.28 -42.95
C MET F 71 30.45 41.09 -42.66
N MET F 72 31.28 40.61 -41.71
CA MET F 72 32.54 41.25 -41.31
C MET F 72 33.60 41.18 -42.42
N MET F 73 33.51 40.18 -43.30
CA MET F 73 34.41 39.96 -44.44
C MET F 73 34.34 41.11 -45.44
N LYS F 74 33.13 41.61 -45.72
CA LYS F 74 32.89 42.73 -46.64
C LYS F 74 32.32 43.92 -45.86
N MET F 75 33.18 44.58 -45.06
CA MET F 75 32.84 45.72 -44.22
C MET F 75 34.06 46.64 -44.01
N SER F 76 33.82 47.92 -43.65
CA SER F 76 34.85 48.92 -43.38
C SER F 76 35.59 48.61 -42.06
N LYS F 77 36.82 49.18 -41.90
CA LYS F 77 37.68 49.01 -40.71
C LYS F 77 36.97 49.50 -39.44
N GLU F 78 36.17 50.58 -39.55
CA GLU F 78 35.39 51.18 -38.46
C GLU F 78 34.29 50.23 -38.00
N GLY F 79 33.63 49.57 -38.95
CA GLY F 79 32.58 48.60 -38.70
C GLY F 79 33.10 47.30 -38.13
N LYS F 80 34.22 46.78 -38.70
CA LYS F 80 34.90 45.54 -38.30
C LYS F 80 35.24 45.51 -36.80
N ALA F 81 35.70 46.65 -36.24
CA ALA F 81 36.07 46.77 -34.84
C ALA F 81 34.84 46.83 -33.92
N THR F 82 33.78 47.56 -34.33
CA THR F 82 32.54 47.75 -33.57
C THR F 82 31.71 46.45 -33.53
N VAL F 83 31.63 45.71 -34.66
CA VAL F 83 30.88 44.45 -34.77
C VAL F 83 31.57 43.36 -33.91
N GLU F 84 32.91 43.22 -34.02
CA GLU F 84 33.70 42.23 -33.25
C GLU F 84 33.61 42.50 -31.75
N ALA F 85 33.47 43.77 -31.34
CA ALA F 85 33.33 44.19 -29.94
C ALA F 85 32.01 43.66 -29.35
N LEU F 86 30.95 43.60 -30.17
CA LEU F 86 29.63 43.12 -29.79
C LEU F 86 29.61 41.60 -29.65
N ILE F 87 30.34 40.88 -30.53
CA ILE F 87 30.42 39.41 -30.54
C ILE F 87 31.20 38.92 -29.31
N ASN F 88 32.31 39.60 -28.96
CA ASN F 88 33.14 39.22 -27.82
C ASN F 88 32.50 39.54 -26.46
N LYS F 89 31.54 40.50 -26.43
CA LYS F 89 30.86 40.96 -25.21
C LYS F 89 29.57 40.16 -24.92
N TYR F 90 28.63 40.11 -25.87
CA TYR F 90 27.34 39.44 -25.72
C TYR F 90 27.35 37.96 -26.15
N LYS F 91 28.46 37.50 -26.74
CA LYS F 91 28.66 36.13 -27.27
C LYS F 91 27.58 35.82 -28.33
N LEU F 92 27.47 36.74 -29.32
CA LEU F 92 26.51 36.67 -30.42
C LEU F 92 26.85 35.51 -31.34
N LYS F 93 25.83 34.76 -31.77
CA LYS F 93 25.98 33.61 -32.65
C LYS F 93 25.18 33.80 -33.96
N GLU F 94 25.36 32.86 -34.91
CA GLU F 94 24.68 32.87 -36.19
C GLU F 94 23.87 31.58 -36.36
N GLY F 95 22.67 31.72 -36.91
CA GLY F 95 21.76 30.59 -37.14
C GLY F 95 20.72 30.45 -36.06
N ASN F 96 20.36 29.20 -35.73
CA ASN F 96 19.36 28.87 -34.72
C ASN F 96 20.02 28.05 -33.57
N PRO F 97 20.60 28.73 -32.55
CA PRO F 97 21.24 27.99 -31.45
C PRO F 97 20.27 27.69 -30.29
N SER F 98 20.82 27.40 -29.08
CA SER F 98 20.05 27.07 -27.89
C SER F 98 19.34 28.31 -27.27
N ARG F 99 18.47 28.05 -26.26
CA ARG F 99 17.63 28.99 -25.51
C ARG F 99 18.37 30.20 -24.95
N ASP F 100 19.47 29.94 -24.21
CA ASP F 100 20.29 30.92 -23.49
C ASP F 100 21.35 31.61 -24.39
N GLU F 101 21.22 31.48 -25.73
CA GLU F 101 22.12 32.05 -26.73
C GLU F 101 21.50 33.27 -27.42
N LEU F 102 22.35 34.22 -27.86
CA LEU F 102 21.92 35.45 -28.51
C LEU F 102 22.34 35.51 -29.99
N THR F 103 21.42 35.97 -30.86
CA THR F 103 21.63 36.21 -32.29
C THR F 103 21.10 37.61 -32.61
N LEU F 104 21.61 38.24 -33.69
CA LEU F 104 21.20 39.59 -34.12
C LEU F 104 19.70 39.65 -34.42
N SER F 105 19.13 38.56 -34.95
CA SER F 105 17.71 38.44 -35.28
C SER F 105 16.85 38.34 -34.02
N ARG F 106 17.36 37.68 -32.96
CA ARG F 106 16.67 37.51 -31.68
C ARG F 106 16.55 38.83 -30.91
N VAL F 107 17.59 39.70 -31.02
CA VAL F 107 17.63 41.02 -30.36
C VAL F 107 16.58 41.92 -31.03
N ALA F 108 16.50 41.88 -32.38
CA ALA F 108 15.55 42.66 -33.18
C ALA F 108 14.11 42.18 -32.97
N ALA F 109 13.92 40.87 -32.71
CA ALA F 109 12.59 40.27 -32.49
C ALA F 109 12.05 40.59 -31.10
N ALA F 110 12.92 40.56 -30.05
CA ALA F 110 12.56 40.84 -28.66
C ALA F 110 12.17 42.32 -28.46
N LEU F 111 12.92 43.23 -29.11
CA LEU F 111 12.67 44.68 -29.05
C LEU F 111 12.01 45.12 -30.37
N ALA F 112 10.85 44.51 -30.67
CA ALA F 112 10.05 44.71 -31.88
C ALA F 112 9.56 46.17 -32.06
N GLY F 113 9.31 46.86 -30.94
CA GLY F 113 8.85 48.24 -30.94
C GLY F 113 9.84 49.24 -31.51
N ARG F 114 11.12 49.12 -31.13
CA ARG F 114 12.21 49.97 -31.60
C ARG F 114 12.59 49.60 -33.04
N THR F 115 12.54 48.28 -33.36
CA THR F 115 12.87 47.70 -34.66
C THR F 115 11.94 48.24 -35.76
N CYS F 116 10.62 48.26 -35.50
CA CYS F 116 9.58 48.74 -36.42
C CYS F 116 9.72 50.24 -36.70
N GLN F 117 10.10 51.03 -35.67
CA GLN F 117 10.31 52.47 -35.77
C GLN F 117 11.57 52.81 -36.58
N ALA F 118 12.59 51.93 -36.52
CA ALA F 118 13.85 52.06 -37.23
C ALA F 118 13.69 51.85 -38.74
N LEU F 119 12.63 51.14 -39.16
CA LEU F 119 12.32 50.82 -40.56
C LEU F 119 11.89 52.07 -41.35
N VAL F 120 11.39 53.11 -40.65
CA VAL F 120 10.96 54.37 -41.26
C VAL F 120 12.22 55.12 -41.76
N VAL F 121 13.30 55.10 -40.97
CA VAL F 121 14.59 55.73 -41.29
C VAL F 121 15.31 54.80 -42.30
N LEU F 122 15.53 53.53 -41.91
CA LEU F 122 16.18 52.52 -42.75
C LEU F 122 15.16 51.91 -43.71
N SER F 123 14.78 52.65 -44.76
CA SER F 123 13.77 52.21 -45.72
C SER F 123 14.42 51.67 -47.01
N GLU F 124 15.42 52.39 -47.53
CA GLU F 124 16.09 52.05 -48.78
C GLU F 124 17.40 51.25 -48.56
N TRP F 125 17.73 50.93 -47.29
CA TRP F 125 18.93 50.18 -46.93
C TRP F 125 18.62 48.70 -46.63
N LEU F 126 17.33 48.33 -46.60
CA LEU F 126 16.83 46.97 -46.38
C LEU F 126 17.05 46.10 -47.63
N PRO F 127 17.02 44.72 -47.54
CA PRO F 127 17.20 43.92 -48.76
C PRO F 127 16.07 44.18 -49.78
N VAL F 128 14.86 44.45 -49.26
CA VAL F 128 13.68 44.81 -50.05
C VAL F 128 13.39 46.27 -49.70
N THR F 129 13.59 47.19 -50.65
CA THR F 129 13.41 48.64 -50.45
C THR F 129 11.92 49.00 -50.39
N GLY F 130 11.63 50.16 -49.80
CA GLY F 130 10.29 50.72 -49.66
C GLY F 130 9.64 51.07 -50.98
N THR F 131 10.47 51.48 -51.96
CA THR F 131 10.05 51.85 -53.33
C THR F 131 9.56 50.60 -54.07
N THR F 132 10.21 49.43 -53.81
CA THR F 132 9.86 48.13 -54.41
C THR F 132 8.49 47.69 -53.87
N MET F 133 8.26 47.88 -52.56
CA MET F 133 7.00 47.54 -51.89
C MET F 133 5.86 48.46 -52.31
N ASP F 134 6.20 49.72 -52.68
CA ASP F 134 5.24 50.73 -53.13
C ASP F 134 4.68 50.37 -54.52
N GLY F 135 5.47 49.65 -55.31
CA GLY F 135 5.09 49.19 -56.65
C GLY F 135 4.02 48.12 -56.63
N LEU F 136 4.09 47.23 -55.62
CA LEU F 136 3.13 46.12 -55.41
C LEU F 136 1.84 46.66 -54.81
N SER F 137 1.96 47.49 -53.74
CA SER F 137 0.86 48.13 -53.04
C SER F 137 1.20 49.61 -52.80
N PRO F 138 0.37 50.57 -53.32
CA PRO F 138 0.69 52.00 -53.12
C PRO F 138 0.71 52.40 -51.64
N ALA F 139 1.77 53.13 -51.24
CA ALA F 139 2.06 53.62 -49.88
C ALA F 139 2.02 52.47 -48.85
N TYR F 140 2.91 51.46 -49.05
CA TYR F 140 3.02 50.29 -48.19
C TYR F 140 3.54 50.68 -46.79
N PRO F 141 2.92 50.17 -45.69
CA PRO F 141 3.39 50.55 -44.33
C PRO F 141 4.83 50.09 -44.06
N ARG F 142 5.70 51.06 -43.76
CA ARG F 142 7.13 50.85 -43.49
C ARG F 142 7.39 50.03 -42.23
N HIS F 143 6.50 50.13 -41.23
CA HIS F 143 6.61 49.42 -39.94
C HIS F 143 6.46 47.90 -40.08
N MET F 144 5.80 47.43 -41.15
CA MET F 144 5.56 45.99 -41.42
C MET F 144 6.74 45.33 -42.15
N MET F 145 7.75 46.12 -42.56
CA MET F 145 8.88 45.66 -43.36
C MET F 145 10.01 44.96 -42.57
N HIS F 146 9.62 44.00 -41.70
CA HIS F 146 10.53 43.13 -40.94
C HIS F 146 9.73 41.99 -40.28
N PRO F 147 10.23 40.72 -40.28
CA PRO F 147 9.47 39.62 -39.66
C PRO F 147 9.17 39.80 -38.16
N SER F 148 9.91 40.70 -37.47
CA SER F 148 9.73 40.99 -36.04
C SER F 148 8.43 41.77 -35.75
N PHE F 149 7.78 42.33 -36.79
CA PHE F 149 6.52 43.08 -36.68
C PHE F 149 5.39 42.19 -36.13
N ALA F 150 5.48 40.86 -36.36
CA ALA F 150 4.51 39.86 -35.90
C ALA F 150 4.36 39.87 -34.36
N GLY F 151 5.40 40.34 -33.67
CA GLY F 151 5.43 40.49 -32.21
C GLY F 151 4.69 41.71 -31.72
N MET F 152 4.32 42.62 -32.64
CA MET F 152 3.57 43.86 -32.37
C MET F 152 2.09 43.70 -32.72
N VAL F 153 1.73 42.61 -33.42
CA VAL F 153 0.36 42.31 -33.84
C VAL F 153 -0.47 41.83 -32.64
N ASP F 154 -1.66 42.43 -32.45
CA ASP F 154 -2.60 42.13 -31.38
C ASP F 154 -3.55 40.99 -31.80
N PRO F 155 -3.49 39.79 -31.16
CA PRO F 155 -4.38 38.69 -31.57
C PRO F 155 -5.83 38.86 -31.11
N SER F 156 -6.10 39.76 -30.13
CA SER F 156 -7.44 40.01 -29.61
C SER F 156 -8.30 40.83 -30.60
N LEU F 157 -7.68 41.36 -31.68
CA LEU F 157 -8.33 42.11 -32.74
C LEU F 157 -9.38 41.26 -33.48
N PRO F 158 -10.48 41.85 -34.02
CA PRO F 158 -11.48 41.04 -34.75
C PRO F 158 -10.91 40.30 -35.95
N GLY F 159 -11.48 39.13 -36.23
CA GLY F 159 -11.08 38.21 -37.30
C GLY F 159 -10.70 38.84 -38.62
N ASP F 160 -11.60 39.67 -39.19
CA ASP F 160 -11.40 40.36 -40.47
C ASP F 160 -10.24 41.36 -40.40
N TYR F 161 -10.09 42.05 -39.25
CA TYR F 161 -9.03 43.04 -39.03
C TYR F 161 -7.69 42.36 -38.79
N LEU F 162 -7.66 41.28 -37.97
CA LEU F 162 -6.46 40.50 -37.64
C LEU F 162 -5.86 39.88 -38.90
N ARG F 163 -6.72 39.33 -39.79
CA ARG F 163 -6.30 38.72 -41.06
C ARG F 163 -5.76 39.78 -42.02
N ALA F 164 -6.34 41.00 -42.00
CA ALA F 164 -5.95 42.13 -42.85
C ALA F 164 -4.53 42.62 -42.53
N ILE F 165 -4.14 42.59 -41.23
CA ILE F 165 -2.81 42.99 -40.76
C ILE F 165 -1.79 41.92 -41.18
N LEU F 166 -2.13 40.63 -40.96
CA LEU F 166 -1.28 39.49 -41.28
C LEU F 166 -1.06 39.32 -42.79
N ASP F 167 -2.12 39.51 -43.62
CA ASP F 167 -2.04 39.40 -45.09
C ASP F 167 -1.21 40.53 -45.70
N ALA F 168 -1.29 41.74 -45.10
CA ALA F 168 -0.51 42.91 -45.52
C ALA F 168 0.97 42.72 -45.21
N HIS F 169 1.28 42.15 -44.01
CA HIS F 169 2.64 41.86 -43.55
C HIS F 169 3.25 40.71 -44.37
N SER F 170 2.41 39.72 -44.76
CA SER F 170 2.82 38.55 -45.55
C SER F 170 3.31 38.94 -46.95
N LEU F 171 2.82 40.07 -47.50
CA LEU F 171 3.21 40.60 -48.81
C LEU F 171 4.72 40.90 -48.82
N TYR F 172 5.25 41.46 -47.72
CA TYR F 172 6.67 41.76 -47.54
C TYR F 172 7.46 40.47 -47.39
N LEU F 173 7.02 39.59 -46.47
CA LEU F 173 7.64 38.30 -46.16
C LEU F 173 7.83 37.46 -47.43
N LEU F 174 6.83 37.44 -48.33
CA LEU F 174 6.85 36.75 -49.62
C LEU F 174 8.03 37.27 -50.48
N GLN F 175 8.21 38.61 -50.51
CA GLN F 175 9.27 39.28 -51.25
C GLN F 175 10.62 39.13 -50.55
N PHE F 176 10.62 39.20 -49.21
CA PHE F 176 11.82 39.11 -48.37
C PHE F 176 12.39 37.68 -48.36
N SER F 177 11.54 36.66 -48.06
CA SER F 177 11.95 35.25 -48.00
C SER F 177 12.56 34.76 -49.31
N ARG F 178 12.06 35.26 -50.46
CA ARG F 178 12.60 34.90 -51.78
C ARG F 178 13.96 35.56 -52.04
N VAL F 179 14.23 36.73 -51.43
CA VAL F 179 15.51 37.44 -51.60
C VAL F 179 16.60 36.74 -50.75
N ILE F 180 16.34 36.52 -49.45
CA ILE F 180 17.29 35.91 -48.52
C ILE F 180 17.47 34.39 -48.77
N ASN F 181 16.42 33.69 -49.22
CA ASN F 181 16.51 32.26 -49.52
C ASN F 181 16.46 32.10 -51.06
N PRO F 182 17.62 31.77 -51.70
CA PRO F 182 17.64 31.69 -53.18
C PRO F 182 16.88 30.51 -53.78
N ASN F 183 16.72 29.39 -53.04
CA ASN F 183 16.01 28.21 -53.55
C ASN F 183 14.47 28.41 -53.54
N LEU F 184 13.98 29.46 -52.85
CA LEU F 184 12.55 29.78 -52.78
C LEU F 184 12.11 30.72 -53.91
N ARG F 185 13.05 31.22 -54.72
CA ARG F 185 12.82 32.15 -55.83
C ARG F 185 11.89 31.58 -56.91
N GLY F 186 12.11 30.33 -57.31
CA GLY F 186 11.30 29.67 -58.33
C GLY F 186 9.97 29.13 -57.84
N ARG F 187 9.87 28.87 -56.53
CA ARG F 187 8.68 28.32 -55.87
C ARG F 187 7.55 29.36 -55.77
N THR F 188 6.30 28.89 -55.93
CA THR F 188 5.05 29.68 -55.93
C THR F 188 4.74 30.32 -54.55
N LYS F 189 3.75 31.23 -54.54
CA LYS F 189 3.26 32.00 -53.39
C LYS F 189 2.90 31.11 -52.19
N GLU F 190 2.22 29.98 -52.46
CA GLU F 190 1.78 29.00 -51.45
C GLU F 190 2.97 28.29 -50.80
N GLU F 191 4.03 27.99 -51.59
CA GLU F 191 5.24 27.32 -51.13
C GLU F 191 6.06 28.23 -50.21
N VAL F 192 6.15 29.53 -50.56
CA VAL F 192 6.88 30.55 -49.79
C VAL F 192 6.11 30.86 -48.49
N ALA F 193 4.76 30.94 -48.57
CA ALA F 193 3.87 31.24 -47.44
C ALA F 193 4.04 30.23 -46.30
N ALA F 194 4.14 28.93 -46.62
CA ALA F 194 4.29 27.83 -45.67
C ALA F 194 5.55 27.93 -44.79
N THR F 195 6.59 28.65 -45.25
CA THR F 195 7.85 28.79 -44.50
C THR F 195 7.80 29.93 -43.47
N PHE F 196 7.06 31.03 -43.75
CA PHE F 196 7.00 32.16 -42.83
C PHE F 196 5.72 32.25 -41.97
N THR F 197 4.62 31.57 -42.36
CA THR F 197 3.34 31.61 -41.62
C THR F 197 3.44 31.01 -40.21
N GLN F 198 4.23 29.93 -40.04
CA GLN F 198 4.41 29.26 -38.75
C GLN F 198 5.11 30.16 -37.71
N PRO F 199 6.32 30.75 -37.95
CA PRO F 199 6.92 31.62 -36.92
C PRO F 199 6.20 32.95 -36.73
N MET F 200 5.40 33.38 -37.73
CA MET F 200 4.62 34.63 -37.70
C MET F 200 3.49 34.49 -36.69
N ASN F 201 2.66 33.43 -36.81
CA ASN F 201 1.54 33.14 -35.92
C ASN F 201 1.99 32.89 -34.47
N ALA F 202 3.21 32.31 -34.30
CA ALA F 202 3.82 32.04 -32.99
C ALA F 202 4.16 33.34 -32.25
N ALA F 203 4.55 34.39 -33.00
CA ALA F 203 4.90 35.70 -32.45
C ALA F 203 3.65 36.53 -32.11
N VAL F 204 2.55 36.30 -32.86
CA VAL F 204 1.27 36.98 -32.64
C VAL F 204 0.60 36.41 -31.38
N ASN F 205 0.59 35.07 -31.26
CA ASN F 205 -0.03 34.34 -30.15
C ASN F 205 0.88 34.25 -28.90
N SER F 206 2.09 34.87 -28.93
CA SER F 206 3.01 34.88 -27.79
C SER F 206 2.47 35.79 -26.67
N ASN F 207 2.66 35.38 -25.41
CA ASN F 207 2.17 36.11 -24.24
C ASN F 207 3.00 37.38 -23.91
N PHE F 208 4.17 37.55 -24.56
CA PHE F 208 5.05 38.71 -24.35
C PHE F 208 4.43 39.99 -24.92
N ILE F 209 4.25 41.01 -24.04
CA ILE F 209 3.59 42.31 -24.26
C ILE F 209 2.08 42.07 -24.40
N SER F 210 1.29 42.63 -23.45
CA SER F 210 -0.17 42.47 -23.39
C SER F 210 -0.89 42.93 -24.67
N HIS F 211 -2.10 42.37 -24.88
CA HIS F 211 -2.98 42.62 -26.03
C HIS F 211 -3.32 44.11 -26.20
N GLU F 212 -3.56 44.81 -25.07
CA GLU F 212 -3.91 46.24 -25.05
C GLU F 212 -2.70 47.11 -25.38
N LYS F 213 -1.50 46.75 -24.87
CA LYS F 213 -0.25 47.47 -25.13
C LYS F 213 0.18 47.30 -26.59
N ARG F 214 -0.02 46.10 -27.16
CA ARG F 214 0.29 45.78 -28.56
C ARG F 214 -0.60 46.58 -29.51
N ARG F 215 -1.90 46.76 -29.13
CA ARG F 215 -2.90 47.53 -29.87
C ARG F 215 -2.51 49.01 -29.91
N GLU F 216 -1.92 49.53 -28.82
CA GLU F 216 -1.48 50.93 -28.68
C GLU F 216 -0.34 51.23 -29.66
N PHE F 217 0.58 50.27 -29.87
CA PHE F 217 1.71 50.40 -30.79
C PHE F 217 1.24 50.53 -32.23
N LEU F 218 0.29 49.67 -32.64
CA LEU F 218 -0.31 49.66 -33.99
C LEU F 218 -1.03 50.99 -34.27
N LYS F 219 -1.64 51.60 -33.23
CA LYS F 219 -2.33 52.89 -33.30
C LYS F 219 -1.31 54.02 -33.44
N ALA F 220 -0.18 53.92 -32.71
CA ALA F 220 0.93 54.89 -32.70
C ALA F 220 1.68 54.90 -34.03
N PHE F 221 1.85 53.72 -34.67
CA PHE F 221 2.53 53.60 -35.96
C PHE F 221 1.64 54.08 -37.11
N GLY F 222 0.34 54.23 -36.85
CA GLY F 222 -0.66 54.66 -37.82
C GLY F 222 -1.13 53.53 -38.71
N LEU F 223 -1.30 52.33 -38.13
CA LEU F 223 -1.76 51.14 -38.83
C LEU F 223 -3.26 50.92 -38.63
N VAL F 224 -3.74 51.06 -37.37
CA VAL F 224 -5.16 50.90 -37.01
C VAL F 224 -5.69 52.20 -36.37
N ASP F 225 -7.02 52.42 -36.42
CA ASP F 225 -7.67 53.60 -35.84
C ASP F 225 -7.92 53.39 -34.32
N SER F 226 -8.72 54.29 -33.71
CA SER F 226 -9.08 54.30 -32.29
C SER F 226 -9.78 53.00 -31.82
N ASN F 227 -10.54 52.34 -32.72
CA ASN F 227 -11.27 51.11 -32.42
C ASN F 227 -10.41 49.86 -32.70
N GLY F 228 -9.88 49.75 -33.92
CA GLY F 228 -9.04 48.63 -34.34
C GLY F 228 -9.06 48.33 -35.83
N LYS F 229 -9.80 49.15 -36.61
CA LYS F 229 -9.94 49.02 -38.06
C LYS F 229 -8.63 49.47 -38.76
N PRO F 230 -8.02 48.63 -39.62
CA PRO F 230 -6.77 49.04 -40.30
C PRO F 230 -6.99 50.15 -41.33
N SER F 231 -5.91 50.90 -41.62
CA SER F 231 -5.91 52.00 -42.59
C SER F 231 -6.03 51.48 -44.04
N ALA F 232 -6.33 52.39 -44.98
CA ALA F 232 -6.47 52.12 -46.42
C ALA F 232 -5.19 51.52 -47.02
N ALA F 233 -4.02 51.90 -46.47
CA ALA F 233 -2.69 51.44 -46.88
C ALA F 233 -2.50 49.96 -46.55
N VAL F 234 -3.01 49.52 -45.39
CA VAL F 234 -2.94 48.14 -44.90
C VAL F 234 -3.94 47.26 -45.69
N MET F 235 -5.17 47.78 -45.92
CA MET F 235 -6.25 47.11 -46.65
C MET F 235 -5.86 46.83 -48.11
N ALA F 236 -5.13 47.77 -48.75
CA ALA F 236 -4.67 47.64 -50.13
C ALA F 236 -3.57 46.59 -50.25
N ALA F 237 -2.69 46.51 -49.24
CA ALA F 237 -1.58 45.54 -49.18
C ALA F 237 -2.10 44.12 -48.93
N ALA F 238 -3.20 43.98 -48.16
CA ALA F 238 -3.83 42.69 -47.86
C ALA F 238 -4.54 42.14 -49.10
N GLN F 239 -5.13 43.05 -49.92
CA GLN F 239 -5.82 42.74 -51.17
C GLN F 239 -4.80 42.37 -52.26
N ALA F 240 -3.61 43.01 -52.22
CA ALA F 240 -2.51 42.77 -53.17
C ALA F 240 -1.91 41.37 -53.00
N TYR F 241 -1.88 40.85 -51.76
CA TYR F 241 -1.37 39.51 -51.42
C TYR F 241 -2.28 38.42 -51.99
N LYS F 242 -3.60 38.68 -52.04
CA LYS F 242 -4.62 37.75 -52.53
C LYS F 242 -4.47 37.49 -54.04
N THR F 243 -4.02 38.50 -54.81
CA THR F 243 -3.82 38.43 -56.26
C THR F 243 -2.32 38.34 -56.63
N ALA F 244 -1.44 38.22 -55.62
CA ALA F 244 0.02 38.13 -55.79
C ALA F 244 0.44 36.80 -56.46
N ALA F 245 1.59 36.83 -57.16
CA ALA F 245 2.15 35.67 -57.86
C ALA F 245 3.30 35.04 -57.07
N GLN G 5 -70.18 -52.35 43.28
CA GLN G 5 -68.93 -51.71 42.89
C GLN G 5 -69.14 -50.25 42.51
N GLU G 6 -70.33 -49.91 41.95
CA GLU G 6 -70.65 -48.54 41.54
C GLU G 6 -71.02 -47.70 42.78
N LEU G 7 -69.99 -47.38 43.59
CA LEU G 7 -70.09 -46.59 44.82
C LEU G 7 -69.39 -45.23 44.65
N ALA G 8 -68.89 -44.95 43.43
CA ALA G 8 -68.21 -43.71 43.04
C ALA G 8 -69.18 -42.53 43.01
N ILE G 9 -70.50 -42.82 42.80
CA ILE G 9 -71.59 -41.85 42.74
C ILE G 9 -71.72 -41.15 44.11
N GLN G 10 -71.58 -41.92 45.21
CA GLN G 10 -71.63 -41.45 46.60
C GLN G 10 -70.42 -40.58 46.92
N PHE G 11 -69.25 -40.93 46.35
CA PHE G 11 -67.98 -40.21 46.49
C PHE G 11 -68.05 -38.88 45.74
N ALA G 12 -68.79 -38.87 44.61
CA ALA G 12 -68.99 -37.70 43.75
C ALA G 12 -70.07 -36.77 44.30
N ALA G 13 -71.08 -37.33 45.00
CA ALA G 13 -72.18 -36.59 45.62
C ALA G 13 -71.70 -35.70 46.78
N GLN G 14 -70.50 -36.00 47.33
CA GLN G 14 -69.84 -35.28 48.42
C GLN G 14 -69.57 -33.82 48.03
N ALA G 15 -69.78 -32.90 48.98
CA ALA G 15 -69.53 -31.47 48.76
C ALA G 15 -68.01 -31.22 48.70
N VAL G 16 -67.54 -30.56 47.62
CA VAL G 16 -66.12 -30.27 47.41
C VAL G 16 -65.66 -29.17 48.38
N ASP G 17 -64.59 -29.46 49.14
CA ASP G 17 -63.99 -28.52 50.09
C ASP G 17 -62.95 -27.69 49.36
N ARG G 18 -63.30 -26.42 49.06
CA ARG G 18 -62.51 -25.44 48.31
C ARG G 18 -61.09 -25.28 48.88
N ASN G 19 -60.97 -25.11 50.21
CA ASN G 19 -59.68 -24.89 50.87
C ASN G 19 -58.88 -26.17 51.06
N GLU G 20 -59.53 -27.35 51.14
CA GLU G 20 -58.85 -28.65 51.29
C GLU G 20 -58.04 -28.96 50.02
N ILE G 21 -58.59 -28.58 48.85
CA ILE G 21 -57.98 -28.75 47.53
C ILE G 21 -56.85 -27.68 47.38
N GLU G 22 -57.10 -26.45 47.89
CA GLU G 22 -56.17 -25.32 47.86
C GLU G 22 -54.86 -25.61 48.62
N GLN G 23 -54.94 -26.47 49.65
CA GLN G 23 -53.78 -26.88 50.46
C GLN G 23 -52.85 -27.80 49.68
N TRP G 24 -53.45 -28.75 48.93
CA TRP G 24 -52.72 -29.75 48.14
C TRP G 24 -52.14 -29.19 46.85
N VAL G 25 -52.81 -28.21 46.19
CA VAL G 25 -52.31 -27.61 44.95
C VAL G 25 -51.01 -26.81 45.23
N ARG G 26 -50.92 -26.13 46.38
CA ARG G 26 -49.74 -25.38 46.80
C ARG G 26 -48.62 -26.32 47.24
N GLU G 27 -49.00 -27.50 47.79
CA GLU G 27 -48.08 -28.55 48.23
C GLU G 27 -47.48 -29.27 47.02
N PHE G 28 -48.33 -29.65 46.03
CA PHE G 28 -47.94 -30.34 44.81
C PHE G 28 -47.74 -29.34 43.64
N ALA G 29 -47.22 -28.15 43.94
CA ALA G 29 -46.98 -27.09 42.95
C ALA G 29 -45.69 -27.34 42.17
N TYR G 30 -45.64 -26.82 40.92
CA TYR G 30 -44.51 -26.93 40.01
C TYR G 30 -43.38 -25.99 40.42
N GLN G 31 -42.14 -26.51 40.52
CA GLN G 31 -40.96 -25.72 40.87
C GLN G 31 -40.48 -24.98 39.61
N GLY G 32 -41.10 -23.82 39.39
CA GLY G 32 -40.85 -22.99 38.22
C GLY G 32 -39.79 -21.92 38.35
N PHE G 33 -40.11 -20.72 37.82
CA PHE G 33 -39.27 -19.54 37.76
C PHE G 33 -38.83 -19.05 39.17
N ASP G 34 -39.79 -18.94 40.11
CA ASP G 34 -39.61 -18.48 41.51
C ASP G 34 -39.01 -17.05 41.54
N ALA G 35 -39.89 -16.04 41.58
CA ALA G 35 -39.52 -14.61 41.60
C ALA G 35 -38.79 -14.22 42.90
N ARG G 36 -39.11 -14.92 44.00
CA ARG G 36 -38.53 -14.70 45.32
C ARG G 36 -37.05 -15.11 45.39
N ARG G 37 -36.67 -16.18 44.65
CA ARG G 37 -35.30 -16.72 44.61
C ARG G 37 -34.36 -15.77 43.85
N VAL G 38 -34.85 -15.10 42.78
CA VAL G 38 -34.08 -14.18 41.93
C VAL G 38 -33.56 -12.98 42.77
N ILE G 39 -34.46 -12.32 43.54
CA ILE G 39 -34.14 -11.17 44.40
C ILE G 39 -33.20 -11.65 45.54
N GLU G 40 -33.44 -12.86 46.07
CA GLU G 40 -32.66 -13.49 47.13
C GLU G 40 -31.21 -13.73 46.67
N LEU G 41 -31.03 -14.15 45.38
CA LEU G 41 -29.73 -14.39 44.78
C LEU G 41 -29.02 -13.08 44.46
N LEU G 42 -29.76 -12.09 43.89
CA LEU G 42 -29.26 -10.74 43.53
C LEU G 42 -28.60 -10.04 44.73
N LYS G 43 -29.20 -10.15 45.93
CA LYS G 43 -28.68 -9.58 47.17
C LYS G 43 -27.48 -10.37 47.70
N GLN G 44 -27.52 -11.72 47.58
CA GLN G 44 -26.47 -12.64 48.01
C GLN G 44 -25.20 -12.52 47.15
N TYR G 45 -25.34 -12.06 45.91
CA TYR G 45 -24.23 -11.87 44.96
C TYR G 45 -23.62 -10.46 45.05
N GLY G 46 -24.45 -9.44 44.81
CA GLY G 46 -24.05 -8.03 44.81
C GLY G 46 -23.80 -7.44 46.18
N GLY G 47 -24.82 -7.47 47.02
CA GLY G 47 -24.77 -6.93 48.38
C GLY G 47 -25.47 -5.60 48.51
N ALA G 48 -24.76 -4.51 48.17
CA ALA G 48 -25.28 -3.15 48.22
C ALA G 48 -25.44 -2.57 46.81
N ASP G 49 -24.57 -2.98 45.87
CA ASP G 49 -24.56 -2.52 44.47
C ASP G 49 -25.49 -3.38 43.58
N TRP G 50 -26.40 -4.16 44.19
CA TRP G 50 -27.32 -5.05 43.46
C TRP G 50 -28.40 -4.26 42.69
N GLU G 51 -28.84 -3.10 43.21
CA GLU G 51 -29.88 -2.27 42.60
C GLU G 51 -29.38 -1.56 41.34
N LYS G 52 -28.14 -1.06 41.36
CA LYS G 52 -27.52 -0.36 40.21
C LYS G 52 -27.23 -1.35 39.08
N ASP G 53 -26.76 -2.56 39.42
CA ASP G 53 -26.44 -3.61 38.45
C ASP G 53 -27.71 -4.23 37.85
N ALA G 54 -28.82 -4.29 38.63
CA ALA G 54 -30.11 -4.81 38.17
C ALA G 54 -30.67 -3.91 37.07
N LYS G 55 -30.50 -2.58 37.23
CA LYS G 55 -30.92 -1.55 36.27
C LYS G 55 -30.13 -1.71 34.96
N LYS G 56 -28.84 -2.06 35.06
CA LYS G 56 -27.93 -2.31 33.93
C LYS G 56 -28.33 -3.59 33.19
N MET G 57 -28.69 -4.64 33.95
CA MET G 57 -29.10 -5.95 33.43
C MET G 57 -30.47 -5.90 32.74
N ILE G 58 -31.37 -4.97 33.15
CA ILE G 58 -32.70 -4.79 32.55
C ILE G 58 -32.53 -4.19 31.14
N VAL G 59 -31.68 -3.14 31.00
CA VAL G 59 -31.38 -2.46 29.74
C VAL G 59 -30.68 -3.44 28.77
N LEU G 60 -29.79 -4.29 29.30
CA LEU G 60 -29.03 -5.29 28.56
C LEU G 60 -29.93 -6.40 27.98
N ALA G 61 -30.88 -6.91 28.78
CA ALA G 61 -31.81 -7.98 28.38
C ALA G 61 -32.87 -7.49 27.39
N LEU G 62 -33.28 -6.22 27.50
CA LEU G 62 -34.31 -5.59 26.66
C LEU G 62 -33.80 -5.24 25.26
N THR G 63 -32.59 -4.70 25.16
CA THR G 63 -32.00 -4.26 23.88
C THR G 63 -31.28 -5.40 23.14
N ARG G 64 -30.49 -6.22 23.85
CA ARG G 64 -29.73 -7.31 23.21
C ARG G 64 -30.46 -8.67 23.30
N GLY G 65 -30.36 -9.35 24.43
CA GLY G 65 -30.99 -10.66 24.62
C GLY G 65 -30.71 -11.37 25.94
N ASN G 66 -30.77 -12.71 25.92
CA ASN G 66 -30.56 -13.56 27.10
C ASN G 66 -29.16 -14.16 27.16
N LYS G 67 -28.56 -14.50 26.01
CA LYS G 67 -27.22 -15.10 25.93
C LYS G 67 -26.14 -14.01 26.14
N PRO G 68 -25.41 -14.01 27.28
CA PRO G 68 -24.44 -12.93 27.52
C PRO G 68 -23.09 -13.08 26.78
N ARG G 69 -22.64 -14.34 26.60
CA ARG G 69 -21.38 -14.63 25.91
C ARG G 69 -21.48 -14.43 24.40
N ARG G 70 -22.70 -14.61 23.84
CA ARG G 70 -22.97 -14.45 22.41
C ARG G 70 -23.04 -12.97 22.00
N MET G 71 -23.69 -12.12 22.84
CA MET G 71 -23.84 -10.69 22.58
C MET G 71 -22.51 -9.93 22.77
N MET G 72 -21.58 -10.47 23.59
CA MET G 72 -20.27 -9.88 23.88
C MET G 72 -19.35 -9.90 22.66
N MET G 73 -19.57 -10.83 21.73
CA MET G 73 -18.79 -11.01 20.50
C MET G 73 -18.96 -9.81 19.56
N LYS G 74 -20.18 -9.26 19.47
CA LYS G 74 -20.51 -8.09 18.64
C LYS G 74 -20.95 -6.94 19.56
N MET G 75 -19.98 -6.34 20.27
CA MET G 75 -20.19 -5.23 21.22
C MET G 75 -18.93 -4.35 21.33
N SER G 76 -19.11 -3.10 21.80
CA SER G 76 -18.02 -2.13 22.01
C SER G 76 -17.14 -2.53 23.20
N LYS G 77 -15.90 -1.98 23.27
CA LYS G 77 -14.91 -2.23 24.32
C LYS G 77 -15.45 -1.82 25.70
N GLU G 78 -16.24 -0.73 25.74
CA GLU G 78 -16.87 -0.19 26.96
C GLU G 78 -17.91 -1.17 27.50
N GLY G 79 -18.69 -1.76 26.58
CA GLY G 79 -19.72 -2.74 26.90
C GLY G 79 -19.16 -4.07 27.32
N LYS G 80 -18.13 -4.57 26.59
CA LYS G 80 -17.43 -5.84 26.82
C LYS G 80 -16.91 -5.97 28.26
N ALA G 81 -16.35 -4.88 28.82
CA ALA G 81 -15.81 -4.85 30.18
C ALA G 81 -16.91 -4.84 31.23
N THR G 82 -18.00 -4.07 30.98
CA THR G 82 -19.14 -3.92 31.90
C THR G 82 -19.97 -5.21 31.98
N VAL G 83 -20.24 -5.86 30.82
CA VAL G 83 -21.03 -7.10 30.73
C VAL G 83 -20.27 -8.26 31.42
N GLU G 84 -18.95 -8.39 31.16
CA GLU G 84 -18.11 -9.43 31.77
C GLU G 84 -18.01 -9.25 33.29
N ALA G 85 -18.02 -7.99 33.77
CA ALA G 85 -18.00 -7.65 35.18
C ALA G 85 -19.26 -8.16 35.87
N LEU G 86 -20.43 -8.02 35.20
CA LEU G 86 -21.73 -8.51 35.66
C LEU G 86 -21.76 -10.04 35.66
N ILE G 87 -21.12 -10.67 34.65
CA ILE G 87 -21.02 -12.12 34.48
C ILE G 87 -20.21 -12.73 35.63
N ASN G 88 -19.06 -12.11 35.97
CA ASN G 88 -18.16 -12.59 37.03
C ASN G 88 -18.72 -12.34 38.43
N LYS G 89 -19.62 -11.35 38.58
CA LYS G 89 -20.23 -10.96 39.86
C LYS G 89 -21.53 -11.70 40.17
N TYR G 90 -22.41 -11.87 39.15
CA TYR G 90 -23.74 -12.49 39.33
C TYR G 90 -23.84 -13.90 38.71
N LYS G 91 -22.75 -14.38 38.05
CA LYS G 91 -22.62 -15.70 37.41
C LYS G 91 -23.83 -15.97 36.51
N LEU G 92 -24.07 -15.04 35.56
CA LEU G 92 -25.19 -15.07 34.62
C LEU G 92 -25.02 -16.17 33.59
N LYS G 93 -26.05 -17.03 33.45
CA LYS G 93 -26.04 -18.13 32.48
C LYS G 93 -26.97 -17.81 31.29
N GLU G 94 -27.04 -18.74 30.31
CA GLU G 94 -27.89 -18.59 29.13
C GLU G 94 -28.78 -19.82 28.95
N GLY G 95 -30.04 -19.57 28.60
CA GLY G 95 -31.04 -20.61 28.40
C GLY G 95 -31.95 -20.80 29.60
N ASN G 96 -32.34 -22.06 29.87
CA ASN G 96 -33.22 -22.42 30.99
C ASN G 96 -32.46 -23.34 31.97
N PRO G 97 -31.71 -22.77 32.94
CA PRO G 97 -30.96 -23.61 33.88
C PRO G 97 -31.76 -23.94 35.15
N SER G 98 -31.06 -24.35 36.23
CA SER G 98 -31.68 -24.73 37.51
C SER G 98 -32.23 -23.51 38.28
N ARG G 99 -32.99 -23.78 39.36
CA ARG G 99 -33.64 -22.82 40.26
C ARG G 99 -32.64 -21.84 40.90
N ASP G 100 -31.45 -22.35 41.29
CA ASP G 100 -30.39 -21.58 41.96
C ASP G 100 -29.55 -20.72 40.97
N GLU G 101 -29.78 -20.87 39.66
CA GLU G 101 -29.05 -20.13 38.63
C GLU G 101 -29.81 -18.88 38.17
N LEU G 102 -29.06 -17.87 37.67
CA LEU G 102 -29.60 -16.61 37.19
C LEU G 102 -29.34 -16.39 35.71
N THR G 103 -30.31 -15.74 35.03
CA THR G 103 -30.25 -15.35 33.62
C THR G 103 -30.75 -13.91 33.50
N LEU G 104 -30.39 -13.21 32.40
CA LEU G 104 -30.81 -11.82 32.15
C LEU G 104 -32.33 -11.69 32.02
N SER G 105 -33.00 -12.72 31.47
CA SER G 105 -34.45 -12.75 31.31
C SER G 105 -35.17 -12.91 32.65
N ARG G 106 -34.57 -13.68 33.59
CA ARG G 106 -35.12 -13.92 34.93
C ARG G 106 -35.08 -12.66 35.80
N VAL G 107 -34.03 -11.82 35.64
CA VAL G 107 -33.84 -10.57 36.38
C VAL G 107 -34.92 -9.57 35.91
N ALA G 108 -35.16 -9.50 34.59
CA ALA G 108 -36.15 -8.62 33.96
C ALA G 108 -37.58 -9.04 34.31
N ALA G 109 -37.81 -10.37 34.47
CA ALA G 109 -39.12 -10.93 34.79
C ALA G 109 -39.50 -10.71 36.26
N ALA G 110 -38.53 -10.86 37.19
CA ALA G 110 -38.72 -10.68 38.63
C ALA G 110 -39.01 -9.22 38.99
N LEU G 111 -38.28 -8.29 38.35
CA LEU G 111 -38.44 -6.84 38.55
C LEU G 111 -39.22 -6.26 37.36
N ALA G 112 -40.44 -6.80 37.13
CA ALA G 112 -41.32 -6.42 36.02
C ALA G 112 -41.72 -4.94 36.06
N GLY G 113 -41.91 -4.39 37.26
CA GLY G 113 -42.29 -2.99 37.48
C GLY G 113 -41.33 -1.98 36.86
N ARG G 114 -40.01 -2.19 37.07
CA ARG G 114 -38.94 -1.35 36.53
C ARG G 114 -38.76 -1.63 35.02
N THR G 115 -38.95 -2.91 34.61
CA THR G 115 -38.84 -3.38 33.22
C THR G 115 -39.89 -2.68 32.33
N CYS G 116 -41.17 -2.67 32.76
CA CYS G 116 -42.30 -2.04 32.04
C CYS G 116 -42.09 -0.53 31.86
N GLN G 117 -41.45 0.12 32.84
CA GLN G 117 -41.18 1.56 32.83
C GLN G 117 -40.00 1.91 31.91
N ALA G 118 -39.03 0.98 31.78
CA ALA G 118 -37.83 1.13 30.95
C ALA G 118 -38.15 1.09 29.46
N LEU G 119 -39.27 0.45 29.08
CA LEU G 119 -39.72 0.31 27.69
C LEU G 119 -40.16 1.65 27.08
N VAL G 120 -40.58 2.61 27.93
CA VAL G 120 -41.00 3.95 27.50
C VAL G 120 -39.77 4.69 26.93
N VAL G 121 -38.61 4.56 27.61
CA VAL G 121 -37.34 5.15 27.19
C VAL G 121 -36.77 4.30 26.03
N LEU G 122 -36.58 2.98 26.26
CA LEU G 122 -36.08 2.04 25.27
C LEU G 122 -37.24 1.57 24.39
N SER G 123 -37.68 2.41 23.45
CA SER G 123 -38.79 2.07 22.57
C SER G 123 -38.31 1.64 21.19
N GLU G 124 -37.37 2.39 20.61
CA GLU G 124 -36.85 2.14 19.26
C GLU G 124 -35.59 1.26 19.27
N TRP G 125 -35.13 0.81 20.46
CA TRP G 125 -33.95 -0.04 20.61
C TRP G 125 -34.31 -1.53 20.82
N LEU G 126 -35.62 -1.81 20.98
CA LEU G 126 -36.16 -3.17 21.14
C LEU G 126 -36.13 -3.95 19.82
N PRO G 127 -36.18 -5.32 19.82
CA PRO G 127 -36.18 -6.06 18.53
C PRO G 127 -37.37 -5.66 17.65
N VAL G 128 -38.52 -5.38 18.28
CA VAL G 128 -39.72 -4.86 17.64
C VAL G 128 -39.78 -3.39 18.05
N THR G 129 -39.65 -2.46 17.08
CA THR G 129 -39.67 -1.03 17.38
C THR G 129 -41.10 -0.56 17.65
N GLY G 130 -41.25 0.45 18.50
CA GLY G 130 -42.53 1.04 18.88
C GLY G 130 -43.33 1.56 17.71
N THR G 131 -42.63 2.06 16.66
CA THR G 131 -43.19 2.59 15.41
C THR G 131 -43.77 1.44 14.58
N THR G 132 -43.17 0.23 14.68
CA THR G 132 -43.64 -0.98 13.98
C THR G 132 -44.95 -1.43 14.66
N MET G 133 -45.04 -1.32 16.00
CA MET G 133 -46.24 -1.68 16.77
C MET G 133 -47.36 -0.65 16.57
N ASP G 134 -46.99 0.58 16.20
CA ASP G 134 -47.92 1.67 15.91
C ASP G 134 -48.67 1.41 14.60
N GLY G 135 -48.00 0.78 13.64
CA GLY G 135 -48.55 0.44 12.34
C GLY G 135 -49.64 -0.61 12.42
N LEU G 136 -49.48 -1.57 13.35
CA LEU G 136 -50.42 -2.66 13.62
C LEU G 136 -51.66 -2.10 14.36
N SER G 137 -51.42 -1.42 15.50
CA SER G 137 -52.44 -0.76 16.32
C SER G 137 -51.94 0.62 16.74
N PRO G 138 -52.67 1.71 16.36
CA PRO G 138 -52.20 3.06 16.72
C PRO G 138 -52.13 3.29 18.22
N ALA G 139 -51.04 3.96 18.67
CA ALA G 139 -50.71 4.31 20.06
C ALA G 139 -50.67 3.06 20.97
N TYR G 140 -49.95 2.01 20.52
CA TYR G 140 -49.81 0.73 21.25
C TYR G 140 -49.19 0.96 22.65
N PRO G 141 -49.74 0.34 23.73
CA PRO G 141 -49.15 0.53 25.07
C PRO G 141 -47.71 0.01 25.14
N ARG G 142 -46.76 0.96 25.27
CA ARG G 142 -45.30 0.73 25.30
C ARG G 142 -44.86 -0.12 26.49
N HIS G 143 -45.63 -0.09 27.60
CA HIS G 143 -45.35 -0.85 28.84
C HIS G 143 -45.54 -2.36 28.64
N MET G 144 -46.22 -2.78 27.54
CA MET G 144 -46.50 -4.17 27.18
C MET G 144 -45.43 -4.76 26.25
N MET G 145 -44.42 -3.96 25.88
CA MET G 145 -43.39 -4.35 24.90
C MET G 145 -42.27 -5.23 25.49
N HIS G 146 -42.63 -6.18 26.36
CA HIS G 146 -41.78 -7.22 26.94
C HIS G 146 -42.65 -8.32 27.56
N PRO G 147 -42.36 -9.62 27.33
CA PRO G 147 -43.20 -10.70 27.87
C PRO G 147 -43.44 -10.68 29.38
N SER G 148 -42.49 -10.12 30.16
CA SER G 148 -42.54 -10.01 31.63
C SER G 148 -43.70 -9.13 32.14
N PHE G 149 -44.38 -8.38 31.24
CA PHE G 149 -45.50 -7.51 31.56
C PHE G 149 -46.66 -8.31 32.18
N ALA G 150 -46.80 -9.60 31.80
CA ALA G 150 -47.83 -10.51 32.33
C ALA G 150 -47.76 -10.65 33.86
N GLY G 151 -46.57 -10.40 34.42
CA GLY G 151 -46.33 -10.42 35.86
C GLY G 151 -46.92 -9.22 36.59
N MET G 152 -47.41 -8.21 35.83
CA MET G 152 -48.04 -6.99 36.34
C MET G 152 -49.56 -7.08 36.20
N VAL G 153 -50.04 -7.91 35.25
CA VAL G 153 -51.45 -8.14 34.91
C VAL G 153 -52.19 -8.76 36.11
N ASP G 154 -53.29 -8.10 36.52
CA ASP G 154 -54.14 -8.47 37.65
C ASP G 154 -55.19 -9.52 37.22
N PRO G 155 -55.13 -10.78 37.75
CA PRO G 155 -56.11 -11.79 37.34
C PRO G 155 -57.50 -11.60 37.96
N SER G 156 -57.62 -10.79 39.04
CA SER G 156 -58.90 -10.52 39.72
C SER G 156 -59.80 -9.58 38.89
N LEU G 157 -59.26 -8.98 37.80
CA LEU G 157 -59.98 -8.10 36.88
C LEU G 157 -61.13 -8.83 36.17
N PRO G 158 -62.25 -8.13 35.80
CA PRO G 158 -63.36 -8.82 35.12
C PRO G 158 -62.95 -9.48 33.80
N GLY G 159 -63.60 -10.60 33.49
CA GLY G 159 -63.36 -11.43 32.30
C GLY G 159 -63.08 -10.71 31.00
N ASP G 160 -63.98 -9.78 30.60
CA ASP G 160 -63.86 -8.99 29.37
C ASP G 160 -62.65 -8.06 29.40
N TYR G 161 -62.34 -7.50 30.59
CA TYR G 161 -61.22 -6.59 30.79
C TYR G 161 -59.90 -7.35 30.84
N LEU G 162 -59.86 -8.49 31.55
CA LEU G 162 -58.69 -9.36 31.70
C LEU G 162 -58.24 -9.91 30.33
N ARG G 163 -59.20 -10.33 29.49
CA ARG G 163 -58.95 -10.85 28.15
C ARG G 163 -58.43 -9.74 27.23
N ALA G 164 -58.91 -8.50 27.42
CA ALA G 164 -58.51 -7.32 26.64
C ALA G 164 -57.04 -6.92 26.89
N ILE G 165 -56.51 -7.20 28.09
CA ILE G 165 -55.12 -6.90 28.46
C ILE G 165 -54.20 -7.95 27.83
N LEU G 166 -54.58 -9.24 27.94
CA LEU G 166 -53.81 -10.39 27.43
C LEU G 166 -53.74 -10.39 25.89
N ASP G 167 -54.89 -10.19 25.19
CA ASP G 167 -54.98 -10.16 23.72
C ASP G 167 -54.11 -9.05 23.12
N ALA G 168 -54.15 -7.85 23.74
CA ALA G 168 -53.38 -6.68 23.33
C ALA G 168 -51.88 -6.96 23.46
N HIS G 169 -51.48 -7.60 24.58
CA HIS G 169 -50.09 -7.97 24.90
C HIS G 169 -49.62 -9.13 24.00
N SER G 170 -50.55 -10.02 23.61
CA SER G 170 -50.27 -11.16 22.73
C SER G 170 -49.88 -10.72 21.32
N LEU G 171 -50.42 -9.56 20.86
CA LEU G 171 -50.15 -8.95 19.54
C LEU G 171 -48.63 -8.69 19.39
N TYR G 172 -47.99 -8.17 20.45
CA TYR G 172 -46.54 -7.93 20.49
C TYR G 172 -45.79 -9.25 20.60
N LEU G 173 -46.26 -10.17 21.48
CA LEU G 173 -45.66 -11.49 21.71
C LEU G 173 -45.53 -12.26 20.40
N LEU G 174 -46.57 -12.19 19.55
CA LEU G 174 -46.62 -12.80 18.21
C LEU G 174 -45.52 -12.20 17.33
N GLN G 175 -45.36 -10.85 17.35
CA GLN G 175 -44.34 -10.13 16.59
C GLN G 175 -42.94 -10.42 17.15
N PHE G 176 -42.84 -10.54 18.49
CA PHE G 176 -41.59 -10.81 19.21
C PHE G 176 -41.09 -12.22 18.96
N SER G 177 -41.93 -13.25 19.27
CA SER G 177 -41.61 -14.67 19.13
C SER G 177 -41.20 -15.08 17.70
N ARG G 178 -41.73 -14.41 16.67
CA ARG G 178 -41.38 -14.71 15.28
C ARG G 178 -39.99 -14.15 14.94
N VAL G 179 -39.57 -13.07 15.63
CA VAL G 179 -38.28 -12.42 15.40
C VAL G 179 -37.15 -13.22 16.11
N ILE G 180 -37.31 -13.50 17.43
CA ILE G 180 -36.31 -14.20 18.24
C ILE G 180 -36.23 -15.71 17.90
N ASN G 181 -37.36 -16.34 17.53
CA ASN G 181 -37.43 -17.74 17.14
C ASN G 181 -37.71 -17.79 15.61
N PRO G 182 -36.70 -18.15 14.79
CA PRO G 182 -36.88 -18.14 13.32
C PRO G 182 -37.84 -19.22 12.79
N ASN G 183 -38.03 -20.32 13.55
CA ASN G 183 -38.90 -21.44 13.16
C ASN G 183 -40.39 -21.08 13.19
N LEU G 184 -40.79 -20.08 14.01
CA LEU G 184 -42.19 -19.65 14.16
C LEU G 184 -42.60 -18.59 13.10
N ARG G 185 -41.69 -18.22 12.18
CA ARG G 185 -41.93 -17.22 11.14
C ARG G 185 -43.00 -17.66 10.12
N GLY G 186 -42.87 -18.87 9.59
CA GLY G 186 -43.79 -19.42 8.60
C GLY G 186 -45.10 -19.94 9.17
N ARG G 187 -45.08 -20.32 10.46
CA ARG G 187 -46.23 -20.88 11.17
C ARG G 187 -47.28 -19.81 11.49
N THR G 188 -48.57 -20.21 11.43
CA THR G 188 -49.76 -19.36 11.65
C THR G 188 -49.87 -18.84 13.09
N LYS G 189 -50.79 -17.86 13.29
CA LYS G 189 -51.10 -17.17 14.55
C LYS G 189 -51.35 -18.16 15.71
N GLU G 190 -52.14 -19.22 15.45
CA GLU G 190 -52.51 -20.26 16.42
C GLU G 190 -51.30 -21.08 16.86
N GLU G 191 -50.37 -21.38 15.92
CA GLU G 191 -49.15 -22.15 16.18
C GLU G 191 -48.17 -21.37 17.07
N VAL G 192 -48.05 -20.05 16.82
CA VAL G 192 -47.19 -19.13 17.57
C VAL G 192 -47.79 -18.89 18.97
N ALA G 193 -49.14 -18.77 19.06
CA ALA G 193 -49.88 -18.54 20.31
C ALA G 193 -49.64 -19.65 21.34
N ALA G 194 -49.61 -20.92 20.89
CA ALA G 194 -49.41 -22.11 21.73
C ALA G 194 -48.05 -22.13 22.46
N THR G 195 -47.04 -21.40 21.94
CA THR G 195 -45.70 -21.34 22.54
C THR G 195 -45.58 -20.32 23.67
N PHE G 196 -46.31 -19.18 23.60
CA PHE G 196 -46.19 -18.16 24.65
C PHE G 196 -47.35 -18.16 25.69
N THR G 197 -48.47 -18.89 25.44
CA THR G 197 -49.64 -18.92 26.34
C THR G 197 -49.29 -19.46 27.74
N GLN G 198 -48.70 -20.68 27.83
CA GLN G 198 -48.33 -21.36 29.08
C GLN G 198 -47.48 -20.46 30.03
N PRO G 199 -46.32 -19.86 29.62
CA PRO G 199 -45.57 -19.01 30.56
C PRO G 199 -46.27 -17.68 30.85
N MET G 200 -47.09 -17.16 29.92
CA MET G 200 -47.85 -15.91 30.08
C MET G 200 -48.94 -16.09 31.14
N ASN G 201 -49.71 -17.20 31.06
CA ASN G 201 -50.78 -17.53 31.99
C ASN G 201 -50.24 -17.74 33.41
N ALA G 202 -49.06 -18.40 33.53
CA ALA G 202 -48.38 -18.69 34.79
C ALA G 202 -47.95 -17.41 35.52
N ALA G 203 -47.53 -16.37 34.78
CA ALA G 203 -47.08 -15.10 35.33
C ALA G 203 -48.24 -14.27 35.88
N VAL G 204 -49.42 -14.35 35.24
CA VAL G 204 -50.64 -13.62 35.65
C VAL G 204 -51.21 -14.27 36.93
N ASN G 205 -51.27 -15.61 36.96
CA ASN G 205 -51.82 -16.40 38.06
C ASN G 205 -50.80 -16.65 39.21
N SER G 206 -49.56 -16.13 39.07
CA SER G 206 -48.51 -16.27 40.11
C SER G 206 -48.85 -15.44 41.36
N ASN G 207 -48.51 -15.98 42.53
CA ASN G 207 -48.79 -15.36 43.83
C ASN G 207 -47.89 -14.14 44.14
N PHE G 208 -46.80 -13.92 43.36
CA PHE G 208 -45.87 -12.80 43.56
C PHE G 208 -46.52 -11.47 43.16
N ILE G 209 -46.59 -10.53 44.13
CA ILE G 209 -47.22 -9.20 44.07
C ILE G 209 -48.76 -9.40 44.06
N SER G 210 -49.44 -8.90 45.12
CA SER G 210 -50.88 -9.02 45.32
C SER G 210 -51.71 -8.40 44.18
N HIS G 211 -52.96 -8.87 44.03
CA HIS G 211 -53.94 -8.47 43.03
C HIS G 211 -54.23 -6.97 43.03
N GLU G 212 -54.32 -6.36 44.24
CA GLU G 212 -54.58 -4.94 44.43
C GLU G 212 -53.37 -4.08 44.05
N LYS G 213 -52.14 -4.54 44.40
CA LYS G 213 -50.89 -3.86 44.08
C LYS G 213 -50.62 -3.91 42.57
N ARG G 214 -50.95 -5.05 41.94
CA ARG G 214 -50.84 -5.29 40.49
C ARG G 214 -51.74 -4.33 39.71
N ARG G 215 -52.97 -4.12 40.23
CA ARG G 215 -53.99 -3.24 39.67
C ARG G 215 -53.54 -1.77 39.72
N GLU G 216 -52.81 -1.39 40.79
CA GLU G 216 -52.27 -0.04 40.99
C GLU G 216 -51.23 0.31 39.92
N PHE G 217 -50.39 -0.68 39.55
CA PHE G 217 -49.34 -0.51 38.53
C PHE G 217 -49.93 -0.23 37.16
N LEU G 218 -50.98 -0.99 36.77
CA LEU G 218 -51.70 -0.85 35.50
C LEU G 218 -52.40 0.52 35.42
N LYS G 219 -52.85 1.06 36.56
CA LYS G 219 -53.46 2.39 36.67
C LYS G 219 -52.40 3.48 36.53
N ALA G 220 -51.21 3.26 37.14
CA ALA G 220 -50.06 4.17 37.12
C ALA G 220 -49.44 4.26 35.73
N PHE G 221 -49.39 3.13 34.99
CA PHE G 221 -48.85 3.06 33.63
C PHE G 221 -49.81 3.68 32.60
N GLY G 222 -51.07 3.90 33.01
CA GLY G 222 -52.12 4.46 32.18
C GLY G 222 -52.73 3.44 31.25
N LEU G 223 -52.92 2.21 31.75
CA LEU G 223 -53.50 1.09 31.00
C LEU G 223 -54.97 0.93 31.33
N VAL G 224 -55.34 0.98 32.63
CA VAL G 224 -56.73 0.87 33.10
C VAL G 224 -57.13 2.13 33.91
N ASP G 225 -58.44 2.41 33.99
CA ASP G 225 -58.97 3.56 34.73
C ASP G 225 -59.11 3.24 36.25
N SER G 226 -59.78 4.12 37.00
CA SER G 226 -60.02 4.00 38.45
C SER G 226 -60.74 2.71 38.86
N ASN G 227 -61.61 2.17 37.98
CA ASN G 227 -62.38 0.94 38.26
C ASN G 227 -61.61 -0.31 37.79
N GLY G 228 -61.22 -0.34 36.51
CA GLY G 228 -60.50 -1.45 35.92
C GLY G 228 -60.66 -1.61 34.42
N LYS G 229 -61.42 -0.69 33.79
CA LYS G 229 -61.67 -0.68 32.35
C LYS G 229 -60.42 -0.23 31.58
N PRO G 230 -59.93 -1.02 30.58
CA PRO G 230 -58.73 -0.61 29.84
C PRO G 230 -58.97 0.58 28.92
N SER G 231 -57.88 1.30 28.58
CA SER G 231 -57.90 2.48 27.72
C SER G 231 -58.17 2.09 26.26
N ALA G 232 -58.51 3.10 25.42
CA ALA G 232 -58.78 2.95 23.98
C ALA G 232 -57.59 2.34 23.22
N ALA G 233 -56.36 2.59 23.71
CA ALA G 233 -55.10 2.07 23.17
C ALA G 233 -55.00 0.55 23.36
N VAL G 234 -55.45 0.04 24.53
CA VAL G 234 -55.46 -1.38 24.88
C VAL G 234 -56.56 -2.10 24.10
N MET G 235 -57.75 -1.46 24.01
CA MET G 235 -58.93 -2.01 23.32
C MET G 235 -58.70 -2.18 21.81
N ALA G 236 -58.00 -1.22 21.16
CA ALA G 236 -57.71 -1.27 19.72
C ALA G 236 -56.68 -2.37 19.41
N ALA G 237 -55.68 -2.56 20.32
CA ALA G 237 -54.63 -3.57 20.19
C ALA G 237 -55.18 -4.98 20.39
N ALA G 238 -56.21 -5.13 21.26
CA ALA G 238 -56.88 -6.41 21.52
C ALA G 238 -57.76 -6.81 20.32
N GLN G 239 -58.36 -5.80 19.65
CA GLN G 239 -59.20 -5.97 18.46
C GLN G 239 -58.32 -6.30 17.24
N ALA G 240 -57.09 -5.74 17.20
CA ALA G 240 -56.11 -5.97 16.13
C ALA G 240 -55.59 -7.41 16.14
N TYR G 241 -55.48 -8.03 17.34
CA TYR G 241 -55.02 -9.41 17.53
C TYR G 241 -56.05 -10.42 17.02
N LYS G 242 -57.35 -10.06 17.09
CA LYS G 242 -58.47 -10.90 16.64
C LYS G 242 -58.49 -11.05 15.11
N THR G 243 -58.06 -10.01 14.37
CA THR G 243 -58.01 -9.99 12.91
C THR G 243 -56.56 -10.15 12.38
N ALA G 244 -55.59 -10.38 13.28
CA ALA G 244 -54.17 -10.56 12.97
C ALA G 244 -53.91 -11.87 12.19
N ALA G 245 -52.84 -11.89 11.38
CA ALA G 245 -52.43 -13.04 10.59
C ALA G 245 -51.25 -13.77 11.24
N GLN H 5 -70.56 -72.91 -4.64
CA GLN H 5 -69.57 -72.21 -3.83
C GLN H 5 -70.16 -70.91 -3.21
N GLU H 6 -71.09 -70.26 -3.91
CA GLU H 6 -71.77 -69.04 -3.44
C GLU H 6 -72.84 -69.44 -2.41
N LEU H 7 -72.38 -69.82 -1.20
CA LEU H 7 -73.22 -70.25 -0.09
C LEU H 7 -73.20 -69.22 1.06
N ALA H 8 -72.50 -68.09 0.83
CA ALA H 8 -72.38 -66.99 1.78
C ALA H 8 -73.72 -66.23 1.94
N ILE H 9 -74.59 -66.31 0.91
CA ILE H 9 -75.92 -65.69 0.85
C ILE H 9 -76.81 -66.29 1.96
N GLN H 10 -76.71 -67.62 2.17
CA GLN H 10 -77.44 -68.37 3.19
C GLN H 10 -76.95 -68.00 4.60
N PHE H 11 -75.63 -67.74 4.72
CA PHE H 11 -74.99 -67.32 5.98
C PHE H 11 -75.41 -65.88 6.32
N ALA H 12 -75.63 -65.06 5.28
CA ALA H 12 -76.05 -63.66 5.38
C ALA H 12 -77.55 -63.53 5.65
N ALA H 13 -78.35 -64.48 5.12
CA ALA H 13 -79.81 -64.52 5.27
C ALA H 13 -80.23 -64.82 6.72
N GLN H 14 -79.28 -65.34 7.54
CA GLN H 14 -79.46 -65.66 8.96
C GLN H 14 -79.82 -64.42 9.77
N ALA H 15 -80.80 -64.54 10.68
CA ALA H 15 -81.24 -63.44 11.54
C ALA H 15 -80.17 -63.14 12.59
N VAL H 16 -79.73 -61.87 12.68
CA VAL H 16 -78.70 -61.44 13.62
C VAL H 16 -79.25 -61.39 15.04
N ASP H 17 -78.60 -62.12 15.97
CA ASP H 17 -78.97 -62.16 17.38
C ASP H 17 -78.22 -61.04 18.10
N ARG H 18 -78.96 -59.99 18.49
CA ARG H 18 -78.48 -58.77 19.15
C ARG H 18 -77.65 -59.09 20.41
N ASN H 19 -78.13 -59.98 21.28
CA ASN H 19 -77.47 -60.33 22.53
C ASN H 19 -76.30 -61.32 22.36
N GLU H 20 -76.33 -62.16 21.30
CA GLU H 20 -75.25 -63.11 20.99
C GLU H 20 -73.97 -62.35 20.61
N ILE H 21 -74.13 -61.22 19.90
CA ILE H 21 -73.06 -60.32 19.47
C ILE H 21 -72.57 -59.51 20.71
N GLU H 22 -73.53 -59.11 21.58
CA GLU H 22 -73.29 -58.35 22.81
C GLU H 22 -72.40 -59.12 23.81
N GLN H 23 -72.45 -60.46 23.78
CA GLN H 23 -71.65 -61.34 24.63
C GLN H 23 -70.17 -61.34 24.20
N TRP H 24 -69.94 -61.38 22.87
CA TRP H 24 -68.61 -61.43 22.28
C TRP H 24 -67.90 -60.07 22.29
N VAL H 25 -68.64 -58.94 22.16
CA VAL H 25 -68.04 -57.60 22.17
C VAL H 25 -67.44 -57.30 23.58
N ARG H 26 -68.13 -57.75 24.66
CA ARG H 26 -67.68 -57.58 26.04
C ARG H 26 -66.51 -58.52 26.33
N GLU H 27 -66.48 -59.70 25.67
CA GLU H 27 -65.43 -60.71 25.80
C GLU H 27 -64.17 -60.25 25.07
N PHE H 28 -64.32 -59.74 23.83
CA PHE H 28 -63.22 -59.25 22.99
C PHE H 28 -63.06 -57.71 23.11
N ALA H 29 -63.30 -57.16 24.32
CA ALA H 29 -63.19 -55.74 24.61
C ALA H 29 -61.75 -55.31 24.87
N TYR H 30 -61.45 -54.02 24.69
CA TYR H 30 -60.14 -53.45 24.96
C TYR H 30 -59.93 -53.41 26.48
N GLN H 31 -58.72 -53.82 26.92
CA GLN H 31 -58.35 -53.83 28.34
C GLN H 31 -58.24 -52.39 28.87
N GLY H 32 -57.14 -51.70 28.55
CA GLY H 32 -56.85 -50.32 28.92
C GLY H 32 -57.18 -49.94 30.35
N PHE H 33 -58.23 -49.12 30.51
CA PHE H 33 -58.73 -48.65 31.81
C PHE H 33 -60.11 -49.25 32.09
N ASP H 34 -60.26 -49.83 33.30
CA ASP H 34 -61.50 -50.43 33.78
C ASP H 34 -61.85 -49.78 35.11
N ALA H 35 -62.86 -48.88 35.10
CA ALA H 35 -63.33 -48.10 36.26
C ALA H 35 -63.68 -48.97 37.47
N ARG H 36 -64.26 -50.17 37.23
CA ARG H 36 -64.64 -51.13 38.28
C ARG H 36 -63.40 -51.71 38.97
N ARG H 37 -62.33 -51.95 38.21
CA ARG H 37 -61.06 -52.50 38.69
C ARG H 37 -60.27 -51.45 39.49
N VAL H 38 -60.35 -50.17 39.07
CA VAL H 38 -59.64 -49.04 39.70
C VAL H 38 -60.10 -48.88 41.17
N ILE H 39 -61.44 -48.82 41.41
CA ILE H 39 -62.05 -48.69 42.74
C ILE H 39 -61.73 -49.93 43.58
N GLU H 40 -61.75 -51.13 42.94
CA GLU H 40 -61.44 -52.42 43.55
C GLU H 40 -59.98 -52.45 44.05
N LEU H 41 -59.05 -51.83 43.29
CA LEU H 41 -57.63 -51.76 43.62
C LEU H 41 -57.37 -50.65 44.65
N LEU H 42 -58.13 -49.52 44.58
CA LEU H 42 -58.00 -48.38 45.51
C LEU H 42 -58.31 -48.80 46.94
N LYS H 43 -59.35 -49.63 47.14
CA LYS H 43 -59.76 -50.15 48.45
C LYS H 43 -58.84 -51.29 48.91
N GLN H 44 -58.18 -51.97 47.95
CA GLN H 44 -57.27 -53.08 48.20
C GLN H 44 -55.95 -52.58 48.81
N TYR H 45 -55.39 -51.48 48.29
CA TYR H 45 -54.14 -50.89 48.77
C TYR H 45 -54.34 -49.86 49.88
N GLY H 46 -55.27 -48.92 49.66
CA GLY H 46 -55.55 -47.83 50.58
C GLY H 46 -56.26 -48.20 51.87
N GLY H 47 -57.26 -49.08 51.76
CA GLY H 47 -58.05 -49.53 52.89
C GLY H 47 -59.13 -48.52 53.25
N ALA H 48 -59.02 -47.90 54.42
CA ALA H 48 -59.97 -46.92 54.95
C ALA H 48 -59.61 -45.50 54.51
N ASP H 49 -58.31 -45.21 54.32
CA ASP H 49 -57.79 -43.90 53.92
C ASP H 49 -57.75 -43.76 52.39
N TRP H 50 -58.48 -44.62 51.64
CA TRP H 50 -58.51 -44.60 50.18
C TRP H 50 -59.25 -43.38 49.62
N GLU H 51 -60.28 -42.87 50.32
CA GLU H 51 -61.08 -41.72 49.90
C GLU H 51 -60.30 -40.40 50.00
N LYS H 52 -59.51 -40.22 51.08
CA LYS H 52 -58.70 -39.01 51.30
C LYS H 52 -57.54 -38.96 50.30
N ASP H 53 -56.91 -40.12 50.03
CA ASP H 53 -55.79 -40.24 49.09
C ASP H 53 -56.23 -40.07 47.64
N ALA H 54 -57.48 -40.51 47.31
CA ALA H 54 -58.06 -40.36 45.97
C ALA H 54 -58.26 -38.89 45.63
N LYS H 55 -58.69 -38.08 46.63
CA LYS H 55 -58.90 -36.63 46.53
C LYS H 55 -57.55 -35.94 46.26
N LYS H 56 -56.47 -36.43 46.90
CA LYS H 56 -55.10 -35.93 46.73
C LYS H 56 -54.57 -36.26 45.34
N MET H 57 -54.86 -37.48 44.85
CA MET H 57 -54.43 -37.98 43.54
C MET H 57 -55.15 -37.28 42.38
N ILE H 58 -56.40 -36.79 42.60
CA ILE H 58 -57.18 -36.07 41.59
C ILE H 58 -56.54 -34.69 41.36
N VAL H 59 -56.21 -33.96 42.46
CA VAL H 59 -55.57 -32.64 42.44
C VAL H 59 -54.17 -32.74 41.80
N LEU H 60 -53.43 -33.83 42.10
CA LEU H 60 -52.10 -34.12 41.60
C LEU H 60 -52.08 -34.37 40.07
N ALA H 61 -53.05 -35.16 39.56
CA ALA H 61 -53.16 -35.51 38.14
C ALA H 61 -53.65 -34.33 37.29
N LEU H 62 -54.50 -33.47 37.87
CA LEU H 62 -55.09 -32.31 37.19
C LEU H 62 -54.10 -31.15 37.01
N THR H 63 -53.31 -30.85 38.06
CA THR H 63 -52.36 -29.73 38.06
C THR H 63 -51.01 -30.10 37.47
N ARG H 64 -50.46 -31.28 37.79
CA ARG H 64 -49.14 -31.69 37.31
C ARG H 64 -49.24 -32.60 36.07
N GLY H 65 -49.50 -33.89 36.26
CA GLY H 65 -49.62 -34.84 35.15
C GLY H 65 -49.83 -36.29 35.53
N ASN H 66 -49.39 -37.22 34.66
CA ASN H 66 -49.55 -38.67 34.87
C ASN H 66 -48.25 -39.32 35.37
N LYS H 67 -47.07 -38.83 34.92
CA LYS H 67 -45.75 -39.36 35.32
C LYS H 67 -45.42 -38.91 36.77
N PRO H 68 -45.41 -39.82 37.77
CA PRO H 68 -45.16 -39.38 39.15
C PRO H 68 -43.68 -39.16 39.49
N ARG H 69 -42.77 -39.94 38.88
CA ARG H 69 -41.33 -39.85 39.12
C ARG H 69 -40.73 -38.60 38.45
N ARG H 70 -41.33 -38.15 37.33
CA ARG H 70 -40.88 -36.98 36.58
C ARG H 70 -41.28 -35.66 37.27
N MET H 71 -42.50 -35.60 37.83
CA MET H 71 -43.02 -34.41 38.52
C MET H 71 -42.36 -34.21 39.90
N MET H 72 -41.85 -35.31 40.51
CA MET H 72 -41.18 -35.31 41.81
C MET H 72 -39.83 -34.58 41.77
N MET H 73 -39.19 -34.52 40.59
CA MET H 73 -37.90 -33.86 40.37
C MET H 73 -38.00 -32.35 40.60
N LYS H 74 -39.10 -31.73 40.16
CA LYS H 74 -39.36 -30.29 40.32
C LYS H 74 -40.59 -30.10 41.22
N MET H 75 -40.41 -30.36 42.53
CA MET H 75 -41.45 -30.26 43.56
C MET H 75 -40.84 -29.95 44.93
N SER H 76 -41.65 -29.40 45.86
CA SER H 76 -41.25 -29.06 47.23
C SER H 76 -41.02 -30.32 48.07
N LYS H 77 -40.27 -30.20 49.19
CA LYS H 77 -39.94 -31.29 50.12
C LYS H 77 -41.21 -31.91 50.74
N GLU H 78 -42.24 -31.07 50.98
CA GLU H 78 -43.54 -31.47 51.54
C GLU H 78 -44.30 -32.34 50.53
N GLY H 79 -44.23 -31.97 49.25
CA GLY H 79 -44.87 -32.68 48.16
C GLY H 79 -44.17 -33.99 47.83
N LYS H 80 -42.81 -33.97 47.78
CA LYS H 80 -41.94 -35.12 47.50
C LYS H 80 -42.24 -36.32 48.41
N ALA H 81 -42.48 -36.07 49.71
CA ALA H 81 -42.76 -37.11 50.69
C ALA H 81 -44.19 -37.68 50.53
N THR H 82 -45.18 -36.81 50.27
CA THR H 82 -46.59 -37.18 50.12
C THR H 82 -46.83 -37.96 48.81
N VAL H 83 -46.18 -37.55 47.69
CA VAL H 83 -46.31 -38.20 46.38
C VAL H 83 -45.66 -39.60 46.43
N GLU H 84 -44.44 -39.72 47.00
CA GLU H 84 -43.72 -41.00 47.14
C GLU H 84 -44.49 -41.99 48.02
N ALA H 85 -45.24 -41.49 49.01
CA ALA H 85 -46.06 -42.29 49.91
C ALA H 85 -47.20 -42.97 49.15
N LEU H 86 -47.75 -42.28 48.12
CA LEU H 86 -48.84 -42.77 47.26
C LEU H 86 -48.33 -43.82 46.26
N ILE H 87 -47.08 -43.66 45.76
CA ILE H 87 -46.44 -44.56 44.82
C ILE H 87 -46.12 -45.91 45.49
N ASN H 88 -45.58 -45.87 46.73
CA ASN H 88 -45.22 -47.06 47.49
C ASN H 88 -46.45 -47.81 48.07
N LYS H 89 -47.60 -47.14 48.19
CA LYS H 89 -48.82 -47.73 48.74
C LYS H 89 -49.72 -48.30 47.64
N TYR H 90 -50.11 -47.47 46.66
CA TYR H 90 -51.02 -47.83 45.57
C TYR H 90 -50.32 -48.44 44.35
N LYS H 91 -48.96 -48.50 44.36
CA LYS H 91 -48.10 -49.03 43.29
C LYS H 91 -48.42 -48.32 41.96
N LEU H 92 -48.45 -46.98 42.00
CA LEU H 92 -48.77 -46.10 40.87
C LEU H 92 -47.66 -46.14 39.82
N LYS H 93 -48.05 -46.19 38.54
CA LYS H 93 -47.13 -46.24 37.40
C LYS H 93 -47.35 -45.06 36.44
N GLU H 94 -46.57 -45.01 35.36
CA GLU H 94 -46.65 -43.97 34.33
C GLU H 94 -46.79 -44.59 32.94
N GLY H 95 -47.65 -43.98 32.13
CA GLY H 95 -47.95 -44.43 30.79
C GLY H 95 -49.20 -45.27 30.71
N ASN H 96 -49.20 -46.27 29.81
CA ASN H 96 -50.34 -47.16 29.61
C ASN H 96 -49.96 -48.62 29.99
N PRO H 97 -50.09 -48.99 31.29
CA PRO H 97 -49.73 -50.35 31.69
C PRO H 97 -50.89 -51.34 31.61
N SER H 98 -50.78 -52.50 32.31
CA SER H 98 -51.78 -53.56 32.34
C SER H 98 -53.03 -53.18 33.16
N ARG H 99 -54.08 -54.02 33.07
CA ARG H 99 -55.39 -53.89 33.73
C ARG H 99 -55.27 -53.81 35.25
N ASP H 100 -54.36 -54.61 35.85
CA ASP H 100 -54.14 -54.70 37.29
C ASP H 100 -53.29 -53.53 37.84
N GLU H 101 -52.74 -52.67 36.96
CA GLU H 101 -51.90 -51.54 37.36
C GLU H 101 -52.72 -50.23 37.45
N LEU H 102 -52.27 -49.30 38.31
CA LEU H 102 -52.91 -48.01 38.55
C LEU H 102 -52.02 -46.84 38.11
N THR H 103 -52.66 -45.79 37.54
CA THR H 103 -52.01 -44.55 37.12
C THR H 103 -52.87 -43.39 37.64
N LEU H 104 -52.27 -42.18 37.77
CA LEU H 104 -52.94 -40.98 38.24
C LEU H 104 -54.11 -40.57 37.34
N SER H 105 -53.98 -40.82 36.02
CA SER H 105 -55.02 -40.52 35.03
C SER H 105 -56.20 -41.50 35.14
N ARG H 106 -55.93 -42.78 35.49
CA ARG H 106 -56.95 -43.82 35.64
C ARG H 106 -57.82 -43.59 36.88
N VAL H 107 -57.24 -43.04 37.96
CA VAL H 107 -57.95 -42.74 39.20
C VAL H 107 -58.88 -41.53 38.95
N ALA H 108 -58.39 -40.54 38.18
CA ALA H 108 -59.13 -39.32 37.82
C ALA H 108 -60.27 -39.63 36.84
N ALA H 109 -60.11 -40.68 36.01
CA ALA H 109 -61.10 -41.12 35.01
C ALA H 109 -62.23 -41.95 35.66
N ALA H 110 -61.90 -42.81 36.64
CA ALA H 110 -62.85 -43.66 37.36
C ALA H 110 -63.79 -42.84 38.25
N LEU H 111 -63.24 -41.83 38.94
CA LEU H 111 -64.01 -40.94 39.82
C LEU H 111 -64.20 -39.61 39.10
N ALA H 112 -64.83 -39.68 37.91
CA ALA H 112 -65.11 -38.56 37.00
C ALA H 112 -65.98 -37.46 37.61
N GLY H 113 -66.89 -37.85 38.51
CA GLY H 113 -67.80 -36.95 39.20
C GLY H 113 -67.11 -35.94 40.11
N ARG H 114 -66.13 -36.41 40.91
CA ARG H 114 -65.34 -35.59 41.82
C ARG H 114 -64.31 -34.75 41.04
N THR H 115 -63.75 -35.34 39.97
CA THR H 115 -62.74 -34.74 39.08
C THR H 115 -63.31 -33.48 38.39
N CYS H 116 -64.54 -33.57 37.82
CA CYS H 116 -65.22 -32.47 37.12
C CYS H 116 -65.55 -31.32 38.07
N GLN H 117 -65.92 -31.64 39.33
CA GLN H 117 -66.24 -30.65 40.37
C GLN H 117 -64.98 -29.91 40.85
N ALA H 118 -63.82 -30.61 40.83
CA ALA H 118 -62.52 -30.07 41.24
C ALA H 118 -61.98 -29.03 40.24
N LEU H 119 -62.45 -29.09 38.98
CA LEU H 119 -62.06 -28.19 37.88
C LEU H 119 -62.56 -26.75 38.10
N VAL H 120 -63.65 -26.59 38.89
CA VAL H 120 -64.24 -25.28 39.22
C VAL H 120 -63.25 -24.51 40.13
N VAL H 121 -62.66 -25.23 41.11
CA VAL H 121 -61.66 -24.68 42.04
C VAL H 121 -60.32 -24.54 41.29
N LEU H 122 -59.82 -25.67 40.74
CA LEU H 122 -58.56 -25.72 39.98
C LEU H 122 -58.83 -25.30 38.53
N SER H 123 -59.01 -23.99 38.30
CA SER H 123 -59.31 -23.44 36.98
C SER H 123 -58.08 -22.84 36.31
N GLU H 124 -57.29 -22.06 37.07
CA GLU H 124 -56.10 -21.37 36.55
C GLU H 124 -54.81 -22.16 36.82
N TRP H 125 -54.90 -23.36 37.43
CA TRP H 125 -53.74 -24.22 37.74
C TRP H 125 -53.59 -25.37 36.73
N LEU H 126 -54.56 -25.52 35.81
CA LEU H 126 -54.56 -26.52 34.74
C LEU H 126 -53.56 -26.13 33.63
N PRO H 127 -53.10 -27.06 32.73
CA PRO H 127 -52.19 -26.65 31.65
C PRO H 127 -52.83 -25.62 30.72
N VAL H 128 -54.15 -25.75 30.50
CA VAL H 128 -54.99 -24.83 29.73
C VAL H 128 -55.92 -24.16 30.75
N THR H 129 -55.70 -22.85 30.99
CA THR H 129 -56.48 -22.07 31.96
C THR H 129 -57.89 -21.77 31.46
N GLY H 130 -58.79 -21.45 32.39
CA GLY H 130 -60.19 -21.11 32.12
C GLY H 130 -60.34 -19.82 31.33
N THR H 131 -59.41 -18.87 31.55
CA THR H 131 -59.37 -17.57 30.88
C THR H 131 -59.03 -17.76 29.39
N THR H 132 -58.15 -18.75 29.08
CA THR H 132 -57.73 -19.10 27.72
C THR H 132 -58.94 -19.70 26.96
N MET H 133 -59.73 -20.55 27.64
CA MET H 133 -60.91 -21.19 27.08
C MET H 133 -62.05 -20.18 26.89
N ASP H 134 -62.08 -19.13 27.72
CA ASP H 134 -63.08 -18.05 27.66
C ASP H 134 -62.88 -17.17 26.43
N GLY H 135 -61.63 -17.10 25.94
CA GLY H 135 -61.25 -16.34 24.75
C GLY H 135 -61.78 -16.96 23.47
N LEU H 136 -61.77 -18.31 23.41
CA LEU H 136 -62.26 -19.09 22.26
C LEU H 136 -63.79 -19.10 22.25
N SER H 137 -64.41 -19.40 23.42
CA SER H 137 -65.85 -19.45 23.62
C SER H 137 -66.21 -18.71 24.92
N PRO H 138 -67.05 -17.64 24.87
CA PRO H 138 -67.39 -16.91 26.10
C PRO H 138 -68.10 -17.79 27.13
N ALA H 139 -67.64 -17.71 28.40
CA ALA H 139 -68.11 -18.45 29.57
C ALA H 139 -68.11 -19.98 29.31
N TYR H 140 -66.93 -20.54 29.00
CA TYR H 140 -66.74 -21.96 28.70
C TYR H 140 -66.99 -22.81 29.97
N PRO H 141 -67.76 -23.93 29.86
CA PRO H 141 -68.03 -24.76 31.04
C PRO H 141 -66.76 -25.39 31.63
N ARG H 142 -66.48 -25.06 32.90
CA ARG H 142 -65.30 -25.51 33.66
C ARG H 142 -65.27 -27.03 33.88
N HIS H 143 -66.46 -27.66 33.99
CA HIS H 143 -66.61 -29.10 34.23
C HIS H 143 -66.12 -29.96 33.03
N MET H 144 -66.09 -29.37 31.82
CA MET H 144 -65.66 -30.05 30.58
C MET H 144 -64.13 -30.04 30.41
N MET H 145 -63.41 -29.29 31.26
CA MET H 145 -61.96 -29.05 31.16
C MET H 145 -61.07 -30.21 31.67
N HIS H 146 -61.38 -31.46 31.25
CA HIS H 146 -60.60 -32.67 31.53
C HIS H 146 -61.11 -33.85 30.68
N PRO H 147 -60.22 -34.70 30.10
CA PRO H 147 -60.70 -35.82 29.26
C PRO H 147 -61.61 -36.82 29.99
N SER H 148 -61.60 -36.84 31.34
CA SER H 148 -62.40 -37.72 32.17
C SER H 148 -63.90 -37.34 32.15
N PHE H 149 -64.25 -36.13 31.65
CA PHE H 149 -65.62 -35.65 31.53
C PHE H 149 -66.46 -36.56 30.61
N ALA H 150 -65.80 -37.23 29.63
CA ALA H 150 -66.44 -38.14 28.68
C ALA H 150 -67.17 -39.31 29.39
N GLY H 151 -66.74 -39.63 30.62
CA GLY H 151 -67.34 -40.65 31.47
C GLY H 151 -68.60 -40.19 32.17
N MET H 152 -68.89 -38.87 32.11
CA MET H 152 -70.08 -38.23 32.70
C MET H 152 -71.14 -37.96 31.61
N VAL H 153 -70.77 -38.09 30.32
CA VAL H 153 -71.64 -37.85 29.17
C VAL H 153 -72.64 -39.02 29.03
N ASP H 154 -73.94 -38.68 28.89
CA ASP H 154 -75.04 -39.63 28.74
C ASP H 154 -75.25 -39.96 27.24
N PRO H 155 -75.01 -41.23 26.80
CA PRO H 155 -75.20 -41.55 25.37
C PRO H 155 -76.67 -41.68 24.95
N SER H 156 -77.60 -41.85 25.92
CA SER H 156 -79.04 -41.98 25.64
C SER H 156 -79.68 -40.63 25.22
N LEU H 157 -78.92 -39.51 25.35
CA LEU H 157 -79.33 -38.15 24.98
C LEU H 157 -79.61 -38.06 23.46
N PRO H 158 -80.55 -37.19 23.00
CA PRO H 158 -80.81 -37.08 21.56
C PRO H 158 -79.58 -36.68 20.74
N GLY H 159 -79.51 -37.19 19.51
CA GLY H 159 -78.42 -37.00 18.56
C GLY H 159 -77.81 -35.62 18.50
N ASP H 160 -78.64 -34.59 18.29
CA ASP H 160 -78.21 -33.18 18.19
C ASP H 160 -77.64 -32.67 19.52
N TYR H 161 -78.21 -33.12 20.65
CA TYR H 161 -77.77 -32.73 21.99
C TYR H 161 -76.49 -33.45 22.39
N LEU H 162 -76.40 -34.76 22.10
CA LEU H 162 -75.24 -35.60 22.40
C LEU H 162 -74.00 -35.10 21.66
N ARG H 163 -74.16 -34.74 20.37
CA ARG H 163 -73.09 -34.22 19.53
C ARG H 163 -72.63 -32.84 20.03
N ALA H 164 -73.57 -31.99 20.50
CA ALA H 164 -73.31 -30.65 21.02
C ALA H 164 -72.42 -30.67 22.28
N ILE H 165 -72.63 -31.68 23.17
CA ILE H 165 -71.86 -31.86 24.39
C ILE H 165 -70.42 -32.29 24.02
N LEU H 166 -70.30 -33.26 23.08
CA LEU H 166 -69.04 -33.81 22.61
C LEU H 166 -68.25 -32.82 21.74
N ASP H 167 -68.94 -31.97 20.95
CA ASP H 167 -68.31 -30.95 20.09
C ASP H 167 -67.73 -29.82 20.96
N ALA H 168 -68.42 -29.47 22.05
CA ALA H 168 -67.99 -28.46 23.02
C ALA H 168 -66.83 -28.99 23.85
N HIS H 169 -66.83 -30.30 24.17
CA HIS H 169 -65.77 -30.98 24.94
C HIS H 169 -64.51 -31.13 24.08
N SER H 170 -64.69 -31.33 22.77
CA SER H 170 -63.60 -31.47 21.78
C SER H 170 -62.78 -30.17 21.67
N LEU H 171 -63.41 -29.02 21.98
CA LEU H 171 -62.78 -27.69 21.95
C LEU H 171 -61.66 -27.61 22.99
N TYR H 172 -61.87 -28.17 24.21
CA TYR H 172 -60.86 -28.22 25.26
C TYR H 172 -59.77 -29.22 24.89
N LEU H 173 -60.18 -30.43 24.46
CA LEU H 173 -59.29 -31.53 24.08
C LEU H 173 -58.37 -31.14 22.92
N LEU H 174 -58.81 -30.19 22.06
CA LEU H 174 -58.02 -29.67 20.95
C LEU H 174 -56.83 -28.86 21.48
N GLN H 175 -57.09 -27.95 22.44
CA GLN H 175 -56.08 -27.10 23.06
C GLN H 175 -55.22 -27.87 24.06
N PHE H 176 -55.83 -28.82 24.81
CA PHE H 176 -55.15 -29.63 25.82
C PHE H 176 -54.15 -30.61 25.19
N SER H 177 -54.55 -31.32 24.10
CA SER H 177 -53.67 -32.28 23.39
C SER H 177 -52.47 -31.59 22.77
N ARG H 178 -52.64 -30.34 22.28
CA ARG H 178 -51.54 -29.57 21.68
C ARG H 178 -50.54 -29.10 22.76
N VAL H 179 -50.99 -28.93 24.01
CA VAL H 179 -50.14 -28.48 25.11
C VAL H 179 -49.31 -29.67 25.66
N ILE H 180 -49.96 -30.80 26.01
CA ILE H 180 -49.30 -31.98 26.58
C ILE H 180 -48.45 -32.72 25.52
N ASN H 181 -48.90 -32.76 24.25
CA ASN H 181 -48.16 -33.42 23.17
C ASN H 181 -47.56 -32.34 22.24
N PRO H 182 -46.23 -32.17 22.21
CA PRO H 182 -45.63 -31.09 21.40
C PRO H 182 -45.65 -31.32 19.89
N ASN H 183 -45.64 -32.58 19.42
CA ASN H 183 -45.63 -32.88 17.98
C ASN H 183 -47.02 -32.66 17.32
N LEU H 184 -48.09 -32.49 18.15
CA LEU H 184 -49.46 -32.25 17.68
C LEU H 184 -49.77 -30.74 17.55
N ARG H 185 -48.81 -29.87 17.89
CA ARG H 185 -48.93 -28.41 17.85
C ARG H 185 -49.10 -27.87 16.41
N GLY H 186 -48.26 -28.34 15.49
CA GLY H 186 -48.25 -27.93 14.09
C GLY H 186 -49.34 -28.54 13.24
N ARG H 187 -49.85 -29.71 13.65
CA ARG H 187 -50.89 -30.46 12.95
C ARG H 187 -52.26 -29.80 13.08
N THR H 188 -53.06 -29.87 12.01
CA THR H 188 -54.41 -29.28 11.89
C THR H 188 -55.44 -29.91 12.84
N LYS H 189 -56.61 -29.24 12.98
CA LYS H 189 -57.74 -29.62 13.84
C LYS H 189 -58.18 -31.07 13.61
N GLU H 190 -58.28 -31.51 12.34
CA GLU H 190 -58.68 -32.87 11.94
C GLU H 190 -57.68 -33.93 12.41
N GLU H 191 -56.36 -33.60 12.35
CA GLU H 191 -55.27 -34.48 12.78
C GLU H 191 -55.29 -34.70 14.30
N VAL H 192 -55.54 -33.62 15.06
CA VAL H 192 -55.60 -33.61 16.53
C VAL H 192 -56.89 -34.33 16.98
N ALA H 193 -58.02 -34.10 16.27
CA ALA H 193 -59.33 -34.69 16.58
C ALA H 193 -59.29 -36.22 16.59
N ALA H 194 -58.63 -36.83 15.59
CA ALA H 194 -58.51 -38.28 15.45
C ALA H 194 -57.85 -38.98 16.64
N THR H 195 -56.96 -38.27 17.37
CA THR H 195 -56.25 -38.84 18.52
C THR H 195 -57.11 -38.89 19.79
N PHE H 196 -58.04 -37.91 20.00
CA PHE H 196 -58.85 -37.89 21.22
C PHE H 196 -60.31 -38.37 21.04
N THR H 197 -60.84 -38.44 19.79
CA THR H 197 -62.23 -38.88 19.53
C THR H 197 -62.46 -40.35 19.88
N GLN H 198 -61.46 -41.22 19.66
CA GLN H 198 -61.55 -42.66 19.96
C GLN H 198 -61.68 -42.94 21.48
N PRO H 199 -60.80 -42.45 22.40
CA PRO H 199 -61.00 -42.74 23.83
C PRO H 199 -62.18 -41.98 24.44
N MET H 200 -62.65 -40.88 23.79
CA MET H 200 -63.78 -40.06 24.23
C MET H 200 -65.07 -40.86 24.07
N ASN H 201 -65.32 -41.41 22.85
CA ASN H 201 -66.50 -42.20 22.50
C ASN H 201 -66.57 -43.50 23.33
N ALA H 202 -65.40 -44.07 23.67
CA ALA H 202 -65.27 -45.28 24.48
C ALA H 202 -65.76 -45.06 25.92
N ALA H 203 -65.52 -43.85 26.46
CA ALA H 203 -65.93 -43.46 27.82
C ALA H 203 -67.42 -43.12 27.87
N VAL H 204 -67.98 -42.59 26.77
CA VAL H 204 -69.41 -42.24 26.66
C VAL H 204 -70.23 -43.53 26.57
N ASN H 205 -69.79 -44.48 25.72
CA ASN H 205 -70.48 -45.75 25.48
C ASN H 205 -70.14 -46.82 26.54
N SER H 206 -69.34 -46.47 27.58
CA SER H 206 -68.99 -47.42 28.65
C SER H 206 -70.20 -47.66 29.57
N ASN H 207 -70.34 -48.91 30.05
CA ASN H 207 -71.45 -49.35 30.89
C ASN H 207 -71.38 -48.83 32.35
N PHE H 208 -70.21 -48.26 32.77
CA PHE H 208 -70.01 -47.75 34.12
C PHE H 208 -70.82 -46.46 34.34
N ILE H 209 -71.70 -46.47 35.37
CA ILE H 209 -72.66 -45.42 35.77
C ILE H 209 -73.78 -45.38 34.73
N SER H 210 -75.03 -45.66 35.17
CA SER H 210 -76.22 -45.72 34.32
C SER H 210 -76.50 -44.39 33.60
N HIS H 211 -77.23 -44.48 32.48
CA HIS H 211 -77.63 -43.37 31.59
C HIS H 211 -78.41 -42.28 32.33
N GLU H 212 -79.31 -42.67 33.26
CA GLU H 212 -80.13 -41.76 34.05
C GLU H 212 -79.30 -41.03 35.10
N LYS H 213 -78.36 -41.74 35.76
CA LYS H 213 -77.46 -41.18 36.78
C LYS H 213 -76.48 -40.19 36.15
N ARG H 214 -75.97 -40.52 34.93
CA ARG H 214 -75.05 -39.67 34.17
C ARG H 214 -75.73 -38.36 33.76
N ARG H 215 -77.03 -38.44 33.38
CA ARG H 215 -77.87 -37.31 32.98
C ARG H 215 -78.08 -36.36 34.17
N GLU H 216 -78.21 -36.91 35.40
CA GLU H 216 -78.39 -36.16 36.64
C GLU H 216 -77.17 -35.29 36.96
N PHE H 217 -75.95 -35.83 36.69
CA PHE H 217 -74.68 -35.12 36.92
C PHE H 217 -74.56 -33.90 36.02
N LEU H 218 -74.89 -34.06 34.71
CA LEU H 218 -74.86 -32.99 33.71
C LEU H 218 -75.85 -31.87 34.07
N LYS H 219 -77.00 -32.24 34.68
CA LYS H 219 -78.02 -31.29 35.15
C LYS H 219 -77.53 -30.55 36.38
N ALA H 220 -76.83 -31.26 37.30
CA ALA H 220 -76.26 -30.73 38.54
C ALA H 220 -75.11 -29.77 38.28
N PHE H 221 -74.28 -30.04 37.25
CA PHE H 221 -73.15 -29.18 36.87
C PHE H 221 -73.63 -27.91 36.12
N GLY H 222 -74.88 -27.94 35.67
CA GLY H 222 -75.50 -26.84 34.93
C GLY H 222 -75.14 -26.84 33.46
N LEU H 223 -75.06 -28.04 32.85
CA LEU H 223 -74.72 -28.23 31.45
C LEU H 223 -75.99 -28.41 30.61
N VAL H 224 -76.94 -29.24 31.09
CA VAL H 224 -78.22 -29.51 30.40
C VAL H 224 -79.40 -29.14 31.32
N ASP H 225 -80.57 -28.84 30.72
CA ASP H 225 -81.78 -28.49 31.46
C ASP H 225 -82.53 -29.75 31.96
N SER H 226 -83.78 -29.58 32.45
CA SER H 226 -84.65 -30.64 32.98
C SER H 226 -84.93 -31.76 31.97
N ASN H 227 -84.97 -31.44 30.66
CA ASN H 227 -85.23 -32.41 29.60
C ASN H 227 -83.94 -33.07 29.09
N GLY H 228 -82.97 -32.25 28.67
CA GLY H 228 -81.70 -32.71 28.15
C GLY H 228 -81.01 -31.76 27.17
N LYS H 229 -81.63 -30.59 26.93
CA LYS H 229 -81.11 -29.56 26.02
C LYS H 229 -79.92 -28.83 26.68
N PRO H 230 -78.75 -28.75 26.00
CA PRO H 230 -77.60 -28.07 26.61
C PRO H 230 -77.77 -26.56 26.71
N SER H 231 -77.04 -25.93 27.64
CA SER H 231 -77.08 -24.49 27.90
C SER H 231 -76.41 -23.70 26.76
N ALA H 232 -76.64 -22.36 26.73
CA ALA H 232 -76.09 -21.43 25.74
C ALA H 232 -74.56 -21.44 25.72
N ALA H 233 -73.94 -21.71 26.90
CA ALA H 233 -72.49 -21.80 27.08
C ALA H 233 -71.90 -23.00 26.34
N VAL H 234 -72.62 -24.14 26.37
CA VAL H 234 -72.24 -25.40 25.71
C VAL H 234 -72.44 -25.27 24.19
N MET H 235 -73.58 -24.67 23.77
CA MET H 235 -73.95 -24.46 22.36
C MET H 235 -72.95 -23.54 21.64
N ALA H 236 -72.44 -22.50 22.34
CA ALA H 236 -71.46 -21.55 21.81
C ALA H 236 -70.11 -22.22 21.62
N ALA H 237 -69.71 -23.11 22.55
CA ALA H 237 -68.44 -23.84 22.51
C ALA H 237 -68.43 -24.90 21.41
N ALA H 238 -69.60 -25.50 21.10
CA ALA H 238 -69.76 -26.49 20.04
C ALA H 238 -69.66 -25.82 18.67
N GLN H 239 -70.25 -24.60 18.54
CA GLN H 239 -70.22 -23.79 17.33
C GLN H 239 -68.81 -23.25 17.07
N ALA H 240 -68.06 -22.95 18.16
CA ALA H 240 -66.68 -22.46 18.10
C ALA H 240 -65.72 -23.52 17.58
N TYR H 241 -66.01 -24.81 17.86
CA TYR H 241 -65.21 -25.95 17.42
C TYR H 241 -65.35 -26.18 15.92
N LYS H 242 -66.53 -25.86 15.35
CA LYS H 242 -66.84 -26.01 13.93
C LYS H 242 -66.01 -25.05 13.06
N THR H 243 -65.73 -23.84 13.59
CA THR H 243 -64.95 -22.80 12.90
C THR H 243 -63.51 -22.69 13.47
N ALA H 244 -63.13 -23.60 14.39
CA ALA H 244 -61.80 -23.63 15.02
C ALA H 244 -60.69 -24.00 14.04
N ALA H 245 -59.46 -23.53 14.32
CA ALA H 245 -58.28 -23.80 13.51
C ALA H 245 -57.39 -24.86 14.16
N GLN I 5 -45.77 -49.48 -45.16
CA GLN I 5 -45.64 -49.81 -43.75
C GLN I 5 -46.89 -49.40 -42.97
N GLU I 6 -47.58 -48.32 -43.41
CA GLU I 6 -48.80 -47.82 -42.79
C GLU I 6 -50.00 -48.72 -43.19
N LEU I 7 -50.02 -49.94 -42.62
CA LEU I 7 -51.05 -50.95 -42.84
C LEU I 7 -51.86 -51.17 -41.53
N ALA I 8 -51.57 -50.37 -40.50
CA ALA I 8 -52.23 -50.38 -39.19
C ALA I 8 -53.67 -49.86 -39.30
N ILE I 9 -53.96 -49.04 -40.33
CA ILE I 9 -55.27 -48.45 -40.64
C ILE I 9 -56.28 -49.57 -40.94
N GLN I 10 -55.82 -50.60 -41.70
CA GLN I 10 -56.61 -51.78 -42.09
C GLN I 10 -56.88 -52.65 -40.86
N PHE I 11 -55.92 -52.73 -39.93
CA PHE I 11 -56.03 -53.47 -38.67
C PHE I 11 -57.01 -52.78 -37.73
N ALA I 12 -57.06 -51.43 -37.79
CA ALA I 12 -57.93 -50.57 -37.00
C ALA I 12 -59.35 -50.53 -37.56
N ALA I 13 -59.49 -50.64 -38.90
CA ALA I 13 -60.78 -50.63 -39.60
C ALA I 13 -61.62 -51.88 -39.29
N GLN I 14 -60.98 -52.93 -38.76
CA GLN I 14 -61.58 -54.20 -38.36
C GLN I 14 -62.63 -54.00 -37.26
N ALA I 15 -63.77 -54.71 -37.38
CA ALA I 15 -64.85 -54.66 -36.39
C ALA I 15 -64.42 -55.40 -35.13
N VAL I 16 -64.53 -54.73 -33.98
CA VAL I 16 -64.14 -55.29 -32.68
C VAL I 16 -65.15 -56.36 -32.22
N ASP I 17 -64.64 -57.56 -31.93
CA ASP I 17 -65.43 -58.70 -31.46
C ASP I 17 -65.53 -58.64 -29.93
N ARG I 18 -66.73 -58.28 -29.44
CA ARG I 18 -67.07 -58.10 -28.02
C ARG I 18 -66.68 -59.32 -27.16
N ASN I 19 -67.04 -60.53 -27.61
CA ASN I 19 -66.80 -61.77 -26.87
C ASN I 19 -65.36 -62.27 -27.00
N GLU I 20 -64.65 -61.94 -28.10
CA GLU I 20 -63.25 -62.33 -28.31
C GLU I 20 -62.34 -61.64 -27.28
N ILE I 21 -62.68 -60.38 -26.95
CA ILE I 21 -61.99 -59.55 -25.96
C ILE I 21 -62.36 -60.05 -24.55
N GLU I 22 -63.65 -60.43 -24.36
CA GLU I 22 -64.20 -60.95 -23.10
C GLU I 22 -63.52 -62.25 -22.64
N GLN I 23 -63.02 -63.05 -23.61
CA GLN I 23 -62.31 -64.31 -23.36
C GLN I 23 -60.93 -64.06 -22.76
N TRP I 24 -60.21 -63.06 -23.32
CA TRP I 24 -58.85 -62.70 -22.91
C TRP I 24 -58.80 -61.92 -21.60
N VAL I 25 -59.81 -61.08 -21.30
CA VAL I 25 -59.84 -60.29 -20.06
C VAL I 25 -60.00 -61.24 -18.83
N ARG I 26 -60.80 -62.32 -18.98
CA ARG I 26 -61.02 -63.32 -17.93
C ARG I 26 -59.78 -64.22 -17.79
N GLU I 27 -59.05 -64.43 -18.90
CA GLU I 27 -57.82 -65.22 -18.97
C GLU I 27 -56.66 -64.44 -18.32
N PHE I 28 -56.52 -63.15 -18.67
CA PHE I 28 -55.47 -62.27 -18.14
C PHE I 28 -55.99 -61.42 -16.96
N ALA I 29 -56.85 -62.01 -16.11
CA ALA I 29 -57.43 -61.35 -14.95
C ALA I 29 -56.46 -61.38 -13.74
N TYR I 30 -56.64 -60.42 -12.80
CA TYR I 30 -55.85 -60.29 -11.58
C TYR I 30 -56.27 -61.35 -10.55
N GLN I 31 -55.30 -61.97 -9.85
CA GLN I 31 -55.56 -63.04 -8.87
C GLN I 31 -55.66 -62.56 -7.40
N GLY I 32 -55.52 -61.26 -7.18
CA GLY I 32 -55.58 -60.64 -5.86
C GLY I 32 -56.93 -60.73 -5.17
N PHE I 33 -56.97 -61.50 -4.05
CA PHE I 33 -58.11 -61.77 -3.18
C PHE I 33 -59.25 -62.48 -3.93
N ASP I 34 -59.47 -63.77 -3.60
CA ASP I 34 -60.55 -64.59 -4.15
C ASP I 34 -61.53 -64.93 -3.03
N ALA I 35 -62.75 -64.37 -3.11
CA ALA I 35 -63.82 -64.52 -2.12
C ALA I 35 -64.22 -65.98 -1.90
N ARG I 36 -64.10 -66.84 -2.93
CA ARG I 36 -64.41 -68.25 -2.85
C ARG I 36 -63.36 -69.05 -2.06
N ARG I 37 -62.08 -68.62 -2.13
CA ARG I 37 -60.97 -69.28 -1.43
C ARG I 37 -61.13 -69.17 0.10
N VAL I 38 -61.65 -68.03 0.57
CA VAL I 38 -61.87 -67.72 2.00
C VAL I 38 -62.85 -68.72 2.63
N ILE I 39 -64.03 -68.93 1.99
CA ILE I 39 -65.07 -69.87 2.43
C ILE I 39 -64.54 -71.31 2.33
N GLU I 40 -63.76 -71.61 1.27
CA GLU I 40 -63.14 -72.91 1.02
C GLU I 40 -62.14 -73.27 2.13
N LEU I 41 -61.41 -72.25 2.66
CA LEU I 41 -60.45 -72.42 3.74
C LEU I 41 -61.15 -72.45 5.12
N LEU I 42 -62.26 -71.69 5.28
CA LEU I 42 -63.04 -71.65 6.52
C LEU I 42 -63.63 -73.03 6.86
N LYS I 43 -64.14 -73.75 5.84
CA LYS I 43 -64.72 -75.08 5.98
C LYS I 43 -63.61 -76.15 6.11
N GLN I 44 -62.40 -75.84 5.60
CA GLN I 44 -61.24 -76.73 5.63
C GLN I 44 -60.66 -76.84 7.04
N TYR I 45 -60.55 -75.70 7.75
CA TYR I 45 -60.00 -75.65 9.12
C TYR I 45 -61.09 -75.83 10.19
N GLY I 46 -62.22 -75.15 10.01
CA GLY I 46 -63.35 -75.19 10.93
C GLY I 46 -64.14 -76.48 10.92
N GLY I 47 -64.60 -76.86 9.73
CA GLY I 47 -65.39 -78.08 9.53
C GLY I 47 -66.88 -77.83 9.67
N ALA I 48 -67.44 -78.15 10.85
CA ALA I 48 -68.85 -77.97 11.17
C ALA I 48 -69.09 -76.71 12.01
N ASP I 49 -68.11 -76.35 12.87
CA ASP I 49 -68.17 -75.19 13.76
C ASP I 49 -67.63 -73.91 13.07
N TRP I 50 -67.53 -73.92 11.73
CA TRP I 50 -67.01 -72.80 10.94
C TRP I 50 -67.97 -71.60 10.94
N GLU I 51 -69.29 -71.84 10.99
CA GLU I 51 -70.31 -70.79 10.96
C GLU I 51 -70.36 -69.99 12.28
N LYS I 52 -70.22 -70.67 13.43
CA LYS I 52 -70.23 -70.03 14.76
C LYS I 52 -68.95 -69.20 14.96
N ASP I 53 -67.80 -69.72 14.51
CA ASP I 53 -66.50 -69.06 14.62
C ASP I 53 -66.39 -67.87 13.67
N ALA I 54 -67.05 -67.94 12.48
CA ALA I 54 -67.07 -66.85 11.50
C ALA I 54 -67.82 -65.65 12.07
N LYS I 55 -68.92 -65.89 12.82
CA LYS I 55 -69.72 -64.87 13.50
C LYS I 55 -68.88 -64.17 14.56
N LYS I 56 -68.02 -64.93 15.27
CA LYS I 56 -67.10 -64.44 16.30
C LYS I 56 -66.00 -63.57 15.67
N MET I 57 -65.47 -64.02 14.52
CA MET I 57 -64.41 -63.34 13.78
C MET I 57 -64.87 -62.04 13.12
N ILE I 58 -66.18 -61.93 12.77
CA ILE I 58 -66.77 -60.73 12.18
C ILE I 58 -66.82 -59.63 13.25
N VAL I 59 -67.31 -59.97 14.47
CA VAL I 59 -67.42 -59.06 15.62
C VAL I 59 -66.01 -58.58 16.05
N LEU I 60 -65.02 -59.50 16.01
CA LEU I 60 -63.63 -59.26 16.39
C LEU I 60 -62.94 -58.28 15.41
N ALA I 61 -63.13 -58.45 14.09
CA ALA I 61 -62.53 -57.60 13.05
C ALA I 61 -63.16 -56.21 12.99
N LEU I 62 -64.47 -56.12 13.29
CA LEU I 62 -65.24 -54.87 13.25
C LEU I 62 -64.93 -53.94 14.43
N THR I 63 -64.84 -54.50 15.65
CA THR I 63 -64.61 -53.74 16.88
C THR I 63 -63.13 -53.47 17.16
N ARG I 64 -62.25 -54.47 16.97
CA ARG I 64 -60.82 -54.31 17.27
C ARG I 64 -60.01 -53.97 15.99
N GLY I 65 -59.68 -54.98 15.18
CA GLY I 65 -58.91 -54.76 13.95
C GLY I 65 -58.53 -56.01 13.18
N ASN I 66 -57.40 -55.93 12.45
CA ASN I 66 -56.88 -57.01 11.62
C ASN I 66 -55.77 -57.80 12.32
N LYS I 67 -54.87 -57.10 13.05
CA LYS I 67 -53.74 -57.71 13.76
C LYS I 67 -54.22 -58.47 15.00
N PRO I 68 -54.16 -59.83 15.03
CA PRO I 68 -54.69 -60.58 16.17
C PRO I 68 -53.75 -60.64 17.38
N ARG I 69 -52.42 -60.66 17.14
CA ARG I 69 -51.42 -60.73 18.21
C ARG I 69 -51.28 -59.38 18.92
N ARG I 70 -51.56 -58.26 18.22
CA ARG I 70 -51.46 -56.90 18.78
C ARG I 70 -52.67 -56.59 19.68
N MET I 71 -53.89 -57.01 19.27
CA MET I 71 -55.12 -56.78 20.05
C MET I 71 -55.21 -57.66 21.31
N MET I 72 -54.51 -58.82 21.29
CA MET I 72 -54.47 -59.77 22.40
C MET I 72 -53.73 -59.22 23.62
N MET I 73 -52.80 -58.27 23.40
CA MET I 73 -52.00 -57.62 24.44
C MET I 73 -52.88 -56.81 25.40
N LYS I 74 -53.89 -56.11 24.86
CA LYS I 74 -54.84 -55.29 25.62
C LYS I 74 -56.24 -55.88 25.48
N MET I 75 -56.47 -57.03 26.14
CA MET I 75 -57.74 -57.77 26.13
C MET I 75 -57.93 -58.57 27.43
N SER I 76 -59.20 -58.94 27.74
CA SER I 76 -59.56 -59.74 28.92
C SER I 76 -59.10 -61.19 28.79
N LYS I 77 -58.99 -61.92 29.92
CA LYS I 77 -58.58 -63.33 29.98
C LYS I 77 -59.52 -64.24 29.17
N GLU I 78 -60.83 -63.91 29.16
CA GLU I 78 -61.88 -64.63 28.44
C GLU I 78 -61.68 -64.49 26.92
N GLY I 79 -61.31 -63.27 26.50
CA GLY I 79 -61.05 -62.94 25.10
C GLY I 79 -59.75 -63.53 24.59
N LYS I 80 -58.67 -63.44 25.40
CA LYS I 80 -57.32 -63.94 25.12
C LYS I 80 -57.33 -65.43 24.73
N ALA I 81 -58.13 -66.25 25.43
CA ALA I 81 -58.24 -67.69 25.17
C ALA I 81 -59.03 -67.99 23.90
N THR I 82 -60.14 -67.25 23.65
CA THR I 82 -61.02 -67.44 22.50
C THR I 82 -60.35 -66.98 21.20
N VAL I 83 -59.61 -65.85 21.23
CA VAL I 83 -58.90 -65.29 20.07
C VAL I 83 -57.75 -66.23 19.66
N GLU I 84 -56.93 -66.70 20.64
CA GLU I 84 -55.80 -67.60 20.40
C GLU I 84 -56.28 -68.95 19.83
N ALA I 85 -57.49 -69.39 20.20
CA ALA I 85 -58.11 -70.63 19.71
C ALA I 85 -58.41 -70.53 18.21
N LEU I 86 -58.77 -69.33 17.73
CA LEU I 86 -59.08 -69.05 16.33
C LEU I 86 -57.81 -68.94 15.48
N ILE I 87 -56.70 -68.43 16.07
CA ILE I 87 -55.40 -68.28 15.41
C ILE I 87 -54.78 -69.66 15.17
N ASN I 88 -54.83 -70.55 16.18
CA ASN I 88 -54.26 -71.89 16.10
C ASN I 88 -55.09 -72.86 15.23
N LYS I 89 -56.38 -72.55 14.99
CA LYS I 89 -57.28 -73.40 14.21
C LYS I 89 -57.32 -72.97 12.73
N TYR I 90 -57.64 -71.69 12.46
CA TYR I 90 -57.79 -71.13 11.11
C TYR I 90 -56.49 -70.58 10.53
N LYS I 91 -55.39 -70.59 11.32
CA LYS I 91 -54.04 -70.10 10.95
C LYS I 91 -54.12 -68.65 10.47
N LEU I 92 -54.80 -67.79 11.26
CA LEU I 92 -55.02 -66.37 10.98
C LEU I 92 -53.73 -65.58 11.07
N LYS I 93 -53.53 -64.65 10.11
CA LYS I 93 -52.33 -63.81 10.01
C LYS I 93 -52.71 -62.33 10.06
N GLU I 94 -51.71 -61.44 9.96
CA GLU I 94 -51.89 -59.99 9.98
C GLU I 94 -51.19 -59.35 8.77
N GLY I 95 -51.88 -58.39 8.15
CA GLY I 95 -51.40 -57.66 6.98
C GLY I 95 -51.95 -58.20 5.68
N ASN I 96 -51.11 -58.20 4.62
CA ASN I 96 -51.48 -58.68 3.30
C ASN I 96 -50.62 -59.91 2.92
N PRO I 97 -51.04 -61.14 3.30
CA PRO I 97 -50.24 -62.32 2.97
C PRO I 97 -50.66 -62.95 1.63
N SER I 98 -50.31 -64.24 1.42
CA SER I 98 -50.61 -64.99 0.18
C SER I 98 -52.10 -65.36 0.08
N ARG I 99 -52.52 -65.86 -1.10
CA ARG I 99 -53.88 -66.28 -1.46
C ARG I 99 -54.41 -67.39 -0.53
N ASP I 100 -53.53 -68.34 -0.14
CA ASP I 100 -53.87 -69.48 0.72
C ASP I 100 -53.94 -69.12 2.22
N GLU I 101 -53.58 -67.87 2.59
CA GLU I 101 -53.61 -67.42 3.98
C GLU I 101 -54.90 -66.64 4.31
N LEU I 102 -55.31 -66.66 5.59
CA LEU I 102 -56.52 -66.01 6.09
C LEU I 102 -56.20 -64.88 7.07
N THR I 103 -56.99 -63.79 7.01
CA THR I 103 -56.91 -62.63 7.91
C THR I 103 -58.33 -62.30 8.37
N LEU I 104 -58.45 -61.61 9.53
CA LEU I 104 -59.74 -61.21 10.09
C LEU I 104 -60.51 -60.28 9.15
N SER I 105 -59.76 -59.48 8.34
CA SER I 105 -60.33 -58.57 7.35
C SER I 105 -60.92 -59.33 6.16
N ARG I 106 -60.22 -60.40 5.70
CA ARG I 106 -60.63 -61.24 4.57
C ARG I 106 -61.90 -62.04 4.87
N VAL I 107 -62.05 -62.54 6.12
CA VAL I 107 -63.20 -63.33 6.59
C VAL I 107 -64.47 -62.47 6.53
N ALA I 108 -64.39 -61.21 6.99
CA ALA I 108 -65.52 -60.27 6.97
C ALA I 108 -65.76 -59.74 5.55
N ALA I 109 -64.70 -59.68 4.72
CA ALA I 109 -64.77 -59.21 3.33
C ALA I 109 -65.53 -60.19 2.45
N ALA I 110 -65.29 -61.50 2.62
CA ALA I 110 -65.95 -62.57 1.86
C ALA I 110 -67.42 -62.73 2.26
N LEU I 111 -67.70 -62.64 3.58
CA LEU I 111 -69.06 -62.75 4.13
C LEU I 111 -69.60 -61.34 4.36
N ALA I 112 -69.77 -60.59 3.24
CA ALA I 112 -70.22 -59.20 3.18
C ALA I 112 -71.65 -58.99 3.68
N GLY I 113 -72.51 -60.00 3.55
CA GLY I 113 -73.90 -59.94 3.96
C GLY I 113 -74.12 -59.90 5.46
N ARG I 114 -73.48 -60.84 6.20
CA ARG I 114 -73.57 -60.94 7.67
C ARG I 114 -72.85 -59.75 8.34
N THR I 115 -71.72 -59.30 7.75
CA THR I 115 -70.88 -58.19 8.21
C THR I 115 -71.70 -56.89 8.25
N CYS I 116 -72.43 -56.57 7.16
CA CYS I 116 -73.25 -55.36 7.02
C CYS I 116 -74.40 -55.34 8.03
N GLN I 117 -75.00 -56.52 8.30
CA GLN I 117 -76.11 -56.68 9.25
C GLN I 117 -75.63 -56.52 10.70
N ALA I 118 -74.36 -56.90 10.97
CA ALA I 118 -73.72 -56.81 12.29
C ALA I 118 -73.43 -55.35 12.69
N LEU I 119 -73.31 -54.45 11.69
CA LEU I 119 -73.02 -53.02 11.87
C LEU I 119 -74.19 -52.27 12.53
N VAL I 120 -75.43 -52.82 12.41
CA VAL I 120 -76.64 -52.24 13.00
C VAL I 120 -76.55 -52.39 14.53
N VAL I 121 -76.09 -53.57 15.01
CA VAL I 121 -75.89 -53.88 16.43
C VAL I 121 -74.62 -53.17 16.90
N LEU I 122 -73.47 -53.46 16.25
CA LEU I 122 -72.17 -52.85 16.56
C LEU I 122 -72.06 -51.49 15.86
N SER I 123 -72.74 -50.48 16.41
CA SER I 123 -72.76 -49.14 15.83
C SER I 123 -71.81 -48.19 16.56
N GLU I 124 -71.84 -48.22 17.91
CA GLU I 124 -71.03 -47.33 18.75
C GLU I 124 -69.71 -47.99 19.20
N TRP I 125 -69.44 -49.23 18.76
CA TRP I 125 -68.22 -49.97 19.12
C TRP I 125 -67.17 -49.94 17.99
N LEU I 126 -67.54 -49.39 16.82
CA LEU I 126 -66.68 -49.24 15.65
C LEU I 126 -65.64 -48.11 15.87
N PRO I 127 -64.51 -48.01 15.10
CA PRO I 127 -63.57 -46.88 15.29
C PRO I 127 -64.24 -45.53 15.00
N VAL I 128 -65.17 -45.52 14.04
CA VAL I 128 -65.98 -44.36 13.67
C VAL I 128 -67.42 -44.73 14.07
N THR I 129 -67.97 -44.06 15.10
CA THR I 129 -69.30 -44.33 15.64
C THR I 129 -70.40 -43.81 14.69
N GLY I 130 -71.60 -44.35 14.85
CA GLY I 130 -72.79 -43.97 14.08
C GLY I 130 -73.25 -42.55 14.32
N THR I 131 -73.03 -42.06 15.56
CA THR I 131 -73.37 -40.70 15.99
C THR I 131 -72.47 -39.68 15.28
N THR I 132 -71.18 -40.06 15.05
CA THR I 132 -70.18 -39.23 14.35
C THR I 132 -70.57 -39.09 12.87
N MET I 133 -71.04 -40.20 12.26
CA MET I 133 -71.50 -40.25 10.87
C MET I 133 -72.81 -39.49 10.68
N ASP I 134 -73.65 -39.44 11.74
CA ASP I 134 -74.94 -38.73 11.76
C ASP I 134 -74.74 -37.21 11.71
N GLY I 135 -73.60 -36.75 12.24
CA GLY I 135 -73.22 -35.34 12.26
C GLY I 135 -72.87 -34.80 10.90
N LEU I 136 -72.22 -35.63 10.07
CA LEU I 136 -71.82 -35.30 8.69
C LEU I 136 -73.03 -35.37 7.77
N SER I 137 -73.81 -36.46 7.85
CA SER I 137 -75.03 -36.70 7.08
C SER I 137 -76.14 -37.22 8.01
N PRO I 138 -77.29 -36.52 8.12
CA PRO I 138 -78.36 -36.99 9.02
C PRO I 138 -78.89 -38.38 8.62
N ALA I 139 -79.01 -39.27 9.64
CA ALA I 139 -79.46 -40.66 9.56
C ALA I 139 -78.65 -41.45 8.50
N TYR I 140 -77.33 -41.52 8.70
CA TYR I 140 -76.39 -42.22 7.81
C TYR I 140 -76.65 -43.74 7.83
N PRO I 141 -76.69 -44.42 6.65
CA PRO I 141 -76.94 -45.87 6.63
C PRO I 141 -75.85 -46.66 7.34
N ARG I 142 -76.25 -47.42 8.39
CA ARG I 142 -75.36 -48.22 9.23
C ARG I 142 -74.70 -49.37 8.47
N HIS I 143 -75.38 -49.93 7.45
CA HIS I 143 -74.91 -51.04 6.62
C HIS I 143 -73.67 -50.67 5.78
N MET I 144 -73.48 -49.36 5.49
CA MET I 144 -72.38 -48.82 4.68
C MET I 144 -71.12 -48.51 5.52
N MET I 145 -71.16 -48.80 6.83
CA MET I 145 -70.08 -48.49 7.77
C MET I 145 -69.00 -49.59 7.91
N HIS I 146 -68.52 -50.11 6.76
CA HIS I 146 -67.41 -51.08 6.65
C HIS I 146 -66.97 -51.23 5.19
N PRO I 147 -65.64 -51.30 4.88
CA PRO I 147 -65.21 -51.44 3.48
C PRO I 147 -65.76 -52.66 2.75
N SER I 148 -66.18 -53.71 3.48
CA SER I 148 -66.74 -54.96 2.95
C SER I 148 -68.11 -54.76 2.25
N PHE I 149 -68.77 -53.59 2.46
CA PHE I 149 -70.07 -53.23 1.87
C PHE I 149 -70.01 -53.18 0.34
N ALA I 150 -68.86 -52.78 -0.23
CA ALA I 150 -68.63 -52.66 -1.68
C ALA I 150 -68.97 -53.96 -2.43
N GLY I 151 -68.72 -55.11 -1.80
CA GLY I 151 -69.01 -56.43 -2.34
C GLY I 151 -70.49 -56.79 -2.42
N MET I 152 -71.36 -55.89 -1.95
CA MET I 152 -72.82 -56.03 -1.95
C MET I 152 -73.48 -55.04 -2.92
N VAL I 153 -72.68 -54.13 -3.51
CA VAL I 153 -73.13 -53.11 -4.46
C VAL I 153 -73.33 -53.77 -5.83
N ASP I 154 -74.52 -53.57 -6.43
CA ASP I 154 -74.90 -54.11 -7.74
C ASP I 154 -74.38 -53.22 -8.87
N PRO I 155 -73.44 -53.70 -9.73
CA PRO I 155 -72.92 -52.85 -10.81
C PRO I 155 -73.87 -52.70 -12.00
N SER I 156 -74.87 -53.59 -12.13
CA SER I 156 -75.86 -53.55 -13.22
C SER I 156 -76.86 -52.39 -13.03
N LEU I 157 -76.84 -51.72 -11.86
CA LEU I 157 -77.67 -50.56 -11.50
C LEU I 157 -77.36 -49.36 -12.41
N PRO I 158 -78.29 -48.38 -12.62
CA PRO I 158 -77.96 -47.22 -13.46
C PRO I 158 -76.84 -46.35 -12.86
N GLY I 159 -76.10 -45.68 -13.74
CA GLY I 159 -74.95 -44.83 -13.42
C GLY I 159 -75.10 -43.84 -12.28
N ASP I 160 -76.19 -43.04 -12.30
CA ASP I 160 -76.47 -42.02 -11.29
C ASP I 160 -76.69 -42.61 -9.90
N TYR I 161 -77.26 -43.82 -9.81
CA TYR I 161 -77.54 -44.48 -8.53
C TYR I 161 -76.36 -45.33 -8.09
N LEU I 162 -75.58 -45.86 -9.04
CA LEU I 162 -74.36 -46.63 -8.75
C LEU I 162 -73.32 -45.71 -8.12
N ARG I 163 -73.23 -44.46 -8.63
CA ARG I 163 -72.33 -43.42 -8.12
C ARG I 163 -72.82 -42.90 -6.77
N ALA I 164 -74.16 -42.80 -6.58
CA ALA I 164 -74.80 -42.34 -5.35
C ALA I 164 -74.56 -43.29 -4.17
N ILE I 165 -74.49 -44.61 -4.44
CA ILE I 165 -74.21 -45.63 -3.42
C ILE I 165 -72.72 -45.57 -3.05
N LEU I 166 -71.82 -45.47 -4.06
CA LEU I 166 -70.37 -45.40 -3.87
C LEU I 166 -69.92 -44.10 -3.19
N ASP I 167 -70.54 -42.95 -3.53
CA ASP I 167 -70.22 -41.64 -2.93
C ASP I 167 -70.66 -41.59 -1.46
N ALA I 168 -71.81 -42.22 -1.14
CA ALA I 168 -72.34 -42.29 0.23
C ALA I 168 -71.47 -43.19 1.10
N HIS I 169 -71.00 -44.33 0.53
CA HIS I 169 -70.13 -45.28 1.22
C HIS I 169 -68.73 -44.65 1.42
N SER I 170 -68.27 -43.83 0.45
CA SER I 170 -66.99 -43.13 0.50
C SER I 170 -66.91 -42.15 1.69
N LEU I 171 -68.06 -41.57 2.10
CA LEU I 171 -68.19 -40.64 3.24
C LEU I 171 -67.73 -41.33 4.54
N TYR I 172 -67.96 -42.66 4.66
CA TYR I 172 -67.50 -43.45 5.80
C TYR I 172 -66.01 -43.70 5.66
N LEU I 173 -65.59 -44.27 4.49
CA LEU I 173 -64.21 -44.64 4.15
C LEU I 173 -63.25 -43.48 4.38
N LEU I 174 -63.64 -42.24 4.00
CA LEU I 174 -62.86 -41.03 4.18
C LEU I 174 -62.55 -40.81 5.67
N GLN I 175 -63.54 -41.03 6.55
CA GLN I 175 -63.40 -40.88 8.01
C GLN I 175 -62.63 -42.07 8.58
N PHE I 176 -62.92 -43.29 8.08
CA PHE I 176 -62.33 -44.55 8.53
C PHE I 176 -60.83 -44.63 8.19
N SER I 177 -60.45 -44.42 6.91
CA SER I 177 -59.06 -44.47 6.44
C SER I 177 -58.16 -43.48 7.19
N ARG I 178 -58.71 -42.32 7.60
CA ARG I 178 -57.99 -41.32 8.38
C ARG I 178 -57.74 -41.81 9.81
N VAL I 179 -58.70 -42.57 10.39
CA VAL I 179 -58.63 -43.08 11.77
C VAL I 179 -57.61 -44.24 11.87
N ILE I 180 -57.73 -45.27 11.01
CA ILE I 180 -56.85 -46.45 11.05
C ILE I 180 -55.44 -46.15 10.49
N ASN I 181 -55.34 -45.27 9.46
CA ASN I 181 -54.05 -44.90 8.88
C ASN I 181 -53.68 -43.48 9.35
N PRO I 182 -52.65 -43.34 10.22
CA PRO I 182 -52.29 -41.99 10.73
C PRO I 182 -51.63 -41.08 9.69
N ASN I 183 -51.08 -41.65 8.60
CA ASN I 183 -50.41 -40.90 7.55
C ASN I 183 -51.42 -40.15 6.66
N LEU I 184 -52.65 -40.68 6.55
CA LEU I 184 -53.72 -40.10 5.74
C LEU I 184 -54.46 -38.93 6.43
N ARG I 185 -54.20 -38.72 7.73
CA ARG I 185 -54.85 -37.69 8.56
C ARG I 185 -54.67 -36.26 8.02
N GLY I 186 -53.43 -35.90 7.69
CA GLY I 186 -53.10 -34.58 7.16
C GLY I 186 -53.40 -34.38 5.69
N ARG I 187 -53.47 -35.50 4.94
CA ARG I 187 -53.72 -35.50 3.50
C ARG I 187 -55.18 -35.17 3.17
N THR I 188 -55.40 -34.46 2.05
CA THR I 188 -56.70 -33.99 1.54
C THR I 188 -57.61 -35.15 1.09
N LYS I 189 -58.91 -34.86 0.86
CA LYS I 189 -59.97 -35.80 0.43
C LYS I 189 -59.57 -36.60 -0.82
N GLU I 190 -58.95 -35.94 -1.82
CA GLU I 190 -58.49 -36.54 -3.08
C GLU I 190 -57.38 -37.57 -2.85
N GLU I 191 -56.46 -37.28 -1.91
CA GLU I 191 -55.33 -38.13 -1.55
C GLU I 191 -55.81 -39.40 -0.83
N VAL I 192 -56.80 -39.24 0.08
CA VAL I 192 -57.39 -40.32 0.87
C VAL I 192 -58.24 -41.21 -0.06
N ALA I 193 -59.00 -40.60 -0.99
CA ALA I 193 -59.86 -41.30 -1.94
C ALA I 193 -59.10 -42.30 -2.81
N ALA I 194 -57.90 -41.91 -3.30
CA ALA I 194 -57.02 -42.73 -4.15
C ALA I 194 -56.58 -44.05 -3.49
N THR I 195 -56.51 -44.09 -2.15
CA THR I 195 -56.08 -45.29 -1.40
C THR I 195 -57.24 -46.27 -1.12
N PHE I 196 -58.52 -45.85 -1.27
CA PHE I 196 -59.63 -46.76 -1.00
C PHE I 196 -60.55 -47.02 -2.21
N THR I 197 -60.52 -46.19 -3.27
CA THR I 197 -61.40 -46.33 -4.46
C THR I 197 -61.03 -47.54 -5.32
N GLN I 198 -59.73 -47.91 -5.39
CA GLN I 198 -59.27 -49.05 -6.18
C GLN I 198 -59.81 -50.39 -5.62
N PRO I 199 -59.66 -50.75 -4.30
CA PRO I 199 -60.25 -52.02 -3.82
C PRO I 199 -61.78 -51.97 -3.72
N MET I 200 -62.38 -50.75 -3.64
CA MET I 200 -63.81 -50.53 -3.56
C MET I 200 -64.48 -50.93 -4.88
N ASN I 201 -63.98 -50.41 -6.02
CA ASN I 201 -64.49 -50.71 -7.37
C ASN I 201 -64.22 -52.17 -7.75
N ALA I 202 -63.13 -52.76 -7.22
CA ALA I 202 -62.73 -54.16 -7.45
C ALA I 202 -63.76 -55.14 -6.86
N ALA I 203 -64.38 -54.76 -5.73
CA ALA I 203 -65.39 -55.57 -5.03
C ALA I 203 -66.75 -55.51 -5.72
N VAL I 204 -67.08 -54.35 -6.32
CA VAL I 204 -68.35 -54.11 -7.03
C VAL I 204 -68.36 -54.94 -8.33
N ASN I 205 -67.26 -54.89 -9.11
CA ASN I 205 -67.10 -55.59 -10.39
C ASN I 205 -66.69 -57.08 -10.25
N SER I 206 -66.59 -57.60 -9.00
CA SER I 206 -66.24 -59.00 -8.75
C SER I 206 -67.39 -59.94 -9.12
N ASN I 207 -67.08 -61.10 -9.73
CA ASN I 207 -68.06 -62.10 -10.18
C ASN I 207 -68.76 -62.82 -9.01
N PHE I 208 -68.23 -62.71 -7.77
CA PHE I 208 -68.81 -63.36 -6.58
C PHE I 208 -70.12 -62.67 -6.18
N ILE I 209 -71.21 -63.47 -6.13
CA ILE I 209 -72.61 -63.10 -5.85
C ILE I 209 -73.15 -62.35 -7.08
N SER I 210 -74.17 -62.93 -7.74
CA SER I 210 -74.81 -62.40 -8.95
C SER I 210 -75.42 -61.00 -8.74
N HIS I 211 -75.57 -60.25 -9.86
CA HIS I 211 -76.11 -58.89 -9.92
C HIS I 211 -77.50 -58.77 -9.32
N GLU I 212 -78.37 -59.77 -9.55
CA GLU I 212 -79.74 -59.81 -9.07
C GLU I 212 -79.79 -60.06 -7.55
N LYS I 213 -78.92 -60.97 -7.05
CA LYS I 213 -78.82 -61.31 -5.62
C LYS I 213 -78.27 -60.13 -4.82
N ARG I 214 -77.27 -59.41 -5.40
CA ARG I 214 -76.64 -58.22 -4.84
C ARG I 214 -77.66 -57.10 -4.64
N ARG I 215 -78.55 -56.91 -5.64
CA ARG I 215 -79.63 -55.91 -5.66
C ARG I 215 -80.68 -56.21 -4.58
N GLU I 216 -80.94 -57.51 -4.31
CA GLU I 216 -81.90 -57.97 -3.30
C GLU I 216 -81.45 -57.60 -1.88
N PHE I 217 -80.12 -57.70 -1.60
CA PHE I 217 -79.51 -57.36 -0.31
C PHE I 217 -79.67 -55.88 0.00
N LEU I 218 -79.39 -55.01 -1.00
CA LEU I 218 -79.49 -53.55 -0.89
C LEU I 218 -80.95 -53.13 -0.62
N LYS I 219 -81.93 -53.87 -1.19
CA LYS I 219 -83.37 -53.66 -0.98
C LYS I 219 -83.77 -54.09 0.43
N ALA I 220 -83.20 -55.22 0.91
CA ALA I 220 -83.45 -55.80 2.23
C ALA I 220 -82.88 -54.92 3.35
N PHE I 221 -81.72 -54.29 3.12
CA PHE I 221 -81.08 -53.39 4.10
C PHE I 221 -81.80 -52.02 4.17
N GLY I 222 -82.63 -51.75 3.16
CA GLY I 222 -83.38 -50.49 3.05
C GLY I 222 -82.56 -49.37 2.47
N LEU I 223 -81.71 -49.69 1.48
CA LEU I 223 -80.83 -48.72 0.80
C LEU I 223 -81.45 -48.26 -0.51
N VAL I 224 -81.99 -49.20 -1.31
CA VAL I 224 -82.65 -48.90 -2.61
C VAL I 224 -84.10 -49.41 -2.59
N ASP I 225 -84.96 -48.82 -3.45
CA ASP I 225 -86.38 -49.19 -3.57
C ASP I 225 -86.55 -50.42 -4.50
N SER I 226 -87.81 -50.74 -4.87
CA SER I 226 -88.20 -51.86 -5.73
C SER I 226 -87.52 -51.84 -7.11
N ASN I 227 -87.21 -50.65 -7.65
CA ASN I 227 -86.58 -50.49 -8.96
C ASN I 227 -85.04 -50.47 -8.84
N GLY I 228 -84.51 -49.57 -8.01
CA GLY I 228 -83.08 -49.42 -7.79
C GLY I 228 -82.63 -48.04 -7.36
N LYS I 229 -83.59 -47.11 -7.15
CA LYS I 229 -83.33 -45.74 -6.72
C LYS I 229 -82.97 -45.71 -5.22
N PRO I 230 -81.83 -45.09 -4.83
CA PRO I 230 -81.45 -45.07 -3.41
C PRO I 230 -82.36 -44.17 -2.58
N SER I 231 -82.41 -44.43 -1.26
CA SER I 231 -83.21 -43.70 -0.28
C SER I 231 -82.63 -42.29 -0.03
N ALA I 232 -83.43 -41.41 0.61
CA ALA I 232 -83.08 -40.02 0.95
C ALA I 232 -81.85 -39.95 1.85
N ALA I 233 -81.64 -40.98 2.70
CA ALA I 233 -80.50 -41.11 3.61
C ALA I 233 -79.20 -41.32 2.85
N VAL I 234 -79.24 -42.11 1.75
CA VAL I 234 -78.11 -42.42 0.88
C VAL I 234 -77.77 -41.18 0.02
N MET I 235 -78.82 -40.53 -0.54
CA MET I 235 -78.70 -39.33 -1.39
C MET I 235 -78.08 -38.15 -0.64
N ALA I 236 -78.41 -37.98 0.66
CA ALA I 236 -77.88 -36.92 1.51
C ALA I 236 -76.40 -37.16 1.83
N ALA I 237 -76.01 -38.44 2.03
CA ALA I 237 -74.64 -38.85 2.32
C ALA I 237 -73.74 -38.70 1.08
N ALA I 238 -74.31 -38.91 -0.13
CA ALA I 238 -73.61 -38.76 -1.41
C ALA I 238 -73.34 -37.29 -1.73
N GLN I 239 -74.27 -36.40 -1.30
CA GLN I 239 -74.18 -34.95 -1.48
C GLN I 239 -73.18 -34.37 -0.46
N ALA I 240 -73.11 -34.96 0.75
CA ALA I 240 -72.20 -34.57 1.83
C ALA I 240 -70.74 -34.84 1.48
N TYR I 241 -70.47 -35.92 0.71
CA TYR I 241 -69.13 -36.31 0.27
C TYR I 241 -68.58 -35.34 -0.79
N LYS I 242 -69.49 -34.75 -1.60
CA LYS I 242 -69.14 -33.78 -2.66
C LYS I 242 -68.59 -32.47 -2.07
N THR I 243 -69.10 -32.06 -0.89
CA THR I 243 -68.70 -30.84 -0.19
C THR I 243 -67.79 -31.15 1.02
N ALA I 244 -67.40 -32.44 1.21
CA ALA I 244 -66.55 -32.89 2.32
C ALA I 244 -65.12 -32.38 2.20
N ALA I 245 -64.43 -32.24 3.35
CA ALA I 245 -63.04 -31.77 3.44
C ALA I 245 -62.07 -32.92 3.65
N GLN J 5 -18.02 -7.26 -35.50
CA GLN J 5 -18.47 -8.48 -34.84
C GLN J 5 -19.99 -8.65 -34.95
N GLU J 6 -20.75 -7.54 -34.99
CA GLU J 6 -22.20 -7.56 -35.11
C GLU J 6 -22.62 -7.87 -36.55
N LEU J 7 -22.40 -9.13 -36.97
CA LEU J 7 -22.72 -9.65 -38.30
C LEU J 7 -23.87 -10.68 -38.22
N ALA J 8 -24.43 -10.87 -37.00
CA ALA J 8 -25.53 -11.78 -36.72
C ALA J 8 -26.85 -11.27 -37.32
N ILE J 9 -26.94 -9.94 -37.56
CA ILE J 9 -28.09 -9.25 -38.15
C ILE J 9 -28.31 -9.76 -39.59
N GLN J 10 -27.19 -9.95 -40.34
CA GLN J 10 -27.18 -10.44 -41.72
C GLN J 10 -27.60 -11.92 -41.76
N PHE J 11 -27.20 -12.69 -40.72
CA PHE J 11 -27.55 -14.12 -40.55
C PHE J 11 -29.04 -14.26 -40.21
N ALA J 12 -29.58 -13.27 -39.48
CA ALA J 12 -30.97 -13.20 -39.05
C ALA J 12 -31.89 -12.70 -40.18
N ALA J 13 -31.36 -11.81 -41.05
CA ALA J 13 -32.08 -11.24 -42.20
C ALA J 13 -32.40 -12.30 -43.26
N GLN J 14 -31.69 -13.45 -43.22
CA GLN J 14 -31.86 -14.59 -44.12
C GLN J 14 -33.27 -15.19 -44.02
N ALA J 15 -33.86 -15.55 -45.17
CA ALA J 15 -35.19 -16.15 -45.22
C ALA J 15 -35.14 -17.58 -44.69
N VAL J 16 -36.01 -17.90 -43.70
CA VAL J 16 -36.07 -19.23 -43.07
C VAL J 16 -36.69 -20.25 -44.02
N ASP J 17 -35.96 -21.35 -44.27
CA ASP J 17 -36.41 -22.44 -45.14
C ASP J 17 -37.20 -23.45 -44.30
N ARG J 18 -38.53 -23.45 -44.48
CA ARG J 18 -39.50 -24.29 -43.76
C ARG J 18 -39.14 -25.78 -43.79
N ASN J 19 -38.79 -26.32 -44.99
CA ASN J 19 -38.48 -27.72 -45.17
C ASN J 19 -37.06 -28.10 -44.73
N GLU J 20 -36.10 -27.14 -44.74
CA GLU J 20 -34.72 -27.38 -44.29
C GLU J 20 -34.70 -27.65 -42.78
N ILE J 21 -35.58 -26.96 -42.04
CA ILE J 21 -35.76 -27.09 -40.59
C ILE J 21 -36.52 -28.42 -40.31
N GLU J 22 -37.52 -28.74 -41.17
CA GLU J 22 -38.35 -29.95 -41.10
C GLU J 22 -37.53 -31.24 -41.23
N GLN J 23 -36.40 -31.18 -41.96
CA GLN J 23 -35.49 -32.31 -42.16
C GLN J 23 -34.72 -32.63 -40.88
N TRP J 24 -34.24 -31.57 -40.19
CA TRP J 24 -33.43 -31.68 -38.98
C TRP J 24 -34.26 -32.04 -37.74
N VAL J 25 -35.53 -31.58 -37.64
CA VAL J 25 -36.40 -31.87 -36.50
C VAL J 25 -36.74 -33.39 -36.46
N ARG J 26 -36.95 -34.01 -37.64
CA ARG J 26 -37.23 -35.44 -37.77
C ARG J 26 -35.96 -36.26 -37.52
N GLU J 27 -34.78 -35.69 -37.86
CA GLU J 27 -33.47 -36.31 -37.67
C GLU J 27 -33.09 -36.27 -36.19
N PHE J 28 -33.28 -35.11 -35.53
CA PHE J 28 -32.96 -34.90 -34.11
C PHE J 28 -34.22 -35.07 -33.22
N ALA J 29 -35.10 -36.02 -33.60
CA ALA J 29 -36.33 -36.30 -32.86
C ALA J 29 -36.06 -37.18 -31.64
N TYR J 30 -36.87 -37.05 -30.58
CA TYR J 30 -36.73 -37.84 -29.34
C TYR J 30 -37.21 -39.27 -29.64
N GLN J 31 -36.28 -40.09 -30.19
CA GLN J 31 -36.55 -41.46 -30.59
C GLN J 31 -36.74 -42.37 -29.38
N GLY J 32 -37.95 -42.91 -29.31
CA GLY J 32 -38.44 -43.80 -28.27
C GLY J 32 -39.84 -44.25 -28.62
N PHE J 33 -40.52 -43.46 -29.50
CA PHE J 33 -41.87 -43.70 -30.00
C PHE J 33 -41.97 -45.04 -30.72
N ASP J 34 -40.99 -45.29 -31.63
CA ASP J 34 -40.86 -46.45 -32.52
C ASP J 34 -41.96 -46.39 -33.58
N ALA J 35 -43.24 -46.66 -33.21
CA ALA J 35 -44.46 -46.66 -34.05
C ALA J 35 -44.30 -47.49 -35.33
N ARG J 36 -43.44 -47.01 -36.25
CA ARG J 36 -43.09 -47.64 -37.51
C ARG J 36 -42.26 -48.90 -37.26
N ARG J 37 -41.31 -48.81 -36.30
CA ARG J 37 -40.41 -49.91 -35.93
C ARG J 37 -41.19 -51.05 -35.28
N VAL J 38 -42.22 -50.72 -34.47
CA VAL J 38 -43.09 -51.66 -33.76
C VAL J 38 -43.72 -52.66 -34.75
N ILE J 39 -44.39 -52.15 -35.80
CA ILE J 39 -45.05 -52.94 -36.84
C ILE J 39 -43.98 -53.71 -37.64
N GLU J 40 -42.84 -53.06 -37.94
CA GLU J 40 -41.71 -53.66 -38.68
C GLU J 40 -41.13 -54.85 -37.90
N LEU J 41 -41.21 -54.82 -36.56
CA LEU J 41 -40.77 -55.89 -35.66
C LEU J 41 -41.89 -56.90 -35.42
N LEU J 42 -43.16 -56.45 -35.44
CA LEU J 42 -44.35 -57.29 -35.21
C LEU J 42 -44.44 -58.41 -36.25
N LYS J 43 -44.23 -58.08 -37.54
CA LYS J 43 -44.26 -59.01 -38.67
C LYS J 43 -43.00 -59.88 -38.74
N GLN J 44 -41.86 -59.37 -38.21
CA GLN J 44 -40.57 -60.05 -38.18
C GLN J 44 -40.60 -61.23 -37.20
N TYR J 45 -41.23 -61.05 -36.03
CA TYR J 45 -41.32 -62.09 -35.01
C TYR J 45 -42.62 -62.92 -35.13
N GLY J 46 -43.74 -62.24 -35.39
CA GLY J 46 -45.06 -62.86 -35.50
C GLY J 46 -45.36 -63.60 -36.78
N GLY J 47 -45.01 -62.98 -37.92
CA GLY J 47 -45.23 -63.56 -39.24
C GLY J 47 -46.66 -63.40 -39.69
N ALA J 48 -47.46 -64.47 -39.55
CA ALA J 48 -48.88 -64.46 -39.92
C ALA J 48 -49.79 -64.34 -38.69
N ASP J 49 -49.27 -64.75 -37.51
CA ASP J 49 -49.98 -64.74 -36.23
C ASP J 49 -49.87 -63.39 -35.50
N TRP J 50 -49.14 -62.41 -36.08
CA TRP J 50 -48.90 -61.09 -35.49
C TRP J 50 -50.20 -60.30 -35.25
N GLU J 51 -51.20 -60.43 -36.13
CA GLU J 51 -52.48 -59.70 -35.99
C GLU J 51 -53.32 -60.24 -34.82
N LYS J 52 -53.36 -61.57 -34.64
CA LYS J 52 -54.10 -62.23 -33.56
C LYS J 52 -53.43 -61.96 -32.21
N ASP J 53 -52.08 -62.00 -32.18
CA ASP J 53 -51.27 -61.77 -30.99
C ASP J 53 -51.28 -60.30 -30.57
N ALA J 54 -51.39 -59.36 -31.54
CA ALA J 54 -51.46 -57.92 -31.29
C ALA J 54 -52.76 -57.58 -30.56
N LYS J 55 -53.88 -58.27 -30.94
CA LYS J 55 -55.20 -58.12 -30.32
C LYS J 55 -55.15 -58.59 -28.86
N LYS J 56 -54.39 -59.68 -28.60
CA LYS J 56 -54.17 -60.25 -27.27
C LYS J 56 -53.34 -59.30 -26.41
N MET J 57 -52.30 -58.69 -27.03
CA MET J 57 -51.36 -57.75 -26.40
C MET J 57 -52.00 -56.38 -26.08
N ILE J 58 -53.08 -56.00 -26.79
CA ILE J 58 -53.81 -54.75 -26.54
C ILE J 58 -54.65 -54.93 -25.26
N VAL J 59 -55.38 -56.07 -25.15
CA VAL J 59 -56.23 -56.41 -24.00
C VAL J 59 -55.36 -56.56 -22.73
N LEU J 60 -54.16 -57.16 -22.89
CA LEU J 60 -53.18 -57.39 -21.81
C LEU J 60 -52.62 -56.07 -21.24
N ALA J 61 -52.24 -55.12 -22.13
CA ALA J 61 -51.67 -53.83 -21.75
C ALA J 61 -52.71 -52.89 -21.13
N LEU J 62 -53.97 -53.00 -21.57
CA LEU J 62 -55.09 -52.15 -21.11
C LEU J 62 -55.60 -52.54 -19.72
N THR J 63 -55.74 -53.85 -19.46
CA THR J 63 -56.27 -54.37 -18.19
C THR J 63 -55.21 -54.51 -17.11
N ARG J 64 -54.01 -55.03 -17.45
CA ARG J 64 -52.96 -55.25 -16.46
C ARG J 64 -51.94 -54.09 -16.45
N GLY J 65 -50.98 -54.08 -17.38
CA GLY J 65 -49.97 -53.03 -17.44
C GLY J 65 -48.90 -53.21 -18.51
N ASN J 66 -47.70 -52.63 -18.24
CA ASN J 66 -46.55 -52.64 -19.15
C ASN J 66 -45.52 -53.72 -18.76
N LYS J 67 -45.30 -53.94 -17.45
CA LYS J 67 -44.34 -54.93 -16.93
C LYS J 67 -44.93 -56.35 -17.08
N PRO J 68 -44.41 -57.19 -18.01
CA PRO J 68 -44.99 -58.54 -18.19
C PRO J 68 -44.57 -59.55 -17.13
N ARG J 69 -43.36 -59.43 -16.57
CA ARG J 69 -42.85 -60.34 -15.55
C ARG J 69 -43.52 -60.09 -14.19
N ARG J 70 -43.93 -58.84 -13.93
CA ARG J 70 -44.58 -58.45 -12.66
C ARG J 70 -46.04 -58.92 -12.62
N MET J 71 -46.78 -58.81 -13.75
CA MET J 71 -48.19 -59.21 -13.84
C MET J 71 -48.36 -60.73 -13.85
N MET J 72 -47.32 -61.47 -14.29
CA MET J 72 -47.31 -62.93 -14.38
C MET J 72 -47.33 -63.59 -13.00
N MET J 73 -46.83 -62.89 -11.96
CA MET J 73 -46.76 -63.36 -10.57
C MET J 73 -48.16 -63.57 -9.98
N LYS J 74 -49.11 -62.65 -10.30
CA LYS J 74 -50.49 -62.74 -9.84
C LYS J 74 -51.41 -62.91 -11.06
N MET J 75 -51.40 -64.11 -11.64
CA MET J 75 -52.19 -64.49 -12.83
C MET J 75 -52.50 -65.99 -12.84
N SER J 76 -53.54 -66.39 -13.59
CA SER J 76 -53.97 -67.79 -13.75
C SER J 76 -52.97 -68.59 -14.58
N LYS J 77 -53.00 -69.94 -14.46
CA LYS J 77 -52.13 -70.87 -15.20
C LYS J 77 -52.30 -70.74 -16.71
N GLU J 78 -53.55 -70.46 -17.17
CA GLU J 78 -53.91 -70.27 -18.58
C GLU J 78 -53.26 -68.99 -19.13
N GLY J 79 -53.26 -67.94 -18.32
CA GLY J 79 -52.67 -66.64 -18.65
C GLY J 79 -51.15 -66.67 -18.65
N LYS J 80 -50.56 -67.31 -17.61
CA LYS J 80 -49.11 -67.47 -17.41
C LYS J 80 -48.41 -68.07 -18.64
N ALA J 81 -49.03 -69.08 -19.27
CA ALA J 81 -48.47 -69.77 -20.45
C ALA J 81 -48.59 -68.90 -21.71
N THR J 82 -49.73 -68.20 -21.90
CA THR J 82 -50.01 -67.35 -23.07
C THR J 82 -49.14 -66.09 -23.06
N VAL J 83 -48.96 -65.45 -21.88
CA VAL J 83 -48.15 -64.23 -21.72
C VAL J 83 -46.67 -64.55 -21.97
N GLU J 84 -46.14 -65.64 -21.38
CA GLU J 84 -44.74 -66.07 -21.54
C GLU J 84 -44.43 -66.46 -22.99
N ALA J 85 -45.45 -66.95 -23.73
CA ALA J 85 -45.34 -67.32 -25.15
C ALA J 85 -45.14 -66.07 -26.04
N LEU J 86 -45.66 -64.91 -25.59
CA LEU J 86 -45.54 -63.63 -26.30
C LEU J 86 -44.18 -62.98 -26.01
N ILE J 87 -43.63 -63.19 -24.80
CA ILE J 87 -42.33 -62.68 -24.33
C ILE J 87 -41.19 -63.38 -25.08
N ASN J 88 -41.29 -64.71 -25.24
CA ASN J 88 -40.28 -65.52 -25.90
C ASN J 88 -40.32 -65.41 -27.44
N LYS J 89 -41.44 -64.94 -28.00
CA LYS J 89 -41.63 -64.80 -29.45
C LYS J 89 -41.26 -63.38 -29.94
N TYR J 90 -41.89 -62.34 -29.34
CA TYR J 90 -41.71 -60.93 -29.73
C TYR J 90 -40.57 -60.23 -28.96
N LYS J 91 -39.90 -60.96 -28.04
CA LYS J 91 -38.78 -60.50 -27.21
C LYS J 91 -39.19 -59.23 -26.45
N LEU J 92 -40.38 -59.30 -25.83
CA LEU J 92 -41.06 -58.24 -25.09
C LEU J 92 -40.28 -57.83 -23.84
N LYS J 93 -40.23 -56.51 -23.58
CA LYS J 93 -39.51 -55.92 -22.44
C LYS J 93 -40.44 -55.00 -21.61
N GLU J 94 -39.91 -54.39 -20.52
CA GLU J 94 -40.64 -53.49 -19.64
C GLU J 94 -39.90 -52.16 -19.46
N GLY J 95 -40.66 -51.07 -19.47
CA GLY J 95 -40.15 -49.72 -19.33
C GLY J 95 -39.98 -49.02 -20.66
N ASN J 96 -38.85 -48.31 -20.84
CA ASN J 96 -38.52 -47.59 -22.07
C ASN J 96 -37.23 -48.14 -22.72
N PRO J 97 -37.26 -49.32 -23.39
CA PRO J 97 -36.03 -49.84 -24.01
C PRO J 97 -35.68 -49.14 -25.32
N SER J 98 -34.67 -49.67 -26.05
CA SER J 98 -34.18 -49.11 -27.31
C SER J 98 -35.22 -49.19 -28.45
N ARG J 99 -34.91 -48.51 -29.56
CA ARG J 99 -35.68 -48.40 -30.80
C ARG J 99 -36.03 -49.78 -31.40
N ASP J 100 -35.05 -50.70 -31.40
CA ASP J 100 -35.16 -52.05 -31.98
C ASP J 100 -35.89 -53.05 -31.05
N GLU J 101 -36.24 -52.64 -29.82
CA GLU J 101 -36.93 -53.50 -28.85
C GLU J 101 -38.45 -53.26 -28.82
N LEU J 102 -39.22 -54.26 -28.36
CA LEU J 102 -40.69 -54.21 -28.26
C LEU J 102 -41.19 -54.26 -26.81
N THR J 103 -42.38 -53.66 -26.57
CA THR J 103 -43.09 -53.62 -25.28
C THR J 103 -44.59 -53.41 -25.51
N LEU J 104 -45.44 -54.02 -24.64
CA LEU J 104 -46.91 -54.00 -24.66
C LEU J 104 -47.51 -52.60 -24.91
N SER J 105 -47.02 -51.58 -24.17
CA SER J 105 -47.49 -50.21 -24.25
C SER J 105 -47.19 -49.58 -25.62
N ARG J 106 -46.07 -49.99 -26.26
CA ARG J 106 -45.66 -49.48 -27.57
C ARG J 106 -46.51 -50.09 -28.69
N VAL J 107 -46.90 -51.38 -28.55
CA VAL J 107 -47.72 -52.12 -29.51
C VAL J 107 -49.14 -51.50 -29.52
N ALA J 108 -49.66 -51.15 -28.33
CA ALA J 108 -50.97 -50.52 -28.16
C ALA J 108 -50.98 -49.08 -28.66
N ALA J 109 -49.86 -48.34 -28.46
CA ALA J 109 -49.71 -46.93 -28.87
C ALA J 109 -49.59 -46.79 -30.39
N ALA J 110 -48.89 -47.74 -31.06
CA ALA J 110 -48.71 -47.75 -32.51
C ALA J 110 -50.02 -48.07 -33.23
N LEU J 111 -50.82 -48.98 -32.64
CA LEU J 111 -52.13 -49.41 -33.14
C LEU J 111 -53.22 -48.75 -32.28
N ALA J 112 -53.26 -47.40 -32.33
CA ALA J 112 -54.16 -46.54 -31.56
C ALA J 112 -55.64 -46.67 -31.97
N GLY J 113 -55.90 -47.14 -33.19
CA GLY J 113 -57.25 -47.32 -33.72
C GLY J 113 -58.02 -48.45 -33.06
N ARG J 114 -57.37 -49.64 -32.96
CA ARG J 114 -57.94 -50.85 -32.36
C ARG J 114 -58.00 -50.71 -30.83
N THR J 115 -56.97 -50.08 -30.22
CA THR J 115 -56.81 -49.82 -28.78
C THR J 115 -58.00 -49.02 -28.24
N CYS J 116 -58.35 -47.91 -28.91
CA CYS J 116 -59.44 -47.00 -28.54
C CYS J 116 -60.81 -47.69 -28.63
N GLN J 117 -61.00 -48.56 -29.63
CA GLN J 117 -62.23 -49.31 -29.84
C GLN J 117 -62.41 -50.40 -28.76
N ALA J 118 -61.30 -50.95 -28.25
CA ALA J 118 -61.27 -51.98 -27.22
C ALA J 118 -61.68 -51.41 -25.84
N LEU J 119 -61.55 -50.08 -25.64
CA LEU J 119 -61.91 -49.38 -24.40
C LEU J 119 -63.42 -49.35 -24.15
N VAL J 120 -64.23 -49.49 -25.21
CA VAL J 120 -65.70 -49.51 -25.14
C VAL J 120 -66.12 -50.81 -24.45
N VAL J 121 -65.48 -51.95 -24.81
CA VAL J 121 -65.72 -53.27 -24.22
C VAL J 121 -65.05 -53.31 -22.84
N LEU J 122 -63.73 -53.06 -22.77
CA LEU J 122 -62.96 -53.03 -21.53
C LEU J 122 -63.10 -51.66 -20.86
N SER J 123 -64.26 -51.43 -20.24
CA SER J 123 -64.56 -50.15 -19.58
C SER J 123 -64.36 -50.22 -18.07
N GLU J 124 -64.86 -51.29 -17.43
CA GLU J 124 -64.78 -51.48 -15.98
C GLU J 124 -63.58 -52.34 -15.54
N TRP J 125 -62.74 -52.77 -16.51
CA TRP J 125 -61.55 -53.60 -16.22
C TRP J 125 -60.25 -52.77 -16.24
N LEU J 126 -60.36 -51.47 -16.61
CA LEU J 126 -59.24 -50.52 -16.63
C LEU J 126 -58.85 -50.08 -15.20
N PRO J 127 -57.63 -49.50 -14.94
CA PRO J 127 -57.32 -49.05 -13.58
C PRO J 127 -58.28 -47.95 -13.10
N VAL J 128 -58.72 -47.10 -14.04
CA VAL J 128 -59.72 -46.04 -13.83
C VAL J 128 -60.95 -46.47 -14.62
N THR J 129 -62.03 -46.83 -13.92
CA THR J 129 -63.28 -47.32 -14.53
C THR J 129 -64.06 -46.17 -15.19
N GLY J 130 -64.95 -46.53 -16.12
CA GLY J 130 -65.82 -45.61 -16.84
C GLY J 130 -66.82 -44.90 -15.95
N THR J 131 -67.27 -45.58 -14.88
CA THR J 131 -68.22 -45.06 -13.88
C THR J 131 -67.55 -43.95 -13.06
N THR J 132 -66.23 -44.09 -12.77
CA THR J 132 -65.43 -43.12 -12.03
C THR J 132 -65.28 -41.84 -12.87
N MET J 133 -65.05 -42.00 -14.19
CA MET J 133 -64.91 -40.89 -15.14
C MET J 133 -66.25 -40.18 -15.38
N ASP J 134 -67.37 -40.92 -15.25
CA ASP J 134 -68.73 -40.41 -15.41
C ASP J 134 -69.11 -39.47 -14.25
N GLY J 135 -68.50 -39.68 -13.09
CA GLY J 135 -68.71 -38.87 -11.89
C GLY J 135 -68.12 -37.48 -12.01
N LEU J 136 -66.94 -37.39 -12.67
CA LEU J 136 -66.22 -36.13 -12.90
C LEU J 136 -66.90 -35.35 -14.03
N SER J 137 -67.18 -36.03 -15.16
CA SER J 137 -67.84 -35.48 -16.34
C SER J 137 -68.95 -36.44 -16.81
N PRO J 138 -70.23 -36.00 -16.87
CA PRO J 138 -71.30 -36.92 -17.30
C PRO J 138 -71.10 -37.42 -18.73
N ALA J 139 -71.24 -38.76 -18.93
CA ALA J 139 -71.09 -39.51 -20.18
C ALA J 139 -69.72 -39.22 -20.83
N TYR J 140 -68.62 -39.53 -20.10
CA TYR J 140 -67.25 -39.33 -20.54
C TYR J 140 -66.92 -40.24 -21.73
N PRO J 141 -66.26 -39.73 -22.81
CA PRO J 141 -65.94 -40.59 -23.97
C PRO J 141 -64.97 -41.71 -23.60
N ARG J 142 -65.42 -42.96 -23.83
CA ARG J 142 -64.67 -44.19 -23.51
C ARG J 142 -63.41 -44.34 -24.36
N HIS J 143 -63.41 -43.82 -25.60
CA HIS J 143 -62.28 -43.89 -26.54
C HIS J 143 -61.05 -43.10 -26.08
N MET J 144 -61.25 -42.08 -25.21
CA MET J 144 -60.18 -41.22 -24.69
C MET J 144 -59.49 -41.83 -23.45
N MET J 145 -59.99 -42.96 -22.94
CA MET J 145 -59.53 -43.60 -21.71
C MET J 145 -58.25 -44.47 -21.85
N HIS J 146 -57.21 -43.92 -22.52
CA HIS J 146 -55.88 -44.52 -22.68
C HIS J 146 -54.90 -43.49 -23.26
N PRO J 147 -53.63 -43.41 -22.77
CA PRO J 147 -52.68 -42.42 -23.31
C PRO J 147 -52.39 -42.56 -24.81
N SER J 148 -52.71 -43.73 -25.40
CA SER J 148 -52.51 -44.04 -26.81
C SER J 148 -53.47 -43.25 -27.73
N PHE J 149 -54.56 -42.69 -27.15
CA PHE J 149 -55.56 -41.89 -27.87
C PHE J 149 -54.93 -40.65 -28.53
N ALA J 150 -53.78 -40.17 -27.99
CA ALA J 150 -53.02 -39.04 -28.53
C ALA J 150 -52.55 -39.33 -29.97
N GLY J 151 -52.48 -40.61 -30.34
CA GLY J 151 -52.12 -41.07 -31.68
C GLY J 151 -53.29 -41.05 -32.65
N MET J 152 -54.49 -40.65 -32.16
CA MET J 152 -55.73 -40.54 -32.95
C MET J 152 -56.17 -39.06 -33.11
N VAL J 153 -55.57 -38.15 -32.32
CA VAL J 153 -55.89 -36.71 -32.33
C VAL J 153 -55.24 -36.07 -33.57
N ASP J 154 -56.06 -35.34 -34.34
CA ASP J 154 -55.68 -34.64 -35.56
C ASP J 154 -55.13 -33.23 -35.21
N PRO J 155 -53.83 -32.96 -35.49
CA PRO J 155 -53.28 -31.64 -35.14
C PRO J 155 -53.70 -30.51 -36.08
N SER J 156 -54.25 -30.85 -37.28
CA SER J 156 -54.70 -29.86 -38.27
C SER J 156 -56.04 -29.22 -37.86
N LEU J 157 -56.70 -29.75 -36.80
CA LEU J 157 -57.96 -29.24 -36.27
C LEU J 157 -57.78 -27.80 -35.73
N PRO J 158 -58.77 -26.89 -35.89
CA PRO J 158 -58.60 -25.51 -35.36
C PRO J 158 -58.32 -25.48 -33.85
N GLY J 159 -57.57 -24.46 -33.42
CA GLY J 159 -57.12 -24.21 -32.06
C GLY J 159 -58.08 -24.53 -30.93
N ASP J 160 -59.30 -23.96 -30.98
CA ASP J 160 -60.35 -24.16 -29.97
C ASP J 160 -60.80 -25.61 -29.91
N TYR J 161 -60.90 -26.28 -31.09
CA TYR J 161 -61.29 -27.70 -31.21
C TYR J 161 -60.22 -28.61 -30.66
N LEU J 162 -58.97 -28.38 -31.10
CA LEU J 162 -57.79 -29.17 -30.77
C LEU J 162 -57.54 -29.16 -29.26
N ARG J 163 -57.69 -27.98 -28.62
CA ARG J 163 -57.52 -27.81 -27.18
C ARG J 163 -58.63 -28.52 -26.40
N ALA J 164 -59.87 -28.51 -26.94
CA ALA J 164 -61.04 -29.15 -26.34
C ALA J 164 -60.90 -30.67 -26.27
N ILE J 165 -60.25 -31.29 -27.30
CA ILE J 165 -60.00 -32.73 -27.36
C ILE J 165 -58.90 -33.09 -26.36
N LEU J 166 -57.80 -32.30 -26.32
CA LEU J 166 -56.65 -32.51 -25.44
C LEU J 166 -56.99 -32.29 -23.97
N ASP J 167 -57.83 -31.26 -23.65
CA ASP J 167 -58.26 -30.96 -22.27
C ASP J 167 -59.18 -32.05 -21.73
N ALA J 168 -60.05 -32.61 -22.60
CA ALA J 168 -60.98 -33.69 -22.25
C ALA J 168 -60.21 -34.99 -21.99
N HIS J 169 -59.16 -35.26 -22.81
CA HIS J 169 -58.30 -36.44 -22.70
C HIS J 169 -57.39 -36.32 -21.47
N SER J 170 -56.97 -35.09 -21.11
CA SER J 170 -56.12 -34.81 -19.95
C SER J 170 -56.84 -35.10 -18.62
N LEU J 171 -58.19 -35.07 -18.61
CA LEU J 171 -59.03 -35.37 -17.44
C LEU J 171 -58.80 -36.83 -16.98
N TYR J 172 -58.68 -37.76 -17.96
CA TYR J 172 -58.39 -39.17 -17.70
C TYR J 172 -56.94 -39.33 -17.25
N LEU J 173 -56.00 -38.73 -18.02
CA LEU J 173 -54.55 -38.77 -17.76
C LEU J 173 -54.21 -38.29 -16.35
N LEU J 174 -54.94 -37.29 -15.83
CA LEU J 174 -54.77 -36.75 -14.48
C LEU J 174 -55.10 -37.82 -13.44
N GLN J 175 -56.19 -38.57 -13.66
CA GLN J 175 -56.64 -39.64 -12.77
C GLN J 175 -55.78 -40.89 -12.93
N PHE J 176 -55.47 -41.27 -14.19
CA PHE J 176 -54.67 -42.46 -14.55
C PHE J 176 -53.23 -42.38 -14.04
N SER J 177 -52.54 -41.24 -14.28
CA SER J 177 -51.15 -41.02 -13.85
C SER J 177 -50.99 -41.10 -12.33
N ARG J 178 -52.01 -40.65 -11.58
CA ARG J 178 -52.01 -40.69 -10.11
C ARG J 178 -52.27 -42.12 -9.60
N VAL J 179 -52.96 -42.97 -10.41
CA VAL J 179 -53.25 -44.35 -10.03
C VAL J 179 -52.00 -45.23 -10.24
N ILE J 180 -51.39 -45.18 -11.45
CA ILE J 180 -50.21 -46.00 -11.79
C ILE J 180 -48.93 -45.49 -11.10
N ASN J 181 -48.81 -44.17 -10.84
CA ASN J 181 -47.66 -43.60 -10.14
C ASN J 181 -48.11 -43.12 -8.74
N PRO J 182 -47.65 -43.78 -7.66
CA PRO J 182 -48.13 -43.41 -6.31
C PRO J 182 -47.57 -42.10 -5.75
N ASN J 183 -46.37 -41.67 -6.18
CA ASN J 183 -45.76 -40.42 -5.68
C ASN J 183 -46.41 -39.16 -6.28
N LEU J 184 -47.22 -39.30 -7.35
CA LEU J 184 -47.93 -38.19 -7.99
C LEU J 184 -49.32 -37.92 -7.37
N ARG J 185 -49.76 -38.80 -6.44
CA ARG J 185 -51.06 -38.74 -5.76
C ARG J 185 -51.26 -37.46 -4.94
N GLY J 186 -50.24 -37.07 -4.17
CA GLY J 186 -50.28 -35.88 -3.33
C GLY J 186 -50.06 -34.57 -4.06
N ARG J 187 -49.38 -34.63 -5.21
CA ARG J 187 -49.03 -33.48 -6.04
C ARG J 187 -50.27 -32.93 -6.77
N THR J 188 -50.33 -31.60 -6.92
CA THR J 188 -51.43 -30.84 -7.56
C THR J 188 -51.58 -31.13 -9.06
N LYS J 189 -52.72 -30.69 -9.65
CA LYS J 189 -53.10 -30.84 -11.07
C LYS J 189 -51.98 -30.38 -12.02
N GLU J 190 -51.36 -29.22 -11.74
CA GLU J 190 -50.29 -28.63 -12.53
C GLU J 190 -49.02 -29.49 -12.53
N GLU J 191 -48.70 -30.12 -11.38
CA GLU J 191 -47.54 -31.00 -11.21
C GLU J 191 -47.70 -32.30 -12.01
N VAL J 192 -48.93 -32.87 -11.99
CA VAL J 192 -49.28 -34.11 -12.69
C VAL J 192 -49.35 -33.83 -14.20
N ALA J 193 -49.90 -32.67 -14.61
CA ALA J 193 -50.03 -32.25 -16.01
C ALA J 193 -48.69 -32.20 -16.73
N ALA J 194 -47.65 -31.66 -16.07
CA ALA J 194 -46.29 -31.51 -16.61
C ALA J 194 -45.62 -32.84 -16.99
N THR J 195 -46.06 -33.98 -16.41
CA THR J 195 -45.49 -35.29 -16.70
C THR J 195 -46.11 -35.93 -17.97
N PHE J 196 -47.41 -35.70 -18.24
CA PHE J 196 -48.07 -36.32 -19.39
C PHE J 196 -48.29 -35.38 -20.60
N THR J 197 -48.30 -34.04 -20.40
CA THR J 197 -48.54 -33.07 -21.50
C THR J 197 -47.47 -33.14 -22.60
N GLN J 198 -46.19 -33.33 -22.22
CA GLN J 198 -45.07 -33.43 -23.16
C GLN J 198 -45.19 -34.67 -24.08
N PRO J 199 -45.32 -35.91 -23.55
CA PRO J 199 -45.41 -37.08 -24.44
C PRO J 199 -46.74 -37.19 -25.21
N MET J 200 -47.81 -36.52 -24.72
CA MET J 200 -49.13 -36.48 -25.37
C MET J 200 -49.02 -35.70 -26.68
N ASN J 201 -48.44 -34.48 -26.63
CA ASN J 201 -48.21 -33.60 -27.77
C ASN J 201 -47.24 -34.23 -28.78
N ALA J 202 -46.32 -35.09 -28.30
CA ALA J 202 -45.34 -35.82 -29.10
C ALA J 202 -46.01 -36.86 -30.01
N ALA J 203 -47.19 -37.38 -29.59
CA ALA J 203 -47.96 -38.35 -30.35
C ALA J 203 -49.00 -37.66 -31.25
N VAL J 204 -49.50 -36.47 -30.85
CA VAL J 204 -50.46 -35.69 -31.65
C VAL J 204 -49.71 -35.11 -32.85
N ASN J 205 -48.52 -34.52 -32.59
CA ASN J 205 -47.66 -33.93 -33.61
C ASN J 205 -46.80 -35.00 -34.30
N SER J 206 -47.12 -36.30 -34.08
CA SER J 206 -46.40 -37.40 -34.72
C SER J 206 -46.99 -37.64 -36.12
N ASN J 207 -46.10 -37.64 -37.11
CA ASN J 207 -46.36 -37.82 -38.55
C ASN J 207 -47.02 -39.18 -38.92
N PHE J 208 -47.12 -40.13 -37.97
CA PHE J 208 -47.73 -41.44 -38.20
C PHE J 208 -49.26 -41.32 -38.35
N ILE J 209 -49.80 -41.76 -39.52
CA ILE J 209 -51.21 -41.71 -39.95
C ILE J 209 -51.54 -40.25 -40.27
N SER J 210 -51.93 -39.97 -41.54
CA SER J 210 -52.24 -38.63 -42.05
C SER J 210 -53.36 -37.91 -41.26
N HIS J 211 -53.35 -36.57 -41.33
CA HIS J 211 -54.27 -35.64 -40.66
C HIS J 211 -55.73 -35.92 -41.00
N GLU J 212 -56.01 -36.24 -42.28
CA GLU J 212 -57.36 -36.53 -42.79
C GLU J 212 -57.86 -37.89 -42.29
N LYS J 213 -56.97 -38.91 -42.26
CA LYS J 213 -57.28 -40.26 -41.78
C LYS J 213 -57.55 -40.25 -40.28
N ARG J 214 -56.78 -39.46 -39.51
CA ARG J 214 -56.92 -39.30 -38.06
C ARG J 214 -58.25 -38.63 -37.72
N ARG J 215 -58.67 -37.65 -38.54
CA ARG J 215 -59.93 -36.91 -38.41
C ARG J 215 -61.12 -37.84 -38.62
N GLU J 216 -60.98 -38.83 -39.55
CA GLU J 216 -62.01 -39.82 -39.87
C GLU J 216 -62.28 -40.75 -38.68
N PHE J 217 -61.22 -41.12 -37.92
CA PHE J 217 -61.31 -41.97 -36.75
C PHE J 217 -62.11 -41.30 -35.63
N LEU J 218 -61.82 -40.00 -35.37
CA LEU J 218 -62.50 -39.19 -34.35
C LEU J 218 -63.99 -39.03 -34.68
N LYS J 219 -64.33 -38.97 -35.99
CA LYS J 219 -65.71 -38.89 -36.49
C LYS J 219 -66.43 -40.23 -36.31
N ALA J 220 -65.70 -41.34 -36.56
CA ALA J 220 -66.20 -42.72 -36.44
C ALA J 220 -66.46 -43.11 -34.98
N PHE J 221 -65.61 -42.62 -34.04
CA PHE J 221 -65.77 -42.90 -32.61
C PHE J 221 -66.90 -42.05 -32.00
N GLY J 222 -67.34 -41.02 -32.73
CA GLY J 222 -68.40 -40.12 -32.30
C GLY J 222 -67.90 -39.03 -31.36
N LEU J 223 -66.69 -38.51 -31.64
CA LEU J 223 -66.05 -37.46 -30.85
C LEU J 223 -66.27 -36.09 -31.50
N VAL J 224 -66.07 -36.00 -32.83
CA VAL J 224 -66.26 -34.76 -33.59
C VAL J 224 -67.32 -34.98 -34.70
N ASP J 225 -67.96 -33.88 -35.17
CA ASP J 225 -68.98 -33.92 -36.21
C ASP J 225 -68.33 -33.93 -37.63
N SER J 226 -69.14 -33.75 -38.68
CA SER J 226 -68.72 -33.74 -40.09
C SER J 226 -67.64 -32.68 -40.41
N ASN J 227 -67.64 -31.54 -39.68
CA ASN J 227 -66.67 -30.45 -39.89
C ASN J 227 -65.42 -30.64 -39.03
N GLY J 228 -65.61 -30.78 -37.71
CA GLY J 228 -64.52 -30.97 -36.75
C GLY J 228 -64.82 -30.50 -35.34
N LYS J 229 -66.06 -30.02 -35.10
CA LYS J 229 -66.53 -29.54 -33.79
C LYS J 229 -66.78 -30.73 -32.85
N PRO J 230 -66.17 -30.72 -31.63
CA PRO J 230 -66.38 -31.85 -30.71
C PRO J 230 -67.79 -31.90 -30.13
N SER J 231 -68.22 -33.10 -29.70
CA SER J 231 -69.54 -33.35 -29.11
C SER J 231 -69.67 -32.73 -27.70
N ALA J 232 -70.92 -32.64 -27.19
CA ALA J 232 -71.25 -32.09 -25.87
C ALA J 232 -70.54 -32.85 -24.74
N ALA J 233 -70.30 -34.17 -24.93
CA ALA J 233 -69.61 -35.05 -23.98
C ALA J 233 -68.14 -34.66 -23.82
N VAL J 234 -67.49 -34.28 -24.94
CA VAL J 234 -66.08 -33.86 -25.00
C VAL J 234 -65.95 -32.45 -24.39
N MET J 235 -66.88 -31.53 -24.75
CA MET J 235 -66.91 -30.15 -24.28
C MET J 235 -67.09 -30.06 -22.76
N ALA J 236 -67.91 -30.95 -22.17
CA ALA J 236 -68.16 -31.01 -20.73
C ALA J 236 -66.92 -31.52 -19.98
N ALA J 237 -66.19 -32.49 -20.57
CA ALA J 237 -64.97 -33.06 -20.00
C ALA J 237 -63.80 -32.08 -20.04
N ALA J 238 -63.76 -31.21 -21.08
CA ALA J 238 -62.73 -30.18 -21.24
C ALA J 238 -62.93 -29.06 -20.22
N GLN J 239 -64.22 -28.74 -19.91
CA GLN J 239 -64.61 -27.73 -18.93
C GLN J 239 -64.37 -28.24 -17.51
N ALA J 240 -64.54 -29.56 -17.30
CA ALA J 240 -64.33 -30.22 -16.01
C ALA J 240 -62.85 -30.22 -15.60
N TYR J 241 -61.93 -30.30 -16.59
CA TYR J 241 -60.48 -30.29 -16.38
C TYR J 241 -59.99 -28.91 -15.93
N LYS J 242 -60.68 -27.84 -16.38
CA LYS J 242 -60.36 -26.44 -16.06
C LYS J 242 -60.61 -26.15 -14.57
N THR J 243 -61.64 -26.78 -13.98
CA THR J 243 -62.03 -26.60 -12.57
C THR J 243 -61.61 -27.80 -11.70
N ALA J 244 -60.87 -28.78 -12.29
CA ALA J 244 -60.39 -29.99 -11.61
C ALA J 244 -59.34 -29.68 -10.55
N ALA J 245 -59.26 -30.54 -9.51
CA ALA J 245 -58.30 -30.42 -8.41
C ALA J 245 -57.14 -31.40 -8.56
N GLN K 5 -15.24 14.03 13.19
CA GLN K 5 -15.24 12.73 12.53
C GLN K 5 -16.38 12.64 11.51
N GLU K 6 -17.53 13.31 11.76
CA GLU K 6 -18.68 13.33 10.86
C GLU K 6 -18.41 14.29 9.68
N LEU K 7 -17.50 13.86 8.78
CA LEU K 7 -17.08 14.60 7.60
C LEU K 7 -17.58 13.89 6.31
N ALA K 8 -18.37 12.81 6.48
CA ALA K 8 -18.96 12.04 5.39
C ALA K 8 -20.06 12.83 4.67
N ILE K 9 -20.66 13.82 5.37
CA ILE K 9 -21.71 14.72 4.87
C ILE K 9 -21.16 15.55 3.71
N GLN K 10 -19.91 16.03 3.84
CA GLN K 10 -19.18 16.82 2.84
C GLN K 10 -18.85 15.96 1.61
N PHE K 11 -18.53 14.67 1.85
CA PHE K 11 -18.23 13.68 0.80
C PHE K 11 -19.51 13.33 0.04
N ALA K 12 -20.66 13.34 0.74
CA ALA K 12 -21.98 13.04 0.19
C ALA K 12 -22.56 14.24 -0.56
N ALA K 13 -22.24 15.48 -0.11
CA ALA K 13 -22.70 16.74 -0.72
C ALA K 13 -22.11 16.94 -2.12
N GLN K 14 -21.01 16.22 -2.44
CA GLN K 14 -20.32 16.25 -3.73
C GLN K 14 -21.23 15.81 -4.87
N ALA K 15 -21.15 16.51 -6.01
CA ALA K 15 -21.92 16.20 -7.21
C ALA K 15 -21.40 14.90 -7.84
N VAL K 16 -22.31 13.93 -8.08
CA VAL K 16 -21.97 12.62 -8.64
C VAL K 16 -21.64 12.76 -10.13
N ASP K 17 -20.45 12.27 -10.53
CA ASP K 17 -19.98 12.30 -11.91
C ASP K 17 -20.47 11.04 -12.63
N ARG K 18 -21.47 11.21 -13.51
CA ARG K 18 -22.14 10.15 -14.26
C ARG K 18 -21.17 9.26 -15.04
N ASN K 19 -20.21 9.86 -15.76
CA ASN K 19 -19.26 9.14 -16.59
C ASN K 19 -18.10 8.53 -15.77
N GLU K 20 -17.75 9.10 -14.61
CA GLU K 20 -16.69 8.59 -13.72
C GLU K 20 -17.10 7.22 -13.15
N ILE K 21 -18.40 7.07 -12.85
CA ILE K 21 -19.02 5.85 -12.35
C ILE K 21 -19.15 4.83 -13.51
N GLU K 22 -19.49 5.33 -14.71
CA GLU K 22 -19.65 4.55 -15.95
C GLU K 22 -18.34 3.85 -16.37
N GLN K 23 -17.18 4.44 -16.02
CA GLN K 23 -15.86 3.89 -16.31
C GLN K 23 -15.57 2.67 -15.44
N TRP K 24 -15.92 2.75 -14.15
CA TRP K 24 -15.68 1.71 -13.15
C TRP K 24 -16.65 0.54 -13.27
N VAL K 25 -17.92 0.77 -13.68
CA VAL K 25 -18.92 -0.29 -13.82
C VAL K 25 -18.51 -1.25 -14.98
N ARG K 26 -17.95 -0.69 -16.08
CA ARG K 26 -17.47 -1.46 -17.22
C ARG K 26 -16.17 -2.18 -16.88
N GLU K 27 -15.36 -1.60 -15.98
CA GLU K 27 -14.09 -2.16 -15.51
C GLU K 27 -14.37 -3.32 -14.55
N PHE K 28 -15.30 -3.12 -13.59
CA PHE K 28 -15.68 -4.13 -12.59
C PHE K 28 -16.95 -4.89 -13.02
N ALA K 29 -17.08 -5.16 -14.34
CA ALA K 29 -18.23 -5.87 -14.91
C ALA K 29 -18.14 -7.37 -14.72
N TYR K 30 -19.32 -8.02 -14.73
CA TYR K 30 -19.57 -9.46 -14.59
C TYR K 30 -19.00 -10.23 -15.79
N GLN K 31 -18.69 -11.53 -15.60
CA GLN K 31 -18.17 -12.40 -16.67
C GLN K 31 -19.14 -13.54 -16.99
N GLY K 32 -18.99 -14.13 -18.16
CA GLY K 32 -19.85 -15.20 -18.66
C GLY K 32 -20.87 -14.66 -19.64
N PHE K 33 -20.44 -13.67 -20.43
CA PHE K 33 -21.24 -12.95 -21.41
C PHE K 33 -21.18 -13.68 -22.75
N ASP K 34 -22.35 -14.18 -23.19
CA ASP K 34 -22.51 -14.94 -24.43
C ASP K 34 -23.11 -14.08 -25.55
N ALA K 35 -22.24 -13.53 -26.43
CA ALA K 35 -22.65 -12.70 -27.57
C ALA K 35 -21.52 -12.54 -28.61
N ARG K 36 -20.43 -11.83 -28.28
CA ARG K 36 -19.31 -11.58 -29.19
C ARG K 36 -18.35 -12.75 -29.24
N ARG K 37 -18.07 -13.36 -28.05
CA ARG K 37 -17.15 -14.48 -27.89
C ARG K 37 -17.68 -15.74 -28.58
N VAL K 38 -19.02 -15.95 -28.57
CA VAL K 38 -19.68 -17.11 -29.16
C VAL K 38 -19.45 -17.14 -30.70
N ILE K 39 -19.72 -16.01 -31.39
CA ILE K 39 -19.52 -15.87 -32.85
C ILE K 39 -18.01 -16.00 -33.18
N GLU K 40 -17.14 -15.43 -32.32
CA GLU K 40 -15.67 -15.48 -32.46
C GLU K 40 -15.18 -16.93 -32.40
N LEU K 41 -15.81 -17.76 -31.53
CA LEU K 41 -15.49 -19.18 -31.36
C LEU K 41 -16.11 -20.04 -32.46
N LEU K 42 -17.33 -19.68 -32.93
CA LEU K 42 -18.04 -20.40 -34.00
C LEU K 42 -17.26 -20.39 -35.32
N LYS K 43 -16.65 -19.24 -35.65
CA LYS K 43 -15.83 -19.07 -36.86
C LYS K 43 -14.43 -19.70 -36.67
N GLN K 44 -13.99 -19.84 -35.41
CA GLN K 44 -12.69 -20.41 -35.03
C GLN K 44 -12.66 -21.94 -35.21
N TYR K 45 -13.77 -22.63 -34.89
CA TYR K 45 -13.89 -24.08 -35.01
C TYR K 45 -14.52 -24.48 -36.35
N GLY K 46 -15.60 -23.80 -36.74
CA GLY K 46 -16.34 -24.06 -37.97
C GLY K 46 -15.64 -23.64 -39.24
N GLY K 47 -15.23 -22.38 -39.29
CA GLY K 47 -14.55 -21.80 -40.44
C GLY K 47 -15.51 -21.21 -41.46
N ALA K 48 -15.81 -21.98 -42.52
CA ALA K 48 -16.72 -21.57 -43.59
C ALA K 48 -18.10 -22.20 -43.43
N ASP K 49 -18.16 -23.44 -42.87
CA ASP K 49 -19.39 -24.20 -42.64
C ASP K 49 -20.02 -23.88 -41.28
N TRP K 50 -19.62 -22.75 -40.65
CA TRP K 50 -20.12 -22.34 -39.34
C TRP K 50 -21.58 -21.88 -39.38
N GLU K 51 -22.03 -21.28 -40.51
CA GLU K 51 -23.40 -20.77 -40.67
C GLU K 51 -24.42 -21.90 -40.82
N LYS K 52 -24.08 -22.98 -41.57
CA LYS K 52 -24.95 -24.13 -41.77
C LYS K 52 -25.10 -24.94 -40.48
N ASP K 53 -23.98 -25.10 -39.73
CA ASP K 53 -23.95 -25.83 -38.46
C ASP K 53 -24.67 -25.07 -37.35
N ALA K 54 -24.63 -23.72 -37.38
CA ALA K 54 -25.31 -22.86 -36.40
C ALA K 54 -26.83 -23.02 -36.52
N LYS K 55 -27.34 -23.14 -37.78
CA LYS K 55 -28.74 -23.35 -38.10
C LYS K 55 -29.20 -24.71 -37.55
N LYS K 56 -28.32 -25.74 -37.63
CA LYS K 56 -28.55 -27.09 -37.12
C LYS K 56 -28.61 -27.09 -35.59
N MET K 57 -27.69 -26.33 -34.95
CA MET K 57 -27.57 -26.21 -33.50
C MET K 57 -28.75 -25.43 -32.88
N ILE K 58 -29.38 -24.50 -33.64
CA ILE K 58 -30.53 -23.72 -33.17
C ILE K 58 -31.76 -24.65 -33.09
N VAL K 59 -31.99 -25.48 -34.12
CA VAL K 59 -33.09 -26.45 -34.21
C VAL K 59 -32.92 -27.52 -33.10
N LEU K 60 -31.66 -27.94 -32.85
CA LEU K 60 -31.29 -28.94 -31.85
C LEU K 60 -31.56 -28.45 -30.41
N ALA K 61 -31.18 -27.20 -30.10
CA ALA K 61 -31.36 -26.59 -28.77
C ALA K 61 -32.82 -26.27 -28.46
N LEU K 62 -33.60 -25.91 -29.50
CA LEU K 62 -35.01 -25.53 -29.38
C LEU K 62 -35.94 -26.72 -29.16
N THR K 63 -35.70 -27.83 -29.89
CA THR K 63 -36.55 -29.04 -29.83
C THR K 63 -36.13 -30.00 -28.72
N ARG K 64 -34.81 -30.24 -28.53
CA ARG K 64 -34.33 -31.18 -27.51
C ARG K 64 -33.92 -30.46 -26.21
N GLY K 65 -32.72 -29.89 -26.17
CA GLY K 65 -32.21 -29.20 -24.98
C GLY K 65 -30.80 -28.68 -25.05
N ASN K 66 -30.14 -28.58 -23.88
CA ASN K 66 -28.77 -28.08 -23.74
C ASN K 66 -27.73 -29.20 -23.60
N LYS K 67 -28.08 -30.31 -22.92
CA LYS K 67 -27.19 -31.46 -22.70
C LYS K 67 -27.08 -32.30 -23.99
N PRO K 68 -25.91 -32.31 -24.69
CA PRO K 68 -25.83 -33.05 -25.96
C PRO K 68 -25.62 -34.55 -25.80
N ARG K 69 -24.89 -34.99 -24.74
CA ARG K 69 -24.62 -36.40 -24.50
C ARG K 69 -25.85 -37.14 -23.99
N ARG K 70 -26.75 -36.43 -23.28
CA ARG K 70 -27.97 -36.98 -22.72
C ARG K 70 -29.05 -37.20 -23.78
N MET K 71 -29.20 -36.25 -24.74
CA MET K 71 -30.19 -36.33 -25.82
C MET K 71 -29.79 -37.36 -26.89
N MET K 72 -28.49 -37.66 -27.02
CA MET K 72 -27.95 -38.62 -27.98
C MET K 72 -28.36 -40.06 -27.66
N MET K 73 -28.65 -40.36 -26.38
CA MET K 73 -29.05 -41.67 -25.87
C MET K 73 -30.42 -42.09 -26.45
N LYS K 74 -31.36 -41.14 -26.57
CA LYS K 74 -32.69 -41.38 -27.12
C LYS K 74 -32.87 -40.55 -28.40
N MET K 75 -32.19 -41.00 -29.48
CA MET K 75 -32.18 -40.37 -30.80
C MET K 75 -31.90 -41.38 -31.92
N SER K 76 -32.20 -41.02 -33.19
CA SER K 76 -31.97 -41.86 -34.36
C SER K 76 -30.47 -41.94 -34.70
N LYS K 77 -30.05 -43.02 -35.39
CA LYS K 77 -28.67 -43.26 -35.83
C LYS K 77 -28.14 -42.13 -36.72
N GLU K 78 -29.03 -41.54 -37.55
CA GLU K 78 -28.74 -40.41 -38.44
C GLU K 78 -28.45 -39.14 -37.61
N GLY K 79 -29.22 -38.97 -36.53
CA GLY K 79 -29.07 -37.87 -35.60
C GLY K 79 -27.86 -38.00 -34.71
N LYS K 80 -27.56 -39.24 -34.27
CA LYS K 80 -26.41 -39.58 -33.40
C LYS K 80 -25.07 -39.18 -34.02
N ALA K 81 -24.90 -39.41 -35.34
CA ALA K 81 -23.68 -39.09 -36.08
C ALA K 81 -23.52 -37.59 -36.31
N THR K 82 -24.63 -36.88 -36.61
CA THR K 82 -24.64 -35.43 -36.87
C THR K 82 -24.37 -34.61 -35.60
N VAL K 83 -24.97 -35.02 -34.45
CA VAL K 83 -24.82 -34.34 -33.15
C VAL K 83 -23.38 -34.53 -32.64
N GLU K 84 -22.83 -35.77 -32.71
CA GLU K 84 -21.46 -36.09 -32.26
C GLU K 84 -20.42 -35.34 -33.09
N ALA K 85 -20.72 -35.08 -34.38
CA ALA K 85 -19.84 -34.33 -35.29
C ALA K 85 -19.70 -32.87 -34.84
N LEU K 86 -20.77 -32.29 -34.27
CA LEU K 86 -20.81 -30.92 -33.75
C LEU K 86 -20.07 -30.80 -32.41
N ILE K 87 -20.12 -31.86 -31.58
CA ILE K 87 -19.47 -31.91 -30.27
C ILE K 87 -17.94 -31.98 -30.45
N ASN K 88 -17.46 -32.83 -31.39
CA ASN K 88 -16.04 -33.02 -31.66
C ASN K 88 -15.41 -31.84 -32.43
N LYS K 89 -16.23 -31.02 -33.12
CA LYS K 89 -15.75 -29.87 -33.90
C LYS K 89 -15.76 -28.57 -33.08
N TYR K 90 -16.93 -28.20 -32.53
CA TYR K 90 -17.13 -26.96 -31.77
C TYR K 90 -16.83 -27.08 -30.27
N LYS K 91 -16.49 -28.30 -29.80
CA LYS K 91 -16.17 -28.64 -28.41
C LYS K 91 -17.32 -28.19 -27.48
N LEU K 92 -18.55 -28.57 -27.86
CA LEU K 92 -19.79 -28.24 -27.14
C LEU K 92 -19.86 -28.96 -25.80
N LYS K 93 -20.32 -28.22 -24.76
CA LYS K 93 -20.45 -28.72 -23.39
C LYS K 93 -21.90 -28.61 -22.90
N GLU K 94 -22.14 -29.03 -21.64
CA GLU K 94 -23.46 -28.99 -21.02
C GLU K 94 -23.38 -28.27 -19.66
N GLY K 95 -24.37 -27.41 -19.40
CA GLY K 95 -24.47 -26.63 -18.18
C GLY K 95 -23.97 -25.21 -18.34
N ASN K 96 -23.30 -24.69 -17.29
CA ASN K 96 -22.76 -23.34 -17.27
C ASN K 96 -21.22 -23.38 -17.12
N PRO K 97 -20.47 -23.51 -18.25
CA PRO K 97 -19.00 -23.58 -18.15
C PRO K 97 -18.34 -22.19 -18.24
N SER K 98 -17.02 -22.16 -18.57
CA SER K 98 -16.22 -20.94 -18.68
C SER K 98 -16.59 -20.11 -19.95
N ARG K 99 -16.06 -18.86 -20.02
CA ARG K 99 -16.26 -17.89 -21.10
C ARG K 99 -15.82 -18.44 -22.47
N ASP K 100 -14.70 -19.19 -22.51
CA ASP K 100 -14.12 -19.75 -23.73
C ASP K 100 -14.84 -21.04 -24.20
N GLU K 101 -15.80 -21.55 -23.42
CA GLU K 101 -16.55 -22.77 -23.76
C GLU K 101 -17.89 -22.45 -24.43
N LEU K 102 -18.37 -23.38 -25.28
CA LEU K 102 -19.63 -23.24 -26.02
C LEU K 102 -20.67 -24.28 -25.60
N THR K 103 -21.94 -23.87 -25.57
CA THR K 103 -23.10 -24.71 -25.26
C THR K 103 -24.18 -24.42 -26.31
N LEU K 104 -25.13 -25.35 -26.50
CA LEU K 104 -26.23 -25.21 -27.47
C LEU K 104 -27.14 -24.02 -27.16
N SER K 105 -27.31 -23.69 -25.87
CA SER K 105 -28.12 -22.56 -25.41
C SER K 105 -27.43 -21.22 -25.70
N ARG K 106 -26.08 -21.19 -25.63
CA ARG K 106 -25.27 -19.99 -25.89
C ARG K 106 -25.28 -19.61 -27.37
N VAL K 107 -25.33 -20.62 -28.28
CA VAL K 107 -25.36 -20.43 -29.74
C VAL K 107 -26.73 -19.82 -30.11
N ALA K 108 -27.81 -20.34 -29.50
CA ALA K 108 -29.19 -19.87 -29.72
C ALA K 108 -29.40 -18.46 -29.15
N ALA K 109 -28.71 -18.12 -28.05
CA ALA K 109 -28.80 -16.82 -27.39
C ALA K 109 -28.06 -15.73 -28.16
N ALA K 110 -26.86 -16.05 -28.71
CA ALA K 110 -26.04 -15.11 -29.48
C ALA K 110 -26.69 -14.75 -30.82
N LEU K 111 -27.29 -15.74 -31.49
CA LEU K 111 -27.99 -15.57 -32.77
C LEU K 111 -29.51 -15.56 -32.52
N ALA K 112 -29.95 -14.62 -31.65
CA ALA K 112 -31.33 -14.44 -31.20
C ALA K 112 -32.31 -14.13 -32.34
N GLY K 113 -31.85 -13.44 -33.39
CA GLY K 113 -32.63 -13.07 -34.55
C GLY K 113 -33.12 -14.26 -35.37
N ARG K 114 -32.23 -15.24 -35.63
CA ARG K 114 -32.54 -16.45 -36.38
C ARG K 114 -33.36 -17.42 -35.51
N THR K 115 -33.05 -17.47 -34.20
CA THR K 115 -33.69 -18.32 -33.19
C THR K 115 -35.19 -17.98 -33.07
N CYS K 116 -35.54 -16.68 -32.98
CA CYS K 116 -36.92 -16.20 -32.85
C CYS K 116 -37.74 -16.50 -34.11
N GLN K 117 -37.11 -16.41 -35.30
CA GLN K 117 -37.74 -16.69 -36.59
C GLN K 117 -38.01 -18.20 -36.75
N ALA K 118 -37.14 -19.05 -36.16
CA ALA K 118 -37.23 -20.51 -36.20
C ALA K 118 -38.41 -21.04 -35.36
N LEU K 119 -38.87 -20.25 -34.38
CA LEU K 119 -39.98 -20.58 -33.48
C LEU K 119 -41.32 -20.61 -34.20
N VAL K 120 -41.44 -19.89 -35.34
CA VAL K 120 -42.65 -19.82 -36.16
C VAL K 120 -42.86 -21.20 -36.83
N VAL K 121 -41.76 -21.81 -37.32
CA VAL K 121 -41.75 -23.13 -37.95
C VAL K 121 -41.85 -24.19 -36.83
N LEU K 122 -40.89 -24.17 -35.88
CA LEU K 122 -40.85 -25.09 -34.74
C LEU K 122 -41.77 -24.57 -33.63
N SER K 123 -43.08 -24.74 -33.82
CA SER K 123 -44.09 -24.26 -32.87
C SER K 123 -44.61 -25.39 -31.98
N GLU K 124 -44.91 -26.54 -32.57
CA GLU K 124 -45.49 -27.69 -31.85
C GLU K 124 -44.41 -28.72 -31.45
N TRP K 125 -43.12 -28.44 -31.73
CA TRP K 125 -42.01 -29.34 -31.39
C TRP K 125 -41.25 -28.85 -30.13
N LEU K 126 -41.60 -27.67 -29.61
CA LEU K 126 -41.03 -27.07 -28.40
C LEU K 126 -41.54 -27.79 -27.13
N PRO K 127 -40.89 -27.67 -25.94
CA PRO K 127 -41.43 -28.33 -24.73
C PRO K 127 -42.81 -27.78 -24.36
N VAL K 128 -43.04 -26.49 -24.62
CA VAL K 128 -44.32 -25.80 -24.44
C VAL K 128 -44.79 -25.44 -25.85
N THR K 129 -45.87 -26.09 -26.32
CA THR K 129 -46.41 -25.89 -27.66
C THR K 129 -47.14 -24.55 -27.79
N GLY K 130 -47.31 -24.08 -29.03
CA GLY K 130 -48.00 -22.84 -29.35
C GLY K 130 -49.48 -22.87 -29.03
N THR K 131 -50.10 -24.06 -29.13
CA THR K 131 -51.51 -24.30 -28.83
C THR K 131 -51.75 -24.15 -27.33
N THR K 132 -50.78 -24.57 -26.50
CA THR K 132 -50.82 -24.48 -25.03
C THR K 132 -50.77 -22.99 -24.61
N MET K 133 -49.91 -22.21 -25.30
CA MET K 133 -49.75 -20.77 -25.05
C MET K 133 -50.97 -19.98 -25.52
N ASP K 134 -51.68 -20.50 -26.56
CA ASP K 134 -52.89 -19.89 -27.12
C ASP K 134 -54.06 -20.00 -26.15
N GLY K 135 -54.04 -21.02 -25.29
CA GLY K 135 -55.06 -21.27 -24.27
C GLY K 135 -55.01 -20.26 -23.14
N LEU K 136 -53.79 -19.83 -22.76
CA LEU K 136 -53.55 -18.85 -21.71
C LEU K 136 -53.85 -17.44 -22.23
N SER K 137 -53.32 -17.10 -23.42
CA SER K 137 -53.51 -15.83 -24.11
C SER K 137 -53.83 -16.08 -25.59
N PRO K 138 -55.00 -15.63 -26.10
CA PRO K 138 -55.34 -15.87 -27.52
C PRO K 138 -54.33 -15.24 -28.47
N ALA K 139 -53.88 -16.04 -29.48
CA ALA K 139 -52.91 -15.70 -30.52
C ALA K 139 -51.59 -15.16 -29.90
N TYR K 140 -50.95 -15.99 -29.06
CA TYR K 140 -49.69 -15.66 -28.38
C TYR K 140 -48.54 -15.51 -29.40
N PRO K 141 -47.70 -14.44 -29.29
CA PRO K 141 -46.60 -14.26 -30.25
C PRO K 141 -45.58 -15.40 -30.19
N ARG K 142 -45.39 -16.10 -31.32
CA ARG K 142 -44.49 -17.25 -31.47
C ARG K 142 -43.02 -16.88 -31.28
N HIS K 143 -42.63 -15.64 -31.64
CA HIS K 143 -41.26 -15.13 -31.55
C HIS K 143 -40.76 -15.00 -30.10
N MET K 144 -41.68 -14.87 -29.12
CA MET K 144 -41.37 -14.73 -27.69
C MET K 144 -41.17 -16.08 -26.99
N MET K 145 -41.41 -17.21 -27.69
CA MET K 145 -41.37 -18.57 -27.14
C MET K 145 -39.96 -19.18 -26.99
N HIS K 146 -39.00 -18.40 -26.44
CA HIS K 146 -37.63 -18.82 -26.13
C HIS K 146 -36.94 -17.77 -25.24
N PRO K 147 -36.16 -18.17 -24.19
CA PRO K 147 -35.50 -17.16 -23.34
C PRO K 147 -34.51 -16.24 -24.06
N SER K 148 -34.06 -16.62 -25.28
CA SER K 148 -33.13 -15.84 -26.10
C SER K 148 -33.78 -14.59 -26.70
N PHE K 149 -35.14 -14.49 -26.67
CA PHE K 149 -35.91 -13.35 -27.18
C PHE K 149 -35.54 -12.05 -26.42
N ALA K 150 -35.09 -12.18 -25.16
CA ALA K 150 -34.68 -11.07 -24.29
C ALA K 150 -33.52 -10.25 -24.91
N GLY K 151 -32.74 -10.90 -25.79
CA GLY K 151 -31.64 -10.27 -26.52
C GLY K 151 -32.11 -9.44 -27.70
N MET K 152 -33.40 -9.55 -28.06
CA MET K 152 -34.04 -8.81 -29.16
C MET K 152 -34.87 -7.64 -28.62
N VAL K 153 -35.09 -7.59 -27.29
CA VAL K 153 -35.88 -6.55 -26.61
C VAL K 153 -35.04 -5.26 -26.53
N ASP K 154 -35.66 -4.13 -26.95
CA ASP K 154 -35.06 -2.81 -26.96
C ASP K 154 -35.28 -2.11 -25.60
N PRO K 155 -34.21 -1.83 -24.81
CA PRO K 155 -34.42 -1.17 -23.49
C PRO K 155 -34.75 0.31 -23.58
N SER K 156 -34.47 0.96 -24.74
CA SER K 156 -34.73 2.39 -24.95
C SER K 156 -36.24 2.68 -25.13
N LEU K 157 -37.07 1.62 -25.27
CA LEU K 157 -38.53 1.70 -25.39
C LEU K 157 -39.17 2.33 -24.14
N PRO K 158 -40.31 3.05 -24.26
CA PRO K 158 -40.94 3.65 -23.06
C PRO K 158 -41.34 2.62 -22.01
N GLY K 159 -41.27 3.03 -20.74
CA GLY K 159 -41.57 2.23 -19.56
C GLY K 159 -42.74 1.28 -19.66
N ASP K 160 -43.92 1.81 -20.02
CA ASP K 160 -45.17 1.04 -20.16
C ASP K 160 -45.09 0.01 -21.27
N TYR K 161 -44.40 0.36 -22.38
CA TYR K 161 -44.22 -0.53 -23.53
C TYR K 161 -43.18 -1.60 -23.25
N LEU K 162 -42.04 -1.22 -22.63
CA LEU K 162 -40.94 -2.11 -22.27
C LEU K 162 -41.41 -3.20 -21.30
N ARG K 163 -42.24 -2.81 -20.30
CA ARG K 163 -42.81 -3.73 -19.31
C ARG K 163 -43.83 -4.68 -19.96
N ALA K 164 -44.60 -4.19 -20.95
CA ALA K 164 -45.60 -4.95 -21.69
C ALA K 164 -44.97 -6.08 -22.51
N ILE K 165 -43.76 -5.86 -23.07
CA ILE K 165 -43.01 -6.85 -23.85
C ILE K 165 -42.45 -7.91 -22.90
N LEU K 166 -41.86 -7.47 -21.76
CA LEU K 166 -41.26 -8.34 -20.75
C LEU K 166 -42.30 -9.20 -20.01
N ASP K 167 -43.48 -8.62 -19.68
CA ASP K 167 -44.57 -9.34 -19.01
C ASP K 167 -45.19 -10.41 -19.91
N ALA K 168 -45.29 -10.11 -21.23
CA ALA K 168 -45.81 -11.04 -22.24
C ALA K 168 -44.85 -12.20 -22.45
N HIS K 169 -43.53 -11.90 -22.44
CA HIS K 169 -42.44 -12.86 -22.59
C HIS K 169 -42.31 -13.73 -21.33
N SER K 170 -42.67 -13.18 -20.15
CA SER K 170 -42.63 -13.88 -18.87
C SER K 170 -43.73 -14.95 -18.76
N LEU K 171 -44.81 -14.84 -19.58
CA LEU K 171 -45.93 -15.80 -19.63
C LEU K 171 -45.43 -17.17 -20.11
N TYR K 172 -44.51 -17.18 -21.10
CA TYR K 172 -43.89 -18.40 -21.63
C TYR K 172 -42.86 -18.89 -20.61
N LEU K 173 -41.96 -17.97 -20.15
CA LEU K 173 -40.90 -18.24 -19.18
C LEU K 173 -41.42 -18.90 -17.90
N LEU K 174 -42.63 -18.51 -17.46
CA LEU K 174 -43.29 -19.07 -16.28
C LEU K 174 -43.64 -20.54 -16.48
N GLN K 175 -44.17 -20.89 -17.66
CA GLN K 175 -44.60 -22.24 -17.98
C GLN K 175 -43.42 -23.10 -18.50
N PHE K 176 -42.42 -22.48 -19.17
CA PHE K 176 -41.26 -23.19 -19.70
C PHE K 176 -40.32 -23.63 -18.56
N SER K 177 -40.02 -22.72 -17.61
CA SER K 177 -39.14 -22.98 -16.47
C SER K 177 -39.68 -24.11 -15.58
N ARG K 178 -41.02 -24.22 -15.46
CA ARG K 178 -41.66 -25.28 -14.68
C ARG K 178 -41.58 -26.62 -15.42
N VAL K 179 -41.49 -26.59 -16.77
CA VAL K 179 -41.39 -27.82 -17.59
C VAL K 179 -39.95 -28.38 -17.50
N ILE K 180 -38.93 -27.54 -17.77
CA ILE K 180 -37.52 -27.96 -17.77
C ILE K 180 -36.96 -28.20 -16.34
N ASN K 181 -37.48 -27.46 -15.33
CA ASN K 181 -37.06 -27.64 -13.94
C ASN K 181 -38.22 -28.26 -13.14
N PRO K 182 -38.10 -29.53 -12.70
CA PRO K 182 -39.24 -30.19 -12.01
C PRO K 182 -39.52 -29.70 -10.59
N ASN K 183 -38.51 -29.19 -9.86
CA ASN K 183 -38.71 -28.72 -8.49
C ASN K 183 -39.44 -27.35 -8.42
N LEU K 184 -39.56 -26.64 -9.56
CA LEU K 184 -40.24 -25.34 -9.65
C LEU K 184 -41.74 -25.49 -9.97
N ARG K 185 -42.21 -26.72 -10.24
CA ARG K 185 -43.60 -27.06 -10.59
C ARG K 185 -44.60 -26.70 -9.49
N GLY K 186 -44.29 -27.06 -8.25
CA GLY K 186 -45.15 -26.81 -7.10
C GLY K 186 -45.10 -25.40 -6.57
N ARG K 187 -44.00 -24.68 -6.83
CA ARG K 187 -43.76 -23.31 -6.39
C ARG K 187 -44.60 -22.30 -7.17
N THR K 188 -45.08 -21.24 -6.47
CA THR K 188 -45.95 -20.17 -7.00
C THR K 188 -45.26 -19.31 -8.08
N LYS K 189 -46.06 -18.48 -8.79
CA LYS K 189 -45.66 -17.56 -9.85
C LYS K 189 -44.47 -16.66 -9.44
N GLU K 190 -44.52 -16.10 -8.22
CA GLU K 190 -43.49 -15.21 -7.65
C GLU K 190 -42.15 -15.94 -7.44
N GLU K 191 -42.21 -17.22 -7.03
CA GLU K 191 -41.04 -18.08 -6.77
C GLU K 191 -40.35 -18.47 -8.08
N VAL K 192 -41.13 -18.70 -9.15
CA VAL K 192 -40.64 -19.07 -10.48
C VAL K 192 -40.05 -17.82 -11.17
N ALA K 193 -40.72 -16.66 -11.02
CA ALA K 193 -40.29 -15.39 -11.62
C ALA K 193 -38.88 -14.98 -11.18
N ALA K 194 -38.56 -15.15 -9.87
CA ALA K 194 -37.28 -14.82 -9.23
C ALA K 194 -36.08 -15.55 -9.86
N THR K 195 -36.31 -16.68 -10.56
CA THR K 195 -35.27 -17.49 -11.19
C THR K 195 -34.95 -16.99 -12.61
N PHE K 196 -35.94 -16.50 -13.37
CA PHE K 196 -35.70 -16.05 -14.75
C PHE K 196 -35.65 -14.51 -14.92
N THR K 197 -36.02 -13.73 -13.88
CA THR K 197 -36.00 -12.26 -13.95
C THR K 197 -34.59 -11.68 -14.11
N GLN K 198 -33.58 -12.32 -13.48
CA GLN K 198 -32.17 -11.90 -13.54
C GLN K 198 -31.56 -12.10 -14.95
N PRO K 199 -31.58 -13.30 -15.60
CA PRO K 199 -30.97 -13.42 -16.94
C PRO K 199 -31.81 -12.78 -18.05
N MET K 200 -33.06 -12.36 -17.73
CA MET K 200 -33.97 -11.70 -18.68
C MET K 200 -33.54 -10.25 -18.86
N ASN K 201 -33.39 -9.50 -17.73
CA ASN K 201 -32.98 -8.08 -17.72
C ASN K 201 -31.54 -7.89 -18.21
N ALA K 202 -30.66 -8.89 -17.96
CA ALA K 202 -29.25 -8.89 -18.37
C ALA K 202 -29.10 -8.90 -19.89
N ALA K 203 -29.95 -9.65 -20.60
CA ALA K 203 -29.93 -9.74 -22.06
C ALA K 203 -30.50 -8.47 -22.71
N VAL K 204 -31.48 -7.81 -22.05
CA VAL K 204 -32.11 -6.58 -22.54
C VAL K 204 -31.11 -5.42 -22.41
N ASN K 205 -30.39 -5.35 -21.26
CA ASN K 205 -29.44 -4.29 -20.95
C ASN K 205 -28.03 -4.52 -21.54
N SER K 206 -27.82 -5.59 -22.31
CA SER K 206 -26.53 -5.87 -22.95
C SER K 206 -26.26 -4.89 -24.11
N ASN K 207 -24.99 -4.59 -24.36
CA ASN K 207 -24.55 -3.66 -25.43
C ASN K 207 -24.57 -4.30 -26.83
N PHE K 208 -24.72 -5.64 -26.92
CA PHE K 208 -24.74 -6.39 -28.19
C PHE K 208 -26.04 -6.10 -28.96
N ILE K 209 -25.89 -5.58 -30.20
CA ILE K 209 -26.94 -5.13 -31.14
C ILE K 209 -27.55 -3.84 -30.58
N SER K 210 -27.38 -2.73 -31.33
CA SER K 210 -27.86 -1.39 -30.96
C SER K 210 -29.37 -1.34 -30.72
N HIS K 211 -29.81 -0.34 -29.93
CA HIS K 211 -31.19 -0.08 -29.54
C HIS K 211 -32.13 0.11 -30.74
N GLU K 212 -31.65 0.80 -31.78
CA GLU K 212 -32.39 1.07 -33.01
C GLU K 212 -32.55 -0.19 -33.86
N LYS K 213 -31.49 -1.02 -33.96
CA LYS K 213 -31.49 -2.28 -34.72
C LYS K 213 -32.40 -3.31 -34.04
N ARG K 214 -32.41 -3.34 -32.69
CA ARG K 214 -33.24 -4.23 -31.87
C ARG K 214 -34.72 -3.89 -32.06
N ARG K 215 -35.03 -2.58 -32.15
CA ARG K 215 -36.38 -2.04 -32.36
C ARG K 215 -36.92 -2.46 -33.74
N GLU K 216 -36.02 -2.51 -34.76
CA GLU K 216 -36.35 -2.90 -36.13
C GLU K 216 -36.80 -4.36 -36.20
N PHE K 217 -36.15 -5.25 -35.42
CA PHE K 217 -36.46 -6.68 -35.34
C PHE K 217 -37.86 -6.91 -34.78
N LEU K 218 -38.21 -6.21 -33.69
CA LEU K 218 -39.52 -6.28 -33.03
C LEU K 218 -40.64 -5.81 -33.98
N LYS K 219 -40.33 -4.82 -34.85
CA LYS K 219 -41.25 -4.29 -35.85
C LYS K 219 -41.43 -5.31 -36.99
N ALA K 220 -40.33 -5.98 -37.39
CA ALA K 220 -40.30 -7.00 -38.45
C ALA K 220 -41.04 -8.27 -38.04
N PHE K 221 -40.96 -8.66 -36.75
CA PHE K 221 -41.65 -9.85 -36.23
C PHE K 221 -43.16 -9.59 -36.03
N GLY K 222 -43.54 -8.30 -36.06
CA GLY K 222 -44.93 -7.86 -35.88
C GLY K 222 -45.34 -7.78 -34.43
N LEU K 223 -44.41 -7.34 -33.57
CA LEU K 223 -44.63 -7.20 -32.12
C LEU K 223 -45.00 -5.76 -31.76
N VAL K 224 -44.27 -4.78 -32.32
CA VAL K 224 -44.51 -3.35 -32.09
C VAL K 224 -44.78 -2.62 -33.43
N ASP K 225 -45.48 -1.47 -33.37
CA ASP K 225 -45.81 -0.66 -34.54
C ASP K 225 -44.63 0.25 -34.95
N SER K 226 -44.86 1.20 -35.87
CA SER K 226 -43.88 2.17 -36.40
C SER K 226 -43.23 3.04 -35.31
N ASN K 227 -43.96 3.34 -34.21
CA ASN K 227 -43.47 4.16 -33.10
C ASN K 227 -42.78 3.31 -32.03
N GLY K 228 -43.48 2.29 -31.52
CA GLY K 228 -42.97 1.39 -30.48
C GLY K 228 -44.03 0.76 -29.60
N LYS K 229 -45.31 1.04 -29.88
CA LYS K 229 -46.46 0.51 -29.14
C LYS K 229 -46.68 -0.97 -29.49
N PRO K 230 -46.76 -1.88 -28.48
CA PRO K 230 -46.96 -3.31 -28.79
C PRO K 230 -48.36 -3.61 -29.33
N SER K 231 -48.48 -4.74 -30.06
CA SER K 231 -49.73 -5.20 -30.66
C SER K 231 -50.70 -5.74 -29.60
N ALA K 232 -51.98 -5.92 -29.99
CA ALA K 232 -53.07 -6.44 -29.13
C ALA K 232 -52.75 -7.83 -28.58
N ALA K 233 -51.99 -8.64 -29.35
CA ALA K 233 -51.56 -10.00 -28.98
C ALA K 233 -50.57 -9.98 -27.81
N VAL K 234 -49.66 -8.97 -27.80
CA VAL K 234 -48.64 -8.77 -26.77
C VAL K 234 -49.31 -8.21 -25.50
N MET K 235 -50.23 -7.23 -25.67
CA MET K 235 -50.98 -6.58 -24.59
C MET K 235 -51.85 -7.57 -23.81
N ALA K 236 -52.47 -8.53 -24.52
CA ALA K 236 -53.32 -9.57 -23.92
C ALA K 236 -52.48 -10.56 -23.11
N ALA K 237 -51.26 -10.90 -23.59
CA ALA K 237 -50.33 -11.82 -22.94
C ALA K 237 -49.72 -11.20 -21.67
N ALA K 238 -49.50 -9.87 -21.69
CA ALA K 238 -48.97 -9.11 -20.55
C ALA K 238 -50.01 -9.01 -19.43
N GLN K 239 -51.30 -8.90 -19.81
CA GLN K 239 -52.44 -8.82 -18.89
C GLN K 239 -52.72 -10.21 -18.29
N ALA K 240 -52.49 -11.28 -19.07
CA ALA K 240 -52.67 -12.66 -18.66
C ALA K 240 -51.67 -13.08 -17.58
N TYR K 241 -50.43 -12.53 -17.64
CA TYR K 241 -49.36 -12.80 -16.69
C TYR K 241 -49.66 -12.18 -15.31
N LYS K 242 -50.39 -11.04 -15.29
CA LYS K 242 -50.77 -10.31 -14.09
C LYS K 242 -51.78 -11.11 -13.25
N THR K 243 -52.66 -11.88 -13.90
CA THR K 243 -53.70 -12.71 -13.26
C THR K 243 -53.33 -14.21 -13.28
N ALA K 244 -52.11 -14.55 -13.76
CA ALA K 244 -51.60 -15.92 -13.86
C ALA K 244 -51.36 -16.55 -12.49
N ALA K 245 -51.47 -17.89 -12.40
CA ALA K 245 -51.25 -18.67 -11.18
C ALA K 245 -49.88 -19.35 -11.19
N GLN L 5 -39.89 -10.34 51.36
CA GLN L 5 -39.24 -10.69 50.10
C GLN L 5 -39.79 -9.85 48.93
N GLU L 6 -41.08 -9.46 48.99
CA GLU L 6 -41.71 -8.64 47.95
C GLU L 6 -41.28 -7.17 48.12
N LEU L 7 -40.01 -6.89 47.77
CA LEU L 7 -39.37 -5.57 47.88
C LEU L 7 -39.09 -4.98 46.48
N ALA L 8 -39.52 -5.70 45.42
CA ALA L 8 -39.37 -5.28 44.02
C ALA L 8 -40.28 -4.09 43.68
N ILE L 9 -41.38 -3.91 44.47
CA ILE L 9 -42.36 -2.82 44.35
C ILE L 9 -41.65 -1.47 44.61
N GLN L 10 -40.76 -1.44 45.62
CA GLN L 10 -39.96 -0.27 46.01
C GLN L 10 -38.94 0.07 44.92
N PHE L 11 -38.37 -0.96 44.27
CA PHE L 11 -37.40 -0.83 43.17
C PHE L 11 -38.11 -0.30 41.92
N ALA L 12 -39.39 -0.68 41.74
CA ALA L 12 -40.25 -0.28 40.62
C ALA L 12 -40.82 1.13 40.82
N ALA L 13 -41.07 1.53 42.09
CA ALA L 13 -41.60 2.84 42.47
C ALA L 13 -40.60 3.98 42.18
N GLN L 14 -39.31 3.62 41.99
CA GLN L 14 -38.20 4.53 41.69
C GLN L 14 -38.43 5.26 40.36
N ALA L 15 -38.14 6.57 40.32
CA ALA L 15 -38.30 7.40 39.12
C ALA L 15 -37.21 7.03 38.10
N VAL L 16 -37.64 6.72 36.86
CA VAL L 16 -36.73 6.32 35.78
C VAL L 16 -35.95 7.53 35.25
N ASP L 17 -34.61 7.43 35.27
CA ASP L 17 -33.71 8.46 34.77
C ASP L 17 -33.44 8.22 33.29
N ARG L 18 -34.02 9.08 32.43
CA ARG L 18 -33.96 9.02 30.97
C ARG L 18 -32.52 8.92 30.44
N ASN L 19 -31.61 9.77 30.94
CA ASN L 19 -30.22 9.81 30.49
C ASN L 19 -29.35 8.70 31.08
N GLU L 20 -29.70 8.17 32.28
CA GLU L 20 -28.97 7.07 32.92
C GLU L 20 -29.11 5.79 32.08
N ILE L 21 -30.30 5.59 31.49
CA ILE L 21 -30.63 4.46 30.62
C ILE L 21 -29.94 4.69 29.24
N GLU L 22 -29.93 5.95 28.77
CA GLU L 22 -29.32 6.38 27.50
C GLU L 22 -27.80 6.11 27.46
N GLN L 23 -27.13 6.12 28.63
CA GLN L 23 -25.70 5.86 28.76
C GLN L 23 -25.40 4.38 28.55
N TRP L 24 -26.25 3.50 29.12
CA TRP L 24 -26.08 2.04 29.06
C TRP L 24 -26.48 1.46 27.70
N VAL L 25 -27.49 2.04 27.00
CA VAL L 25 -27.92 1.54 25.68
C VAL L 25 -26.79 1.76 24.63
N ARG L 26 -26.06 2.88 24.72
CA ARG L 26 -24.94 3.21 23.84
C ARG L 26 -23.72 2.37 24.19
N GLU L 27 -23.58 2.00 25.49
CA GLU L 27 -22.50 1.16 26.01
C GLU L 27 -22.72 -0.29 25.59
N PHE L 28 -23.96 -0.80 25.75
CA PHE L 28 -24.35 -2.17 25.40
C PHE L 28 -24.98 -2.24 24.00
N ALA L 29 -24.48 -1.42 23.06
CA ALA L 29 -24.96 -1.37 21.67
C ALA L 29 -24.32 -2.48 20.83
N TYR L 30 -24.95 -2.81 19.69
CA TYR L 30 -24.46 -3.82 18.75
C TYR L 30 -23.24 -3.26 17.98
N GLN L 31 -22.32 -4.15 17.54
CA GLN L 31 -21.10 -3.80 16.78
C GLN L 31 -21.38 -3.74 15.25
N GLY L 32 -20.39 -4.14 14.45
CA GLY L 32 -20.46 -4.18 13.00
C GLY L 32 -20.43 -2.85 12.29
N PHE L 33 -21.56 -2.12 12.34
CA PHE L 33 -21.79 -0.82 11.70
C PHE L 33 -20.73 0.22 12.08
N ASP L 34 -20.82 0.79 13.31
CA ASP L 34 -19.94 1.81 13.89
C ASP L 34 -19.97 3.14 13.10
N ALA L 35 -19.74 3.08 11.76
CA ALA L 35 -19.70 4.18 10.77
C ALA L 35 -18.52 5.13 11.03
N ARG L 36 -18.34 5.56 12.30
CA ARG L 36 -17.26 6.45 12.73
C ARG L 36 -15.91 5.76 12.57
N ARG L 37 -15.84 4.45 12.94
CA ARG L 37 -14.65 3.62 12.85
C ARG L 37 -14.25 3.38 11.38
N VAL L 38 -15.25 3.24 10.48
CA VAL L 38 -15.06 2.99 9.03
C VAL L 38 -14.26 4.15 8.40
N ILE L 39 -14.72 5.41 8.61
CA ILE L 39 -14.09 6.63 8.09
C ILE L 39 -12.69 6.79 8.73
N GLU L 40 -12.56 6.47 10.03
CA GLU L 40 -11.31 6.52 10.79
C GLU L 40 -10.27 5.55 10.20
N LEU L 41 -10.72 4.36 9.74
CA LEU L 41 -9.88 3.34 9.14
C LEU L 41 -9.58 3.66 7.67
N LEU L 42 -10.55 4.28 6.95
CA LEU L 42 -10.39 4.67 5.54
C LEU L 42 -9.26 5.70 5.37
N LYS L 43 -9.16 6.67 6.29
CA LYS L 43 -8.13 7.71 6.28
C LYS L 43 -6.80 7.16 6.81
N GLN L 44 -6.86 6.09 7.62
CA GLN L 44 -5.69 5.43 8.22
C GLN L 44 -4.90 4.64 7.17
N TYR L 45 -5.59 3.90 6.28
CA TYR L 45 -4.98 3.09 5.22
C TYR L 45 -4.80 3.89 3.92
N GLY L 46 -5.82 4.64 3.52
CA GLY L 46 -5.84 5.43 2.31
C GLY L 46 -4.96 6.67 2.35
N GLY L 47 -5.19 7.51 3.36
CA GLY L 47 -4.46 8.76 3.55
C GLY L 47 -5.12 9.92 2.84
N ALA L 48 -4.59 10.28 1.66
CA ALA L 48 -5.11 11.38 0.84
C ALA L 48 -5.98 10.86 -0.31
N ASP L 49 -5.67 9.66 -0.83
CA ASP L 49 -6.39 9.02 -1.93
C ASP L 49 -7.58 8.16 -1.43
N TRP L 50 -8.02 8.38 -0.18
CA TRP L 50 -9.11 7.63 0.44
C TRP L 50 -10.48 7.97 -0.17
N GLU L 51 -10.68 9.22 -0.62
CA GLU L 51 -11.94 9.69 -1.21
C GLU L 51 -12.18 9.10 -2.61
N LYS L 52 -11.12 9.01 -3.44
CA LYS L 52 -11.20 8.46 -4.79
C LYS L 52 -11.45 6.94 -4.74
N ASP L 53 -10.78 6.24 -3.80
CA ASP L 53 -10.90 4.80 -3.60
C ASP L 53 -12.26 4.42 -3.02
N ALA L 54 -12.84 5.28 -2.16
CA ALA L 54 -14.16 5.07 -1.54
C ALA L 54 -15.25 5.09 -2.62
N LYS L 55 -15.11 5.99 -3.63
CA LYS L 55 -16.02 6.13 -4.77
C LYS L 55 -15.97 4.85 -5.62
N LYS L 56 -14.76 4.25 -5.76
CA LYS L 56 -14.51 3.02 -6.50
C LYS L 56 -15.14 1.82 -5.77
N MET L 57 -15.02 1.79 -4.42
CA MET L 57 -15.54 0.74 -3.55
C MET L 57 -17.07 0.74 -3.48
N ILE L 58 -17.71 1.92 -3.65
CA ILE L 58 -19.17 2.07 -3.64
C ILE L 58 -19.75 1.42 -4.91
N VAL L 59 -19.15 1.72 -6.08
CA VAL L 59 -19.56 1.18 -7.40
C VAL L 59 -19.36 -0.35 -7.41
N LEU L 60 -18.26 -0.83 -6.79
CA LEU L 60 -17.89 -2.24 -6.71
C LEU L 60 -18.89 -3.05 -5.85
N ALA L 61 -19.29 -2.50 -4.68
CA ALA L 61 -20.22 -3.15 -3.75
C ALA L 61 -21.66 -3.16 -4.27
N LEU L 62 -22.05 -2.15 -5.04
CA LEU L 62 -23.39 -1.98 -5.59
C LEU L 62 -23.67 -2.89 -6.79
N THR L 63 -22.69 -3.02 -7.70
CA THR L 63 -22.83 -3.81 -8.93
C THR L 63 -22.49 -5.29 -8.72
N ARG L 64 -21.40 -5.59 -7.98
CA ARG L 64 -20.97 -6.99 -7.78
C ARG L 64 -21.48 -7.55 -6.43
N GLY L 65 -20.79 -7.24 -5.33
CA GLY L 65 -21.17 -7.73 -4.01
C GLY L 65 -20.24 -7.37 -2.87
N ASN L 66 -20.21 -8.23 -1.82
CA ASN L 66 -19.40 -8.02 -0.62
C ASN L 66 -18.11 -8.86 -0.62
N LYS L 67 -18.15 -10.09 -1.20
CA LYS L 67 -16.99 -10.99 -1.28
C LYS L 67 -16.02 -10.52 -2.39
N PRO L 68 -14.81 -10.00 -2.04
CA PRO L 68 -13.91 -9.47 -3.09
C PRO L 68 -13.12 -10.55 -3.84
N ARG L 69 -12.75 -11.65 -3.15
CA ARG L 69 -11.98 -12.74 -3.76
C ARG L 69 -12.84 -13.59 -4.71
N ARG L 70 -14.15 -13.67 -4.44
CA ARG L 70 -15.09 -14.44 -5.25
C ARG L 70 -15.44 -13.71 -6.56
N MET L 71 -15.62 -12.38 -6.51
CA MET L 71 -15.96 -11.56 -7.69
C MET L 71 -14.76 -11.39 -8.63
N MET L 72 -13.52 -11.51 -8.10
CA MET L 72 -12.27 -11.36 -8.85
C MET L 72 -12.06 -12.50 -9.85
N MET L 73 -12.66 -13.68 -9.57
CA MET L 73 -12.58 -14.88 -10.41
C MET L 73 -13.22 -14.67 -11.78
N LYS L 74 -14.37 -13.97 -11.81
CA LYS L 74 -15.11 -13.66 -13.03
C LYS L 74 -15.12 -12.13 -13.24
N MET L 75 -13.95 -11.58 -13.62
CA MET L 75 -13.73 -10.15 -13.86
C MET L 75 -12.61 -9.93 -14.89
N SER L 76 -12.59 -8.74 -15.52
CA SER L 76 -11.59 -8.34 -16.51
C SER L 76 -10.23 -8.07 -15.85
N LYS L 77 -9.13 -8.09 -16.65
CA LYS L 77 -7.75 -7.86 -16.19
C LYS L 77 -7.60 -6.46 -15.56
N GLU L 78 -8.33 -5.46 -16.10
CA GLU L 78 -8.35 -4.07 -15.61
C GLU L 78 -8.99 -4.00 -14.22
N GLY L 79 -10.06 -4.78 -14.03
CA GLY L 79 -10.79 -4.86 -12.77
C GLY L 79 -10.02 -5.61 -11.71
N LYS L 80 -9.42 -6.77 -12.08
CA LYS L 80 -8.62 -7.65 -11.23
C LYS L 80 -7.49 -6.90 -10.53
N ALA L 81 -6.96 -5.89 -11.26
CA ALA L 81 -5.90 -4.98 -10.90
C ALA L 81 -6.31 -4.02 -9.77
N THR L 82 -7.35 -3.20 -10.02
CA THR L 82 -7.85 -2.19 -9.11
C THR L 82 -8.47 -2.81 -7.85
N VAL L 83 -9.14 -3.98 -7.98
CA VAL L 83 -9.79 -4.63 -6.83
C VAL L 83 -8.74 -5.17 -5.85
N GLU L 84 -7.70 -5.89 -6.35
CA GLU L 84 -6.63 -6.44 -5.52
C GLU L 84 -5.81 -5.34 -4.82
N ALA L 85 -5.68 -4.17 -5.47
CA ALA L 85 -4.99 -3.00 -4.93
C ALA L 85 -5.69 -2.47 -3.70
N LEU L 86 -7.04 -2.54 -3.68
CA LEU L 86 -7.89 -2.08 -2.58
C LEU L 86 -7.87 -3.06 -1.40
N ILE L 87 -7.75 -4.37 -1.69
CA ILE L 87 -7.70 -5.45 -0.68
C ILE L 87 -6.36 -5.37 0.10
N ASN L 88 -5.25 -5.17 -0.62
CA ASN L 88 -3.90 -5.10 -0.03
C ASN L 88 -3.64 -3.77 0.71
N LYS L 89 -4.42 -2.70 0.41
CA LYS L 89 -4.25 -1.40 1.02
C LYS L 89 -5.16 -1.20 2.24
N TYR L 90 -6.48 -1.39 2.05
CA TYR L 90 -7.51 -1.19 3.09
C TYR L 90 -7.77 -2.45 3.94
N LYS L 91 -7.13 -3.59 3.60
CA LYS L 91 -7.25 -4.89 4.28
C LYS L 91 -8.73 -5.32 4.33
N LEU L 92 -9.41 -5.24 3.16
CA LEU L 92 -10.82 -5.57 2.98
C LEU L 92 -11.07 -7.07 3.16
N LYS L 93 -12.17 -7.41 3.86
CA LYS L 93 -12.56 -8.79 4.14
C LYS L 93 -13.97 -9.09 3.58
N GLU L 94 -14.47 -10.32 3.80
CA GLU L 94 -15.79 -10.77 3.35
C GLU L 94 -16.56 -11.37 4.53
N GLY L 95 -17.85 -11.03 4.60
CA GLY L 95 -18.75 -11.48 5.65
C GLY L 95 -18.96 -10.46 6.76
N ASN L 96 -19.08 -10.93 8.01
CA ASN L 96 -19.28 -10.09 9.19
C ASN L 96 -18.08 -10.26 10.16
N PRO L 97 -16.98 -9.49 9.97
CA PRO L 97 -15.80 -9.64 10.85
C PRO L 97 -15.87 -8.71 12.07
N SER L 98 -14.70 -8.46 12.72
CA SER L 98 -14.56 -7.62 13.90
C SER L 98 -14.73 -6.12 13.58
N ARG L 99 -14.83 -5.29 14.64
CA ARG L 99 -15.00 -3.83 14.62
C ARG L 99 -13.87 -3.12 13.84
N ASP L 100 -12.62 -3.59 14.01
CA ASP L 100 -11.42 -3.01 13.39
C ASP L 100 -11.23 -3.44 11.92
N GLU L 101 -12.09 -4.35 11.41
CA GLU L 101 -12.01 -4.83 10.03
C GLU L 101 -12.97 -4.07 9.10
N LEU L 102 -12.63 -4.00 7.81
CA LEU L 102 -13.41 -3.31 6.78
C LEU L 102 -13.93 -4.28 5.71
N THR L 103 -15.16 -4.02 5.23
CA THR L 103 -15.82 -4.77 4.15
C THR L 103 -16.40 -3.76 3.16
N LEU L 104 -16.67 -4.19 1.90
CA LEU L 104 -17.24 -3.34 0.84
C LEU L 104 -18.64 -2.82 1.21
N SER L 105 -19.43 -3.63 1.96
CA SER L 105 -20.77 -3.26 2.41
C SER L 105 -20.73 -2.21 3.52
N ARG L 106 -19.69 -2.25 4.38
CA ARG L 106 -19.50 -1.30 5.49
C ARG L 106 -19.13 0.10 4.98
N VAL L 107 -18.34 0.16 3.87
CA VAL L 107 -17.91 1.41 3.25
C VAL L 107 -19.13 2.10 2.61
N ALA L 108 -19.99 1.31 1.94
CA ALA L 108 -21.22 1.78 1.30
C ALA L 108 -22.27 2.23 2.32
N ALA L 109 -22.30 1.58 3.51
CA ALA L 109 -23.24 1.90 4.59
C ALA L 109 -22.85 3.18 5.32
N ALA L 110 -21.53 3.39 5.58
CA ALA L 110 -21.00 4.56 6.27
C ALA L 110 -21.16 5.84 5.45
N LEU L 111 -20.93 5.74 4.11
CA LEU L 111 -21.06 6.86 3.18
C LEU L 111 -22.37 6.68 2.39
N ALA L 112 -23.50 6.59 3.13
CA ALA L 112 -24.86 6.37 2.62
C ALA L 112 -25.32 7.46 1.64
N GLY L 113 -24.86 8.70 1.84
CA GLY L 113 -25.21 9.85 1.00
C GLY L 113 -24.73 9.74 -0.44
N ARG L 114 -23.47 9.32 -0.63
CA ARG L 114 -22.85 9.13 -1.94
C ARG L 114 -23.39 7.85 -2.61
N THR L 115 -23.64 6.80 -1.80
CA THR L 115 -24.15 5.49 -2.21
C THR L 115 -25.55 5.63 -2.86
N CYS L 116 -26.46 6.39 -2.22
CA CYS L 116 -27.83 6.61 -2.69
C CYS L 116 -27.85 7.41 -4.00
N GLN L 117 -26.93 8.38 -4.16
CA GLN L 117 -26.79 9.22 -5.35
C GLN L 117 -26.24 8.40 -6.54
N ALA L 118 -25.39 7.39 -6.25
CA ALA L 118 -24.78 6.50 -7.23
C ALA L 118 -25.80 5.53 -7.85
N LEU L 119 -26.92 5.27 -7.15
CA LEU L 119 -28.00 4.39 -7.58
C LEU L 119 -28.78 4.95 -8.77
N VAL L 120 -28.75 6.30 -8.96
CA VAL L 120 -29.42 7.00 -10.07
C VAL L 120 -28.69 6.63 -11.38
N VAL L 121 -27.34 6.62 -11.33
CA VAL L 121 -26.48 6.27 -12.46
C VAL L 121 -26.51 4.73 -12.63
N LEU L 122 -26.13 3.99 -11.57
CA LEU L 122 -26.13 2.53 -11.54
C LEU L 122 -27.54 2.02 -11.24
N SER L 123 -28.43 2.07 -12.23
CA SER L 123 -29.83 1.65 -12.06
C SER L 123 -30.08 0.26 -12.64
N GLU L 124 -29.55 -0.02 -13.85
CA GLU L 124 -29.75 -1.28 -14.55
C GLU L 124 -28.58 -2.26 -14.33
N TRP L 125 -27.58 -1.88 -13.51
CA TRP L 125 -26.41 -2.73 -13.22
C TRP L 125 -26.53 -3.41 -11.84
N LEU L 126 -27.57 -3.06 -11.07
CA LEU L 126 -27.86 -3.64 -9.75
C LEU L 126 -28.44 -5.06 -9.89
N PRO L 127 -28.45 -5.93 -8.83
CA PRO L 127 -29.07 -7.27 -8.98
C PRO L 127 -30.57 -7.17 -9.31
N VAL L 128 -31.24 -6.15 -8.75
CA VAL L 128 -32.65 -5.82 -9.01
C VAL L 128 -32.63 -4.49 -9.77
N THR L 129 -33.00 -4.52 -11.06
CA THR L 129 -32.99 -3.35 -11.94
C THR L 129 -34.15 -2.40 -11.61
N GLY L 130 -34.00 -1.14 -12.02
CA GLY L 130 -34.99 -0.08 -11.84
C GLY L 130 -36.28 -0.33 -12.59
N THR L 131 -36.19 -0.99 -13.75
CA THR L 131 -37.32 -1.36 -14.62
C THR L 131 -38.19 -2.42 -13.93
N THR L 132 -37.55 -3.34 -13.18
CA THR L 132 -38.20 -4.42 -12.42
C THR L 132 -39.01 -3.79 -11.26
N MET L 133 -38.42 -2.78 -10.59
CA MET L 133 -39.04 -2.06 -9.47
C MET L 133 -40.19 -1.17 -9.96
N ASP L 134 -40.10 -0.69 -11.21
CA ASP L 134 -41.12 0.16 -11.86
C ASP L 134 -42.39 -0.64 -12.16
N GLY L 135 -42.24 -1.96 -12.35
CA GLY L 135 -43.34 -2.87 -12.62
C GLY L 135 -44.22 -3.11 -11.40
N LEU L 136 -43.60 -3.15 -10.21
CA LEU L 136 -44.29 -3.34 -8.92
C LEU L 136 -44.95 -2.04 -8.49
N SER L 137 -44.21 -0.91 -8.55
CA SER L 137 -44.67 0.43 -8.22
C SER L 137 -44.22 1.42 -9.30
N PRO L 138 -45.16 2.13 -9.98
CA PRO L 138 -44.75 3.06 -11.04
C PRO L 138 -43.86 4.19 -10.51
N ALA L 139 -42.74 4.45 -11.23
CA ALA L 139 -41.69 5.44 -10.94
C ALA L 139 -41.15 5.28 -9.50
N TYR L 140 -40.59 4.09 -9.21
CA TYR L 140 -40.01 3.75 -7.90
C TYR L 140 -38.76 4.61 -7.61
N PRO L 141 -38.62 5.17 -6.38
CA PRO L 141 -37.43 6.01 -6.08
C PRO L 141 -36.14 5.21 -6.13
N ARG L 142 -35.21 5.64 -7.01
CA ARG L 142 -33.92 5.00 -7.26
C ARG L 142 -32.99 5.06 -6.04
N HIS L 143 -33.10 6.13 -5.21
CA HIS L 143 -32.28 6.35 -4.02
C HIS L 143 -32.52 5.29 -2.92
N MET L 144 -33.70 4.65 -2.92
CA MET L 144 -34.09 3.63 -1.93
C MET L 144 -33.58 2.23 -2.30
N MET L 145 -32.97 2.07 -3.49
CA MET L 145 -32.54 0.78 -4.04
C MET L 145 -31.18 0.27 -3.50
N HIS L 146 -31.00 0.29 -2.17
CA HIS L 146 -29.83 -0.25 -1.44
C HIS L 146 -30.12 -0.28 0.07
N PRO L 147 -29.73 -1.37 0.81
CA PRO L 147 -30.00 -1.40 2.26
C PRO L 147 -29.36 -0.27 3.08
N SER L 148 -28.34 0.42 2.52
CA SER L 148 -27.64 1.54 3.17
C SER L 148 -28.50 2.81 3.25
N PHE L 149 -29.64 2.86 2.51
CA PHE L 149 -30.58 3.98 2.50
C PHE L 149 -31.19 4.21 3.90
N ALA L 150 -31.30 3.14 4.71
CA ALA L 150 -31.83 3.17 6.08
C ALA L 150 -31.03 4.13 6.99
N GLY L 151 -29.77 4.41 6.63
CA GLY L 151 -28.89 5.34 7.32
C GLY L 151 -29.15 6.79 6.97
N MET L 152 -29.99 7.04 5.94
CA MET L 152 -30.39 8.37 5.46
C MET L 152 -31.80 8.73 5.96
N VAL L 153 -32.53 7.73 6.51
CA VAL L 153 -33.90 7.87 7.03
C VAL L 153 -33.86 8.63 8.37
N ASP L 154 -34.69 9.68 8.49
CA ASP L 154 -34.82 10.52 9.68
C ASP L 154 -35.86 9.91 10.65
N PRO L 155 -35.46 9.45 11.87
CA PRO L 155 -36.44 8.86 12.79
C PRO L 155 -37.36 9.89 13.47
N SER L 156 -36.97 11.19 13.47
CA SER L 156 -37.75 12.26 14.09
C SER L 156 -39.01 12.61 13.27
N LEU L 157 -39.13 12.06 12.04
CA LEU L 157 -40.27 12.24 11.15
C LEU L 157 -41.57 11.68 11.75
N PRO L 158 -42.76 12.26 11.45
CA PRO L 158 -44.01 11.72 12.03
C PRO L 158 -44.27 10.26 11.67
N GLY L 159 -44.91 9.54 12.59
CA GLY L 159 -45.25 8.12 12.51
C GLY L 159 -45.71 7.60 11.16
N ASP L 160 -46.75 8.23 10.58
CA ASP L 160 -47.32 7.86 9.28
C ASP L 160 -46.31 8.08 8.14
N TYR L 161 -45.51 9.16 8.23
CA TYR L 161 -44.50 9.50 7.22
C TYR L 161 -43.29 8.58 7.33
N LEU L 162 -42.81 8.32 8.56
CA LEU L 162 -41.66 7.46 8.85
C LEU L 162 -41.92 6.02 8.38
N ARG L 163 -43.15 5.51 8.60
CA ARG L 163 -43.57 4.17 8.18
C ARG L 163 -43.69 4.10 6.65
N ALA L 164 -44.14 5.20 6.00
CA ALA L 164 -44.28 5.29 4.55
C ALA L 164 -42.94 5.20 3.82
N ILE L 165 -41.87 5.75 4.42
CA ILE L 165 -40.51 5.71 3.86
C ILE L 165 -39.96 4.28 4.02
N LEU L 166 -40.13 3.67 5.22
CA LEU L 166 -39.66 2.32 5.54
C LEU L 166 -40.40 1.24 4.74
N ASP L 167 -41.73 1.37 4.54
CA ASP L 167 -42.55 0.42 3.77
C ASP L 167 -42.19 0.46 2.28
N ALA L 168 -41.88 1.66 1.75
CA ALA L 168 -41.48 1.87 0.36
C ALA L 168 -40.09 1.26 0.11
N HIS L 169 -39.17 1.42 1.08
CA HIS L 169 -37.81 0.90 1.04
C HIS L 169 -37.81 -0.63 1.20
N SER L 170 -38.78 -1.17 1.98
CA SER L 170 -38.93 -2.61 2.23
C SER L 170 -39.36 -3.37 0.97
N LEU L 171 -40.00 -2.67 0.00
CA LEU L 171 -40.44 -3.24 -1.29
C LEU L 171 -39.22 -3.72 -2.09
N TYR L 172 -38.11 -2.95 -2.06
CA TYR L 172 -36.84 -3.29 -2.72
C TYR L 172 -36.19 -4.44 -1.97
N LEU L 173 -36.05 -4.29 -0.63
CA LEU L 173 -35.42 -5.25 0.28
C LEU L 173 -36.05 -6.65 0.15
N LEU L 174 -37.37 -6.71 -0.08
CA LEU L 174 -38.12 -7.96 -0.28
C LEU L 174 -37.64 -8.66 -1.56
N GLN L 175 -37.44 -7.89 -2.64
CA GLN L 175 -36.99 -8.41 -3.93
C GLN L 175 -35.49 -8.73 -3.90
N PHE L 176 -34.68 -7.82 -3.33
CA PHE L 176 -33.23 -7.91 -3.21
C PHE L 176 -32.78 -9.12 -2.38
N SER L 177 -33.35 -9.27 -1.14
CA SER L 177 -33.02 -10.38 -0.23
C SER L 177 -33.30 -11.74 -0.85
N ARG L 178 -34.35 -11.85 -1.67
CA ARG L 178 -34.70 -13.10 -2.36
C ARG L 178 -33.75 -13.38 -3.53
N VAL L 179 -33.14 -12.33 -4.12
CA VAL L 179 -32.19 -12.48 -5.23
C VAL L 179 -30.82 -12.93 -4.67
N ILE L 180 -30.31 -12.21 -3.64
CA ILE L 180 -29.00 -12.43 -3.00
C ILE L 180 -28.98 -13.74 -2.19
N ASN L 181 -30.12 -14.14 -1.57
CA ASN L 181 -30.26 -15.34 -0.76
C ASN L 181 -31.25 -16.30 -1.46
N PRO L 182 -30.76 -17.46 -1.97
CA PRO L 182 -31.66 -18.36 -2.72
C PRO L 182 -32.67 -19.13 -1.88
N ASN L 183 -32.38 -19.41 -0.58
CA ASN L 183 -33.29 -20.16 0.28
C ASN L 183 -34.49 -19.32 0.76
N LEU L 184 -34.46 -17.98 0.57
CA LEU L 184 -35.54 -17.06 0.96
C LEU L 184 -36.56 -16.87 -0.19
N ARG L 185 -36.28 -17.43 -1.39
CA ARG L 185 -37.11 -17.32 -2.59
C ARG L 185 -38.51 -17.92 -2.41
N GLY L 186 -38.58 -19.12 -1.82
CA GLY L 186 -39.82 -19.84 -1.57
C GLY L 186 -40.64 -19.34 -0.39
N ARG L 187 -39.96 -18.71 0.58
CA ARG L 187 -40.55 -18.19 1.81
C ARG L 187 -41.39 -16.92 1.53
N THR L 188 -42.50 -16.76 2.27
CA THR L 188 -43.47 -15.67 2.17
C THR L 188 -42.87 -14.30 2.58
N LYS L 189 -43.61 -13.21 2.26
CA LYS L 189 -43.27 -11.80 2.53
C LYS L 189 -42.88 -11.57 4.00
N GLU L 190 -43.65 -12.14 4.96
CA GLU L 190 -43.44 -12.03 6.40
C GLU L 190 -42.12 -12.67 6.84
N GLU L 191 -41.76 -13.82 6.22
CA GLU L 191 -40.53 -14.57 6.51
C GLU L 191 -39.29 -13.80 6.04
N VAL L 192 -39.37 -13.17 4.85
CA VAL L 192 -38.30 -12.37 4.24
C VAL L 192 -38.15 -11.05 5.02
N ALA L 193 -39.27 -10.43 5.43
CA ALA L 193 -39.31 -9.16 6.18
C ALA L 193 -38.53 -9.24 7.49
N ALA L 194 -38.68 -10.36 8.23
CA ALA L 194 -38.03 -10.62 9.53
C ALA L 194 -36.49 -10.61 9.46
N THR L 195 -35.91 -10.88 8.28
CA THR L 195 -34.45 -10.91 8.10
C THR L 195 -33.84 -9.52 7.86
N PHE L 196 -34.57 -8.60 7.18
CA PHE L 196 -34.02 -7.27 6.88
C PHE L 196 -34.57 -6.13 7.77
N THR L 197 -35.70 -6.31 8.48
CA THR L 197 -36.30 -5.27 9.34
C THR L 197 -35.42 -4.90 10.54
N GLN L 198 -34.70 -5.89 11.13
CA GLN L 198 -33.85 -5.67 12.29
C GLN L 198 -32.62 -4.77 11.95
N PRO L 199 -31.77 -5.06 10.92
CA PRO L 199 -30.64 -4.14 10.63
C PRO L 199 -31.07 -2.82 9.98
N MET L 200 -32.32 -2.74 9.46
CA MET L 200 -32.88 -1.52 8.86
C MET L 200 -33.21 -0.50 9.97
N ASN L 201 -33.98 -0.93 11.00
CA ASN L 201 -34.39 -0.11 12.14
C ASN L 201 -33.18 0.39 12.94
N ALA L 202 -32.10 -0.40 13.03
CA ALA L 202 -30.88 0.00 13.75
C ALA L 202 -30.17 1.14 13.03
N ALA L 203 -30.22 1.15 11.67
CA ALA L 203 -29.61 2.18 10.82
C ALA L 203 -30.39 3.48 10.88
N VAL L 204 -31.71 3.40 11.12
CA VAL L 204 -32.59 4.56 11.25
C VAL L 204 -32.39 5.20 12.63
N ASN L 205 -32.35 4.36 13.68
CA ASN L 205 -32.19 4.79 15.07
C ASN L 205 -30.71 5.02 15.47
N SER L 206 -29.77 4.94 14.50
CA SER L 206 -28.34 5.18 14.74
C SER L 206 -28.07 6.68 14.90
N ASN L 207 -27.19 7.03 15.86
CA ASN L 207 -26.82 8.40 16.21
C ASN L 207 -25.95 9.09 15.14
N PHE L 208 -25.40 8.34 14.16
CA PHE L 208 -24.55 8.88 13.10
C PHE L 208 -25.38 9.72 12.12
N ILE L 209 -25.00 11.01 11.95
CA ILE L 209 -25.63 12.06 11.13
C ILE L 209 -26.94 12.47 11.83
N SER L 210 -27.02 13.75 12.24
CA SER L 210 -28.16 14.33 12.96
C SER L 210 -29.48 14.23 12.18
N HIS L 211 -30.60 14.26 12.93
CA HIS L 211 -31.99 14.16 12.45
C HIS L 211 -32.33 15.22 11.39
N GLU L 212 -31.84 16.46 11.60
CA GLU L 212 -32.07 17.60 10.70
C GLU L 212 -31.29 17.45 9.40
N LYS L 213 -30.02 16.97 9.48
CA LYS L 213 -29.14 16.75 8.33
C LYS L 213 -29.66 15.60 7.47
N ARG L 214 -30.19 14.53 8.12
CA ARG L 214 -30.77 13.36 7.45
C ARG L 214 -32.03 13.75 6.68
N ARG L 215 -32.84 14.66 7.26
CA ARG L 215 -34.08 15.19 6.67
C ARG L 215 -33.77 16.01 5.41
N GLU L 216 -32.63 16.73 5.42
CA GLU L 216 -32.16 17.55 4.28
C GLU L 216 -31.82 16.69 3.07
N PHE L 217 -31.21 15.50 3.31
CA PHE L 217 -30.82 14.55 2.26
C PHE L 217 -32.05 14.01 1.55
N LEU L 218 -33.10 13.61 2.31
CA LEU L 218 -34.36 13.08 1.81
C LEU L 218 -35.09 14.14 0.95
N LYS L 219 -34.96 15.43 1.33
CA LYS L 219 -35.52 16.57 0.59
C LYS L 219 -34.75 16.80 -0.71
N ALA L 220 -33.41 16.66 -0.65
CA ALA L 220 -32.50 16.83 -1.80
C ALA L 220 -32.66 15.73 -2.83
N PHE L 221 -32.94 14.48 -2.39
CA PHE L 221 -33.15 13.34 -3.29
C PHE L 221 -34.55 13.39 -3.94
N GLY L 222 -35.43 14.22 -3.39
CA GLY L 222 -36.80 14.40 -3.86
C GLY L 222 -37.74 13.33 -3.35
N LEU L 223 -37.56 12.92 -2.08
CA LEU L 223 -38.36 11.90 -1.42
C LEU L 223 -39.46 12.55 -0.56
N VAL L 224 -39.11 13.59 0.22
CA VAL L 224 -40.04 14.33 1.08
C VAL L 224 -40.06 15.82 0.70
N ASP L 225 -41.17 16.52 1.03
CA ASP L 225 -41.33 17.95 0.75
C ASP L 225 -40.65 18.82 1.85
N SER L 226 -40.92 20.15 1.84
CA SER L 226 -40.37 21.14 2.78
C SER L 226 -40.68 20.82 4.25
N ASN L 227 -41.84 20.18 4.53
CA ASN L 227 -42.26 19.83 5.89
C ASN L 227 -41.76 18.44 6.30
N GLY L 228 -42.06 17.42 5.50
CA GLY L 228 -41.66 16.04 5.75
C GLY L 228 -42.56 14.98 5.15
N LYS L 229 -43.60 15.41 4.41
CA LYS L 229 -44.56 14.52 3.73
C LYS L 229 -43.91 13.86 2.51
N PRO L 230 -43.94 12.52 2.39
CA PRO L 230 -43.32 11.85 1.23
C PRO L 230 -44.07 12.10 -0.07
N SER L 231 -43.37 11.97 -1.21
CA SER L 231 -43.91 12.15 -2.56
C SER L 231 -44.85 11.02 -2.95
N ALA L 232 -45.64 11.22 -4.04
CA ALA L 232 -46.60 10.27 -4.58
C ALA L 232 -45.93 8.94 -4.99
N ALA L 233 -44.65 9.01 -5.42
CA ALA L 233 -43.83 7.86 -5.82
C ALA L 233 -43.53 6.95 -4.62
N VAL L 234 -43.26 7.56 -3.44
CA VAL L 234 -42.95 6.87 -2.18
C VAL L 234 -44.25 6.26 -1.61
N MET L 235 -45.36 7.03 -1.64
CA MET L 235 -46.69 6.62 -1.15
C MET L 235 -47.24 5.42 -1.92
N ALA L 236 -47.01 5.36 -3.25
CA ALA L 236 -47.45 4.26 -4.11
C ALA L 236 -46.65 2.98 -3.81
N ALA L 237 -45.33 3.12 -3.53
CA ALA L 237 -44.43 2.01 -3.21
C ALA L 237 -44.74 1.42 -1.83
N ALA L 238 -45.16 2.27 -0.88
CA ALA L 238 -45.53 1.85 0.48
C ALA L 238 -46.86 1.08 0.47
N GLN L 239 -47.79 1.48 -0.42
CA GLN L 239 -49.09 0.84 -0.61
C GLN L 239 -48.92 -0.49 -1.34
N ALA L 240 -47.93 -0.58 -2.26
CA ALA L 240 -47.60 -1.78 -3.04
C ALA L 240 -47.05 -2.89 -2.16
N TYR L 241 -46.30 -2.53 -1.10
CA TYR L 241 -45.70 -3.46 -0.14
C TYR L 241 -46.77 -4.11 0.75
N LYS L 242 -47.86 -3.38 1.03
CA LYS L 242 -48.99 -3.86 1.85
C LYS L 242 -49.76 -4.99 1.16
N THR L 243 -49.85 -4.94 -0.19
CA THR L 243 -50.56 -5.94 -1.01
C THR L 243 -49.57 -6.89 -1.73
N ALA L 244 -48.25 -6.76 -1.44
CA ALA L 244 -47.19 -7.58 -2.04
C ALA L 244 -47.25 -9.03 -1.59
N ALA L 245 -46.77 -9.96 -2.45
CA ALA L 245 -46.73 -11.39 -2.20
C ALA L 245 -45.32 -11.85 -1.80
N GLN M 5 30.54 97.11 10.84
CA GLN M 5 29.41 96.74 11.69
C GLN M 5 29.84 95.74 12.78
N GLU M 6 30.82 94.88 12.48
CA GLU M 6 31.34 93.89 13.44
C GLU M 6 32.26 94.58 14.46
N LEU M 7 31.65 95.34 15.37
CA LEU M 7 32.31 96.10 16.45
C LEU M 7 31.95 95.50 17.82
N ALA M 8 31.19 94.39 17.82
CA ALA M 8 30.76 93.64 19.01
C ALA M 8 31.95 92.93 19.67
N ILE M 9 33.02 92.65 18.88
CA ILE M 9 34.25 91.99 19.31
C ILE M 9 34.96 92.87 20.36
N GLN M 10 34.97 94.20 20.11
CA GLN M 10 35.56 95.21 21.00
C GLN M 10 34.76 95.33 22.31
N PHE M 11 33.43 95.17 22.22
CA PHE M 11 32.51 95.21 23.35
C PHE M 11 32.67 93.94 24.20
N ALA M 12 33.01 92.82 23.55
CA ALA M 12 33.24 91.52 24.16
C ALA M 12 34.63 91.42 24.78
N ALA M 13 35.63 92.10 24.18
CA ALA M 13 37.03 92.12 24.63
C ALA M 13 37.17 92.84 25.98
N GLN M 14 36.16 93.65 26.35
CA GLN M 14 36.09 94.42 27.61
C GLN M 14 36.13 93.49 28.83
N ALA M 15 36.91 93.87 29.86
CA ALA M 15 37.01 93.12 31.10
C ALA M 15 35.72 93.33 31.91
N VAL M 16 35.06 92.23 32.30
CA VAL M 16 33.80 92.29 33.04
C VAL M 16 34.05 92.75 34.49
N ASP M 17 33.40 93.85 34.87
CA ASP M 17 33.51 94.42 36.20
C ASP M 17 32.50 93.73 37.11
N ARG M 18 33.01 92.89 38.04
CA ARG M 18 32.26 92.11 39.02
C ARG M 18 31.21 92.96 39.75
N ASN M 19 31.60 94.16 40.21
CA ASN M 19 30.74 95.06 40.97
C ASN M 19 29.75 95.84 40.09
N GLU M 20 30.09 96.13 38.82
CA GLU M 20 29.18 96.85 37.92
C GLU M 20 27.96 95.98 37.60
N ILE M 21 28.16 94.66 37.51
CA ILE M 21 27.11 93.66 37.27
C ILE M 21 26.30 93.48 38.57
N GLU M 22 26.98 93.52 39.75
CA GLU M 22 26.40 93.40 41.09
C GLU M 22 25.39 94.50 41.39
N GLN M 23 25.53 95.67 40.74
CA GLN M 23 24.64 96.82 40.90
C GLN M 23 23.25 96.55 40.34
N TRP M 24 23.19 96.03 39.09
CA TRP M 24 21.95 95.78 38.36
C TRP M 24 21.23 94.48 38.76
N VAL M 25 21.96 93.46 39.27
CA VAL M 25 21.36 92.17 39.68
C VAL M 25 20.38 92.38 40.87
N ARG M 26 20.80 93.14 41.91
CA ARG M 26 19.96 93.43 43.07
C ARG M 26 18.92 94.48 42.73
N GLU M 27 19.19 95.31 41.70
CA GLU M 27 18.27 96.34 41.20
C GLU M 27 17.09 95.66 40.48
N PHE M 28 17.38 94.69 39.59
CA PHE M 28 16.38 93.95 38.83
C PHE M 28 16.04 92.60 39.50
N ALA M 29 16.03 92.57 40.84
CA ALA M 29 15.74 91.37 41.62
C ALA M 29 14.23 91.12 41.77
N TYR M 30 13.86 89.87 42.11
CA TYR M 30 12.48 89.40 42.31
C TYR M 30 11.84 90.03 43.56
N GLN M 31 10.49 90.04 43.59
CA GLN M 31 9.71 90.57 44.72
C GLN M 31 9.16 89.41 45.60
N GLY M 32 9.70 88.21 45.38
CA GLY M 32 9.32 87.00 46.10
C GLY M 32 9.81 86.96 47.53
N PHE M 33 11.12 87.23 47.73
CA PHE M 33 11.77 87.26 49.04
C PHE M 33 11.34 88.52 49.80
N ASP M 34 10.59 88.32 50.91
CA ASP M 34 10.06 89.39 51.74
C ASP M 34 10.42 89.20 53.22
N ALA M 35 11.50 88.43 53.51
CA ALA M 35 12.00 88.09 54.86
C ALA M 35 12.09 89.30 55.80
N ARG M 36 12.49 90.47 55.27
CA ARG M 36 12.61 91.72 56.03
C ARG M 36 11.24 92.37 56.23
N ARG M 37 10.39 92.34 55.18
CA ARG M 37 9.05 92.91 55.16
C ARG M 37 8.10 92.16 56.12
N VAL M 38 8.26 90.81 56.23
CA VAL M 38 7.43 89.95 57.09
C VAL M 38 7.61 90.35 58.58
N ILE M 39 8.86 90.49 59.07
CA ILE M 39 9.18 90.89 60.44
C ILE M 39 8.68 92.33 60.69
N GLU M 40 8.83 93.21 59.66
CA GLU M 40 8.39 94.60 59.70
C GLU M 40 6.86 94.69 59.85
N LEU M 41 6.12 93.77 59.21
CA LEU M 41 4.66 93.70 59.28
C LEU M 41 4.19 93.00 60.56
N LEU M 42 4.96 92.01 61.06
CA LEU M 42 4.65 91.27 62.29
C LEU M 42 4.64 92.19 63.51
N LYS M 43 5.62 93.12 63.59
CA LYS M 43 5.74 94.09 64.67
C LYS M 43 4.75 95.25 64.49
N GLN M 44 4.29 95.48 63.23
CA GLN M 44 3.33 96.53 62.88
C GLN M 44 1.92 96.18 63.37
N TYR M 45 1.49 94.91 63.20
CA TYR M 45 0.17 94.43 63.60
C TYR M 45 0.17 93.90 65.04
N GLY M 46 1.18 93.09 65.38
CA GLY M 46 1.32 92.47 66.69
C GLY M 46 1.72 93.41 67.80
N GLY M 47 2.81 94.14 67.60
CA GLY M 47 3.35 95.09 68.57
C GLY M 47 4.33 94.45 69.53
N ALA M 48 3.85 94.10 70.73
CA ALA M 48 4.66 93.47 71.79
C ALA M 48 4.41 91.96 71.86
N ASP M 49 3.17 91.52 71.54
CA ASP M 49 2.75 90.12 71.56
C ASP M 49 3.02 89.41 70.21
N TRP M 50 3.89 90.01 69.36
CA TRP M 50 4.21 89.47 68.03
C TRP M 50 5.06 88.19 68.12
N GLU M 51 5.92 88.06 69.15
CA GLU M 51 6.80 86.90 69.33
C GLU M 51 6.03 85.65 69.77
N LYS M 52 5.04 85.80 70.66
CA LYS M 52 4.21 84.69 71.16
C LYS M 52 3.28 84.19 70.04
N ASP M 53 2.71 85.11 69.25
CA ASP M 53 1.80 84.79 68.13
C ASP M 53 2.56 84.15 66.96
N ALA M 54 3.83 84.55 66.74
CA ALA M 54 4.69 83.98 65.68
C ALA M 54 4.97 82.51 65.96
N LYS M 55 5.18 82.15 67.25
CA LYS M 55 5.41 80.78 67.72
C LYS M 55 4.17 79.93 67.47
N LYS M 56 2.97 80.53 67.67
CA LYS M 56 1.66 79.89 67.43
C LYS M 56 1.45 79.65 65.94
N MET M 57 1.81 80.63 65.10
CA MET M 57 1.68 80.59 63.63
C MET M 57 2.64 79.58 62.99
N ILE M 58 3.81 79.32 63.61
CA ILE M 58 4.79 78.35 63.10
C ILE M 58 4.23 76.93 63.28
N VAL M 59 3.68 76.62 64.48
CA VAL M 59 3.07 75.32 64.83
C VAL M 59 1.83 75.07 63.92
N LEU M 60 1.04 76.13 63.66
CA LEU M 60 -0.16 76.10 62.83
C LEU M 60 0.16 75.78 61.35
N ALA M 61 1.20 76.43 60.78
CA ALA M 61 1.62 76.25 59.39
C ALA M 61 2.29 74.90 59.14
N LEU M 62 2.99 74.37 60.15
CA LEU M 62 3.73 73.11 60.07
C LEU M 62 2.81 71.88 60.15
N THR M 63 1.82 71.90 61.05
CA THR M 63 0.90 70.78 61.27
C THR M 63 -0.30 70.79 60.33
N ARG M 64 -0.93 71.97 60.09
CA ARG M 64 -2.11 72.05 59.24
C ARG M 64 -1.76 72.46 57.80
N GLY M 65 -1.55 73.76 57.55
CA GLY M 65 -1.22 74.25 56.21
C GLY M 65 -1.10 75.75 56.07
N ASN M 66 -1.36 76.26 54.86
CA ASN M 66 -1.27 77.69 54.53
C ASN M 66 -2.64 78.37 54.51
N LYS M 67 -3.71 77.66 54.07
CA LYS M 67 -5.08 78.18 54.00
C LYS M 67 -5.71 78.24 55.40
N PRO M 68 -5.93 79.44 55.99
CA PRO M 68 -6.47 79.51 57.36
C PRO M 68 -7.99 79.30 57.45
N ARG M 69 -8.76 79.73 56.44
CA ARG M 69 -10.21 79.59 56.42
C ARG M 69 -10.64 78.15 56.16
N ARG M 70 -9.82 77.38 55.42
CA ARG M 70 -10.09 75.97 55.08
C ARG M 70 -9.84 75.05 56.27
N MET M 71 -8.75 75.29 57.05
CA MET M 71 -8.39 74.48 58.21
C MET M 71 -9.32 74.74 59.42
N MET M 72 -9.96 75.93 59.46
CA MET M 72 -10.88 76.33 60.52
C MET M 72 -12.18 75.52 60.51
N MET M 73 -12.56 75.00 59.33
CA MET M 73 -13.77 74.19 59.11
C MET M 73 -13.71 72.88 59.90
N LYS M 74 -12.52 72.23 59.94
CA LYS M 74 -12.30 70.97 60.66
C LYS M 74 -11.28 71.22 61.78
N MET M 75 -11.72 71.92 62.84
CA MET M 75 -10.91 72.28 64.01
C MET M 75 -11.78 72.43 65.27
N SER M 76 -11.16 72.31 66.46
CA SER M 76 -11.81 72.45 67.77
C SER M 76 -12.23 73.91 68.03
N LYS M 77 -13.19 74.11 68.96
CA LYS M 77 -13.70 75.43 69.37
C LYS M 77 -12.59 76.33 69.92
N GLU M 78 -11.62 75.73 70.64
CA GLU M 78 -10.46 76.42 71.23
C GLU M 78 -9.54 76.95 70.13
N GLY M 79 -9.34 76.14 69.08
CA GLY M 79 -8.52 76.48 67.93
C GLY M 79 -9.16 77.52 67.03
N LYS M 80 -10.48 77.35 66.75
CA LYS M 80 -11.29 78.24 65.92
C LYS M 80 -11.21 79.70 66.36
N ALA M 81 -11.23 79.97 67.69
CA ALA M 81 -11.17 81.31 68.26
C ALA M 81 -9.75 81.91 68.17
N THR M 82 -8.71 81.08 68.42
CA THR M 82 -7.30 81.50 68.41
C THR M 82 -6.82 81.79 66.97
N VAL M 83 -7.22 80.95 65.98
CA VAL M 83 -6.84 81.10 64.57
C VAL M 83 -7.50 82.37 63.99
N GLU M 84 -8.81 82.58 64.23
CA GLU M 84 -9.56 83.74 63.76
C GLU M 84 -9.01 85.05 64.34
N ALA M 85 -8.48 85.00 65.58
CA ALA M 85 -7.87 86.14 66.26
C ALA M 85 -6.59 86.60 65.53
N LEU M 86 -5.84 85.64 64.95
CA LEU M 86 -4.61 85.90 64.20
C LEU M 86 -4.90 86.47 62.80
N ILE M 87 -6.02 86.03 62.17
CA ILE M 87 -6.46 86.47 60.84
C ILE M 87 -6.92 87.94 60.91
N ASN M 88 -7.71 88.30 61.94
CA ASN M 88 -8.24 89.65 62.14
C ASN M 88 -7.18 90.66 62.61
N LYS M 89 -6.06 90.18 63.21
CA LYS M 89 -4.99 91.04 63.72
C LYS M 89 -3.88 91.24 62.69
N TYR M 90 -3.29 90.16 62.17
CA TYR M 90 -2.17 90.18 61.22
C TYR M 90 -2.60 90.24 59.75
N LYS M 91 -3.93 90.20 59.49
CA LYS M 91 -4.57 90.23 58.14
C LYS M 91 -3.96 89.13 57.26
N LEU M 92 -3.93 87.89 57.80
CA LEU M 92 -3.38 86.70 57.14
C LEU M 92 -4.24 86.26 55.97
N LYS M 93 -3.58 85.88 54.85
CA LYS M 93 -4.24 85.45 53.61
C LYS M 93 -3.81 84.02 53.23
N GLU M 94 -4.33 83.51 52.10
CA GLU M 94 -4.01 82.18 51.58
C GLU M 94 -3.56 82.26 50.12
N GLY M 95 -2.52 81.51 49.80
CA GLY M 95 -1.93 81.46 48.46
C GLY M 95 -0.69 82.32 48.31
N ASN M 96 -0.53 82.95 47.13
CA ASN M 96 0.60 83.82 46.82
C ASN M 96 0.10 85.26 46.56
N PRO M 97 -0.06 86.09 47.62
CA PRO M 97 -0.56 87.46 47.41
C PRO M 97 0.58 88.47 47.19
N SER M 98 0.30 89.78 47.39
CA SER M 98 1.25 90.88 47.22
C SER M 98 2.32 90.91 48.32
N ARG M 99 3.37 91.75 48.13
CA ARG M 99 4.52 91.97 49.03
C ARG M 99 4.08 92.43 50.43
N ASP M 100 3.07 93.31 50.51
CA ASP M 100 2.55 93.88 51.76
C ASP M 100 1.61 92.92 52.52
N GLU M 101 1.27 91.75 51.94
CA GLU M 101 0.38 90.76 52.56
C GLU M 101 1.17 89.66 53.27
N LEU M 102 0.56 89.06 54.31
CA LEU M 102 1.15 87.99 55.12
C LEU M 102 0.39 86.68 54.98
N THR M 103 1.13 85.55 54.98
CA THR M 103 0.61 84.18 54.94
C THR M 103 1.34 83.37 56.00
N LEU M 104 0.75 82.23 56.44
CA LEU M 104 1.33 81.34 57.45
C LEU M 104 2.67 80.75 57.01
N SER M 105 2.83 80.50 55.69
CA SER M 105 4.05 79.95 55.09
C SER M 105 5.17 80.99 55.08
N ARG M 106 4.83 82.28 54.89
CA ARG M 106 5.79 83.39 54.86
C ARG M 106 6.38 83.68 56.25
N VAL M 107 5.57 83.50 57.32
CA VAL M 107 5.99 83.70 58.71
C VAL M 107 7.00 82.59 59.08
N ALA M 108 6.71 81.34 58.66
CA ALA M 108 7.56 80.17 58.91
C ALA M 108 8.87 80.26 58.11
N ALA M 109 8.84 80.87 56.91
CA ALA M 109 10.00 81.03 56.03
C ALA M 109 10.96 82.11 56.53
N ALA M 110 10.41 83.24 57.04
CA ALA M 110 11.18 84.38 57.55
C ALA M 110 11.90 84.02 58.85
N LEU M 111 11.24 83.27 59.74
CA LEU M 111 11.79 82.81 61.03
C LEU M 111 12.18 81.33 60.90
N ALA M 112 13.06 81.03 59.92
CA ALA M 112 13.55 79.69 59.57
C ALA M 112 14.26 78.97 60.73
N GLY M 113 14.94 79.73 61.58
CA GLY M 113 15.68 79.21 62.73
C GLY M 113 14.81 78.55 63.78
N ARG M 114 13.69 79.19 64.13
CA ARG M 114 12.71 78.68 65.11
C ARG M 114 11.89 77.54 64.49
N THR M 115 11.56 77.66 63.19
CA THR M 115 10.78 76.69 62.41
C THR M 115 11.49 75.33 62.36
N CYS M 116 12.81 75.32 62.07
CA CYS M 116 13.63 74.10 61.97
C CYS M 116 13.75 73.39 63.33
N GLN M 117 13.83 74.17 64.43
CA GLN M 117 13.93 73.66 65.80
C GLN M 117 12.59 73.04 66.25
N ALA M 118 11.47 73.58 65.74
CA ALA M 118 10.11 73.12 66.05
C ALA M 118 9.80 71.75 65.42
N LEU M 119 10.54 71.39 64.34
CA LEU M 119 10.39 70.12 63.61
C LEU M 119 10.85 68.90 64.44
N VAL M 120 11.73 69.13 65.44
CA VAL M 120 12.24 68.08 66.33
C VAL M 120 11.09 67.61 67.24
N VAL M 121 10.28 68.59 67.74
CA VAL M 121 9.12 68.32 68.59
C VAL M 121 7.98 67.81 67.69
N LEU M 122 7.60 68.62 66.68
CA LEU M 122 6.53 68.28 65.72
C LEU M 122 7.12 67.40 64.61
N SER M 123 7.35 66.11 64.94
CA SER M 123 7.94 65.15 63.99
C SER M 123 6.88 64.26 63.35
N GLU M 124 5.94 63.74 64.16
CA GLU M 124 4.91 62.81 63.70
C GLU M 124 3.57 63.53 63.38
N TRP M 125 3.54 64.87 63.52
CA TRP M 125 2.34 65.67 63.24
C TRP M 125 2.41 66.36 61.87
N LEU M 126 3.56 66.26 61.19
CA LEU M 126 3.79 66.83 59.84
C LEU M 126 3.07 65.99 58.76
N PRO M 127 2.83 66.51 57.52
CA PRO M 127 2.19 65.67 56.48
C PRO M 127 3.03 64.43 56.15
N VAL M 128 4.38 64.58 56.20
CA VAL M 128 5.34 63.51 56.01
C VAL M 128 6.01 63.31 57.37
N THR M 129 5.75 62.17 58.02
CA THR M 129 6.28 61.86 59.36
C THR M 129 7.77 61.51 59.30
N GLY M 130 8.44 61.63 60.46
CA GLY M 130 9.86 61.33 60.62
C GLY M 130 10.18 59.86 60.43
N THR M 131 9.23 58.98 60.77
CA THR M 131 9.35 57.52 60.64
C THR M 131 9.34 57.14 59.14
N THR M 132 8.56 57.87 58.32
CA THR M 132 8.45 57.67 56.87
C THR M 132 9.79 58.06 56.22
N MET M 133 10.41 59.16 56.67
CA MET M 133 11.70 59.66 56.18
C MET M 133 12.85 58.74 56.61
N ASP M 134 12.70 58.07 57.77
CA ASP M 134 13.68 57.14 58.31
C ASP M 134 13.75 55.85 57.48
N GLY M 135 12.66 55.51 56.81
CA GLY M 135 12.55 54.34 55.94
C GLY M 135 13.34 54.49 54.66
N LEU M 136 13.37 55.73 54.11
CA LEU M 136 14.09 56.08 52.88
C LEU M 136 15.58 56.22 53.18
N SER M 137 15.93 56.96 54.26
CA SER M 137 17.29 57.19 54.73
C SER M 137 17.35 57.00 56.25
N PRO M 138 18.17 56.06 56.78
CA PRO M 138 18.23 55.84 58.24
C PRO M 138 18.70 57.09 58.99
N ALA M 139 17.96 57.45 60.07
CA ALA M 139 18.15 58.61 60.95
C ALA M 139 18.22 59.92 60.14
N TYR M 140 17.14 60.23 59.41
CA TYR M 140 17.02 61.42 58.57
C TYR M 140 16.99 62.70 59.45
N PRO M 141 17.76 63.76 59.10
CA PRO M 141 17.75 64.99 59.92
C PRO M 141 16.38 65.67 59.95
N ARG M 142 15.83 65.82 61.17
CA ARG M 142 14.51 66.40 61.43
C ARG M 142 14.42 67.88 61.07
N HIS M 143 15.55 68.61 61.17
CA HIS M 143 15.64 70.05 60.87
C HIS M 143 15.42 70.37 59.38
N MET M 144 15.67 69.40 58.48
CA MET M 144 15.51 69.55 57.03
C MET M 144 14.07 69.31 56.55
N MET M 145 13.17 68.89 57.47
CA MET M 145 11.79 68.50 57.16
C MET M 145 10.79 69.69 57.02
N HIS M 146 11.18 70.72 56.25
CA HIS M 146 10.35 71.88 55.89
C HIS M 146 11.03 72.71 54.80
N PRO M 147 10.29 73.21 53.77
CA PRO M 147 10.93 74.00 52.70
C PRO M 147 11.66 75.26 53.16
N SER M 148 11.34 75.76 54.38
CA SER M 148 11.95 76.95 54.97
C SER M 148 13.41 76.72 55.40
N PHE M 149 13.87 75.44 55.45
CA PHE M 149 15.24 75.06 55.80
C PHE M 149 16.26 75.64 54.81
N ALA M 150 15.84 75.85 53.54
CA ALA M 150 16.65 76.42 52.47
C ALA M 150 17.21 77.81 52.83
N GLY M 151 16.52 78.52 53.73
CA GLY M 151 16.92 79.82 54.24
C GLY M 151 18.00 79.75 55.30
N MET M 152 18.30 78.53 55.79
CA MET M 152 19.33 78.26 56.81
C MET M 152 20.61 77.69 56.15
N VAL M 153 20.53 77.31 54.87
CA VAL M 153 21.63 76.75 54.08
C VAL M 153 22.63 77.86 53.72
N ASP M 154 23.93 77.61 53.99
CA ASP M 154 25.04 78.53 53.72
C ASP M 154 25.57 78.30 52.28
N PRO M 155 25.44 79.29 51.36
CA PRO M 155 25.93 79.08 49.98
C PRO M 155 27.46 79.17 49.86
N SER M 156 28.15 79.77 50.85
CA SER M 156 29.61 79.91 50.85
C SER M 156 30.34 78.57 51.11
N LEU M 157 29.58 77.52 51.50
CA LEU M 157 30.07 76.16 51.75
C LEU M 157 30.68 75.53 50.48
N PRO M 158 31.70 74.64 50.59
CA PRO M 158 32.29 74.03 49.37
C PRO M 158 31.27 73.24 48.54
N GLY M 159 31.48 73.25 47.22
CA GLY M 159 30.63 72.61 46.22
C GLY M 159 30.05 71.25 46.57
N ASP M 160 30.94 70.30 46.94
CA ASP M 160 30.55 68.93 47.31
C ASP M 160 29.69 68.90 48.57
N TYR M 161 29.99 69.79 49.54
CA TYR M 161 29.26 69.89 50.81
C TYR M 161 27.92 70.58 50.63
N LEU M 162 27.89 71.68 49.84
CA LEU M 162 26.68 72.46 49.54
C LEU M 162 25.64 71.61 48.80
N ARG M 163 26.10 70.79 47.83
CA ARG M 163 25.24 69.88 47.07
C ARG M 163 24.71 68.75 47.96
N ALA M 164 25.52 68.27 48.92
CA ALA M 164 25.16 67.21 49.87
C ALA M 164 24.02 67.64 50.81
N ILE M 165 23.99 68.93 51.20
CA ILE M 165 22.95 69.50 52.07
C ILE M 165 21.65 69.65 51.26
N LEU M 166 21.76 70.18 50.03
CA LEU M 166 20.62 70.41 49.13
C LEU M 166 19.99 69.10 48.63
N ASP M 167 20.81 68.06 48.33
CA ASP M 167 20.34 66.75 47.88
C ASP M 167 19.61 66.00 49.00
N ALA M 168 20.10 66.15 50.26
CA ALA M 168 19.50 65.54 51.45
C ALA M 168 18.16 66.20 51.76
N HIS M 169 18.08 67.53 51.61
CA HIS M 169 16.87 68.33 51.83
C HIS M 169 15.83 68.07 50.73
N SER M 170 16.30 67.81 49.49
CA SER M 170 15.45 67.51 48.33
C SER M 170 14.70 66.19 48.48
N LEU M 171 15.23 65.24 49.30
CA LEU M 171 14.63 63.94 49.59
C LEU M 171 13.27 64.13 50.28
N TYR M 172 13.18 65.12 51.20
CA TYR M 172 11.94 65.46 51.91
C TYR M 172 10.99 66.17 50.94
N LEU M 173 11.50 67.20 50.23
CA LEU M 173 10.76 68.02 49.27
C LEU M 173 10.09 67.16 48.19
N LEU M 174 10.74 66.07 47.77
CA LEU M 174 10.21 65.12 46.78
C LEU M 174 8.96 64.43 47.33
N GLN M 175 9.00 64.03 48.61
CA GLN M 175 7.89 63.35 49.30
C GLN M 175 6.80 64.34 49.68
N PHE M 176 7.19 65.52 50.22
CA PHE M 176 6.29 66.58 50.67
C PHE M 176 5.48 67.19 49.53
N SER M 177 6.13 67.57 48.40
CA SER M 177 5.47 68.17 47.24
C SER M 177 4.42 67.23 46.63
N ARG M 178 4.67 65.91 46.66
CA ARG M 178 3.74 64.91 46.14
C ARG M 178 2.54 64.72 47.10
N VAL M 179 2.73 64.99 48.40
CA VAL M 179 1.67 64.86 49.40
C VAL M 179 0.71 66.07 49.30
N ILE M 180 1.24 67.31 49.34
CA ILE M 180 0.44 68.54 49.30
C ILE M 180 -0.15 68.81 47.90
N ASN M 181 0.55 68.40 46.81
CA ASN M 181 0.07 68.56 45.45
C ASN M 181 -0.29 67.17 44.87
N PRO M 182 -1.60 66.88 44.64
CA PRO M 182 -1.99 65.54 44.18
C PRO M 182 -1.65 65.22 42.72
N ASN M 183 -1.55 66.23 41.84
CA ASN M 183 -1.25 65.99 40.41
C ASN M 183 0.24 65.67 40.16
N LEU M 184 1.12 65.89 41.18
CA LEU M 184 2.56 65.59 41.09
C LEU M 184 2.89 64.17 41.55
N ARG M 185 1.89 63.43 42.07
CA ARG M 185 2.01 62.05 42.58
C ARG M 185 2.48 61.05 41.52
N GLY M 186 1.88 61.10 40.34
CA GLY M 186 2.19 60.21 39.22
C GLY M 186 3.45 60.56 38.45
N ARG M 187 3.85 61.85 38.51
CA ARG M 187 5.03 62.38 37.82
C ARG M 187 6.33 61.93 38.49
N THR M 188 7.37 61.68 37.66
CA THR M 188 8.70 61.20 38.05
C THR M 188 9.48 62.21 38.91
N LYS M 189 10.60 61.74 39.53
CA LYS M 189 11.50 62.50 40.40
C LYS M 189 11.97 63.82 39.77
N GLU M 190 12.35 63.79 38.47
CA GLU M 190 12.82 64.93 37.70
C GLU M 190 11.74 65.99 37.52
N GLU M 191 10.47 65.56 37.31
CA GLU M 191 9.30 66.44 37.13
C GLU M 191 8.97 67.17 38.44
N VAL M 192 9.04 66.46 39.58
CA VAL M 192 8.76 66.99 40.92
C VAL M 192 9.91 67.94 41.34
N ALA M 193 11.17 67.57 41.02
CA ALA M 193 12.37 68.36 41.35
C ALA M 193 12.31 69.76 40.76
N ALA M 194 11.85 69.90 39.49
CA ALA M 194 11.75 71.16 38.75
C ALA M 194 10.82 72.20 39.42
N THR M 195 9.85 71.74 40.24
CA THR M 195 8.90 72.63 40.92
C THR M 195 9.45 73.22 42.23
N PHE M 196 10.30 72.47 42.96
CA PHE M 196 10.82 72.96 44.25
C PHE M 196 12.29 73.47 44.20
N THR M 197 13.09 73.10 43.16
CA THR M 197 14.49 73.52 43.04
C THR M 197 14.65 75.03 42.86
N GLN M 198 13.73 75.69 42.13
CA GLN M 198 13.77 77.14 41.88
C GLN M 198 13.57 77.97 43.18
N PRO M 199 12.49 77.78 44.01
CA PRO M 199 12.37 78.58 45.24
C PRO M 199 13.38 78.18 46.33
N MET M 200 13.95 76.95 46.24
CA MET M 200 14.96 76.45 47.18
C MET M 200 16.27 77.22 47.00
N ASN M 201 16.80 77.28 45.75
CA ASN M 201 18.03 77.98 45.40
C ASN M 201 17.93 79.49 45.68
N ALA M 202 16.71 80.06 45.54
CA ALA M 202 16.43 81.47 45.79
C ALA M 202 16.58 81.82 47.29
N ALA M 203 16.23 80.86 48.17
CA ALA M 203 16.33 81.01 49.62
C ALA M 203 17.77 80.83 50.11
N VAL M 204 18.57 80.00 49.40
CA VAL M 204 19.98 79.73 49.72
C VAL M 204 20.81 80.96 49.33
N ASN M 205 20.56 81.50 48.13
CA ASN M 205 21.29 82.65 47.58
C ASN M 205 20.73 84.00 48.07
N SER M 206 19.72 84.01 48.97
CA SER M 206 19.15 85.24 49.53
C SER M 206 20.11 85.90 50.51
N ASN M 207 20.14 87.25 50.51
CA ASN M 207 21.03 88.05 51.35
C ASN M 207 20.63 88.09 52.84
N PHE M 208 19.40 87.62 53.18
CA PHE M 208 18.90 87.60 54.56
C PHE M 208 19.65 86.55 55.40
N ILE M 209 20.28 87.01 56.51
CA ILE M 209 21.13 86.27 57.46
C ILE M 209 22.45 85.93 56.75
N SER M 210 23.57 86.48 57.29
CA SER M 210 24.92 86.32 56.74
C SER M 210 25.37 84.85 56.64
N HIS M 211 26.33 84.59 55.73
CA HIS M 211 26.91 83.26 55.44
C HIS M 211 27.51 82.59 56.67
N GLU M 212 28.18 83.36 57.53
CA GLU M 212 28.82 82.88 58.76
C GLU M 212 27.78 82.51 59.82
N LYS M 213 26.71 83.34 59.95
CA LYS M 213 25.61 83.11 60.91
C LYS M 213 24.81 81.88 60.50
N ARG M 214 24.57 81.69 59.18
CA ARG M 214 23.85 80.54 58.62
C ARG M 214 24.61 79.24 58.87
N ARG M 215 25.96 79.29 58.77
CA ARG M 215 26.87 78.17 59.00
C ARG M 215 26.82 77.74 60.47
N GLU M 216 26.66 78.70 61.40
CA GLU M 216 26.57 78.47 62.85
C GLU M 216 25.31 77.68 63.21
N PHE M 217 24.18 77.98 62.52
CA PHE M 217 22.89 77.30 62.73
C PHE M 217 22.99 75.82 62.36
N LEU M 218 23.60 75.53 61.18
CA LEU M 218 23.80 74.17 60.66
C LEU M 218 24.69 73.34 61.61
N LYS M 219 25.68 74.01 62.27
CA LYS M 219 26.57 73.39 63.26
C LYS M 219 25.81 73.11 64.56
N ALA M 220 24.93 74.05 64.97
CA ALA M 220 24.10 73.95 66.18
C ALA M 220 23.03 72.86 66.06
N PHE M 221 22.46 72.67 64.85
CA PHE M 221 21.44 71.64 64.60
C PHE M 221 22.08 70.24 64.49
N GLY M 222 23.40 70.20 64.33
CA GLY M 222 24.18 68.96 64.22
C GLY M 222 24.16 68.40 62.81
N LEU M 223 24.22 69.29 61.80
CA LEU M 223 24.20 68.91 60.38
C LEU M 223 25.63 68.89 59.82
N VAL M 224 26.44 69.91 60.14
CA VAL M 224 27.84 70.03 59.68
C VAL M 224 28.78 70.13 60.91
N ASP M 225 30.06 69.74 60.72
CA ASP M 225 31.09 69.78 61.76
C ASP M 225 31.69 71.20 61.89
N SER M 226 32.78 71.34 62.66
CA SER M 226 33.50 72.60 62.93
C SER M 226 34.01 73.29 61.64
N ASN M 227 34.33 72.53 60.59
CA ASN M 227 34.84 73.06 59.32
C ASN M 227 33.69 73.36 58.35
N GLY M 228 32.85 72.36 58.07
CA GLY M 228 31.72 72.47 57.17
C GLY M 228 31.28 71.18 56.50
N LYS M 229 31.94 70.05 56.85
CA LYS M 229 31.64 68.72 56.32
C LYS M 229 30.34 68.18 56.93
N PRO M 230 29.35 67.75 56.11
CA PRO M 230 28.09 67.24 56.68
C PRO M 230 28.25 65.89 57.38
N SER M 231 27.32 65.59 58.30
CA SER M 231 27.29 64.35 59.08
C SER M 231 26.89 63.15 58.21
N ALA M 232 27.12 61.92 58.73
CA ALA M 232 26.80 60.64 58.07
C ALA M 232 25.31 60.52 57.73
N ALA M 233 24.43 61.14 58.56
CA ALA M 233 22.99 61.16 58.38
C ALA M 233 22.58 61.97 57.14
N VAL M 234 23.28 63.09 56.90
CA VAL M 234 23.06 63.98 55.76
C VAL M 234 23.60 63.32 54.47
N MET M 235 24.81 62.71 54.55
CA MET M 235 25.48 62.03 53.44
C MET M 235 24.68 60.84 52.92
N ALA M 236 24.01 60.09 53.83
CA ALA M 236 23.18 58.94 53.49
C ALA M 236 21.89 59.38 52.78
N ALA M 237 21.31 60.53 53.22
CA ALA M 237 20.09 61.10 52.65
C ALA M 237 20.34 61.69 51.26
N ALA M 238 21.55 62.24 51.02
CA ALA M 238 21.96 62.80 49.73
C ALA M 238 22.18 61.68 48.71
N GLN M 239 22.70 60.53 49.17
CA GLN M 239 22.95 59.33 48.35
C GLN M 239 21.63 58.64 48.01
N ALA M 240 20.64 58.69 48.95
CA ALA M 240 19.31 58.10 48.80
C ALA M 240 18.50 58.83 47.72
N TYR M 241 18.70 60.15 47.57
CA TYR M 241 18.01 61.00 46.59
C TYR M 241 18.50 60.69 45.17
N LYS M 242 19.77 60.29 45.02
CA LYS M 242 20.39 59.95 43.74
C LYS M 242 19.79 58.68 43.13
N THR M 243 19.39 57.71 43.99
CA THR M 243 18.79 56.43 43.58
C THR M 243 17.27 56.41 43.82
N ALA M 244 16.68 57.55 44.25
CA ALA M 244 15.24 57.70 44.53
C ALA M 244 14.39 57.61 43.26
N ALA M 245 13.13 57.14 43.41
CA ALA M 245 12.17 56.99 42.32
C ALA M 245 11.14 58.13 42.34
N GLN N 5 12.88 60.14 -22.60
CA GLN N 5 12.51 60.85 -21.37
C GLN N 5 13.61 60.71 -20.31
N GLU N 6 14.34 59.58 -20.30
CA GLU N 6 15.41 59.33 -19.32
C GLU N 6 16.66 60.12 -19.71
N LEU N 7 16.60 61.45 -19.53
CA LEU N 7 17.68 62.40 -19.83
C LEU N 7 18.22 63.03 -18.53
N ALA N 8 17.70 62.57 -17.37
CA ALA N 8 18.10 63.01 -16.04
C ALA N 8 19.50 62.53 -15.69
N ILE N 9 19.96 61.43 -16.34
CA ILE N 9 21.29 60.81 -16.17
C ILE N 9 22.36 61.81 -16.59
N GLN N 10 22.12 62.53 -17.70
CA GLN N 10 23.01 63.56 -18.26
C GLN N 10 23.09 64.78 -17.34
N PHE N 11 21.95 65.12 -16.69
CA PHE N 11 21.83 66.23 -15.75
C PHE N 11 22.56 65.87 -14.44
N ALA N 12 22.56 64.58 -14.08
CA ALA N 12 23.21 64.04 -12.89
C ALA N 12 24.71 63.84 -13.10
N ALA N 13 25.14 63.53 -14.35
CA ALA N 13 26.54 63.31 -14.74
C ALA N 13 27.36 64.61 -14.65
N GLN N 14 26.66 65.77 -14.61
CA GLN N 14 27.25 67.11 -14.50
C GLN N 14 28.05 67.27 -13.21
N ALA N 15 29.24 67.88 -13.31
CA ALA N 15 30.11 68.17 -12.17
C ALA N 15 29.51 69.30 -11.36
N VAL N 16 29.34 69.09 -10.04
CA VAL N 16 28.74 70.08 -9.14
C VAL N 16 29.71 71.24 -8.88
N ASP N 17 29.25 72.48 -9.17
CA ASP N 17 30.01 73.70 -8.98
C ASP N 17 29.80 74.21 -7.56
N ARG N 18 30.85 74.07 -6.73
CA ARG N 18 30.89 74.44 -5.31
C ARG N 18 30.43 75.88 -5.05
N ASN N 19 30.94 76.85 -5.83
CA ASN N 19 30.62 78.26 -5.66
C ASN N 19 29.26 78.66 -6.25
N GLU N 20 28.77 77.94 -7.28
CA GLU N 20 27.47 78.20 -7.89
C GLU N 20 26.34 77.90 -6.89
N ILE N 21 26.53 76.85 -6.06
CA ILE N 21 25.62 76.44 -5.00
C ILE N 21 25.73 77.42 -3.83
N GLU N 22 26.97 77.89 -3.53
CA GLU N 22 27.30 78.84 -2.46
C GLU N 22 26.60 80.20 -2.66
N GLN N 23 26.34 80.58 -3.92
CA GLN N 23 25.66 81.83 -4.28
C GLN N 23 24.17 81.76 -3.94
N TRP N 24 23.53 80.61 -4.23
CA TRP N 24 22.10 80.39 -4.01
C TRP N 24 21.76 80.13 -2.53
N VAL N 25 22.65 79.48 -1.76
CA VAL N 25 22.39 79.19 -0.34
C VAL N 25 22.34 80.52 0.47
N ARG N 26 23.21 81.50 0.12
CA ARG N 26 23.25 82.82 0.74
C ARG N 26 22.05 83.67 0.29
N GLU N 27 21.58 83.44 -0.94
CA GLU N 27 20.43 84.12 -1.53
C GLU N 27 19.13 83.60 -0.90
N PHE N 28 18.99 82.27 -0.78
CA PHE N 28 17.82 81.59 -0.20
C PHE N 28 18.06 81.25 1.29
N ALA N 29 18.76 82.14 2.02
CA ALA N 29 19.07 81.98 3.44
C ALA N 29 17.88 82.39 4.32
N TYR N 30 17.87 81.93 5.59
CA TYR N 30 16.82 82.21 6.57
C TYR N 30 16.64 83.73 6.84
N GLN N 31 17.53 84.36 7.62
CA GLN N 31 17.49 85.78 8.00
C GLN N 31 16.20 86.10 8.81
N GLY N 32 16.32 85.88 10.12
CA GLY N 32 15.31 86.16 11.13
C GLY N 32 15.99 86.99 12.19
N PHE N 33 17.04 86.40 12.79
CA PHE N 33 17.96 87.05 13.73
C PHE N 33 19.22 87.35 12.91
N ASP N 34 19.39 88.62 12.53
CA ASP N 34 20.49 89.06 11.68
C ASP N 34 21.77 89.37 12.47
N ALA N 35 21.64 89.66 13.79
CA ALA N 35 22.71 90.05 14.73
C ALA N 35 23.26 91.45 14.39
N ARG N 36 23.53 91.72 13.09
CA ARG N 36 24.01 93.02 12.61
C ARG N 36 22.88 94.05 12.65
N ARG N 37 21.60 93.63 12.48
CA ARG N 37 20.42 94.50 12.58
C ARG N 37 20.22 94.96 14.03
N VAL N 38 20.52 94.07 15.01
CA VAL N 38 20.40 94.33 16.45
C VAL N 38 21.32 95.50 16.86
N ILE N 39 22.63 95.43 16.49
CA ILE N 39 23.64 96.47 16.79
C ILE N 39 23.27 97.78 16.05
N GLU N 40 22.75 97.66 14.81
CA GLU N 40 22.30 98.79 13.98
C GLU N 40 21.13 99.52 14.64
N LEU N 41 20.22 98.77 15.30
CA LEU N 41 19.06 99.32 16.01
C LEU N 41 19.44 99.86 17.39
N LEU N 42 20.43 99.21 18.07
CA LEU N 42 20.92 99.62 19.40
C LEU N 42 21.54 101.01 19.34
N LYS N 43 22.32 101.30 18.28
CA LYS N 43 22.97 102.61 18.08
C LYS N 43 21.96 103.64 17.55
N GLN N 44 20.86 103.18 16.92
CA GLN N 44 19.79 104.02 16.36
C GLN N 44 18.95 104.64 17.48
N TYR N 45 18.58 103.84 18.50
CA TYR N 45 17.76 104.30 19.63
C TYR N 45 18.61 104.84 20.78
N GLY N 46 19.68 104.13 21.12
CA GLY N 46 20.59 104.49 22.21
C GLY N 46 21.49 105.69 21.93
N GLY N 47 22.22 105.62 20.82
CA GLY N 47 23.14 106.67 20.40
C GLY N 47 24.54 106.48 20.96
N ALA N 48 24.85 107.19 22.06
CA ALA N 48 26.15 107.12 22.73
C ALA N 48 26.08 106.26 24.00
N ASP N 49 24.92 106.23 24.67
CA ASP N 49 24.68 105.46 25.90
C ASP N 49 24.19 104.03 25.59
N TRP N 50 24.38 103.56 24.35
CA TRP N 50 23.93 102.23 23.90
C TRP N 50 24.76 101.10 24.54
N GLU N 51 26.06 101.34 24.81
CA GLU N 51 26.97 100.34 25.40
C GLU N 51 26.67 100.07 26.87
N LYS N 52 26.34 101.12 27.64
CA LYS N 52 26.02 101.01 29.08
C LYS N 52 24.66 100.31 29.26
N ASP N 53 23.68 100.65 28.40
CA ASP N 53 22.33 100.08 28.43
C ASP N 53 22.32 98.62 27.96
N ALA N 54 23.22 98.25 27.03
CA ALA N 54 23.36 96.88 26.52
C ALA N 54 23.85 95.95 27.63
N LYS N 55 24.78 96.46 28.49
CA LYS N 55 25.32 95.75 29.65
C LYS N 55 24.21 95.49 30.67
N LYS N 56 23.30 96.47 30.84
CA LYS N 56 22.14 96.40 31.73
C LYS N 56 21.12 95.38 31.23
N MET N 57 20.89 95.35 29.89
CA MET N 57 19.95 94.46 29.22
C MET N 57 20.43 93.00 29.22
N ILE N 58 21.77 92.78 29.24
CA ILE N 58 22.36 91.42 29.29
C ILE N 58 22.09 90.80 30.67
N VAL N 59 22.32 91.57 31.75
CA VAL N 59 22.09 91.16 33.15
C VAL N 59 20.60 90.89 33.38
N LEU N 60 19.73 91.73 32.78
CA LEU N 60 18.26 91.64 32.88
C LEU N 60 17.71 90.37 32.20
N ALA N 61 18.21 90.04 30.99
CA ALA N 61 17.78 88.86 30.23
C ALA N 61 18.28 87.55 30.82
N LEU N 62 19.47 87.57 31.44
CA LEU N 62 20.12 86.40 32.04
C LEU N 62 19.48 85.99 33.37
N THR N 63 19.16 86.97 34.24
CA THR N 63 18.61 86.72 35.57
C THR N 63 17.09 86.57 35.57
N ARG N 64 16.36 87.44 34.82
CA ARG N 64 14.90 87.40 34.80
C ARG N 64 14.36 86.61 33.60
N GLY N 65 14.31 87.24 32.41
CA GLY N 65 13.80 86.58 31.21
C GLY N 65 13.70 87.46 29.97
N ASN N 66 12.71 87.18 29.10
CA ASN N 66 12.49 87.92 27.84
C ASN N 66 11.13 88.67 27.80
N LYS N 67 10.33 88.61 28.88
CA LYS N 67 9.05 89.33 28.96
C LYS N 67 9.21 90.53 29.91
N PRO N 68 9.49 91.75 29.37
CA PRO N 68 9.76 92.91 30.23
C PRO N 68 8.56 93.43 31.04
N ARG N 69 7.33 93.32 30.50
CA ARG N 69 6.13 93.78 31.20
C ARG N 69 5.71 92.81 32.31
N ARG N 70 6.03 91.51 32.15
CA ARG N 70 5.71 90.45 33.10
C ARG N 70 6.65 90.48 34.32
N MET N 71 7.97 90.72 34.08
CA MET N 71 8.98 90.76 35.14
C MET N 71 8.88 92.06 35.98
N MET N 72 8.31 93.13 35.40
CA MET N 72 8.12 94.44 36.05
C MET N 72 7.10 94.37 37.19
N MET N 73 6.15 93.42 37.12
CA MET N 73 5.10 93.21 38.12
C MET N 73 5.68 92.79 39.47
N LYS N 74 6.71 91.92 39.45
CA LYS N 74 7.38 91.45 40.66
C LYS N 74 8.85 91.92 40.64
N MET N 75 9.05 93.23 40.88
CA MET N 75 10.36 93.89 40.88
C MET N 75 10.35 95.12 41.81
N SER N 76 11.56 95.55 42.26
CA SER N 76 11.75 96.71 43.13
C SER N 76 11.47 98.02 42.37
N LYS N 77 11.20 99.12 43.13
CA LYS N 77 10.92 100.46 42.59
C LYS N 77 12.09 100.99 41.75
N GLU N 78 13.33 100.67 42.15
CA GLU N 78 14.58 101.06 41.47
C GLU N 78 14.68 100.36 40.11
N GLY N 79 14.29 99.09 40.07
CA GLY N 79 14.29 98.27 38.85
C GLY N 79 13.18 98.65 37.89
N LYS N 80 11.96 98.88 38.43
CA LYS N 80 10.75 99.26 37.67
C LYS N 80 10.98 100.51 36.79
N ALA N 81 11.70 101.52 37.31
CA ALA N 81 11.99 102.75 36.59
C ALA N 81 13.05 102.57 35.50
N THR N 82 14.11 101.77 35.80
CA THR N 82 15.24 101.49 34.89
C THR N 82 14.79 100.60 33.71
N VAL N 83 13.96 99.57 33.98
CA VAL N 83 13.45 98.63 32.96
C VAL N 83 12.50 99.37 32.00
N GLU N 84 11.55 100.17 32.53
CA GLU N 84 10.58 100.95 31.74
C GLU N 84 11.28 101.98 30.84
N ALA N 85 12.43 102.52 31.30
CA ALA N 85 13.25 103.49 30.56
C ALA N 85 13.85 102.84 29.30
N LEU N 86 14.19 101.55 29.39
CA LEU N 86 14.75 100.77 28.28
C LEU N 86 13.68 100.38 27.26
N ILE N 87 12.45 100.12 27.72
CA ILE N 87 11.30 99.74 26.88
C ILE N 87 10.86 100.94 26.03
N ASN N 88 10.78 102.15 26.64
CA ASN N 88 10.36 103.37 25.96
C ASN N 88 11.44 103.94 25.02
N LYS N 89 12.72 103.56 25.21
CA LYS N 89 13.83 104.06 24.40
C LYS N 89 14.14 103.12 23.22
N TYR N 90 14.41 101.83 23.50
CA TYR N 90 14.79 100.82 22.51
C TYR N 90 13.59 100.09 21.88
N LYS N 91 12.36 100.39 22.34
CA LYS N 91 11.08 99.81 21.88
C LYS N 91 11.14 98.27 21.97
N LEU N 92 11.57 97.77 23.15
CA LEU N 92 11.72 96.36 23.46
C LEU N 92 10.38 95.63 23.52
N LYS N 93 10.31 94.42 22.95
CA LYS N 93 9.11 93.59 22.89
C LYS N 93 9.35 92.23 23.57
N GLU N 94 8.32 91.35 23.58
CA GLU N 94 8.37 90.02 24.16
C GLU N 94 7.90 88.96 23.15
N GLY N 95 8.63 87.85 23.08
CA GLY N 95 8.35 86.75 22.17
C GLY N 95 9.22 86.75 20.94
N ASN N 96 8.63 86.37 19.78
CA ASN N 96 9.33 86.31 18.50
C ASN N 96 8.67 87.31 17.50
N PRO N 97 9.09 88.60 17.52
CA PRO N 97 8.47 89.58 16.59
C PRO N 97 9.22 89.68 15.25
N SER N 98 9.02 90.79 14.51
CA SER N 98 9.63 91.05 13.20
C SER N 98 11.14 91.36 13.31
N ARG N 99 11.83 91.39 12.16
CA ARG N 99 13.27 91.67 11.98
C ARG N 99 13.68 93.04 12.56
N ASP N 100 12.84 94.06 12.38
CA ASP N 100 13.08 95.44 12.83
C ASP N 100 12.79 95.65 14.33
N GLU N 101 12.25 94.62 15.03
CA GLU N 101 11.94 94.70 16.45
C GLU N 101 13.07 94.12 17.31
N LEU N 102 13.19 94.61 18.56
CA LEU N 102 14.21 94.20 19.52
C LEU N 102 13.59 93.52 20.75
N THR N 103 14.28 92.48 21.25
CA THR N 103 13.92 91.72 22.47
C THR N 103 15.17 91.58 23.32
N LEU N 104 15.01 91.31 24.62
CA LEU N 104 16.11 91.14 25.57
C LEU N 104 17.00 89.94 25.21
N SER N 105 16.40 88.87 24.63
CA SER N 105 17.10 87.66 24.21
C SER N 105 17.96 87.92 22.96
N ARG N 106 17.48 88.80 22.06
CA ARG N 106 18.18 89.17 20.81
C ARG N 106 19.43 90.00 21.08
N VAL N 107 19.39 90.87 22.13
CA VAL N 107 20.50 91.73 22.53
C VAL N 107 21.62 90.83 23.12
N ALA N 108 21.23 89.84 23.95
CA ALA N 108 22.14 88.88 24.58
C ALA N 108 22.76 87.91 23.56
N ALA N 109 22.01 87.57 22.49
CA ALA N 109 22.46 86.66 21.44
C ALA N 109 23.45 87.35 20.47
N ALA N 110 23.21 88.64 20.13
CA ALA N 110 24.06 89.43 19.23
C ALA N 110 25.42 89.74 19.87
N LEU N 111 25.42 90.07 21.17
CA LEU N 111 26.63 90.37 21.94
C LEU N 111 26.97 89.16 22.82
N ALA N 112 27.16 87.99 22.16
CA ALA N 112 27.45 86.68 22.77
C ALA N 112 28.74 86.67 23.60
N GLY N 113 29.74 87.45 23.19
CA GLY N 113 31.03 87.55 23.87
C GLY N 113 30.95 88.12 25.28
N ARG N 114 30.19 89.21 25.45
CA ARG N 114 29.98 89.88 26.74
C ARG N 114 29.03 89.05 27.63
N THR N 115 28.01 88.41 27.00
CA THR N 115 26.99 87.57 27.64
C THR N 115 27.63 86.36 28.34
N CYS N 116 28.56 85.66 27.65
CA CYS N 116 29.27 84.48 28.16
C CYS N 116 30.18 84.83 29.33
N GLN N 117 30.81 86.02 29.29
CA GLN N 117 31.70 86.53 30.35
C GLN N 117 30.90 86.92 31.60
N ALA N 118 29.66 87.39 31.41
CA ALA N 118 28.74 87.81 32.48
C ALA N 118 28.23 86.61 33.30
N LEU N 119 28.25 85.40 32.71
CA LEU N 119 27.79 84.15 33.33
C LEU N 119 28.73 83.71 34.48
N VAL N 120 30.00 84.16 34.46
CA VAL N 120 31.00 83.84 35.49
C VAL N 120 30.60 84.57 36.79
N VAL N 121 30.16 85.83 36.67
CA VAL N 121 29.69 86.65 37.78
C VAL N 121 28.27 86.18 38.18
N LEU N 122 27.33 86.21 37.21
CA LEU N 122 25.94 85.77 37.41
C LEU N 122 25.86 84.25 37.26
N SER N 123 26.32 83.52 38.29
CA SER N 123 26.34 82.06 38.27
C SER N 123 25.16 81.46 39.04
N GLU N 124 24.89 82.00 40.25
CA GLU N 124 23.84 81.50 41.13
C GLU N 124 22.51 82.28 40.99
N TRP N 125 22.47 83.27 40.06
CA TRP N 125 21.27 84.07 39.83
C TRP N 125 20.50 83.62 38.57
N LEU N 126 21.07 82.67 37.81
CA LEU N 126 20.46 82.09 36.60
C LEU N 126 19.31 81.12 36.97
N PRO N 127 18.38 80.76 36.04
CA PRO N 127 17.32 79.79 36.41
C PRO N 127 17.90 78.43 36.80
N VAL N 128 19.02 78.05 36.16
CA VAL N 128 19.79 76.83 36.45
C VAL N 128 21.12 77.32 37.02
N THR N 129 21.36 77.10 38.33
CA THR N 129 22.57 77.55 39.02
C THR N 129 23.79 76.70 38.63
N GLY N 130 24.98 77.27 38.86
CA GLY N 130 26.27 76.63 38.59
C GLY N 130 26.52 75.40 39.45
N THR N 131 26.00 75.42 40.69
CA THR N 131 26.10 74.33 41.66
C THR N 131 25.29 73.12 41.17
N THR N 132 24.13 73.37 40.52
CA THR N 132 23.24 72.35 39.97
C THR N 132 23.94 71.66 38.79
N MET N 133 24.63 72.45 37.94
CA MET N 133 25.39 71.96 36.78
C MET N 133 26.64 71.19 37.21
N ASP N 134 27.20 71.56 38.38
CA ASP N 134 28.38 70.93 38.98
C ASP N 134 28.07 69.51 39.48
N GLY N 135 26.81 69.26 39.83
CA GLY N 135 26.32 67.97 40.29
C GLY N 135 26.24 66.95 39.18
N LEU N 136 25.85 67.40 37.96
CA LEU N 136 25.74 66.56 36.76
C LEU N 136 27.13 66.27 36.20
N SER N 137 27.96 67.33 36.05
CA SER N 137 29.34 67.25 35.56
C SER N 137 30.25 68.10 36.46
N PRO N 138 31.30 67.50 37.09
CA PRO N 138 32.19 68.28 37.98
C PRO N 138 32.91 69.40 37.23
N ALA N 139 32.89 70.62 37.83
CA ALA N 139 33.47 71.88 37.33
C ALA N 139 32.98 72.20 35.91
N TYR N 140 31.64 72.33 35.75
CA TYR N 140 30.99 72.63 34.47
C TYR N 140 31.38 74.04 33.98
N PRO N 141 31.73 74.21 32.68
CA PRO N 141 32.11 75.56 32.18
C PRO N 141 30.96 76.56 32.27
N ARG N 142 31.18 77.65 33.02
CA ARG N 142 30.20 78.71 33.27
C ARG N 142 29.83 79.47 32.01
N HIS N 143 30.76 79.60 31.04
CA HIS N 143 30.57 80.32 29.78
C HIS N 143 29.52 79.66 28.86
N MET N 144 29.28 78.34 29.01
CA MET N 144 28.33 77.56 28.22
C MET N 144 26.89 77.66 28.75
N MET N 145 26.69 78.32 29.91
CA MET N 145 25.41 78.40 30.62
C MET N 145 24.44 79.47 30.08
N HIS N 146 24.24 79.51 28.74
CA HIS N 146 23.28 80.38 28.03
C HIS N 146 23.17 79.94 26.57
N PRO N 147 21.94 79.91 25.97
CA PRO N 147 21.81 79.49 24.56
C PRO N 147 22.58 80.34 23.54
N SER N 148 22.98 81.58 23.93
CA SER N 148 23.73 82.53 23.10
C SER N 148 25.18 82.07 22.87
N PHE N 149 25.68 81.09 23.68
CA PHE N 149 27.04 80.53 23.57
C PHE N 149 27.26 79.86 22.20
N ALA N 150 26.18 79.36 21.56
CA ALA N 150 26.22 78.72 20.24
C ALA N 150 26.78 79.66 19.15
N GLY N 151 26.67 80.98 19.39
CA GLY N 151 27.20 82.01 18.50
C GLY N 151 28.69 82.23 18.66
N MET N 152 29.30 81.62 19.70
CA MET N 152 30.73 81.70 19.99
C MET N 152 31.45 80.40 19.55
N VAL N 153 30.68 79.36 19.20
CA VAL N 153 31.20 78.05 18.76
C VAL N 153 31.73 78.18 17.32
N ASP N 154 32.96 77.67 17.11
CA ASP N 154 33.66 77.67 15.82
C ASP N 154 33.31 76.39 15.02
N PRO N 155 32.60 76.50 13.87
CA PRO N 155 32.25 75.29 13.11
C PRO N 155 33.42 74.67 12.34
N SER N 156 34.51 75.43 12.13
CA SER N 156 35.70 74.97 11.41
C SER N 156 36.53 73.97 12.24
N LEU N 157 36.21 73.82 13.55
CA LEU N 157 36.85 72.89 14.48
C LEU N 157 36.68 71.43 14.05
N PRO N 158 37.64 70.51 14.34
CA PRO N 158 37.47 69.11 13.93
C PRO N 158 36.23 68.45 14.51
N GLY N 159 35.65 67.52 13.74
CA GLY N 159 34.43 66.78 14.06
C GLY N 159 34.26 66.33 15.50
N ASP N 160 35.26 65.60 16.04
CA ASP N 160 35.26 65.08 17.40
C ASP N 160 35.26 66.20 18.44
N TYR N 161 35.99 67.30 18.15
CA TYR N 161 36.10 68.46 19.04
C TYR N 161 34.84 69.32 18.99
N LEU N 162 34.29 69.55 17.77
CA LEU N 162 33.08 70.34 17.52
C LEU N 162 31.87 69.69 18.22
N ARG N 163 31.76 68.35 18.15
CA ARG N 163 30.68 67.58 18.80
C ARG N 163 30.83 67.62 20.32
N ALA N 164 32.07 67.63 20.84
CA ALA N 164 32.38 67.67 22.26
C ALA N 164 31.95 69.00 22.90
N ILE N 165 32.06 70.11 22.16
CA ILE N 165 31.64 71.45 22.62
C ILE N 165 30.11 71.52 22.62
N LEU N 166 29.46 71.04 21.54
CA LEU N 166 28.01 71.04 21.37
C LEU N 166 27.31 70.11 22.37
N ASP N 167 27.87 68.91 22.64
CA ASP N 167 27.31 67.94 23.60
C ASP N 167 27.41 68.46 25.04
N ALA N 168 28.50 69.18 25.37
CA ALA N 168 28.73 69.78 26.69
C ALA N 168 27.75 70.93 26.91
N HIS N 169 27.51 71.75 25.87
CA HIS N 169 26.59 72.89 25.89
C HIS N 169 25.13 72.40 25.95
N SER N 170 24.83 71.25 25.31
CA SER N 170 23.50 70.63 25.28
C SER N 170 23.07 70.15 26.67
N LEU N 171 24.03 69.85 27.58
CA LEU N 171 23.78 69.41 28.95
C LEU N 171 23.04 70.51 29.73
N TYR N 172 23.42 71.79 29.51
CA TYR N 172 22.76 72.95 30.13
C TYR N 172 21.40 73.16 29.50
N LEU N 173 21.35 73.19 28.14
CA LEU N 173 20.14 73.40 27.34
C LEU N 173 19.04 72.41 27.70
N LEU N 174 19.42 71.16 28.03
CA LEU N 174 18.50 70.11 28.45
C LEU N 174 17.81 70.51 29.77
N GLN N 175 18.59 71.02 30.73
CA GLN N 175 18.11 71.45 32.04
C GLN N 175 17.35 72.78 31.95
N PHE N 176 17.90 73.75 31.18
CA PHE N 176 17.35 75.10 30.99
C PHE N 176 16.00 75.08 30.28
N SER N 177 15.88 74.35 29.14
CA SER N 177 14.64 74.26 28.35
C SER N 177 13.49 73.65 29.16
N ARG N 178 13.80 72.70 30.07
CA ARG N 178 12.80 72.07 30.93
C ARG N 178 12.36 73.03 32.06
N VAL N 179 13.23 73.98 32.46
CA VAL N 179 12.93 74.95 33.51
C VAL N 179 12.01 76.05 32.96
N ILE N 180 12.40 76.69 31.83
CA ILE N 180 11.63 77.80 31.21
C ILE N 180 10.35 77.29 30.51
N ASN N 181 10.34 76.06 29.97
CA ASN N 181 9.16 75.48 29.34
C ASN N 181 8.62 74.33 30.22
N PRO N 182 7.44 74.50 30.85
CA PRO N 182 6.93 73.46 31.77
C PRO N 182 6.42 72.19 31.12
N ASN N 183 5.94 72.24 29.86
CA ASN N 183 5.41 71.06 29.17
C ASN N 183 6.52 70.10 28.69
N LEU N 184 7.79 70.56 28.69
CA LEU N 184 8.95 69.75 28.27
C LEU N 184 9.56 68.97 29.45
N ARG N 185 9.08 69.20 30.69
CA ARG N 185 9.56 68.58 31.93
C ARG N 185 9.40 67.05 31.94
N GLY N 186 8.23 66.57 31.53
CA GLY N 186 7.91 65.15 31.49
C GLY N 186 8.51 64.39 30.32
N ARG N 187 8.79 65.11 29.22
CA ARG N 187 9.34 64.56 27.98
C ARG N 187 10.82 64.17 28.14
N THR N 188 11.22 63.07 27.48
CA THR N 188 12.58 62.49 27.51
C THR N 188 13.64 63.39 26.87
N LYS N 189 14.94 63.06 27.09
CA LYS N 189 16.13 63.76 26.60
C LYS N 189 16.07 64.03 25.09
N GLU N 190 15.66 63.02 24.29
CA GLU N 190 15.55 63.09 22.83
C GLU N 190 14.48 64.10 22.39
N GLU N 191 13.35 64.17 23.11
CA GLU N 191 12.24 65.08 22.84
C GLU N 191 12.64 66.53 23.10
N VAL N 192 13.39 66.78 24.20
CA VAL N 192 13.87 68.10 24.60
C VAL N 192 14.99 68.55 23.64
N ALA N 193 15.88 67.62 23.24
CA ALA N 193 17.00 67.88 22.32
C ALA N 193 16.54 68.45 20.99
N ALA N 194 15.45 67.88 20.41
CA ALA N 194 14.85 68.28 19.12
C ALA N 194 14.39 69.75 19.08
N THR N 195 14.09 70.36 20.24
CA THR N 195 13.62 71.75 20.31
C THR N 195 14.77 72.77 20.32
N PHE N 196 15.94 72.43 20.91
CA PHE N 196 17.05 73.38 21.01
C PHE N 196 18.20 73.13 20.01
N THR N 197 18.30 71.93 19.40
CA THR N 197 19.38 71.60 18.46
C THR N 197 19.29 72.40 17.15
N GLN N 198 18.07 72.72 16.67
CA GLN N 198 17.86 73.50 15.45
C GLN N 198 18.36 74.96 15.59
N PRO N 199 17.95 75.79 16.60
CA PRO N 199 18.50 77.16 16.67
C PRO N 199 19.96 77.21 17.12
N MET N 200 20.47 76.12 17.75
CA MET N 200 21.86 75.99 18.19
C MET N 200 22.79 75.88 16.97
N ASN N 201 22.50 74.92 16.06
CA ASN N 201 23.27 74.68 14.84
C ASN N 201 23.23 75.89 13.89
N ALA N 202 22.12 76.65 13.89
CA ALA N 202 21.93 77.86 13.10
C ALA N 202 22.87 78.97 13.55
N ALA N 203 23.15 79.05 14.87
CA ALA N 203 24.04 80.05 15.46
C ALA N 203 25.51 79.68 15.26
N VAL N 204 25.82 78.37 15.18
CA VAL N 204 27.18 77.86 14.96
C VAL N 204 27.56 78.10 13.48
N ASN N 205 26.65 77.78 12.56
CA ASN N 205 26.85 77.91 11.11
C ASN N 205 26.58 79.34 10.58
N SER N 206 26.25 80.31 11.47
CA SER N 206 26.01 81.70 11.09
C SER N 206 27.31 82.40 10.69
N ASN N 207 27.24 83.28 9.68
CA ASN N 207 28.36 84.03 9.12
C ASN N 207 28.87 85.16 10.06
N PHE N 208 28.09 85.54 11.09
CA PHE N 208 28.45 86.60 12.03
C PHE N 208 29.61 86.16 12.93
N ILE N 209 30.73 86.94 12.90
CA ILE N 209 32.02 86.72 13.59
C ILE N 209 32.73 85.53 12.92
N SER N 210 33.90 85.80 12.32
CA SER N 210 34.71 84.81 11.59
C SER N 210 35.13 83.60 12.45
N HIS N 211 35.41 82.47 11.78
CA HIS N 211 35.82 81.19 12.37
C HIS N 211 37.05 81.29 13.26
N GLU N 212 38.04 82.11 12.85
CA GLU N 212 39.29 82.33 13.57
C GLU N 212 39.07 83.18 14.82
N LYS N 213 38.21 84.22 14.73
CA LYS N 213 37.88 85.11 15.85
C LYS N 213 37.06 84.35 16.90
N ARG N 214 36.14 83.47 16.46
CA ARG N 214 35.31 82.62 17.33
C ARG N 214 36.17 81.64 18.11
N ARG N 215 37.21 81.08 17.46
CA ARG N 215 38.17 80.14 18.04
C ARG N 215 38.99 80.82 19.14
N GLU N 216 39.32 82.12 18.95
CA GLU N 216 40.08 82.94 19.92
C GLU N 216 39.30 83.13 21.22
N PHE N 217 37.96 83.31 21.13
CA PHE N 217 37.08 83.49 22.27
C PHE N 217 37.04 82.24 23.14
N LEU N 218 36.90 81.06 22.51
CA LEU N 218 36.87 79.75 23.17
C LEU N 218 38.19 79.47 23.91
N LYS N 219 39.32 79.95 23.35
CA LYS N 219 40.66 79.84 23.93
C LYS N 219 40.79 80.78 25.13
N ALA N 220 40.23 82.00 25.02
CA ALA N 220 40.24 83.05 26.05
C ALA N 220 39.37 82.66 27.26
N PHE N 221 38.23 81.98 27.01
CA PHE N 221 37.33 81.52 28.09
C PHE N 221 37.89 80.29 28.81
N GLY N 222 38.91 79.65 28.21
CA GLY N 222 39.56 78.46 28.75
C GLY N 222 38.78 77.19 28.46
N LEU N 223 38.20 77.10 27.25
CA LEU N 223 37.42 75.95 26.80
C LEU N 223 38.26 75.02 25.95
N VAL N 224 39.04 75.58 24.99
CA VAL N 224 39.93 74.82 24.10
C VAL N 224 41.39 75.31 24.26
N ASP N 225 42.36 74.45 23.93
CA ASP N 225 43.80 74.78 24.02
C ASP N 225 44.25 75.59 22.79
N SER N 226 45.58 75.71 22.57
CA SER N 226 46.22 76.44 21.47
C SER N 226 45.84 75.92 20.07
N ASN N 227 45.42 74.64 19.96
CA ASN N 227 45.04 74.04 18.68
C ASN N 227 43.53 74.07 18.48
N GLY N 228 42.81 73.38 19.36
CA GLY N 228 41.36 73.27 19.31
C GLY N 228 40.78 72.14 20.14
N LYS N 229 41.66 71.44 20.90
CA LYS N 229 41.25 70.32 21.76
C LYS N 229 40.56 70.87 23.02
N PRO N 230 39.31 70.43 23.33
CA PRO N 230 38.62 70.95 24.53
C PRO N 230 39.25 70.45 25.83
N SER N 231 39.03 71.21 26.92
CA SER N 231 39.53 70.91 28.27
C SER N 231 38.80 69.71 28.89
N ALA N 232 39.37 69.15 29.98
CA ALA N 232 38.82 68.00 30.73
C ALA N 232 37.41 68.28 31.27
N ALA N 233 37.11 69.56 31.59
CA ALA N 233 35.82 70.03 32.09
C ALA N 233 34.73 69.91 31.02
N VAL N 234 35.09 70.22 29.75
CA VAL N 234 34.20 70.16 28.59
C VAL N 234 33.97 68.69 28.20
N MET N 235 35.04 67.87 28.21
CA MET N 235 35.02 66.44 27.86
C MET N 235 34.15 65.64 28.83
N ALA N 236 34.17 65.98 30.13
CA ALA N 236 33.37 65.33 31.16
C ALA N 236 31.88 65.66 31.00
N ALA N 237 31.56 66.92 30.61
CA ALA N 237 30.21 67.41 30.39
C ALA N 237 29.58 66.79 29.13
N ALA N 238 30.40 66.54 28.10
CA ALA N 238 29.98 65.91 26.84
C ALA N 238 29.66 64.43 27.06
N GLN N 239 30.42 63.76 27.95
CA GLN N 239 30.25 62.35 28.32
C GLN N 239 29.01 62.19 29.22
N ALA N 240 28.73 63.21 30.07
CA ALA N 240 27.59 63.25 30.99
C ALA N 240 26.26 63.35 30.23
N TYR N 241 26.26 64.04 29.07
CA TYR N 241 25.08 64.24 28.22
C TYR N 241 24.69 62.93 27.51
N LYS N 242 25.69 62.07 27.22
CA LYS N 242 25.50 60.77 26.56
C LYS N 242 24.74 59.78 27.45
N THR N 243 24.96 59.86 28.78
CA THR N 243 24.33 58.99 29.78
C THR N 243 23.22 59.73 30.56
N ALA N 244 22.90 60.98 30.16
CA ALA N 244 21.87 61.81 30.79
C ALA N 244 20.45 61.27 30.57
N ALA N 245 19.54 61.56 31.51
CA ALA N 245 18.13 61.14 31.47
C ALA N 245 17.22 62.29 31.03
N GLN O 5 -16.97 20.29 -5.20
CA GLN O 5 -16.74 21.71 -5.01
C GLN O 5 -15.24 22.01 -4.77
N GLU O 6 -14.52 21.06 -4.14
CA GLU O 6 -13.09 21.19 -3.87
C GLU O 6 -12.28 20.94 -5.15
N LEU O 7 -12.35 21.91 -6.09
CA LEU O 7 -11.66 21.90 -7.38
C LEU O 7 -10.57 23.00 -7.42
N ALA O 8 -10.38 23.69 -6.28
CA ALA O 8 -9.39 24.74 -6.08
C ALA O 8 -7.96 24.17 -6.07
N ILE O 9 -7.82 22.86 -5.73
CA ILE O 9 -6.57 22.10 -5.67
C ILE O 9 -5.95 22.05 -7.08
N GLN O 10 -6.80 21.84 -8.11
CA GLN O 10 -6.41 21.77 -9.52
C GLN O 10 -5.96 23.15 -10.02
N PHE O 11 -6.62 24.22 -9.52
CA PHE O 11 -6.32 25.62 -9.83
C PHE O 11 -4.99 26.03 -9.19
N ALA O 12 -4.70 25.45 -8.01
CA ALA O 12 -3.48 25.68 -7.22
C ALA O 12 -2.30 24.87 -7.77
N ALA O 13 -2.56 23.68 -8.33
CA ALA O 13 -1.56 22.78 -8.91
C ALA O 13 -0.91 23.38 -10.19
N GLN O 14 -1.59 24.39 -10.78
CA GLN O 14 -1.15 25.10 -11.98
C GLN O 14 0.18 25.82 -11.76
N ALA O 15 1.08 25.74 -12.76
CA ALA O 15 2.38 26.41 -12.74
C ALA O 15 2.18 27.91 -12.94
N VAL O 16 2.73 28.74 -12.04
CA VAL O 16 2.58 30.20 -12.07
C VAL O 16 3.41 30.79 -13.22
N ASP O 17 2.74 31.56 -14.10
CA ASP O 17 3.34 32.23 -15.24
C ASP O 17 3.86 33.60 -14.81
N ARG O 18 5.20 33.73 -14.71
CA ARG O 18 5.93 34.91 -14.27
C ARG O 18 5.52 36.19 -15.04
N ASN O 19 5.45 36.10 -16.39
CA ASN O 19 5.13 37.25 -17.24
C ASN O 19 3.63 37.56 -17.30
N GLU O 20 2.76 36.56 -17.08
CA GLU O 20 1.30 36.76 -17.06
C GLU O 20 0.89 37.63 -15.87
N ILE O 21 1.58 37.44 -14.73
CA ILE O 21 1.40 38.20 -13.50
C ILE O 21 2.01 39.60 -13.68
N GLU O 22 3.18 39.68 -14.38
CA GLU O 22 3.91 40.92 -14.67
C GLU O 22 3.08 41.91 -15.52
N GLN O 23 2.17 41.39 -16.35
CA GLN O 23 1.28 42.19 -17.20
C GLN O 23 0.20 42.89 -16.35
N TRP O 24 -0.37 42.16 -15.39
CA TRP O 24 -1.44 42.65 -14.52
C TRP O 24 -0.95 43.59 -13.42
N VAL O 25 0.28 43.38 -12.88
CA VAL O 25 0.84 44.25 -11.83
C VAL O 25 1.08 45.68 -12.39
N ARG O 26 1.52 45.78 -13.65
CA ARG O 26 1.76 47.07 -14.33
C ARG O 26 0.43 47.72 -14.71
N GLU O 27 -0.60 46.90 -14.99
CA GLU O 27 -1.95 47.34 -15.34
C GLU O 27 -2.67 47.86 -14.08
N PHE O 28 -2.59 47.11 -12.97
CA PHE O 28 -3.21 47.45 -11.68
C PHE O 28 -2.20 48.14 -10.73
N ALA O 29 -1.32 48.97 -11.29
CA ALA O 29 -0.29 49.70 -10.55
C ALA O 29 -0.85 50.94 -9.86
N TYR O 30 -0.16 51.39 -8.79
CA TYR O 30 -0.50 52.57 -7.99
C TYR O 30 -0.44 53.85 -8.84
N GLN O 31 0.63 54.03 -9.64
CA GLN O 31 0.85 55.16 -10.55
C GLN O 31 0.47 56.54 -9.91
N GLY O 32 0.79 56.70 -8.63
CA GLY O 32 0.50 57.93 -7.89
C GLY O 32 1.43 59.04 -8.28
N PHE O 33 2.72 58.90 -7.90
CA PHE O 33 3.78 59.84 -8.25
C PHE O 33 4.65 59.24 -9.35
N ASP O 34 4.95 60.03 -10.38
CA ASP O 34 5.80 59.62 -11.50
C ASP O 34 6.80 60.73 -11.83
N ALA O 35 8.09 60.38 -11.88
CA ALA O 35 9.20 61.29 -12.17
C ALA O 35 9.18 61.76 -13.64
N ARG O 36 8.52 60.98 -14.52
CA ARG O 36 8.42 61.26 -15.96
C ARG O 36 7.59 62.52 -16.23
N ARG O 37 6.47 62.70 -15.49
CA ARG O 37 5.57 63.85 -15.60
C ARG O 37 6.24 65.15 -15.12
N VAL O 38 7.10 65.05 -14.08
CA VAL O 38 7.83 66.19 -13.49
C VAL O 38 8.76 66.84 -14.54
N ILE O 39 9.60 66.03 -15.22
CA ILE O 39 10.53 66.48 -16.26
C ILE O 39 9.73 67.03 -17.46
N GLU O 40 8.59 66.38 -17.80
CA GLU O 40 7.68 66.78 -18.88
C GLU O 40 7.08 68.17 -18.60
N LEU O 41 6.77 68.46 -17.32
CA LEU O 41 6.20 69.74 -16.89
C LEU O 41 7.30 70.81 -16.74
N LEU O 42 8.53 70.41 -16.33
CA LEU O 42 9.67 71.32 -16.17
C LEU O 42 10.07 71.95 -17.50
N LYS O 43 10.06 71.16 -18.59
CA LYS O 43 10.39 71.62 -19.95
C LYS O 43 9.21 72.38 -20.57
N GLN O 44 7.98 72.12 -20.08
CA GLN O 44 6.74 72.76 -20.55
C GLN O 44 6.67 74.22 -20.09
N TYR O 45 7.01 74.49 -18.81
CA TYR O 45 6.98 75.83 -18.23
C TYR O 45 8.31 76.58 -18.41
N GLY O 46 9.42 75.89 -18.16
CA GLY O 46 10.77 76.45 -18.26
C GLY O 46 11.26 76.69 -19.67
N GLY O 47 11.22 75.65 -20.49
CA GLY O 47 11.66 75.69 -21.88
C GLY O 47 13.12 75.36 -22.04
N ALA O 48 13.97 76.39 -22.15
CA ALA O 48 15.42 76.24 -22.31
C ALA O 48 16.16 76.49 -20.98
N ASP O 49 15.61 77.38 -20.13
CA ASP O 49 16.18 77.75 -18.83
C ASP O 49 15.68 76.82 -17.70
N TRP O 50 15.13 75.64 -18.06
CA TRP O 50 14.59 74.67 -17.11
C TRP O 50 15.70 73.99 -16.27
N GLU O 51 16.90 73.79 -16.87
CA GLU O 51 18.04 73.13 -16.20
C GLU O 51 18.66 74.00 -15.12
N LYS O 52 18.80 75.32 -15.37
CA LYS O 52 19.37 76.28 -14.43
C LYS O 52 18.42 76.50 -13.24
N ASP O 53 17.10 76.58 -13.52
CA ASP O 53 16.06 76.77 -12.51
C ASP O 53 15.88 75.52 -11.64
N ALA O 54 16.07 74.31 -12.22
CA ALA O 54 15.97 73.03 -11.50
C ALA O 54 17.07 72.94 -10.45
N LYS O 55 18.29 73.42 -10.78
CA LYS O 55 19.45 73.47 -9.88
C LYS O 55 19.16 74.41 -8.70
N LYS O 56 18.46 75.53 -8.96
CA LYS O 56 18.05 76.52 -7.97
C LYS O 56 16.98 75.94 -7.04
N MET O 57 16.03 75.18 -7.61
CA MET O 57 14.92 74.54 -6.88
C MET O 57 15.40 73.38 -6.00
N ILE O 58 16.51 72.70 -6.36
CA ILE O 58 17.09 71.60 -5.57
C ILE O 58 17.71 72.18 -4.29
N VAL O 59 18.49 73.28 -4.41
CA VAL O 59 19.15 73.98 -3.29
C VAL O 59 18.07 74.56 -2.35
N LEU O 60 16.96 75.08 -2.91
CA LEU O 60 15.84 75.68 -2.18
C LEU O 60 15.07 74.63 -1.35
N ALA O 61 14.80 73.45 -1.92
CA ALA O 61 14.07 72.37 -1.26
C ALA O 61 14.90 71.67 -0.18
N LEU O 62 16.22 71.59 -0.38
CA LEU O 62 17.16 70.95 0.54
C LEU O 62 17.44 71.77 1.79
N THR O 63 17.63 73.10 1.64
CA THR O 63 17.97 74.00 2.75
C THR O 63 16.74 74.51 3.50
N ARG O 64 15.67 74.91 2.77
CA ARG O 64 14.47 75.47 3.40
C ARG O 64 13.38 74.40 3.60
N GLY O 65 12.61 74.08 2.54
CA GLY O 65 11.53 73.09 2.62
C GLY O 65 10.69 72.95 1.37
N ASN O 66 9.40 72.60 1.54
CA ASN O 66 8.45 72.40 0.44
C ASN O 66 7.31 73.45 0.43
N LYS O 67 7.35 74.44 1.33
CA LYS O 67 6.32 75.49 1.38
C LYS O 67 6.92 76.82 0.89
N PRO O 68 6.76 77.16 -0.42
CA PRO O 68 7.39 78.39 -0.96
C PRO O 68 6.84 79.70 -0.40
N ARG O 69 5.53 79.77 -0.08
CA ARG O 69 4.93 81.00 0.45
C ARG O 69 5.29 81.22 1.93
N ARG O 70 5.53 80.14 2.68
CA ARG O 70 5.89 80.18 4.10
C ARG O 70 7.35 80.58 4.29
N MET O 71 8.27 80.05 3.44
CA MET O 71 9.71 80.34 3.51
C MET O 71 10.03 81.76 3.01
N MET O 72 9.17 82.34 2.15
CA MET O 72 9.33 83.68 1.58
C MET O 72 9.18 84.78 2.63
N MET O 73 8.43 84.50 3.71
CA MET O 73 8.16 85.41 4.83
C MET O 73 9.46 85.76 5.58
N LYS O 74 10.32 84.77 5.80
CA LYS O 74 11.61 84.93 6.48
C LYS O 74 12.74 84.62 5.49
N MET O 75 12.98 85.55 4.54
CA MET O 75 14.00 85.44 3.50
C MET O 75 14.48 86.83 3.06
N SER O 76 15.68 86.89 2.44
CA SER O 76 16.30 88.12 1.93
C SER O 76 15.56 88.63 0.68
N LYS O 77 15.73 89.94 0.35
CA LYS O 77 15.12 90.61 -0.80
C LYS O 77 15.55 89.95 -2.12
N GLU O 78 16.80 89.47 -2.20
CA GLU O 78 17.37 88.77 -3.36
C GLU O 78 16.69 87.42 -3.59
N GLY O 79 16.42 86.71 -2.49
CA GLY O 79 15.75 85.42 -2.49
C GLY O 79 14.27 85.53 -2.80
N LYS O 80 13.58 86.52 -2.18
CA LYS O 80 12.15 86.80 -2.33
C LYS O 80 11.74 86.97 -3.81
N ALA O 81 12.57 87.68 -4.60
CA ALA O 81 12.31 87.92 -6.03
C ALA O 81 12.54 86.67 -6.88
N THR O 82 13.61 85.90 -6.59
CA THR O 82 14.00 84.69 -7.32
C THR O 82 13.00 83.54 -7.06
N VAL O 83 12.54 83.37 -5.80
CA VAL O 83 11.61 82.31 -5.40
C VAL O 83 10.22 82.58 -6.04
N GLU O 84 9.72 83.84 -5.97
CA GLU O 84 8.43 84.24 -6.54
C GLU O 84 8.41 84.05 -8.06
N ALA O 85 9.58 84.25 -8.72
CA ALA O 85 9.74 84.08 -10.16
C ALA O 85 9.52 82.61 -10.58
N LEU O 86 9.93 81.67 -9.71
CA LEU O 86 9.79 80.22 -9.93
C LEU O 86 8.35 79.75 -9.70
N ILE O 87 7.64 80.39 -8.74
CA ILE O 87 6.23 80.07 -8.40
C ILE O 87 5.32 80.50 -9.56
N ASN O 88 5.53 81.71 -10.11
CA ASN O 88 4.72 82.25 -11.19
C ASN O 88 5.01 81.59 -12.56
N LYS O 89 6.18 80.95 -12.72
CA LYS O 89 6.58 80.30 -13.97
C LYS O 89 6.21 78.82 -14.00
N TYR O 90 6.66 78.04 -12.98
CA TYR O 90 6.45 76.59 -12.90
C TYR O 90 5.16 76.20 -12.17
N LYS O 91 4.41 77.19 -11.64
CA LYS O 91 3.14 77.04 -10.90
C LYS O 91 3.33 76.06 -9.72
N LEU O 92 4.39 76.31 -8.93
CA LEU O 92 4.78 75.50 -7.77
C LEU O 92 3.77 75.62 -6.64
N LYS O 93 3.45 74.47 -6.00
CA LYS O 93 2.50 74.38 -4.90
C LYS O 93 3.16 73.80 -3.63
N GLU O 94 2.38 73.64 -2.55
CA GLU O 94 2.86 73.09 -1.27
C GLU O 94 1.95 71.95 -0.80
N GLY O 95 2.57 70.88 -0.31
CA GLY O 95 1.88 69.69 0.16
C GLY O 95 1.87 68.55 -0.84
N ASN O 96 0.74 67.81 -0.89
CA ASN O 96 0.57 66.68 -1.81
C ASN O 96 -0.60 66.98 -2.77
N PRO O 97 -0.36 67.68 -3.91
CA PRO O 97 -1.45 68.00 -4.84
C PRO O 97 -1.64 66.92 -5.92
N SER O 98 -2.30 67.28 -7.04
CA SER O 98 -2.60 66.37 -8.16
C SER O 98 -1.33 66.04 -8.98
N ARG O 99 -1.46 65.05 -9.90
CA ARG O 99 -0.42 64.54 -10.80
C ARG O 99 0.18 65.64 -11.70
N ASP O 100 -0.67 66.56 -12.20
CA ASP O 100 -0.30 67.66 -13.10
C ASP O 100 0.35 68.85 -12.37
N GLU O 101 0.37 68.82 -11.02
CA GLU O 101 0.96 69.90 -10.21
C GLU O 101 2.41 69.59 -9.81
N LEU O 102 3.21 70.67 -9.60
CA LEU O 102 4.62 70.58 -9.22
C LEU O 102 4.88 71.15 -7.83
N THR O 103 5.79 70.51 -7.08
CA THR O 103 6.25 70.93 -5.76
C THR O 103 7.78 70.85 -5.74
N LEU O 104 8.42 71.57 -4.80
CA LEU O 104 9.88 71.61 -4.65
C LEU O 104 10.45 70.23 -4.31
N SER O 105 9.71 69.40 -3.55
CA SER O 105 10.10 68.05 -3.16
C SER O 105 10.05 67.09 -4.35
N ARG O 106 9.09 67.29 -5.28
CA ARG O 106 8.90 66.46 -6.48
C ARG O 106 10.02 66.67 -7.49
N VAL O 107 10.54 67.92 -7.59
CA VAL O 107 11.64 68.29 -8.50
C VAL O 107 12.94 67.63 -7.99
N ALA O 108 13.16 67.65 -6.66
CA ALA O 108 14.32 67.05 -6.01
C ALA O 108 14.29 65.51 -6.08
N ALA O 109 13.08 64.92 -6.05
CA ALA O 109 12.88 63.47 -6.12
C ALA O 109 13.11 62.92 -7.52
N ALA O 110 12.63 63.65 -8.57
CA ALA O 110 12.75 63.27 -9.98
C ALA O 110 14.21 63.33 -10.45
N LEU O 111 14.95 64.36 -10.01
CA LEU O 111 16.37 64.55 -10.36
C LEU O 111 17.23 64.16 -9.14
N ALA O 112 17.07 62.90 -8.69
CA ALA O 112 17.73 62.30 -7.53
C ALA O 112 19.26 62.30 -7.62
N GLY O 113 19.80 62.16 -8.84
CA GLY O 113 21.23 62.13 -9.10
C GLY O 113 21.96 63.42 -8.77
N ARG O 114 21.37 64.56 -9.17
CA ARG O 114 21.91 65.90 -8.91
C ARG O 114 21.69 66.29 -7.43
N THR O 115 20.54 65.89 -6.87
CA THR O 115 20.13 66.15 -5.48
C THR O 115 21.11 65.52 -4.48
N CYS O 116 21.51 64.25 -4.70
CA CYS O 116 22.45 63.50 -3.85
C CYS O 116 23.85 64.12 -3.89
N GLN O 117 24.28 64.62 -5.07
CA GLN O 117 25.57 65.26 -5.27
C GLN O 117 25.64 66.63 -4.58
N ALA O 118 24.48 67.33 -4.50
CA ALA O 118 24.34 68.65 -3.88
C ALA O 118 24.47 68.58 -2.35
N LEU O 119 24.20 67.39 -1.77
CA LEU O 119 24.27 67.14 -0.32
C LEU O 119 25.71 67.19 0.22
N VAL O 120 26.71 66.97 -0.66
CA VAL O 120 28.14 67.01 -0.31
C VAL O 120 28.52 68.47 -0.01
N VAL O 121 28.02 69.42 -0.84
CA VAL O 121 28.25 70.86 -0.68
C VAL O 121 27.35 71.36 0.46
N LEU O 122 26.02 71.14 0.35
CA LEU O 122 25.03 71.55 1.36
C LEU O 122 24.96 70.47 2.44
N SER O 123 25.96 70.45 3.33
CA SER O 123 26.05 69.46 4.40
C SER O 123 25.58 70.03 5.74
N GLU O 124 26.02 71.25 6.09
CA GLU O 124 25.71 71.90 7.36
C GLU O 124 24.50 72.87 7.24
N TRP O 125 23.88 72.96 6.06
CA TRP O 125 22.73 73.83 5.82
C TRP O 125 21.40 73.05 5.82
N LEU O 126 21.47 71.72 5.91
CA LEU O 126 20.32 70.81 5.97
C LEU O 126 19.65 70.87 7.36
N PRO O 127 18.37 70.41 7.55
CA PRO O 127 17.77 70.43 8.90
C PRO O 127 18.55 69.55 9.88
N VAL O 128 19.10 68.43 9.37
CA VAL O 128 19.97 67.50 10.10
C VAL O 128 21.36 67.65 9.47
N THR O 129 22.31 68.22 10.22
CA THR O 129 23.67 68.47 9.74
C THR O 129 24.49 67.17 9.66
N GLY O 130 25.56 67.20 8.86
CA GLY O 130 26.48 66.08 8.66
C GLY O 130 27.25 65.71 9.91
N THR O 131 27.54 66.71 10.76
CA THR O 131 28.26 66.56 12.04
C THR O 131 27.38 65.78 13.03
N THR O 132 26.04 66.01 12.99
CA THR O 132 25.05 65.34 13.84
C THR O 132 24.98 63.85 13.45
N MET O 133 25.02 63.56 12.13
CA MET O 133 24.97 62.20 11.59
C MET O 133 26.29 61.45 11.85
N ASP O 134 27.41 62.20 11.96
CA ASP O 134 28.74 61.66 12.25
C ASP O 134 28.84 61.15 13.69
N GLY O 135 28.04 61.74 14.58
CA GLY O 135 27.97 61.37 15.99
C GLY O 135 27.32 60.02 16.21
N LEU O 136 26.28 59.72 15.40
CA LEU O 136 25.54 58.45 15.45
C LEU O 136 26.35 57.34 14.79
N SER O 137 26.89 57.61 13.59
CA SER O 137 27.73 56.70 12.81
C SER O 137 28.95 57.45 12.27
N PRO O 138 30.20 57.02 12.62
CA PRO O 138 31.39 57.75 12.13
C PRO O 138 31.50 57.74 10.61
N ALA O 139 31.75 58.94 10.02
CA ALA O 139 31.88 59.22 8.59
C ALA O 139 30.64 58.73 7.81
N TYR O 140 29.45 59.27 8.17
CA TYR O 140 28.17 58.93 7.56
C TYR O 140 28.12 59.40 6.08
N PRO O 141 27.66 58.55 5.12
CA PRO O 141 27.62 58.98 3.72
C PRO O 141 26.66 60.16 3.49
N ARG O 142 27.22 61.27 2.97
CA ARG O 142 26.51 62.53 2.72
C ARG O 142 25.42 62.40 1.65
N HIS O 143 25.62 61.49 0.66
CA HIS O 143 24.70 61.25 -0.45
C HIS O 143 23.35 60.64 0.02
N MET O 144 23.34 59.98 1.19
CA MET O 144 22.18 59.32 1.81
C MET O 144 21.36 60.28 2.69
N MET O 145 21.71 61.58 2.72
CA MET O 145 21.08 62.59 3.57
C MET O 145 19.91 63.35 2.90
N HIS O 146 18.98 62.61 2.26
CA HIS O 146 17.75 63.13 1.65
C HIS O 146 16.82 61.97 1.25
N PRO O 147 15.47 62.07 1.49
CA PRO O 147 14.58 60.96 1.13
C PRO O 147 14.56 60.59 -0.36
N SER O 148 15.05 61.48 -1.24
CA SER O 148 15.12 61.27 -2.69
C SER O 148 16.22 60.25 -3.08
N PHE O 149 17.13 59.90 -2.14
CA PHE O 149 18.20 58.91 -2.35
C PHE O 149 17.62 57.52 -2.65
N ALA O 150 16.40 57.22 -2.17
CA ALA O 150 15.69 55.95 -2.38
C ALA O 150 15.48 55.67 -3.88
N GLY O 151 15.45 56.72 -4.70
CA GLY O 151 15.32 56.64 -6.15
C GLY O 151 16.61 56.28 -6.85
N MET O 152 17.74 56.28 -6.12
CA MET O 152 19.08 55.94 -6.61
C MET O 152 19.49 54.52 -6.18
N VAL O 153 18.71 53.92 -5.25
CA VAL O 153 18.94 52.56 -4.72
C VAL O 153 18.54 51.52 -5.78
N ASP O 154 19.46 50.56 -6.03
CA ASP O 154 19.30 49.47 -6.99
C ASP O 154 18.60 48.26 -6.31
N PRO O 155 17.36 47.89 -6.69
CA PRO O 155 16.70 46.75 -6.04
C PRO O 155 17.25 45.39 -6.47
N SER O 156 17.91 45.32 -7.65
CA SER O 156 18.49 44.09 -8.20
C SER O 156 19.75 43.64 -7.42
N LEU O 157 20.29 44.51 -6.52
CA LEU O 157 21.44 44.24 -5.66
C LEU O 157 21.19 43.02 -4.76
N PRO O 158 22.22 42.19 -4.43
CA PRO O 158 21.95 41.01 -3.57
C PRO O 158 21.43 41.44 -2.20
N GLY O 159 20.36 40.78 -1.75
CA GLY O 159 19.65 41.03 -0.49
C GLY O 159 20.54 41.40 0.69
N ASP O 160 21.65 40.67 0.83
CA ASP O 160 22.67 40.84 1.87
C ASP O 160 23.28 42.25 1.86
N TYR O 161 23.56 42.78 0.64
CA TYR O 161 24.16 44.09 0.43
C TYR O 161 23.10 45.18 0.24
N LEU O 162 21.90 44.81 -0.24
CA LEU O 162 20.76 45.70 -0.49
C LEU O 162 20.17 46.21 0.84
N ARG O 163 20.07 45.32 1.86
CA ARG O 163 19.51 45.63 3.19
C ARG O 163 20.38 46.65 3.95
N ALA O 164 21.71 46.58 3.78
CA ALA O 164 22.67 47.48 4.42
C ALA O 164 22.52 48.92 3.90
N ILE O 165 22.11 49.08 2.63
CA ILE O 165 21.88 50.37 1.97
C ILE O 165 20.61 51.02 2.55
N LEU O 166 19.52 50.23 2.68
CA LEU O 166 18.22 50.69 3.19
C LEU O 166 18.26 50.97 4.70
N ASP O 167 19.12 50.24 5.46
CA ASP O 167 19.26 50.44 6.91
C ASP O 167 20.07 51.69 7.22
N ALA O 168 21.11 51.97 6.41
CA ALA O 168 21.97 53.15 6.56
C ALA O 168 21.23 54.44 6.25
N HIS O 169 20.39 54.44 5.18
CA HIS O 169 19.59 55.59 4.74
C HIS O 169 18.45 55.86 5.73
N SER O 170 17.92 54.80 6.38
CA SER O 170 16.84 54.91 7.38
C SER O 170 17.31 55.62 8.65
N LEU O 171 18.64 55.57 8.94
CA LEU O 171 19.27 56.24 10.09
C LEU O 171 19.06 57.76 9.98
N TYR O 172 19.18 58.32 8.76
CA TYR O 172 18.94 59.75 8.49
C TYR O 172 17.45 60.04 8.57
N LEU O 173 16.62 59.22 7.87
CA LEU O 173 15.17 59.35 7.80
C LEU O 173 14.52 59.36 9.19
N LEU O 174 15.08 58.59 10.14
CA LEU O 174 14.62 58.53 11.53
C LEU O 174 14.83 59.89 12.22
N GLN O 175 15.98 60.53 11.98
CA GLN O 175 16.35 61.83 12.54
C GLN O 175 15.59 62.95 11.82
N PHE O 176 15.55 62.90 10.47
CA PHE O 176 14.92 63.90 9.60
C PHE O 176 13.41 63.98 9.82
N SER O 177 12.69 62.84 9.81
CA SER O 177 11.23 62.79 10.00
C SER O 177 10.81 63.36 11.35
N ARG O 178 11.62 63.17 12.41
CA ARG O 178 11.35 63.70 13.73
C ARG O 178 11.60 65.21 13.79
N VAL O 179 12.49 65.74 12.92
CA VAL O 179 12.79 67.18 12.87
C VAL O 179 11.66 67.94 12.15
N ILE O 180 11.29 67.50 10.92
CA ILE O 180 10.26 68.15 10.10
C ILE O 180 8.84 67.90 10.66
N ASN O 181 8.59 66.74 11.31
CA ASN O 181 7.28 66.43 11.90
C ASN O 181 7.42 66.43 13.44
N PRO O 182 6.81 67.43 14.14
CA PRO O 182 7.00 67.53 15.60
C PRO O 182 6.26 66.47 16.43
N ASN O 183 5.14 65.91 15.94
CA ASN O 183 4.37 64.90 16.68
C ASN O 183 5.05 63.52 16.68
N LEU O 184 6.06 63.30 15.81
CA LEU O 184 6.80 62.04 15.71
C LEU O 184 8.03 62.01 16.64
N ARG O 185 8.34 63.14 17.31
CA ARG O 185 9.48 63.31 18.22
C ARG O 185 9.44 62.36 19.42
N GLY O 186 8.27 62.24 20.06
CA GLY O 186 8.04 61.39 21.22
C GLY O 186 7.90 59.90 20.91
N ARG O 187 7.49 59.58 19.68
CA ARG O 187 7.29 58.22 19.18
C ARG O 187 8.60 57.45 19.06
N THR O 188 8.55 56.13 19.28
CA THR O 188 9.70 55.22 19.20
C THR O 188 10.16 55.01 17.74
N LYS O 189 11.37 54.41 17.56
CA LYS O 189 12.02 54.11 16.28
C LYS O 189 11.10 53.36 15.31
N GLU O 190 10.34 52.36 15.81
CA GLU O 190 9.42 51.52 15.04
C GLU O 190 8.22 52.34 14.52
N GLU O 191 7.71 53.29 15.32
CA GLU O 191 6.59 54.15 14.98
C GLU O 191 6.97 55.14 13.88
N VAL O 192 8.19 55.69 13.96
CA VAL O 192 8.76 56.65 13.00
C VAL O 192 9.08 55.91 11.67
N ALA O 193 9.61 54.67 11.76
CA ALA O 193 9.98 53.83 10.62
C ALA O 193 8.78 53.55 9.69
N ALA O 194 7.60 53.27 10.28
CA ALA O 194 6.36 52.96 9.56
C ALA O 194 5.87 54.09 8.63
N THR O 195 6.27 55.35 8.91
CA THR O 195 5.85 56.51 8.11
C THR O 195 6.74 56.72 6.86
N PHE O 196 8.05 56.40 6.95
CA PHE O 196 8.96 56.62 5.82
C PHE O 196 9.32 55.35 5.01
N THR O 197 9.10 54.13 5.56
CA THR O 197 9.44 52.87 4.87
C THR O 197 8.59 52.63 3.63
N GLN O 198 7.30 53.03 3.65
CA GLN O 198 6.38 52.85 2.51
C GLN O 198 6.80 53.71 1.28
N PRO O 199 7.00 55.06 1.36
CA PRO O 199 7.42 55.79 0.15
C PRO O 199 8.86 55.50 -0.27
N MET O 200 9.71 54.97 0.66
CA MET O 200 11.11 54.62 0.40
C MET O 200 11.16 53.40 -0.53
N ASN O 201 10.46 52.30 -0.17
CA ASN O 201 10.38 51.05 -0.93
C ASN O 201 9.76 51.27 -2.31
N ALA O 202 8.80 52.22 -2.42
CA ALA O 202 8.11 52.60 -3.66
C ALA O 202 9.08 53.25 -4.65
N ALA O 203 10.07 54.03 -4.14
CA ALA O 203 11.09 54.70 -4.94
C ALA O 203 12.19 53.73 -5.38
N VAL O 204 12.48 52.70 -4.58
CA VAL O 204 13.48 51.67 -4.88
C VAL O 204 12.93 50.75 -5.98
N ASN O 205 11.66 50.31 -5.84
CA ASN O 205 11.00 49.41 -6.78
C ASN O 205 10.39 50.13 -8.01
N SER O 206 10.59 51.46 -8.13
CA SER O 206 10.09 52.25 -9.26
C SER O 206 10.88 51.94 -10.54
N ASN O 207 10.19 51.92 -11.69
CA ASN O 207 10.76 51.61 -13.00
C ASN O 207 11.63 52.74 -13.57
N PHE O 208 11.58 53.95 -12.99
CA PHE O 208 12.38 55.11 -13.46
C PHE O 208 13.86 54.92 -13.14
N ILE O 209 14.71 54.95 -14.20
CA ILE O 209 16.16 54.73 -14.22
C ILE O 209 16.42 53.23 -13.98
N SER O 210 17.03 52.55 -14.99
CA SER O 210 17.31 51.11 -14.97
C SER O 210 18.21 50.69 -13.80
N HIS O 211 18.12 49.40 -13.42
CA HIS O 211 18.85 48.75 -12.32
C HIS O 211 20.36 48.88 -12.46
N GLU O 212 20.89 48.76 -13.69
CA GLU O 212 22.31 48.86 -13.99
C GLU O 212 22.82 50.30 -13.88
N LYS O 213 22.00 51.28 -14.35
CA LYS O 213 22.32 52.71 -14.29
C LYS O 213 22.31 53.20 -12.84
N ARG O 214 21.35 52.70 -12.03
CA ARG O 214 21.22 53.03 -10.60
C ARG O 214 22.42 52.51 -9.82
N ARG O 215 22.92 51.31 -10.19
CA ARG O 215 24.08 50.64 -9.60
C ARG O 215 25.36 51.45 -9.87
N GLU O 216 25.46 52.09 -11.05
CA GLU O 216 26.59 52.92 -11.47
C GLU O 216 26.70 54.18 -10.61
N PHE O 217 25.54 54.79 -10.24
CA PHE O 217 25.47 55.99 -9.41
C PHE O 217 26.00 55.72 -8.01
N LEU O 218 25.59 54.59 -7.40
CA LEU O 218 26.01 54.15 -6.07
C LEU O 218 27.53 53.90 -6.03
N LYS O 219 28.09 53.40 -7.14
CA LYS O 219 29.52 53.15 -7.31
C LYS O 219 30.29 54.47 -7.45
N ALA O 220 29.69 55.44 -8.19
CA ALA O 220 30.25 56.78 -8.44
C ALA O 220 30.27 57.63 -7.16
N PHE O 221 29.23 57.49 -6.30
CA PHE O 221 29.14 58.24 -5.05
C PHE O 221 30.08 57.64 -3.98
N GLY O 222 30.58 56.43 -4.23
CA GLY O 222 31.48 55.71 -3.34
C GLY O 222 30.76 55.00 -2.22
N LEU O 223 29.59 54.43 -2.52
CA LEU O 223 28.74 53.70 -1.57
C LEU O 223 28.99 52.20 -1.67
N VAL O 224 29.03 51.65 -2.90
CA VAL O 224 29.27 50.23 -3.17
C VAL O 224 30.52 50.05 -4.06
N ASP O 225 31.15 48.86 -4.00
CA ASP O 225 32.34 48.54 -4.79
C ASP O 225 31.95 48.08 -6.22
N SER O 226 32.93 47.54 -6.97
CA SER O 226 32.77 47.04 -8.35
C SER O 226 31.70 45.96 -8.50
N ASN O 227 31.48 45.13 -7.46
CA ASN O 227 30.51 44.04 -7.48
C ASN O 227 29.14 44.51 -6.98
N GLY O 228 29.10 45.08 -5.77
CA GLY O 228 27.87 45.57 -5.15
C GLY O 228 27.87 45.60 -3.63
N LYS O 229 29.02 45.25 -3.02
CA LYS O 229 29.21 45.24 -1.56
C LYS O 229 29.36 46.68 -1.03
N PRO O 230 28.57 47.09 0.00
CA PRO O 230 28.69 48.46 0.52
C PRO O 230 29.98 48.71 1.28
N SER O 231 30.40 49.99 1.37
CA SER O 231 31.61 50.42 2.06
C SER O 231 31.45 50.31 3.59
N ALA O 232 32.58 50.41 4.33
CA ALA O 232 32.65 50.34 5.80
C ALA O 232 31.80 51.44 6.46
N ALA O 233 31.67 52.60 5.80
CA ALA O 233 30.87 53.75 6.25
C ALA O 233 29.37 53.43 6.23
N VAL O 234 28.92 52.69 5.20
CA VAL O 234 27.53 52.26 5.00
C VAL O 234 27.21 51.10 5.97
N MET O 235 28.17 50.16 6.15
CA MET O 235 28.06 49.00 7.05
C MET O 235 27.89 49.42 8.51
N ALA O 236 28.63 50.47 8.94
CA ALA O 236 28.60 51.02 10.30
C ALA O 236 27.27 51.74 10.56
N ALA O 237 26.76 52.47 9.54
CA ALA O 237 25.52 53.23 9.59
C ALA O 237 24.30 52.30 9.61
N ALA O 238 24.42 51.11 8.99
CA ALA O 238 23.36 50.10 8.96
C ALA O 238 23.24 49.42 10.33
N GLN O 239 24.40 49.16 10.98
CA GLN O 239 24.53 48.53 12.29
C GLN O 239 24.05 49.48 13.39
N ALA O 240 24.26 50.80 13.20
CA ALA O 240 23.86 51.86 14.13
C ALA O 240 22.34 51.99 14.22
N TYR O 241 21.63 51.74 13.09
CA TYR O 241 20.17 51.80 13.00
C TYR O 241 19.51 50.64 13.78
N LYS O 242 20.19 49.49 13.84
CA LYS O 242 19.72 48.28 14.53
C LYS O 242 19.68 48.49 16.06
N THR O 243 20.63 49.29 16.60
CA THR O 243 20.73 49.58 18.03
C THR O 243 20.24 51.02 18.36
N ALA O 244 19.68 51.73 17.36
CA ALA O 244 19.17 53.10 17.49
C ALA O 244 17.93 53.17 18.37
N ALA O 245 17.71 54.33 19.03
CA ALA O 245 16.58 54.60 19.92
C ALA O 245 15.54 55.49 19.23
N GLN P 5 -31.32 19.16 45.66
CA GLN P 5 -31.02 20.09 44.57
C GLN P 5 -29.66 19.77 43.92
N GLU P 6 -28.69 19.23 44.70
CA GLU P 6 -27.38 18.85 44.21
C GLU P 6 -27.46 17.52 43.43
N LEU P 7 -28.05 17.59 42.23
CA LEU P 7 -28.25 16.47 41.32
C LEU P 7 -27.38 16.64 40.05
N ALA P 8 -26.56 17.70 40.03
CA ALA P 8 -25.62 18.04 38.95
C ALA P 8 -24.46 17.04 38.88
N ILE P 9 -24.17 16.36 40.02
CA ILE P 9 -23.12 15.33 40.17
C ILE P 9 -23.43 14.14 39.26
N GLN P 10 -24.73 13.75 39.20
CA GLN P 10 -25.25 12.65 38.38
C GLN P 10 -25.18 13.01 36.89
N PHE P 11 -25.40 14.30 36.56
CA PHE P 11 -25.33 14.86 35.21
C PHE P 11 -23.87 14.90 34.74
N ALA P 12 -22.94 15.13 35.69
CA ALA P 12 -21.50 15.20 35.46
C ALA P 12 -20.88 13.80 35.36
N ALA P 13 -21.44 12.82 36.10
CA ALA P 13 -20.97 11.42 36.13
C ALA P 13 -21.21 10.72 34.78
N GLN P 14 -22.09 11.29 33.94
CA GLN P 14 -22.46 10.80 32.61
C GLN P 14 -21.25 10.76 31.68
N ALA P 15 -21.12 9.67 30.89
CA ALA P 15 -20.05 9.48 29.93
C ALA P 15 -20.28 10.41 28.73
N VAL P 16 -19.27 11.21 28.38
CA VAL P 16 -19.36 12.19 27.28
C VAL P 16 -19.33 11.46 25.92
N ASP P 17 -20.37 11.71 25.09
CA ASP P 17 -20.48 11.14 23.75
C ASP P 17 -19.78 12.07 22.76
N ARG P 18 -18.60 11.63 22.28
CA ARG P 18 -17.71 12.36 21.36
C ARG P 18 -18.43 12.87 20.11
N ASN P 19 -19.23 12.03 19.43
CA ASN P 19 -19.89 12.43 18.21
C ASN P 19 -21.23 13.16 18.43
N GLU P 20 -21.85 13.03 19.62
CA GLU P 20 -23.07 13.76 19.96
C GLU P 20 -22.74 15.26 20.07
N ILE P 21 -21.54 15.57 20.60
CA ILE P 21 -21.00 16.92 20.75
C ILE P 21 -20.56 17.43 19.37
N GLU P 22 -19.98 16.54 18.53
CA GLU P 22 -19.51 16.82 17.17
C GLU P 22 -20.64 17.26 16.23
N GLN P 23 -21.87 16.80 16.50
CA GLN P 23 -23.06 17.14 15.72
C GLN P 23 -23.48 18.59 15.99
N TRP P 24 -23.44 19.00 17.28
CA TRP P 24 -23.85 20.32 17.73
C TRP P 24 -22.81 21.41 17.41
N VAL P 25 -21.50 21.09 17.44
CA VAL P 25 -20.43 22.07 17.15
C VAL P 25 -20.51 22.51 15.67
N ARG P 26 -20.83 21.57 14.76
CA ARG P 26 -20.98 21.84 13.32
C ARG P 26 -22.29 22.60 13.06
N GLU P 27 -23.31 22.34 13.88
CA GLU P 27 -24.64 22.98 13.82
C GLU P 27 -24.53 24.43 14.32
N PHE P 28 -23.87 24.63 15.47
CA PHE P 28 -23.69 25.95 16.09
C PHE P 28 -22.32 26.56 15.73
N ALA P 29 -21.86 26.33 14.49
CA ALA P 29 -20.59 26.83 13.97
C ALA P 29 -20.70 28.31 13.56
N TYR P 30 -19.58 29.06 13.63
CA TYR P 30 -19.52 30.47 13.26
C TYR P 30 -19.61 30.58 11.73
N GLN P 31 -20.87 30.60 11.21
CA GLN P 31 -21.26 30.65 9.79
C GLN P 31 -20.61 29.48 9.01
N GLY P 32 -19.32 29.59 8.70
CA GLY P 32 -18.51 28.57 8.03
C GLY P 32 -18.92 28.21 6.61
N PHE P 33 -19.49 29.17 5.86
CA PHE P 33 -19.90 28.97 4.47
C PHE P 33 -19.00 29.73 3.49
N ASP P 34 -18.39 30.85 3.93
CA ASP P 34 -17.50 31.69 3.11
C ASP P 34 -16.15 30.97 2.84
N ALA P 35 -16.21 29.98 1.90
CA ALA P 35 -15.11 29.14 1.40
C ALA P 35 -15.60 28.39 0.16
N ARG P 36 -16.65 27.57 0.33
CA ARG P 36 -17.37 26.80 -0.69
C ARG P 36 -18.31 27.72 -1.47
N ARG P 37 -18.90 28.71 -0.77
CA ARG P 37 -19.83 29.70 -1.32
C ARG P 37 -19.12 30.63 -2.31
N VAL P 38 -17.84 30.97 -2.05
CA VAL P 38 -17.01 31.86 -2.89
C VAL P 38 -16.84 31.25 -4.30
N ILE P 39 -16.41 29.97 -4.39
CA ILE P 39 -16.22 29.24 -5.65
C ILE P 39 -17.58 29.08 -6.37
N GLU P 40 -18.65 28.81 -5.59
CA GLU P 40 -20.03 28.67 -6.08
C GLU P 40 -20.52 29.96 -6.73
N LEU P 41 -20.14 31.12 -6.16
CA LEU P 41 -20.51 32.45 -6.67
C LEU P 41 -19.61 32.86 -7.84
N LEU P 42 -18.32 32.46 -7.83
CA LEU P 42 -17.34 32.77 -8.88
C LEU P 42 -17.77 32.14 -10.22
N LYS P 43 -18.27 30.89 -10.19
CA LYS P 43 -18.75 30.17 -11.37
C LYS P 43 -20.15 30.66 -11.79
N GLN P 44 -20.91 31.25 -10.84
CA GLN P 44 -22.25 31.77 -11.06
C GLN P 44 -22.21 33.07 -11.89
N TYR P 45 -21.28 33.99 -11.56
CA TYR P 45 -21.13 35.27 -12.25
C TYR P 45 -20.17 35.16 -13.45
N GLY P 46 -19.02 34.51 -13.26
CA GLY P 46 -17.99 34.34 -14.27
C GLY P 46 -18.34 33.38 -15.39
N GLY P 47 -18.72 32.16 -15.01
CA GLY P 47 -19.08 31.11 -15.95
C GLY P 47 -17.90 30.27 -16.37
N ALA P 48 -17.33 30.57 -17.56
CA ALA P 48 -16.17 29.87 -18.12
C ALA P 48 -14.89 30.67 -17.92
N ASP P 49 -14.98 32.02 -17.92
CA ASP P 49 -13.84 32.93 -17.75
C ASP P 49 -13.58 33.25 -16.27
N TRP P 50 -14.12 32.43 -15.34
CA TRP P 50 -13.98 32.63 -13.89
C TRP P 50 -12.55 32.34 -13.41
N GLU P 51 -11.83 31.40 -14.05
CA GLU P 51 -10.46 31.01 -13.67
C GLU P 51 -9.43 32.10 -14.02
N LYS P 52 -9.58 32.74 -15.20
CA LYS P 52 -8.69 33.81 -15.66
C LYS P 52 -8.88 35.08 -14.82
N ASP P 53 -10.15 35.39 -14.47
CA ASP P 53 -10.51 36.57 -13.67
C ASP P 53 -10.09 36.39 -12.20
N ALA P 54 -10.12 35.14 -11.68
CA ALA P 54 -9.71 34.83 -10.31
C ALA P 54 -8.21 35.08 -10.13
N LYS P 55 -7.41 34.75 -11.18
CA LYS P 55 -5.96 34.98 -11.22
C LYS P 55 -5.66 36.47 -11.18
N LYS P 56 -6.49 37.28 -11.88
CA LYS P 56 -6.41 38.74 -11.94
C LYS P 56 -6.74 39.35 -10.58
N MET P 57 -7.79 38.82 -9.91
CA MET P 57 -8.28 39.27 -8.61
C MET P 57 -7.31 38.94 -7.47
N ILE P 58 -6.50 37.86 -7.61
CA ILE P 58 -5.50 37.45 -6.61
C ILE P 58 -4.34 38.47 -6.62
N VAL P 59 -3.84 38.84 -7.82
CA VAL P 59 -2.76 39.81 -8.03
C VAL P 59 -3.21 41.21 -7.54
N LEU P 60 -4.49 41.56 -7.79
CA LEU P 60 -5.11 42.83 -7.41
C LEU P 60 -5.22 42.98 -5.87
N ALA P 61 -5.67 41.92 -5.18
CA ALA P 61 -5.84 41.92 -3.72
C ALA P 61 -4.51 41.90 -2.97
N LEU P 62 -3.48 41.24 -3.53
CA LEU P 62 -2.15 41.09 -2.94
C LEU P 62 -1.32 42.38 -3.02
N THR P 63 -1.35 43.07 -4.17
CA THR P 63 -0.56 44.27 -4.41
C THR P 63 -1.25 45.56 -3.94
N ARG P 64 -2.57 45.71 -4.20
CA ARG P 64 -3.29 46.93 -3.82
C ARG P 64 -4.02 46.76 -2.47
N GLY P 65 -5.19 46.12 -2.47
CA GLY P 65 -5.97 45.91 -1.26
C GLY P 65 -7.33 45.26 -1.44
N ASN P 66 -8.26 45.56 -0.52
CA ASN P 66 -9.61 45.00 -0.51
C ASN P 66 -10.66 45.97 -1.08
N LYS P 67 -10.49 47.29 -0.86
CA LYS P 67 -11.40 48.33 -1.36
C LYS P 67 -11.19 48.57 -2.86
N PRO P 68 -12.14 48.18 -3.74
CA PRO P 68 -11.91 48.34 -5.20
C PRO P 68 -12.16 49.76 -5.72
N ARG P 69 -13.11 50.50 -5.12
CA ARG P 69 -13.45 51.86 -5.55
C ARG P 69 -12.37 52.87 -5.11
N ARG P 70 -11.67 52.58 -4.00
CA ARG P 70 -10.62 53.45 -3.44
C ARG P 70 -9.32 53.32 -4.25
N MET P 71 -8.94 52.09 -4.67
CA MET P 71 -7.73 51.83 -5.44
C MET P 71 -7.85 52.31 -6.90
N MET P 72 -9.09 52.40 -7.42
CA MET P 72 -9.38 52.84 -8.79
C MET P 72 -9.07 54.33 -9.00
N MET P 73 -9.11 55.13 -7.91
CA MET P 73 -8.82 56.57 -7.92
C MET P 73 -7.37 56.86 -8.32
N LYS P 74 -6.42 56.03 -7.83
CA LYS P 74 -4.99 56.16 -8.13
C LYS P 74 -4.53 54.91 -8.90
N MET P 75 -4.94 54.82 -10.18
CA MET P 75 -4.62 53.70 -11.08
C MET P 75 -4.61 54.16 -12.55
N SER P 76 -3.93 53.39 -13.42
CA SER P 76 -3.83 53.66 -14.86
C SER P 76 -5.16 53.42 -15.57
N LYS P 77 -5.34 53.99 -16.78
CA LYS P 77 -6.54 53.87 -17.62
C LYS P 77 -6.83 52.40 -17.98
N GLU P 78 -5.75 51.61 -18.20
CA GLU P 78 -5.82 50.19 -18.53
C GLU P 78 -6.37 49.38 -17.35
N GLY P 79 -5.93 49.73 -16.14
CA GLY P 79 -6.36 49.11 -14.90
C GLY P 79 -7.77 49.47 -14.51
N LYS P 80 -8.13 50.77 -14.64
CA LYS P 80 -9.44 51.34 -14.32
C LYS P 80 -10.59 50.60 -15.03
N ALA P 81 -10.39 50.25 -16.32
CA ALA P 81 -11.38 49.55 -17.13
C ALA P 81 -11.51 48.07 -16.73
N THR P 82 -10.37 47.39 -16.46
CA THR P 82 -10.32 45.97 -16.10
C THR P 82 -10.89 45.73 -14.69
N VAL P 83 -10.59 46.62 -13.71
CA VAL P 83 -11.06 46.52 -12.32
C VAL P 83 -12.59 46.74 -12.28
N GLU P 84 -13.10 47.79 -12.98
CA GLU P 84 -14.53 48.11 -13.04
C GLU P 84 -15.34 46.98 -13.70
N ALA P 85 -14.72 46.26 -14.66
CA ALA P 85 -15.33 45.11 -15.35
C ALA P 85 -15.58 43.96 -14.38
N LEU P 86 -14.68 43.78 -13.39
CA LEU P 86 -14.78 42.74 -12.36
C LEU P 86 -15.83 43.08 -11.30
N ILE P 87 -16.00 44.38 -10.98
CA ILE P 87 -16.96 44.89 -10.00
C ILE P 87 -18.40 44.72 -10.55
N ASN P 88 -18.62 45.06 -11.84
CA ASN P 88 -19.93 44.97 -12.48
C ASN P 88 -20.33 43.53 -12.81
N LYS P 89 -19.37 42.59 -12.89
CA LYS P 89 -19.63 41.19 -13.22
C LYS P 89 -19.83 40.33 -11.97
N TYR P 90 -18.83 40.33 -11.05
CA TYR P 90 -18.83 39.52 -9.83
C TYR P 90 -19.50 40.20 -8.62
N LYS P 91 -19.95 41.47 -8.79
CA LYS P 91 -20.62 42.30 -7.78
C LYS P 91 -19.75 42.39 -6.51
N LEU P 92 -18.45 42.71 -6.71
CA LEU P 92 -17.44 42.83 -5.66
C LEU P 92 -17.71 44.02 -4.75
N LYS P 93 -17.53 43.81 -3.43
CA LYS P 93 -17.76 44.83 -2.40
C LYS P 93 -16.47 45.08 -1.58
N GLU P 94 -16.55 45.99 -0.59
CA GLU P 94 -15.44 46.34 0.29
C GLU P 94 -15.86 46.20 1.76
N GLY P 95 -14.97 45.63 2.57
CA GLY P 95 -15.19 45.41 3.99
C GLY P 95 -15.61 43.99 4.33
N ASN P 96 -16.52 43.86 5.32
CA ASN P 96 -17.04 42.57 5.77
C ASN P 96 -18.58 42.51 5.52
N PRO P 97 -19.01 42.12 4.30
CA PRO P 97 -20.46 42.07 4.02
C PRO P 97 -21.09 40.70 4.35
N SER P 98 -22.27 40.41 3.78
CA SER P 98 -23.02 39.17 3.99
C SER P 98 -22.36 37.95 3.30
N ARG P 99 -22.85 36.73 3.61
CA ARG P 99 -22.40 35.43 3.11
C ARG P 99 -22.48 35.34 1.57
N ASP P 100 -23.56 35.90 0.97
CA ASP P 100 -23.81 35.88 -0.47
C ASP P 100 -22.99 36.93 -1.25
N GLU P 101 -22.25 37.82 -0.55
CA GLU P 101 -21.43 38.85 -1.18
C GLU P 101 -19.96 38.42 -1.32
N LEU P 102 -19.28 38.99 -2.34
CA LEU P 102 -17.87 38.70 -2.64
C LEU P 102 -16.98 39.92 -2.47
N THR P 103 -15.75 39.69 -1.96
CA THR P 103 -14.70 40.70 -1.78
C THR P 103 -13.39 40.13 -2.34
N LEU P 104 -12.43 41.02 -2.66
CA LEU P 104 -11.12 40.63 -3.20
C LEU P 104 -10.32 39.74 -2.22
N SER P 105 -10.48 39.98 -0.91
CA SER P 105 -9.81 39.23 0.16
C SER P 105 -10.39 37.82 0.29
N ARG P 106 -11.72 37.66 0.05
CA ARG P 106 -12.43 36.38 0.13
C ARG P 106 -12.04 35.44 -1.02
N VAL P 107 -11.76 36.01 -2.23
CA VAL P 107 -11.35 35.26 -3.42
C VAL P 107 -9.93 34.71 -3.19
N ALA P 108 -9.04 35.53 -2.60
CA ALA P 108 -7.66 35.17 -2.28
C ALA P 108 -7.60 34.14 -1.14
N ALA P 109 -8.55 34.19 -0.19
CA ALA P 109 -8.62 33.27 0.95
C ALA P 109 -9.14 31.89 0.53
N ALA P 110 -10.15 31.83 -0.36
CA ALA P 110 -10.76 30.60 -0.86
C ALA P 110 -9.79 29.80 -1.74
N LEU P 111 -9.02 30.50 -2.60
CA LEU P 111 -8.02 29.91 -3.48
C LEU P 111 -6.62 30.17 -2.90
N ALA P 112 -6.41 29.70 -1.65
CA ALA P 112 -5.19 29.86 -0.86
C ALA P 112 -3.95 29.24 -1.52
N GLY P 113 -4.12 28.15 -2.26
CA GLY P 113 -3.05 27.45 -2.95
C GLY P 113 -2.37 28.26 -4.04
N ARG P 114 -3.17 28.95 -4.88
CA ARG P 114 -2.69 29.81 -5.97
C ARG P 114 -2.12 31.12 -5.40
N THR P 115 -2.76 31.64 -4.34
CA THR P 115 -2.41 32.88 -3.65
C THR P 115 -0.98 32.79 -3.05
N CYS P 116 -0.66 31.67 -2.36
CA CYS P 116 0.64 31.42 -1.73
C CYS P 116 1.75 31.30 -2.76
N GLN P 117 1.46 30.69 -3.93
CA GLN P 117 2.40 30.51 -5.04
C GLN P 117 2.69 31.85 -5.73
N ALA P 118 1.70 32.76 -5.76
CA ALA P 118 1.79 34.10 -6.36
C ALA P 118 2.71 35.03 -5.56
N LEU P 119 2.90 34.74 -4.26
CA LEU P 119 3.73 35.52 -3.33
C LEU P 119 5.23 35.40 -3.67
N VAL P 120 5.64 34.32 -4.35
CA VAL P 120 7.02 34.07 -4.77
C VAL P 120 7.39 35.10 -5.86
N VAL P 121 6.46 35.34 -6.81
CA VAL P 121 6.61 36.30 -7.91
C VAL P 121 6.40 37.72 -7.32
N LEU P 122 5.23 37.96 -6.70
CA LEU P 122 4.88 39.25 -6.08
C LEU P 122 5.48 39.30 -4.67
N SER P 123 6.81 39.53 -4.59
CA SER P 123 7.52 39.58 -3.31
C SER P 123 7.79 41.01 -2.85
N GLU P 124 8.23 41.88 -3.77
CA GLU P 124 8.58 43.26 -3.47
C GLU P 124 7.43 44.25 -3.77
N TRP P 125 6.27 43.74 -4.22
CA TRP P 125 5.10 44.56 -4.55
C TRP P 125 4.03 44.53 -3.42
N LEU P 126 4.25 43.67 -2.40
CA LEU P 126 3.38 43.53 -1.23
C LEU P 126 3.54 44.73 -0.26
N PRO P 127 2.60 45.00 0.69
CA PRO P 127 2.80 46.13 1.63
C PRO P 127 4.05 45.92 2.49
N VAL P 128 4.34 44.66 2.84
CA VAL P 128 5.53 44.24 3.58
C VAL P 128 6.37 43.42 2.59
N THR P 129 7.52 43.96 2.17
CA THR P 129 8.41 43.33 1.19
C THR P 129 9.16 42.14 1.80
N GLY P 130 9.65 41.25 0.92
CA GLY P 130 10.42 40.07 1.29
C GLY P 130 11.76 40.38 1.92
N THR P 131 12.36 41.51 1.50
CA THR P 131 13.65 42.02 2.00
C THR P 131 13.49 42.47 3.47
N THR P 132 12.32 43.06 3.80
CA THR P 132 11.98 43.54 5.15
C THR P 132 11.84 42.32 6.09
N MET P 133 11.20 41.24 5.60
CA MET P 133 11.00 40.00 6.34
C MET P 133 12.31 39.22 6.52
N ASP P 134 13.26 39.39 5.57
CA ASP P 134 14.57 38.75 5.59
C ASP P 134 15.46 39.36 6.69
N GLY P 135 15.21 40.62 7.04
CA GLY P 135 15.92 41.35 8.08
C GLY P 135 15.60 40.84 9.47
N LEU P 136 14.32 40.46 9.70
CA LEU P 136 13.83 39.93 10.97
C LEU P 136 14.27 38.47 11.13
N SER P 137 14.07 37.65 10.08
CA SER P 137 14.45 36.23 10.02
C SER P 137 15.13 35.94 8.69
N PRO P 138 16.40 35.46 8.68
CA PRO P 138 17.09 35.19 7.40
C PRO P 138 16.38 34.12 6.57
N ALA P 139 16.19 34.42 5.26
CA ALA P 139 15.51 33.60 4.25
C ALA P 139 14.09 33.20 4.70
N TYR P 140 13.23 34.21 4.97
CA TYR P 140 11.86 34.03 5.42
C TYR P 140 11.00 33.38 4.31
N PRO P 141 10.17 32.34 4.63
CA PRO P 141 9.35 31.70 3.59
C PRO P 141 8.33 32.66 2.97
N ARG P 142 8.44 32.84 1.64
CA ARG P 142 7.60 33.74 0.84
C ARG P 142 6.13 33.32 0.81
N HIS P 143 5.85 31.99 0.89
CA HIS P 143 4.50 31.42 0.86
C HIS P 143 3.65 31.81 2.09
N MET P 144 4.30 32.16 3.22
CA MET P 144 3.64 32.54 4.47
C MET P 144 3.25 34.04 4.50
N MET P 145 3.65 34.81 3.48
CA MET P 145 3.47 36.26 3.41
C MET P 145 2.06 36.73 2.94
N HIS P 146 1.00 36.15 3.53
CA HIS P 146 -0.41 36.52 3.31
C HIS P 146 -1.30 35.83 4.35
N PRO P 147 -2.33 36.52 4.94
CA PRO P 147 -3.18 35.87 5.96
C PRO P 147 -3.94 34.63 5.47
N SER P 148 -4.07 34.44 4.13
CA SER P 148 -4.75 33.32 3.50
C SER P 148 -3.96 31.99 3.64
N PHE P 149 -2.66 32.08 4.03
CA PHE P 149 -1.78 30.92 4.23
C PHE P 149 -2.31 30.00 5.34
N ALA P 150 -3.05 30.56 6.32
CA ALA P 150 -3.66 29.84 7.44
C ALA P 150 -4.61 28.72 6.97
N GLY P 151 -5.15 28.88 5.75
CA GLY P 151 -6.03 27.91 5.12
C GLY P 151 -5.28 26.74 4.49
N MET P 152 -3.94 26.84 4.42
CA MET P 152 -3.05 25.81 3.88
C MET P 152 -2.36 25.02 5.03
N VAL P 153 -2.47 25.52 6.28
CA VAL P 153 -1.89 24.91 7.48
C VAL P 153 -2.70 23.66 7.87
N ASP P 154 -2.00 22.54 8.10
CA ASP P 154 -2.56 21.25 8.49
C ASP P 154 -2.67 21.16 10.04
N PRO P 155 -3.90 21.10 10.62
CA PRO P 155 -4.01 21.03 12.09
C PRO P 155 -3.67 19.66 12.67
N SER P 156 -3.66 18.59 11.85
CA SER P 156 -3.35 17.23 12.28
C SER P 156 -1.85 17.04 12.57
N LEU P 157 -1.01 18.04 12.23
CA LEU P 157 0.44 18.06 12.46
C LEU P 157 0.77 18.03 13.96
N PRO P 158 1.91 17.43 14.41
CA PRO P 158 2.23 17.41 15.85
C PRO P 158 2.35 18.81 16.45
N GLY P 159 1.93 18.93 17.71
CA GLY P 159 1.90 20.18 18.47
C GLY P 159 3.05 21.14 18.27
N ASP P 160 4.28 20.63 18.47
CA ASP P 160 5.52 21.40 18.34
C ASP P 160 5.74 21.89 16.91
N TYR P 161 5.39 21.05 15.92
CA TYR P 161 5.51 21.39 14.50
C TYR P 161 4.42 22.38 14.08
N LEU P 162 3.17 22.15 14.55
CA LEU P 162 1.99 22.97 14.27
C LEU P 162 2.21 24.40 14.79
N ARG P 163 2.75 24.53 16.02
CA ARG P 163 3.05 25.81 16.65
C ARG P 163 4.18 26.54 15.92
N ALA P 164 5.17 25.78 15.40
CA ALA P 164 6.32 26.32 14.65
C ALA P 164 5.89 26.98 13.34
N ILE P 165 4.87 26.42 12.66
CA ILE P 165 4.32 26.95 11.41
C ILE P 165 3.52 28.23 11.71
N LEU P 166 2.68 28.19 12.75
CA LEU P 166 1.83 29.31 13.17
C LEU P 166 2.65 30.49 13.72
N ASP P 167 3.72 30.23 14.50
CA ASP P 167 4.59 31.26 15.07
C ASP P 167 5.41 31.95 13.97
N ALA P 168 5.83 31.19 12.94
CA ALA P 168 6.59 31.71 11.81
C ALA P 168 5.70 32.59 10.94
N HIS P 169 4.43 32.18 10.74
CA HIS P 169 3.43 32.91 9.96
C HIS P 169 2.97 34.17 10.71
N SER P 170 2.95 34.12 12.06
CA SER P 170 2.57 35.24 12.93
C SER P 170 3.57 36.39 12.85
N LEU P 171 4.84 36.11 12.48
CA LEU P 171 5.91 37.10 12.34
C LEU P 171 5.55 38.10 11.22
N TYR P 172 4.95 37.61 10.12
CA TYR P 172 4.49 38.43 9.00
C TYR P 172 3.24 39.21 9.41
N LEU P 173 2.25 38.50 9.99
CA LEU P 173 0.97 39.07 10.46
C LEU P 173 1.17 40.22 11.44
N LEU P 174 2.21 40.14 12.28
CA LEU P 174 2.59 41.19 13.24
C LEU P 174 2.98 42.47 12.50
N GLN P 175 3.77 42.32 11.42
CA GLN P 175 4.25 43.43 10.59
C GLN P 175 3.15 43.95 9.67
N PHE P 176 2.40 43.02 9.03
CA PHE P 176 1.32 43.31 8.07
C PHE P 176 0.14 44.05 8.74
N SER P 177 -0.32 43.57 9.92
CA SER P 177 -1.43 44.19 10.65
C SER P 177 -1.09 45.62 11.10
N ARG P 178 0.18 45.89 11.41
CA ARG P 178 0.64 47.23 11.82
C ARG P 178 0.78 48.18 10.61
N VAL P 179 0.87 47.64 9.37
CA VAL P 179 1.00 48.45 8.16
C VAL P 179 -0.41 48.89 7.69
N ILE P 180 -1.37 47.96 7.63
CA ILE P 180 -2.74 48.23 7.19
C ILE P 180 -3.54 49.02 8.27
N ASN P 181 -3.16 48.88 9.55
CA ASN P 181 -3.78 49.61 10.67
C ASN P 181 -2.79 50.62 11.28
N PRO P 182 -2.96 51.93 11.03
CA PRO P 182 -2.04 52.92 11.63
C PRO P 182 -2.19 53.03 13.15
N ASN P 183 -3.34 52.59 13.68
CA ASN P 183 -3.70 52.59 15.09
C ASN P 183 -2.98 51.49 15.88
N LEU P 184 -2.63 50.36 15.23
CA LEU P 184 -1.94 49.23 15.85
C LEU P 184 -0.40 49.37 15.84
N ARG P 185 0.13 50.43 15.20
CA ARG P 185 1.57 50.73 15.09
C ARG P 185 2.26 50.91 16.44
N GLY P 186 1.63 51.66 17.34
CA GLY P 186 2.14 51.94 18.67
C GLY P 186 1.94 50.84 19.69
N ARG P 187 0.93 49.98 19.46
CA ARG P 187 0.57 48.87 20.34
C ARG P 187 1.59 47.72 20.25
N THR P 188 1.84 47.06 21.41
CA THR P 188 2.80 45.97 21.60
C THR P 188 2.42 44.70 20.82
N LYS P 189 3.38 43.74 20.73
CA LYS P 189 3.27 42.43 20.07
C LYS P 189 2.02 41.66 20.50
N GLU P 190 1.74 41.62 21.82
CA GLU P 190 0.60 40.93 22.43
C GLU P 190 -0.74 41.52 21.98
N GLU P 191 -0.81 42.87 21.86
CA GLU P 191 -2.00 43.61 21.44
C GLU P 191 -2.34 43.33 19.97
N VAL P 192 -1.30 43.30 19.10
CA VAL P 192 -1.43 43.05 17.67
C VAL P 192 -1.77 41.57 17.43
N ALA P 193 -1.18 40.64 18.22
CA ALA P 193 -1.40 39.20 18.13
C ALA P 193 -2.86 38.82 18.33
N ALA P 194 -3.54 39.45 19.32
CA ALA P 194 -4.94 39.21 19.68
C ALA P 194 -5.94 39.50 18.54
N THR P 195 -5.56 40.35 17.57
CA THR P 195 -6.44 40.72 16.45
C THR P 195 -6.37 39.73 15.29
N PHE P 196 -5.18 39.09 15.04
CA PHE P 196 -5.03 38.17 13.92
C PHE P 196 -5.05 36.67 14.31
N THR P 197 -4.82 36.32 15.60
CA THR P 197 -4.81 34.92 16.06
C THR P 197 -6.17 34.22 15.93
N GLN P 198 -7.28 34.96 16.15
CA GLN P 198 -8.63 34.41 16.06
C GLN P 198 -9.01 34.00 14.61
N PRO P 199 -8.91 34.86 13.55
CA PRO P 199 -9.26 34.38 12.20
C PRO P 199 -8.23 33.41 11.62
N MET P 200 -6.99 33.38 12.16
CA MET P 200 -5.92 32.47 11.74
C MET P 200 -6.27 31.04 12.15
N ASN P 201 -6.58 30.82 13.45
CA ASN P 201 -6.95 29.52 14.02
C ASN P 201 -8.24 28.96 13.38
N ALA P 202 -9.16 29.86 12.98
CA ALA P 202 -10.44 29.52 12.33
C ALA P 202 -10.19 28.94 10.94
N ALA P 203 -9.14 29.43 10.24
CA ALA P 203 -8.74 29.00 8.90
C ALA P 203 -7.94 27.69 8.93
N VAL P 204 -7.26 27.39 10.06
CA VAL P 204 -6.49 26.17 10.26
C VAL P 204 -7.48 25.02 10.61
N ASN P 205 -8.43 25.29 11.51
CA ASN P 205 -9.43 24.32 11.98
C ASN P 205 -10.64 24.20 11.04
N SER P 206 -10.65 24.91 9.89
CA SER P 206 -11.74 24.85 8.91
C SER P 206 -11.72 23.51 8.16
N ASN P 207 -12.92 22.99 7.85
CA ASN P 207 -13.12 21.69 7.18
C ASN P 207 -12.76 21.73 5.67
N PHE P 208 -12.58 22.93 5.08
CA PHE P 208 -12.27 23.09 3.65
C PHE P 208 -10.82 22.65 3.37
N ILE P 209 -10.67 21.66 2.45
CA ILE P 209 -9.44 20.97 2.02
C ILE P 209 -8.97 20.06 3.17
N SER P 210 -8.95 18.73 2.93
CA SER P 210 -8.58 17.70 3.90
C SER P 210 -7.16 17.89 4.47
N HIS P 211 -6.92 17.34 5.67
CA HIS P 211 -5.68 17.39 6.43
C HIS P 211 -4.47 16.84 5.65
N GLU P 212 -4.68 15.76 4.89
CA GLU P 212 -3.64 15.10 4.09
C GLU P 212 -3.29 15.94 2.85
N LYS P 213 -4.30 16.56 2.20
CA LYS P 213 -4.12 17.42 1.03
C LYS P 213 -3.40 18.71 1.41
N ARG P 214 -3.73 19.27 2.60
CA ARG P 214 -3.12 20.48 3.15
C ARG P 214 -1.65 20.24 3.46
N ARG P 215 -1.31 19.04 3.97
CA ARG P 215 0.05 18.61 4.30
C ARG P 215 0.91 18.50 3.04
N GLU P 216 0.29 18.06 1.91
CA GLU P 216 0.95 17.93 0.60
C GLU P 216 1.39 19.29 0.05
N PHE P 217 0.56 20.34 0.26
CA PHE P 217 0.85 21.72 -0.18
C PHE P 217 2.07 22.28 0.53
N LEU P 218 2.14 22.09 1.87
CA LEU P 218 3.23 22.55 2.72
C LEU P 218 4.56 21.86 2.32
N LYS P 219 4.48 20.58 1.88
CA LYS P 219 5.62 19.80 1.39
C LYS P 219 6.07 20.32 0.02
N ALA P 220 5.10 20.67 -0.85
CA ALA P 220 5.33 21.18 -2.20
C ALA P 220 5.95 22.58 -2.18
N PHE P 221 5.55 23.44 -1.21
CA PHE P 221 6.09 24.79 -1.06
C PHE P 221 7.49 24.78 -0.45
N GLY P 222 7.89 23.64 0.13
CA GLY P 222 9.18 23.44 0.77
C GLY P 222 9.21 23.97 2.19
N LEU P 223 8.10 23.80 2.93
CA LEU P 223 7.96 24.27 4.31
C LEU P 223 8.23 23.12 5.29
N VAL P 224 7.66 21.93 5.03
CA VAL P 224 7.85 20.72 5.85
C VAL P 224 8.45 19.58 5.02
N ASP P 225 9.12 18.61 5.67
CA ASP P 225 9.74 17.45 5.03
C ASP P 225 8.69 16.34 4.77
N SER P 226 9.16 15.13 4.39
CA SER P 226 8.33 13.95 4.08
C SER P 226 7.44 13.51 5.26
N ASN P 227 7.89 13.73 6.51
CA ASN P 227 7.14 13.35 7.71
C ASN P 227 6.21 14.47 8.18
N GLY P 228 6.76 15.67 8.40
CA GLY P 228 6.01 16.83 8.84
C GLY P 228 6.82 17.86 9.61
N LYS P 229 8.14 17.64 9.75
CA LYS P 229 9.07 18.52 10.45
C LYS P 229 9.35 19.78 9.60
N PRO P 230 9.18 21.00 10.14
CA PRO P 230 9.43 22.22 9.34
C PRO P 230 10.91 22.45 9.06
N SER P 231 11.20 23.21 7.98
CA SER P 231 12.56 23.55 7.54
C SER P 231 13.22 24.55 8.49
N ALA P 232 14.56 24.72 8.36
CA ALA P 232 15.39 25.63 9.16
C ALA P 232 14.93 27.09 9.03
N ALA P 233 14.38 27.47 7.85
CA ALA P 233 13.86 28.80 7.55
C ALA P 233 12.61 29.10 8.37
N VAL P 234 11.74 28.09 8.56
CA VAL P 234 10.49 28.18 9.33
C VAL P 234 10.82 28.23 10.84
N MET P 235 11.76 27.38 11.29
CA MET P 235 12.22 27.26 12.68
C MET P 235 12.86 28.56 13.17
N ALA P 236 13.62 29.25 12.30
CA ALA P 236 14.28 30.52 12.63
C ALA P 236 13.26 31.64 12.76
N ALA P 237 12.21 31.64 11.91
CA ALA P 237 11.13 32.64 11.91
C ALA P 237 10.23 32.48 13.14
N ALA P 238 10.03 31.23 13.61
CA ALA P 238 9.23 30.92 14.80
C ALA P 238 9.95 31.37 16.06
N GLN P 239 11.30 31.24 16.08
CA GLN P 239 12.15 31.64 17.20
C GLN P 239 12.27 33.17 17.25
N ALA P 240 12.24 33.84 16.07
CA ALA P 240 12.32 35.29 15.93
C ALA P 240 11.07 35.98 16.49
N TYR P 241 9.89 35.32 16.36
CA TYR P 241 8.60 35.82 16.85
C TYR P 241 8.55 35.80 18.39
N LYS P 242 9.24 34.84 19.02
CA LYS P 242 9.31 34.68 20.47
C LYS P 242 10.06 35.84 21.15
N THR P 243 11.09 36.38 20.46
CA THR P 243 11.91 37.49 20.95
C THR P 243 11.57 38.82 20.25
N ALA P 244 10.51 38.83 19.41
CA ALA P 244 10.06 40.00 18.65
C ALA P 244 9.46 41.08 19.55
N ALA P 245 9.55 42.35 19.11
CA ALA P 245 9.03 43.52 19.83
C ALA P 245 7.71 44.01 19.20
N GLN Q 5 -14.91 56.69 78.43
CA GLN Q 5 -15.32 56.43 77.05
C GLN Q 5 -14.53 55.27 76.44
N GLU Q 6 -13.26 55.09 76.85
CA GLU Q 6 -12.39 54.02 76.35
C GLU Q 6 -12.79 52.67 77.00
N LEU Q 7 -13.96 52.15 76.58
CA LEU Q 7 -14.53 50.89 77.06
C LEU Q 7 -14.53 49.83 75.94
N ALA Q 8 -13.94 50.19 74.78
CA ALA Q 8 -13.82 49.32 73.60
C ALA Q 8 -12.81 48.19 73.85
N ILE Q 9 -11.87 48.40 74.80
CA ILE Q 9 -10.83 47.44 75.22
C ILE Q 9 -11.50 46.20 75.82
N GLN Q 10 -12.55 46.40 76.62
CA GLN Q 10 -13.35 45.35 77.27
C GLN Q 10 -14.16 44.57 76.23
N PHE Q 11 -14.64 45.26 75.18
CA PHE Q 11 -15.39 44.68 74.06
C PHE Q 11 -14.45 43.83 73.19
N ALA Q 12 -13.18 44.26 73.09
CA ALA Q 12 -12.12 43.59 72.32
C ALA Q 12 -11.53 42.40 73.08
N ALA Q 13 -11.48 42.48 74.44
CA ALA Q 13 -10.98 41.43 75.32
C ALA Q 13 -11.86 40.17 75.30
N GLN Q 14 -13.11 40.31 74.81
CA GLN Q 14 -14.10 39.23 74.67
C GLN Q 14 -13.61 38.14 73.74
N ALA Q 15 -13.84 36.86 74.12
CA ALA Q 15 -13.47 35.70 73.31
C ALA Q 15 -14.41 35.60 72.11
N VAL Q 16 -13.83 35.50 70.90
CA VAL Q 16 -14.60 35.43 69.65
C VAL Q 16 -15.27 34.07 69.49
N ASP Q 17 -16.61 34.08 69.31
CA ASP Q 17 -17.43 32.88 69.11
C ASP Q 17 -17.46 32.55 67.63
N ARG Q 18 -16.75 31.48 67.24
CA ARG Q 18 -16.58 30.99 65.87
C ARG Q 18 -17.93 30.79 65.15
N ASN Q 19 -18.89 30.11 65.81
CA ASN Q 19 -20.19 29.81 65.22
C ASN Q 19 -21.16 31.00 65.22
N GLU Q 20 -21.02 31.94 66.17
CA GLU Q 20 -21.86 33.14 66.25
C GLU Q 20 -21.61 34.04 65.03
N ILE Q 21 -20.35 34.10 64.57
CA ILE Q 21 -19.89 34.85 63.40
C ILE Q 21 -20.34 34.10 62.13
N GLU Q 22 -20.27 32.74 62.17
CA GLU Q 22 -20.67 31.84 61.07
C GLU Q 22 -22.16 31.97 60.71
N GLN Q 23 -23.00 32.34 61.69
CA GLN Q 23 -24.44 32.54 61.51
C GLN Q 23 -24.72 33.82 60.72
N TRP Q 24 -23.99 34.90 61.03
CA TRP Q 24 -24.15 36.22 60.41
C TRP Q 24 -23.53 36.29 59.01
N VAL Q 25 -22.42 35.57 58.75
CA VAL Q 25 -21.76 35.60 57.43
C VAL Q 25 -22.69 34.94 56.38
N ARG Q 26 -23.42 33.87 56.75
CA ARG Q 26 -24.37 33.18 55.88
C ARG Q 26 -25.64 34.03 55.69
N GLU Q 27 -26.00 34.82 56.71
CA GLU Q 27 -27.15 35.72 56.71
C GLU Q 27 -26.85 36.95 55.82
N PHE Q 28 -25.67 37.56 55.99
CA PHE Q 28 -25.22 38.73 55.24
C PHE Q 28 -24.33 38.32 54.04
N ALA Q 29 -24.64 37.19 53.41
CA ALA Q 29 -23.89 36.66 52.26
C ALA Q 29 -24.24 37.40 50.97
N TYR Q 30 -23.26 37.45 50.04
CA TYR Q 30 -23.39 38.08 48.73
C TYR Q 30 -24.27 37.22 47.84
N GLN Q 31 -25.34 37.81 47.26
CA GLN Q 31 -26.34 37.21 46.38
C GLN Q 31 -27.18 36.16 47.15
N GLY Q 32 -26.52 35.11 47.65
CA GLY Q 32 -27.14 34.04 48.42
C GLY Q 32 -27.72 32.94 47.56
N PHE Q 33 -28.66 33.31 46.67
CA PHE Q 33 -29.36 32.39 45.77
C PHE Q 33 -28.65 32.37 44.40
N ASP Q 34 -27.83 31.33 44.17
CA ASP Q 34 -27.05 31.11 42.95
C ASP Q 34 -26.77 29.61 42.76
N ALA Q 35 -26.54 29.16 41.51
CA ALA Q 35 -26.27 27.77 41.06
C ALA Q 35 -27.49 26.86 41.28
N ARG Q 36 -28.03 26.81 42.52
CA ARG Q 36 -29.21 26.02 42.90
C ARG Q 36 -30.45 26.50 42.13
N ARG Q 37 -30.56 27.83 41.93
CA ARG Q 37 -31.67 28.48 41.21
C ARG Q 37 -31.65 28.12 39.73
N VAL Q 38 -30.44 27.96 39.14
CA VAL Q 38 -30.23 27.62 37.71
C VAL Q 38 -30.86 26.25 37.40
N ILE Q 39 -30.53 25.21 38.18
CA ILE Q 39 -31.05 23.84 38.03
C ILE Q 39 -32.58 23.84 38.29
N GLU Q 40 -33.04 24.63 39.27
CA GLU Q 40 -34.45 24.80 39.63
C GLU Q 40 -35.24 25.40 38.46
N LEU Q 41 -34.63 26.34 37.71
CA LEU Q 41 -35.24 26.99 36.55
C LEU Q 41 -35.15 26.11 35.31
N LEU Q 42 -34.05 25.32 35.16
CA LEU Q 42 -33.84 24.42 34.03
C LEU Q 42 -34.92 23.33 33.97
N LYS Q 43 -35.30 22.78 35.15
CA LYS Q 43 -36.34 21.75 35.26
C LYS Q 43 -37.74 22.37 35.17
N GLN Q 44 -37.86 23.68 35.47
CA GLN Q 44 -39.12 24.44 35.43
C GLN Q 44 -39.56 24.69 33.99
N TYR Q 45 -38.62 25.09 33.11
CA TYR Q 45 -38.90 25.38 31.70
C TYR Q 45 -38.75 24.13 30.81
N GLY Q 46 -37.68 23.36 31.02
CA GLY Q 46 -37.38 22.16 30.25
C GLY Q 46 -38.27 20.97 30.54
N GLY Q 47 -38.36 20.61 31.82
CA GLY Q 47 -39.16 19.48 32.29
C GLY Q 47 -38.39 18.18 32.29
N ALA Q 48 -38.58 17.36 31.24
CA ALA Q 48 -37.91 16.06 31.07
C ALA Q 48 -36.73 16.17 30.09
N ASP Q 49 -36.85 17.06 29.08
CA ASP Q 49 -35.83 17.27 28.04
C ASP Q 49 -34.79 18.33 28.48
N TRP Q 50 -34.72 18.64 29.79
CA TRP Q 50 -33.80 19.64 30.33
C TRP Q 50 -32.33 19.19 30.29
N GLU Q 51 -32.07 17.87 30.43
CA GLU Q 51 -30.72 17.32 30.43
C GLU Q 51 -30.08 17.32 29.03
N LYS Q 52 -30.86 17.03 27.98
CA LYS Q 52 -30.39 17.03 26.59
C LYS Q 52 -30.11 18.46 26.12
N ASP Q 53 -30.98 19.41 26.50
CA ASP Q 53 -30.87 20.83 26.14
C ASP Q 53 -29.71 21.51 26.89
N ALA Q 54 -29.42 21.07 28.14
CA ALA Q 54 -28.31 21.59 28.95
C ALA Q 54 -26.97 21.24 28.30
N LYS Q 55 -26.86 20.01 27.74
CA LYS Q 55 -25.69 19.52 27.01
C LYS Q 55 -25.45 20.36 25.77
N LYS Q 56 -26.55 20.77 25.08
CA LYS Q 56 -26.53 21.62 23.88
C LYS Q 56 -26.07 23.04 24.23
N MET Q 57 -26.56 23.57 25.37
CA MET Q 57 -26.25 24.91 25.87
C MET Q 57 -24.81 25.03 26.37
N ILE Q 58 -24.19 23.92 26.85
CA ILE Q 58 -22.80 23.90 27.31
C ILE Q 58 -21.86 24.04 26.10
N VAL Q 59 -22.12 23.27 25.01
CA VAL Q 59 -21.35 23.29 23.75
C VAL Q 59 -21.48 24.68 23.10
N LEU Q 60 -22.69 25.29 23.16
CA LEU Q 60 -23.01 26.60 22.59
C LEU Q 60 -22.25 27.74 23.30
N ALA Q 61 -22.21 27.71 24.66
CA ALA Q 61 -21.54 28.73 25.46
C ALA Q 61 -20.02 28.64 25.39
N LEU Q 62 -19.47 27.43 25.23
CA LEU Q 62 -18.03 27.14 25.16
C LEU Q 62 -17.42 27.54 23.82
N THR Q 63 -18.09 27.25 22.71
CA THR Q 63 -17.59 27.51 21.35
C THR Q 63 -17.91 28.93 20.87
N ARG Q 64 -19.15 29.43 21.10
CA ARG Q 64 -19.55 30.75 20.62
C ARG Q 64 -19.41 31.82 21.71
N GLY Q 65 -20.39 31.91 22.64
CA GLY Q 65 -20.36 32.90 23.71
C GLY Q 65 -21.58 32.95 24.61
N ASN Q 66 -21.86 34.13 25.20
CA ASN Q 66 -22.98 34.35 26.12
C ASN Q 66 -24.18 35.06 25.45
N LYS Q 67 -23.93 35.92 24.44
CA LYS Q 67 -24.98 36.65 23.72
C LYS Q 67 -25.63 35.73 22.67
N PRO Q 68 -26.91 35.31 22.86
CA PRO Q 68 -27.52 34.37 21.90
C PRO Q 68 -28.04 35.02 20.62
N ARG Q 69 -28.52 36.27 20.70
CA ARG Q 69 -29.06 37.00 19.54
C ARG Q 69 -27.94 37.48 18.61
N ARG Q 70 -26.74 37.73 19.15
CA ARG Q 70 -25.58 38.20 18.40
C ARG Q 70 -24.92 37.05 17.61
N MET Q 71 -24.82 35.85 18.21
CA MET Q 71 -24.21 34.67 17.58
C MET Q 71 -25.13 34.08 16.49
N MET Q 72 -26.45 34.31 16.59
CA MET Q 72 -27.46 33.82 15.63
C MET Q 72 -27.33 34.48 14.27
N MET Q 73 -26.78 35.70 14.22
CA MET Q 73 -26.58 36.50 13.00
C MET Q 73 -25.59 35.81 12.05
N LYS Q 74 -24.51 35.21 12.60
CA LYS Q 74 -23.49 34.50 11.84
C LYS Q 74 -23.50 33.01 12.24
N MET Q 75 -24.54 32.29 11.80
CA MET Q 75 -24.76 30.87 12.08
C MET Q 75 -25.56 30.19 10.96
N SER Q 76 -25.46 28.84 10.87
CA SER Q 76 -26.17 28.03 9.88
C SER Q 76 -27.68 27.98 10.18
N LYS Q 77 -28.49 27.63 9.15
CA LYS Q 77 -29.96 27.52 9.25
C LYS Q 77 -30.38 26.47 10.30
N GLU Q 78 -29.59 25.38 10.42
CA GLU Q 78 -29.81 24.29 11.37
C GLU Q 78 -29.60 24.77 12.80
N GLY Q 79 -28.57 25.60 13.00
CA GLY Q 79 -28.23 26.20 14.28
C GLY Q 79 -29.21 27.28 14.71
N LYS Q 80 -29.60 28.17 13.76
CA LYS Q 80 -30.54 29.28 13.95
C LYS Q 80 -31.87 28.82 14.57
N ALA Q 81 -32.41 27.67 14.10
CA ALA Q 81 -33.67 27.12 14.58
C ALA Q 81 -33.54 26.49 15.97
N THR Q 82 -32.42 25.77 16.24
CA THR Q 82 -32.15 25.09 17.51
C THR Q 82 -31.86 26.10 18.64
N VAL Q 83 -31.08 27.17 18.35
CA VAL Q 83 -30.71 28.22 19.32
C VAL Q 83 -31.97 29.02 19.71
N GLU Q 84 -32.79 29.44 18.72
CA GLU Q 84 -34.04 30.20 18.94
C GLU Q 84 -35.05 29.40 19.76
N ALA Q 85 -35.05 28.06 19.61
CA ALA Q 85 -35.92 27.14 20.35
C ALA Q 85 -35.59 27.15 21.85
N LEU Q 86 -34.28 27.31 22.18
CA LEU Q 86 -33.78 27.35 23.56
C LEU Q 86 -34.09 28.71 24.22
N ILE Q 87 -34.07 29.81 23.43
CA ILE Q 87 -34.35 31.17 23.89
C ILE Q 87 -35.84 31.31 24.25
N ASN Q 88 -36.74 30.78 23.40
CA ASN Q 88 -38.18 30.85 23.60
C ASN Q 88 -38.69 29.89 24.70
N LYS Q 89 -37.90 28.84 25.04
CA LYS Q 89 -38.28 27.85 26.06
C LYS Q 89 -37.74 28.21 27.45
N TYR Q 90 -36.41 28.40 27.56
CA TYR Q 90 -35.72 28.68 28.82
C TYR Q 90 -35.63 30.18 29.16
N LYS Q 91 -36.11 31.06 28.25
CA LYS Q 91 -36.12 32.52 28.37
C LYS Q 91 -34.70 33.04 28.64
N LEU Q 92 -33.73 32.58 27.83
CA LEU Q 92 -32.31 32.90 27.91
C LEU Q 92 -32.05 34.36 27.56
N LYS Q 93 -31.18 35.02 28.33
CA LYS Q 93 -30.81 36.42 28.15
C LYS Q 93 -29.29 36.58 27.93
N GLU Q 94 -28.82 37.82 27.76
CA GLU Q 94 -27.41 38.16 27.56
C GLU Q 94 -26.96 39.22 28.57
N GLY Q 95 -25.76 39.01 29.10
CA GLY Q 95 -25.15 39.90 30.10
C GLY Q 95 -25.30 39.40 31.52
N ASN Q 96 -25.51 40.33 32.46
CA ASN Q 96 -25.68 40.03 33.88
C ASN Q 96 -27.09 40.49 34.34
N PRO Q 97 -28.12 39.63 34.19
CA PRO Q 97 -29.48 40.02 34.59
C PRO Q 97 -29.80 39.65 36.05
N SER Q 98 -31.10 39.58 36.40
CA SER Q 98 -31.59 39.25 37.74
C SER Q 98 -31.40 37.76 38.09
N ARG Q 99 -31.62 37.40 39.37
CA ARG Q 99 -31.51 36.07 39.96
C ARG Q 99 -32.42 35.04 39.27
N ASP Q 100 -33.65 35.45 38.89
CA ASP Q 100 -34.65 34.59 38.26
C ASP Q 100 -34.41 34.39 36.74
N GLU Q 101 -33.42 35.10 36.16
CA GLU Q 101 -33.10 35.02 34.74
C GLU Q 101 -31.95 34.03 34.47
N LEU Q 102 -31.95 33.43 33.27
CA LEU Q 102 -30.95 32.45 32.84
C LEU Q 102 -30.12 32.97 31.66
N THR Q 103 -28.82 32.63 31.66
CA THR Q 103 -27.85 32.95 30.60
C THR Q 103 -27.06 31.68 30.28
N LEU Q 104 -26.44 31.62 29.08
CA LEU Q 104 -25.64 30.47 28.64
C LEU Q 104 -24.42 30.23 29.54
N SER Q 105 -23.83 31.30 30.09
CA SER Q 105 -22.68 31.25 30.99
C SER Q 105 -23.07 30.69 32.36
N ARG Q 106 -24.30 30.98 32.84
CA ARG Q 106 -24.83 30.52 34.13
C ARG Q 106 -25.11 29.02 34.11
N VAL Q 107 -25.56 28.48 32.96
CA VAL Q 107 -25.86 27.05 32.77
C VAL Q 107 -24.54 26.26 32.81
N ALA Q 108 -23.49 26.80 32.14
CA ALA Q 108 -22.15 26.20 32.09
C ALA Q 108 -21.45 26.25 33.46
N ALA Q 109 -21.71 27.31 34.25
CA ALA Q 109 -21.12 27.50 35.58
C ALA Q 109 -21.76 26.57 36.62
N ALA Q 110 -23.09 26.39 36.57
CA ALA Q 110 -23.86 25.54 37.50
C ALA Q 110 -23.52 24.06 37.31
N LEU Q 111 -23.37 23.62 36.05
CA LEU Q 111 -23.03 22.24 35.69
C LEU Q 111 -21.54 22.19 35.28
N ALA Q 112 -20.67 22.63 36.22
CA ALA Q 112 -19.22 22.72 36.06
C ALA Q 112 -18.56 21.37 35.74
N GLY Q 113 -19.11 20.28 36.28
CA GLY Q 113 -18.60 18.93 36.06
C GLY Q 113 -18.64 18.46 34.63
N ARG Q 114 -19.79 18.65 33.96
CA ARG Q 114 -20.01 18.29 32.56
C ARG Q 114 -19.25 19.24 31.63
N THR Q 115 -19.19 20.54 31.99
CA THR Q 115 -18.53 21.61 31.26
C THR Q 115 -17.02 21.34 31.12
N CYS Q 116 -16.34 20.96 32.22
CA CYS Q 116 -14.90 20.66 32.24
C CYS Q 116 -14.56 19.42 31.40
N GLN Q 117 -15.44 18.41 31.42
CA GLN Q 117 -15.29 17.17 30.66
C GLN Q 117 -15.46 17.42 29.15
N ALA Q 118 -16.30 18.41 28.79
CA ALA Q 118 -16.59 18.80 27.40
C ALA Q 118 -15.40 19.52 26.75
N LEU Q 119 -14.51 20.11 27.57
CA LEU Q 119 -13.31 20.85 27.14
C LEU Q 119 -12.25 19.91 26.52
N VAL Q 120 -12.28 18.62 26.86
CA VAL Q 120 -11.36 17.59 26.34
C VAL Q 120 -11.70 17.37 24.85
N VAL Q 121 -13.00 17.30 24.51
CA VAL Q 121 -13.50 17.14 23.15
C VAL Q 121 -13.37 18.49 22.42
N LEU Q 122 -13.99 19.56 22.97
CA LEU Q 122 -13.94 20.91 22.42
C LEU Q 122 -12.66 21.60 22.88
N SER Q 123 -11.52 21.24 22.26
CA SER Q 123 -10.21 21.77 22.62
C SER Q 123 -9.76 22.86 21.65
N GLU Q 124 -9.92 22.61 20.33
CA GLU Q 124 -9.48 23.53 19.28
C GLU Q 124 -10.62 24.44 18.78
N TRP Q 125 -11.83 24.33 19.38
CA TRP Q 125 -12.99 25.14 18.99
C TRP Q 125 -13.24 26.30 19.97
N LEU Q 126 -12.47 26.35 21.08
CA LEU Q 126 -12.53 27.40 22.10
C LEU Q 126 -11.88 28.70 21.59
N PRO Q 127 -12.14 29.91 22.19
CA PRO Q 127 -11.47 31.13 21.71
C PRO Q 127 -9.94 31.03 21.86
N VAL Q 128 -9.49 30.34 22.93
CA VAL Q 128 -8.09 30.04 23.21
C VAL Q 128 -7.95 28.52 23.04
N THR Q 129 -7.21 28.08 22.01
CA THR Q 129 -7.02 26.66 21.69
C THR Q 129 -6.02 25.98 22.65
N GLY Q 130 -6.11 24.65 22.73
CA GLY Q 130 -5.25 23.82 23.56
C GLY Q 130 -3.79 23.84 23.15
N THR Q 131 -3.55 24.00 21.83
CA THR Q 131 -2.20 24.09 21.23
C THR Q 131 -1.52 25.39 21.67
N THR Q 132 -2.30 26.49 21.80
CA THR Q 132 -1.83 27.81 22.25
C THR Q 132 -1.39 27.72 23.72
N MET Q 133 -2.18 27.00 24.55
CA MET Q 133 -1.91 26.80 25.98
C MET Q 133 -0.71 25.87 26.19
N ASP Q 134 -0.47 24.94 25.24
CA ASP Q 134 0.63 23.99 25.25
C ASP Q 134 1.98 24.69 25.02
N GLY Q 135 1.94 25.81 24.29
CA GLY Q 135 3.11 26.63 24.00
C GLY Q 135 3.63 27.37 25.21
N LEU Q 136 2.72 27.84 26.08
CA LEU Q 136 3.03 28.54 27.33
C LEU Q 136 3.51 27.55 28.39
N SER Q 137 2.77 26.44 28.57
CA SER Q 137 3.07 25.37 29.51
C SER Q 137 2.89 24.01 28.82
N PRO Q 138 3.95 23.16 28.74
CA PRO Q 138 3.79 21.86 28.06
C PRO Q 138 2.74 20.96 28.73
N ALA Q 139 1.85 20.37 27.90
CA ALA Q 139 0.73 19.49 28.26
C ALA Q 139 -0.17 20.16 29.33
N TYR Q 140 -0.75 21.32 28.97
CA TYR Q 140 -1.63 22.10 29.84
C TYR Q 140 -2.95 21.34 30.10
N PRO Q 141 -3.44 21.26 31.37
CA PRO Q 141 -4.70 20.54 31.64
C PRO Q 141 -5.90 21.18 30.94
N ARG Q 142 -6.57 20.39 30.08
CA ARG Q 142 -7.73 20.79 29.27
C ARG Q 142 -8.96 21.14 30.12
N HIS Q 143 -9.11 20.48 31.29
CA HIS Q 143 -10.23 20.67 32.22
C HIS Q 143 -10.27 22.08 32.84
N MET Q 144 -9.11 22.76 32.92
CA MET Q 144 -8.96 24.10 33.50
C MET Q 144 -9.27 25.23 32.49
N MET Q 145 -9.53 24.88 31.22
CA MET Q 145 -9.75 25.82 30.12
C MET Q 145 -11.18 26.40 30.02
N HIS Q 146 -11.72 26.90 31.16
CA HIS Q 146 -13.02 27.59 31.27
C HIS Q 146 -13.16 28.21 32.68
N PRO Q 147 -13.70 29.45 32.82
CA PRO Q 147 -13.84 30.06 34.16
C PRO Q 147 -14.71 29.27 35.13
N SER Q 148 -15.57 28.36 34.63
CA SER Q 148 -16.47 27.52 35.43
C SER Q 148 -15.71 26.44 36.23
N PHE Q 149 -14.40 26.21 35.95
CA PHE Q 149 -13.54 25.24 36.64
C PHE Q 149 -13.30 25.65 38.11
N ALA Q 150 -13.46 26.94 38.44
CA ALA Q 150 -13.30 27.49 39.79
C ALA Q 150 -14.32 26.87 40.77
N GLY Q 151 -15.46 26.43 40.25
CA GLY Q 151 -16.51 25.77 41.01
C GLY Q 151 -16.20 24.31 41.30
N MET Q 152 -15.09 23.80 40.72
CA MET Q 152 -14.61 22.42 40.87
C MET Q 152 -13.41 22.37 41.85
N VAL Q 153 -12.73 23.51 42.05
CA VAL Q 153 -11.58 23.64 42.94
C VAL Q 153 -12.03 23.52 44.40
N ASP Q 154 -11.33 22.66 45.17
CA ASP Q 154 -11.58 22.38 46.58
C ASP Q 154 -10.81 23.38 47.48
N PRO Q 155 -11.51 24.26 48.24
CA PRO Q 155 -10.78 25.23 49.10
C PRO Q 155 -10.15 24.61 50.35
N SER Q 156 -10.58 23.39 50.76
CA SER Q 156 -10.06 22.70 51.94
C SER Q 156 -8.65 22.13 51.69
N LEU Q 157 -8.16 22.17 50.43
CA LEU Q 157 -6.83 21.72 50.01
C LEU Q 157 -5.72 22.55 50.69
N PRO Q 158 -4.52 21.97 50.97
CA PRO Q 158 -3.44 22.77 51.61
C PRO Q 158 -3.03 24.00 50.78
N GLY Q 159 -2.63 25.06 51.49
CA GLY Q 159 -2.23 26.36 50.95
C GLY Q 159 -1.38 26.35 49.70
N ASP Q 160 -0.27 25.60 49.72
CA ASP Q 160 0.67 25.47 48.60
C ASP Q 160 0.01 24.77 47.40
N TYR Q 161 -0.84 23.76 47.66
CA TYR Q 161 -1.54 22.99 46.64
C TYR Q 161 -2.70 23.79 46.05
N LEU Q 162 -3.49 24.48 46.90
CA LEU Q 162 -4.64 25.29 46.51
C LEU Q 162 -4.21 26.43 45.59
N ARG Q 163 -3.08 27.09 45.91
CA ARG Q 163 -2.53 28.18 45.12
C ARG Q 163 -2.00 27.66 43.79
N ALA Q 164 -1.41 26.44 43.77
CA ALA Q 164 -0.87 25.79 42.57
C ALA Q 164 -1.95 25.49 41.53
N ILE Q 165 -3.17 25.12 41.99
CA ILE Q 165 -4.31 24.83 41.11
C ILE Q 165 -4.84 26.15 40.54
N LEU Q 166 -5.01 27.17 41.40
CA LEU Q 166 -5.53 28.48 41.02
C LEU Q 166 -4.59 29.24 40.07
N ASP Q 167 -3.25 29.18 40.30
CA ASP Q 167 -2.24 29.84 39.47
C ASP Q 167 -2.19 29.22 38.07
N ALA Q 168 -2.44 27.90 37.98
CA ALA Q 168 -2.46 27.16 36.72
C ALA Q 168 -3.69 27.55 35.91
N HIS Q 169 -4.86 27.69 36.58
CA HIS Q 169 -6.14 28.09 35.99
C HIS Q 169 -6.08 29.55 35.51
N SER Q 170 -5.36 30.41 36.27
CA SER Q 170 -5.19 31.84 35.99
C SER Q 170 -4.41 32.07 34.69
N LEU Q 171 -3.52 31.12 34.28
CA LEU Q 171 -2.73 31.22 33.05
C LEU Q 171 -3.67 31.24 31.83
N TYR Q 172 -4.74 30.42 31.86
CA TYR Q 172 -5.77 30.38 30.81
C TYR Q 172 -6.59 31.65 30.87
N LEU Q 173 -7.07 32.02 32.08
CA LEU Q 173 -7.88 33.22 32.32
C LEU Q 173 -7.22 34.47 31.77
N LEU Q 174 -5.87 34.57 31.91
CA LEU Q 174 -5.06 35.67 31.41
C LEU Q 174 -5.17 35.78 29.88
N GLN Q 175 -5.16 34.62 29.18
CA GLN Q 175 -5.29 34.55 27.73
C GLN Q 175 -6.74 34.80 27.32
N PHE Q 176 -7.69 34.15 28.02
CA PHE Q 176 -9.14 34.21 27.81
C PHE Q 176 -9.68 35.63 27.98
N SER Q 177 -9.34 36.31 29.12
CA SER Q 177 -9.77 37.67 29.46
C SER Q 177 -9.31 38.70 28.42
N ARG Q 178 -8.16 38.46 27.77
CA ARG Q 178 -7.63 39.34 26.74
C ARG Q 178 -8.35 39.16 25.41
N VAL Q 179 -8.81 37.92 25.11
CA VAL Q 179 -9.50 37.60 23.86
C VAL Q 179 -10.97 38.10 23.88
N ILE Q 180 -11.75 37.74 24.93
CA ILE Q 180 -13.17 38.12 25.02
C ILE Q 180 -13.36 39.60 25.40
N ASN Q 181 -12.38 40.23 26.07
CA ASN Q 181 -12.44 41.64 26.44
C ASN Q 181 -11.29 42.39 25.72
N PRO Q 182 -11.61 43.25 24.71
CA PRO Q 182 -10.54 43.92 23.94
C PRO Q 182 -9.80 45.03 24.69
N ASN Q 183 -10.43 45.70 25.67
CA ASN Q 183 -9.79 46.80 26.41
C ASN Q 183 -8.73 46.31 27.42
N LEU Q 184 -8.72 45.00 27.75
CA LEU Q 184 -7.76 44.40 28.68
C LEU Q 184 -6.48 43.90 27.97
N ARG Q 185 -6.44 43.96 26.62
CA ARG Q 185 -5.32 43.51 25.79
C ARG Q 185 -4.01 44.25 26.08
N GLY Q 186 -4.08 45.57 26.25
CA GLY Q 186 -2.93 46.41 26.51
C GLY Q 186 -2.43 46.42 27.94
N ARG Q 187 -3.32 46.13 28.89
CA ARG Q 187 -3.04 46.13 30.34
C ARG Q 187 -2.20 44.91 30.76
N THR Q 188 -1.25 45.12 31.68
CA THR Q 188 -0.31 44.11 32.23
C THR Q 188 -1.03 42.97 32.97
N LYS Q 189 -0.28 41.88 33.28
CA LYS Q 189 -0.73 40.67 33.97
C LYS Q 189 -1.48 40.98 35.28
N GLU Q 190 -0.94 41.91 36.10
CA GLU Q 190 -1.51 42.34 37.38
C GLU Q 190 -2.88 43.03 37.20
N GLU Q 191 -3.01 43.86 36.15
CA GLU Q 191 -4.25 44.59 35.82
C GLU Q 191 -5.34 43.62 35.37
N VAL Q 192 -4.97 42.61 34.57
CA VAL Q 192 -5.85 41.56 34.04
C VAL Q 192 -6.22 40.60 35.18
N ALA Q 193 -5.29 40.35 36.14
CA ALA Q 193 -5.50 39.45 37.28
C ALA Q 193 -6.59 39.95 38.23
N ALA Q 194 -6.66 41.27 38.46
CA ALA Q 194 -7.62 41.94 39.34
C ALA Q 194 -9.08 41.77 38.89
N THR Q 195 -9.32 41.48 37.59
CA THR Q 195 -10.67 41.32 37.04
C THR Q 195 -11.24 39.91 37.23
N PHE Q 196 -10.42 38.86 37.01
CA PHE Q 196 -10.89 37.48 37.10
C PHE Q 196 -10.74 36.82 38.49
N THR Q 197 -9.84 37.34 39.37
CA THR Q 197 -9.60 36.77 40.71
C THR Q 197 -10.82 36.84 41.65
N GLN Q 198 -11.60 37.95 41.60
CA GLN Q 198 -12.78 38.16 42.45
C GLN Q 198 -13.89 37.11 42.18
N PRO Q 199 -14.41 36.90 40.94
CA PRO Q 199 -15.45 35.86 40.75
C PRO Q 199 -14.90 34.43 40.87
N MET Q 200 -13.56 34.26 40.76
CA MET Q 200 -12.86 32.96 40.87
C MET Q 200 -12.91 32.48 42.32
N ASN Q 201 -12.46 33.34 43.26
CA ASN Q 201 -12.43 33.08 44.71
C ASN Q 201 -13.86 32.86 45.24
N ALA Q 202 -14.87 33.54 44.66
CA ALA Q 202 -16.27 33.41 45.04
C ALA Q 202 -16.82 32.02 44.70
N ALA Q 203 -16.35 31.44 43.58
CA ALA Q 203 -16.74 30.11 43.10
C ALA Q 203 -16.02 29.01 43.86
N VAL Q 204 -14.78 29.27 44.33
CA VAL Q 204 -13.98 28.33 45.09
C VAL Q 204 -14.56 28.22 46.52
N ASN Q 205 -14.90 29.37 47.14
CA ASN Q 205 -15.45 29.46 48.50
C ASN Q 205 -16.98 29.24 48.55
N SER Q 206 -17.65 29.02 47.39
CA SER Q 206 -19.09 28.79 47.33
C SER Q 206 -19.48 27.47 48.00
N ASN Q 207 -20.66 27.44 48.65
CA ASN Q 207 -21.16 26.27 49.36
C ASN Q 207 -21.68 25.16 48.44
N PHE Q 208 -21.90 25.45 47.14
CA PHE Q 208 -22.42 24.47 46.16
C PHE Q 208 -21.36 23.40 45.85
N ILE Q 209 -21.72 22.12 46.10
CA ILE Q 209 -20.91 20.90 45.98
C ILE Q 209 -19.87 20.89 47.11
N SER Q 210 -19.96 19.89 48.00
CA SER Q 210 -19.09 19.73 49.18
C SER Q 210 -17.60 19.62 48.81
N HIS Q 211 -16.73 19.96 49.78
CA HIS Q 211 -15.27 19.96 49.68
C HIS Q 211 -14.69 18.59 49.27
N GLU Q 212 -15.27 17.51 49.81
CA GLU Q 212 -14.85 16.14 49.55
C GLU Q 212 -15.25 15.70 48.13
N LYS Q 213 -16.47 16.08 47.68
CA LYS Q 213 -16.99 15.76 46.35
C LYS Q 213 -16.21 16.52 45.28
N ARG Q 214 -15.82 17.79 45.56
CA ARG Q 214 -15.03 18.64 44.66
C ARG Q 214 -13.63 18.06 44.48
N ARG Q 215 -13.04 17.50 45.56
CA ARG Q 215 -11.73 16.87 45.58
C ARG Q 215 -11.72 15.60 44.71
N GLU Q 216 -12.85 14.86 44.71
CA GLU Q 216 -13.04 13.63 43.92
C GLU Q 216 -13.01 13.92 42.41
N PHE Q 217 -13.59 15.07 41.99
CA PHE Q 217 -13.64 15.50 40.58
C PHE Q 217 -12.23 15.79 40.06
N LEU Q 218 -11.42 16.52 40.85
CA LEU Q 218 -10.03 16.87 40.52
C LEU Q 218 -9.16 15.62 40.40
N LYS Q 219 -9.45 14.58 41.22
CA LYS Q 219 -8.76 13.29 41.18
C LYS Q 219 -9.17 12.50 39.93
N ALA Q 220 -10.47 12.56 39.56
CA ALA Q 220 -11.04 11.89 38.40
C ALA Q 220 -10.54 12.50 37.08
N PHE Q 221 -10.34 13.84 37.04
CA PHE Q 221 -9.84 14.54 35.85
C PHE Q 221 -8.32 14.33 35.68
N GLY Q 222 -7.67 13.84 36.74
CA GLY Q 222 -6.23 13.59 36.76
C GLY Q 222 -5.41 14.84 37.04
N LEU Q 223 -5.93 15.71 37.94
CA LEU Q 223 -5.29 16.96 38.33
C LEU Q 223 -4.50 16.80 39.64
N VAL Q 224 -5.11 16.13 40.66
CA VAL Q 224 -4.47 15.88 41.97
C VAL Q 224 -4.42 14.37 42.24
N ASP Q 225 -3.44 13.93 43.06
CA ASP Q 225 -3.26 12.51 43.41
C ASP Q 225 -4.24 12.10 44.53
N SER Q 226 -4.05 10.90 45.12
CA SER Q 226 -4.87 10.32 46.18
C SER Q 226 -4.95 11.19 47.45
N ASN Q 227 -3.88 11.96 47.75
CA ASN Q 227 -3.82 12.84 48.93
C ASN Q 227 -4.36 14.25 48.62
N GLY Q 228 -3.79 14.89 47.59
CA GLY Q 228 -4.19 16.24 47.18
C GLY Q 228 -3.11 17.03 46.47
N LYS Q 229 -1.93 16.41 46.24
CA LYS Q 229 -0.79 17.02 45.55
C LYS Q 229 -1.07 17.12 44.04
N PRO Q 230 -0.95 18.32 43.41
CA PRO Q 230 -1.22 18.43 41.97
C PRO Q 230 -0.16 17.73 41.11
N SER Q 231 -0.54 17.36 39.87
CA SER Q 231 0.33 16.70 38.90
C SER Q 231 1.40 17.65 38.35
N ALA Q 232 2.42 17.08 37.69
CA ALA Q 232 3.54 17.81 37.08
C ALA Q 232 3.06 18.82 36.02
N ALA Q 233 1.94 18.51 35.32
CA ALA Q 233 1.32 19.36 34.30
C ALA Q 233 0.74 20.65 34.93
N VAL Q 234 0.15 20.52 36.13
CA VAL Q 234 -0.45 21.63 36.89
C VAL Q 234 0.67 22.50 37.48
N MET Q 235 1.72 21.85 38.05
CA MET Q 235 2.88 22.50 38.68
C MET Q 235 3.67 23.36 37.67
N ALA Q 236 3.80 22.87 36.42
CA ALA Q 236 4.49 23.58 35.34
C ALA Q 236 3.71 24.81 34.90
N ALA Q 237 2.37 24.71 34.87
CA ALA Q 237 1.47 25.80 34.49
C ALA Q 237 1.46 26.90 35.55
N ALA Q 238 1.53 26.51 36.84
CA ALA Q 238 1.56 27.44 37.97
C ALA Q 238 2.87 28.23 37.99
N GLN Q 239 3.99 27.59 37.59
CA GLN Q 239 5.31 28.19 37.51
C GLN Q 239 5.39 29.14 36.30
N ALA Q 240 4.67 28.79 35.21
CA ALA Q 240 4.60 29.57 33.97
C ALA Q 240 3.87 30.90 34.18
N TYR Q 241 2.85 30.91 35.07
CA TYR Q 241 2.05 32.09 35.40
C TYR Q 241 2.86 33.12 36.21
N LYS Q 242 3.83 32.63 37.01
CA LYS Q 242 4.72 33.46 37.84
C LYS Q 242 5.68 34.29 36.98
N THR Q 243 6.11 33.75 35.83
CA THR Q 243 7.03 34.41 34.90
C THR Q 243 6.30 34.94 33.65
N ALA Q 244 4.95 34.85 33.62
CA ALA Q 244 4.10 35.29 32.51
C ALA Q 244 4.08 36.81 32.37
N ALA Q 245 3.87 37.30 31.13
CA ALA Q 245 3.81 38.73 30.81
C ALA Q 245 2.37 39.20 30.62
N GLN R 5 17.01 95.31 61.50
CA GLN R 5 15.89 94.47 61.08
C GLN R 5 16.20 92.98 61.31
N GLU R 6 17.49 92.58 61.22
CA GLU R 6 17.93 91.20 61.43
C GLU R 6 17.96 90.88 62.94
N LEU R 7 16.76 90.77 63.53
CA LEU R 7 16.53 90.45 64.94
C LEU R 7 15.89 89.05 65.10
N ALA R 8 15.72 88.34 63.96
CA ALA R 8 15.17 86.99 63.88
C ALA R 8 16.13 85.96 64.48
N ILE R 9 17.44 86.29 64.52
CA ILE R 9 18.52 85.46 65.07
C ILE R 9 18.28 85.24 66.58
N GLN R 10 17.85 86.32 67.27
CA GLN R 10 17.54 86.33 68.70
C GLN R 10 16.29 85.51 68.99
N PHE R 11 15.31 85.54 68.05
CA PHE R 11 14.05 84.77 68.12
C PHE R 11 14.33 83.29 67.91
N ALA R 12 15.34 82.98 67.06
CA ALA R 12 15.78 81.63 66.72
C ALA R 12 16.67 81.04 67.81
N ALA R 13 17.47 81.89 68.51
CA ALA R 13 18.37 81.50 69.60
C ALA R 13 17.61 80.99 70.82
N GLN R 14 16.29 81.31 70.90
CA GLN R 14 15.38 80.92 71.98
C GLN R 14 15.26 79.41 72.10
N ALA R 15 15.30 78.90 73.34
CA ALA R 15 15.14 77.47 73.65
C ALA R 15 13.69 77.07 73.44
N VAL R 16 13.46 76.01 72.64
CA VAL R 16 12.11 75.52 72.32
C VAL R 16 11.48 74.83 73.53
N ASP R 17 10.28 75.30 73.93
CA ASP R 17 9.52 74.76 75.05
C ASP R 17 8.62 73.64 74.54
N ARG R 18 8.98 72.39 74.87
CA ARG R 18 8.31 71.15 74.47
C ARG R 18 6.80 71.17 74.76
N ASN R 19 6.41 71.57 75.99
CA ASN R 19 5.02 71.59 76.42
C ASN R 19 4.22 72.79 75.89
N GLU R 20 4.90 73.92 75.60
CA GLU R 20 4.26 75.12 75.03
C GLU R 20 3.73 74.83 73.63
N ILE R 21 4.49 74.02 72.86
CA ILE R 21 4.16 73.57 71.51
C ILE R 21 3.05 72.50 71.61
N GLU R 22 3.13 71.62 72.64
CA GLU R 22 2.17 70.54 72.91
C GLU R 22 0.75 71.07 73.20
N GLN R 23 0.65 72.30 73.74
CA GLN R 23 -0.62 72.96 74.05
C GLN R 23 -1.32 73.41 72.76
N TRP R 24 -0.55 73.97 71.82
CA TRP R 24 -1.04 74.50 70.55
C TRP R 24 -1.37 73.40 69.53
N VAL R 25 -0.64 72.27 69.52
CA VAL R 25 -0.89 71.17 68.58
C VAL R 25 -2.26 70.52 68.89
N ARG R 26 -2.62 70.40 70.19
CA ARG R 26 -3.90 69.85 70.64
C ARG R 26 -5.04 70.84 70.38
N GLU R 27 -4.72 72.15 70.44
CA GLU R 27 -5.65 73.25 70.18
C GLU R 27 -5.95 73.36 68.68
N PHE R 28 -4.90 73.30 67.84
CA PHE R 28 -5.00 73.39 66.38
C PHE R 28 -4.99 71.99 65.74
N ALA R 29 -5.62 71.00 66.41
CA ALA R 29 -5.70 69.62 65.94
C ALA R 29 -6.76 69.46 64.86
N TYR R 30 -6.53 68.53 63.93
CA TYR R 30 -7.41 68.22 62.80
C TYR R 30 -8.61 67.42 63.32
N GLN R 31 -9.77 68.08 63.43
CA GLN R 31 -11.01 67.46 63.89
C GLN R 31 -11.61 66.61 62.77
N GLY R 32 -11.83 65.34 63.07
CA GLY R 32 -12.38 64.37 62.14
C GLY R 32 -12.42 62.97 62.70
N PHE R 33 -13.35 62.14 62.19
CA PHE R 33 -13.59 60.74 62.58
C PHE R 33 -14.07 60.68 64.05
N ASP R 34 -13.13 60.82 65.04
CA ASP R 34 -13.35 60.77 66.49
C ASP R 34 -14.00 59.44 66.91
N ALA R 35 -13.17 58.47 67.34
CA ALA R 35 -13.58 57.13 67.77
C ALA R 35 -14.49 57.18 69.00
N ARG R 36 -14.36 58.24 69.81
CA ARG R 36 -15.11 58.48 71.02
C ARG R 36 -16.58 58.78 70.71
N ARG R 37 -16.84 59.55 69.63
CA ARG R 37 -18.18 59.93 69.18
C ARG R 37 -18.97 58.71 68.67
N VAL R 38 -18.30 57.74 68.02
CA VAL R 38 -18.88 56.52 67.46
C VAL R 38 -19.52 55.68 68.59
N ILE R 39 -18.76 55.39 69.67
CA ILE R 39 -19.22 54.62 70.84
C ILE R 39 -20.35 55.39 71.55
N GLU R 40 -20.23 56.73 71.64
CA GLU R 40 -21.23 57.63 72.24
C GLU R 40 -22.55 57.57 71.48
N LEU R 41 -22.50 57.44 70.14
CA LEU R 41 -23.67 57.34 69.27
C LEU R 41 -24.25 55.91 69.26
N LEU R 42 -23.37 54.88 69.37
CA LEU R 42 -23.77 53.47 69.39
C LEU R 42 -24.65 53.17 70.61
N LYS R 43 -24.30 53.72 71.78
CA LYS R 43 -25.05 53.56 73.03
C LYS R 43 -26.30 54.46 73.05
N GLN R 44 -26.30 55.54 72.25
CA GLN R 44 -27.39 56.50 72.14
C GLN R 44 -28.57 55.89 71.37
N TYR R 45 -28.29 55.19 70.25
CA TYR R 45 -29.31 54.56 69.41
C TYR R 45 -29.63 53.13 69.85
N GLY R 46 -28.59 52.34 70.13
CA GLY R 46 -28.71 50.95 70.54
C GLY R 46 -29.23 50.73 71.94
N GLY R 47 -28.58 51.37 72.91
CA GLY R 47 -28.94 51.27 74.33
C GLY R 47 -28.22 50.12 75.03
N ALA R 48 -28.92 48.99 75.17
CA ALA R 48 -28.38 47.79 75.83
C ALA R 48 -27.95 46.73 74.80
N ASP R 49 -28.65 46.68 73.65
CA ASP R 49 -28.37 45.74 72.55
C ASP R 49 -27.33 46.30 71.55
N TRP R 50 -26.55 47.33 71.97
CA TRP R 50 -25.55 47.97 71.12
C TRP R 50 -24.33 47.07 70.88
N GLU R 51 -23.96 46.21 71.86
CA GLU R 51 -22.80 45.31 71.77
C GLU R 51 -23.05 44.15 70.80
N LYS R 52 -24.27 43.58 70.78
CA LYS R 52 -24.64 42.48 69.88
C LYS R 52 -24.74 42.98 68.44
N ASP R 53 -25.31 44.18 68.24
CA ASP R 53 -25.47 44.81 66.92
C ASP R 53 -24.13 45.27 66.35
N ALA R 54 -23.18 45.69 67.21
CA ALA R 54 -21.83 46.12 66.80
C ALA R 54 -21.06 44.94 66.21
N LYS R 55 -21.23 43.74 66.82
CA LYS R 55 -20.62 42.49 66.36
C LYS R 55 -21.16 42.11 64.98
N LYS R 56 -22.47 42.36 64.75
CA LYS R 56 -23.16 42.12 63.47
C LYS R 56 -22.66 43.08 62.40
N MET R 57 -22.47 44.36 62.77
CA MET R 57 -22.01 45.43 61.87
C MET R 57 -20.53 45.26 61.47
N ILE R 58 -19.70 44.61 62.33
CA ILE R 58 -18.28 44.35 62.04
C ILE R 58 -18.19 43.28 60.94
N VAL R 59 -18.97 42.18 61.07
CA VAL R 59 -19.04 41.07 60.10
C VAL R 59 -19.57 41.58 58.75
N LEU R 60 -20.58 42.49 58.79
CA LEU R 60 -21.21 43.10 57.63
C LEU R 60 -20.25 43.99 56.82
N ALA R 61 -19.46 44.84 57.53
CA ALA R 61 -18.51 45.77 56.91
C ALA R 61 -17.27 45.05 56.34
N LEU R 62 -16.86 43.95 56.98
CA LEU R 62 -15.69 43.16 56.60
C LEU R 62 -15.93 42.29 55.35
N THR R 63 -17.11 41.65 55.27
CA THR R 63 -17.45 40.74 54.17
C THR R 63 -18.05 41.46 52.97
N ARG R 64 -18.97 42.42 53.19
CA ARG R 64 -19.63 43.13 52.09
C ARG R 64 -18.96 44.48 51.79
N GLY R 65 -19.27 45.52 52.57
CA GLY R 65 -18.69 46.84 52.36
C GLY R 65 -19.21 47.94 53.26
N ASN R 66 -19.17 49.19 52.77
CA ASN R 66 -19.60 50.37 53.51
C ASN R 66 -21.01 50.85 53.11
N LYS R 67 -21.39 50.70 51.82
CA LYS R 67 -22.70 51.11 51.30
C LYS R 67 -23.78 50.09 51.71
N PRO R 68 -24.73 50.44 52.63
CA PRO R 68 -25.71 49.44 53.07
C PRO R 68 -26.89 49.23 52.12
N ARG R 69 -27.31 50.28 51.39
CA ARG R 69 -28.43 50.20 50.44
C ARG R 69 -28.04 49.46 49.15
N ARG R 70 -26.74 49.51 48.79
CA ARG R 70 -26.21 48.86 47.59
C ARG R 70 -26.05 47.34 47.80
N MET R 71 -25.57 46.92 48.99
CA MET R 71 -25.36 45.51 49.33
C MET R 71 -26.69 44.77 49.56
N MET R 72 -27.75 45.51 49.96
CA MET R 72 -29.08 44.97 50.23
C MET R 72 -29.77 44.44 48.96
N MET R 73 -29.40 44.99 47.78
CA MET R 73 -29.93 44.62 46.47
C MET R 73 -29.60 43.16 46.12
N LYS R 74 -28.37 42.72 46.43
CA LYS R 74 -27.91 41.35 46.19
C LYS R 74 -27.61 40.66 47.53
N MET R 75 -28.69 40.32 48.26
CA MET R 75 -28.63 39.67 49.59
C MET R 75 -29.88 38.80 49.83
N SER R 76 -29.76 37.84 50.78
CA SER R 76 -30.85 36.93 51.17
C SER R 76 -31.94 37.68 51.96
N LYS R 77 -33.16 37.10 52.02
CA LYS R 77 -34.32 37.65 52.72
C LYS R 77 -34.04 37.83 54.23
N GLU R 78 -33.26 36.91 54.82
CA GLU R 78 -32.85 36.91 56.23
C GLU R 78 -31.92 38.10 56.51
N GLY R 79 -31.01 38.36 55.58
CA GLY R 79 -30.05 39.46 55.66
C GLY R 79 -30.69 40.82 55.43
N LYS R 80 -31.58 40.91 54.41
CA LYS R 80 -32.33 42.12 54.03
C LYS R 80 -33.08 42.75 55.21
N ALA R 81 -33.72 41.91 56.06
CA ALA R 81 -34.48 42.37 57.23
C ALA R 81 -33.57 42.83 58.37
N THR R 82 -32.46 42.10 58.62
CA THR R 82 -31.49 42.39 59.70
C THR R 82 -30.69 43.67 59.39
N VAL R 83 -30.26 43.86 58.13
CA VAL R 83 -29.48 45.03 57.68
C VAL R 83 -30.35 46.30 57.76
N GLU R 84 -31.60 46.24 57.25
CA GLU R 84 -32.55 47.37 57.26
C GLU R 84 -32.89 47.79 58.70
N ALA R 85 -32.92 46.82 59.64
CA ALA R 85 -33.18 47.06 61.07
C ALA R 85 -32.08 47.91 61.70
N LEU R 86 -30.83 47.73 61.25
CA LEU R 86 -29.65 48.46 61.73
C LEU R 86 -29.61 49.89 61.15
N ILE R 87 -30.08 50.07 59.89
CA ILE R 87 -30.12 51.36 59.19
C ILE R 87 -31.17 52.27 59.86
N ASN R 88 -32.36 51.73 60.18
CA ASN R 88 -33.46 52.48 60.78
C ASN R 88 -33.23 52.78 62.28
N LYS R 89 -32.34 52.02 62.95
CA LYS R 89 -32.04 52.20 64.38
C LYS R 89 -30.84 53.13 64.61
N TYR R 90 -29.68 52.80 64.01
CA TYR R 90 -28.42 53.54 64.17
C TYR R 90 -28.23 54.68 63.17
N LYS R 91 -29.20 54.85 62.22
CA LYS R 91 -29.21 55.87 61.16
C LYS R 91 -27.89 55.83 60.35
N LEU R 92 -27.52 54.61 59.91
CA LEU R 92 -26.30 54.32 59.16
C LEU R 92 -26.35 54.92 57.76
N LYS R 93 -25.22 55.52 57.32
CA LYS R 93 -25.07 56.17 56.02
C LYS R 93 -23.95 55.51 55.20
N GLU R 94 -23.72 56.03 53.98
CA GLU R 94 -22.67 55.55 53.07
C GLU R 94 -21.77 56.70 52.61
N GLY R 95 -20.46 56.45 52.59
CA GLY R 95 -19.45 57.41 52.19
C GLY R 95 -18.76 58.08 53.36
N ASN R 96 -18.45 59.38 53.21
CA ASN R 96 -17.80 60.18 54.24
C ASN R 96 -18.73 61.34 54.68
N PRO R 97 -19.64 61.09 55.66
CA PRO R 97 -20.57 62.15 56.09
C PRO R 97 -20.01 62.98 57.25
N SER R 98 -20.89 63.69 57.99
CA SER R 98 -20.53 64.55 59.12
C SER R 98 -20.12 63.73 60.37
N ARG R 99 -19.56 64.44 61.38
CA ARG R 99 -19.07 63.91 62.66
C ARG R 99 -20.17 63.15 63.44
N ASP R 100 -21.42 63.67 63.42
CA ASP R 100 -22.57 63.11 64.13
C ASP R 100 -23.21 61.90 63.40
N GLU R 101 -22.74 61.58 62.17
CA GLU R 101 -23.27 60.47 61.39
C GLU R 101 -22.41 59.20 61.56
N LEU R 102 -23.05 58.02 61.40
CA LEU R 102 -22.41 56.71 61.52
C LEU R 102 -22.41 55.94 60.20
N THR R 103 -21.31 55.21 59.95
CA THR R 103 -21.11 54.33 58.79
C THR R 103 -20.56 52.99 59.29
N LEU R 104 -20.71 51.93 58.48
CA LEU R 104 -20.24 50.58 58.82
C LEU R 104 -18.72 50.53 59.00
N SER R 105 -17.97 51.36 58.23
CA SER R 105 -16.51 51.45 58.30
C SER R 105 -16.05 52.14 59.58
N ARG R 106 -16.82 53.12 60.08
CA ARG R 106 -16.52 53.87 61.30
C ARG R 106 -16.69 53.02 62.55
N VAL R 107 -17.68 52.09 62.54
CA VAL R 107 -17.96 51.17 63.66
C VAL R 107 -16.80 50.16 63.76
N ALA R 108 -16.32 49.66 62.60
CA ALA R 108 -15.22 48.70 62.50
C ALA R 108 -13.87 49.34 62.89
N ALA R 109 -13.71 50.66 62.60
CA ALA R 109 -12.49 51.41 62.90
C ALA R 109 -12.39 51.75 64.40
N ALA R 110 -13.52 52.13 65.03
CA ALA R 110 -13.60 52.48 66.46
C ALA R 110 -13.35 51.28 67.36
N LEU R 111 -13.91 50.11 66.98
CA LEU R 111 -13.75 48.85 67.72
C LEU R 111 -12.74 47.96 66.97
N ALA R 112 -11.52 48.50 66.77
CA ALA R 112 -10.39 47.88 66.04
C ALA R 112 -9.94 46.53 66.64
N GLY R 113 -10.04 46.39 67.96
CA GLY R 113 -9.66 45.18 68.68
C GLY R 113 -10.48 43.95 68.34
N ARG R 114 -11.83 44.12 68.27
CA ARG R 114 -12.77 43.05 67.92
C ARG R 114 -12.70 42.75 66.41
N THR R 115 -12.52 43.81 65.59
CA THR R 115 -12.44 43.76 64.13
C THR R 115 -11.24 42.89 63.67
N CYS R 116 -10.06 43.10 64.28
CA CYS R 116 -8.82 42.36 63.96
C CYS R 116 -8.95 40.87 64.32
N GLN R 117 -9.64 40.57 65.44
CA GLN R 117 -9.87 39.20 65.92
C GLN R 117 -10.86 38.45 65.02
N ALA R 118 -11.82 39.19 64.41
CA ALA R 118 -12.83 38.66 63.51
C ALA R 118 -12.25 38.23 62.16
N LEU R 119 -11.08 38.79 61.78
CA LEU R 119 -10.37 38.51 60.54
C LEU R 119 -9.79 37.08 60.50
N VAL R 120 -9.56 36.47 61.68
CA VAL R 120 -9.04 35.11 61.83
C VAL R 120 -10.13 34.12 61.36
N VAL R 121 -11.38 34.38 61.75
CA VAL R 121 -12.55 33.57 61.38
C VAL R 121 -12.92 33.92 59.92
N LEU R 122 -13.19 35.21 59.64
CA LEU R 122 -13.53 35.72 58.31
C LEU R 122 -12.24 35.95 57.51
N SER R 123 -11.63 34.87 57.02
CA SER R 123 -10.37 34.94 56.27
C SER R 123 -10.60 34.83 54.76
N GLU R 124 -11.45 33.88 54.34
CA GLU R 124 -11.73 33.62 52.92
C GLU R 124 -12.99 34.33 52.42
N TRP R 125 -13.66 35.13 53.29
CA TRP R 125 -14.87 35.87 52.94
C TRP R 125 -14.58 37.36 52.66
N LEU R 126 -13.33 37.80 52.90
CA LEU R 126 -12.86 39.17 52.65
C LEU R 126 -12.67 39.42 51.13
N PRO R 127 -12.60 40.70 50.64
CA PRO R 127 -12.37 40.92 49.19
C PRO R 127 -11.01 40.35 48.74
N VAL R 128 -10.02 40.40 49.64
CA VAL R 128 -8.68 39.83 49.45
C VAL R 128 -8.58 38.68 50.46
N THR R 129 -8.56 37.43 49.95
CA THR R 129 -8.51 36.22 50.79
C THR R 129 -7.12 36.03 51.41
N GLY R 130 -7.08 35.25 52.49
CA GLY R 130 -5.87 34.90 53.22
C GLY R 130 -4.88 34.08 52.40
N THR R 131 -5.42 33.23 51.50
CA THR R 131 -4.65 32.37 50.60
C THR R 131 -3.91 33.23 49.56
N THR R 132 -4.54 34.34 49.11
CA THR R 132 -3.97 35.29 48.15
C THR R 132 -2.79 36.03 48.80
N MET R 133 -2.94 36.40 50.09
CA MET R 133 -1.92 37.10 50.87
C MET R 133 -0.76 36.16 51.22
N ASP R 134 -1.03 34.85 51.33
CA ASP R 134 -0.05 33.80 51.62
C ASP R 134 0.90 33.58 50.44
N GLY R 135 0.41 33.85 49.22
CA GLY R 135 1.16 33.74 47.98
C GLY R 135 2.24 34.80 47.86
N LEU R 136 1.94 36.03 48.33
CA LEU R 136 2.85 37.18 48.31
C LEU R 136 3.90 37.03 49.42
N SER R 137 3.43 36.72 50.65
CA SER R 137 4.26 36.51 51.84
C SER R 137 3.80 35.25 52.58
N PRO R 138 4.67 34.22 52.75
CA PRO R 138 4.23 32.99 53.45
C PRO R 138 3.78 33.25 54.88
N ALA R 139 2.61 32.70 55.25
CA ALA R 139 1.92 32.80 56.54
C ALA R 139 1.73 34.27 56.96
N TYR R 140 1.00 35.03 56.12
CA TYR R 140 0.71 36.45 56.34
C TYR R 140 -0.20 36.64 57.56
N PRO R 141 0.10 37.62 58.47
CA PRO R 141 -0.75 37.82 59.67
C PRO R 141 -2.16 38.25 59.31
N ARG R 142 -3.15 37.44 59.72
CA ARG R 142 -4.58 37.64 59.46
C ARG R 142 -5.14 38.91 60.12
N HIS R 143 -4.58 39.30 61.28
CA HIS R 143 -5.01 40.48 62.05
C HIS R 143 -4.75 41.81 61.32
N MET R 144 -3.79 41.83 60.38
CA MET R 144 -3.40 43.02 59.61
C MET R 144 -4.29 43.23 58.37
N MET R 145 -5.19 42.27 58.08
CA MET R 145 -6.04 42.24 56.88
C MET R 145 -7.30 43.14 56.95
N HIS R 146 -7.14 44.41 57.39
CA HIS R 146 -8.17 45.44 57.44
C HIS R 146 -7.55 46.81 57.74
N PRO R 147 -7.98 47.92 57.07
CA PRO R 147 -7.37 49.24 57.34
C PRO R 147 -7.51 49.73 58.79
N SER R 148 -8.46 49.15 59.57
CA SER R 148 -8.71 49.50 60.97
C SER R 148 -7.58 49.02 61.91
N PHE R 149 -6.68 48.13 61.42
CA PHE R 149 -5.54 47.60 62.18
C PHE R 149 -4.56 48.73 62.58
N ALA R 150 -4.52 49.82 61.79
CA ALA R 150 -3.67 50.99 62.03
C ALA R 150 -3.95 51.64 63.40
N GLY R 151 -5.17 51.44 63.91
CA GLY R 151 -5.60 51.93 65.22
C GLY R 151 -5.10 51.08 66.37
N MET R 152 -4.53 49.90 66.07
CA MET R 152 -3.96 48.95 67.03
C MET R 152 -2.43 49.06 67.08
N VAL R 153 -1.82 49.77 66.10
CA VAL R 153 -0.38 49.97 65.98
C VAL R 153 0.11 50.98 67.04
N ASP R 154 1.17 50.60 67.79
CA ASP R 154 1.79 51.42 68.84
C ASP R 154 2.88 52.33 68.22
N PRO R 155 2.71 53.68 68.27
CA PRO R 155 3.74 54.55 67.68
C PRO R 155 5.00 54.71 68.54
N SER R 156 4.93 54.36 69.84
CA SER R 156 6.06 54.45 70.77
C SER R 156 7.12 53.35 70.52
N LEU R 157 6.79 52.36 69.65
CA LEU R 157 7.67 51.25 69.25
C LEU R 157 8.93 51.77 68.53
N PRO R 158 10.10 51.08 68.65
CA PRO R 158 11.32 51.56 67.96
C PRO R 158 11.15 51.66 66.44
N GLY R 159 11.85 52.64 65.85
CA GLY R 159 11.83 52.96 64.42
C GLY R 159 11.81 51.79 63.46
N ASP R 160 12.77 50.87 63.59
CA ASP R 160 12.90 49.68 62.73
C ASP R 160 11.71 48.74 62.89
N TYR R 161 11.19 48.61 64.13
CA TYR R 161 10.06 47.75 64.46
C TYR R 161 8.74 48.37 64.00
N LEU R 162 8.56 49.69 64.23
CA LEU R 162 7.37 50.45 63.84
C LEU R 162 7.18 50.44 62.32
N ARG R 163 8.28 50.60 61.57
CA ARG R 163 8.27 50.58 60.10
C ARG R 163 7.95 49.18 59.58
N ALA R 164 8.45 48.12 60.28
CA ALA R 164 8.23 46.72 59.92
C ALA R 164 6.76 46.33 60.03
N ILE R 165 6.02 46.89 61.01
CA ILE R 165 4.59 46.63 61.23
C ILE R 165 3.79 47.36 60.12
N LEU R 166 4.13 48.63 59.85
CA LEU R 166 3.47 49.46 58.85
C LEU R 166 3.70 48.97 57.41
N ASP R 167 4.93 48.51 57.09
CA ASP R 167 5.28 47.97 55.76
C ASP R 167 4.58 46.64 55.50
N ALA R 168 4.41 45.80 56.54
CA ALA R 168 3.73 44.51 56.46
C ALA R 168 2.24 44.71 56.25
N HIS R 169 1.65 45.72 56.94
CA HIS R 169 0.24 46.09 56.85
C HIS R 169 -0.07 46.74 55.50
N SER R 170 0.91 47.49 54.94
CA SER R 170 0.79 48.18 53.65
C SER R 170 0.69 47.18 52.48
N LEU R 171 1.21 45.93 52.65
CA LEU R 171 1.17 44.86 51.65
C LEU R 171 -0.28 44.47 51.35
N TYR R 172 -1.14 44.44 52.40
CA TYR R 172 -2.57 44.15 52.26
C TYR R 172 -3.27 45.35 51.64
N LEU R 173 -3.02 46.56 52.18
CA LEU R 173 -3.61 47.84 51.75
C LEU R 173 -3.37 48.08 50.25
N LEU R 174 -2.19 47.68 49.74
CA LEU R 174 -1.84 47.80 48.32
C LEU R 174 -2.78 46.93 47.47
N GLN R 175 -3.06 45.69 47.92
CA GLN R 175 -3.94 44.74 47.24
C GLN R 175 -5.40 45.13 47.41
N PHE R 176 -5.79 45.52 48.64
CA PHE R 176 -7.14 45.91 49.04
C PHE R 176 -7.61 47.18 48.32
N SER R 177 -6.79 48.26 48.32
CA SER R 177 -7.12 49.54 47.66
C SER R 177 -7.36 49.39 46.17
N ARG R 178 -6.64 48.44 45.53
CA ARG R 178 -6.79 48.18 44.10
C ARG R 178 -8.04 47.35 43.81
N VAL R 179 -8.52 46.56 44.79
CA VAL R 179 -9.72 45.73 44.63
C VAL R 179 -10.98 46.61 44.77
N ILE R 180 -11.09 47.39 45.87
CA ILE R 180 -12.26 48.24 46.14
C ILE R 180 -12.31 49.49 45.23
N ASN R 181 -11.14 50.01 44.79
CA ASN R 181 -11.08 51.17 43.89
C ASN R 181 -10.54 50.69 42.52
N PRO R 182 -11.40 50.69 41.46
CA PRO R 182 -10.96 50.15 40.16
C PRO R 182 -9.98 51.04 39.39
N ASN R 183 -10.00 52.37 39.60
CA ASN R 183 -9.10 53.28 38.86
C ASN R 183 -7.65 53.23 39.40
N LEU R 184 -7.42 52.61 40.58
CA LEU R 184 -6.09 52.46 41.17
C LEU R 184 -5.38 51.17 40.72
N ARG R 185 -6.08 50.31 39.97
CA ARG R 185 -5.58 49.01 39.46
C ARG R 185 -4.37 49.15 38.54
N GLY R 186 -4.42 50.10 37.60
CA GLY R 186 -3.35 50.34 36.64
C GLY R 186 -2.18 51.14 37.18
N ARG R 187 -2.43 51.94 38.22
CA ARG R 187 -1.43 52.80 38.87
C ARG R 187 -0.43 51.98 39.69
N THR R 188 0.85 52.42 39.70
CA THR R 188 1.99 51.79 40.38
C THR R 188 1.86 51.81 41.92
N LYS R 189 2.73 51.02 42.59
CA LYS R 189 2.81 50.84 44.05
C LYS R 189 2.87 52.19 44.80
N GLU R 190 3.70 53.14 44.30
CA GLU R 190 3.89 54.48 44.87
C GLU R 190 2.62 55.32 44.81
N GLU R 191 1.85 55.20 43.70
CA GLU R 191 0.60 55.92 43.47
C GLU R 191 -0.50 55.44 44.41
N VAL R 192 -0.58 54.10 44.63
CA VAL R 192 -1.55 53.45 45.51
C VAL R 192 -1.20 53.76 46.98
N ALA R 193 0.12 53.74 47.32
CA ALA R 193 0.62 54.00 48.68
C ALA R 193 0.19 55.38 49.19
N ALA R 194 0.26 56.42 48.34
CA ALA R 194 -0.09 57.81 48.65
C ALA R 194 -1.55 58.00 49.10
N THR R 195 -2.46 57.09 48.70
CA THR R 195 -3.88 57.18 49.06
C THR R 195 -4.19 56.58 50.44
N PHE R 196 -3.46 55.52 50.88
CA PHE R 196 -3.74 54.88 52.16
C PHE R 196 -2.75 55.25 53.29
N THR R 197 -1.55 55.78 52.98
CA THR R 197 -0.53 56.15 53.99
C THR R 197 -0.99 57.28 54.92
N GLN R 198 -1.75 58.26 54.39
CA GLN R 198 -2.25 59.41 55.16
C GLN R 198 -3.28 58.98 56.24
N PRO R 199 -4.39 58.25 55.96
CA PRO R 199 -5.32 57.85 57.05
C PRO R 199 -4.73 56.77 57.97
N MET R 200 -3.69 56.02 57.50
CA MET R 200 -3.00 54.98 58.27
C MET R 200 -2.20 55.62 59.41
N ASN R 201 -1.33 56.60 59.08
CA ASN R 201 -0.49 57.33 60.05
C ASN R 201 -1.34 58.11 61.05
N ALA R 202 -2.52 58.61 60.62
CA ALA R 202 -3.47 59.35 61.46
C ALA R 202 -4.07 58.45 62.54
N ALA R 203 -4.28 57.16 62.21
CA ALA R 203 -4.81 56.16 63.12
C ALA R 203 -3.74 55.64 64.08
N VAL R 204 -2.46 55.66 63.63
CA VAL R 204 -1.31 55.24 64.43
C VAL R 204 -1.03 56.30 65.53
N ASN R 205 -1.03 57.58 65.13
CA ASN R 205 -0.75 58.74 65.99
C ASN R 205 -1.98 59.27 66.76
N SER R 206 -3.15 58.61 66.64
CA SER R 206 -4.38 59.03 67.33
C SER R 206 -4.28 58.73 68.84
N ASN R 207 -4.86 59.62 69.66
CA ASN R 207 -4.83 59.54 71.12
C ASN R 207 -5.76 58.44 71.70
N PHE R 208 -6.68 57.88 70.89
CA PHE R 208 -7.61 56.84 71.32
C PHE R 208 -6.87 55.51 71.55
N ILE R 209 -6.97 54.98 72.80
CA ILE R 209 -6.31 53.76 73.33
C ILE R 209 -4.82 54.07 73.50
N SER R 210 -4.33 54.03 74.76
CA SER R 210 -2.94 54.33 75.12
C SER R 210 -1.93 53.42 74.40
N HIS R 211 -0.68 53.92 74.24
CA HIS R 211 0.43 53.26 73.56
C HIS R 211 0.77 51.89 74.16
N GLU R 212 0.67 51.75 75.49
CA GLU R 212 0.99 50.51 76.20
C GLU R 212 -0.14 49.49 76.05
N LYS R 213 -1.42 49.94 76.06
CA LYS R 213 -2.58 49.08 75.83
C LYS R 213 -2.57 48.56 74.40
N ARG R 214 -2.18 49.41 73.43
CA ARG R 214 -2.05 49.05 72.01
C ARG R 214 -0.95 48.00 71.82
N ARG R 215 0.17 48.14 72.56
CA ARG R 215 1.31 47.22 72.54
C ARG R 215 0.90 45.84 73.04
N GLU R 216 -0.02 45.78 74.04
CA GLU R 216 -0.54 44.54 74.63
C GLU R 216 -1.36 43.76 73.61
N PHE R 217 -2.14 44.46 72.75
CA PHE R 217 -2.97 43.87 71.69
C PHE R 217 -2.11 43.17 70.65
N LEU R 218 -1.04 43.85 70.19
CA LEU R 218 -0.08 43.34 69.20
C LEU R 218 0.63 42.08 69.73
N LYS R 219 0.89 42.02 71.06
CA LYS R 219 1.50 40.88 71.74
C LYS R 219 0.50 39.72 71.83
N ALA R 220 -0.78 40.03 72.10
CA ALA R 220 -1.88 39.07 72.21
C ALA R 220 -2.23 38.44 70.86
N PHE R 221 -2.15 39.21 69.76
CA PHE R 221 -2.43 38.72 68.41
C PHE R 221 -1.27 37.87 67.87
N GLY R 222 -0.11 37.95 68.54
CA GLY R 222 1.10 37.21 68.16
C GLY R 222 1.87 37.88 67.05
N LEU R 223 1.92 39.24 67.07
CA LEU R 223 2.62 40.04 66.07
C LEU R 223 4.00 40.44 66.58
N VAL R 224 4.10 40.89 67.84
CA VAL R 224 5.35 41.29 68.50
C VAL R 224 5.55 40.45 69.77
N ASP R 225 6.80 40.33 70.23
CA ASP R 225 7.17 39.57 71.43
C ASP R 225 7.11 40.46 72.70
N SER R 226 7.69 39.97 73.83
CA SER R 226 7.67 40.63 75.15
C SER R 226 8.25 42.05 75.14
N ASN R 227 9.27 42.32 74.30
CA ASN R 227 9.90 43.63 74.21
C ASN R 227 9.21 44.52 73.17
N GLY R 228 9.07 44.02 71.95
CA GLY R 228 8.43 44.74 70.85
C GLY R 228 8.90 44.35 69.46
N LYS R 229 9.81 43.34 69.36
CA LYS R 229 10.34 42.85 68.10
C LYS R 229 9.27 42.06 67.33
N PRO R 230 8.97 42.39 66.06
CA PRO R 230 7.94 41.64 65.31
C PRO R 230 8.37 40.22 64.95
N SER R 231 7.38 39.34 64.72
CA SER R 231 7.59 37.93 64.36
C SER R 231 8.12 37.79 62.93
N ALA R 232 8.64 36.58 62.60
CA ALA R 232 9.19 36.23 61.28
C ALA R 232 8.16 36.42 60.15
N ALA R 233 6.87 36.22 60.46
CA ALA R 233 5.75 36.38 59.54
C ALA R 233 5.56 37.85 59.13
N VAL R 234 5.74 38.77 60.09
CA VAL R 234 5.62 40.22 59.90
C VAL R 234 6.85 40.74 59.12
N MET R 235 8.06 40.26 59.49
CA MET R 235 9.33 40.63 58.87
C MET R 235 9.39 40.24 57.38
N ALA R 236 8.82 39.07 57.04
CA ALA R 236 8.77 38.57 55.66
C ALA R 236 7.81 39.40 54.81
N ALA R 237 6.68 39.83 55.40
CA ALA R 237 5.65 40.64 54.74
C ALA R 237 6.14 42.08 54.49
N ALA R 238 6.98 42.61 55.40
CA ALA R 238 7.58 43.94 55.29
C ALA R 238 8.63 43.97 54.18
N GLN R 239 9.38 42.85 54.02
CA GLN R 239 10.41 42.68 52.99
C GLN R 239 9.74 42.48 51.61
N ALA R 240 8.57 41.82 51.58
CA ALA R 240 7.79 41.55 50.37
C ALA R 240 7.23 42.85 49.77
N TYR R 241 6.88 43.84 50.63
CA TYR R 241 6.35 45.13 50.21
C TYR R 241 7.42 46.00 49.54
N LYS R 242 8.70 45.82 49.94
CA LYS R 242 9.85 46.55 49.41
C LYS R 242 10.14 46.16 47.95
N THR R 243 9.88 44.89 47.59
CA THR R 243 10.10 44.35 46.24
C THR R 243 8.77 44.16 45.47
N ALA R 244 7.64 44.62 46.07
CA ALA R 244 6.29 44.52 45.48
C ALA R 244 6.14 45.42 44.24
N ALA R 245 5.25 45.02 43.31
CA ALA R 245 4.96 45.76 42.09
C ALA R 245 3.63 46.51 42.20
N GLN V 5 57.06 20.90 -76.96
CA GLN V 5 56.04 20.91 -75.92
C GLN V 5 56.55 20.27 -74.62
N GLU V 6 57.45 19.26 -74.74
CA GLU V 6 58.04 18.58 -73.59
C GLU V 6 59.14 19.46 -72.96
N LEU V 7 58.69 20.53 -72.28
CA LEU V 7 59.53 21.51 -71.59
C LEU V 7 59.33 21.40 -70.06
N ALA V 8 58.53 20.43 -69.62
CA ALA V 8 58.23 20.13 -68.22
C ALA V 8 59.46 19.57 -67.50
N ILE V 9 60.39 18.95 -68.26
CA ILE V 9 61.64 18.36 -67.77
C ILE V 9 62.53 19.46 -67.16
N GLN V 10 62.57 20.64 -67.82
CA GLN V 10 63.32 21.82 -67.39
C GLN V 10 62.70 22.42 -66.12
N PHE V 11 61.36 22.37 -66.01
CA PHE V 11 60.59 22.85 -64.86
C PHE V 11 60.81 21.92 -63.66
N ALA V 12 61.01 20.62 -63.94
CA ALA V 12 61.24 19.56 -62.95
C ALA V 12 62.70 19.56 -62.48
N ALA V 13 63.64 19.92 -63.38
CA ALA V 13 65.09 19.97 -63.09
C ALA V 13 65.44 21.08 -62.09
N GLN V 14 64.51 22.06 -61.92
CA GLN V 14 64.63 23.19 -60.99
C GLN V 14 64.76 22.72 -59.54
N ALA V 15 65.65 23.39 -58.78
CA ALA V 15 65.87 23.09 -57.36
C ALA V 15 64.68 23.58 -56.55
N VAL V 16 64.08 22.66 -55.74
CA VAL V 16 62.92 22.96 -54.91
C VAL V 16 63.32 23.84 -53.73
N ASP V 17 62.63 24.99 -53.58
CA ASP V 17 62.87 25.94 -52.48
C ASP V 17 62.01 25.53 -51.28
N ARG V 18 62.66 24.96 -50.25
CA ARG V 18 62.07 24.43 -49.03
C ARG V 18 61.15 25.45 -48.34
N ASN V 19 61.63 26.70 -48.16
CA ASN V 19 60.89 27.75 -47.47
C ASN V 19 59.81 28.40 -48.34
N GLU V 20 59.96 28.40 -49.68
CA GLU V 20 58.96 28.96 -50.61
C GLU V 20 57.67 28.13 -50.56
N ILE V 21 57.82 26.80 -50.39
CA ILE V 21 56.73 25.83 -50.27
C ILE V 21 56.10 25.96 -48.87
N GLU V 22 56.97 26.17 -47.84
CA GLU V 22 56.58 26.34 -46.42
C GLU V 22 55.68 27.55 -46.19
N GLN V 23 55.82 28.60 -47.05
CA GLN V 23 55.01 29.82 -46.99
C GLN V 23 53.58 29.55 -47.46
N TRP V 24 53.44 28.78 -48.56
CA TRP V 24 52.16 28.46 -49.17
C TRP V 24 51.36 27.41 -48.40
N VAL V 25 52.04 26.42 -47.75
CA VAL V 25 51.35 25.37 -46.98
C VAL V 25 50.65 26.00 -45.75
N ARG V 26 51.27 27.00 -45.10
CA ARG V 26 50.72 27.72 -43.95
C ARG V 26 49.60 28.66 -44.41
N GLU V 27 49.69 29.19 -45.64
CA GLU V 27 48.72 30.07 -46.25
C GLU V 27 47.46 29.26 -46.67
N PHE V 28 47.67 28.12 -47.32
CA PHE V 28 46.60 27.23 -47.79
C PHE V 28 46.34 26.07 -46.78
N ALA V 29 46.46 26.38 -45.48
CA ALA V 29 46.26 25.41 -44.40
C ALA V 29 44.77 25.19 -44.11
N TYR V 30 44.43 23.98 -43.63
CA TYR V 30 43.07 23.56 -43.27
C TYR V 30 42.73 24.14 -41.90
N GLN V 31 41.63 24.91 -41.83
CA GLN V 31 41.18 25.54 -40.58
C GLN V 31 40.26 24.57 -39.82
N GLY V 32 40.87 23.54 -39.23
CA GLY V 32 40.19 22.51 -38.46
C GLY V 32 40.07 22.88 -37.00
N PHE V 33 40.91 22.24 -36.15
CA PHE V 33 40.93 22.48 -34.71
C PHE V 33 41.48 23.88 -34.43
N ASP V 34 40.92 24.53 -33.41
CA ASP V 34 41.23 25.91 -33.03
C ASP V 34 41.91 25.97 -31.64
N ALA V 35 43.13 25.40 -31.52
CA ALA V 35 43.95 25.31 -30.31
C ALA V 35 44.15 26.67 -29.61
N ARG V 36 44.58 27.71 -30.36
CA ARG V 36 44.81 29.06 -29.88
C ARG V 36 43.49 29.79 -29.59
N ARG V 37 42.45 29.50 -30.41
CA ARG V 37 41.13 30.10 -30.32
C ARG V 37 40.32 29.60 -29.11
N VAL V 38 40.54 28.34 -28.67
CA VAL V 38 39.84 27.73 -27.52
C VAL V 38 40.18 28.53 -26.23
N ILE V 39 41.49 28.75 -25.96
CA ILE V 39 41.99 29.51 -24.82
C ILE V 39 41.51 30.98 -24.92
N GLU V 40 41.48 31.52 -26.16
CA GLU V 40 41.01 32.88 -26.47
C GLU V 40 39.52 33.02 -26.16
N LEU V 41 38.72 31.97 -26.43
CA LEU V 41 37.28 31.95 -26.18
C LEU V 41 36.97 31.71 -24.70
N LEU V 42 37.72 30.77 -24.04
CA LEU V 42 37.57 30.42 -22.62
C LEU V 42 37.70 31.64 -21.69
N LYS V 43 38.64 32.55 -22.01
CA LYS V 43 38.89 33.78 -21.24
C LYS V 43 37.81 34.83 -21.50
N GLN V 44 37.19 34.81 -22.69
CA GLN V 44 36.12 35.73 -23.08
C GLN V 44 34.83 35.41 -22.32
N TYR V 45 34.54 34.11 -22.10
CA TYR V 45 33.35 33.64 -21.39
C TYR V 45 33.49 33.84 -19.86
N GLY V 46 34.58 33.31 -19.29
CA GLY V 46 34.84 33.36 -17.85
C GLY V 46 35.42 34.66 -17.34
N GLY V 47 36.66 34.95 -17.72
CA GLY V 47 37.37 36.15 -17.32
C GLY V 47 38.50 35.85 -16.35
N ALA V 48 38.14 35.66 -15.06
CA ALA V 48 39.07 35.34 -13.99
C ALA V 48 38.86 33.92 -13.47
N ASP V 49 37.59 33.44 -13.50
CA ASP V 49 37.19 32.10 -13.04
C ASP V 49 37.29 31.06 -14.17
N TRP V 50 37.98 31.40 -15.29
CA TRP V 50 38.13 30.52 -16.45
C TRP V 50 39.03 29.30 -16.16
N GLU V 51 40.05 29.45 -15.28
CA GLU V 51 41.00 28.38 -14.93
C GLU V 51 40.35 27.30 -14.06
N LYS V 52 39.50 27.70 -13.09
CA LYS V 52 38.80 26.79 -12.18
C LYS V 52 37.74 25.99 -12.95
N ASP V 53 37.02 26.64 -13.89
CA ASP V 53 35.99 26.03 -14.72
C ASP V 53 36.58 25.08 -15.76
N ALA V 54 37.81 25.39 -16.27
CA ALA V 54 38.52 24.54 -17.24
C ALA V 54 38.90 23.20 -16.60
N LYS V 55 39.31 23.24 -15.31
CA LYS V 55 39.66 22.06 -14.51
C LYS V 55 38.43 21.17 -14.32
N LYS V 56 37.24 21.80 -14.13
CA LYS V 56 35.95 21.12 -13.97
C LYS V 56 35.53 20.46 -15.28
N MET V 57 35.74 21.16 -16.42
CA MET V 57 35.40 20.70 -17.77
C MET V 57 36.30 19.54 -18.24
N ILE V 58 37.56 19.47 -17.74
CA ILE V 58 38.51 18.40 -18.08
C ILE V 58 38.03 17.09 -17.42
N VAL V 59 37.66 17.14 -16.12
CA VAL V 59 37.16 16.00 -15.34
C VAL V 59 35.83 15.50 -15.94
N LEU V 60 34.97 16.45 -16.38
CA LEU V 60 33.66 16.17 -16.98
C LEU V 60 33.78 15.45 -18.34
N ALA V 61 34.71 15.90 -19.21
CA ALA V 61 34.92 15.32 -20.54
C ALA V 61 35.60 13.95 -20.49
N LEU V 62 36.47 13.73 -19.48
CA LEU V 62 37.23 12.50 -19.29
C LEU V 62 36.39 11.36 -18.74
N THR V 63 35.52 11.64 -17.74
CA THR V 63 34.69 10.65 -17.07
C THR V 63 33.37 10.37 -17.81
N ARG V 64 32.68 11.43 -18.28
CA ARG V 64 31.39 11.27 -18.95
C ARG V 64 31.53 11.25 -20.48
N GLY V 65 31.65 12.43 -21.11
CA GLY V 65 31.75 12.52 -22.56
C GLY V 65 31.79 13.92 -23.14
N ASN V 66 31.32 14.04 -24.40
CA ASN V 66 31.31 15.29 -25.17
C ASN V 66 29.93 15.98 -25.16
N LYS V 67 28.83 15.19 -25.18
CA LYS V 67 27.44 15.69 -25.18
C LYS V 67 27.04 16.14 -23.77
N PRO V 68 26.85 17.46 -23.51
CA PRO V 68 26.53 17.91 -22.14
C PRO V 68 25.06 17.75 -21.73
N ARG V 69 24.14 17.90 -22.69
CA ARG V 69 22.69 17.78 -22.45
C ARG V 69 22.27 16.32 -22.27
N ARG V 70 23.02 15.38 -22.90
CA ARG V 70 22.73 13.94 -22.81
C ARG V 70 23.19 13.35 -21.48
N MET V 71 24.37 13.78 -20.97
CA MET V 71 24.93 13.29 -19.70
C MET V 71 24.17 13.86 -18.49
N MET V 72 23.51 15.03 -18.65
CA MET V 72 22.74 15.69 -17.59
C MET V 72 21.48 14.91 -17.20
N MET V 73 20.94 14.11 -18.14
CA MET V 73 19.75 13.28 -17.96
C MET V 73 19.97 12.22 -16.88
N LYS V 74 21.17 11.59 -16.87
CA LYS V 74 21.54 10.56 -15.89
C LYS V 74 22.72 11.07 -15.05
N MET V 75 22.42 12.01 -14.14
CA MET V 75 23.40 12.65 -13.24
C MET V 75 22.74 13.09 -11.93
N SER V 76 23.55 13.27 -10.87
CA SER V 76 23.11 13.73 -9.54
C SER V 76 22.68 15.21 -9.56
N LYS V 77 21.88 15.64 -8.56
CA LYS V 77 21.36 17.00 -8.42
C LYS V 77 22.51 18.02 -8.29
N GLU V 78 23.62 17.62 -7.62
CA GLU V 78 24.82 18.44 -7.42
C GLU V 78 25.53 18.69 -8.75
N GLY V 79 25.59 17.65 -9.59
CA GLY V 79 26.20 17.70 -10.90
C GLY V 79 25.38 18.47 -11.91
N LYS V 80 24.04 18.23 -11.92
CA LYS V 80 23.07 18.87 -12.81
C LYS V 80 23.14 20.40 -12.76
N ALA V 81 23.31 20.98 -11.55
CA ALA V 81 23.40 22.42 -11.35
C ALA V 81 24.75 22.99 -11.81
N THR V 82 25.86 22.27 -11.54
CA THR V 82 27.23 22.68 -11.89
C THR V 82 27.46 22.61 -13.41
N VAL V 83 26.96 21.55 -14.08
CA VAL V 83 27.10 21.35 -15.54
C VAL V 83 26.29 22.41 -16.30
N GLU V 84 25.02 22.66 -15.89
CA GLU V 84 24.14 23.65 -16.52
C GLU V 84 24.70 25.07 -16.37
N ALA V 85 25.42 25.34 -15.26
CA ALA V 85 26.07 26.63 -15.00
C ALA V 85 27.18 26.89 -16.02
N LEU V 86 27.88 25.81 -16.45
CA LEU V 86 28.95 25.84 -17.45
C LEU V 86 28.39 25.98 -18.86
N ILE V 87 27.19 25.43 -19.13
CA ILE V 87 26.52 25.49 -20.44
C ILE V 87 26.02 26.93 -20.69
N ASN V 88 25.39 27.57 -19.69
CA ASN V 88 24.85 28.92 -19.78
C ASN V 88 25.96 29.99 -19.77
N LYS V 89 27.18 29.63 -19.34
CA LYS V 89 28.32 30.54 -19.25
C LYS V 89 29.28 30.37 -20.43
N TYR V 90 29.63 29.12 -20.81
CA TYR V 90 30.61 28.84 -21.86
C TYR V 90 29.96 28.45 -23.21
N LYS V 91 28.61 28.33 -23.24
CA LYS V 91 27.79 27.98 -24.41
C LYS V 91 28.35 26.70 -25.09
N LEU V 92 28.62 25.67 -24.27
CA LEU V 92 29.17 24.37 -24.67
C LEU V 92 28.21 23.61 -25.57
N LYS V 93 28.68 23.26 -26.77
CA LYS V 93 27.92 22.52 -27.77
C LYS V 93 28.36 21.05 -27.81
N GLU V 94 27.68 20.23 -28.60
CA GLU V 94 27.97 18.81 -28.76
C GLU V 94 28.20 18.44 -30.23
N GLY V 95 29.23 17.63 -30.47
CA GLY V 95 29.61 17.17 -31.80
C GLY V 95 30.79 17.94 -32.38
N ASN V 96 30.75 18.24 -33.68
CA ASN V 96 31.78 18.99 -34.39
C ASN V 96 31.18 20.28 -34.97
N PRO V 97 31.12 21.37 -34.18
CA PRO V 97 30.52 22.62 -34.67
C PRO V 97 31.55 23.54 -35.36
N SER V 98 31.24 24.85 -35.48
CA SER V 98 32.09 25.86 -36.11
C SER V 98 33.35 26.17 -35.27
N ARG V 99 34.35 26.83 -35.91
CA ARG V 99 35.63 27.24 -35.34
C ARG V 99 35.44 28.18 -34.13
N ASP V 100 34.40 29.04 -34.18
CA ASP V 100 34.07 30.00 -33.12
C ASP V 100 33.33 29.33 -31.94
N GLU V 101 32.87 28.07 -32.11
CA GLU V 101 32.16 27.33 -31.07
C GLU V 101 33.10 26.41 -30.26
N LEU V 102 32.64 25.96 -29.07
CA LEU V 102 33.42 25.11 -28.18
C LEU V 102 32.67 23.86 -27.72
N THR V 103 33.42 22.77 -27.50
CA THR V 103 32.95 21.49 -26.97
C THR V 103 33.85 21.09 -25.79
N LEU V 104 33.38 20.14 -24.95
CA LEU V 104 34.15 19.62 -23.80
C LEU V 104 35.43 18.92 -24.25
N SER V 105 35.40 18.30 -25.44
CA SER V 105 36.54 17.60 -26.05
C SER V 105 37.62 18.59 -26.51
N ARG V 106 37.20 19.76 -27.02
CA ARG V 106 38.10 20.82 -27.49
C ARG V 106 38.88 21.47 -26.34
N VAL V 107 38.23 21.64 -25.16
CA VAL V 107 38.83 22.22 -23.95
C VAL V 107 39.93 21.26 -23.43
N ALA V 108 39.65 19.95 -23.43
CA ALA V 108 40.57 18.90 -22.99
C ALA V 108 41.75 18.74 -23.95
N ALA V 109 41.51 18.98 -25.26
CA ALA V 109 42.54 18.87 -26.30
C ALA V 109 43.51 20.05 -26.28
N ALA V 110 42.99 21.29 -26.06
CA ALA V 110 43.79 22.52 -26.01
C ALA V 110 44.71 22.55 -24.78
N LEU V 111 44.20 22.08 -23.63
CA LEU V 111 44.95 22.02 -22.37
C LEU V 111 45.37 20.57 -22.11
N ALA V 112 46.11 19.98 -23.08
CA ALA V 112 46.58 18.59 -23.07
C ALA V 112 47.48 18.24 -21.88
N GLY V 113 48.27 19.21 -21.43
CA GLY V 113 49.20 19.05 -20.30
C GLY V 113 48.51 18.73 -18.99
N ARG V 114 47.41 19.45 -18.67
CA ARG V 114 46.62 19.26 -17.45
C ARG V 114 45.75 17.98 -17.58
N THR V 115 45.24 17.72 -18.80
CA THR V 115 44.39 16.58 -19.15
C THR V 115 45.14 15.25 -18.92
N CYS V 116 46.40 15.15 -19.39
CA CYS V 116 47.25 13.95 -19.25
C CYS V 116 47.58 13.66 -17.78
N GLN V 117 47.79 14.73 -16.98
CA GLN V 117 48.10 14.63 -15.55
C GLN V 117 46.88 14.18 -14.74
N ALA V 118 45.67 14.55 -15.21
CA ALA V 118 44.38 14.21 -14.58
C ALA V 118 44.05 12.72 -14.74
N LEU V 119 44.63 12.06 -15.76
CA LEU V 119 44.43 10.64 -16.07
C LEU V 119 45.05 9.72 -15.01
N VAL V 120 46.05 10.21 -14.26
CA VAL V 120 46.73 9.47 -13.18
C VAL V 120 45.73 9.30 -12.02
N VAL V 121 44.97 10.37 -11.70
CA VAL V 121 43.96 10.38 -10.65
C VAL V 121 42.71 9.64 -11.18
N LEU V 122 42.16 10.12 -12.33
CA LEU V 122 40.99 9.52 -12.98
C LEU V 122 41.44 8.35 -13.85
N SER V 123 41.76 7.21 -13.22
CA SER V 123 42.24 6.01 -13.91
C SER V 123 41.14 4.98 -14.10
N GLU V 124 40.35 4.73 -13.04
CA GLU V 124 39.29 3.72 -13.05
C GLU V 124 37.89 4.32 -13.35
N TRP V 125 37.83 5.64 -13.62
CA TRP V 125 36.58 6.33 -13.92
C TRP V 125 36.41 6.59 -15.44
N LEU V 126 37.45 6.28 -16.23
CA LEU V 126 37.47 6.42 -17.69
C LEU V 126 36.62 5.31 -18.36
N PRO V 127 36.18 5.45 -19.65
CA PRO V 127 35.41 4.35 -20.28
C PRO V 127 36.23 3.06 -20.37
N VAL V 128 37.56 3.20 -20.57
CA VAL V 128 38.53 2.11 -20.59
C VAL V 128 39.41 2.32 -19.35
N THR V 129 39.28 1.43 -18.35
CA THR V 129 40.02 1.52 -17.08
C THR V 129 41.50 1.16 -17.27
N GLY V 130 42.33 1.60 -16.32
CA GLY V 130 43.76 1.35 -16.28
C GLY V 130 44.11 -0.12 -16.10
N THR V 131 43.25 -0.86 -15.36
CA THR V 131 43.39 -2.29 -15.08
C THR V 131 43.17 -3.08 -16.38
N THR V 132 42.26 -2.62 -17.25
CA THR V 132 41.94 -3.24 -18.55
C THR V 132 43.15 -3.07 -19.49
N MET V 133 43.78 -1.88 -19.47
CA MET V 133 44.97 -1.57 -20.28
C MET V 133 46.21 -2.33 -19.78
N ASP V 134 46.25 -2.64 -18.47
CA ASP V 134 47.33 -3.39 -17.83
C ASP V 134 47.33 -4.87 -18.28
N GLY V 135 46.15 -5.38 -18.64
CA GLY V 135 45.96 -6.74 -19.11
C GLY V 135 46.54 -6.97 -20.49
N LEU V 136 46.44 -5.95 -21.36
CA LEU V 136 46.97 -5.97 -22.74
C LEU V 136 48.48 -5.77 -22.72
N SER V 137 48.94 -4.74 -21.97
CA SER V 137 50.36 -4.40 -21.82
C SER V 137 50.65 -4.14 -20.33
N PRO V 138 51.58 -4.90 -19.68
CA PRO V 138 51.85 -4.68 -18.25
C PRO V 138 52.38 -3.27 -17.97
N ALA V 139 51.80 -2.62 -16.94
CA ALA V 139 52.08 -1.26 -16.46
C ALA V 139 51.99 -0.23 -17.61
N TYR V 140 50.79 -0.14 -18.23
CA TYR V 140 50.51 0.78 -19.34
C TYR V 140 50.57 2.24 -18.87
N PRO V 141 51.24 3.16 -19.63
CA PRO V 141 51.31 4.57 -19.20
C PRO V 141 49.95 5.24 -19.16
N ARG V 142 49.57 5.74 -17.96
CA ARG V 142 48.29 6.39 -17.68
C ARG V 142 48.11 7.71 -18.43
N HIS V 143 49.21 8.43 -18.71
CA HIS V 143 49.21 9.73 -19.42
C HIS V 143 48.76 9.60 -20.88
N MET V 144 48.91 8.41 -21.48
CA MET V 144 48.55 8.13 -22.88
C MET V 144 47.07 7.77 -23.06
N MET V 145 46.31 7.64 -21.95
CA MET V 145 44.92 7.20 -21.92
C MET V 145 43.87 8.30 -22.24
N HIS V 146 44.11 9.06 -23.33
CA HIS V 146 43.19 10.08 -23.87
C HIS V 146 43.67 10.55 -25.25
N PRO V 147 42.77 10.73 -26.25
CA PRO V 147 43.22 11.16 -27.59
C PRO V 147 43.96 12.51 -27.63
N SER V 148 43.81 13.34 -26.57
CA SER V 148 44.45 14.65 -26.44
C SER V 148 45.97 14.54 -26.20
N PHE V 149 46.48 13.34 -25.83
CA PHE V 149 47.89 13.07 -25.58
C PHE V 149 48.73 13.31 -26.85
N ALA V 150 48.13 13.16 -28.05
CA ALA V 150 48.77 13.38 -29.35
C ALA V 150 49.32 14.81 -29.49
N GLY V 151 48.74 15.75 -28.74
CA GLY V 151 49.17 17.15 -28.69
C GLY V 151 50.40 17.38 -27.82
N MET V 152 50.81 16.34 -27.05
CA MET V 152 51.98 16.37 -26.17
C MET V 152 53.17 15.62 -26.80
N VAL V 153 52.91 14.88 -27.91
CA VAL V 153 53.91 14.10 -28.66
C VAL V 153 54.80 15.05 -29.46
N ASP V 154 56.14 14.88 -29.33
CA ASP V 154 57.15 15.67 -30.02
C ASP V 154 57.48 15.03 -31.39
N PRO V 155 57.18 15.71 -32.53
CA PRO V 155 57.48 15.11 -33.84
C PRO V 155 58.97 15.14 -34.22
N SER V 156 59.78 15.99 -33.54
CA SER V 156 61.21 16.10 -33.81
C SER V 156 62.02 14.89 -33.28
N LEU V 157 61.35 14.00 -32.50
CA LEU V 157 61.92 12.77 -31.95
C LEU V 157 62.35 11.80 -33.06
N PRO V 158 63.41 10.96 -32.85
CA PRO V 158 63.82 10.02 -33.92
C PRO V 158 62.72 9.04 -34.33
N GLY V 159 62.74 8.66 -35.62
CA GLY V 159 61.78 7.77 -36.26
C GLY V 159 61.30 6.57 -35.44
N ASP V 160 62.25 5.76 -34.96
CA ASP V 160 61.97 4.56 -34.15
C ASP V 160 61.30 4.91 -32.82
N TYR V 161 61.72 6.03 -32.20
CA TYR V 161 61.18 6.50 -30.93
C TYR V 161 59.80 7.13 -31.10
N LEU V 162 59.62 7.96 -32.16
CA LEU V 162 58.37 8.64 -32.48
C LEU V 162 57.26 7.62 -32.78
N ARG V 163 57.59 6.54 -33.53
CA ARG V 163 56.66 5.47 -33.86
C ARG V 163 56.29 4.65 -32.63
N ALA V 164 57.26 4.46 -31.70
CA ALA V 164 57.07 3.71 -30.44
C ALA V 164 56.07 4.40 -29.51
N ILE V 165 56.05 5.76 -29.49
CA ILE V 165 55.13 6.56 -28.68
C ILE V 165 53.73 6.49 -29.31
N LEU V 166 53.63 6.64 -30.64
CA LEU V 166 52.37 6.62 -31.39
C LEU V 166 51.72 5.22 -31.38
N ASP V 167 52.51 4.14 -31.51
CA ASP V 167 52.02 2.75 -31.49
C ASP V 167 51.49 2.37 -30.10
N ALA V 168 52.16 2.86 -29.04
CA ALA V 168 51.76 2.62 -27.65
C ALA V 168 50.45 3.35 -27.33
N HIS V 169 50.31 4.60 -27.84
CA HIS V 169 49.13 5.43 -27.66
C HIS V 169 47.95 4.88 -28.47
N SER V 170 48.23 4.27 -29.65
CA SER V 170 47.23 3.67 -30.53
C SER V 170 46.55 2.45 -29.90
N LEU V 171 47.23 1.77 -28.93
CA LEU V 171 46.72 0.61 -28.20
C LEU V 171 45.47 1.00 -27.40
N TYR V 172 45.48 2.21 -26.79
CA TYR V 172 44.35 2.76 -26.04
C TYR V 172 43.25 3.17 -27.00
N LEU V 173 43.60 3.96 -28.05
CA LEU V 173 42.71 4.48 -29.08
C LEU V 173 41.87 3.37 -29.71
N LEU V 174 42.48 2.19 -29.96
CA LEU V 174 41.82 1.01 -30.53
C LEU V 174 40.72 0.51 -29.60
N GLN V 175 41.00 0.45 -28.28
CA GLN V 175 40.04 0.01 -27.26
C GLN V 175 38.97 1.08 -27.03
N PHE V 176 39.40 2.36 -26.91
CA PHE V 176 38.55 3.52 -26.65
C PHE V 176 37.55 3.78 -27.79
N SER V 177 38.02 3.81 -29.05
CA SER V 177 37.18 4.05 -30.23
C SER V 177 36.08 3.00 -30.38
N ARG V 178 36.38 1.74 -30.02
CA ARG V 178 35.41 0.65 -30.09
C ARG V 178 34.38 0.75 -28.95
N VAL V 179 34.73 1.39 -27.82
CA VAL V 179 33.83 1.56 -26.67
C VAL V 179 32.82 2.70 -26.98
N ILE V 180 33.31 3.90 -27.36
CA ILE V 180 32.46 5.06 -27.64
C ILE V 180 31.68 4.94 -28.96
N ASN V 181 32.26 4.27 -29.98
CA ASN V 181 31.63 4.07 -31.29
C ASN V 181 31.22 2.58 -31.39
N PRO V 182 29.91 2.26 -31.34
CA PRO V 182 29.49 0.85 -31.34
C PRO V 182 29.62 0.12 -32.68
N ASN V 183 29.57 0.84 -33.82
CA ASN V 183 29.67 0.21 -35.14
C ASN V 183 31.12 -0.21 -35.49
N LEU V 184 32.12 0.27 -34.73
CA LEU V 184 33.54 -0.07 -34.92
C LEU V 184 33.96 -1.33 -34.15
N ARG V 185 33.06 -1.88 -33.30
CA ARG V 185 33.28 -3.05 -32.45
C ARG V 185 33.62 -4.32 -33.24
N GLY V 186 32.85 -4.59 -34.30
CA GLY V 186 33.03 -5.77 -35.14
C GLY V 186 34.16 -5.67 -36.14
N ARG V 187 34.52 -4.42 -36.53
CA ARG V 187 35.57 -4.12 -37.49
C ARG V 187 36.97 -4.39 -36.93
N THR V 188 37.90 -4.87 -37.79
CA THR V 188 39.28 -5.24 -37.47
C THR V 188 40.14 -4.02 -37.06
N LYS V 189 41.35 -4.31 -36.50
CA LYS V 189 42.35 -3.35 -36.03
C LYS V 189 42.67 -2.27 -37.09
N GLU V 190 42.87 -2.69 -38.36
CA GLU V 190 43.20 -1.82 -39.48
C GLU V 190 42.06 -0.84 -39.80
N GLU V 191 40.80 -1.30 -39.69
CA GLU V 191 39.59 -0.50 -39.94
C GLU V 191 39.41 0.58 -38.87
N VAL V 192 39.66 0.24 -37.59
CA VAL V 192 39.55 1.14 -36.44
C VAL V 192 40.72 2.16 -36.48
N ALA V 193 41.93 1.70 -36.86
CA ALA V 193 43.13 2.53 -36.95
C ALA V 193 42.96 3.71 -37.91
N ALA V 194 42.33 3.47 -39.08
CA ALA V 194 42.07 4.48 -40.13
C ALA V 194 41.21 5.66 -39.66
N THR V 195 40.39 5.48 -38.62
CA THR V 195 39.51 6.54 -38.09
C THR V 195 40.23 7.48 -37.10
N PHE V 196 41.21 6.96 -36.30
CA PHE V 196 41.89 7.78 -35.30
C PHE V 196 43.31 8.24 -35.72
N THR V 197 43.96 7.59 -36.71
CA THR V 197 45.32 7.95 -37.15
C THR V 197 45.41 9.34 -37.77
N GLN V 198 44.36 9.78 -38.50
CA GLN V 198 44.32 11.10 -39.15
C GLN V 198 44.29 12.26 -38.12
N PRO V 199 43.35 12.33 -37.13
CA PRO V 199 43.39 13.45 -36.16
C PRO V 199 44.56 13.35 -35.17
N MET V 200 45.15 12.14 -35.00
CA MET V 200 46.29 11.91 -34.11
C MET V 200 47.55 12.58 -34.69
N ASN V 201 47.87 12.28 -35.97
CA ASN V 201 49.02 12.84 -36.69
C ASN V 201 48.92 14.36 -36.84
N ALA V 202 47.68 14.89 -36.96
CA ALA V 202 47.39 16.32 -37.08
C ALA V 202 47.75 17.06 -35.79
N ALA V 203 47.56 16.41 -34.62
CA ALA V 203 47.87 16.97 -33.31
C ALA V 203 49.38 16.90 -33.01
N VAL V 204 50.08 15.90 -33.56
CA VAL V 204 51.54 15.72 -33.39
C VAL V 204 52.26 16.78 -34.24
N ASN V 205 51.83 16.95 -35.50
CA ASN V 205 52.43 17.89 -36.46
C ASN V 205 51.91 19.34 -36.31
N SER V 206 51.03 19.61 -35.30
CA SER V 206 50.51 20.95 -35.04
C SER V 206 51.60 21.85 -34.45
N ASN V 207 51.59 23.14 -34.83
CA ASN V 207 52.58 24.14 -34.41
C ASN V 207 52.38 24.61 -32.94
N PHE V 208 51.24 24.28 -32.32
CA PHE V 208 50.94 24.66 -30.92
C PHE V 208 51.82 23.89 -29.94
N ILE V 209 52.59 24.64 -29.11
CA ILE V 209 53.58 24.19 -28.12
C ILE V 209 54.80 23.66 -28.89
N SER V 210 55.97 24.32 -28.71
CA SER V 210 57.23 24.00 -29.39
C SER V 210 57.71 22.56 -29.13
N HIS V 211 58.54 22.03 -30.05
CA HIS V 211 59.11 20.68 -30.04
C HIS V 211 59.91 20.38 -28.77
N GLU V 212 60.67 21.37 -28.28
CA GLU V 212 61.50 21.25 -27.07
C GLU V 212 60.64 21.22 -25.80
N LYS V 213 59.57 22.06 -25.75
CA LYS V 213 58.63 22.12 -24.62
C LYS V 213 57.80 20.84 -24.53
N ARG V 214 57.40 20.28 -25.69
CA ARG V 214 56.63 19.03 -25.79
C ARG V 214 57.47 17.86 -25.28
N ARG V 215 58.78 17.86 -25.59
CA ARG V 215 59.75 16.84 -25.19
C ARG V 215 59.93 16.85 -23.66
N GLU V 216 59.88 18.05 -23.05
CA GLU V 216 60.01 18.25 -21.59
C GLU V 216 58.84 17.61 -20.84
N PHE V 217 57.61 17.69 -21.40
CA PHE V 217 56.40 17.13 -20.82
C PHE V 217 56.48 15.61 -20.77
N LEU V 218 56.92 14.98 -21.88
CA LEU V 218 57.09 13.53 -22.01
C LEU V 218 58.14 13.00 -21.01
N LYS V 219 59.18 13.82 -20.72
CA LYS V 219 60.23 13.50 -19.74
C LYS V 219 59.69 13.61 -18.32
N ALA V 220 58.84 14.64 -18.07
CA ALA V 220 58.20 14.91 -16.78
C ALA V 220 57.16 13.84 -16.41
N PHE V 221 56.43 13.31 -17.41
CA PHE V 221 55.42 12.26 -17.21
C PHE V 221 56.08 10.89 -17.00
N GLY V 222 57.37 10.79 -17.33
CA GLY V 222 58.16 9.57 -17.21
C GLY V 222 57.95 8.62 -18.37
N LEU V 223 57.82 9.17 -19.58
CA LEU V 223 57.62 8.40 -20.82
C LEU V 223 58.93 8.20 -21.56
N VAL V 224 59.75 9.27 -21.68
CA VAL V 224 61.07 9.23 -22.35
C VAL V 224 62.18 9.66 -21.37
N ASP V 225 63.43 9.23 -21.63
CA ASP V 225 64.59 9.57 -20.80
C ASP V 225 65.16 10.96 -21.18
N SER V 226 66.36 11.30 -20.66
CA SER V 226 67.07 12.56 -20.88
C SER V 226 67.35 12.87 -22.37
N ASN V 227 67.55 11.81 -23.20
CA ASN V 227 67.83 11.96 -24.62
C ASN V 227 66.54 11.97 -25.45
N GLY V 228 65.71 10.93 -25.31
CA GLY V 228 64.45 10.80 -26.02
C GLY V 228 63.96 9.38 -26.21
N LYS V 229 64.70 8.40 -25.65
CA LYS V 229 64.38 6.97 -25.72
C LYS V 229 63.20 6.65 -24.79
N PRO V 230 62.11 6.01 -25.31
CA PRO V 230 60.96 5.69 -24.44
C PRO V 230 61.27 4.60 -23.41
N SER V 231 60.49 4.59 -22.31
CA SER V 231 60.62 3.62 -21.22
C SER V 231 60.14 2.22 -21.66
N ALA V 232 60.49 1.19 -20.85
CA ALA V 232 60.12 -0.22 -21.07
C ALA V 232 58.61 -0.42 -21.14
N ALA V 233 57.84 0.41 -20.40
CA ALA V 233 56.38 0.40 -20.35
C ALA V 233 55.78 0.82 -21.69
N VAL V 234 56.40 1.82 -22.35
CA VAL V 234 55.97 2.36 -23.65
C VAL V 234 56.34 1.35 -24.76
N MET V 235 57.56 0.78 -24.69
CA MET V 235 58.10 -0.19 -25.65
C MET V 235 57.25 -1.48 -25.69
N ALA V 236 56.76 -1.94 -24.51
CA ALA V 236 55.93 -3.13 -24.39
C ALA V 236 54.54 -2.90 -24.98
N ALA V 237 53.98 -1.68 -24.81
CA ALA V 237 52.68 -1.28 -25.33
C ALA V 237 52.70 -1.12 -26.85
N ALA V 238 53.86 -0.69 -27.39
CA ALA V 238 54.11 -0.53 -28.82
C ALA V 238 54.24 -1.89 -29.51
N GLN V 239 54.79 -2.90 -28.79
CA GLN V 239 54.95 -4.27 -29.27
C GLN V 239 53.60 -5.01 -29.22
N ALA V 240 52.76 -4.67 -28.21
CA ALA V 240 51.44 -5.25 -27.99
C ALA V 240 50.45 -4.86 -29.09
N TYR V 241 50.58 -3.62 -29.64
CA TYR V 241 49.73 -3.09 -30.71
C TYR V 241 50.00 -3.79 -32.05
N LYS V 242 51.26 -4.23 -32.26
CA LYS V 242 51.71 -4.93 -33.47
C LYS V 242 51.06 -6.31 -33.60
N THR V 243 50.82 -6.99 -32.45
CA THR V 243 50.22 -8.33 -32.39
C THR V 243 48.75 -8.28 -31.92
N ALA V 244 48.19 -7.05 -31.74
CA ALA V 244 46.81 -6.82 -31.30
C ALA V 244 45.77 -7.26 -32.35
N ALA V 245 44.57 -7.64 -31.88
CA ALA V 245 43.46 -8.07 -32.74
C ALA V 245 42.41 -6.96 -32.88
N GLN W 5 30.61 -20.94 -94.59
CA GLN W 5 30.41 -19.88 -93.61
C GLN W 5 31.64 -19.71 -92.70
N GLU W 6 32.37 -20.81 -92.42
CA GLU W 6 33.57 -20.80 -91.59
C GLU W 6 34.75 -20.25 -92.41
N LEU W 7 34.72 -18.92 -92.65
CA LEU W 7 35.73 -18.19 -93.41
C LEU W 7 36.53 -17.25 -92.51
N ALA W 8 36.27 -17.30 -91.20
CA ALA W 8 36.97 -16.50 -90.18
C ALA W 8 38.41 -16.97 -89.98
N ILE W 9 38.70 -18.25 -90.34
CA ILE W 9 40.01 -18.90 -90.26
C ILE W 9 41.01 -18.18 -91.17
N GLN W 10 40.60 -17.83 -92.41
CA GLN W 10 41.47 -17.13 -93.37
C GLN W 10 41.66 -15.65 -92.95
N PHE W 11 40.66 -15.06 -92.24
CA PHE W 11 40.74 -13.70 -91.70
C PHE W 11 41.73 -13.68 -90.53
N ALA W 12 41.79 -14.79 -89.76
CA ALA W 12 42.66 -14.99 -88.62
C ALA W 12 44.08 -15.36 -89.04
N ALA W 13 44.23 -16.09 -90.17
CA ALA W 13 45.51 -16.53 -90.73
C ALA W 13 46.35 -15.34 -91.23
N GLN W 14 45.70 -14.17 -91.45
CA GLN W 14 46.31 -12.92 -91.90
C GLN W 14 47.36 -12.43 -90.92
N ALA W 15 48.51 -11.94 -91.45
CA ALA W 15 49.61 -11.41 -90.64
C ALA W 15 49.21 -10.08 -90.01
N VAL W 16 49.36 -9.99 -88.68
CA VAL W 16 49.00 -8.78 -87.92
C VAL W 16 50.03 -7.67 -88.16
N ASP W 17 49.54 -6.50 -88.60
CA ASP W 17 50.37 -5.31 -88.85
C ASP W 17 50.47 -4.51 -87.56
N ARG W 18 51.66 -4.57 -86.91
CA ARG W 18 51.99 -3.93 -85.64
C ARG W 18 51.66 -2.43 -85.61
N ASN W 19 52.07 -1.69 -86.66
CA ASN W 19 51.86 -0.25 -86.74
C ASN W 19 50.44 0.15 -87.15
N GLU W 20 49.72 -0.72 -87.90
CA GLU W 20 48.33 -0.47 -88.32
C GLU W 20 47.41 -0.44 -87.09
N ILE W 21 47.70 -1.31 -86.11
CA ILE W 21 46.99 -1.43 -84.84
C ILE W 21 47.38 -0.23 -83.95
N GLU W 22 48.67 0.16 -83.98
CA GLU W 22 49.25 1.28 -83.21
C GLU W 22 48.61 2.63 -83.58
N GLN W 23 48.12 2.77 -84.82
CA GLN W 23 47.46 3.98 -85.32
C GLN W 23 46.06 4.12 -84.71
N TRP W 24 45.32 3.00 -84.62
CA TRP W 24 43.95 2.96 -84.11
C TRP W 24 43.88 3.04 -82.58
N VAL W 25 44.87 2.49 -81.85
CA VAL W 25 44.88 2.53 -80.38
C VAL W 25 45.06 3.99 -79.89
N ARG W 26 45.89 4.79 -80.60
CA ARG W 26 46.12 6.20 -80.30
C ARG W 26 44.92 7.05 -80.70
N GLU W 27 44.19 6.62 -81.76
CA GLU W 27 42.99 7.27 -82.27
C GLU W 27 41.81 7.02 -81.31
N PHE W 28 41.63 5.75 -80.87
CA PHE W 28 40.57 5.32 -79.97
C PHE W 28 41.05 5.28 -78.51
N ALA W 29 41.94 6.21 -78.12
CA ALA W 29 42.50 6.32 -76.78
C ALA W 29 41.54 7.06 -75.83
N TYR W 30 41.70 6.87 -74.51
CA TYR W 30 40.88 7.59 -73.53
C TYR W 30 41.32 9.05 -73.49
N GLN W 31 40.36 9.99 -73.56
CA GLN W 31 40.67 11.41 -73.52
C GLN W 31 40.04 12.10 -72.30
N GLY W 32 40.82 12.12 -71.23
CA GLY W 32 40.50 12.76 -69.95
C GLY W 32 41.70 13.57 -69.52
N PHE W 33 42.85 12.89 -69.38
CA PHE W 33 44.15 13.46 -69.08
C PHE W 33 45.13 13.04 -70.18
N ASP W 34 45.98 13.97 -70.61
CA ASP W 34 46.95 13.74 -71.70
C ASP W 34 48.28 14.48 -71.49
N ALA W 35 48.41 15.27 -70.40
CA ALA W 35 49.58 16.06 -69.97
C ALA W 35 49.98 17.19 -70.96
N ARG W 36 50.05 16.89 -72.29
CA ARG W 36 50.43 17.85 -73.32
C ARG W 36 49.46 19.02 -73.37
N ARG W 37 48.15 18.74 -73.27
CA ARG W 37 47.07 19.72 -73.29
C ARG W 37 47.10 20.60 -72.04
N VAL W 38 47.48 20.03 -70.88
CA VAL W 38 47.56 20.72 -69.59
C VAL W 38 48.59 21.88 -69.66
N ILE W 39 49.82 21.59 -70.12
CA ILE W 39 50.91 22.58 -70.27
C ILE W 39 50.51 23.62 -71.33
N GLU W 40 49.83 23.19 -72.41
CA GLU W 40 49.34 24.04 -73.50
C GLU W 40 48.30 25.03 -72.98
N LEU W 41 47.45 24.60 -72.02
CA LEU W 41 46.42 25.43 -71.40
C LEU W 41 47.00 26.31 -70.30
N LEU W 42 48.03 25.83 -69.56
CA LEU W 42 48.70 26.57 -68.49
C LEU W 42 49.38 27.84 -69.04
N LYS W 43 50.03 27.74 -70.21
CA LYS W 43 50.70 28.86 -70.88
C LYS W 43 49.68 29.77 -71.59
N GLN W 44 48.50 29.23 -71.92
CA GLN W 44 47.42 29.94 -72.59
C GLN W 44 46.74 30.93 -71.64
N TYR W 45 46.47 30.52 -70.38
CA TYR W 45 45.82 31.34 -69.37
C TYR W 45 46.82 32.14 -68.53
N GLY W 46 47.87 31.47 -68.05
CA GLY W 46 48.88 32.05 -67.17
C GLY W 46 49.90 32.97 -67.82
N GLY W 47 50.30 32.63 -69.04
CA GLY W 47 51.28 33.40 -69.81
C GLY W 47 52.70 33.24 -69.31
N ALA W 48 53.26 34.29 -68.71
CA ALA W 48 54.62 34.32 -68.17
C ALA W 48 54.67 33.87 -66.72
N ASP W 49 53.60 34.14 -65.95
CA ASP W 49 53.48 33.80 -64.54
C ASP W 49 52.90 32.38 -64.33
N TRP W 50 52.91 31.54 -65.39
CA TRP W 50 52.37 30.18 -65.35
C TRP W 50 53.23 29.23 -64.49
N GLU W 51 54.55 29.44 -64.45
CA GLU W 51 55.49 28.61 -63.69
C GLU W 51 55.36 28.82 -62.18
N LYS W 52 55.19 30.08 -61.73
CA LYS W 52 55.03 30.43 -60.31
C LYS W 52 53.69 29.93 -59.78
N ASP W 53 52.62 30.06 -60.59
CA ASP W 53 51.26 29.63 -60.23
C ASP W 53 51.14 28.11 -60.21
N ALA W 54 51.89 27.40 -61.09
CA ALA W 54 51.92 25.93 -61.16
C ALA W 54 52.50 25.35 -59.87
N LYS W 55 53.56 26.01 -59.33
CA LYS W 55 54.22 25.65 -58.07
C LYS W 55 53.25 25.80 -56.91
N LYS W 56 52.39 26.85 -56.95
CA LYS W 56 51.36 27.14 -55.95
C LYS W 56 50.25 26.09 -56.00
N MET W 57 49.85 25.69 -57.23
CA MET W 57 48.79 24.71 -57.48
C MET W 57 49.22 23.28 -57.09
N ILE W 58 50.54 22.98 -57.14
CA ILE W 58 51.06 21.66 -56.76
C ILE W 58 50.95 21.50 -55.24
N VAL W 59 51.36 22.54 -54.47
CA VAL W 59 51.31 22.58 -53.00
C VAL W 59 49.84 22.51 -52.52
N LEU W 60 48.93 23.19 -53.25
CA LEU W 60 47.49 23.26 -52.97
C LEU W 60 46.80 21.89 -53.16
N ALA W 61 47.12 21.18 -54.26
CA ALA W 61 46.55 19.87 -54.59
C ALA W 61 47.07 18.76 -53.67
N LEU W 62 48.33 18.87 -53.21
CA LEU W 62 49.00 17.88 -52.37
C LEU W 62 48.53 17.93 -50.91
N THR W 63 48.37 19.14 -50.34
CA THR W 63 47.99 19.34 -48.95
C THR W 63 46.47 19.32 -48.74
N ARG W 64 45.69 19.99 -49.62
CA ARG W 64 44.24 20.07 -49.48
C ARG W 64 43.51 19.01 -50.32
N GLY W 65 43.33 19.26 -51.62
CA GLY W 65 42.64 18.33 -52.51
C GLY W 65 42.43 18.81 -53.94
N ASN W 66 41.36 18.29 -54.58
CA ASN W 66 41.02 18.60 -55.98
C ASN W 66 39.88 19.63 -56.08
N LYS W 67 38.90 19.60 -55.15
CA LYS W 67 37.76 20.53 -55.14
C LYS W 67 38.20 21.91 -54.63
N PRO W 68 38.26 22.97 -55.49
CA PRO W 68 38.74 24.28 -55.01
C PRO W 68 37.71 25.10 -54.24
N ARG W 69 36.42 24.97 -54.59
CA ARG W 69 35.33 25.71 -53.93
C ARG W 69 35.02 25.13 -52.54
N ARG W 70 35.27 23.82 -52.34
CA ARG W 70 35.03 23.14 -51.07
C ARG W 70 36.13 23.43 -50.04
N MET W 71 37.40 23.52 -50.47
CA MET W 71 38.54 23.80 -49.59
C MET W 71 38.59 25.29 -49.18
N MET W 72 37.99 26.18 -50.00
CA MET W 72 37.93 27.62 -49.77
C MET W 72 37.06 27.98 -48.56
N MET W 73 36.08 27.12 -48.23
CA MET W 73 35.15 27.28 -47.11
C MET W 73 35.89 27.26 -45.76
N LYS W 74 36.88 26.36 -45.61
CA LYS W 74 37.68 26.23 -44.40
C LYS W 74 39.15 26.58 -44.72
N MET W 75 39.42 27.89 -44.93
CA MET W 75 40.73 28.43 -45.28
C MET W 75 40.87 29.89 -44.78
N SER W 76 42.13 30.36 -44.63
CA SER W 76 42.47 31.72 -44.19
C SER W 76 42.12 32.75 -45.27
N LYS W 77 41.98 34.04 -44.89
CA LYS W 77 41.67 35.17 -45.77
C LYS W 77 42.75 35.35 -46.86
N GLU W 78 44.02 35.08 -46.50
CA GLU W 78 45.18 35.16 -47.40
C GLU W 78 45.10 34.08 -48.48
N GLY W 79 44.69 32.88 -48.08
CA GLY W 79 44.51 31.74 -48.96
C GLY W 79 43.31 31.87 -49.87
N LYS W 80 42.16 32.33 -49.32
CA LYS W 80 40.89 32.55 -50.02
C LYS W 80 41.05 33.44 -51.26
N ALA W 81 41.86 34.51 -51.16
CA ALA W 81 42.10 35.45 -52.26
C ALA W 81 43.02 34.86 -53.33
N THR W 82 44.08 34.12 -52.91
CA THR W 82 45.07 33.51 -53.80
C THR W 82 44.47 32.33 -54.60
N VAL W 83 43.63 31.49 -53.94
CA VAL W 83 42.98 30.32 -54.55
C VAL W 83 41.94 30.80 -55.59
N GLU W 84 41.09 31.80 -55.24
CA GLU W 84 40.07 32.36 -56.12
C GLU W 84 40.69 33.02 -57.36
N ALA W 85 41.90 33.59 -57.21
CA ALA W 85 42.66 34.22 -58.30
C ALA W 85 43.06 33.19 -59.35
N LEU W 86 43.37 31.95 -58.92
CA LEU W 86 43.77 30.83 -59.78
C LEU W 86 42.57 30.24 -60.51
N ILE W 87 41.38 30.23 -59.86
CA ILE W 87 40.12 29.70 -60.42
C ILE W 87 39.63 30.63 -61.55
N ASN W 88 39.67 31.96 -61.33
CA ASN W 88 39.22 32.95 -62.31
C ASN W 88 40.20 33.12 -63.49
N LYS W 89 41.48 32.73 -63.33
CA LYS W 89 42.50 32.87 -64.37
C LYS W 89 42.62 31.59 -65.22
N TYR W 90 42.86 30.43 -64.58
CA TYR W 90 43.08 29.14 -65.25
C TYR W 90 41.77 28.36 -65.50
N LYS W 91 40.63 28.88 -65.03
CA LYS W 91 39.28 28.29 -65.16
C LYS W 91 39.28 26.85 -64.60
N LEU W 92 39.83 26.70 -63.37
CA LEU W 92 39.96 25.42 -62.66
C LEU W 92 38.60 24.88 -62.23
N LYS W 93 38.42 23.56 -62.40
CA LYS W 93 37.18 22.85 -62.07
C LYS W 93 37.43 21.74 -61.03
N GLU W 94 36.37 21.02 -60.65
CA GLU W 94 36.43 19.90 -59.70
C GLU W 94 35.80 18.65 -60.29
N GLY W 95 36.46 17.52 -60.06
CA GLY W 95 36.03 16.22 -60.55
C GLY W 95 36.74 15.78 -61.80
N ASN W 96 36.00 15.11 -62.72
CA ASN W 96 36.54 14.62 -63.98
C ASN W 96 35.80 15.30 -65.16
N PRO W 97 36.27 16.51 -65.60
CA PRO W 97 35.59 17.20 -66.70
C PRO W 97 36.15 16.83 -68.08
N SER W 98 35.91 17.68 -69.11
CA SER W 98 36.36 17.48 -70.49
C SER W 98 37.88 17.70 -70.64
N ARG W 99 38.42 17.32 -71.84
CA ARG W 99 39.83 17.42 -72.23
C ARG W 99 40.36 18.87 -72.16
N ASP W 100 39.54 19.85 -72.56
CA ASP W 100 39.89 21.27 -72.58
C ASP W 100 39.82 21.94 -71.19
N GLU W 101 39.34 21.22 -70.16
CA GLU W 101 39.22 21.74 -68.80
C GLU W 101 40.42 21.36 -67.93
N LEU W 102 40.72 22.19 -66.91
CA LEU W 102 41.83 22.00 -65.98
C LEU W 102 41.35 21.77 -64.55
N THR W 103 42.04 20.89 -63.82
CA THR W 103 41.81 20.58 -62.40
C THR W 103 43.16 20.60 -61.67
N LEU W 104 43.15 20.75 -60.34
CA LEU W 104 44.36 20.79 -59.51
C LEU W 104 45.15 19.47 -59.58
N SER W 105 44.44 18.33 -59.73
CA SER W 105 45.03 17.00 -59.83
C SER W 105 45.73 16.80 -61.19
N ARG W 106 45.18 17.40 -62.27
CA ARG W 106 45.72 17.32 -63.62
C ARG W 106 47.03 18.11 -63.76
N VAL W 107 47.16 19.24 -63.05
CA VAL W 107 48.35 20.09 -63.05
C VAL W 107 49.50 19.34 -62.33
N ALA W 108 49.18 18.67 -61.21
CA ALA W 108 50.13 17.89 -60.42
C ALA W 108 50.57 16.62 -61.15
N ALA W 109 49.68 16.03 -61.98
CA ALA W 109 49.95 14.81 -62.75
C ALA W 109 50.83 15.10 -63.97
N ALA W 110 50.60 16.25 -64.67
CA ALA W 110 51.36 16.66 -65.85
C ALA W 110 52.80 17.03 -65.49
N LEU W 111 52.99 17.72 -64.36
CA LEU W 111 54.30 18.15 -63.85
C LEU W 111 54.70 17.23 -62.69
N ALA W 112 54.75 15.91 -62.98
CA ALA W 112 55.07 14.83 -62.05
C ALA W 112 56.46 14.95 -61.40
N GLY W 113 57.42 15.51 -62.13
CA GLY W 113 58.79 15.70 -61.67
C GLY W 113 58.93 16.66 -60.50
N ARG W 114 58.24 17.81 -60.57
CA ARG W 114 58.23 18.84 -59.52
C ARG W 114 57.37 18.37 -58.34
N THR W 115 56.25 17.66 -58.62
CA THR W 115 55.29 17.14 -57.65
C THR W 115 55.96 16.13 -56.71
N CYS W 116 56.76 15.18 -57.25
CA CYS W 116 57.48 14.15 -56.49
C CYS W 116 58.54 14.75 -55.58
N GLN W 117 59.22 15.83 -56.05
CA GLN W 117 60.26 16.54 -55.30
C GLN W 117 59.66 17.34 -54.14
N ALA W 118 58.41 17.83 -54.32
CA ALA W 118 57.67 18.61 -53.33
C ALA W 118 57.22 17.75 -52.14
N LEU W 119 57.11 16.42 -52.34
CA LEU W 119 56.69 15.45 -51.34
C LEU W 119 57.73 15.28 -50.21
N VAL W 120 59.01 15.59 -50.51
CA VAL W 120 60.12 15.51 -49.54
C VAL W 120 59.93 16.61 -48.49
N VAL W 121 59.53 17.83 -48.93
CA VAL W 121 59.26 18.98 -48.06
C VAL W 121 57.88 18.76 -47.41
N LEU W 122 56.82 18.57 -48.21
CA LEU W 122 55.46 18.34 -47.74
C LEU W 122 55.29 16.84 -47.42
N SER W 123 55.84 16.41 -46.28
CA SER W 123 55.79 15.00 -45.87
C SER W 123 54.71 14.76 -44.81
N GLU W 124 54.62 15.65 -43.81
CA GLU W 124 53.68 15.51 -42.70
C GLU W 124 52.39 16.33 -42.92
N TRP W 125 52.26 17.01 -44.08
CA TRP W 125 51.09 17.83 -44.42
C TRP W 125 50.13 17.10 -45.38
N LEU W 126 50.55 15.92 -45.88
CA LEU W 126 49.76 15.07 -46.78
C LEU W 126 48.63 14.35 -46.00
N PRO W 127 47.56 13.80 -46.67
CA PRO W 127 46.53 13.07 -45.90
C PRO W 127 47.10 11.84 -45.18
N VAL W 128 48.10 11.20 -45.82
CA VAL W 128 48.85 10.06 -45.27
C VAL W 128 50.27 10.59 -45.03
N THR W 129 50.65 10.71 -43.76
CA THR W 129 51.97 11.24 -43.36
C THR W 129 53.09 10.21 -43.62
N GLY W 130 54.32 10.71 -43.72
CA GLY W 130 55.53 9.91 -43.93
C GLY W 130 55.84 8.97 -42.78
N THR W 131 55.49 9.39 -41.55
CA THR W 131 55.68 8.61 -40.32
C THR W 131 54.75 7.39 -40.32
N THR W 132 53.52 7.55 -40.87
CA THR W 132 52.51 6.48 -41.00
C THR W 132 53.01 5.43 -41.99
N MET W 133 53.62 5.87 -43.11
CA MET W 133 54.18 5.00 -44.15
C MET W 133 55.44 4.29 -43.66
N ASP W 134 56.19 4.91 -42.72
CA ASP W 134 57.40 4.36 -42.13
C ASP W 134 57.08 3.18 -41.20
N GLY W 135 55.87 3.17 -40.63
CA GLY W 135 55.39 2.12 -39.75
C GLY W 135 55.10 0.83 -40.49
N LEU W 136 54.57 0.94 -41.73
CA LEU W 136 54.26 -0.19 -42.60
C LEU W 136 55.55 -0.76 -43.22
N SER W 137 56.39 0.13 -43.77
CA SER W 137 57.69 -0.20 -44.38
C SER W 137 58.76 0.77 -43.88
N PRO W 138 59.85 0.29 -43.22
CA PRO W 138 60.87 1.21 -42.72
C PRO W 138 61.54 2.01 -43.83
N ALA W 139 61.67 3.35 -43.60
CA ALA W 139 62.24 4.36 -44.52
C ALA W 139 61.58 4.29 -45.91
N TYR W 140 60.24 4.51 -45.94
CA TYR W 140 59.44 4.49 -47.18
C TYR W 140 59.83 5.67 -48.09
N PRO W 141 60.01 5.42 -49.43
CA PRO W 141 60.39 6.53 -50.33
C PRO W 141 59.30 7.61 -50.41
N ARG W 142 59.68 8.85 -50.06
CA ARG W 142 58.80 10.03 -50.01
C ARG W 142 58.30 10.43 -51.40
N HIS W 143 59.10 10.18 -52.47
CA HIS W 143 58.78 10.53 -53.86
C HIS W 143 57.58 9.72 -54.42
N MET W 144 57.30 8.54 -53.84
CA MET W 144 56.21 7.64 -54.27
C MET W 144 54.86 8.02 -53.63
N MET W 145 54.85 8.99 -52.69
CA MET W 145 53.69 9.38 -51.91
C MET W 145 52.70 10.34 -52.63
N HIS W 146 52.33 10.00 -53.88
CA HIS W 146 51.33 10.71 -54.71
C HIS W 146 51.00 9.89 -55.96
N PRO W 147 49.71 9.78 -56.37
CA PRO W 147 49.37 8.98 -57.56
C PRO W 147 50.03 9.44 -58.87
N SER W 148 50.54 10.70 -58.91
CA SER W 148 51.23 11.28 -60.07
C SER W 148 52.62 10.68 -60.31
N PHE W 149 53.16 9.92 -59.31
CA PHE W 149 54.47 9.26 -59.40
C PHE W 149 54.49 8.21 -60.54
N ALA W 150 53.31 7.64 -60.87
CA ALA W 150 53.13 6.65 -61.93
C ALA W 150 53.59 7.19 -63.31
N GLY W 151 53.58 8.51 -63.47
CA GLY W 151 54.03 9.21 -64.67
C GLY W 151 55.54 9.34 -64.76
N MET W 152 56.25 9.00 -63.65
CA MET W 152 57.71 9.03 -63.56
C MET W 152 58.31 7.61 -63.69
N VAL W 153 57.44 6.57 -63.62
CA VAL W 153 57.82 5.16 -63.71
C VAL W 153 58.18 4.81 -65.18
N ASP W 154 59.35 4.18 -65.37
CA ASP W 154 59.86 3.76 -66.68
C ASP W 154 59.35 2.34 -67.02
N PRO W 155 58.51 2.17 -68.07
CA PRO W 155 57.99 0.83 -68.40
C PRO W 155 59.02 -0.09 -69.08
N SER W 156 60.12 0.48 -69.62
CA SER W 156 61.18 -0.27 -70.29
C SER W 156 62.05 -1.06 -69.30
N LEU W 157 61.89 -0.79 -67.97
CA LEU W 157 62.60 -1.47 -66.88
C LEU W 157 62.29 -2.97 -66.85
N PRO W 158 63.23 -3.85 -66.41
CA PRO W 158 62.93 -5.30 -66.37
C PRO W 158 61.73 -5.65 -65.48
N GLY W 159 61.01 -6.70 -65.88
CA GLY W 159 59.80 -7.21 -65.23
C GLY W 159 59.80 -7.20 -63.71
N ASP W 160 60.82 -7.84 -63.10
CA ASP W 160 60.98 -7.95 -61.64
C ASP W 160 61.18 -6.58 -60.99
N TYR W 161 61.92 -5.68 -61.67
CA TYR W 161 62.21 -4.33 -61.19
C TYR W 161 61.00 -3.41 -61.34
N LEU W 162 60.31 -3.49 -62.50
CA LEU W 162 59.12 -2.69 -62.83
C LEU W 162 57.98 -3.00 -61.84
N ARG W 163 57.79 -4.29 -61.51
CA ARG W 163 56.77 -4.74 -60.55
C ARG W 163 57.11 -4.29 -59.13
N ALA W 164 58.42 -4.26 -58.78
CA ALA W 164 58.92 -3.83 -57.46
C ALA W 164 58.64 -2.35 -57.20
N ILE W 165 58.70 -1.50 -58.25
CA ILE W 165 58.44 -0.06 -58.16
C ILE W 165 56.92 0.14 -57.99
N LEU W 166 56.11 -0.57 -58.80
CA LEU W 166 54.64 -0.49 -58.79
C LEU W 166 54.03 -1.03 -57.50
N ASP W 167 54.57 -2.15 -56.96
CA ASP W 167 54.09 -2.76 -55.70
C ASP W 167 54.40 -1.86 -54.50
N ALA W 168 55.56 -1.19 -54.51
CA ALA W 168 55.99 -0.26 -53.46
C ALA W 168 55.12 0.99 -53.47
N HIS W 169 54.79 1.50 -54.68
CA HIS W 169 53.94 2.67 -54.89
C HIS W 169 52.48 2.36 -54.53
N SER W 170 52.04 1.10 -54.75
CA SER W 170 50.68 0.63 -54.45
C SER W 170 50.41 0.59 -52.93
N LEU W 171 51.48 0.49 -52.10
CA LEU W 171 51.40 0.48 -50.64
C LEU W 171 50.83 1.82 -50.13
N TYR W 172 51.24 2.95 -50.76
CA TYR W 172 50.74 4.27 -50.44
C TYR W 172 49.31 4.42 -50.94
N LEU W 173 49.07 4.06 -52.23
CA LEU W 173 47.78 4.14 -52.92
C LEU W 173 46.68 3.40 -52.15
N LEU W 174 47.03 2.26 -51.51
CA LEU W 174 46.12 1.46 -50.69
C LEU W 174 45.65 2.28 -49.47
N GLN W 175 46.59 2.98 -48.82
CA GLN W 175 46.32 3.80 -47.64
C GLN W 175 45.63 5.11 -48.04
N PHE W 176 46.11 5.77 -49.11
CA PHE W 176 45.61 7.05 -49.63
C PHE W 176 44.17 6.95 -50.13
N SER W 177 43.85 5.94 -50.99
CA SER W 177 42.52 5.73 -51.55
C SER W 177 41.47 5.49 -50.45
N ARG W 178 41.86 4.81 -49.35
CA ARG W 178 40.95 4.56 -48.22
C ARG W 178 40.74 5.83 -47.39
N VAL W 179 41.70 6.76 -47.40
CA VAL W 179 41.59 8.01 -46.64
C VAL W 179 40.67 9.00 -47.40
N ILE W 180 40.93 9.23 -48.70
CA ILE W 180 40.16 10.17 -49.53
C ILE W 180 38.75 9.63 -49.86
N ASN W 181 38.60 8.31 -50.04
CA ASN W 181 37.30 7.67 -50.32
C ASN W 181 36.85 6.89 -49.07
N PRO W 182 35.77 7.34 -48.39
CA PRO W 182 35.35 6.67 -47.14
C PRO W 182 34.69 5.31 -47.30
N ASN W 183 34.04 5.04 -48.45
CA ASN W 183 33.35 3.76 -48.68
C ASN W 183 34.33 2.61 -48.99
N LEU W 184 35.61 2.92 -49.29
CA LEU W 184 36.64 1.92 -49.58
C LEU W 184 37.39 1.46 -48.31
N ARG W 185 37.10 2.09 -47.16
CA ARG W 185 37.71 1.82 -45.84
C ARG W 185 37.50 0.38 -45.36
N GLY W 186 36.25 -0.11 -45.45
CA GLY W 186 35.87 -1.44 -45.03
C GLY W 186 36.25 -2.55 -45.99
N ARG W 187 36.39 -2.21 -47.28
CA ARG W 187 36.73 -3.13 -48.36
C ARG W 187 38.20 -3.59 -48.29
N THR W 188 38.45 -4.86 -48.64
CA THR W 188 39.77 -5.53 -48.62
C THR W 188 40.77 -4.94 -49.62
N LYS W 189 42.06 -5.32 -49.47
CA LYS W 189 43.20 -4.90 -50.29
C LYS W 189 42.94 -5.07 -51.79
N GLU W 190 42.37 -6.22 -52.20
CA GLU W 190 42.06 -6.56 -53.59
C GLU W 190 41.00 -5.62 -54.18
N GLU W 191 39.99 -5.24 -53.37
CA GLU W 191 38.89 -4.35 -53.76
C GLU W 191 39.40 -2.93 -53.99
N VAL W 192 40.31 -2.45 -53.12
CA VAL W 192 40.92 -1.11 -53.19
C VAL W 192 41.92 -1.06 -54.37
N ALA W 193 42.69 -2.16 -54.58
CA ALA W 193 43.69 -2.27 -55.66
C ALA W 193 43.08 -2.07 -57.05
N ALA W 194 41.90 -2.68 -57.31
CA ALA W 194 41.20 -2.60 -58.59
C ALA W 194 40.82 -1.17 -59.00
N THR W 195 40.65 -0.24 -58.03
CA THR W 195 40.28 1.15 -58.32
C THR W 195 41.48 2.01 -58.75
N PHE W 196 42.70 1.76 -58.22
CA PHE W 196 43.87 2.58 -58.55
C PHE W 196 44.85 1.93 -59.56
N THR W 197 44.80 0.61 -59.78
CA THR W 197 45.70 -0.09 -60.71
C THR W 197 45.50 0.32 -62.17
N GLN W 198 44.26 0.61 -62.59
CA GLN W 198 43.92 1.01 -63.96
C GLN W 198 44.52 2.41 -64.31
N PRO W 199 44.30 3.51 -63.55
CA PRO W 199 44.93 4.79 -63.94
C PRO W 199 46.45 4.83 -63.71
N MET W 200 46.97 3.93 -62.85
CA MET W 200 48.41 3.82 -62.55
C MET W 200 49.15 3.28 -63.77
N ASN W 201 48.69 2.13 -64.33
CA ASN W 201 49.28 1.48 -65.50
C ASN W 201 49.17 2.37 -66.75
N ALA W 202 48.11 3.19 -66.85
CA ALA W 202 47.87 4.12 -67.95
C ALA W 202 48.92 5.24 -67.97
N ALA W 203 49.38 5.67 -66.77
CA ALA W 203 50.39 6.72 -66.61
C ALA W 203 51.80 6.19 -66.86
N VAL W 204 52.04 4.89 -66.57
CA VAL W 204 53.33 4.22 -66.79
C VAL W 204 53.52 3.99 -68.30
N ASN W 205 52.47 3.49 -68.97
CA ASN W 205 52.48 3.18 -70.40
C ASN W 205 52.22 4.40 -71.30
N SER W 206 52.06 5.62 -70.71
CA SER W 206 51.83 6.85 -71.47
C SER W 206 53.12 7.28 -72.19
N ASN W 207 52.97 7.82 -73.41
CA ASN W 207 54.07 8.25 -74.28
C ASN W 207 54.74 9.56 -73.81
N PHE W 208 54.13 10.29 -72.85
CA PHE W 208 54.67 11.56 -72.33
C PHE W 208 55.91 11.31 -71.46
N ILE W 209 57.04 11.94 -71.85
CA ILE W 209 58.40 11.84 -71.27
C ILE W 209 58.96 10.46 -71.63
N SER W 210 60.07 10.45 -72.40
CA SER W 210 60.74 9.24 -72.90
C SER W 210 61.20 8.31 -71.77
N HIS W 211 61.35 7.00 -72.11
CA HIS W 211 61.76 5.91 -71.22
C HIS W 211 63.10 6.18 -70.53
N GLU W 212 64.07 6.75 -71.27
CA GLU W 212 65.42 7.07 -70.79
C GLU W 212 65.39 8.25 -69.82
N LYS W 213 64.58 9.29 -70.13
CA LYS W 213 64.42 10.49 -69.29
C LYS W 213 63.72 10.14 -67.98
N ARG W 214 62.71 9.24 -68.04
CA ARG W 214 61.94 8.76 -66.88
C ARG W 214 62.85 7.97 -65.93
N ARG W 215 63.78 7.17 -66.50
CA ARG W 215 64.75 6.36 -65.78
C ARG W 215 65.75 7.25 -65.02
N GLU W 216 66.11 8.41 -65.62
CA GLU W 216 67.03 9.40 -65.04
C GLU W 216 66.44 10.02 -63.77
N PHE W 217 65.11 10.29 -63.77
CA PHE W 217 64.39 10.87 -62.63
C PHE W 217 64.40 9.92 -61.43
N LEU W 218 64.13 8.62 -61.67
CA LEU W 218 64.12 7.57 -60.65
C LEU W 218 65.50 7.41 -60.02
N LYS W 219 66.57 7.60 -60.82
CA LYS W 219 67.97 7.55 -60.38
C LYS W 219 68.30 8.77 -59.52
N ALA W 220 67.79 9.95 -59.94
CA ALA W 220 67.99 11.24 -59.27
C ALA W 220 67.28 11.29 -57.91
N PHE W 221 66.07 10.67 -57.81
CA PHE W 221 65.31 10.62 -56.57
C PHE W 221 65.89 9.60 -55.57
N GLY W 222 66.77 8.73 -56.07
CA GLY W 222 67.42 7.69 -55.28
C GLY W 222 66.56 6.46 -55.10
N LEU W 223 65.81 6.08 -56.15
CA LEU W 223 64.92 4.93 -56.15
C LEU W 223 65.60 3.72 -56.80
N VAL W 224 66.27 3.92 -57.95
CA VAL W 224 67.00 2.87 -58.67
C VAL W 224 68.49 3.25 -58.83
N ASP W 225 69.36 2.24 -59.01
CA ASP W 225 70.80 2.44 -59.18
C ASP W 225 71.15 2.79 -60.66
N SER W 226 72.45 2.78 -61.01
CA SER W 226 72.99 3.08 -62.35
C SER W 226 72.42 2.18 -63.46
N ASN W 227 72.07 0.93 -63.14
CA ASN W 227 71.53 -0.04 -64.10
C ASN W 227 69.99 0.04 -64.17
N GLY W 228 69.32 -0.10 -63.03
CA GLY W 228 67.87 -0.06 -62.92
C GLY W 228 67.28 -0.84 -61.76
N LYS W 229 68.15 -1.43 -60.91
CA LYS W 229 67.77 -2.20 -59.73
C LYS W 229 67.28 -1.26 -58.62
N PRO W 230 66.06 -1.48 -58.05
CA PRO W 230 65.57 -0.59 -56.99
C PRO W 230 66.33 -0.76 -55.67
N SER W 231 66.30 0.29 -54.84
CA SER W 231 66.95 0.33 -53.53
C SER W 231 66.25 -0.58 -52.51
N ALA W 232 66.93 -0.86 -51.38
CA ALA W 232 66.43 -1.69 -50.27
C ALA W 232 65.12 -1.16 -49.68
N ALA W 233 64.94 0.17 -49.71
CA ALA W 233 63.75 0.88 -49.22
C ALA W 233 62.53 0.56 -50.09
N VAL W 234 62.72 0.48 -51.42
CA VAL W 234 61.68 0.17 -52.40
C VAL W 234 61.32 -1.32 -52.32
N MET W 235 62.35 -2.21 -52.21
CA MET W 235 62.21 -3.66 -52.11
C MET W 235 61.42 -4.09 -50.87
N ALA W 236 61.65 -3.38 -49.73
CA ALA W 236 60.96 -3.64 -48.46
C ALA W 236 59.49 -3.24 -48.54
N ALA W 237 59.19 -2.12 -49.23
CA ALA W 237 57.83 -1.61 -49.43
C ALA W 237 57.02 -2.49 -50.37
N ALA W 238 57.67 -3.10 -51.38
CA ALA W 238 57.05 -4.02 -52.33
C ALA W 238 56.68 -5.34 -51.66
N GLN W 239 57.53 -5.80 -50.70
CA GLN W 239 57.33 -7.02 -49.93
C GLN W 239 56.23 -6.81 -48.88
N ALA W 240 56.12 -5.56 -48.34
CA ALA W 240 55.12 -5.18 -47.35
C ALA W 240 53.71 -5.17 -47.93
N TYR W 241 53.57 -4.83 -49.24
CA TYR W 241 52.31 -4.79 -49.96
C TYR W 241 51.75 -6.21 -50.20
N LYS W 242 52.65 -7.20 -50.35
CA LYS W 242 52.32 -8.60 -50.58
C LYS W 242 51.63 -9.23 -49.36
N THR W 243 52.04 -8.80 -48.15
CA THR W 243 51.51 -9.30 -46.86
C THR W 243 50.55 -8.27 -46.20
N ALA W 244 50.24 -7.15 -46.91
CA ALA W 244 49.36 -6.08 -46.44
C ALA W 244 47.90 -6.54 -46.32
N ALA W 245 47.14 -5.92 -45.41
CA ALA W 245 45.72 -6.20 -45.16
C ALA W 245 44.83 -5.14 -45.79
N GLN X 5 2.81 -51.94 -62.26
CA GLN X 5 3.14 -50.55 -62.56
C GLN X 5 4.66 -50.35 -62.68
N GLU X 6 5.46 -51.14 -61.92
CA GLU X 6 6.91 -51.07 -61.97
C GLU X 6 7.44 -51.78 -63.23
N LEU X 7 7.24 -51.12 -64.39
CA LEU X 7 7.65 -51.57 -65.71
C LEU X 7 8.75 -50.65 -66.28
N ALA X 8 9.20 -49.68 -65.46
CA ALA X 8 10.27 -48.73 -65.78
C ALA X 8 11.63 -49.42 -65.86
N ILE X 9 11.77 -50.58 -65.17
CA ILE X 9 12.99 -51.42 -65.13
C ILE X 9 13.29 -51.94 -66.55
N GLN X 10 12.23 -52.35 -67.28
CA GLN X 10 12.30 -52.85 -68.66
C GLN X 10 12.68 -51.72 -69.62
N PHE X 11 12.20 -50.49 -69.35
CA PHE X 11 12.50 -49.28 -70.12
C PHE X 11 13.96 -48.86 -69.90
N ALA X 12 14.47 -49.11 -68.68
CA ALA X 12 15.84 -48.80 -68.26
C ALA X 12 16.84 -49.85 -68.77
N ALA X 13 16.40 -51.12 -68.88
CA ALA X 13 17.20 -52.25 -69.35
C ALA X 13 17.56 -52.12 -70.84
N GLN X 14 16.83 -51.25 -71.58
CA GLN X 14 17.01 -50.96 -73.00
C GLN X 14 18.39 -50.36 -73.27
N ALA X 15 19.02 -50.81 -74.36
CA ALA X 15 20.33 -50.31 -74.80
C ALA X 15 20.19 -48.90 -75.34
N VAL X 16 21.00 -47.96 -74.81
CA VAL X 16 20.96 -46.54 -75.20
C VAL X 16 21.56 -46.36 -76.60
N ASP X 17 20.78 -45.74 -77.50
CA ASP X 17 21.18 -45.45 -78.87
C ASP X 17 21.89 -44.11 -78.91
N ARG X 18 23.23 -44.14 -79.08
CA ARG X 18 24.14 -43.00 -79.11
C ARG X 18 23.69 -41.91 -80.10
N ASN X 19 23.35 -42.29 -81.34
CA ASN X 19 22.96 -41.36 -82.39
C ASN X 19 21.51 -40.86 -82.25
N GLU X 20 20.61 -41.66 -81.63
CA GLU X 20 19.21 -41.27 -81.40
C GLU X 20 19.13 -40.08 -80.44
N ILE X 21 20.03 -40.07 -79.44
CA ILE X 21 20.17 -39.00 -78.44
C ILE X 21 20.84 -37.79 -79.10
N GLU X 22 21.84 -38.04 -79.98
CA GLU X 22 22.61 -37.03 -80.71
C GLU X 22 21.73 -36.18 -81.65
N GLN X 23 20.62 -36.77 -82.14
CA GLN X 23 19.65 -36.10 -83.01
C GLN X 23 18.83 -35.08 -82.24
N TRP X 24 18.39 -35.46 -81.02
CA TRP X 24 17.55 -34.62 -80.16
C TRP X 24 18.32 -33.50 -79.48
N VAL X 25 19.61 -33.72 -79.11
CA VAL X 25 20.42 -32.69 -78.44
C VAL X 25 20.68 -31.50 -79.41
N ARG X 26 20.88 -31.78 -80.71
CA ARG X 26 21.09 -30.78 -81.75
C ARG X 26 19.77 -30.07 -82.08
N GLU X 27 18.64 -30.79 -81.95
CA GLU X 27 17.30 -30.28 -82.18
C GLU X 27 16.87 -29.36 -81.03
N PHE X 28 17.10 -29.79 -79.77
CA PHE X 28 16.77 -29.04 -78.56
C PHE X 28 18.00 -28.26 -78.04
N ALA X 29 18.82 -27.72 -78.95
CA ALA X 29 20.01 -26.95 -78.62
C ALA X 29 19.66 -25.49 -78.29
N TYR X 30 20.55 -24.78 -77.53
CA TYR X 30 20.37 -23.39 -77.11
C TYR X 30 20.37 -22.42 -78.31
N GLN X 31 19.60 -21.31 -78.18
CA GLN X 31 19.37 -20.20 -79.13
C GLN X 31 19.15 -20.70 -80.59
N GLY X 32 20.22 -20.97 -81.35
CA GLY X 32 20.12 -21.44 -82.73
C GLY X 32 21.24 -21.04 -83.66
N PHE X 33 21.63 -19.75 -83.67
CA PHE X 33 22.68 -19.23 -84.55
C PHE X 33 24.02 -19.03 -83.79
N ASP X 34 24.45 -17.75 -83.58
CA ASP X 34 25.69 -17.29 -82.92
C ASP X 34 26.93 -17.59 -83.79
N ALA X 35 27.91 -16.65 -83.80
CA ALA X 35 29.19 -16.68 -84.54
C ALA X 35 28.99 -16.61 -86.07
N ARG X 36 28.16 -17.51 -86.64
CA ARG X 36 27.84 -17.55 -88.08
C ARG X 36 27.01 -16.34 -88.50
N ARG X 37 26.06 -15.92 -87.64
CA ARG X 37 25.16 -14.78 -87.85
C ARG X 37 25.95 -13.46 -87.86
N VAL X 38 27.00 -13.36 -87.01
CA VAL X 38 27.85 -12.15 -86.87
C VAL X 38 28.55 -11.84 -88.20
N ILE X 39 29.23 -12.84 -88.82
CA ILE X 39 29.93 -12.72 -90.11
C ILE X 39 28.91 -12.41 -91.22
N GLU X 40 27.72 -13.05 -91.16
CA GLU X 40 26.63 -12.87 -92.11
C GLU X 40 26.11 -11.42 -92.07
N LEU X 41 26.07 -10.81 -90.87
CA LEU X 41 25.63 -9.43 -90.67
C LEU X 41 26.74 -8.43 -91.01
N LEU X 42 28.03 -8.80 -90.75
CA LEU X 42 29.19 -7.95 -91.04
C LEU X 42 29.32 -7.67 -92.54
N LYS X 43 29.08 -8.71 -93.38
CA LYS X 43 29.13 -8.60 -94.84
C LYS X 43 27.86 -7.94 -95.39
N GLN X 44 26.75 -7.99 -94.63
CA GLN X 44 25.46 -7.40 -94.98
C GLN X 44 25.50 -5.88 -94.89
N TYR X 45 26.10 -5.33 -93.81
CA TYR X 45 26.20 -3.89 -93.59
C TYR X 45 27.48 -3.30 -94.20
N GLY X 46 28.62 -3.98 -94.01
CA GLY X 46 29.92 -3.54 -94.51
C GLY X 46 30.11 -3.68 -96.00
N GLY X 47 29.88 -4.88 -96.51
CA GLY X 47 30.02 -5.20 -97.93
C GLY X 47 31.42 -5.66 -98.28
N ALA X 48 32.24 -4.74 -98.81
CA ALA X 48 33.63 -5.01 -99.20
C ALA X 48 34.62 -4.50 -98.16
N ASP X 49 34.27 -3.39 -97.47
CA ASP X 49 35.10 -2.76 -96.43
C ASP X 49 34.83 -3.36 -95.03
N TRP X 50 34.21 -4.56 -94.97
CA TRP X 50 33.88 -5.23 -93.72
C TRP X 50 35.12 -5.76 -92.98
N GLU X 51 36.16 -6.18 -93.73
CA GLU X 51 37.40 -6.73 -93.15
C GLU X 51 38.25 -5.66 -92.47
N LYS X 52 38.35 -4.45 -93.06
CA LYS X 52 39.12 -3.33 -92.51
C LYS X 52 38.44 -2.78 -91.25
N ASP X 53 37.08 -2.69 -91.27
CA ASP X 53 36.28 -2.19 -90.16
C ASP X 53 36.26 -3.19 -88.99
N ALA X 54 36.31 -4.51 -89.29
CA ALA X 54 36.34 -5.57 -88.28
C ALA X 54 37.64 -5.49 -87.47
N LYS X 55 38.77 -5.18 -88.14
CA LYS X 55 40.08 -5.00 -87.53
C LYS X 55 40.06 -3.80 -86.58
N LYS X 56 39.34 -2.72 -86.97
CA LYS X 56 39.16 -1.50 -86.19
C LYS X 56 38.31 -1.78 -84.94
N MET X 57 37.24 -2.58 -85.11
CA MET X 57 36.29 -2.95 -84.05
C MET X 57 36.92 -3.90 -83.02
N ILE X 58 37.93 -4.71 -83.43
CA ILE X 58 38.63 -5.64 -82.53
C ILE X 58 39.51 -4.82 -81.57
N VAL X 59 40.27 -3.84 -82.10
CA VAL X 59 41.16 -2.94 -81.35
C VAL X 59 40.31 -2.08 -80.37
N LEU X 60 39.13 -1.63 -80.82
CA LEU X 60 38.19 -0.81 -80.06
C LEU X 60 37.60 -1.57 -78.86
N ALA X 61 37.18 -2.82 -79.07
CA ALA X 61 36.58 -3.67 -78.03
C ALA X 61 37.60 -4.14 -76.99
N LEU X 62 38.85 -4.37 -77.41
CA LEU X 62 39.94 -4.85 -76.58
C LEU X 62 40.49 -3.77 -75.64
N THR X 63 40.68 -2.54 -76.15
CA THR X 63 41.25 -1.42 -75.38
C THR X 63 40.22 -0.65 -74.57
N ARG X 64 39.04 -0.36 -75.14
CA ARG X 64 38.01 0.41 -74.45
C ARG X 64 36.95 -0.49 -73.78
N GLY X 65 35.98 -0.99 -74.56
CA GLY X 65 34.93 -1.86 -74.04
C GLY X 65 33.84 -2.25 -75.01
N ASN X 66 32.64 -2.51 -74.47
CA ASN X 66 31.45 -2.94 -75.22
C ASN X 66 30.48 -1.79 -75.50
N LYS X 67 30.32 -0.84 -74.55
CA LYS X 67 29.41 0.30 -74.71
C LYS X 67 30.03 1.36 -75.64
N PRO X 68 29.49 1.56 -76.88
CA PRO X 68 30.12 2.52 -77.80
C PRO X 68 29.78 3.99 -77.53
N ARG X 69 28.56 4.27 -77.04
CA ARG X 69 28.11 5.63 -76.74
C ARG X 69 28.78 6.18 -75.46
N ARG X 70 29.14 5.29 -74.52
CA ARG X 70 29.78 5.65 -73.25
C ARG X 70 31.26 5.99 -73.45
N MET X 71 31.98 5.22 -74.30
CA MET X 71 33.41 5.43 -74.58
C MET X 71 33.66 6.67 -75.46
N MET X 72 32.64 7.08 -76.26
CA MET X 72 32.70 8.23 -77.16
C MET X 72 32.76 9.55 -76.39
N MET X 73 32.25 9.58 -75.15
CA MET X 73 32.22 10.75 -74.26
C MET X 73 33.64 11.19 -73.88
N LYS X 74 34.54 10.22 -73.62
CA LYS X 74 35.94 10.47 -73.27
C LYS X 74 36.85 9.88 -74.35
N MET X 75 36.88 10.55 -75.52
CA MET X 75 37.67 10.16 -76.70
C MET X 75 38.04 11.38 -77.54
N SER X 76 39.09 11.25 -78.38
CA SER X 76 39.58 12.30 -79.29
C SER X 76 38.59 12.53 -80.45
N LYS X 77 38.68 13.71 -81.10
CA LYS X 77 37.84 14.11 -82.23
C LYS X 77 37.97 13.14 -83.41
N GLU X 78 39.19 12.60 -83.64
CA GLU X 78 39.52 11.63 -84.69
C GLU X 78 38.81 10.30 -84.43
N GLY X 79 38.78 9.88 -83.16
CA GLY X 79 38.13 8.65 -82.71
C GLY X 79 36.62 8.75 -82.74
N LYS X 80 36.07 9.89 -82.25
CA LYS X 80 34.64 10.20 -82.18
C LYS X 80 33.94 10.04 -83.54
N ALA X 81 34.58 10.48 -84.64
CA ALA X 81 34.05 10.40 -85.99
C ALA X 81 34.10 8.97 -86.55
N THR X 82 35.20 8.24 -86.29
CA THR X 82 35.43 6.86 -86.76
C THR X 82 34.49 5.86 -86.04
N VAL X 83 34.30 6.02 -84.71
CA VAL X 83 33.46 5.15 -83.90
C VAL X 83 31.97 5.34 -84.30
N GLU X 84 31.51 6.60 -84.44
CA GLU X 84 30.14 6.94 -84.82
C GLU X 84 29.81 6.42 -86.23
N ALA X 85 30.81 6.36 -87.13
CA ALA X 85 30.69 5.84 -88.49
C ALA X 85 30.37 4.34 -88.48
N LEU X 86 30.93 3.60 -87.50
CA LEU X 86 30.74 2.16 -87.33
C LEU X 86 29.36 1.86 -86.71
N ILE X 87 28.87 2.76 -85.83
CA ILE X 87 27.57 2.65 -85.15
C ILE X 87 26.42 2.83 -86.17
N ASN X 88 26.55 3.84 -87.05
CA ASN X 88 25.54 4.15 -88.06
C ASN X 88 25.54 3.17 -89.24
N LYS X 89 26.64 2.44 -89.46
CA LYS X 89 26.77 1.47 -90.56
C LYS X 89 26.37 0.05 -90.15
N TYR X 90 27.01 -0.49 -89.09
CA TYR X 90 26.81 -1.85 -88.60
C TYR X 90 25.68 -1.97 -87.57
N LYS X 91 25.07 -0.84 -87.16
CA LYS X 91 23.98 -0.73 -86.19
C LYS X 91 24.39 -1.40 -84.85
N LEU X 92 25.58 -1.01 -84.35
CA LEU X 92 26.21 -1.50 -83.12
C LEU X 92 25.42 -1.10 -81.88
N LYS X 93 25.23 -2.05 -80.96
CA LYS X 93 24.50 -1.84 -79.71
C LYS X 93 25.39 -2.13 -78.49
N GLU X 94 24.83 -1.96 -77.27
CA GLU X 94 25.53 -2.21 -76.01
C GLU X 94 24.72 -3.16 -75.13
N GLY X 95 25.40 -4.11 -74.52
CA GLY X 95 24.81 -5.12 -73.65
C GLY X 95 24.58 -6.45 -74.32
N ASN X 96 23.46 -7.13 -73.98
CA ASN X 96 23.08 -8.42 -74.54
C ASN X 96 21.75 -8.28 -75.30
N PRO X 97 21.78 -7.89 -76.59
CA PRO X 97 20.53 -7.73 -77.35
C PRO X 97 20.11 -9.02 -78.07
N SER X 98 19.23 -8.90 -79.09
CA SER X 98 18.71 -10.02 -79.87
C SER X 98 19.79 -10.63 -80.81
N ARG X 99 19.46 -11.80 -81.41
CA ARG X 99 20.30 -12.58 -82.33
C ARG X 99 20.71 -11.77 -83.58
N ASP X 100 19.79 -10.95 -84.11
CA ASP X 100 19.99 -10.13 -85.31
C ASP X 100 20.79 -8.84 -85.03
N GLU X 101 21.09 -8.54 -83.76
CA GLU X 101 21.84 -7.33 -83.38
C GLU X 101 23.34 -7.63 -83.20
N LEU X 102 24.18 -6.59 -83.40
CA LEU X 102 25.64 -6.69 -83.29
C LEU X 102 26.19 -5.82 -82.15
N THR X 103 27.23 -6.32 -81.46
CA THR X 103 27.96 -5.62 -80.39
C THR X 103 29.46 -5.79 -80.66
N LEU X 104 30.28 -4.90 -80.07
CA LEU X 104 31.75 -4.94 -80.23
C LEU X 104 32.37 -6.23 -79.68
N SER X 105 31.77 -6.80 -78.62
CA SER X 105 32.21 -8.04 -77.99
C SER X 105 31.90 -9.25 -78.87
N ARG X 106 30.78 -9.22 -79.61
CA ARG X 106 30.33 -10.29 -80.51
C ARG X 106 31.23 -10.40 -81.74
N VAL X 107 31.74 -9.24 -82.25
CA VAL X 107 32.63 -9.17 -83.41
C VAL X 107 34.00 -9.78 -83.04
N ALA X 108 34.49 -9.46 -81.82
CA ALA X 108 35.76 -9.97 -81.28
C ALA X 108 35.67 -11.47 -80.96
N ALA X 109 34.48 -11.96 -80.56
CA ALA X 109 34.25 -13.36 -80.21
C ALA X 109 34.16 -14.25 -81.46
N ALA X 110 33.50 -13.76 -82.53
CA ALA X 110 33.32 -14.48 -83.80
C ALA X 110 34.64 -14.63 -84.55
N LEU X 111 35.48 -13.57 -84.54
CA LEU X 111 36.80 -13.57 -85.19
C LEU X 111 37.88 -13.73 -84.12
N ALA X 112 37.77 -14.85 -83.36
CA ALA X 112 38.60 -15.27 -82.22
C ALA X 112 40.09 -15.40 -82.56
N GLY X 113 40.41 -15.78 -83.79
CA GLY X 113 41.78 -15.95 -84.25
C GLY X 113 42.57 -14.66 -84.40
N ARG X 114 41.95 -13.63 -85.04
CA ARG X 114 42.55 -12.30 -85.24
C ARG X 114 42.65 -11.56 -83.89
N THR X 115 41.64 -11.74 -83.02
CA THR X 115 41.52 -11.13 -81.70
C THR X 115 42.69 -11.56 -80.80
N CYS X 116 43.01 -12.88 -80.76
CA CYS X 116 44.08 -13.46 -79.95
C CYS X 116 45.46 -12.97 -80.41
N GLN X 117 45.64 -12.80 -81.74
CA GLN X 117 46.89 -12.31 -82.34
C GLN X 117 47.11 -10.82 -82.04
N ALA X 118 46.01 -10.06 -81.91
CA ALA X 118 46.02 -8.62 -81.62
C ALA X 118 46.45 -8.33 -80.17
N LEU X 119 46.30 -9.32 -79.27
CA LEU X 119 46.66 -9.23 -77.85
C LEU X 119 48.18 -9.16 -77.62
N VAL X 120 48.98 -9.65 -78.60
CA VAL X 120 50.44 -9.63 -78.55
C VAL X 120 50.90 -8.17 -78.70
N VAL X 121 50.26 -7.41 -79.62
CA VAL X 121 50.55 -5.99 -79.87
C VAL X 121 49.91 -5.17 -78.73
N LEU X 122 48.59 -5.32 -78.54
CA LEU X 122 47.82 -4.63 -77.48
C LEU X 122 47.96 -5.40 -76.17
N SER X 123 49.13 -5.29 -75.52
CA SER X 123 49.42 -6.00 -74.27
C SER X 123 49.25 -5.10 -73.05
N GLU X 124 49.77 -3.86 -73.12
CA GLU X 124 49.74 -2.91 -72.01
C GLU X 124 48.56 -1.91 -72.12
N TRP X 125 47.70 -2.06 -73.15
CA TRP X 125 46.55 -1.19 -73.36
C TRP X 125 45.23 -1.85 -72.90
N LEU X 126 45.29 -3.13 -72.50
CA LEU X 126 44.15 -3.90 -72.00
C LEU X 126 43.79 -3.47 -70.56
N PRO X 127 42.56 -3.78 -70.02
CA PRO X 127 42.26 -3.40 -68.62
C PRO X 127 43.21 -4.08 -67.63
N VAL X 128 43.61 -5.32 -67.95
CA VAL X 128 44.59 -6.10 -67.19
C VAL X 128 45.83 -6.22 -68.09
N THR X 129 46.93 -5.55 -67.72
CA THR X 129 48.17 -5.52 -68.50
C THR X 129 48.92 -6.85 -68.42
N GLY X 130 49.80 -7.10 -69.38
CA GLY X 130 50.64 -8.29 -69.48
C GLY X 130 51.64 -8.40 -68.35
N THR X 131 52.12 -7.25 -67.84
CA THR X 131 53.08 -7.15 -66.74
C THR X 131 52.40 -7.60 -65.43
N THR X 132 51.10 -7.30 -65.26
CA THR X 132 50.28 -7.67 -64.10
C THR X 132 50.09 -9.20 -64.09
N MET X 133 49.85 -9.79 -65.27
CA MET X 133 49.67 -11.24 -65.45
C MET X 133 50.99 -11.99 -65.27
N ASP X 134 52.13 -11.33 -65.56
CA ASP X 134 53.47 -11.88 -65.42
C ASP X 134 53.84 -12.04 -63.94
N GLY X 135 53.26 -11.20 -63.08
CA GLY X 135 53.47 -11.22 -61.64
C GLY X 135 52.84 -12.42 -60.97
N LEU X 136 51.66 -12.84 -61.47
CA LEU X 136 50.91 -13.99 -60.96
C LEU X 136 51.56 -15.29 -61.47
N SER X 137 51.84 -15.36 -62.78
CA SER X 137 52.48 -16.48 -63.45
C SER X 137 53.59 -15.97 -64.39
N PRO X 138 54.87 -16.39 -64.19
CA PRO X 138 55.95 -15.89 -65.07
C PRO X 138 55.74 -16.26 -66.53
N ALA X 139 55.90 -15.26 -67.43
CA ALA X 139 55.74 -15.33 -68.89
C ALA X 139 54.35 -15.91 -69.27
N TYR X 140 53.28 -15.21 -68.83
CA TYR X 140 51.90 -15.60 -69.08
C TYR X 140 51.56 -15.48 -70.59
N PRO X 141 50.88 -16.50 -71.19
CA PRO X 141 50.56 -16.42 -72.63
C PRO X 141 49.62 -15.25 -72.96
N ARG X 142 50.08 -14.35 -73.84
CA ARG X 142 49.36 -13.14 -74.25
C ARG X 142 48.09 -13.45 -75.03
N HIS X 143 48.06 -14.57 -75.78
CA HIS X 143 46.92 -15.00 -76.60
C HIS X 143 45.68 -15.37 -75.77
N MET X 144 45.87 -15.75 -74.49
CA MET X 144 44.79 -16.15 -73.57
C MET X 144 44.13 -14.94 -72.87
N MET X 145 44.67 -13.73 -73.08
CA MET X 145 44.22 -12.50 -72.41
C MET X 145 42.96 -11.84 -73.02
N HIS X 146 41.90 -12.63 -73.26
CA HIS X 146 40.58 -12.20 -73.73
C HIS X 146 39.58 -13.35 -73.65
N PRO X 147 38.31 -13.11 -73.19
CA PRO X 147 37.33 -14.22 -73.09
C PRO X 147 37.01 -14.94 -74.40
N SER X 148 37.33 -14.30 -75.56
CA SER X 148 37.10 -14.86 -76.89
C SER X 148 38.07 -16.01 -77.23
N PHE X 149 39.15 -16.20 -76.43
CA PHE X 149 40.14 -17.27 -76.59
C PHE X 149 39.48 -18.66 -76.44
N ALA X 150 38.39 -18.75 -75.66
CA ALA X 150 37.62 -19.97 -75.42
C ALA X 150 37.09 -20.59 -76.75
N GLY X 151 36.93 -19.76 -77.77
CA GLY X 151 36.50 -20.17 -79.11
C GLY X 151 37.61 -20.77 -79.94
N MET X 152 38.86 -20.67 -79.46
CA MET X 152 40.07 -21.22 -80.10
C MET X 152 40.51 -22.52 -79.42
N VAL X 153 39.93 -22.85 -78.25
CA VAL X 153 40.23 -24.04 -77.45
C VAL X 153 39.60 -25.27 -78.13
N ASP X 154 40.41 -26.34 -78.32
CA ASP X 154 40.02 -27.60 -78.93
C ASP X 154 39.46 -28.57 -77.86
N PRO X 155 38.15 -28.93 -77.90
CA PRO X 155 37.61 -29.83 -76.87
C PRO X 155 38.02 -31.30 -77.05
N SER X 156 38.51 -31.69 -78.25
CA SER X 156 38.93 -33.06 -78.54
C SER X 156 40.29 -33.41 -77.87
N LEU X 157 40.97 -32.39 -77.28
CA LEU X 157 42.24 -32.53 -76.56
C LEU X 157 42.08 -33.42 -75.32
N PRO X 158 43.15 -34.16 -74.89
CA PRO X 158 43.01 -35.02 -73.68
C PRO X 158 42.68 -34.23 -72.43
N GLY X 159 41.89 -34.85 -71.55
CA GLY X 159 41.38 -34.30 -70.29
C GLY X 159 42.34 -33.43 -69.49
N ASP X 160 43.55 -33.94 -69.20
CA ASP X 160 44.57 -33.24 -68.43
C ASP X 160 45.06 -31.96 -69.13
N TYR X 161 45.09 -31.95 -70.47
CA TYR X 161 45.56 -30.78 -71.23
C TYR X 161 44.43 -29.83 -71.57
N LEU X 162 43.19 -30.34 -71.70
CA LEU X 162 42.02 -29.51 -71.93
C LEU X 162 41.77 -28.66 -70.68
N ARG X 163 41.95 -29.28 -69.48
CA ARG X 163 41.81 -28.60 -68.18
C ARG X 163 42.95 -27.63 -67.94
N ALA X 164 44.18 -27.96 -68.40
CA ALA X 164 45.39 -27.14 -68.26
C ALA X 164 45.28 -25.84 -69.05
N ILE X 165 44.63 -25.87 -70.22
CA ILE X 165 44.42 -24.70 -71.09
C ILE X 165 43.33 -23.81 -70.45
N LEU X 166 42.23 -24.42 -69.98
CA LEU X 166 41.09 -23.73 -69.37
C LEU X 166 41.46 -23.11 -68.01
N ASP X 167 42.26 -23.80 -67.18
CA ASP X 167 42.72 -23.29 -65.87
C ASP X 167 43.66 -22.11 -66.03
N ALA X 168 44.53 -22.15 -67.06
CA ALA X 168 45.48 -21.07 -67.37
C ALA X 168 44.75 -19.84 -67.88
N HIS X 169 43.70 -20.04 -68.71
CA HIS X 169 42.87 -18.99 -69.28
C HIS X 169 41.96 -18.38 -68.19
N SER X 170 41.52 -19.20 -67.21
CA SER X 170 40.68 -18.77 -66.09
C SER X 170 41.42 -17.80 -65.15
N LEU X 171 42.77 -17.85 -65.12
CA LEU X 171 43.63 -16.97 -64.31
C LEU X 171 43.44 -15.51 -64.75
N TYR X 172 43.32 -15.27 -66.07
CA TYR X 172 43.07 -13.93 -66.63
C TYR X 172 41.63 -13.52 -66.34
N LEU X 173 40.66 -14.42 -66.65
CA LEU X 173 39.22 -14.21 -66.46
C LEU X 173 38.88 -13.83 -65.03
N LEU X 174 39.59 -14.40 -64.04
CA LEU X 174 39.43 -14.09 -62.62
C LEU X 174 39.79 -12.63 -62.34
N GLN X 175 40.90 -12.15 -62.95
CA GLN X 175 41.38 -10.78 -62.79
C GLN X 175 40.53 -9.80 -63.61
N PHE X 176 40.22 -10.17 -64.88
CA PHE X 176 39.45 -9.37 -65.83
C PHE X 176 38.01 -9.12 -65.37
N SER X 177 37.25 -10.19 -65.01
CA SER X 177 35.84 -10.08 -64.58
C SER X 177 35.68 -9.19 -63.35
N ARG X 178 36.64 -9.23 -62.42
CA ARG X 178 36.63 -8.38 -61.23
C ARG X 178 36.93 -6.91 -61.58
N VAL X 179 37.66 -6.66 -62.68
CA VAL X 179 38.00 -5.30 -63.13
C VAL X 179 36.76 -4.65 -63.81
N ILE X 180 36.15 -5.33 -64.81
CA ILE X 180 35.01 -4.82 -65.56
C ILE X 180 33.69 -4.85 -64.73
N ASN X 181 33.58 -5.77 -63.75
CA ASN X 181 32.40 -5.88 -62.88
C ASN X 181 32.81 -5.49 -61.44
N PRO X 182 32.35 -4.34 -60.91
CA PRO X 182 32.79 -3.90 -59.57
C PRO X 182 32.21 -4.69 -58.40
N ASN X 183 31.02 -5.30 -58.55
CA ASN X 183 30.40 -6.06 -57.45
C ASN X 183 31.06 -7.43 -57.25
N LEU X 184 31.87 -7.89 -58.22
CA LEU X 184 32.57 -9.18 -58.15
C LEU X 184 33.93 -9.08 -57.44
N ARG X 185 34.40 -7.84 -57.17
CA ARG X 185 35.68 -7.52 -56.53
C ARG X 185 35.87 -8.15 -55.15
N GLY X 186 34.88 -7.99 -54.28
CA GLY X 186 34.90 -8.51 -52.91
C GLY X 186 34.69 -10.00 -52.79
N ARG X 187 34.02 -10.59 -53.79
CA ARG X 187 33.67 -12.01 -53.84
C ARG X 187 34.90 -12.88 -54.13
N THR X 188 34.94 -14.09 -53.52
CA THR X 188 36.03 -15.07 -53.61
C THR X 188 36.17 -15.68 -55.03
N LYS X 189 37.30 -16.40 -55.26
CA LYS X 189 37.67 -17.07 -56.52
C LYS X 189 36.54 -17.95 -57.08
N GLU X 190 35.89 -18.75 -56.19
CA GLU X 190 34.79 -19.67 -56.53
C GLU X 190 33.56 -18.92 -57.02
N GLU X 191 33.25 -17.75 -56.41
CA GLU X 191 32.11 -16.90 -56.76
C GLU X 191 32.30 -16.25 -58.14
N VAL X 192 33.53 -15.80 -58.43
CA VAL X 192 33.92 -15.15 -59.70
C VAL X 192 33.94 -16.22 -60.81
N ALA X 193 34.48 -17.43 -60.50
CA ALA X 193 34.58 -18.55 -61.44
C ALA X 193 33.23 -18.94 -62.03
N ALA X 194 32.17 -19.00 -61.18
CA ALA X 194 30.81 -19.37 -61.56
C ALA X 194 30.17 -18.46 -62.63
N THR X 195 30.64 -17.20 -62.75
CA THR X 195 30.11 -16.23 -63.71
C THR X 195 30.74 -16.38 -65.11
N PHE X 196 32.03 -16.77 -65.21
CA PHE X 196 32.69 -16.89 -66.51
C PHE X 196 32.85 -18.34 -67.03
N THR X 197 32.73 -19.37 -66.16
CA THR X 197 32.89 -20.79 -66.56
C THR X 197 31.80 -21.26 -67.52
N GLN X 198 30.55 -20.78 -67.37
CA GLN X 198 29.42 -21.16 -68.22
C GLN X 198 29.59 -20.66 -69.68
N PRO X 199 29.83 -19.34 -69.97
CA PRO X 199 30.01 -18.94 -71.38
C PRO X 199 31.35 -19.41 -71.99
N MET X 200 32.34 -19.77 -71.14
CA MET X 200 33.66 -20.28 -71.56
C MET X 200 33.50 -21.68 -72.15
N ASN X 201 32.86 -22.60 -71.41
CA ASN X 201 32.61 -24.00 -71.82
C ASN X 201 31.71 -24.06 -73.06
N ALA X 202 30.78 -23.08 -73.22
CA ALA X 202 29.87 -22.97 -74.35
C ALA X 202 30.63 -22.64 -75.64
N ALA X 203 31.71 -21.85 -75.53
CA ALA X 203 32.56 -21.46 -76.66
C ALA X 203 33.51 -22.58 -77.06
N VAL X 204 33.93 -23.42 -76.09
CA VAL X 204 34.84 -24.56 -76.32
C VAL X 204 34.05 -25.68 -77.03
N ASN X 205 32.83 -25.97 -76.55
CA ASN X 205 31.96 -27.02 -77.08
C ASN X 205 31.13 -26.57 -78.30
N SER X 206 31.33 -25.32 -78.79
CA SER X 206 30.63 -24.80 -79.97
C SER X 206 31.15 -25.46 -81.25
N ASN X 207 30.24 -25.71 -82.20
CA ASN X 207 30.53 -26.37 -83.48
C ASN X 207 31.30 -25.48 -84.48
N PHE X 208 31.39 -24.15 -84.22
CA PHE X 208 32.08 -23.19 -85.09
C PHE X 208 33.59 -23.41 -85.03
N ILE X 209 34.21 -23.67 -86.22
CA ILE X 209 35.63 -23.99 -86.46
C ILE X 209 35.90 -25.40 -85.92
N SER X 210 36.27 -26.34 -86.83
CA SER X 210 36.53 -27.75 -86.51
C SER X 210 37.65 -27.94 -85.47
N HIS X 211 37.62 -29.11 -84.78
CA HIS X 211 38.54 -29.53 -83.72
C HIS X 211 39.99 -29.53 -84.18
N GLU X 212 40.26 -29.97 -85.43
CA GLU X 212 41.59 -30.04 -86.02
C GLU X 212 42.13 -28.65 -86.35
N LYS X 213 41.26 -27.76 -86.88
CA LYS X 213 41.61 -26.37 -87.22
C LYS X 213 41.91 -25.55 -85.97
N ARG X 214 41.13 -25.79 -84.89
CA ARG X 214 41.29 -25.12 -83.58
C ARG X 214 42.62 -25.51 -82.94
N ARG X 215 43.01 -26.80 -83.09
CA ARG X 215 44.26 -27.37 -82.58
C ARG X 215 45.46 -26.73 -83.29
N GLU X 216 45.33 -26.43 -84.60
CA GLU X 216 46.37 -25.80 -85.42
C GLU X 216 46.67 -24.38 -84.94
N PHE X 217 45.63 -23.62 -84.52
CA PHE X 217 45.76 -22.25 -84.00
C PHE X 217 46.56 -22.22 -82.71
N LEU X 218 46.26 -23.14 -81.77
CA LEU X 218 46.92 -23.29 -80.48
C LEU X 218 48.42 -23.62 -80.67
N LYS X 219 48.73 -24.42 -81.72
CA LYS X 219 50.11 -24.79 -82.09
C LYS X 219 50.84 -23.59 -82.69
N ALA X 220 50.14 -22.78 -83.51
CA ALA X 220 50.66 -21.58 -84.19
C ALA X 220 50.94 -20.47 -83.19
N PHE X 221 50.10 -20.32 -82.14
CA PHE X 221 50.29 -19.30 -81.10
C PHE X 221 51.41 -19.69 -80.12
N GLY X 222 51.83 -20.96 -80.16
CA GLY X 222 52.87 -21.49 -79.30
C GLY X 222 52.37 -21.88 -77.92
N LEU X 223 51.15 -22.43 -77.86
CA LEU X 223 50.51 -22.86 -76.61
C LEU X 223 50.69 -24.35 -76.39
N VAL X 224 50.48 -25.16 -77.44
CA VAL X 224 50.63 -26.62 -77.40
C VAL X 224 51.67 -27.10 -78.44
N ASP X 225 52.28 -28.28 -78.21
CA ASP X 225 53.29 -28.86 -79.10
C ASP X 225 52.61 -29.62 -80.27
N SER X 226 53.40 -30.39 -81.05
CA SER X 226 52.96 -31.18 -82.22
C SER X 226 51.85 -32.20 -81.88
N ASN X 227 51.84 -32.74 -80.65
CA ASN X 227 50.86 -33.73 -80.21
C ASN X 227 49.62 -33.06 -79.59
N GLY X 228 49.84 -32.21 -78.58
CA GLY X 228 48.76 -31.50 -77.89
C GLY X 228 49.09 -31.10 -76.45
N LYS X 229 50.31 -31.40 -75.99
CA LYS X 229 50.80 -31.09 -74.64
C LYS X 229 51.07 -29.58 -74.52
N PRO X 230 50.50 -28.87 -73.51
CA PRO X 230 50.74 -27.44 -73.37
C PRO X 230 52.17 -27.11 -72.92
N SER X 231 52.62 -25.88 -73.22
CA SER X 231 53.95 -25.37 -72.88
C SER X 231 54.08 -25.11 -71.37
N ALA X 232 55.34 -24.93 -70.90
CA ALA X 232 55.68 -24.66 -69.49
C ALA X 232 55.00 -23.38 -68.96
N ALA X 233 54.79 -22.40 -69.85
CA ALA X 233 54.13 -21.12 -69.55
C ALA X 233 52.65 -21.32 -69.22
N VAL X 234 51.98 -22.24 -69.92
CA VAL X 234 50.56 -22.58 -69.75
C VAL X 234 50.40 -23.42 -68.45
N MET X 235 51.31 -24.40 -68.24
CA MET X 235 51.34 -25.30 -67.08
C MET X 235 51.53 -24.54 -65.77
N ALA X 236 52.37 -23.48 -65.77
CA ALA X 236 52.64 -22.63 -64.61
C ALA X 236 51.42 -21.77 -64.27
N ALA X 237 50.70 -21.27 -65.30
CA ALA X 237 49.51 -20.44 -65.15
C ALA X 237 48.32 -21.26 -64.63
N ALA X 238 48.24 -22.54 -65.02
CA ALA X 238 47.18 -23.48 -64.57
C ALA X 238 47.39 -23.85 -63.10
N GLN X 239 48.66 -23.97 -62.67
CA GLN X 239 49.05 -24.28 -61.29
C GLN X 239 48.82 -23.06 -60.39
N ALA X 240 49.02 -21.85 -60.94
CA ALA X 240 48.84 -20.57 -60.24
C ALA X 240 47.37 -20.32 -59.91
N TYR X 241 46.44 -20.78 -60.78
CA TYR X 241 45.00 -20.63 -60.60
C TYR X 241 44.48 -21.52 -59.47
N LYS X 242 45.13 -22.68 -59.25
CA LYS X 242 44.78 -23.66 -58.20
C LYS X 242 45.04 -23.09 -56.80
N THR X 243 46.10 -22.26 -56.65
CA THR X 243 46.49 -21.64 -55.38
C THR X 243 46.10 -20.14 -55.33
N ALA X 244 45.38 -19.64 -56.36
CA ALA X 244 44.93 -18.25 -56.47
C ALA X 244 43.88 -17.89 -55.41
N ALA X 245 43.83 -16.60 -55.02
CA ALA X 245 42.89 -16.07 -54.04
C ALA X 245 41.75 -15.31 -54.72
N GLN Y 5 -1.05 -38.41 -12.56
CA GLN Y 5 -0.94 -37.80 -13.88
C GLN Y 5 0.25 -38.38 -14.67
N GLU Y 6 1.33 -38.79 -13.97
CA GLU Y 6 2.52 -39.37 -14.58
C GLU Y 6 2.25 -40.83 -14.99
N LEU Y 7 1.40 -41.01 -16.02
CA LEU Y 7 1.00 -42.31 -16.57
C LEU Y 7 1.58 -42.52 -17.98
N ALA Y 8 2.39 -41.55 -18.45
CA ALA Y 8 3.05 -41.57 -19.75
C ALA Y 8 4.15 -42.64 -19.81
N ILE Y 9 4.70 -43.02 -18.64
CA ILE Y 9 5.75 -44.04 -18.46
C ILE Y 9 5.21 -45.40 -18.94
N GLN Y 10 3.95 -45.71 -18.59
CA GLN Y 10 3.25 -46.94 -18.95
C GLN Y 10 2.94 -46.97 -20.46
N PHE Y 11 2.66 -45.79 -21.05
CA PHE Y 11 2.40 -45.61 -22.49
C PHE Y 11 3.71 -45.80 -23.27
N ALA Y 12 4.84 -45.40 -22.66
CA ALA Y 12 6.18 -45.50 -23.22
C ALA Y 12 6.75 -46.91 -23.10
N ALA Y 13 6.37 -47.64 -22.01
CA ALA Y 13 6.81 -49.01 -21.75
C ALA Y 13 6.23 -50.02 -22.78
N GLN Y 14 5.18 -49.60 -23.52
CA GLN Y 14 4.51 -50.37 -24.56
C GLN Y 14 5.45 -50.71 -25.71
N ALA Y 15 5.36 -51.94 -26.24
CA ALA Y 15 6.17 -52.41 -27.35
C ALA Y 15 5.76 -51.71 -28.65
N VAL Y 16 6.74 -51.11 -29.34
CA VAL Y 16 6.52 -50.37 -30.59
C VAL Y 16 6.25 -51.36 -31.75
N ASP Y 17 5.11 -51.16 -32.44
CA ASP Y 17 4.71 -51.98 -33.59
C ASP Y 17 5.32 -51.39 -34.86
N ARG Y 18 6.34 -52.06 -35.41
CA ARG Y 18 7.11 -51.68 -36.59
C ARG Y 18 6.23 -51.38 -37.80
N ASN Y 19 5.27 -52.25 -38.11
CA ASN Y 19 4.37 -52.11 -39.26
C ASN Y 19 3.25 -51.11 -39.05
N GLU Y 20 2.81 -50.88 -37.79
CA GLU Y 20 1.76 -49.92 -37.46
C GLU Y 20 2.24 -48.49 -37.77
N ILE Y 21 3.54 -48.23 -37.51
CA ILE Y 21 4.22 -46.96 -37.77
C ILE Y 21 4.45 -46.83 -39.29
N GLU Y 22 4.82 -47.95 -39.95
CA GLU Y 22 5.08 -48.05 -41.40
C GLU Y 22 3.85 -47.69 -42.24
N GLN Y 23 2.64 -47.92 -41.71
CA GLN Y 23 1.37 -47.60 -42.36
C GLN Y 23 1.12 -46.10 -42.39
N TRP Y 24 1.41 -45.42 -41.26
CA TRP Y 24 1.19 -43.99 -41.09
C TRP Y 24 2.24 -43.14 -41.80
N VAL Y 25 3.51 -43.59 -41.89
CA VAL Y 25 4.58 -42.84 -42.56
C VAL Y 25 4.28 -42.74 -44.09
N ARG Y 26 3.74 -43.81 -44.69
CA ARG Y 26 3.37 -43.86 -46.10
C ARG Y 26 2.10 -43.05 -46.35
N GLU Y 27 1.21 -42.98 -45.34
CA GLU Y 27 -0.04 -42.23 -45.38
C GLU Y 27 0.24 -40.72 -45.25
N PHE Y 28 1.12 -40.35 -44.29
CA PHE Y 28 1.51 -38.96 -44.04
C PHE Y 28 2.83 -38.61 -44.76
N ALA Y 29 3.04 -39.15 -45.97
CA ALA Y 29 4.23 -38.91 -46.79
C ALA Y 29 4.08 -37.61 -47.61
N TYR Y 30 5.20 -37.10 -48.17
CA TYR Y 30 5.21 -35.90 -49.01
C TYR Y 30 4.59 -36.21 -50.39
N GLN Y 31 3.95 -35.21 -51.04
CA GLN Y 31 3.32 -35.41 -52.35
C GLN Y 31 4.03 -34.62 -53.46
N GLY Y 32 4.08 -35.23 -54.64
CA GLY Y 32 4.83 -34.78 -55.81
C GLY Y 32 6.06 -35.66 -55.89
N PHE Y 33 6.18 -36.51 -54.87
CA PHE Y 33 7.19 -37.52 -54.55
C PHE Y 33 6.95 -38.80 -55.34
N ASP Y 34 5.66 -39.19 -55.52
CA ASP Y 34 5.21 -40.42 -56.18
C ASP Y 34 5.65 -40.49 -57.66
N ALA Y 35 6.41 -41.55 -58.00
CA ALA Y 35 6.91 -41.83 -59.35
C ALA Y 35 5.98 -42.81 -60.08
N ARG Y 36 5.13 -43.53 -59.32
CA ARG Y 36 4.12 -44.48 -59.80
C ARG Y 36 3.06 -43.76 -60.63
N ARG Y 37 2.65 -42.57 -60.16
CA ARG Y 37 1.65 -41.71 -60.78
C ARG Y 37 2.17 -41.16 -62.12
N VAL Y 38 3.48 -40.88 -62.23
CA VAL Y 38 4.16 -40.34 -63.42
C VAL Y 38 4.01 -41.34 -64.60
N ILE Y 39 4.36 -42.62 -64.40
CA ILE Y 39 4.26 -43.69 -65.41
C ILE Y 39 2.78 -43.91 -65.77
N GLU Y 40 1.89 -43.86 -64.76
CA GLU Y 40 0.44 -44.02 -64.91
C GLU Y 40 -0.14 -42.91 -65.80
N LEU Y 41 0.38 -41.67 -65.67
CA LEU Y 41 -0.03 -40.50 -66.46
C LEU Y 41 0.62 -40.51 -67.84
N LEU Y 42 1.87 -41.01 -67.96
CA LEU Y 42 2.61 -41.08 -69.23
C LEU Y 42 1.89 -42.00 -70.23
N LYS Y 43 1.36 -43.14 -69.75
CA LYS Y 43 0.62 -44.11 -70.57
C LYS Y 43 -0.82 -43.63 -70.83
N GLN Y 44 -1.34 -42.74 -69.96
CA GLN Y 44 -2.68 -42.17 -70.06
C GLN Y 44 -2.77 -41.16 -71.20
N TYR Y 45 -1.76 -40.27 -71.33
CA TYR Y 45 -1.71 -39.23 -72.36
C TYR Y 45 -1.02 -39.74 -73.65
N GLY Y 46 0.11 -40.43 -73.50
CA GLY Y 46 0.93 -40.94 -74.58
C GLY Y 46 0.37 -42.16 -75.32
N GLY Y 47 -0.05 -43.16 -74.56
CA GLY Y 47 -0.63 -44.38 -75.10
C GLY Y 47 0.43 -45.39 -75.49
N ALA Y 48 0.72 -45.48 -76.80
CA ALA Y 48 1.71 -46.41 -77.35
C ALA Y 48 3.04 -45.71 -77.62
N ASP Y 49 2.99 -44.42 -77.99
CA ASP Y 49 4.17 -43.60 -78.30
C ASP Y 49 4.74 -42.92 -77.03
N TRP Y 50 4.37 -43.42 -75.83
CA TRP Y 50 4.83 -42.86 -74.55
C TRP Y 50 6.32 -43.14 -74.29
N GLU Y 51 6.85 -44.28 -74.77
CA GLU Y 51 8.25 -44.67 -74.57
C GLU Y 51 9.21 -43.83 -75.41
N LYS Y 52 8.85 -43.51 -76.67
CA LYS Y 52 9.66 -42.69 -77.57
C LYS Y 52 9.69 -41.23 -77.10
N ASP Y 53 8.54 -40.71 -76.62
CA ASP Y 53 8.39 -39.34 -76.13
C ASP Y 53 9.10 -39.16 -74.78
N ALA Y 54 9.14 -40.22 -73.93
CA ALA Y 54 9.83 -40.19 -72.63
C ALA Y 54 11.34 -40.04 -72.83
N LYS Y 55 11.89 -40.71 -73.88
CA LYS Y 55 13.31 -40.64 -74.27
C LYS Y 55 13.66 -39.22 -74.72
N LYS Y 56 12.72 -38.56 -75.43
CA LYS Y 56 12.85 -37.18 -75.91
C LYS Y 56 12.82 -36.19 -74.74
N MET Y 57 11.92 -36.44 -73.76
CA MET Y 57 11.74 -35.61 -72.57
C MET Y 57 12.93 -35.71 -71.60
N ILE Y 58 13.65 -36.86 -71.58
CA ILE Y 58 14.82 -37.07 -70.72
C ILE Y 58 15.99 -36.19 -71.26
N VAL Y 59 16.22 -36.21 -72.59
CA VAL Y 59 17.26 -35.43 -73.28
C VAL Y 59 16.97 -33.92 -73.12
N LEU Y 60 15.69 -33.53 -73.20
CA LEU Y 60 15.21 -32.16 -73.06
C LEU Y 60 15.43 -31.59 -71.65
N ALA Y 61 15.12 -32.39 -70.60
CA ALA Y 61 15.27 -31.97 -69.20
C ALA Y 61 16.73 -31.91 -68.75
N LEU Y 62 17.59 -32.79 -69.33
CA LEU Y 62 19.01 -32.89 -69.00
C LEU Y 62 19.85 -31.76 -69.60
N THR Y 63 19.59 -31.40 -70.87
CA THR Y 63 20.35 -30.38 -71.59
C THR Y 63 19.83 -28.96 -71.35
N ARG Y 64 18.49 -28.77 -71.36
CA ARG Y 64 17.90 -27.44 -71.18
C ARG Y 64 17.47 -27.17 -69.72
N GLY Y 65 16.30 -27.68 -69.32
CA GLY Y 65 15.80 -27.48 -67.96
C GLY Y 65 14.41 -28.04 -67.68
N ASN Y 66 13.71 -27.42 -66.71
CA ASN Y 66 12.38 -27.84 -66.28
C ASN Y 66 11.26 -26.97 -66.88
N LYS Y 67 11.52 -25.65 -67.06
CA LYS Y 67 10.55 -24.70 -67.62
C LYS Y 67 10.45 -24.89 -69.15
N PRO Y 68 9.32 -25.40 -69.69
CA PRO Y 68 9.24 -25.66 -71.14
C PRO Y 68 8.94 -24.42 -71.98
N ARG Y 69 8.15 -23.46 -71.43
CA ARG Y 69 7.77 -22.24 -72.14
C ARG Y 69 8.95 -21.25 -72.22
N ARG Y 70 9.85 -21.29 -71.22
CA ARG Y 70 11.02 -20.40 -71.14
C ARG Y 70 12.12 -20.85 -72.11
N MET Y 71 12.37 -22.17 -72.23
CA MET Y 71 13.40 -22.73 -73.12
C MET Y 71 12.99 -22.65 -74.60
N MET Y 72 11.67 -22.58 -74.86
CA MET Y 72 11.09 -22.49 -76.21
C MET Y 72 11.42 -21.17 -76.89
N MET Y 73 11.64 -20.10 -76.10
CA MET Y 73 11.95 -18.74 -76.56
C MET Y 73 13.30 -18.69 -77.29
N LYS Y 74 14.31 -19.44 -76.78
CA LYS Y 74 15.64 -19.52 -77.38
C LYS Y 74 15.90 -20.97 -77.85
N MET Y 75 15.22 -21.36 -78.95
CA MET Y 75 15.30 -22.70 -79.56
C MET Y 75 15.02 -22.64 -81.06
N SER Y 76 15.47 -23.68 -81.81
CA SER Y 76 15.28 -23.81 -83.26
C SER Y 76 13.82 -24.12 -83.60
N LYS Y 77 13.40 -23.87 -84.86
CA LYS Y 77 12.04 -24.10 -85.38
C LYS Y 77 11.65 -25.59 -85.27
N GLU Y 78 12.63 -26.50 -85.46
CA GLU Y 78 12.45 -27.95 -85.38
C GLU Y 78 12.15 -28.37 -83.93
N GLY Y 79 12.85 -27.75 -82.98
CA GLY Y 79 12.68 -27.99 -81.55
C GLY Y 79 11.39 -27.42 -81.01
N LYS Y 80 11.06 -26.17 -81.42
CA LYS Y 80 9.84 -25.43 -81.02
C LYS Y 80 8.56 -26.23 -81.27
N ALA Y 81 8.47 -26.91 -82.42
CA ALA Y 81 7.30 -27.72 -82.79
C ALA Y 81 7.22 -29.02 -81.99
N THR Y 82 8.36 -29.70 -81.77
CA THR Y 82 8.46 -30.97 -81.05
C THR Y 82 8.17 -30.79 -79.55
N VAL Y 83 8.71 -29.71 -78.93
CA VAL Y 83 8.53 -29.39 -77.50
C VAL Y 83 7.05 -29.03 -77.22
N GLU Y 84 6.46 -28.16 -78.06
CA GLU Y 84 5.06 -27.72 -77.92
C GLU Y 84 4.08 -28.89 -78.09
N ALA Y 85 4.45 -29.89 -78.92
CA ALA Y 85 3.66 -31.10 -79.14
C ALA Y 85 3.57 -31.95 -77.86
N LEU Y 86 4.65 -31.95 -77.04
CA LEU Y 86 4.73 -32.67 -75.78
C LEU Y 86 3.94 -31.96 -74.67
N ILE Y 87 3.90 -30.62 -74.69
CA ILE Y 87 3.18 -29.78 -73.71
C ILE Y 87 1.66 -29.94 -73.92
N ASN Y 88 1.18 -29.94 -75.17
CA ASN Y 88 -0.23 -30.06 -75.51
C ASN Y 88 -0.77 -31.50 -75.35
N LYS Y 89 0.13 -32.51 -75.35
CA LYS Y 89 -0.25 -33.92 -75.22
C LYS Y 89 -0.21 -34.41 -73.76
N TYR Y 90 0.95 -34.24 -73.09
CA TYR Y 90 1.18 -34.71 -71.72
C TYR Y 90 0.80 -33.68 -70.64
N LYS Y 91 0.37 -32.46 -71.06
CA LYS Y 91 -0.03 -31.34 -70.20
C LYS Y 91 1.09 -31.00 -69.20
N LEU Y 92 2.33 -30.86 -69.74
CA LEU Y 92 3.55 -30.57 -68.98
C LEU Y 92 3.52 -29.16 -68.40
N LYS Y 93 3.97 -29.02 -67.14
CA LYS Y 93 4.01 -27.76 -66.40
C LYS Y 93 5.44 -27.42 -65.96
N GLU Y 94 5.61 -26.29 -65.25
CA GLU Y 94 6.91 -25.82 -64.73
C GLU Y 94 6.81 -25.53 -63.23
N GLY Y 95 7.85 -25.96 -62.50
CA GLY Y 95 7.94 -25.79 -61.05
C GLY Y 95 7.56 -27.03 -60.28
N ASN Y 96 6.89 -26.85 -59.11
CA ASN Y 96 6.44 -27.94 -58.25
C ASN Y 96 4.90 -27.91 -58.14
N PRO Y 97 4.17 -28.54 -59.10
CA PRO Y 97 2.70 -28.51 -59.05
C PRO Y 97 2.10 -29.67 -58.24
N SER Y 98 0.80 -29.97 -58.48
CA SER Y 98 0.05 -31.03 -57.80
C SER Y 98 0.49 -32.44 -58.24
N ARG Y 99 0.02 -33.46 -57.51
CA ARG Y 99 0.28 -34.90 -57.72
C ARG Y 99 -0.13 -35.36 -59.13
N ASP Y 100 -1.28 -34.88 -59.64
CA ASP Y 100 -1.83 -35.25 -60.95
C ASP Y 100 -1.15 -34.54 -62.12
N GLU Y 101 -0.24 -33.58 -61.84
CA GLU Y 101 0.46 -32.82 -62.89
C GLU Y 101 1.84 -33.41 -63.20
N LEU Y 102 2.32 -33.20 -64.44
CA LEU Y 102 3.62 -33.70 -64.92
C LEU Y 102 4.58 -32.56 -65.27
N THR Y 103 5.88 -32.77 -64.99
CA THR Y 103 6.98 -31.84 -65.30
C THR Y 103 8.11 -32.64 -65.93
N LEU Y 104 9.02 -31.97 -66.65
CA LEU Y 104 10.17 -32.60 -67.31
C LEU Y 104 11.13 -33.26 -66.30
N SER Y 105 11.26 -32.67 -65.11
CA SER Y 105 12.12 -33.17 -64.03
C SER Y 105 11.52 -34.43 -63.40
N ARG Y 106 10.18 -34.52 -63.32
CA ARG Y 106 9.46 -35.68 -62.75
C ARG Y 106 9.57 -36.91 -63.64
N VAL Y 107 9.59 -36.71 -64.98
CA VAL Y 107 9.71 -37.78 -65.97
C VAL Y 107 11.13 -38.38 -65.87
N ALA Y 108 12.16 -37.51 -65.74
CA ALA Y 108 13.57 -37.89 -65.61
C ALA Y 108 13.84 -38.58 -64.26
N ALA Y 109 13.11 -38.18 -63.19
CA ALA Y 109 13.26 -38.75 -61.86
C ALA Y 109 12.62 -40.13 -61.74
N ALA Y 110 11.43 -40.34 -62.36
CA ALA Y 110 10.69 -41.61 -62.36
C ALA Y 110 11.43 -42.70 -63.14
N LEU Y 111 12.01 -42.33 -64.29
CA LEU Y 111 12.77 -43.23 -65.16
C LEU Y 111 14.27 -42.95 -64.97
N ALA Y 112 14.74 -43.05 -63.71
CA ALA Y 112 16.11 -42.79 -63.25
C ALA Y 112 17.16 -43.68 -63.95
N GLY Y 113 16.77 -44.92 -64.29
CA GLY Y 113 17.64 -45.89 -64.95
C GLY Y 113 18.10 -45.48 -66.34
N ARG Y 114 17.16 -44.97 -67.16
CA ARG Y 114 17.42 -44.49 -68.53
C ARG Y 114 18.14 -43.13 -68.49
N THR Y 115 17.77 -42.27 -67.52
CA THR Y 115 18.31 -40.93 -67.30
C THR Y 115 19.81 -40.98 -67.00
N CYS Y 116 20.24 -41.91 -66.10
CA CYS Y 116 21.64 -42.10 -65.71
C CYS Y 116 22.50 -42.59 -66.87
N GLN Y 117 21.93 -43.46 -67.73
CA GLN Y 117 22.60 -44.02 -68.91
C GLN Y 117 22.78 -42.97 -70.00
N ALA Y 118 21.83 -42.00 -70.08
CA ALA Y 118 21.84 -40.90 -71.04
C ALA Y 118 22.95 -39.87 -70.74
N LEU Y 119 23.41 -39.81 -69.47
CA LEU Y 119 24.45 -38.89 -69.00
C LEU Y 119 25.83 -39.24 -69.57
N VAL Y 120 26.04 -40.51 -69.99
CA VAL Y 120 27.29 -40.98 -70.58
C VAL Y 120 27.44 -40.35 -71.97
N VAL Y 121 26.33 -40.28 -72.74
CA VAL Y 121 26.28 -39.66 -74.08
C VAL Y 121 26.26 -38.14 -73.90
N LEU Y 122 25.27 -37.62 -73.14
CA LEU Y 122 25.12 -36.18 -72.85
C LEU Y 122 26.02 -35.81 -71.67
N SER Y 123 27.33 -35.70 -71.93
CA SER Y 123 28.31 -35.37 -70.90
C SER Y 123 28.73 -33.90 -70.93
N GLU Y 124 28.99 -33.36 -72.14
CA GLU Y 124 29.44 -31.99 -72.32
C GLU Y 124 28.29 -31.02 -72.66
N TRP Y 125 27.04 -31.52 -72.69
CA TRP Y 125 25.85 -30.72 -73.00
C TRP Y 125 25.07 -30.34 -71.73
N LEU Y 126 25.47 -30.89 -70.57
CA LEU Y 126 24.88 -30.60 -69.25
C LEU Y 126 25.29 -29.21 -68.74
N PRO Y 127 24.58 -28.59 -67.74
CA PRO Y 127 25.03 -27.27 -67.24
C PRO Y 127 26.44 -27.34 -66.62
N VAL Y 128 26.76 -28.49 -65.99
CA VAL Y 128 28.06 -28.80 -65.42
C VAL Y 128 28.63 -29.94 -66.27
N THR Y 129 29.68 -29.65 -67.05
CA THR Y 129 30.30 -30.62 -67.96
C THR Y 129 31.13 -31.67 -67.19
N GLY Y 130 31.37 -32.81 -67.85
CA GLY Y 130 32.15 -33.92 -67.31
C GLY Y 130 33.62 -33.57 -67.09
N THR Y 131 34.16 -32.68 -67.93
CA THR Y 131 35.54 -32.19 -67.87
C THR Y 131 35.73 -31.31 -66.60
N THR Y 132 34.69 -30.54 -66.22
CA THR Y 132 34.67 -29.68 -65.04
C THR Y 132 34.69 -30.56 -63.77
N MET Y 133 33.92 -31.66 -63.80
CA MET Y 133 33.84 -32.62 -62.69
C MET Y 133 35.12 -33.44 -62.55
N ASP Y 134 35.84 -33.65 -63.68
CA ASP Y 134 37.10 -34.38 -63.74
C ASP Y 134 38.23 -33.59 -63.05
N GLY Y 135 38.11 -32.26 -63.05
CA GLY Y 135 39.06 -31.34 -62.43
C GLY Y 135 39.03 -31.40 -60.91
N LEU Y 136 37.82 -31.58 -60.34
CA LEU Y 136 37.59 -31.68 -58.89
C LEU Y 136 38.01 -33.08 -58.40
N SER Y 137 37.55 -34.13 -59.11
CA SER Y 137 37.84 -35.53 -58.82
C SER Y 137 38.21 -36.26 -60.13
N PRO Y 138 39.44 -36.85 -60.23
CA PRO Y 138 39.81 -37.53 -61.48
C PRO Y 138 38.89 -38.71 -61.82
N ALA Y 139 38.44 -38.77 -63.10
CA ALA Y 139 37.53 -39.75 -63.68
C ALA Y 139 36.23 -39.88 -62.85
N TYR Y 140 35.49 -38.75 -62.73
CA TYR Y 140 34.23 -38.66 -61.99
C TYR Y 140 33.13 -39.52 -62.66
N PRO Y 141 32.35 -40.32 -61.90
CA PRO Y 141 31.30 -41.15 -62.52
C PRO Y 141 30.21 -40.31 -63.18
N ARG Y 142 30.03 -40.52 -64.50
CA ARG Y 142 29.08 -39.80 -65.35
C ARG Y 142 27.63 -40.07 -64.96
N HIS Y 143 27.32 -41.28 -64.44
CA HIS Y 143 25.98 -41.70 -64.04
C HIS Y 143 25.43 -40.91 -62.83
N MET Y 144 26.32 -40.33 -62.00
CA MET Y 144 25.95 -39.54 -60.81
C MET Y 144 25.63 -38.08 -61.14
N MET Y 145 25.83 -37.65 -62.41
CA MET Y 145 25.70 -36.27 -62.85
C MET Y 145 24.24 -35.82 -63.14
N HIS Y 146 23.32 -36.11 -62.21
CA HIS Y 146 21.90 -35.68 -62.24
C HIS Y 146 21.23 -35.98 -60.88
N PRO Y 147 20.40 -35.05 -60.33
CA PRO Y 147 19.76 -35.32 -59.02
C PRO Y 147 18.86 -36.57 -58.98
N SER Y 148 18.44 -37.08 -60.15
CA SER Y 148 17.60 -38.28 -60.28
C SER Y 148 18.35 -39.58 -59.92
N PHE Y 149 19.71 -39.52 -59.85
CA PHE Y 149 20.57 -40.66 -59.50
C PHE Y 149 20.26 -41.18 -58.08
N ALA Y 150 19.76 -40.29 -57.19
CA ALA Y 150 19.39 -40.62 -55.81
C ALA Y 150 18.31 -41.72 -55.75
N GLY Y 151 17.53 -41.86 -56.82
CA GLY Y 151 16.50 -42.88 -56.96
C GLY Y 151 17.05 -44.24 -57.34
N MET Y 152 18.35 -44.30 -57.71
CA MET Y 152 19.07 -45.52 -58.09
C MET Y 152 19.95 -46.02 -56.93
N VAL Y 153 20.13 -45.19 -55.88
CA VAL Y 153 20.94 -45.49 -54.70
C VAL Y 153 20.19 -46.51 -53.81
N ASP Y 154 20.88 -47.58 -53.41
CA ASP Y 154 20.36 -48.66 -52.57
C ASP Y 154 20.58 -48.31 -51.07
N PRO Y 155 19.50 -48.09 -50.27
CA PRO Y 155 19.70 -47.73 -48.85
C PRO Y 155 20.11 -48.92 -47.98
N SER Y 156 19.91 -50.17 -48.45
CA SER Y 156 20.27 -51.39 -47.70
C SER Y 156 21.79 -51.62 -47.66
N LEU Y 157 22.57 -50.84 -48.45
CA LEU Y 157 24.03 -50.88 -48.51
C LEU Y 157 24.65 -50.51 -47.14
N PRO Y 158 25.78 -51.11 -46.71
CA PRO Y 158 26.37 -50.74 -45.41
C PRO Y 158 26.71 -49.24 -45.30
N GLY Y 159 26.64 -48.73 -44.08
CA GLY Y 159 26.86 -47.33 -43.70
C GLY Y 159 27.99 -46.59 -44.42
N ASP Y 160 29.22 -47.15 -44.36
CA ASP Y 160 30.41 -46.57 -44.99
C ASP Y 160 30.28 -46.52 -46.51
N TYR Y 161 29.66 -47.56 -47.12
CA TYR Y 161 29.43 -47.67 -48.55
C TYR Y 161 28.36 -46.68 -49.03
N LEU Y 162 27.22 -46.63 -48.29
CA LEU Y 162 26.07 -45.79 -48.58
C LEU Y 162 26.44 -44.31 -48.52
N ARG Y 163 27.26 -43.91 -47.53
CA ARG Y 163 27.74 -42.54 -47.37
C ARG Y 163 28.72 -42.16 -48.49
N ALA Y 164 29.56 -43.13 -48.94
CA ALA Y 164 30.54 -42.94 -50.01
C ALA Y 164 29.87 -42.63 -51.35
N ILE Y 165 28.70 -43.25 -51.62
CA ILE Y 165 27.92 -43.04 -52.85
C ILE Y 165 27.26 -41.65 -52.79
N LEU Y 166 26.64 -41.31 -51.63
CA LEU Y 166 25.94 -40.04 -51.41
C LEU Y 166 26.91 -38.84 -51.39
N ASP Y 167 28.11 -38.99 -50.77
CA ASP Y 167 29.13 -37.93 -50.72
C ASP Y 167 29.72 -37.64 -52.11
N ALA Y 168 29.88 -38.70 -52.93
CA ALA Y 168 30.39 -38.59 -54.30
C ALA Y 168 29.37 -37.89 -55.20
N HIS Y 169 28.07 -38.22 -55.00
CA HIS Y 169 26.95 -37.64 -55.75
C HIS Y 169 26.72 -36.17 -55.33
N SER Y 170 26.98 -35.85 -54.05
CA SER Y 170 26.83 -34.51 -53.49
C SER Y 170 27.84 -33.52 -54.08
N LEU Y 171 29.00 -34.02 -54.60
CA LEU Y 171 30.04 -33.21 -55.23
C LEU Y 171 29.49 -32.54 -56.49
N TYR Y 172 28.65 -33.26 -57.27
CA TYR Y 172 28.00 -32.73 -58.47
C TYR Y 172 26.90 -31.75 -58.06
N LEU Y 173 26.02 -32.17 -57.11
CA LEU Y 173 24.90 -31.39 -56.59
C LEU Y 173 25.35 -30.03 -56.06
N LEU Y 174 26.55 -29.96 -55.44
CA LEU Y 174 27.13 -28.72 -54.92
C LEU Y 174 27.43 -27.74 -56.07
N GLN Y 175 27.97 -28.27 -57.18
CA GLN Y 175 28.30 -27.48 -58.37
C GLN Y 175 27.04 -27.14 -59.17
N PHE Y 176 26.14 -28.13 -59.36
CA PHE Y 176 24.89 -28.01 -60.13
C PHE Y 176 23.91 -27.00 -59.49
N SER Y 177 23.66 -27.11 -58.16
CA SER Y 177 22.74 -26.22 -57.43
C SER Y 177 23.18 -24.76 -57.50
N ARG Y 178 24.51 -24.51 -57.49
CA ARG Y 178 25.06 -23.16 -57.58
C ARG Y 178 24.94 -22.61 -59.02
N VAL Y 179 24.89 -23.49 -60.03
CA VAL Y 179 24.76 -23.09 -61.43
C VAL Y 179 23.29 -22.70 -61.73
N ILE Y 180 22.33 -23.59 -61.41
CA ILE Y 180 20.90 -23.37 -61.67
C ILE Y 180 20.27 -22.31 -60.72
N ASN Y 181 20.80 -22.15 -59.49
CA ASN Y 181 20.31 -21.13 -58.57
C ASN Y 181 21.42 -20.11 -58.33
N PRO Y 182 21.20 -18.85 -58.76
CA PRO Y 182 22.28 -17.84 -58.65
C PRO Y 182 22.52 -17.30 -57.24
N ASN Y 183 21.52 -17.30 -56.35
CA ASN Y 183 21.68 -16.77 -54.99
C ASN Y 183 22.47 -17.73 -54.07
N LEU Y 184 22.67 -18.99 -54.50
CA LEU Y 184 23.43 -20.00 -53.73
C LEU Y 184 24.94 -19.99 -54.07
N ARG Y 185 25.34 -19.19 -55.08
CA ARG Y 185 26.72 -19.05 -55.56
C ARG Y 185 27.69 -18.55 -54.48
N GLY Y 186 27.29 -17.51 -53.75
CA GLY Y 186 28.09 -16.91 -52.70
C GLY Y 186 28.12 -17.67 -51.39
N ARG Y 187 27.07 -18.46 -51.14
CA ARG Y 187 26.90 -19.24 -49.91
C ARG Y 187 27.85 -20.45 -49.88
N THR Y 188 28.35 -20.79 -48.67
CA THR Y 188 29.30 -21.88 -48.39
C THR Y 188 28.72 -23.28 -48.68
N LYS Y 189 29.60 -24.30 -48.70
CA LYS Y 189 29.30 -25.72 -48.94
C LYS Y 189 28.16 -26.24 -48.06
N GLU Y 190 28.18 -25.90 -46.76
CA GLU Y 190 27.18 -26.31 -45.76
C GLU Y 190 25.79 -25.73 -46.07
N GLU Y 191 25.75 -24.46 -46.55
CA GLU Y 191 24.51 -23.75 -46.90
C GLU Y 191 23.85 -24.37 -48.14
N VAL Y 192 24.68 -24.74 -49.15
CA VAL Y 192 24.23 -25.35 -50.40
C VAL Y 192 23.79 -26.80 -50.13
N ALA Y 193 24.52 -27.53 -49.27
CA ALA Y 193 24.23 -28.92 -48.90
C ALA Y 193 22.83 -29.09 -48.32
N ALA Y 194 22.41 -28.16 -47.43
CA ALA Y 194 21.12 -28.17 -46.75
C ALA Y 194 19.90 -28.10 -47.71
N THR Y 195 20.09 -27.57 -48.93
CA THR Y 195 19.01 -27.44 -49.92
C THR Y 195 18.81 -28.72 -50.74
N PHE Y 196 19.87 -29.50 -51.03
CA PHE Y 196 19.74 -30.71 -51.84
C PHE Y 196 19.75 -32.03 -51.04
N THR Y 197 20.25 -32.04 -49.78
CA THR Y 197 20.32 -33.26 -48.95
C THR Y 197 18.93 -33.84 -48.60
N GLN Y 198 17.93 -32.96 -48.38
CA GLN Y 198 16.56 -33.37 -48.04
C GLN Y 198 15.86 -34.12 -49.21
N PRO Y 199 15.75 -33.61 -50.47
CA PRO Y 199 15.10 -34.41 -51.53
C PRO Y 199 15.94 -35.60 -52.00
N MET Y 200 17.27 -35.59 -51.74
CA MET Y 200 18.19 -36.67 -52.09
C MET Y 200 17.89 -37.90 -51.23
N ASN Y 201 17.87 -37.73 -49.88
CA ASN Y 201 17.59 -38.79 -48.90
C ASN Y 201 16.18 -39.35 -49.08
N ALA Y 202 15.21 -38.50 -49.48
CA ALA Y 202 13.81 -38.85 -49.73
C ALA Y 202 13.71 -39.85 -50.90
N ALA Y 203 14.56 -39.69 -51.94
CA ALA Y 203 14.62 -40.55 -53.11
C ALA Y 203 15.30 -41.89 -52.79
N VAL Y 204 16.35 -41.87 -51.95
CA VAL Y 204 17.10 -43.07 -51.55
C VAL Y 204 16.19 -43.96 -50.71
N ASN Y 205 15.47 -43.36 -49.74
CA ASN Y 205 14.56 -44.06 -48.82
C ASN Y 205 13.17 -44.31 -49.42
N SER Y 206 12.94 -43.94 -50.71
CA SER Y 206 11.67 -44.19 -51.38
C SER Y 206 11.49 -45.68 -51.69
N ASN Y 207 10.27 -46.18 -51.55
CA ASN Y 207 9.89 -47.58 -51.76
C ASN Y 207 9.87 -48.00 -53.25
N PHE Y 208 9.94 -47.02 -54.19
CA PHE Y 208 9.93 -47.29 -55.65
C PHE Y 208 11.25 -47.96 -56.08
N ILE Y 209 11.15 -49.17 -56.68
CA ILE Y 209 12.23 -50.05 -57.14
C ILE Y 209 12.91 -50.66 -55.91
N SER Y 210 12.84 -52.00 -55.77
CA SER Y 210 13.39 -52.75 -54.65
C SER Y 210 14.90 -52.56 -54.46
N HIS Y 211 15.37 -52.79 -53.21
CA HIS Y 211 16.76 -52.65 -52.76
C HIS Y 211 17.74 -53.49 -53.58
N GLU Y 212 17.34 -54.72 -53.94
CA GLU Y 212 18.14 -55.66 -54.72
C GLU Y 212 18.26 -55.22 -56.18
N LYS Y 213 17.15 -54.71 -56.77
CA LYS Y 213 17.09 -54.23 -58.16
C LYS Y 213 17.92 -52.95 -58.31
N ARG Y 214 17.87 -52.06 -57.29
CA ARG Y 214 18.64 -50.81 -57.25
C ARG Y 214 20.14 -51.09 -57.18
N ARG Y 215 20.53 -52.13 -56.42
CA ARG Y 215 21.91 -52.59 -56.25
C ARG Y 215 22.46 -53.12 -57.58
N GLU Y 216 21.61 -53.78 -58.39
CA GLU Y 216 21.96 -54.34 -59.71
C GLU Y 216 22.32 -53.23 -60.70
N PHE Y 217 21.60 -52.09 -60.65
CA PHE Y 217 21.82 -50.92 -61.51
C PHE Y 217 23.19 -50.31 -61.25
N LEU Y 218 23.54 -50.12 -59.96
CA LEU Y 218 24.82 -49.55 -59.50
C LEU Y 218 25.98 -50.45 -59.95
N LYS Y 219 25.77 -51.78 -59.98
CA LYS Y 219 26.75 -52.77 -60.44
C LYS Y 219 26.92 -52.69 -61.96
N ALA Y 220 25.80 -52.51 -62.68
CA ALA Y 220 25.73 -52.41 -64.14
C ALA Y 220 26.39 -51.12 -64.65
N PHE Y 221 26.25 -50.00 -63.91
CA PHE Y 221 26.85 -48.71 -64.27
C PHE Y 221 28.35 -48.69 -63.96
N GLY Y 222 28.81 -49.66 -63.17
CA GLY Y 222 30.21 -49.79 -62.77
C GLY Y 222 30.58 -48.89 -61.61
N LEU Y 223 29.65 -48.75 -60.64
CA LEU Y 223 29.83 -47.91 -59.45
C LEU Y 223 30.27 -48.77 -58.27
N VAL Y 224 29.62 -49.93 -58.05
CA VAL Y 224 29.93 -50.87 -56.97
C VAL Y 224 30.29 -52.25 -57.54
N ASP Y 225 31.05 -53.05 -56.77
CA ASP Y 225 31.47 -54.41 -57.17
C ASP Y 225 30.36 -55.44 -56.88
N SER Y 226 30.69 -56.74 -56.99
CA SER Y 226 29.78 -57.88 -56.76
C SER Y 226 29.15 -57.90 -55.35
N ASN Y 227 29.86 -57.38 -54.33
CA ASN Y 227 29.38 -57.34 -52.95
C ASN Y 227 28.61 -56.05 -52.65
N GLY Y 228 29.24 -54.90 -52.91
CA GLY Y 228 28.65 -53.59 -52.68
C GLY Y 228 29.64 -52.47 -52.42
N LYS Y 229 30.95 -52.77 -52.48
CA LYS Y 229 32.04 -51.82 -52.27
C LYS Y 229 32.16 -50.89 -53.49
N PRO Y 230 32.15 -49.54 -53.29
CA PRO Y 230 32.26 -48.63 -54.44
C PRO Y 230 33.66 -48.62 -55.06
N SER Y 231 33.74 -48.23 -56.35
CA SER Y 231 34.99 -48.16 -57.11
C SER Y 231 35.88 -47.00 -56.65
N ALA Y 232 37.17 -47.01 -57.06
CA ALA Y 232 38.17 -46.00 -56.74
C ALA Y 232 37.75 -44.59 -57.19
N ALA Y 233 36.98 -44.50 -58.30
CA ALA Y 233 36.46 -43.26 -58.88
C ALA Y 233 35.42 -42.61 -57.95
N VAL Y 234 34.58 -43.45 -57.30
CA VAL Y 234 33.53 -43.02 -56.36
C VAL Y 234 34.18 -42.59 -55.03
N MET Y 235 35.16 -43.38 -54.55
CA MET Y 235 35.90 -43.15 -53.30
C MET Y 235 36.68 -41.83 -53.34
N ALA Y 236 37.27 -41.49 -54.50
CA ALA Y 236 38.03 -40.25 -54.70
C ALA Y 236 37.10 -39.04 -54.70
N ALA Y 237 35.89 -39.17 -55.28
CA ALA Y 237 34.88 -38.12 -55.36
C ALA Y 237 34.25 -37.84 -54.00
N ALA Y 238 34.12 -38.88 -53.15
CA ALA Y 238 33.58 -38.77 -51.79
C ALA Y 238 34.58 -38.06 -50.87
N GLN Y 239 35.88 -38.30 -51.09
CA GLN Y 239 37.00 -37.69 -50.35
C GLN Y 239 37.16 -36.22 -50.77
N ALA Y 240 36.89 -35.92 -52.05
CA ALA Y 240 36.99 -34.58 -52.63
C ALA Y 240 35.91 -33.65 -52.06
N TYR Y 241 34.71 -34.19 -51.75
CA TYR Y 241 33.59 -33.45 -51.18
C TYR Y 241 33.87 -33.03 -49.72
N LYS Y 242 34.66 -33.83 -48.99
CA LYS Y 242 35.04 -33.59 -47.60
C LYS Y 242 35.96 -32.37 -47.47
N THR Y 243 36.82 -32.14 -48.48
CA THR Y 243 37.78 -31.02 -48.52
C THR Y 243 37.31 -29.91 -49.49
N ALA Y 244 36.10 -30.05 -50.07
CA ALA Y 244 35.52 -29.08 -51.02
C ALA Y 244 35.16 -27.74 -50.36
N ALA Y 245 35.19 -26.65 -51.16
CA ALA Y 245 34.88 -25.30 -50.70
C ALA Y 245 33.47 -24.88 -51.14
N GLN Z 5 22.98 4.66 6.75
CA GLN Z 5 22.22 4.19 5.59
C GLN Z 5 22.76 2.84 5.09
N GLU Z 6 24.07 2.59 5.25
CA GLU Z 6 24.72 1.34 4.83
C GLU Z 6 24.40 0.24 5.84
N LEU Z 7 23.14 -0.23 5.82
CA LEU Z 7 22.60 -1.28 6.69
C LEU Z 7 22.27 -2.55 5.87
N ALA Z 8 22.59 -2.52 4.57
CA ALA Z 8 22.40 -3.62 3.62
C ALA Z 8 23.36 -4.79 3.91
N ILE Z 9 24.51 -4.49 4.57
CA ILE Z 9 25.54 -5.45 4.97
C ILE Z 9 24.94 -6.45 5.98
N GLN Z 10 24.12 -5.96 6.91
CA GLN Z 10 23.43 -6.74 7.94
C GLN Z 10 22.35 -7.63 7.31
N PHE Z 11 21.69 -7.13 6.24
CA PHE Z 11 20.67 -7.84 5.48
C PHE Z 11 21.32 -8.96 4.65
N ALA Z 12 22.57 -8.71 4.19
CA ALA Z 12 23.38 -9.64 3.40
C ALA Z 12 24.03 -10.71 4.28
N ALA Z 13 24.38 -10.35 5.53
CA ALA Z 13 25.01 -11.25 6.51
C ALA Z 13 24.06 -12.38 6.96
N GLN Z 14 22.74 -12.19 6.74
CA GLN Z 14 21.66 -13.12 7.06
C GLN Z 14 21.83 -14.44 6.33
N ALA Z 15 21.58 -15.56 7.03
CA ALA Z 15 21.65 -16.91 6.45
C ALA Z 15 20.48 -17.13 5.50
N VAL Z 16 20.79 -17.54 4.26
CA VAL Z 16 19.77 -17.77 3.21
C VAL Z 16 18.99 -19.05 3.51
N ASP Z 17 17.64 -18.93 3.55
CA ASP Z 17 16.72 -20.04 3.79
C ASP Z 17 16.38 -20.69 2.46
N ARG Z 18 16.96 -21.89 2.23
CA ARG Z 18 16.82 -22.69 1.01
C ARG Z 18 15.36 -22.92 0.60
N ASN Z 19 14.50 -23.32 1.55
CA ASN Z 19 13.10 -23.62 1.30
C ASN Z 19 12.22 -22.37 1.18
N GLU Z 20 12.60 -21.25 1.83
CA GLU Z 20 11.86 -19.98 1.76
C GLU Z 20 11.92 -19.41 0.32
N ILE Z 21 13.07 -19.59 -0.34
CA ILE Z 21 13.33 -19.18 -1.72
C ILE Z 21 12.60 -20.16 -2.67
N GLU Z 22 12.59 -21.48 -2.32
CA GLU Z 22 11.94 -22.56 -3.07
C GLU Z 22 10.42 -22.37 -3.18
N GLN Z 23 9.81 -21.70 -2.19
CA GLN Z 23 8.38 -21.40 -2.15
C GLN Z 23 8.01 -20.31 -3.17
N TRP Z 24 8.86 -19.27 -3.27
CA TRP Z 24 8.64 -18.12 -4.15
C TRP Z 24 8.97 -18.44 -5.62
N VAL Z 25 9.97 -19.30 -5.90
CA VAL Z 25 10.34 -19.66 -7.27
C VAL Z 25 9.18 -20.44 -7.95
N ARG Z 26 8.50 -21.32 -7.19
CA ARG Z 26 7.35 -22.10 -7.67
C ARG Z 26 6.12 -21.20 -7.83
N GLU Z 27 6.01 -20.15 -6.98
CA GLU Z 27 4.94 -19.17 -7.00
C GLU Z 27 5.10 -18.23 -8.20
N PHE Z 28 6.34 -17.72 -8.41
CA PHE Z 28 6.67 -16.80 -9.50
C PHE Z 28 7.27 -17.57 -10.71
N ALA Z 29 6.76 -18.78 -10.98
CA ALA Z 29 7.22 -19.63 -12.07
C ALA Z 29 6.62 -19.19 -13.41
N TYR Z 30 7.36 -19.45 -14.51
CA TYR Z 30 7.01 -19.12 -15.90
C TYR Z 30 5.98 -20.12 -16.45
N GLN Z 31 5.08 -19.64 -17.33
CA GLN Z 31 4.02 -20.43 -17.95
C GLN Z 31 4.46 -20.99 -19.32
N GLY Z 32 4.01 -22.21 -19.61
CA GLY Z 32 4.30 -22.94 -20.84
C GLY Z 32 4.04 -24.42 -20.63
N PHE Z 33 4.45 -24.92 -19.44
CA PHE Z 33 4.29 -26.27 -18.91
C PHE Z 33 4.79 -27.38 -19.86
N ASP Z 34 3.95 -27.78 -20.85
CA ASP Z 34 4.20 -28.86 -21.82
C ASP Z 34 4.55 -30.16 -21.06
N ALA Z 35 3.62 -30.62 -20.20
CA ALA Z 35 3.82 -31.81 -19.37
C ALA Z 35 2.50 -32.47 -18.93
N ARG Z 36 1.79 -31.83 -17.98
CA ARG Z 36 0.57 -32.36 -17.35
C ARG Z 36 -0.69 -31.87 -18.05
N ARG Z 37 -0.68 -30.62 -18.55
CA ARG Z 37 -1.81 -30.01 -19.26
C ARG Z 37 -2.04 -30.68 -20.63
N VAL Z 38 -0.96 -31.10 -21.32
CA VAL Z 38 -1.01 -31.73 -22.65
C VAL Z 38 -1.77 -33.07 -22.58
N ILE Z 39 -1.37 -33.98 -21.64
CA ILE Z 39 -2.00 -35.29 -21.44
C ILE Z 39 -3.46 -35.09 -20.97
N GLU Z 40 -3.71 -34.07 -20.11
CA GLU Z 40 -5.03 -33.71 -19.60
C GLU Z 40 -5.94 -33.19 -20.73
N LEU Z 41 -5.36 -32.53 -21.75
CA LEU Z 41 -6.11 -32.01 -22.89
C LEU Z 41 -6.40 -33.10 -23.92
N LEU Z 42 -5.48 -34.07 -24.09
CA LEU Z 42 -5.63 -35.19 -25.03
C LEU Z 42 -6.74 -36.15 -24.60
N LYS Z 43 -6.91 -36.36 -23.28
CA LYS Z 43 -7.96 -37.23 -22.73
C LYS Z 43 -9.32 -36.51 -22.74
N GLN Z 44 -9.29 -35.16 -22.69
CA GLN Z 44 -10.48 -34.29 -22.69
C GLN Z 44 -11.04 -34.13 -24.11
N TYR Z 45 -10.15 -33.97 -25.11
CA TYR Z 45 -10.51 -33.77 -26.52
C TYR Z 45 -10.75 -35.10 -27.25
N GLY Z 46 -9.90 -36.10 -26.95
CA GLY Z 46 -9.98 -37.43 -27.56
C GLY Z 46 -10.97 -38.34 -26.88
N GLY Z 47 -10.64 -38.76 -25.65
CA GLY Z 47 -11.48 -39.64 -24.85
C GLY Z 47 -10.88 -41.01 -24.63
N ALA Z 48 -11.35 -42.00 -25.40
CA ALA Z 48 -10.87 -43.39 -25.34
C ALA Z 48 -9.89 -43.70 -26.46
N ASP Z 49 -10.07 -43.05 -27.64
CA ASP Z 49 -9.22 -43.22 -28.83
C ASP Z 49 -8.03 -42.23 -28.81
N TRP Z 50 -7.72 -41.64 -27.64
CA TRP Z 50 -6.65 -40.67 -27.47
C TRP Z 50 -5.25 -41.31 -27.61
N GLU Z 51 -5.09 -42.58 -27.16
CA GLU Z 51 -3.81 -43.31 -27.21
C GLU Z 51 -3.40 -43.67 -28.64
N LYS Z 52 -4.37 -44.10 -29.47
CA LYS Z 52 -4.14 -44.48 -30.87
C LYS Z 52 -3.81 -43.22 -31.70
N ASP Z 53 -4.52 -42.11 -31.44
CA ASP Z 53 -4.34 -40.83 -32.14
C ASP Z 53 -3.01 -40.17 -31.75
N ALA Z 54 -2.57 -40.34 -30.49
CA ALA Z 54 -1.29 -39.79 -29.99
C ALA Z 54 -0.12 -40.45 -30.72
N LYS Z 55 -0.22 -41.77 -30.99
CA LYS Z 55 0.77 -42.56 -31.73
C LYS Z 55 0.86 -42.05 -33.17
N LYS Z 56 -0.30 -41.68 -33.77
CA LYS Z 56 -0.41 -41.13 -35.12
C LYS Z 56 0.23 -39.74 -35.20
N MET Z 57 0.00 -38.91 -34.16
CA MET Z 57 0.49 -37.54 -34.04
C MET Z 57 2.01 -37.50 -33.81
N ILE Z 58 2.58 -38.55 -33.19
CA ILE Z 58 4.02 -38.68 -32.93
C ILE Z 58 4.75 -38.90 -34.26
N VAL Z 59 4.25 -39.84 -35.08
CA VAL Z 59 4.80 -40.19 -36.41
C VAL Z 59 4.68 -38.98 -37.35
N LEU Z 60 3.56 -38.23 -37.27
CA LEU Z 60 3.26 -37.04 -38.07
C LEU Z 60 4.23 -35.88 -37.76
N ALA Z 61 4.49 -35.61 -36.47
CA ALA Z 61 5.38 -34.54 -36.01
C ALA Z 61 6.85 -34.82 -36.29
N LEU Z 62 7.25 -36.11 -36.24
CA LEU Z 62 8.62 -36.56 -36.44
C LEU Z 62 9.06 -36.55 -37.90
N THR Z 63 8.17 -36.99 -38.82
CA THR Z 63 8.45 -37.10 -40.25
C THR Z 63 8.18 -35.80 -41.01
N ARG Z 64 7.05 -35.12 -40.73
CA ARG Z 64 6.69 -33.89 -41.44
C ARG Z 64 7.11 -32.63 -40.65
N GLY Z 65 6.33 -32.23 -39.63
CA GLY Z 65 6.65 -31.04 -38.84
C GLY Z 65 5.62 -30.64 -37.80
N ASN Z 66 5.59 -29.32 -37.48
CA ASN Z 66 4.68 -28.74 -36.48
C ASN Z 66 3.46 -28.04 -37.11
N LYS Z 67 3.62 -27.42 -38.29
CA LYS Z 67 2.52 -26.73 -38.99
C LYS Z 67 1.62 -27.78 -39.70
N PRO Z 68 0.36 -27.99 -39.23
CA PRO Z 68 -0.47 -29.05 -39.84
C PRO Z 68 -1.17 -28.66 -41.14
N ARG Z 69 -1.64 -27.39 -41.26
CA ARG Z 69 -2.32 -26.90 -42.46
C ARG Z 69 -1.35 -26.80 -43.65
N ARG Z 70 -0.05 -26.57 -43.35
CA ARG Z 70 1.01 -26.41 -44.36
C ARG Z 70 1.42 -27.75 -44.96
N MET Z 71 1.53 -28.81 -44.13
CA MET Z 71 1.93 -30.15 -44.57
C MET Z 71 0.80 -30.85 -45.36
N MET Z 72 -0.46 -30.43 -45.14
CA MET Z 72 -1.66 -30.97 -45.82
C MET Z 72 -1.69 -30.63 -47.30
N MET Z 73 -1.05 -29.52 -47.69
CA MET Z 73 -0.97 -29.01 -49.07
C MET Z 73 -0.20 -29.99 -49.97
N LYS Z 74 0.89 -30.58 -49.45
CA LYS Z 74 1.71 -31.56 -50.17
C LYS Z 74 1.64 -32.92 -49.46
N MET Z 75 0.47 -33.58 -49.58
CA MET Z 75 0.17 -34.88 -48.97
C MET Z 75 -0.88 -35.64 -49.80
N SER Z 76 -0.97 -36.97 -49.61
CA SER Z 76 -1.93 -37.84 -50.29
C SER Z 76 -3.35 -37.61 -49.78
N LYS Z 77 -4.38 -38.00 -50.57
CA LYS Z 77 -5.80 -37.87 -50.24
C LYS Z 77 -6.17 -38.64 -48.97
N GLU Z 78 -5.51 -39.80 -48.76
CA GLU Z 78 -5.69 -40.67 -47.58
C GLU Z 78 -5.18 -39.98 -46.32
N GLY Z 79 -4.02 -39.32 -46.44
CA GLY Z 79 -3.36 -38.58 -45.37
C GLY Z 79 -4.04 -37.26 -45.05
N LYS Z 80 -4.55 -36.57 -46.10
CA LYS Z 80 -5.27 -35.29 -45.99
C LYS Z 80 -6.47 -35.39 -45.05
N ALA Z 81 -7.34 -36.41 -45.26
CA ALA Z 81 -8.54 -36.67 -44.47
C ALA Z 81 -8.21 -37.09 -43.03
N THR Z 82 -7.09 -37.81 -42.83
CA THR Z 82 -6.65 -38.29 -41.52
C THR Z 82 -6.07 -37.13 -40.69
N VAL Z 83 -5.28 -36.23 -41.33
CA VAL Z 83 -4.68 -35.06 -40.66
C VAL Z 83 -5.80 -34.04 -40.35
N GLU Z 84 -6.76 -33.85 -41.29
CA GLU Z 84 -7.93 -32.96 -41.13
C GLU Z 84 -8.75 -33.38 -39.91
N ALA Z 85 -8.89 -34.71 -39.70
CA ALA Z 85 -9.60 -35.33 -38.57
C ALA Z 85 -8.89 -35.04 -37.25
N LEU Z 86 -7.54 -34.96 -37.26
CA LEU Z 86 -6.73 -34.68 -36.07
C LEU Z 86 -6.79 -33.21 -35.66
N ILE Z 87 -6.84 -32.27 -36.65
CA ILE Z 87 -6.90 -30.82 -36.37
C ILE Z 87 -8.31 -30.44 -35.89
N ASN Z 88 -9.35 -30.84 -36.62
CA ASN Z 88 -10.75 -30.50 -36.30
C ASN Z 88 -11.35 -31.46 -35.24
N LYS Z 89 -10.57 -31.75 -34.17
CA LYS Z 89 -10.92 -32.62 -33.04
C LYS Z 89 -10.02 -32.31 -31.84
N TYR Z 90 -8.68 -32.36 -32.05
CA TYR Z 90 -7.67 -32.09 -31.02
C TYR Z 90 -7.23 -30.63 -31.03
N LYS Z 91 -7.73 -29.84 -32.01
CA LYS Z 91 -7.48 -28.41 -32.22
C LYS Z 91 -5.97 -28.12 -32.31
N LEU Z 92 -5.27 -28.90 -33.15
CA LEU Z 92 -3.83 -28.79 -33.37
C LEU Z 92 -3.49 -27.50 -34.11
N LYS Z 93 -2.91 -26.55 -33.37
CA LYS Z 93 -2.49 -25.25 -33.90
C LYS Z 93 -1.04 -25.32 -34.38
N GLU Z 94 -0.51 -24.20 -34.89
CA GLU Z 94 0.86 -24.07 -35.38
C GLU Z 94 1.55 -22.88 -34.72
N GLY Z 95 2.81 -23.09 -34.35
CA GLY Z 95 3.65 -22.09 -33.69
C GLY Z 95 3.70 -22.27 -32.18
N ASN Z 96 3.70 -21.15 -31.45
CA ASN Z 96 3.75 -21.15 -29.99
C ASN Z 96 2.49 -20.44 -29.44
N PRO Z 97 1.38 -21.19 -29.23
CA PRO Z 97 0.14 -20.55 -28.74
C PRO Z 97 0.05 -20.56 -27.20
N SER Z 98 -1.18 -20.39 -26.66
CA SER Z 98 -1.46 -20.36 -25.23
C SER Z 98 -1.33 -21.75 -24.56
N ARG Z 99 -1.36 -21.78 -23.21
CA ARG Z 99 -1.26 -22.97 -22.35
C ARG Z 99 -2.36 -24.00 -22.65
N ASP Z 100 -3.61 -23.52 -22.89
CA ASP Z 100 -4.78 -24.37 -23.17
C ASP Z 100 -4.81 -24.91 -24.63
N GLU Z 101 -3.85 -24.50 -25.48
CA GLU Z 101 -3.79 -24.95 -26.87
C GLU Z 101 -2.77 -26.10 -27.07
N LEU Z 102 -3.02 -26.94 -28.09
CA LEU Z 102 -2.18 -28.09 -28.44
C LEU Z 102 -1.54 -27.95 -29.82
N THR Z 103 -0.30 -28.44 -29.95
CA THR Z 103 0.47 -28.50 -31.20
C THR Z 103 1.07 -29.89 -31.32
N LEU Z 104 1.49 -30.29 -32.54
CA LEU Z 104 2.06 -31.61 -32.80
C LEU Z 104 3.39 -31.82 -32.04
N SER Z 105 4.18 -30.74 -31.85
CA SER Z 105 5.45 -30.76 -31.14
C SER Z 105 5.24 -30.94 -29.63
N ARG Z 106 4.14 -30.36 -29.07
CA ARG Z 106 3.79 -30.44 -27.65
C ARG Z 106 3.32 -31.85 -27.26
N VAL Z 107 2.70 -32.59 -28.20
CA VAL Z 107 2.22 -33.96 -27.97
C VAL Z 107 3.43 -34.90 -27.93
N ALA Z 108 4.41 -34.68 -28.83
CA ALA Z 108 5.65 -35.46 -28.93
C ALA Z 108 6.58 -35.19 -27.74
N ALA Z 109 6.54 -33.96 -27.18
CA ALA Z 109 7.37 -33.55 -26.04
C ALA Z 109 6.83 -34.14 -24.73
N ALA Z 110 5.49 -34.17 -24.54
CA ALA Z 110 4.84 -34.69 -23.34
C ALA Z 110 5.02 -36.21 -23.21
N LEU Z 111 4.92 -36.93 -24.34
CA LEU Z 111 5.09 -38.39 -24.41
C LEU Z 111 6.48 -38.70 -25.00
N ALA Z 112 7.52 -38.17 -24.34
CA ALA Z 112 8.93 -38.29 -24.73
C ALA Z 112 9.43 -39.74 -24.80
N GLY Z 113 8.90 -40.61 -23.95
CA GLY Z 113 9.27 -42.03 -23.90
C GLY Z 113 8.91 -42.82 -25.15
N ARG Z 114 7.70 -42.61 -25.69
CA ARG Z 114 7.21 -43.26 -26.91
C ARG Z 114 7.88 -42.63 -28.14
N THR Z 115 8.10 -41.30 -28.10
CA THR Z 115 8.71 -40.50 -29.16
C THR Z 115 10.16 -40.98 -29.46
N CYS Z 116 10.97 -41.19 -28.39
CA CYS Z 116 12.36 -41.65 -28.49
C CYS Z 116 12.46 -43.07 -29.06
N GLN Z 117 11.50 -43.94 -28.70
CA GLN Z 117 11.43 -45.32 -29.17
C GLN Z 117 11.04 -45.39 -30.65
N ALA Z 118 10.22 -44.42 -31.10
CA ALA Z 118 9.74 -44.30 -32.49
C ALA Z 118 10.86 -43.90 -33.46
N LEU Z 119 11.92 -43.25 -32.93
CA LEU Z 119 13.08 -42.77 -33.70
C LEU Z 119 13.94 -43.94 -34.23
N VAL Z 120 13.86 -45.12 -33.58
CA VAL Z 120 14.59 -46.33 -33.97
C VAL Z 120 14.00 -46.85 -35.30
N VAL Z 121 12.65 -46.82 -35.42
CA VAL Z 121 11.91 -47.23 -36.62
C VAL Z 121 12.03 -46.11 -37.65
N LEU Z 122 11.60 -44.88 -37.29
CA LEU Z 122 11.66 -43.69 -38.16
C LEU Z 122 13.05 -43.07 -38.06
N SER Z 123 14.04 -43.71 -38.73
CA SER Z 123 15.43 -43.25 -38.71
C SER Z 123 15.80 -42.47 -39.97
N GLU Z 124 15.40 -43.00 -41.14
CA GLU Z 124 15.72 -42.40 -42.44
C GLU Z 124 14.59 -41.50 -42.98
N TRP Z 125 13.50 -41.32 -42.21
CA TRP Z 125 12.36 -40.49 -42.60
C TRP Z 125 12.38 -39.12 -41.90
N LEU Z 126 13.32 -38.92 -40.96
CA LEU Z 126 13.53 -37.66 -40.22
C LEU Z 126 14.18 -36.59 -41.12
N PRO Z 127 14.13 -35.26 -40.79
CA PRO Z 127 14.81 -34.25 -41.64
C PRO Z 127 16.32 -34.50 -41.70
N VAL Z 128 16.89 -34.99 -40.58
CA VAL Z 128 18.30 -35.37 -40.45
C VAL Z 128 18.30 -36.89 -40.26
N THR Z 129 18.78 -37.63 -41.28
CA THR Z 129 18.80 -39.10 -41.26
C THR Z 129 19.87 -39.64 -40.32
N GLY Z 130 19.70 -40.91 -39.91
CA GLY Z 130 20.62 -41.62 -39.04
C GLY Z 130 21.99 -41.86 -39.65
N THR Z 131 22.02 -42.02 -40.99
CA THR Z 131 23.25 -42.23 -41.78
C THR Z 131 24.09 -40.95 -41.78
N THR Z 132 23.43 -39.77 -41.80
CA THR Z 132 24.06 -38.45 -41.77
C THR Z 132 24.73 -38.23 -40.39
N MET Z 133 24.03 -38.65 -39.31
CA MET Z 133 24.53 -38.55 -37.93
C MET Z 133 25.66 -39.54 -37.67
N ASP Z 134 25.67 -40.68 -38.40
CA ASP Z 134 26.70 -41.72 -38.29
C ASP Z 134 28.04 -41.23 -38.89
N GLY Z 135 27.96 -40.30 -39.85
CA GLY Z 135 29.12 -39.70 -40.49
C GLY Z 135 29.89 -38.77 -39.58
N LEU Z 136 29.17 -38.03 -38.72
CA LEU Z 136 29.73 -37.09 -37.74
C LEU Z 136 30.31 -37.87 -36.55
N SER Z 137 29.52 -38.82 -36.01
CA SER Z 137 29.89 -39.68 -34.88
C SER Z 137 29.51 -41.13 -35.20
N PRO Z 138 30.47 -42.10 -35.24
CA PRO Z 138 30.11 -43.49 -35.55
C PRO Z 138 29.13 -44.10 -34.56
N ALA Z 139 28.07 -44.74 -35.08
CA ALA Z 139 26.95 -45.40 -34.37
C ALA Z 139 26.30 -44.42 -33.38
N TYR Z 140 25.76 -43.30 -33.91
CA TYR Z 140 25.09 -42.26 -33.12
C TYR Z 140 23.78 -42.80 -32.50
N PRO Z 141 23.50 -42.54 -31.19
CA PRO Z 141 22.26 -43.04 -30.58
C PRO Z 141 21.00 -42.45 -31.22
N ARG Z 142 20.15 -43.33 -31.77
CA ARG Z 142 18.91 -43.01 -32.47
C ARG Z 142 17.87 -42.34 -31.55
N HIS Z 143 17.86 -42.69 -30.26
CA HIS Z 143 16.93 -42.16 -29.26
C HIS Z 143 17.12 -40.66 -28.98
N MET Z 144 18.32 -40.12 -29.25
CA MET Z 144 18.66 -38.71 -29.03
C MET Z 144 18.26 -37.81 -30.21
N MET Z 145 17.77 -38.40 -31.32
CA MET Z 145 17.45 -37.72 -32.56
C MET Z 145 16.07 -36.99 -32.58
N HIS Z 146 15.78 -36.22 -31.52
CA HIS Z 146 14.59 -35.37 -31.39
C HIS Z 146 14.72 -34.44 -30.17
N PRO Z 147 14.33 -33.14 -30.26
CA PRO Z 147 14.47 -32.23 -29.11
C PRO Z 147 13.71 -32.66 -27.85
N SER Z 148 12.71 -33.55 -27.99
CA SER Z 148 11.89 -34.07 -26.88
C SER Z 148 12.69 -35.03 -25.96
N PHE Z 149 13.88 -35.51 -26.40
CA PHE Z 149 14.76 -36.40 -25.64
C PHE Z 149 15.23 -35.74 -24.33
N ALA Z 150 15.31 -34.39 -24.32
CA ALA Z 150 15.71 -33.59 -23.16
C ALA Z 150 14.80 -33.83 -21.93
N GLY Z 151 13.57 -34.27 -22.19
CA GLY Z 151 12.59 -34.62 -21.16
C GLY Z 151 12.82 -35.99 -20.54
N MET Z 152 13.73 -36.79 -21.14
CA MET Z 152 14.11 -38.13 -20.69
C MET Z 152 15.45 -38.10 -19.94
N VAL Z 153 16.19 -36.97 -20.02
CA VAL Z 153 17.49 -36.76 -19.39
C VAL Z 153 17.29 -36.56 -17.87
N ASP Z 154 18.07 -37.31 -17.07
CA ASP Z 154 18.05 -37.27 -15.60
C ASP Z 154 19.03 -36.19 -15.08
N PRO Z 155 18.54 -35.11 -14.43
CA PRO Z 155 19.47 -34.06 -13.95
C PRO Z 155 20.26 -34.46 -12.70
N SER Z 156 19.82 -35.51 -11.97
CA SER Z 156 20.47 -36.00 -10.75
C SER Z 156 21.79 -36.75 -11.07
N LEU Z 157 22.04 -37.03 -12.36
CA LEU Z 157 23.25 -37.70 -12.86
C LEU Z 157 24.51 -36.87 -12.57
N PRO Z 158 25.70 -37.50 -12.34
CA PRO Z 158 26.92 -36.71 -12.07
C PRO Z 158 27.28 -35.75 -13.20
N GLY Z 159 27.87 -34.61 -12.82
CA GLY Z 159 28.29 -33.52 -13.71
C GLY Z 159 28.88 -33.91 -15.04
N ASP Z 160 29.94 -34.76 -15.01
CA ASP Z 160 30.66 -35.24 -16.20
C ASP Z 160 29.76 -36.10 -17.09
N TYR Z 161 28.88 -36.91 -16.47
CA TYR Z 161 27.95 -37.79 -17.17
C TYR Z 161 26.78 -37.00 -17.77
N LEU Z 162 26.21 -36.06 -16.99
CA LEU Z 162 25.09 -35.21 -17.38
C LEU Z 162 25.47 -34.34 -18.59
N ARG Z 163 26.69 -33.78 -18.59
CA ARG Z 163 27.22 -32.96 -19.69
C ARG Z 163 27.47 -33.81 -20.94
N ALA Z 164 27.91 -35.07 -20.75
CA ALA Z 164 28.19 -36.02 -21.84
C ALA Z 164 26.92 -36.40 -22.61
N ILE Z 165 25.77 -36.50 -21.92
CA ILE Z 165 24.46 -36.81 -22.52
C ILE Z 165 23.97 -35.58 -23.30
N LEU Z 166 24.07 -34.37 -22.69
CA LEU Z 166 23.64 -33.11 -23.27
C LEU Z 166 24.49 -32.70 -24.48
N ASP Z 167 25.83 -32.90 -24.43
CA ASP Z 167 26.75 -32.58 -25.54
C ASP Z 167 26.51 -33.50 -26.74
N ALA Z 168 26.20 -34.79 -26.48
CA ALA Z 168 25.90 -35.80 -27.51
C ALA Z 168 24.57 -35.48 -28.19
N HIS Z 169 23.57 -35.04 -27.41
CA HIS Z 169 22.24 -34.67 -27.89
C HIS Z 169 22.30 -33.34 -28.67
N SER Z 170 23.21 -32.43 -28.27
CA SER Z 170 23.41 -31.12 -28.91
C SER Z 170 23.97 -31.26 -30.33
N LEU Z 171 24.66 -32.40 -30.63
CA LEU Z 171 25.24 -32.70 -31.95
C LEU Z 171 24.11 -32.82 -33.00
N TYR Z 172 22.98 -33.43 -32.62
CA TYR Z 172 21.80 -33.56 -33.48
C TYR Z 172 21.11 -32.20 -33.61
N LEU Z 173 20.86 -31.53 -32.45
CA LEU Z 173 20.20 -30.22 -32.37
C LEU Z 173 20.88 -29.18 -33.24
N LEU Z 174 22.22 -29.25 -33.36
CA LEU Z 174 23.03 -28.35 -34.18
C LEU Z 174 22.71 -28.55 -35.67
N GLN Z 175 22.55 -29.81 -36.09
CA GLN Z 175 22.23 -30.18 -37.47
C GLN Z 175 20.74 -29.93 -37.76
N PHE Z 176 19.86 -30.33 -36.83
CA PHE Z 176 18.40 -30.23 -36.93
C PHE Z 176 17.92 -28.77 -37.00
N SER Z 177 18.36 -27.91 -36.04
CA SER Z 177 17.97 -26.49 -35.98
C SER Z 177 18.41 -25.72 -37.24
N ARG Z 178 19.50 -26.17 -37.89
CA ARG Z 178 19.99 -25.55 -39.12
C ARG Z 178 19.15 -25.99 -40.33
N VAL Z 179 18.53 -27.18 -40.27
CA VAL Z 179 17.71 -27.74 -41.35
C VAL Z 179 16.30 -27.07 -41.34
N ILE Z 180 15.62 -27.05 -40.17
CA ILE Z 180 14.28 -26.47 -40.03
C ILE Z 180 14.29 -24.92 -40.10
N ASN Z 181 15.36 -24.27 -39.61
CA ASN Z 181 15.50 -22.82 -39.65
C ASN Z 181 16.57 -22.45 -40.70
N PRO Z 182 16.17 -21.83 -41.85
CA PRO Z 182 17.15 -21.54 -42.91
C PRO Z 182 18.13 -20.41 -42.61
N ASN Z 183 17.76 -19.42 -41.76
CA ASN Z 183 18.64 -18.29 -41.45
C ASN Z 183 19.78 -18.69 -40.49
N LEU Z 184 19.70 -19.87 -39.83
CA LEU Z 184 20.72 -20.37 -38.90
C LEU Z 184 21.80 -21.21 -39.62
N ARG Z 185 21.62 -21.47 -40.93
CA ARG Z 185 22.53 -22.27 -41.77
C ARG Z 185 23.94 -21.69 -41.86
N GLY Z 186 24.04 -20.39 -42.11
CA GLY Z 186 25.31 -19.67 -42.25
C GLY Z 186 26.01 -19.36 -40.94
N ARG Z 187 25.23 -19.28 -39.85
CA ARG Z 187 25.72 -18.96 -38.50
C ARG Z 187 26.50 -20.13 -37.89
N THR Z 188 27.55 -19.79 -37.11
CA THR Z 188 28.47 -20.72 -36.44
C THR Z 188 27.80 -21.56 -35.34
N LYS Z 189 28.51 -22.60 -34.86
CA LYS Z 189 28.11 -23.55 -33.82
C LYS Z 189 27.59 -22.85 -32.55
N GLU Z 190 28.31 -21.81 -32.09
CA GLU Z 190 27.98 -21.03 -30.89
C GLU Z 190 26.66 -20.27 -31.05
N GLU Z 191 26.39 -19.73 -32.27
CA GLU Z 191 25.18 -18.98 -32.60
C GLU Z 191 23.95 -19.90 -32.60
N VAL Z 192 24.08 -21.12 -33.14
CA VAL Z 192 23.00 -22.12 -33.22
C VAL Z 192 22.76 -22.70 -31.81
N ALA Z 193 23.83 -22.94 -31.03
CA ALA Z 193 23.76 -23.49 -29.67
C ALA Z 193 22.89 -22.63 -28.75
N ALA Z 194 23.03 -21.29 -28.84
CA ALA Z 194 22.32 -20.27 -28.05
C ALA Z 194 20.79 -20.29 -28.23
N THR Z 195 20.28 -20.90 -29.32
CA THR Z 195 18.84 -20.98 -29.59
C THR Z 195 18.19 -22.25 -28.99
N PHE Z 196 18.93 -23.38 -28.92
CA PHE Z 196 18.37 -24.64 -28.41
C PHE Z 196 18.78 -24.98 -26.95
N THR Z 197 19.83 -24.34 -26.40
CA THR Z 197 20.30 -24.63 -25.03
C THR Z 197 19.29 -24.26 -23.94
N GLN Z 198 18.54 -23.16 -24.11
CA GLN Z 198 17.53 -22.69 -23.16
C GLN Z 198 16.33 -23.69 -23.05
N PRO Z 199 15.61 -24.10 -24.13
CA PRO Z 199 14.50 -25.04 -23.94
C PRO Z 199 14.94 -26.47 -23.60
N MET Z 200 16.23 -26.80 -23.88
CA MET Z 200 16.84 -28.11 -23.59
C MET Z 200 16.99 -28.29 -22.08
N ASN Z 201 17.62 -27.30 -21.40
CA ASN Z 201 17.86 -27.30 -19.95
C ASN Z 201 16.55 -27.23 -19.17
N ALA Z 202 15.52 -26.56 -19.73
CA ALA Z 202 14.18 -26.42 -19.13
C ALA Z 202 13.46 -27.76 -19.06
N ALA Z 203 13.68 -28.63 -20.06
CA ALA Z 203 13.08 -29.96 -20.12
C ALA Z 203 13.80 -30.95 -19.20
N VAL Z 204 15.11 -30.75 -18.98
CA VAL Z 204 15.94 -31.60 -18.10
C VAL Z 204 15.58 -31.29 -16.64
N ASN Z 205 15.48 -29.99 -16.29
CA ASN Z 205 15.18 -29.51 -14.95
C ASN Z 205 13.66 -29.50 -14.63
N SER Z 206 12.80 -29.97 -15.56
CA SER Z 206 11.35 -30.03 -15.35
C SER Z 206 11.00 -31.14 -14.34
N ASN Z 207 9.99 -30.89 -13.49
CA ASN Z 207 9.55 -31.80 -12.43
C ASN Z 207 8.77 -33.04 -12.97
N PHE Z 208 8.34 -33.02 -14.25
CA PHE Z 208 7.58 -34.10 -14.87
C PHE Z 208 8.47 -35.33 -15.09
N ILE Z 209 8.05 -36.48 -14.51
CA ILE Z 209 8.71 -37.80 -14.47
C ILE Z 209 9.92 -37.68 -13.53
N SER Z 210 9.90 -38.45 -12.42
CA SER Z 210 10.95 -38.45 -11.39
C SER Z 210 12.34 -38.82 -11.94
N HIS Z 211 13.38 -38.38 -11.21
CA HIS Z 211 14.81 -38.57 -11.52
C HIS Z 211 15.18 -40.05 -11.67
N GLU Z 212 14.63 -40.92 -10.83
CA GLU Z 212 14.88 -42.36 -10.84
C GLU Z 212 14.21 -43.04 -12.04
N LYS Z 213 12.98 -42.62 -12.38
CA LYS Z 213 12.21 -43.15 -13.52
C LYS Z 213 12.86 -42.73 -14.84
N ARG Z 214 13.38 -41.48 -14.91
CA ARG Z 214 14.08 -40.94 -16.08
C ARG Z 214 15.38 -41.70 -16.34
N ARG Z 215 16.09 -42.07 -15.25
CA ARG Z 215 17.34 -42.82 -15.28
C ARG Z 215 17.10 -44.24 -15.84
N GLU Z 216 15.93 -44.84 -15.51
CA GLU Z 216 15.53 -46.18 -15.96
C GLU Z 216 15.33 -46.21 -17.48
N PHE Z 217 14.77 -45.13 -18.07
CA PHE Z 217 14.53 -44.99 -19.50
C PHE Z 217 15.85 -44.97 -20.28
N LEU Z 218 16.83 -44.19 -19.80
CA LEU Z 218 18.16 -44.04 -20.39
C LEU Z 218 18.91 -45.40 -20.37
N LYS Z 219 18.68 -46.21 -19.31
CA LYS Z 219 19.26 -47.55 -19.16
C LYS Z 219 18.59 -48.52 -20.14
N ALA Z 220 17.26 -48.40 -20.32
CA ALA Z 220 16.44 -49.23 -21.20
C ALA Z 220 16.75 -48.97 -22.68
N PHE Z 221 17.05 -47.69 -23.04
CA PHE Z 221 17.39 -47.31 -24.42
C PHE Z 221 18.84 -47.72 -24.77
N GLY Z 222 19.63 -48.06 -23.75
CA GLY Z 222 21.02 -48.46 -23.89
C GLY Z 222 21.96 -47.28 -24.02
N LEU Z 223 21.69 -46.20 -23.27
CA LEU Z 223 22.49 -44.98 -23.27
C LEU Z 223 23.47 -44.96 -22.10
N VAL Z 224 23.00 -45.33 -20.89
CA VAL Z 224 23.82 -45.40 -19.67
C VAL Z 224 23.80 -46.83 -19.09
N ASP Z 225 24.83 -47.18 -18.31
CA ASP Z 225 24.96 -48.50 -17.66
C ASP Z 225 24.14 -48.54 -16.34
N SER Z 226 24.33 -49.61 -15.53
CA SER Z 226 23.65 -49.86 -14.25
C SER Z 226 23.85 -48.73 -13.23
N ASN Z 227 25.01 -48.04 -13.27
CA ASN Z 227 25.33 -46.94 -12.34
C ASN Z 227 24.85 -45.58 -12.89
N GLY Z 228 25.27 -45.23 -14.10
CA GLY Z 228 24.91 -43.98 -14.76
C GLY Z 228 25.91 -43.47 -15.77
N LYS Z 229 26.99 -44.24 -16.02
CA LYS Z 229 28.06 -43.92 -16.96
C LYS Z 229 27.55 -44.12 -18.41
N PRO Z 230 27.67 -43.10 -19.30
CA PRO Z 230 27.19 -43.27 -20.68
C PRO Z 230 28.05 -44.23 -21.50
N SER Z 231 27.46 -44.81 -22.56
CA SER Z 231 28.10 -45.76 -23.47
C SER Z 231 29.13 -45.06 -24.37
N ALA Z 232 30.00 -45.87 -25.03
CA ALA Z 232 31.05 -45.41 -25.94
C ALA Z 232 30.48 -44.60 -27.12
N ALA Z 233 29.25 -44.93 -27.55
CA ALA Z 233 28.52 -44.25 -28.64
C ALA Z 233 28.15 -42.81 -28.25
N VAL Z 234 27.75 -42.60 -26.98
CA VAL Z 234 27.37 -41.30 -26.41
C VAL Z 234 28.64 -40.46 -26.20
N MET Z 235 29.71 -41.08 -25.65
CA MET Z 235 31.00 -40.43 -25.37
C MET Z 235 31.67 -39.91 -26.64
N ALA Z 236 31.56 -40.66 -27.75
CA ALA Z 236 32.13 -40.28 -29.05
C ALA Z 236 31.37 -39.10 -29.66
N ALA Z 237 30.03 -39.06 -29.48
CA ALA Z 237 29.16 -37.99 -29.98
C ALA Z 237 29.35 -36.69 -29.20
N ALA Z 238 29.67 -36.80 -27.89
CA ALA Z 238 29.93 -35.65 -27.02
C ALA Z 238 31.28 -35.01 -27.37
N GLN Z 239 32.27 -35.85 -27.75
CA GLN Z 239 33.61 -35.44 -28.15
C GLN Z 239 33.58 -34.80 -29.55
N ALA Z 240 32.66 -35.30 -30.42
CA ALA Z 240 32.48 -34.81 -31.78
C ALA Z 240 31.89 -33.39 -31.80
N TYR Z 241 31.03 -33.07 -30.81
CA TYR Z 241 30.39 -31.76 -30.67
C TYR Z 241 31.41 -30.68 -30.26
N LYS Z 242 32.45 -31.08 -29.48
CA LYS Z 242 33.52 -30.20 -29.00
C LYS Z 242 34.39 -29.70 -30.15
N THR Z 243 34.61 -30.53 -31.18
CA THR Z 243 35.42 -30.21 -32.36
C THR Z 243 34.56 -29.91 -33.61
N ALA Z 244 33.22 -29.86 -33.43
CA ALA Z 244 32.25 -29.59 -34.50
C ALA Z 244 32.35 -28.15 -35.02
N ALA Z 245 31.98 -27.95 -36.30
CA ALA Z 245 31.99 -26.65 -36.97
C ALA Z 245 30.58 -26.08 -37.08
N GLN AA 5 49.98 33.60 -26.62
CA GLN AA 5 48.80 32.74 -26.61
C GLN AA 5 49.10 31.37 -25.98
N GLU AA 6 50.35 30.88 -26.12
CA GLU AA 6 50.79 29.60 -25.56
C GLU AA 6 51.05 29.78 -24.05
N LEU AA 7 49.95 29.91 -23.29
CA LEU AA 7 49.95 30.09 -21.83
C LEU AA 7 49.37 28.84 -21.12
N ALA AA 8 49.05 27.79 -21.90
CA ALA AA 8 48.52 26.53 -21.42
C ALA AA 8 49.58 25.73 -20.66
N ILE AA 9 50.88 25.99 -20.95
CA ILE AA 9 52.06 25.38 -20.32
C ILE AA 9 52.06 25.71 -18.82
N GLN AA 10 51.73 26.98 -18.47
CA GLN AA 10 51.65 27.50 -17.10
C GLN AA 10 50.48 26.85 -16.35
N PHE AA 11 49.36 26.59 -17.06
CA PHE AA 11 48.16 25.94 -16.53
C PHE AA 11 48.45 24.46 -16.27
N ALA AA 12 49.31 23.85 -17.10
CA ALA AA 12 49.73 22.45 -17.03
C ALA AA 12 50.80 22.24 -15.96
N ALA AA 13 51.67 23.26 -15.73
CA ALA AA 13 52.75 23.24 -14.74
C ALA AA 13 52.21 23.20 -13.30
N GLN AA 14 50.91 23.57 -13.12
CA GLN AA 14 50.20 23.59 -11.85
C GLN AA 14 50.12 22.20 -11.23
N ALA AA 15 50.33 22.11 -9.90
CA ALA AA 15 50.29 20.85 -9.16
C ALA AA 15 48.84 20.36 -9.06
N VAL AA 16 48.60 19.09 -9.47
CA VAL AA 16 47.27 18.48 -9.47
C VAL AA 16 46.84 18.14 -8.04
N ASP AA 17 45.67 18.66 -7.62
CA ASP AA 17 45.10 18.40 -6.30
C ASP AA 17 44.22 17.16 -6.38
N ARG AA 18 44.70 16.05 -5.80
CA ARG AA 18 44.07 14.73 -5.79
C ARG AA 18 42.60 14.77 -5.29
N ASN AA 19 42.34 15.45 -4.17
CA ASN AA 19 41.01 15.53 -3.57
C ASN AA 19 40.09 16.54 -4.27
N GLU AA 20 40.64 17.58 -4.93
CA GLU AA 20 39.86 18.57 -5.66
C GLU AA 20 39.19 17.92 -6.88
N ILE AA 21 39.89 16.97 -7.51
CA ILE AA 21 39.42 16.18 -8.66
C ILE AA 21 38.41 15.13 -8.15
N GLU AA 22 38.68 14.54 -6.96
CA GLU AA 22 37.84 13.52 -6.30
C GLU AA 22 36.44 14.06 -5.96
N GLN AA 23 36.32 15.39 -5.72
CA GLN AA 23 35.06 16.06 -5.41
C GLN AA 23 34.18 16.16 -6.64
N TRP AA 24 34.78 16.50 -7.80
CA TRP AA 24 34.08 16.68 -9.06
C TRP AA 24 33.68 15.36 -9.73
N VAL AA 25 34.49 14.28 -9.58
CA VAL AA 25 34.19 12.98 -10.18
C VAL AA 25 32.92 12.38 -9.52
N ARG AA 26 32.75 12.57 -8.20
CA ARG AA 26 31.58 12.10 -7.44
C ARG AA 26 30.35 12.97 -7.76
N GLU AA 27 30.59 14.26 -8.06
CA GLU AA 27 29.56 15.24 -8.43
C GLU AA 27 29.05 14.96 -9.84
N PHE AA 28 29.98 14.74 -10.81
CA PHE AA 28 29.68 14.46 -12.21
C PHE AA 28 29.68 12.94 -12.49
N ALA AA 29 29.21 12.13 -11.53
CA ALA AA 29 29.13 10.68 -11.64
C ALA AA 29 27.88 10.24 -12.40
N TYR AA 30 27.90 9.02 -12.98
CA TYR AA 30 26.74 8.49 -13.70
C TYR AA 30 25.67 8.06 -12.68
N GLN AA 31 24.41 8.46 -12.93
CA GLN AA 31 23.25 8.16 -12.07
C GLN AA 31 22.76 6.71 -12.26
N GLY AA 32 21.49 6.55 -12.62
CA GLY AA 32 20.84 5.25 -12.80
C GLY AA 32 20.79 4.48 -11.49
N PHE AA 33 21.86 3.72 -11.22
CA PHE AA 33 22.02 2.97 -9.97
C PHE AA 33 22.45 3.92 -8.88
N ASP AA 34 21.85 3.76 -7.70
CA ASP AA 34 22.13 4.54 -6.51
C ASP AA 34 21.63 3.75 -5.31
N ALA AA 35 22.43 2.78 -4.83
CA ALA AA 35 22.10 1.89 -3.70
C ALA AA 35 21.69 2.67 -2.47
N ARG AA 36 22.28 3.87 -2.27
CA ARG AA 36 22.00 4.82 -1.20
C ARG AA 36 20.55 5.32 -1.29
N ARG AA 37 20.04 5.46 -2.53
CA ARG AA 37 18.69 5.93 -2.84
C ARG AA 37 17.69 4.76 -2.87
N VAL AA 38 18.13 3.57 -3.35
CA VAL AA 38 17.31 2.35 -3.46
C VAL AA 38 16.82 1.92 -2.05
N ILE AA 39 17.74 1.79 -1.08
CA ILE AA 39 17.45 1.41 0.32
C ILE AA 39 16.59 2.50 0.99
N GLU AA 40 16.86 3.78 0.67
CA GLU AA 40 16.11 4.93 1.18
C GLU AA 40 14.65 4.90 0.69
N LEU AA 41 14.43 4.45 -0.56
CA LEU AA 41 13.10 4.33 -1.17
C LEU AA 41 12.39 3.05 -0.70
N LEU AA 42 13.14 1.95 -0.47
CA LEU AA 42 12.61 0.67 -0.01
C LEU AA 42 11.96 0.80 1.38
N LYS AA 43 12.60 1.57 2.28
CA LYS AA 43 12.10 1.83 3.64
C LYS AA 43 10.99 2.88 3.63
N GLN AA 44 10.95 3.73 2.58
CA GLN AA 44 9.96 4.80 2.40
C GLN AA 44 8.60 4.22 2.02
N TYR AA 45 8.57 3.23 1.10
CA TYR AA 45 7.34 2.60 0.63
C TYR AA 45 6.96 1.37 1.48
N GLY AA 46 7.95 0.52 1.79
CA GLY AA 46 7.76 -0.70 2.56
C GLY AA 46 7.51 -0.48 4.04
N GLY AA 47 8.41 0.25 4.68
CA GLY AA 47 8.33 0.56 6.11
C GLY AA 47 9.04 -0.48 6.96
N ALA AA 48 8.26 -1.42 7.53
CA ALA AA 48 8.76 -2.51 8.38
C ALA AA 48 8.88 -3.82 7.60
N ASP AA 49 7.96 -4.04 6.63
CA ASP AA 49 7.91 -5.24 5.80
C ASP AA 49 8.78 -5.12 4.53
N TRP AA 50 9.73 -4.15 4.53
CA TRP AA 50 10.62 -3.90 3.39
C TRP AA 50 11.66 -5.03 3.19
N GLU AA 51 12.12 -5.67 4.29
CA GLU AA 51 13.12 -6.73 4.25
C GLU AA 51 12.56 -8.03 3.67
N LYS AA 52 11.31 -8.40 4.02
CA LYS AA 52 10.64 -9.61 3.52
C LYS AA 52 10.31 -9.47 2.03
N ASP AA 53 9.86 -8.26 1.62
CA ASP AA 53 9.50 -7.96 0.23
C ASP AA 53 10.74 -7.87 -0.67
N ALA AA 54 11.88 -7.41 -0.11
CA ALA AA 54 13.15 -7.31 -0.84
C ALA AA 54 13.65 -8.71 -1.21
N LYS AA 55 13.48 -9.69 -0.30
CA LYS AA 55 13.84 -11.10 -0.49
C LYS AA 55 13.00 -11.71 -1.61
N LYS AA 56 11.72 -11.33 -1.69
CA LYS AA 56 10.76 -11.75 -2.71
C LYS AA 56 11.13 -11.17 -4.08
N MET AA 57 11.54 -9.89 -4.10
CA MET AA 57 11.93 -9.15 -5.31
C MET AA 57 13.26 -9.65 -5.90
N ILE AA 58 14.17 -10.19 -5.05
CA ILE AA 58 15.46 -10.73 -5.48
C ILE AA 58 15.21 -12.04 -6.27
N VAL AA 59 14.36 -12.94 -5.72
CA VAL AA 59 13.99 -14.22 -6.33
C VAL AA 59 13.25 -13.98 -7.67
N LEU AA 60 12.38 -12.95 -7.70
CA LEU AA 60 11.59 -12.55 -8.86
C LEU AA 60 12.48 -12.03 -10.02
N ALA AA 61 13.47 -11.17 -9.71
CA ALA AA 61 14.37 -10.58 -10.70
C ALA AA 61 15.39 -11.59 -11.25
N LEU AA 62 15.79 -12.56 -10.43
CA LEU AA 62 16.77 -13.59 -10.78
C LEU AA 62 16.20 -14.68 -11.69
N THR AA 63 14.97 -15.14 -11.41
CA THR AA 63 14.32 -16.22 -12.16
C THR AA 63 13.57 -15.74 -13.39
N ARG AA 64 12.82 -14.61 -13.29
CA ARG AA 64 12.03 -14.10 -14.40
C ARG AA 64 12.77 -12.98 -15.16
N GLY AA 65 12.75 -11.74 -14.64
CA GLY AA 65 13.40 -10.61 -15.29
C GLY AA 65 13.20 -9.26 -14.63
N ASN AA 66 13.29 -8.19 -15.44
CA ASN AA 66 13.15 -6.81 -14.98
C ASN AA 66 11.75 -6.23 -15.25
N LYS AA 67 11.11 -6.61 -16.38
CA LYS AA 67 9.77 -6.13 -16.77
C LYS AA 67 8.70 -6.84 -15.92
N PRO AA 68 8.00 -6.14 -14.98
CA PRO AA 68 7.02 -6.82 -14.13
C PRO AA 68 5.67 -7.06 -14.79
N ARG AA 69 5.22 -6.16 -15.69
CA ARG AA 69 3.94 -6.29 -16.37
C ARG AA 69 3.98 -7.35 -17.47
N ARG AA 70 5.17 -7.61 -18.05
CA ARG AA 70 5.36 -8.60 -19.11
C ARG AA 70 5.40 -10.03 -18.54
N MET AA 71 6.06 -10.23 -17.39
CA MET AA 71 6.17 -11.54 -16.73
C MET AA 71 4.84 -11.98 -16.08
N MET AA 72 3.97 -11.00 -15.72
CA MET AA 72 2.66 -11.24 -15.10
C MET AA 72 1.68 -11.92 -16.06
N MET AA 73 1.86 -11.73 -17.37
CA MET AA 73 1.03 -12.31 -18.43
C MET AA 73 1.12 -13.84 -18.45
N LYS AA 74 2.33 -14.39 -18.24
CA LYS AA 74 2.58 -15.83 -18.21
C LYS AA 74 3.05 -16.23 -16.80
N MET AA 75 2.11 -16.22 -15.83
CA MET AA 75 2.35 -16.54 -14.42
C MET AA 75 1.07 -17.10 -13.76
N SER AA 76 1.25 -17.82 -12.63
CA SER AA 76 0.15 -18.40 -11.85
C SER AA 76 -0.65 -17.31 -11.10
N LYS AA 77 -1.89 -17.65 -10.67
CA LYS AA 77 -2.78 -16.75 -9.93
C LYS AA 77 -2.15 -16.28 -8.60
N GLU AA 78 -1.38 -17.17 -7.95
CA GLU AA 78 -0.67 -16.91 -6.68
C GLU AA 78 0.44 -15.88 -6.90
N GLY AA 79 1.15 -16.00 -8.02
CA GLY AA 79 2.23 -15.11 -8.42
C GLY AA 79 1.72 -13.74 -8.84
N LYS AA 80 0.66 -13.73 -9.68
CA LYS AA 80 0.00 -12.53 -10.22
C LYS AA 80 -0.41 -11.57 -9.10
N ALA AA 81 -0.89 -12.18 -8.01
CA ALA AA 81 -1.36 -11.59 -6.77
C ALA AA 81 -0.27 -10.83 -6.02
N THR AA 82 0.85 -11.51 -5.79
CA THR AA 82 2.00 -11.09 -5.02
C THR AA 82 2.85 -10.05 -5.78
N VAL AA 83 3.03 -10.24 -7.11
CA VAL AA 83 3.82 -9.34 -7.96
C VAL AA 83 3.13 -7.97 -8.07
N GLU AA 84 1.80 -7.96 -8.33
CA GLU AA 84 1.01 -6.73 -8.46
C GLU AA 84 1.00 -5.91 -7.15
N ALA AA 85 1.06 -6.61 -6.00
CA ALA AA 85 1.11 -6.01 -4.67
C ALA AA 85 2.40 -5.19 -4.48
N LEU AA 86 3.50 -5.68 -5.06
CA LEU AA 86 4.82 -5.04 -5.00
C LEU AA 86 4.91 -3.82 -5.93
N ILE AA 87 4.22 -3.88 -7.09
CA ILE AA 87 4.18 -2.81 -8.09
C ILE AA 87 3.39 -1.61 -7.53
N ASN AA 88 2.24 -1.86 -6.90
CA ASN AA 88 1.37 -0.83 -6.35
C ASN AA 88 1.92 -0.21 -5.04
N LYS AA 89 2.84 -0.91 -4.34
CA LYS AA 89 3.42 -0.45 -3.08
C LYS AA 89 4.74 0.31 -3.31
N TYR AA 90 5.72 -0.33 -3.98
CA TYR AA 90 7.06 0.21 -4.22
C TYR AA 90 7.17 1.04 -5.51
N LYS AA 91 6.07 1.11 -6.31
CA LYS AA 91 5.97 1.85 -7.58
C LYS AA 91 7.07 1.40 -8.54
N LEU AA 92 7.21 0.07 -8.69
CA LEU AA 92 8.21 -0.59 -9.54
C LEU AA 92 7.94 -0.34 -11.03
N LYS AA 93 9.02 -0.07 -11.79
CA LYS AA 93 8.96 0.22 -13.22
C LYS AA 93 9.82 -0.78 -14.01
N GLU AA 94 9.85 -0.62 -15.36
CA GLU AA 94 10.63 -1.46 -16.26
C GLU AA 94 11.53 -0.61 -17.15
N GLY AA 95 12.77 -1.08 -17.33
CA GLY AA 95 13.77 -0.40 -18.14
C GLY AA 95 14.75 0.41 -17.32
N ASN AA 96 15.16 1.57 -17.85
CA ASN AA 96 16.10 2.48 -17.20
C ASN AA 96 15.42 3.84 -16.92
N PRO AA 97 14.71 3.99 -15.78
CA PRO AA 97 14.03 5.26 -15.49
C PRO AA 97 14.89 6.24 -14.70
N SER AA 98 14.27 7.24 -14.03
CA SER AA 98 14.93 8.27 -13.24
C SER AA 98 15.49 7.73 -11.91
N ARG AA 99 16.30 8.55 -11.21
CA ARG AA 99 16.96 8.28 -9.93
C ARG AA 99 15.97 7.92 -8.82
N ASP AA 100 14.81 8.61 -8.78
CA ASP AA 100 13.76 8.42 -7.77
C ASP AA 100 12.88 7.19 -8.03
N GLU AA 101 13.06 6.51 -9.19
CA GLU AA 101 12.27 5.34 -9.56
C GLU AA 101 13.00 4.03 -9.20
N LEU AA 102 12.21 2.97 -8.94
CA LEU AA 102 12.72 1.64 -8.57
C LEU AA 102 12.38 0.58 -9.63
N THR AA 103 13.32 -0.35 -9.86
CA THR AA 103 13.17 -1.50 -10.76
C THR AA 103 13.65 -2.75 -10.02
N LEU AA 104 13.22 -3.95 -10.48
CA LEU AA 104 13.60 -5.22 -9.88
C LEU AA 104 15.11 -5.48 -9.94
N SER AA 105 15.77 -5.00 -11.01
CA SER AA 105 17.21 -5.13 -11.21
C SER AA 105 18.00 -4.23 -10.26
N ARG AA 106 17.46 -3.03 -9.93
CA ARG AA 106 18.07 -2.06 -9.01
C ARG AA 106 18.06 -2.55 -7.57
N VAL AA 107 16.99 -3.29 -7.16
CA VAL AA 107 16.83 -3.85 -5.82
C VAL AA 107 17.87 -4.98 -5.64
N ALA AA 108 18.04 -5.82 -6.68
CA ALA AA 108 19.00 -6.93 -6.69
C ALA AA 108 20.45 -6.43 -6.72
N ALA AA 109 20.70 -5.28 -7.36
CA ALA AA 109 22.03 -4.67 -7.48
C ALA AA 109 22.46 -4.00 -6.17
N ALA AA 110 21.52 -3.29 -5.48
CA ALA AA 110 21.78 -2.59 -4.21
C ALA AA 110 22.06 -3.58 -3.07
N LEU AA 111 21.32 -4.70 -3.03
CA LEU AA 111 21.48 -5.75 -2.02
C LEU AA 111 22.21 -6.94 -2.67
N ALA AA 112 23.42 -6.66 -3.19
CA ALA AA 112 24.30 -7.60 -3.90
C ALA AA 112 24.71 -8.82 -3.05
N GLY AA 113 24.85 -8.62 -1.73
CA GLY AA 113 25.24 -9.66 -0.78
C GLY AA 113 24.24 -10.79 -0.65
N ARG AA 114 22.94 -10.44 -0.56
CA ARG AA 114 21.84 -11.41 -0.45
C ARG AA 114 21.57 -12.06 -1.82
N THR AA 115 21.71 -11.28 -2.90
CA THR AA 115 21.50 -11.69 -4.29
C THR AA 115 22.47 -12.81 -4.69
N CYS AA 116 23.78 -12.66 -4.36
CA CYS AA 116 24.83 -13.63 -4.66
C CYS AA 116 24.63 -14.94 -3.90
N GLN AA 117 24.13 -14.86 -2.65
CA GLN AA 117 23.85 -16.02 -1.79
C GLN AA 117 22.64 -16.80 -2.29
N ALA AA 118 21.67 -16.10 -2.91
CA ALA AA 118 20.44 -16.66 -3.47
C ALA AA 118 20.70 -17.50 -4.73
N LEU AA 119 21.83 -17.22 -5.42
CA LEU AA 119 22.25 -17.91 -6.65
C LEU AA 119 22.66 -19.37 -6.39
N VAL AA 120 23.05 -19.70 -5.15
CA VAL AA 120 23.44 -21.05 -4.72
C VAL AA 120 22.18 -21.95 -4.73
N VAL AA 121 21.05 -21.40 -4.22
CA VAL AA 121 19.75 -22.09 -4.19
C VAL AA 121 19.15 -22.05 -5.60
N LEU AA 122 18.98 -20.84 -6.18
CA LEU AA 122 18.44 -20.64 -7.53
C LEU AA 122 19.56 -20.81 -8.55
N SER AA 123 19.96 -22.06 -8.82
CA SER AA 123 21.05 -22.37 -9.75
C SER AA 123 20.52 -22.81 -11.11
N GLU AA 124 19.51 -23.69 -11.12
CA GLU AA 124 18.95 -24.25 -12.36
C GLU AA 124 17.69 -23.49 -12.82
N TRP AA 125 17.29 -22.43 -12.11
CA TRP AA 125 16.11 -21.62 -12.44
C TRP AA 125 16.49 -20.30 -13.15
N LEU AA 126 17.80 -20.01 -13.25
CA LEU AA 126 18.35 -18.83 -13.92
C LEU AA 126 18.26 -18.99 -15.46
N PRO AA 127 18.36 -17.90 -16.29
CA PRO AA 127 18.33 -18.08 -17.75
C PRO AA 127 19.51 -18.94 -18.24
N VAL AA 128 20.66 -18.82 -17.57
CA VAL AA 128 21.87 -19.61 -17.81
C VAL AA 128 22.05 -20.48 -16.57
N THR AA 129 21.86 -21.80 -16.70
CA THR AA 129 21.95 -22.76 -15.59
C THR AA 129 23.40 -23.00 -15.16
N GLY AA 130 23.57 -23.49 -13.94
CA GLY AA 130 24.86 -23.82 -13.35
C GLY AA 130 25.58 -24.95 -14.06
N THR AA 131 24.80 -25.90 -14.61
CA THR AA 131 25.30 -27.07 -15.35
C THR AA 131 25.91 -26.60 -16.68
N THR AA 132 25.31 -25.56 -17.32
CA THR AA 132 25.77 -24.97 -18.58
C THR AA 132 27.13 -24.28 -18.34
N MET AA 133 27.26 -23.57 -17.20
CA MET AA 133 28.49 -22.87 -16.80
C MET AA 133 29.59 -23.85 -16.41
N ASP AA 134 29.21 -25.04 -15.91
CA ASP AA 134 30.13 -26.11 -15.51
C ASP AA 134 30.79 -26.75 -16.73
N GLY AA 135 30.11 -26.71 -17.88
CA GLY AA 135 30.60 -27.24 -19.15
C GLY AA 135 31.73 -26.41 -19.73
N LEU AA 136 31.65 -25.08 -19.56
CA LEU AA 136 32.65 -24.12 -20.03
C LEU AA 136 33.87 -24.14 -19.10
N SER AA 137 33.62 -24.07 -17.78
CA SER AA 137 34.65 -24.10 -16.73
C SER AA 137 34.21 -25.06 -15.61
N PRO AA 138 35.00 -26.13 -15.30
CA PRO AA 138 34.58 -27.07 -14.26
C PRO AA 138 34.45 -26.41 -12.88
N ALA AA 139 33.31 -26.68 -12.20
CA ALA AA 139 32.92 -26.16 -10.88
C ALA AA 139 32.94 -24.62 -10.86
N TYR AA 140 32.15 -23.99 -11.74
CA TYR AA 140 32.05 -22.53 -11.86
C TYR AA 140 31.43 -21.92 -10.60
N PRO AA 141 31.99 -20.81 -10.05
CA PRO AA 141 31.42 -20.20 -8.83
C PRO AA 141 30.00 -19.67 -9.07
N ARG AA 142 29.04 -20.21 -8.29
CA ARG AA 142 27.61 -19.88 -8.36
C ARG AA 142 27.32 -18.42 -7.98
N HIS AA 143 28.13 -17.82 -7.07
CA HIS AA 143 27.98 -16.45 -6.58
C HIS AA 143 28.23 -15.40 -7.67
N MET AA 144 29.00 -15.74 -8.73
CA MET AA 144 29.34 -14.86 -9.85
C MET AA 144 28.26 -14.85 -10.96
N MET AA 145 27.21 -15.67 -10.82
CA MET AA 145 26.15 -15.86 -11.82
C MET AA 145 25.02 -14.80 -11.79
N HIS AA 146 25.40 -13.50 -11.74
CA HIS AA 146 24.49 -12.35 -11.80
C HIS AA 146 25.30 -11.06 -11.99
N PRO AA 147 24.86 -10.09 -12.85
CA PRO AA 147 25.64 -8.86 -13.04
C PRO AA 147 25.84 -8.01 -11.78
N SER AA 148 25.01 -8.24 -10.73
CA SER AA 148 25.08 -7.53 -9.45
C SER AA 148 26.31 -7.93 -8.61
N PHE AA 149 27.01 -9.04 -8.99
CA PHE AA 149 28.21 -9.53 -8.32
C PHE AA 149 29.35 -8.49 -8.39
N ALA AA 150 29.36 -7.64 -9.43
CA ALA AA 150 30.35 -6.57 -9.65
C ALA AA 150 30.37 -5.57 -8.46
N GLY AA 151 29.26 -5.49 -7.74
CA GLY AA 151 29.11 -4.67 -6.54
C GLY AA 151 29.73 -5.31 -5.30
N MET AA 152 30.07 -6.62 -5.39
CA MET AA 152 30.70 -7.40 -4.33
C MET AA 152 32.21 -7.54 -4.56
N VAL AA 153 32.73 -6.99 -5.69
CA VAL AA 153 34.14 -7.03 -6.07
C VAL AA 153 34.91 -5.86 -5.39
N ASP AA 154 36.05 -6.19 -4.75
CA ASP AA 154 36.93 -5.25 -4.06
C ASP AA 154 37.96 -4.65 -5.05
N PRO AA 155 37.92 -3.33 -5.35
CA PRO AA 155 38.90 -2.77 -6.30
C PRO AA 155 40.31 -2.59 -5.72
N SER AA 156 40.46 -2.62 -4.38
CA SER AA 156 41.75 -2.46 -3.71
C SER AA 156 42.62 -3.73 -3.86
N LEU AA 157 42.05 -4.84 -4.39
CA LEU AA 157 42.73 -6.10 -4.64
C LEU AA 157 43.86 -5.94 -5.69
N PRO AA 158 44.97 -6.74 -5.63
CA PRO AA 158 46.05 -6.60 -6.63
C PRO AA 158 45.57 -6.84 -8.06
N GLY AA 159 46.21 -6.15 -9.02
CA GLY AA 159 45.93 -6.18 -10.45
C GLY AA 159 45.59 -7.53 -11.05
N ASP AA 160 46.47 -8.52 -10.87
CA ASP AA 160 46.29 -9.89 -11.39
C ASP AA 160 45.09 -10.59 -10.76
N TYR AA 161 44.86 -10.33 -9.46
CA TYR AA 161 43.74 -10.92 -8.70
C TYR AA 161 42.42 -10.26 -9.07
N LEU AA 162 42.40 -8.91 -9.17
CA LEU AA 162 41.24 -8.10 -9.52
C LEU AA 162 40.73 -8.46 -10.92
N ARG AA 163 41.65 -8.63 -11.89
CA ARG AA 163 41.32 -9.01 -13.27
C ARG AA 163 40.77 -10.44 -13.32
N ALA AA 164 41.30 -11.34 -12.47
CA ALA AA 164 40.89 -12.73 -12.38
C ALA AA 164 39.44 -12.86 -11.92
N ILE AA 165 38.98 -11.98 -11.01
CA ILE AA 165 37.61 -11.97 -10.50
C ILE AA 165 36.66 -11.46 -11.61
N LEU AA 166 37.09 -10.43 -12.37
CA LEU AA 166 36.33 -9.84 -13.46
C LEU AA 166 36.22 -10.77 -14.67
N ASP AA 167 37.34 -11.42 -15.08
CA ASP AA 167 37.41 -12.35 -16.22
C ASP AA 167 36.56 -13.61 -15.98
N ALA AA 168 36.50 -14.07 -14.71
CA ALA AA 168 35.70 -15.24 -14.32
C ALA AA 168 34.21 -14.89 -14.37
N HIS AA 169 33.84 -13.66 -13.90
CA HIS AA 169 32.47 -13.16 -13.92
C HIS AA 169 32.06 -12.78 -15.35
N SER AA 170 33.02 -12.34 -16.19
CA SER AA 170 32.78 -11.99 -17.59
C SER AA 170 32.36 -13.21 -18.43
N LEU AA 171 32.78 -14.43 -18.02
CA LEU AA 171 32.44 -15.70 -18.66
C LEU AA 171 30.92 -15.92 -18.61
N TYR AA 172 30.27 -15.59 -17.47
CA TYR AA 172 28.82 -15.68 -17.27
C TYR AA 172 28.13 -14.59 -18.08
N LEU AA 173 28.60 -13.32 -17.92
CA LEU AA 173 28.07 -12.12 -18.60
C LEU AA 173 28.01 -12.32 -20.11
N LEU AA 174 29.03 -12.99 -20.70
CA LEU AA 174 29.12 -13.28 -22.13
C LEU AA 174 27.95 -14.18 -22.56
N GLN AA 175 27.63 -15.20 -21.74
CA GLN AA 175 26.55 -16.15 -22.00
C GLN AA 175 25.19 -15.52 -21.69
N PHE AA 176 25.09 -14.81 -20.55
CA PHE AA 176 23.86 -14.16 -20.06
C PHE AA 176 23.39 -13.04 -21.00
N SER AA 177 24.29 -12.12 -21.42
CA SER AA 177 23.96 -10.99 -22.31
C SER AA 177 23.44 -11.48 -23.67
N ARG AA 178 23.95 -12.62 -24.17
CA ARG AA 178 23.51 -13.18 -25.43
C ARG AA 178 22.14 -13.86 -25.29
N VAL AA 179 21.78 -14.32 -24.07
CA VAL AA 179 20.50 -14.97 -23.81
C VAL AA 179 19.39 -13.90 -23.71
N ILE AA 180 19.58 -12.86 -22.86
CA ILE AA 180 18.59 -11.80 -22.64
C ILE AA 180 18.49 -10.82 -23.84
N ASN AA 181 19.59 -10.60 -24.59
CA ASN AA 181 19.60 -9.73 -25.76
C ASN AA 181 19.79 -10.60 -27.02
N PRO AA 182 18.75 -10.74 -27.88
CA PRO AA 182 18.87 -11.63 -29.05
C PRO AA 182 19.76 -11.13 -30.18
N ASN AA 183 19.92 -9.80 -30.35
CA ASN AA 183 20.75 -9.24 -31.42
C ASN AA 183 22.26 -9.37 -31.14
N LEU AA 184 22.66 -9.71 -29.88
CA LEU AA 184 24.06 -9.90 -29.49
C LEU AA 184 24.53 -11.35 -29.68
N ARG AA 185 23.61 -12.27 -30.05
CA ARG AA 185 23.86 -13.70 -30.26
C ARG AA 185 24.89 -13.97 -31.37
N GLY AA 186 24.74 -13.29 -32.50
CA GLY AA 186 25.62 -13.43 -33.66
C GLY AA 186 26.95 -12.74 -33.55
N ARG AA 187 27.01 -11.68 -32.74
CA ARG AA 187 28.20 -10.85 -32.52
C ARG AA 187 29.25 -11.59 -31.67
N THR AA 188 30.53 -11.35 -32.00
CA THR AA 188 31.71 -11.96 -31.37
C THR AA 188 31.89 -11.55 -29.89
N LYS AA 189 32.79 -12.27 -29.17
CA LYS AA 189 33.14 -12.09 -27.76
C LYS AA 189 33.48 -10.62 -27.42
N GLU AA 190 34.29 -9.96 -28.28
CA GLU AA 190 34.72 -8.57 -28.12
C GLU AA 190 33.55 -7.59 -28.20
N GLU AA 191 32.59 -7.86 -29.11
CA GLU AA 191 31.39 -7.03 -29.31
C GLU AA 191 30.45 -7.11 -28.10
N VAL AA 192 30.28 -8.32 -27.53
CA VAL AA 192 29.43 -8.58 -26.36
C VAL AA 192 30.10 -8.00 -25.10
N ALA AA 193 31.45 -8.12 -24.99
CA ALA AA 193 32.24 -7.63 -23.86
C ALA AA 193 32.07 -6.12 -23.65
N ALA AA 194 32.07 -5.34 -24.75
CA ALA AA 194 31.94 -3.88 -24.76
C ALA AA 194 30.63 -3.37 -24.15
N THR AA 195 29.57 -4.20 -24.14
CA THR AA 195 28.26 -3.81 -23.60
C THR AA 195 28.16 -4.00 -22.08
N PHE AA 196 28.85 -5.02 -21.50
CA PHE AA 196 28.76 -5.30 -20.06
C PHE AA 196 29.99 -4.82 -19.23
N THR AA 197 31.15 -4.56 -19.87
CA THR AA 197 32.38 -4.13 -19.16
C THR AA 197 32.24 -2.75 -18.51
N GLN AA 198 31.50 -1.81 -19.16
CA GLN AA 198 31.28 -0.45 -18.65
C GLN AA 198 30.44 -0.44 -17.36
N PRO AA 199 29.22 -1.05 -17.27
CA PRO AA 199 28.48 -1.02 -15.98
C PRO AA 199 29.11 -1.92 -14.89
N MET AA 200 29.96 -2.90 -15.30
CA MET AA 200 30.66 -3.80 -14.39
C MET AA 200 31.73 -3.03 -13.59
N ASN AA 201 32.62 -2.30 -14.31
CA ASN AA 201 33.69 -1.49 -13.73
C ASN AA 201 33.13 -0.36 -12.86
N ALA AA 202 31.95 0.17 -13.22
CA ALA AA 202 31.27 1.24 -12.48
C ALA AA 202 30.80 0.75 -11.10
N ALA AA 203 30.40 -0.54 -11.01
CA ALA AA 203 29.94 -1.18 -9.77
C ALA AA 203 31.11 -1.57 -8.87
N VAL AA 204 32.27 -1.87 -9.47
CA VAL AA 204 33.50 -2.24 -8.74
C VAL AA 204 34.09 -0.96 -8.11
N ASN AA 205 34.17 0.13 -8.89
CA ASN AA 205 34.74 1.41 -8.46
C ASN AA 205 33.73 2.29 -7.68
N SER AA 206 32.51 1.78 -7.40
CA SER AA 206 31.49 2.51 -6.63
C SER AA 206 31.88 2.55 -5.15
N ASN AA 207 31.60 3.70 -4.50
CA ASN AA 207 31.94 3.94 -3.09
C ASN AA 207 31.03 3.18 -2.09
N PHE AA 208 29.91 2.59 -2.56
CA PHE AA 208 28.96 1.84 -1.72
C PHE AA 208 29.59 0.52 -1.25
N ILE AA 209 29.67 0.35 0.10
CA ILE AA 209 30.27 -0.77 0.85
C ILE AA 209 31.80 -0.66 0.71
N SER AA 210 32.49 -0.46 1.85
CA SER AA 210 33.95 -0.28 1.93
C SER AA 210 34.73 -1.47 1.35
N HIS AA 211 35.98 -1.19 0.93
CA HIS AA 211 36.94 -2.13 0.32
C HIS AA 211 37.20 -3.35 1.19
N GLU AA 212 37.32 -3.14 2.51
CA GLU AA 212 37.58 -4.20 3.50
C GLU AA 212 36.36 -5.10 3.69
N LYS AA 213 35.14 -4.50 3.74
CA LYS AA 213 33.88 -5.21 3.90
C LYS AA 213 33.57 -6.05 2.66
N ARG AA 214 33.87 -5.51 1.45
CA ARG AA 214 33.67 -6.20 0.17
C ARG AA 214 34.59 -7.41 0.06
N ARG AA 215 35.84 -7.29 0.58
CA ARG AA 215 36.86 -8.35 0.60
C ARG AA 215 36.41 -9.49 1.51
N GLU AA 216 35.71 -9.17 2.63
CA GLU AA 216 35.18 -10.15 3.60
C GLU AA 216 34.11 -11.03 2.97
N PHE AA 217 33.25 -10.44 2.09
CA PHE AA 217 32.17 -11.16 1.39
C PHE AA 217 32.74 -12.19 0.43
N LEU AA 218 33.77 -11.81 -0.36
CA LEU AA 218 34.46 -12.68 -1.32
C LEU AA 218 35.12 -13.86 -0.61
N LYS AA 219 35.63 -13.63 0.62
CA LYS AA 219 36.25 -14.66 1.47
C LYS AA 219 35.19 -15.61 2.01
N ALA AA 220 34.01 -15.05 2.41
CA ALA AA 220 32.86 -15.79 2.95
C ALA AA 220 32.20 -16.67 1.89
N PHE AA 221 32.14 -16.21 0.62
CA PHE AA 221 31.56 -16.97 -0.49
C PHE AA 221 32.51 -18.08 -0.96
N GLY AA 222 33.77 -18.01 -0.55
CA GLY AA 222 34.82 -18.97 -0.90
C GLY AA 222 35.42 -18.70 -2.27
N LEU AA 223 35.61 -17.41 -2.60
CA LEU AA 223 36.17 -16.97 -3.88
C LEU AA 223 37.65 -16.66 -3.73
N VAL AA 224 38.04 -15.94 -2.66
CA VAL AA 224 39.44 -15.58 -2.37
C VAL AA 224 39.85 -16.11 -0.99
N ASP AA 225 41.17 -16.31 -0.78
CA ASP AA 225 41.73 -16.81 0.49
C ASP AA 225 41.89 -15.66 1.52
N SER AA 226 42.60 -15.93 2.63
CA SER AA 226 42.86 -14.99 3.74
C SER AA 226 43.58 -13.71 3.29
N ASN AA 227 44.43 -13.79 2.24
CA ASN AA 227 45.19 -12.65 1.72
C ASN AA 227 44.40 -11.91 0.63
N GLY AA 228 43.99 -12.63 -0.41
CA GLY AA 228 43.23 -12.07 -1.53
C GLY AA 228 43.37 -12.82 -2.84
N LYS AA 229 44.12 -13.94 -2.84
CA LYS AA 229 44.35 -14.80 -4.00
C LYS AA 229 43.07 -15.61 -4.33
N PRO AA 230 42.57 -15.55 -5.58
CA PRO AA 230 41.35 -16.32 -5.92
C PRO AA 230 41.58 -17.82 -5.97
N SER AA 231 40.50 -18.60 -5.79
CA SER AA 231 40.52 -20.05 -5.79
C SER AA 231 40.75 -20.62 -7.20
N ALA AA 232 41.08 -21.92 -7.29
CA ALA AA 232 41.35 -22.65 -8.54
C ALA AA 232 40.15 -22.62 -9.50
N ALA AA 233 38.91 -22.57 -8.94
CA ALA AA 233 37.66 -22.50 -9.69
C ALA AA 233 37.55 -21.17 -10.43
N VAL AA 234 37.94 -20.06 -9.77
CA VAL AA 234 37.92 -18.68 -10.31
C VAL AA 234 39.01 -18.54 -11.39
N MET AA 235 40.22 -19.07 -11.12
CA MET AA 235 41.38 -19.04 -12.01
C MET AA 235 41.11 -19.81 -13.32
N ALA AA 236 40.39 -20.95 -13.23
CA ALA AA 236 40.02 -21.78 -14.37
C ALA AA 236 38.97 -21.07 -15.23
N ALA AA 237 38.01 -20.37 -14.58
CA ALA AA 237 36.94 -19.62 -15.24
C ALA AA 237 37.48 -18.39 -15.96
N ALA AA 238 38.57 -17.79 -15.43
CA ALA AA 238 39.24 -16.63 -16.02
C ALA AA 238 40.03 -17.04 -17.27
N GLN AA 239 40.68 -18.23 -17.22
CA GLN AA 239 41.46 -18.81 -18.31
C GLN AA 239 40.54 -19.26 -19.46
N ALA AA 240 39.31 -19.72 -19.12
CA ALA AA 240 38.29 -20.17 -20.07
C ALA AA 240 37.75 -18.99 -20.90
N TYR AA 241 37.68 -17.79 -20.31
CA TYR AA 241 37.20 -16.57 -20.96
C TYR AA 241 38.21 -16.06 -22.01
N LYS AA 242 39.52 -16.32 -21.78
CA LYS AA 242 40.61 -15.92 -22.68
C LYS AA 242 40.57 -16.70 -24.00
N THR AA 243 40.12 -17.97 -23.96
CA THR AA 243 40.02 -18.85 -25.13
C THR AA 243 38.54 -19.03 -25.59
N ALA AA 244 37.60 -18.28 -24.97
CA ALA AA 244 36.17 -18.32 -25.28
C ALA AA 244 35.86 -17.74 -26.67
N ALA AA 245 34.77 -18.22 -27.30
CA ALA AA 245 34.32 -17.77 -28.61
C ALA AA 245 33.12 -16.83 -28.49
N GLN BA 5 0.78 -16.34 43.40
CA GLN BA 5 -0.51 -17.03 43.46
C GLN BA 5 -0.35 -18.47 43.95
N GLU BA 6 0.81 -19.11 43.66
CA GLU BA 6 1.11 -20.48 44.08
C GLU BA 6 1.50 -20.51 45.56
N LEU BA 7 0.49 -20.29 46.43
CA LEU BA 7 0.62 -20.26 47.89
C LEU BA 7 -0.10 -21.47 48.52
N ALA BA 8 -0.64 -22.37 47.68
CA ALA BA 8 -1.33 -23.59 48.07
C ALA BA 8 -0.36 -24.62 48.68
N ILE BA 9 0.94 -24.51 48.32
CA ILE BA 9 2.05 -25.36 48.80
C ILE BA 9 2.20 -25.19 50.32
N GLN BA 10 2.09 -23.94 50.80
CA GLN BA 10 2.18 -23.56 52.21
C GLN BA 10 0.95 -24.09 52.98
N PHE BA 11 -0.23 -24.09 52.34
CA PHE BA 11 -1.48 -24.60 52.89
C PHE BA 11 -1.43 -26.13 53.00
N ALA BA 12 -0.73 -26.76 52.05
CA ALA BA 12 -0.55 -28.21 51.97
C ALA BA 12 0.54 -28.70 52.93
N ALA BA 13 1.58 -27.86 53.17
CA ALA BA 13 2.70 -28.16 54.08
C ALA BA 13 2.24 -28.25 55.55
N GLN BA 14 1.05 -27.69 55.85
CA GLN BA 14 0.43 -27.68 57.18
C GLN BA 14 0.16 -29.10 57.69
N ALA BA 15 0.43 -29.35 58.98
CA ALA BA 15 0.21 -30.64 59.62
C ALA BA 15 -1.29 -30.87 59.79
N VAL BA 16 -1.79 -32.02 59.31
CA VAL BA 16 -3.22 -32.37 59.37
C VAL BA 16 -3.64 -32.71 60.81
N ASP BA 17 -4.68 -32.00 61.30
CA ASP BA 17 -5.23 -32.18 62.63
C ASP BA 17 -6.30 -33.27 62.58
N ARG BA 18 -5.98 -34.45 63.14
CA ARG BA 18 -6.81 -35.66 63.19
C ARG BA 18 -8.22 -35.38 63.74
N ASN BA 19 -8.32 -34.66 64.88
CA ASN BA 19 -9.59 -34.37 65.54
C ASN BA 19 -10.37 -33.24 64.88
N GLU BA 20 -9.68 -32.29 64.20
CA GLU BA 20 -10.33 -31.17 63.50
C GLU BA 20 -11.16 -31.70 62.31
N ILE BA 21 -10.64 -32.75 61.65
CA ILE BA 21 -11.29 -33.44 60.53
C ILE BA 21 -12.44 -34.31 61.08
N GLU BA 22 -12.21 -34.95 62.25
CA GLU BA 22 -13.18 -35.81 62.95
C GLU BA 22 -14.45 -35.06 63.36
N GLN BA 23 -14.34 -33.75 63.61
CA GLN BA 23 -15.46 -32.88 63.98
C GLN BA 23 -16.37 -32.63 62.77
N TRP BA 24 -15.78 -32.38 61.60
CA TRP BA 24 -16.49 -32.08 60.35
C TRP BA 24 -17.12 -33.31 59.71
N VAL BA 25 -16.49 -34.51 59.83
CA VAL BA 25 -17.03 -35.74 59.23
C VAL BA 25 -18.35 -36.14 59.95
N ARG BA 26 -18.43 -35.93 61.29
CA ARG BA 26 -19.61 -36.21 62.08
C ARG BA 26 -20.70 -35.16 61.82
N GLU BA 27 -20.28 -33.91 61.51
CA GLU BA 27 -21.16 -32.80 61.19
C GLU BA 27 -21.77 -32.98 59.79
N PHE BA 28 -20.93 -33.34 58.80
CA PHE BA 28 -21.33 -33.56 57.41
C PHE BA 28 -21.58 -35.06 57.12
N ALA BA 29 -22.13 -35.79 58.12
CA ALA BA 29 -22.43 -37.21 58.02
C ALA BA 29 -23.73 -37.46 57.24
N TYR BA 30 -23.81 -38.62 56.57
CA TYR BA 30 -24.93 -39.06 55.75
C TYR BA 30 -26.08 -39.55 56.63
N GLN BA 31 -27.33 -39.12 56.32
CA GLN BA 31 -28.54 -39.55 57.02
C GLN BA 31 -29.06 -40.80 56.30
N GLY BA 32 -28.39 -41.93 56.55
CA GLY BA 32 -28.67 -43.21 55.91
C GLY BA 32 -29.82 -44.01 56.48
N PHE BA 33 -29.51 -45.24 56.89
CA PHE BA 33 -30.48 -46.21 57.43
C PHE BA 33 -30.97 -45.82 58.84
N ASP BA 34 -30.07 -45.26 59.70
CA ASP BA 34 -30.29 -44.82 61.10
C ASP BA 34 -30.95 -45.92 61.98
N ALA BA 35 -30.11 -46.70 62.69
CA ALA BA 35 -30.53 -47.80 63.58
C ALA BA 35 -31.23 -47.29 64.83
N ARG BA 36 -30.85 -46.11 65.32
CA ARG BA 36 -31.37 -45.47 66.53
C ARG BA 36 -32.85 -45.07 66.37
N ARG BA 37 -33.22 -44.56 65.18
CA ARG BA 37 -34.59 -44.13 64.84
C ARG BA 37 -35.56 -45.33 64.80
N VAL BA 38 -35.08 -46.51 64.35
CA VAL BA 38 -35.86 -47.74 64.22
C VAL BA 38 -36.37 -48.19 65.61
N ILE BA 39 -35.47 -48.29 66.62
CA ILE BA 39 -35.79 -48.68 67.99
C ILE BA 39 -36.71 -47.62 68.62
N GLU BA 40 -36.45 -46.33 68.32
CA GLU BA 40 -37.25 -45.18 68.80
C GLU BA 40 -38.69 -45.27 68.28
N LEU BA 41 -38.88 -45.73 67.03
CA LEU BA 41 -40.19 -45.89 66.40
C LEU BA 41 -40.86 -47.19 66.85
N LEU BA 42 -40.09 -48.26 67.11
CA LEU BA 42 -40.59 -49.56 67.56
C LEU BA 42 -41.28 -49.44 68.93
N LYS BA 43 -40.69 -48.65 69.85
CA LYS BA 43 -41.23 -48.40 71.19
C LYS BA 43 -42.38 -47.38 71.14
N GLN BA 44 -42.41 -46.54 70.08
CA GLN BA 44 -43.43 -45.51 69.87
C GLN BA 44 -44.77 -46.14 69.46
N TYR BA 45 -44.74 -47.13 68.54
CA TYR BA 45 -45.94 -47.81 68.05
C TYR BA 45 -46.30 -49.04 68.90
N GLY BA 46 -45.29 -49.85 69.24
CA GLY BA 46 -45.46 -51.07 70.02
C GLY BA 46 -45.75 -50.85 71.49
N GLY BA 47 -44.89 -50.08 72.15
CA GLY BA 47 -45.03 -49.77 73.57
C GLY BA 47 -44.32 -50.78 74.45
N ALA BA 48 -45.08 -51.75 74.99
CA ALA BA 48 -44.55 -52.80 75.86
C ALA BA 48 -44.38 -54.13 75.10
N ASP BA 49 -45.26 -54.39 74.12
CA ASP BA 49 -45.26 -55.60 73.29
C ASP BA 49 -44.35 -55.45 72.04
N TRP BA 50 -43.44 -54.45 72.05
CA TRP BA 50 -42.53 -54.18 70.94
C TRP BA 50 -41.44 -55.26 70.78
N GLU BA 51 -41.00 -55.89 71.90
CA GLU BA 51 -39.96 -56.93 71.89
C GLU BA 51 -40.46 -58.25 71.30
N LYS BA 52 -41.71 -58.64 71.61
CA LYS BA 52 -42.32 -59.88 71.11
C LYS BA 52 -42.61 -59.76 69.60
N ASP BA 53 -43.10 -58.57 69.16
CA ASP BA 53 -43.43 -58.28 67.77
C ASP BA 53 -42.17 -58.16 66.90
N ALA BA 54 -41.05 -57.65 67.49
CA ALA BA 54 -39.76 -57.52 66.80
C ALA BA 54 -39.20 -58.90 66.46
N LYS BA 55 -39.36 -59.88 67.37
CA LYS BA 55 -38.95 -61.28 67.20
C LYS BA 55 -39.73 -61.91 66.05
N LYS BA 56 -41.04 -61.57 65.94
CA LYS BA 56 -41.95 -62.04 64.88
C LYS BA 56 -41.55 -61.45 63.53
N MET BA 57 -41.19 -60.15 63.51
CA MET BA 57 -40.80 -59.40 62.32
C MET BA 57 -39.43 -59.85 61.78
N ILE BA 58 -38.53 -60.36 62.66
CA ILE BA 58 -37.19 -60.86 62.26
C ILE BA 58 -37.38 -62.17 61.47
N VAL BA 59 -38.21 -63.10 61.99
CA VAL BA 59 -38.53 -64.40 61.37
C VAL BA 59 -39.24 -64.17 60.02
N LEU BA 60 -40.14 -63.17 59.96
CA LEU BA 60 -40.92 -62.80 58.77
C LEU BA 60 -40.02 -62.25 57.65
N ALA BA 61 -39.06 -61.37 57.98
CA ALA BA 61 -38.14 -60.74 57.02
C ALA BA 61 -37.09 -61.72 56.49
N LEU BA 62 -36.67 -62.68 57.34
CA LEU BA 62 -35.64 -63.67 57.01
C LEU BA 62 -36.15 -64.77 56.08
N THR BA 63 -37.38 -65.28 56.34
CA THR BA 63 -37.98 -66.38 55.57
C THR BA 63 -38.71 -65.91 54.31
N ARG BA 64 -39.49 -64.82 54.41
CA ARG BA 64 -40.28 -64.32 53.27
C ARG BA 64 -39.55 -63.18 52.52
N GLY BA 65 -39.63 -61.95 53.04
CA GLY BA 65 -38.98 -60.80 52.41
C GLY BA 65 -39.26 -59.46 53.06
N ASN BA 66 -39.19 -58.38 52.27
CA ASN BA 66 -39.41 -57.01 52.73
C ASN BA 66 -40.83 -56.53 52.44
N LYS BA 67 -41.40 -56.94 51.28
CA LYS BA 67 -42.74 -56.57 50.81
C LYS BA 67 -43.83 -57.29 51.65
N PRO BA 68 -44.59 -56.58 52.53
CA PRO BA 68 -45.58 -57.29 53.37
C PRO BA 68 -46.91 -57.57 52.68
N ARG BA 69 -47.36 -56.69 51.76
CA ARG BA 69 -48.62 -56.86 51.04
C ARG BA 69 -48.52 -57.95 49.96
N ARG BA 70 -47.30 -58.17 49.42
CA ARG BA 70 -47.04 -59.17 48.38
C ARG BA 70 -46.98 -60.58 48.96
N MET BA 71 -46.35 -60.76 50.14
CA MET BA 71 -46.21 -62.05 50.82
C MET BA 71 -47.56 -62.52 51.43
N MET BA 72 -48.45 -61.57 51.77
CA MET BA 72 -49.76 -61.84 52.36
C MET BA 72 -50.70 -62.57 51.40
N MET BA 73 -50.50 -62.39 50.08
CA MET BA 73 -51.29 -63.00 49.01
C MET BA 73 -51.14 -64.53 49.02
N LYS BA 74 -49.91 -65.03 49.26
CA LYS BA 74 -49.59 -66.45 49.32
C LYS BA 74 -49.10 -66.80 50.73
N MET BA 75 -50.02 -66.77 51.72
CA MET BA 75 -49.76 -67.10 53.13
C MET BA 75 -51.02 -67.69 53.79
N SER BA 76 -50.85 -68.53 54.83
CA SER BA 76 -51.93 -69.18 55.60
C SER BA 76 -52.80 -68.16 56.34
N LYS BA 77 -54.03 -68.56 56.76
CA LYS BA 77 -54.99 -67.71 57.47
C LYS BA 77 -54.42 -67.21 58.81
N GLU BA 78 -53.60 -68.05 59.49
CA GLU BA 78 -52.93 -67.74 60.75
C GLU BA 78 -51.88 -66.64 60.54
N GLY BA 79 -51.15 -66.74 59.42
CA GLY BA 79 -50.12 -65.78 59.03
C GLY BA 79 -50.69 -64.47 58.53
N LYS BA 80 -51.74 -64.54 57.67
CA LYS BA 80 -52.46 -63.39 57.11
C LYS BA 80 -52.98 -62.46 58.20
N ALA BA 81 -53.36 -63.04 59.36
CA ALA BA 81 -53.89 -62.33 60.52
C ALA BA 81 -52.80 -61.65 61.37
N THR BA 82 -51.64 -62.32 61.56
CA THR BA 82 -50.55 -61.78 62.37
C THR BA 82 -49.77 -60.70 61.59
N VAL BA 83 -49.58 -60.86 60.27
CA VAL BA 83 -48.85 -59.93 59.41
C VAL BA 83 -49.62 -58.60 59.26
N GLU BA 84 -50.93 -58.65 58.94
CA GLU BA 84 -51.78 -57.46 58.77
C GLU BA 84 -51.89 -56.63 60.06
N ALA BA 85 -51.76 -57.28 61.23
CA ALA BA 85 -51.80 -56.62 62.55
C ALA BA 85 -50.56 -55.75 62.76
N LEU BA 86 -49.38 -56.24 62.31
CA LEU BA 86 -48.08 -55.54 62.41
C LEU BA 86 -48.01 -54.33 61.48
N ILE BA 87 -48.68 -54.41 60.30
CA ILE BA 87 -48.72 -53.34 59.29
C ILE BA 87 -49.56 -52.17 59.82
N ASN BA 88 -50.72 -52.46 60.43
CA ASN BA 88 -51.63 -51.45 60.97
C ASN BA 88 -51.13 -50.80 62.27
N LYS BA 89 -50.21 -51.48 63.00
CA LYS BA 89 -49.67 -50.99 64.26
C LYS BA 89 -48.37 -50.20 64.07
N TYR BA 90 -47.35 -50.81 63.43
CA TYR BA 90 -46.02 -50.22 63.22
C TYR BA 90 -45.92 -49.40 61.92
N LYS BA 91 -46.99 -49.36 61.10
CA LYS BA 91 -47.10 -48.64 59.82
C LYS BA 91 -45.94 -49.06 58.89
N LEU BA 92 -45.76 -50.39 58.74
CA LEU BA 92 -44.71 -51.02 57.94
C LEU BA 92 -44.93 -50.79 56.45
N LYS BA 93 -43.85 -50.47 55.72
CA LYS BA 93 -43.87 -50.20 54.28
C LYS BA 93 -42.94 -51.17 53.52
N GLU BA 94 -42.86 -51.01 52.19
CA GLU BA 94 -42.03 -51.84 51.30
C GLU BA 94 -41.14 -50.96 50.43
N GLY BA 95 -39.87 -51.37 50.30
CA GLY BA 95 -38.86 -50.66 49.53
C GLY BA 95 -37.94 -49.80 50.38
N ASN BA 96 -37.56 -48.62 49.85
CA ASN BA 96 -36.68 -47.67 50.53
C ASN BA 96 -37.44 -46.34 50.77
N PRO BA 97 -38.20 -46.23 51.88
CA PRO BA 97 -38.96 -44.99 52.13
C PRO BA 97 -38.16 -43.96 52.94
N SER BA 98 -38.84 -42.99 53.57
CA SER BA 98 -38.24 -41.91 54.36
C SER BA 98 -37.68 -42.44 55.71
N ARG BA 99 -36.92 -41.57 56.41
CA ARG BA 99 -36.27 -41.80 57.70
C ARG BA 99 -37.28 -42.20 58.80
N ASP BA 100 -38.47 -41.56 58.81
CA ASP BA 100 -39.52 -41.78 59.81
C ASP BA 100 -40.36 -43.05 59.52
N GLU BA 101 -40.14 -43.72 58.37
CA GLU BA 101 -40.87 -44.93 58.01
C GLU BA 101 -40.12 -46.21 58.39
N LEU BA 102 -40.86 -47.30 58.63
CA LEU BA 102 -40.31 -48.61 59.02
C LEU BA 102 -40.58 -49.69 57.97
N THR BA 103 -39.60 -50.59 57.78
CA THR BA 103 -39.66 -51.74 56.88
C THR BA 103 -39.16 -52.97 57.64
N LEU BA 104 -39.52 -54.18 57.18
CA LEU BA 104 -39.12 -55.44 57.80
C LEU BA 104 -37.60 -55.65 57.77
N SER BA 105 -36.92 -55.14 56.72
CA SER BA 105 -35.47 -55.22 56.56
C SER BA 105 -34.75 -54.30 57.54
N ARG BA 106 -35.34 -53.12 57.85
CA ARG BA 106 -34.78 -52.13 58.76
C ARG BA 106 -34.81 -52.62 60.21
N VAL BA 107 -35.86 -53.39 60.59
CA VAL BA 107 -36.04 -53.96 61.93
C VAL BA 107 -34.97 -55.05 62.15
N ALA BA 108 -34.73 -55.89 61.12
CA ALA BA 108 -33.74 -56.97 61.14
C ALA BA 108 -32.31 -56.43 61.16
N ALA BA 109 -32.08 -55.26 60.50
CA ALA BA 109 -30.77 -54.61 60.43
C ALA BA 109 -30.39 -53.93 61.75
N ALA BA 110 -31.37 -53.26 62.41
CA ALA BA 110 -31.18 -52.54 63.68
C ALA BA 110 -30.89 -53.51 64.83
N LEU BA 111 -31.59 -54.66 64.86
CA LEU BA 111 -31.42 -55.71 65.87
C LEU BA 111 -30.63 -56.87 65.27
N ALA BA 112 -29.42 -56.56 64.76
CA ALA BA 112 -28.48 -57.47 64.09
C ALA BA 112 -28.06 -58.67 64.95
N GLY BA 113 -27.96 -58.47 66.27
CA GLY BA 113 -27.56 -59.50 67.23
C GLY BA 113 -28.54 -60.66 67.33
N ARG BA 114 -29.84 -60.36 67.40
CA ARG BA 114 -30.92 -61.35 67.47
C ARG BA 114 -31.12 -62.02 66.11
N THR BA 115 -30.98 -61.23 65.02
CA THR BA 115 -31.14 -61.64 63.62
C THR BA 115 -30.13 -62.74 63.25
N CYS BA 116 -28.84 -62.54 63.63
CA CYS BA 116 -27.75 -63.48 63.35
C CYS BA 116 -27.93 -64.81 64.10
N GLN BA 117 -28.46 -64.74 65.34
CA GLN BA 117 -28.73 -65.90 66.19
C GLN BA 117 -29.91 -66.72 65.66
N ALA BA 118 -30.89 -66.04 65.02
CA ALA BA 118 -32.09 -66.65 64.42
C ALA BA 118 -31.75 -67.46 63.17
N LEU BA 119 -30.62 -67.17 62.51
CA LEU BA 119 -30.15 -67.84 61.29
C LEU BA 119 -29.71 -69.29 61.56
N VAL BA 120 -29.33 -69.61 62.81
CA VAL BA 120 -28.92 -70.95 63.24
C VAL BA 120 -30.15 -71.87 63.20
N VAL BA 121 -31.31 -71.36 63.68
CA VAL BA 121 -32.59 -72.09 63.68
C VAL BA 121 -33.15 -72.07 62.25
N LEU BA 122 -33.34 -70.86 61.67
CA LEU BA 122 -33.85 -70.66 60.31
C LEU BA 122 -32.70 -70.80 59.32
N SER BA 123 -32.26 -72.05 59.06
CA SER BA 123 -31.14 -72.33 58.16
C SER BA 123 -31.61 -72.77 56.78
N GLU BA 124 -32.60 -73.68 56.74
CA GLU BA 124 -33.13 -74.25 55.49
C GLU BA 124 -34.39 -73.53 55.00
N TRP BA 125 -34.83 -72.47 55.71
CA TRP BA 125 -36.02 -71.69 55.34
C TRP BA 125 -35.66 -70.37 54.64
N LEU BA 126 -34.36 -70.05 54.58
CA LEU BA 126 -33.83 -68.85 53.93
C LEU BA 126 -33.87 -68.99 52.39
N PRO BA 127 -33.78 -67.89 51.57
CA PRO BA 127 -33.76 -68.08 50.10
C PRO BA 127 -32.56 -68.89 49.63
N VAL BA 128 -31.42 -68.74 50.33
CA VAL BA 128 -30.19 -69.51 50.12
C VAL BA 128 -30.02 -70.39 51.37
N THR BA 129 -30.18 -71.71 51.22
CA THR BA 129 -30.11 -72.67 52.33
C THR BA 129 -28.65 -72.88 52.79
N GLY BA 130 -28.50 -73.37 54.02
CA GLY BA 130 -27.20 -73.66 54.64
C GLY BA 130 -26.44 -74.77 53.94
N THR BA 131 -27.19 -75.74 53.38
CA THR BA 131 -26.65 -76.89 52.64
C THR BA 131 -26.02 -76.42 51.32
N THR BA 132 -26.62 -75.39 50.68
CA THR BA 132 -26.15 -74.78 49.43
C THR BA 132 -24.82 -74.04 49.70
N MET BA 133 -24.73 -73.34 50.85
CA MET BA 133 -23.53 -72.61 51.27
C MET BA 133 -22.41 -73.56 51.68
N ASP BA 134 -22.78 -74.77 52.18
CA ASP BA 134 -21.84 -75.82 52.59
C ASP BA 134 -21.13 -76.43 51.38
N GLY BA 135 -21.79 -76.40 50.22
CA GLY BA 135 -21.25 -76.91 48.96
C GLY BA 135 -20.14 -76.05 48.41
N LEU BA 136 -20.26 -74.72 48.57
CA LEU BA 136 -19.27 -73.74 48.14
C LEU BA 136 -18.08 -73.72 49.09
N SER BA 137 -18.35 -73.66 50.41
CA SER BA 137 -17.35 -73.67 51.48
C SER BA 137 -17.79 -74.65 52.58
N PRO BA 138 -16.98 -75.69 52.90
CA PRO BA 138 -17.39 -76.65 53.94
C PRO BA 138 -17.57 -76.00 55.30
N ALA BA 139 -18.72 -76.31 55.97
CA ALA BA 139 -19.16 -75.81 57.28
C ALA BA 139 -19.17 -74.27 57.31
N TYR BA 140 -19.97 -73.65 56.41
CA TYR BA 140 -20.10 -72.20 56.29
C TYR BA 140 -20.78 -71.60 57.54
N PRO BA 141 -20.25 -70.48 58.11
CA PRO BA 141 -20.88 -69.90 59.32
C PRO BA 141 -22.30 -69.40 59.06
N ARG BA 142 -23.26 -69.96 59.81
CA ARG BA 142 -24.69 -69.66 59.70
C ARG BA 142 -25.04 -68.21 60.08
N HIS BA 143 -24.26 -67.61 61.02
CA HIS BA 143 -24.46 -66.23 61.50
C HIS BA 143 -24.21 -65.16 60.42
N MET BA 144 -23.42 -65.50 59.38
CA MET BA 144 -23.08 -64.59 58.27
C MET BA 144 -24.14 -64.59 57.16
N MET BA 145 -25.15 -65.47 57.25
CA MET BA 145 -26.17 -65.68 56.23
C MET BA 145 -27.33 -64.65 56.23
N HIS BA 146 -26.99 -63.34 56.30
CA HIS BA 146 -27.92 -62.21 56.20
C HIS BA 146 -27.14 -60.89 56.05
N PRO BA 147 -27.58 -59.95 55.17
CA PRO BA 147 -26.82 -58.68 55.01
C PRO BA 147 -26.69 -57.83 56.29
N SER BA 148 -27.53 -58.09 57.31
CA SER BA 148 -27.53 -57.38 58.59
C SER BA 148 -26.30 -57.74 59.46
N PHE BA 149 -25.58 -58.84 59.12
CA PHE BA 149 -24.37 -59.29 59.81
C PHE BA 149 -23.26 -58.23 59.77
N ALA BA 150 -23.25 -57.38 58.72
CA ALA BA 150 -22.28 -56.30 58.52
C ALA BA 150 -22.28 -55.30 59.70
N GLY BA 151 -23.42 -55.22 60.41
CA GLY BA 151 -23.59 -54.38 61.59
C GLY BA 151 -22.98 -54.97 62.85
N MET BA 152 -22.56 -56.26 62.78
CA MET BA 152 -21.93 -56.99 63.88
C MET BA 152 -20.39 -57.07 63.69
N VAL BA 153 -19.91 -56.69 62.48
CA VAL BA 153 -18.49 -56.71 62.11
C VAL BA 153 -17.77 -55.53 62.81
N ASP BA 154 -16.63 -55.84 63.46
CA ASP BA 154 -15.79 -54.88 64.18
C ASP BA 154 -14.74 -54.28 63.22
N PRO BA 155 -14.80 -52.95 62.91
CA PRO BA 155 -13.81 -52.37 61.98
C PRO BA 155 -12.41 -52.17 62.61
N SER BA 156 -12.31 -52.19 63.95
CA SER BA 156 -11.04 -52.01 64.67
C SER BA 156 -10.13 -53.26 64.55
N LEU BA 157 -10.67 -54.38 64.02
CA LEU BA 157 -9.94 -55.63 63.80
C LEU BA 157 -8.78 -55.45 62.81
N PRO BA 158 -7.67 -56.23 62.93
CA PRO BA 158 -6.55 -56.07 61.97
C PRO BA 158 -6.95 -56.32 60.52
N GLY BA 159 -6.30 -55.60 59.61
CA GLY BA 159 -6.52 -55.63 58.16
C GLY BA 159 -6.80 -56.99 57.54
N ASP BA 160 -5.89 -57.97 57.77
CA ASP BA 160 -6.00 -59.33 57.24
C ASP BA 160 -7.21 -60.06 57.81
N TYR BA 161 -7.53 -59.82 59.09
CA TYR BA 161 -8.67 -60.44 59.78
C TYR BA 161 -9.99 -59.80 59.36
N LEU BA 162 -10.02 -58.46 59.27
CA LEU BA 162 -11.20 -57.67 58.87
C LEU BA 162 -11.63 -58.04 57.45
N ARG BA 163 -10.67 -58.19 56.52
CA ARG BA 163 -10.92 -58.57 55.13
C ARG BA 163 -11.42 -60.01 55.05
N ALA BA 164 -10.89 -60.91 55.92
CA ALA BA 164 -11.28 -62.33 55.98
C ALA BA 164 -12.75 -62.51 56.39
N ILE BA 165 -13.26 -61.64 57.28
CA ILE BA 165 -14.65 -61.67 57.75
C ILE BA 165 -15.56 -61.15 56.62
N LEU BA 166 -15.17 -60.04 55.98
CA LEU BA 166 -15.93 -59.40 54.89
C LEU BA 166 -15.97 -60.27 53.62
N ASP BA 167 -14.85 -60.93 53.26
CA ASP BA 167 -14.76 -61.82 52.09
C ASP BA 167 -15.61 -63.09 52.28
N ALA BA 168 -15.66 -63.61 53.51
CA ALA BA 168 -16.45 -64.79 53.88
C ALA BA 168 -17.94 -64.46 53.84
N HIS BA 169 -18.32 -63.26 54.31
CA HIS BA 169 -19.70 -62.76 54.33
C HIS BA 169 -20.17 -62.43 52.91
N SER BA 170 -19.24 -61.95 52.03
CA SER BA 170 -19.50 -61.60 50.65
C SER BA 170 -19.87 -62.83 49.79
N LEU BA 171 -19.44 -64.04 50.22
CA LEU BA 171 -19.72 -65.31 49.55
C LEU BA 171 -21.24 -65.58 49.56
N TYR BA 172 -21.92 -65.27 50.70
CA TYR BA 172 -23.37 -65.41 50.85
C TYR BA 172 -24.07 -64.33 50.03
N LEU BA 173 -23.63 -63.05 50.20
CA LEU BA 173 -24.17 -61.87 49.52
C LEU BA 173 -24.17 -62.03 48.01
N LEU BA 174 -23.13 -62.69 47.45
CA LEU BA 174 -23.01 -62.97 46.02
C LEU BA 174 -24.14 -63.90 45.55
N GLN BA 175 -24.45 -64.93 46.36
CA GLN BA 175 -25.50 -65.91 46.07
C GLN BA 175 -26.88 -65.32 46.35
N PHE BA 176 -27.04 -64.60 47.48
CA PHE BA 176 -28.29 -63.99 47.95
C PHE BA 176 -28.77 -62.89 46.99
N SER BA 177 -27.89 -61.94 46.61
CA SER BA 177 -28.22 -60.82 45.72
C SER BA 177 -28.69 -61.31 44.35
N ARG BA 178 -28.12 -62.43 43.85
CA ARG BA 178 -28.51 -63.00 42.57
C ARG BA 178 -29.87 -63.72 42.67
N VAL BA 179 -30.25 -64.20 43.88
CA VAL BA 179 -31.53 -64.89 44.10
C VAL BA 179 -32.67 -63.85 44.17
N ILE BA 180 -32.52 -62.81 45.02
CA ILE BA 180 -33.55 -61.78 45.22
C ILE BA 180 -33.65 -60.80 44.03
N ASN BA 181 -32.53 -60.51 43.32
CA ASN BA 181 -32.55 -59.63 42.16
C ASN BA 181 -32.38 -60.46 40.87
N PRO BA 182 -33.36 -60.39 39.94
CA PRO BA 182 -33.30 -61.24 38.74
C PRO BA 182 -32.26 -60.82 37.70
N ASN BA 183 -32.06 -59.50 37.48
CA ASN BA 183 -31.12 -59.01 36.46
C ASN BA 183 -29.63 -59.17 36.86
N LEU BA 184 -29.33 -59.49 38.14
CA LEU BA 184 -27.94 -59.68 38.61
C LEU BA 184 -27.43 -61.12 38.42
N ARG BA 185 -28.30 -62.03 37.95
CA ARG BA 185 -28.01 -63.46 37.75
C ARG BA 185 -26.95 -63.72 36.66
N GLY BA 186 -27.09 -63.06 35.52
CA GLY BA 186 -26.15 -63.21 34.39
C GLY BA 186 -24.84 -62.47 34.54
N ARG BA 187 -24.85 -61.40 35.35
CA ARG BA 187 -23.69 -60.55 35.59
C ARG BA 187 -22.64 -61.25 36.47
N THR BA 188 -21.35 -60.98 36.19
CA THR BA 188 -20.17 -61.56 36.85
C THR BA 188 -20.06 -61.15 38.34
N LYS BA 189 -19.17 -61.84 39.08
CA LYS BA 189 -18.87 -61.65 40.50
C LYS BA 189 -18.57 -60.17 40.85
N GLU BA 190 -17.76 -59.50 40.03
CA GLU BA 190 -17.37 -58.08 40.20
C GLU BA 190 -18.57 -57.14 40.07
N GLU BA 191 -19.50 -57.44 39.15
CA GLU BA 191 -20.70 -56.64 38.90
C GLU BA 191 -21.68 -56.76 40.08
N VAL BA 192 -21.82 -57.97 40.65
CA VAL BA 192 -22.71 -58.26 41.79
C VAL BA 192 -22.09 -57.65 43.07
N ALA BA 193 -20.76 -57.74 43.22
CA ALA BA 193 -20.01 -57.22 44.38
C ALA BA 193 -20.24 -55.71 44.56
N ALA BA 194 -20.22 -54.93 43.47
CA ALA BA 194 -20.40 -53.47 43.45
C ALA BA 194 -21.75 -53.01 44.03
N THR BA 195 -22.78 -53.87 44.00
CA THR BA 195 -24.12 -53.52 44.51
C THR BA 195 -24.24 -53.72 46.04
N PHE BA 196 -23.55 -54.73 46.63
CA PHE BA 196 -23.66 -55.00 48.06
C PHE BA 196 -22.47 -54.48 48.91
N THR BA 197 -21.30 -54.19 48.31
CA THR BA 197 -20.10 -53.72 49.03
C THR BA 197 -20.30 -52.34 49.69
N GLN BA 198 -21.05 -51.43 49.04
CA GLN BA 198 -21.32 -50.08 49.54
C GLN BA 198 -22.19 -50.11 50.83
N PRO BA 199 -23.39 -50.74 50.90
CA PRO BA 199 -24.15 -50.75 52.16
C PRO BA 199 -23.53 -51.63 53.24
N MET BA 200 -22.65 -52.60 52.86
CA MET BA 200 -21.94 -53.49 53.78
C MET BA 200 -20.91 -52.70 54.58
N ASN BA 201 -20.02 -51.94 53.88
CA ASN BA 201 -18.97 -51.10 54.49
C ASN BA 201 -19.56 -50.00 55.36
N ALA BA 202 -20.76 -49.48 54.99
CA ALA BA 202 -21.49 -48.45 55.73
C ALA BA 202 -21.97 -48.97 57.08
N ALA BA 203 -22.33 -50.27 57.15
CA ALA BA 203 -22.80 -50.94 58.36
C ALA BA 203 -21.63 -51.30 59.29
N VAL BA 204 -20.44 -51.57 58.71
CA VAL BA 204 -19.22 -51.90 59.46
C VAL BA 204 -18.67 -50.63 60.11
N ASN BA 205 -18.61 -49.52 59.34
CA ASN BA 205 -18.08 -48.23 59.79
C ASN BA 205 -19.11 -47.38 60.56
N SER BA 206 -20.34 -47.91 60.79
CA SER BA 206 -21.38 -47.20 61.52
C SER BA 206 -21.05 -47.13 63.02
N ASN BA 207 -21.40 -46.00 63.66
CA ASN BA 207 -21.13 -45.73 65.07
C ASN BA 207 -22.03 -46.52 66.03
N PHE BA 208 -23.12 -47.15 65.53
CA PHE BA 208 -24.05 -47.94 66.34
C PHE BA 208 -23.40 -49.25 66.82
N ILE BA 209 -23.35 -49.42 68.17
CA ILE BA 209 -22.71 -50.53 68.92
C ILE BA 209 -21.18 -50.38 68.81
N SER BA 210 -20.51 -50.17 69.96
CA SER BA 210 -19.07 -49.95 70.07
C SER BA 210 -18.24 -51.12 69.51
N HIS BA 211 -16.99 -50.82 69.11
CA HIS BA 211 -16.00 -51.74 68.53
C HIS BA 211 -15.72 -52.96 69.43
N GLU BA 212 -15.64 -52.73 70.75
CA GLU BA 212 -15.37 -53.77 71.74
C GLU BA 212 -16.58 -54.70 71.92
N LYS BA 213 -17.81 -54.13 71.93
CA LYS BA 213 -19.06 -54.86 72.07
C LYS BA 213 -19.32 -55.72 70.83
N ARG BA 214 -19.01 -55.18 69.63
CA ARG BA 214 -19.14 -55.87 68.34
C ARG BA 214 -18.20 -57.07 68.26
N ARG BA 215 -16.97 -56.92 68.80
CA ARG BA 215 -15.95 -57.96 68.86
C ARG BA 215 -16.39 -59.11 69.76
N GLU BA 216 -17.12 -58.80 70.86
CA GLU BA 216 -17.65 -59.78 71.81
C GLU BA 216 -18.70 -60.69 71.15
N PHE BA 217 -19.54 -60.12 70.27
CA PHE BA 217 -20.59 -60.85 69.54
C PHE BA 217 -19.97 -61.88 68.59
N LEU BA 218 -18.93 -61.48 67.84
CA LEU BA 218 -18.20 -62.34 66.89
C LEU BA 218 -17.52 -63.50 67.63
N LYS BA 219 -17.05 -63.27 68.87
CA LYS BA 219 -16.44 -64.28 69.74
C LYS BA 219 -17.51 -65.25 70.27
N ALA BA 220 -18.69 -64.72 70.62
CA ALA BA 220 -19.84 -65.48 71.14
C ALA BA 220 -20.46 -66.37 70.07
N PHE BA 221 -20.49 -65.91 68.80
CA PHE BA 221 -21.04 -66.69 67.67
C PHE BA 221 -20.05 -67.78 67.22
N GLY BA 222 -18.80 -67.68 67.66
CA GLY BA 222 -17.74 -68.62 67.33
C GLY BA 222 -17.10 -68.35 65.98
N LEU BA 223 -16.94 -67.06 65.65
CA LEU BA 223 -16.34 -66.61 64.39
C LEU BA 223 -14.87 -66.26 64.58
N VAL BA 224 -14.52 -65.54 65.66
CA VAL BA 224 -13.14 -65.16 65.99
C VAL BA 224 -12.75 -65.69 67.40
N ASP BA 225 -11.44 -65.87 67.64
CA ASP BA 225 -10.91 -66.35 68.91
C ASP BA 225 -10.79 -65.20 69.94
N SER BA 226 -10.11 -65.45 71.08
CA SER BA 226 -9.90 -64.50 72.19
C SER BA 226 -9.19 -63.20 71.76
N ASN BA 227 -8.30 -63.28 70.74
CA ASN BA 227 -7.56 -62.12 70.24
C ASN BA 227 -8.32 -61.39 69.12
N GLY BA 228 -8.70 -62.13 68.08
CA GLY BA 228 -9.43 -61.58 66.93
C GLY BA 228 -9.23 -62.34 65.62
N LYS BA 229 -8.47 -63.45 65.67
CA LYS BA 229 -8.19 -64.31 64.51
C LYS BA 229 -9.44 -65.13 64.14
N PRO BA 230 -9.91 -65.08 62.87
CA PRO BA 230 -11.10 -65.86 62.49
C PRO BA 230 -10.84 -67.36 62.46
N SER BA 231 -11.92 -68.15 62.61
CA SER BA 231 -11.90 -69.62 62.60
C SER BA 231 -11.60 -70.17 61.19
N ALA BA 232 -11.25 -71.47 61.11
CA ALA BA 232 -10.95 -72.19 59.86
C ALA BA 232 -12.12 -72.17 58.88
N ALA BA 233 -13.36 -72.13 59.41
CA ALA BA 233 -14.61 -72.08 58.64
C ALA BA 233 -14.75 -70.75 57.91
N VAL BA 234 -14.34 -69.64 58.56
CA VAL BA 234 -14.38 -68.27 58.02
C VAL BA 234 -13.26 -68.12 56.96
N MET BA 235 -12.04 -68.63 57.27
CA MET BA 235 -10.86 -68.57 56.40
C MET BA 235 -11.08 -69.32 55.08
N ALA BA 236 -11.80 -70.47 55.13
CA ALA BA 236 -12.11 -71.29 53.96
C ALA BA 236 -13.14 -70.58 53.06
N ALA BA 237 -14.12 -69.88 53.67
CA ALA BA 237 -15.16 -69.15 52.97
C ALA BA 237 -14.61 -67.90 52.29
N ALA BA 238 -13.59 -67.26 52.90
CA ALA BA 238 -12.90 -66.08 52.36
C ALA BA 238 -12.05 -66.46 51.15
N GLN BA 239 -11.43 -67.66 51.19
CA GLN BA 239 -10.60 -68.21 50.12
C GLN BA 239 -11.49 -68.66 48.94
N ALA BA 240 -12.71 -69.16 49.25
CA ALA BA 240 -13.69 -69.62 48.26
C ALA BA 240 -14.24 -68.46 47.43
N TYR BA 241 -14.36 -67.26 48.03
CA TYR BA 241 -14.86 -66.04 47.37
C TYR BA 241 -13.83 -65.52 46.35
N LYS BA 242 -12.53 -65.73 46.62
CA LYS BA 242 -11.42 -65.30 45.76
C LYS BA 242 -11.41 -66.07 44.42
N THR BA 243 -11.81 -67.36 44.45
CA THR BA 243 -11.86 -68.22 43.27
C THR BA 243 -13.31 -68.44 42.76
N ALA BA 244 -14.29 -67.73 43.37
CA ALA BA 244 -15.72 -67.81 43.02
C ALA BA 244 -16.00 -67.22 41.63
N ALA BA 245 -17.06 -67.73 40.97
CA ALA BA 245 -17.50 -67.28 39.64
C ALA BA 245 -18.73 -66.38 39.75
N GLN CA 5 -0.38 -27.36 -8.12
CA GLN CA 5 -1.22 -27.43 -6.93
C GLN CA 5 -0.48 -28.11 -5.77
N GLU CA 6 0.42 -29.06 -6.06
CA GLU CA 6 1.19 -29.77 -5.03
C GLU CA 6 2.33 -28.88 -4.51
N LEU CA 7 1.94 -27.85 -3.74
CA LEU CA 7 2.85 -26.86 -3.13
C LEU CA 7 2.87 -27.02 -1.60
N ALA CA 8 2.16 -28.02 -1.08
CA ALA CA 8 2.06 -28.35 0.35
C ALA CA 8 3.40 -28.91 0.87
N ILE CA 9 4.22 -29.48 -0.03
CA ILE CA 9 5.55 -30.06 0.25
C ILE CA 9 6.49 -28.95 0.76
N GLN CA 10 6.41 -27.75 0.14
CA GLN CA 10 7.19 -26.56 0.49
C GLN CA 10 6.75 -26.00 1.85
N PHE CA 11 5.43 -26.09 2.15
CA PHE CA 11 4.82 -25.67 3.41
C PHE CA 11 5.25 -26.62 4.54
N ALA CA 12 5.42 -27.90 4.20
CA ALA CA 12 5.83 -28.97 5.12
C ALA CA 12 7.34 -28.95 5.37
N ALA CA 13 8.13 -28.54 4.35
CA ALA CA 13 9.60 -28.46 4.42
C ALA CA 13 10.06 -27.34 5.39
N GLN CA 14 9.15 -26.41 5.74
CA GLN CA 14 9.39 -25.29 6.67
C GLN CA 14 9.74 -25.81 8.06
N ALA CA 15 10.73 -25.16 8.72
CA ALA CA 15 11.17 -25.52 10.06
C ALA CA 15 10.10 -25.14 11.09
N VAL CA 16 9.69 -26.12 11.92
CA VAL CA 16 8.65 -25.93 12.95
C VAL CA 16 9.21 -25.12 14.11
N ASP CA 17 8.52 -24.01 14.44
CA ASP CA 17 8.90 -23.13 15.56
C ASP CA 17 8.22 -23.63 16.83
N ARG CA 18 9.03 -24.24 17.73
CA ARG CA 18 8.62 -24.86 18.99
C ARG CA 18 7.78 -23.91 19.87
N ASN CA 19 8.24 -22.67 20.06
CA ASN CA 19 7.58 -21.68 20.91
C ASN CA 19 6.38 -21.02 20.24
N GLU CA 20 6.34 -20.93 18.88
CA GLU CA 20 5.23 -20.35 18.14
C GLU CA 20 3.97 -21.22 18.32
N ILE CA 21 4.17 -22.55 18.37
CA ILE CA 21 3.13 -23.56 18.58
C ILE CA 21 2.71 -23.53 20.07
N GLU CA 22 3.69 -23.34 20.98
CA GLU CA 22 3.50 -23.28 22.44
C GLU CA 22 2.60 -22.10 22.86
N GLN CA 23 2.59 -21.02 22.07
CA GLN CA 23 1.78 -19.83 22.30
C GLN CA 23 0.30 -20.11 22.01
N TRP CA 24 0.03 -20.82 20.90
CA TRP CA 24 -1.31 -21.17 20.44
C TRP CA 24 -1.96 -22.29 21.25
N VAL CA 25 -1.18 -23.27 21.75
CA VAL CA 25 -1.73 -24.38 22.54
C VAL CA 25 -2.28 -23.85 23.89
N ARG CA 26 -1.60 -22.86 24.50
CA ARG CA 26 -2.02 -22.23 25.75
C ARG CA 26 -3.21 -21.31 25.51
N GLU CA 27 -3.29 -20.72 24.31
CA GLU CA 27 -4.37 -19.83 23.88
C GLU CA 27 -5.64 -20.65 23.59
N PHE CA 28 -5.49 -21.76 22.85
CA PHE CA 28 -6.59 -22.66 22.47
C PHE CA 28 -6.68 -23.87 23.43
N ALA CA 29 -6.41 -23.64 24.72
CA ALA CA 29 -6.46 -24.67 25.76
C ALA CA 29 -7.90 -24.92 26.21
N TYR CA 30 -8.21 -26.15 26.71
CA TYR CA 30 -9.55 -26.53 27.17
C TYR CA 30 -9.93 -25.67 28.39
N GLN CA 31 -10.40 -24.42 28.13
CA GLN CA 31 -10.76 -23.37 29.09
C GLN CA 31 -9.53 -23.00 29.92
N GLY CA 32 -9.09 -23.96 30.74
CA GLY CA 32 -7.94 -23.84 31.62
C GLY CA 32 -8.20 -24.50 32.96
N PHE CA 33 -9.49 -24.44 33.43
CA PHE CA 33 -10.01 -24.92 34.74
C PHE CA 33 -9.35 -24.07 35.84
N ASP CA 34 -8.01 -23.98 35.78
CA ASP CA 34 -7.05 -23.22 36.57
C ASP CA 34 -7.22 -23.32 38.07
N ALA CA 35 -6.23 -23.92 38.72
CA ALA CA 35 -6.15 -24.00 40.18
C ALA CA 35 -5.84 -22.59 40.70
N ARG CA 36 -5.25 -21.77 39.81
CA ARG CA 36 -4.90 -20.36 39.97
C ARG CA 36 -6.17 -19.52 40.18
N ARG CA 37 -7.20 -19.73 39.33
CA ARG CA 37 -8.49 -19.01 39.39
C ARG CA 37 -9.28 -19.39 40.65
N VAL CA 38 -9.20 -20.68 41.07
CA VAL CA 38 -9.90 -21.22 42.24
C VAL CA 38 -9.42 -20.50 43.52
N ILE CA 39 -8.08 -20.42 43.75
CA ILE CA 39 -7.47 -19.75 44.89
C ILE CA 39 -7.78 -18.25 44.85
N GLU CA 40 -7.76 -17.65 43.64
CA GLU CA 40 -8.08 -16.24 43.40
C GLU CA 40 -9.52 -15.91 43.79
N LEU CA 41 -10.45 -16.86 43.54
CA LEU CA 41 -11.86 -16.72 43.89
C LEU CA 41 -12.12 -17.03 45.36
N LEU CA 42 -11.36 -17.98 45.95
CA LEU CA 42 -11.49 -18.38 47.36
C LEU CA 42 -11.16 -17.21 48.30
N LYS CA 43 -10.11 -16.43 47.96
CA LYS CA 43 -9.68 -15.26 48.73
C LYS CA 43 -10.60 -14.06 48.45
N GLN CA 44 -11.29 -14.06 47.30
CA GLN CA 44 -12.21 -12.99 46.86
C GLN CA 44 -13.54 -13.00 47.64
N TYR CA 45 -14.09 -14.20 47.92
CA TYR CA 45 -15.38 -14.34 48.60
C TYR CA 45 -15.24 -14.58 50.12
N GLY CA 46 -14.33 -15.48 50.50
CA GLY CA 46 -14.10 -15.83 51.90
C GLY CA 46 -13.37 -14.77 52.70
N GLY CA 47 -12.29 -14.26 52.13
CA GLY CA 47 -11.46 -13.25 52.76
C GLY CA 47 -10.34 -13.87 53.57
N ALA CA 48 -10.34 -13.64 54.89
CA ALA CA 48 -9.35 -14.15 55.84
C ALA CA 48 -9.70 -15.55 56.33
N ASP CA 49 -11.01 -15.87 56.37
CA ASP CA 49 -11.54 -17.16 56.82
C ASP CA 49 -11.62 -18.18 55.65
N TRP CA 50 -10.90 -17.92 54.54
CA TRP CA 50 -10.88 -18.78 53.35
C TRP CA 50 -10.15 -20.11 53.60
N GLU CA 51 -9.11 -20.11 54.46
CA GLU CA 51 -8.31 -21.30 54.76
C GLU CA 51 -9.07 -22.30 55.63
N LYS CA 52 -9.84 -21.82 56.63
CA LYS CA 52 -10.64 -22.67 57.52
C LYS CA 52 -11.81 -23.30 56.75
N ASP CA 53 -12.46 -22.52 55.87
CA ASP CA 53 -13.59 -22.96 55.05
C ASP CA 53 -13.15 -23.94 53.97
N ALA CA 54 -11.92 -23.78 53.42
CA ALA CA 54 -11.35 -24.67 52.41
C ALA CA 54 -11.14 -26.07 52.99
N LYS CA 55 -10.69 -26.14 54.27
CA LYS CA 55 -10.48 -27.38 55.01
C LYS CA 55 -11.82 -28.11 55.22
N LYS CA 56 -12.90 -27.34 55.47
CA LYS CA 56 -14.27 -27.84 55.64
C LYS CA 56 -14.81 -28.39 54.32
N MET CA 57 -14.54 -27.67 53.20
CA MET CA 57 -14.99 -28.02 51.85
C MET CA 57 -14.27 -29.26 51.30
N ILE CA 58 -13.02 -29.54 51.76
CA ILE CA 58 -12.24 -30.71 51.33
C ILE CA 58 -12.87 -31.96 51.96
N VAL CA 59 -13.19 -31.92 53.27
CA VAL CA 59 -13.83 -33.02 54.03
C VAL CA 59 -15.24 -33.30 53.45
N LEU CA 60 -15.97 -32.24 53.08
CA LEU CA 60 -17.32 -32.30 52.52
C LEU CA 60 -17.33 -32.98 51.13
N ALA CA 61 -16.40 -32.62 50.24
CA ALA CA 61 -16.28 -33.15 48.88
C ALA CA 61 -15.79 -34.61 48.87
N LEU CA 62 -14.94 -34.99 49.82
CA LEU CA 62 -14.34 -36.32 49.94
C LEU CA 62 -15.32 -37.36 50.47
N THR CA 63 -16.12 -37.01 51.51
CA THR CA 63 -17.05 -37.92 52.17
C THR CA 63 -18.42 -37.97 51.47
N ARG CA 64 -18.97 -36.82 51.06
CA ARG CA 64 -20.30 -36.77 50.44
C ARG CA 64 -20.21 -36.74 48.90
N GLY CA 65 -19.95 -35.58 48.31
CA GLY CA 65 -19.85 -35.43 46.86
C GLY CA 65 -19.65 -34.02 46.35
N ASN CA 66 -20.11 -33.78 45.10
CA ASN CA 66 -19.98 -32.48 44.42
C ASN CA 66 -21.27 -31.65 44.48
N LYS CA 67 -22.45 -32.31 44.43
CA LYS CA 67 -23.76 -31.64 44.47
C LYS CA 67 -24.08 -31.19 45.91
N PRO CA 68 -24.09 -29.87 46.21
CA PRO CA 68 -24.33 -29.43 47.60
C PRO CA 68 -25.79 -29.42 48.01
N ARG CA 69 -26.72 -29.13 47.07
CA ARG CA 69 -28.16 -29.08 47.35
C ARG CA 69 -28.75 -30.48 47.52
N ARG CA 70 -28.15 -31.50 46.86
CA ARG CA 70 -28.60 -32.89 46.92
C ARG CA 70 -28.19 -33.55 48.23
N MET CA 71 -26.95 -33.30 48.71
CA MET CA 71 -26.42 -33.87 49.96
C MET CA 71 -27.08 -33.25 51.21
N MET CA 72 -27.59 -31.99 51.08
CA MET CA 72 -28.25 -31.25 52.16
C MET CA 72 -29.58 -31.87 52.56
N MET CA 73 -30.23 -32.60 51.64
CA MET CA 73 -31.53 -33.27 51.84
C MET CA 73 -31.41 -34.38 52.90
N LYS CA 74 -30.30 -35.15 52.87
CA LYS CA 74 -30.04 -36.23 53.83
C LYS CA 74 -28.79 -35.87 54.66
N MET CA 75 -28.96 -34.90 55.59
CA MET CA 75 -27.91 -34.40 56.47
C MET CA 75 -28.50 -33.86 57.79
N SER CA 76 -27.66 -33.78 58.84
CA SER CA 76 -28.04 -33.27 60.17
C SER CA 76 -28.27 -31.76 60.13
N LYS CA 77 -29.01 -31.22 61.14
CA LYS CA 77 -29.33 -29.79 61.29
C LYS CA 77 -28.05 -28.94 61.41
N GLU CA 78 -27.01 -29.49 62.07
CA GLU CA 78 -25.71 -28.84 62.27
C GLU CA 78 -24.97 -28.70 60.94
N GLY CA 79 -25.06 -29.73 60.10
CA GLY CA 79 -24.45 -29.78 58.78
C GLY CA 79 -25.16 -28.89 57.78
N LYS CA 80 -26.51 -28.94 57.78
CA LYS CA 80 -27.41 -28.15 56.91
C LYS CA 80 -27.10 -26.65 56.97
N ALA CA 81 -26.85 -26.10 58.17
CA ALA CA 81 -26.55 -24.69 58.37
C ALA CA 81 -25.13 -24.31 57.90
N THR CA 82 -24.14 -25.18 58.15
CA THR CA 82 -22.72 -24.97 57.80
C THR CA 82 -22.52 -25.06 56.27
N VAL CA 83 -23.17 -26.03 55.60
CA VAL CA 83 -23.08 -26.25 54.15
C VAL CA 83 -23.74 -25.07 53.40
N GLU CA 84 -24.95 -24.65 53.82
CA GLU CA 84 -25.69 -23.53 53.22
C GLU CA 84 -24.92 -22.21 53.36
N ALA CA 85 -24.15 -22.05 54.45
CA ALA CA 85 -23.32 -20.88 54.73
C ALA CA 85 -22.20 -20.76 53.69
N LEU CA 86 -21.67 -21.90 53.23
CA LEU CA 86 -20.60 -21.97 52.23
C LEU CA 86 -21.12 -21.68 50.82
N ILE CA 87 -22.37 -22.10 50.52
CA ILE CA 87 -23.03 -21.89 49.22
C ILE CA 87 -23.36 -20.40 49.03
N ASN CA 88 -23.87 -19.74 50.08
CA ASN CA 88 -24.26 -18.33 50.03
C ASN CA 88 -23.04 -17.37 50.08
N LYS CA 89 -21.87 -17.86 50.53
CA LYS CA 89 -20.66 -17.05 50.64
C LYS CA 89 -19.75 -17.16 49.39
N TYR CA 90 -19.28 -18.37 49.06
CA TYR CA 90 -18.36 -18.61 47.94
C TYR CA 90 -19.08 -18.73 46.59
N LYS CA 91 -20.41 -18.93 46.64
CA LYS CA 91 -21.32 -19.10 45.50
C LYS CA 91 -20.94 -20.39 44.74
N LEU CA 92 -20.92 -21.51 45.50
CA LEU CA 92 -20.59 -22.86 45.02
C LEU CA 92 -21.72 -23.41 44.14
N LYS CA 93 -21.36 -24.24 43.15
CA LYS CA 93 -22.32 -24.84 42.21
C LYS CA 93 -22.13 -26.36 42.10
N GLU CA 94 -22.95 -27.02 41.25
CA GLU CA 94 -22.88 -28.46 41.01
C GLU CA 94 -22.74 -28.75 39.52
N GLY CA 95 -21.85 -29.71 39.21
CA GLY CA 95 -21.57 -30.13 37.85
C GLY CA 95 -20.33 -29.50 37.27
N ASN CA 96 -20.36 -29.17 35.96
CA ASN CA 96 -19.24 -28.56 35.25
C ASN CA 96 -19.66 -27.16 34.72
N PRO CA 97 -19.52 -26.09 35.55
CA PRO CA 97 -19.93 -24.76 35.09
C PRO CA 97 -18.77 -23.99 34.43
N SER CA 98 -18.90 -22.64 34.34
CA SER CA 98 -17.90 -21.75 33.73
C SER CA 98 -16.62 -21.62 34.58
N ARG CA 99 -15.58 -20.99 34.00
CA ARG CA 99 -14.25 -20.73 34.59
C ARG CA 99 -14.34 -19.91 35.89
N ASP CA 100 -15.24 -18.91 35.93
CA ASP CA 100 -15.44 -18.00 37.07
C ASP CA 100 -16.28 -18.63 38.20
N GLU CA 101 -16.84 -19.84 37.99
CA GLU CA 101 -17.66 -20.52 39.00
C GLU CA 101 -16.83 -21.53 39.81
N LEU CA 102 -17.27 -21.79 41.06
CA LEU CA 102 -16.63 -22.71 41.99
C LEU CA 102 -17.51 -23.90 42.34
N THR CA 103 -16.88 -25.08 42.48
CA THR CA 103 -17.52 -26.35 42.88
C THR CA 103 -16.66 -26.99 43.98
N LEU CA 104 -17.25 -27.91 44.76
CA LEU CA 104 -16.55 -28.62 45.84
C LEU CA 104 -15.38 -29.47 45.32
N SER CA 105 -15.52 -30.03 44.10
CA SER CA 105 -14.49 -30.84 43.46
C SER CA 105 -13.31 -29.99 42.99
N ARG CA 106 -13.58 -28.75 42.54
CA ARG CA 106 -12.55 -27.80 42.07
C ARG CA 106 -11.68 -27.30 43.21
N VAL CA 107 -12.25 -27.13 44.42
CA VAL CA 107 -11.54 -26.67 45.63
C VAL CA 107 -10.57 -27.79 46.07
N ALA CA 108 -11.05 -29.05 46.03
CA ALA CA 108 -10.26 -30.24 46.40
C ALA CA 108 -9.14 -30.51 45.38
N ALA CA 109 -9.37 -30.19 44.09
CA ALA CA 109 -8.41 -30.38 43.02
C ALA CA 109 -7.28 -29.34 43.06
N ALA CA 110 -7.62 -28.06 43.34
CA ALA CA 110 -6.67 -26.95 43.42
C ALA CA 110 -5.72 -27.10 44.61
N LEU CA 111 -6.25 -27.54 45.77
CA LEU CA 111 -5.49 -27.76 46.99
C LEU CA 111 -5.27 -29.27 47.18
N ALA CA 112 -4.64 -29.89 46.16
CA ALA CA 112 -4.35 -31.32 46.07
C ALA CA 112 -3.47 -31.85 47.21
N GLY CA 113 -2.57 -31.01 47.72
CA GLY CA 113 -1.65 -31.36 48.81
C GLY CA 113 -2.34 -31.64 50.13
N ARG CA 114 -3.31 -30.81 50.51
CA ARG CA 114 -4.09 -30.95 51.74
C ARG CA 114 -5.11 -32.09 51.59
N THR CA 115 -5.69 -32.23 50.38
CA THR CA 115 -6.70 -33.23 50.01
C THR CA 115 -6.13 -34.65 50.16
N CYS CA 116 -4.91 -34.91 49.66
CA CYS CA 116 -4.23 -36.21 49.71
C CYS CA 116 -3.89 -36.60 51.15
N GLN CA 117 -3.51 -35.61 51.99
CA GLN CA 117 -3.18 -35.81 53.41
C GLN CA 117 -4.43 -36.14 54.24
N ALA CA 118 -5.59 -35.59 53.83
CA ALA CA 118 -6.89 -35.79 54.48
C ALA CA 118 -7.43 -37.21 54.27
N LEU CA 119 -6.97 -37.89 53.20
CA LEU CA 119 -7.36 -39.26 52.84
C LEU CA 119 -6.84 -40.31 53.83
N VAL CA 120 -5.75 -39.99 54.57
CA VAL CA 120 -5.16 -40.86 55.59
C VAL CA 120 -6.13 -40.96 56.78
N VAL CA 121 -6.74 -39.82 57.17
CA VAL CA 121 -7.72 -39.73 58.25
C VAL CA 121 -9.05 -40.27 57.73
N LEU CA 122 -9.57 -39.67 56.63
CA LEU CA 122 -10.83 -40.07 55.99
C LEU CA 122 -10.57 -41.26 55.06
N SER CA 123 -10.38 -42.45 55.63
CA SER CA 123 -10.08 -43.66 54.86
C SER CA 123 -11.31 -44.54 54.66
N GLU CA 124 -12.09 -44.73 55.74
CA GLU CA 124 -13.28 -45.60 55.72
C GLU CA 124 -14.58 -44.81 55.49
N TRP CA 125 -14.49 -43.47 55.29
CA TRP CA 125 -15.64 -42.61 55.06
C TRP CA 125 -15.81 -42.26 53.57
N LEU CA 126 -14.84 -42.66 52.72
CA LEU CA 126 -14.85 -42.46 51.27
C LEU CA 126 -15.85 -43.41 50.58
N PRO CA 127 -16.30 -43.17 49.31
CA PRO CA 127 -17.21 -44.13 48.66
C PRO CA 127 -16.57 -45.51 48.49
N VAL CA 128 -15.25 -45.53 48.25
CA VAL CA 128 -14.42 -46.73 48.16
C VAL CA 128 -13.49 -46.70 49.38
N THR CA 129 -13.70 -47.62 50.32
CA THR CA 129 -12.93 -47.69 51.57
C THR CA 129 -11.51 -48.23 51.33
N GLY CA 130 -10.61 -47.94 52.27
CA GLY CA 130 -9.21 -48.37 52.24
C GLY CA 130 -9.06 -49.88 52.35
N THR CA 131 -9.98 -50.53 53.09
CA THR CA 131 -10.03 -51.98 53.29
C THR CA 131 -10.37 -52.69 51.97
N THR CA 132 -11.25 -52.06 51.15
CA THR CA 132 -11.67 -52.58 49.84
C THR CA 132 -10.48 -52.52 48.87
N MET CA 133 -9.69 -51.43 48.92
CA MET CA 133 -8.51 -51.23 48.09
C MET CA 133 -7.36 -52.16 48.51
N ASP CA 134 -7.32 -52.53 49.81
CA ASP CA 134 -6.31 -53.43 50.38
C ASP CA 134 -6.52 -54.87 49.87
N GLY CA 135 -7.76 -55.21 49.53
CA GLY CA 135 -8.13 -56.53 49.00
C GLY CA 135 -7.62 -56.76 47.59
N LEU CA 136 -7.62 -55.70 46.76
CA LEU CA 136 -7.15 -55.72 45.37
C LEU CA 136 -5.61 -55.70 45.35
N SER CA 137 -5.00 -54.78 46.13
CA SER CA 137 -3.55 -54.63 46.27
C SER CA 137 -3.18 -54.48 47.75
N PRO CA 138 -2.34 -55.38 48.33
CA PRO CA 138 -2.00 -55.26 49.75
C PRO CA 138 -1.29 -53.95 50.08
N ALA CA 139 -1.75 -53.27 51.15
CA ALA CA 139 -1.28 -51.98 51.68
C ALA CA 139 -1.29 -50.89 50.58
N TYR CA 140 -2.48 -50.63 50.00
CA TYR CA 140 -2.68 -49.64 48.95
C TYR CA 140 -2.42 -48.21 49.47
N PRO CA 141 -1.66 -47.36 48.72
CA PRO CA 141 -1.39 -45.99 49.21
C PRO CA 141 -2.66 -45.15 49.32
N ARG CA 142 -2.94 -44.67 50.56
CA ARG CA 142 -4.12 -43.88 50.91
C ARG CA 142 -4.15 -42.52 50.21
N HIS CA 143 -2.97 -41.93 49.93
CA HIS CA 143 -2.83 -40.62 49.29
C HIS CA 143 -3.33 -40.61 47.82
N MET CA 144 -3.37 -41.78 47.16
CA MET CA 144 -3.81 -41.94 45.76
C MET CA 144 -5.34 -42.09 45.64
N MET CA 145 -6.04 -42.18 46.77
CA MET CA 145 -7.48 -42.45 46.83
C MET CA 145 -8.39 -41.21 46.59
N HIS CA 146 -8.09 -40.43 45.53
CA HIS CA 146 -8.87 -39.28 45.07
C HIS CA 146 -8.37 -38.82 43.69
N PRO CA 147 -9.28 -38.47 42.73
CA PRO CA 147 -8.81 -38.04 41.40
C PRO CA 147 -7.90 -36.79 41.40
N SER CA 148 -7.91 -36.01 42.49
CA SER CA 148 -7.10 -34.79 42.65
C SER CA 148 -5.60 -35.11 42.84
N PHE CA 149 -5.25 -36.39 43.13
CA PHE CA 149 -3.87 -36.85 43.31
C PHE CA 149 -3.04 -36.65 42.02
N ALA CA 150 -3.70 -36.66 40.85
CA ALA CA 150 -3.08 -36.45 39.53
C ALA CA 150 -2.36 -35.09 39.44
N GLY CA 151 -2.78 -34.13 40.26
CA GLY CA 151 -2.18 -32.80 40.35
C GLY CA 151 -0.92 -32.77 41.18
N MET CA 152 -0.61 -33.88 41.89
CA MET CA 152 0.57 -34.05 42.74
C MET CA 152 1.64 -34.90 42.02
N VAL CA 153 1.26 -35.54 40.90
CA VAL CA 153 2.13 -36.40 40.09
C VAL CA 153 3.12 -35.53 39.28
N ASP CA 154 4.42 -35.87 39.37
CA ASP CA 154 5.52 -35.18 38.68
C ASP CA 154 5.72 -35.78 37.27
N PRO CA 155 5.48 -35.01 36.18
CA PRO CA 155 5.66 -35.58 34.83
C PRO CA 155 7.12 -35.72 34.40
N SER CA 156 8.06 -35.02 35.09
CA SER CA 156 9.49 -35.07 34.78
C SER CA 156 10.14 -36.40 35.22
N LEU CA 157 9.38 -37.23 35.98
CA LEU CA 157 9.80 -38.56 36.47
C LEU CA 157 10.07 -39.52 35.29
N PRO CA 158 11.02 -40.49 35.42
CA PRO CA 158 11.28 -41.42 34.30
C PRO CA 158 10.04 -42.22 33.88
N GLY CA 159 9.96 -42.52 32.59
CA GLY CA 159 8.87 -43.25 31.93
C GLY CA 159 8.27 -44.42 32.70
N ASP CA 160 9.13 -45.36 33.13
CA ASP CA 160 8.75 -46.57 33.88
C ASP CA 160 8.18 -46.22 35.25
N TYR CA 161 8.74 -45.18 35.91
CA TYR CA 161 8.31 -44.72 37.22
C TYR CA 161 7.01 -43.93 37.13
N LEU CA 162 6.90 -43.03 36.13
CA LEU CA 162 5.74 -42.18 35.87
C LEU CA 162 4.49 -43.03 35.57
N ARG CA 163 4.67 -44.11 34.77
CA ARG CA 163 3.59 -45.04 34.42
C ARG CA 163 3.17 -45.87 35.63
N ALA CA 164 4.13 -46.23 36.51
CA ALA CA 164 3.89 -47.01 37.73
C ALA CA 164 3.01 -46.25 38.73
N ILE CA 165 3.17 -44.90 38.82
CA ILE CA 165 2.38 -44.03 39.70
C ILE CA 165 0.95 -43.91 39.12
N LEU CA 166 0.84 -43.68 37.80
CA LEU CA 166 -0.43 -43.52 37.11
C LEU CA 166 -1.26 -44.81 37.07
N ASP CA 167 -0.61 -45.99 36.87
CA ASP CA 167 -1.28 -47.30 36.84
C ASP CA 167 -1.81 -47.68 38.23
N ALA CA 168 -1.05 -47.32 39.29
CA ALA CA 168 -1.43 -47.57 40.68
C ALA CA 168 -2.62 -46.70 41.08
N HIS CA 169 -2.63 -45.43 40.63
CA HIS CA 169 -3.69 -44.46 40.88
C HIS CA 169 -4.95 -44.83 40.08
N SER CA 170 -4.78 -45.42 38.88
CA SER CA 170 -5.87 -45.84 38.00
C SER CA 170 -6.68 -47.01 38.61
N LEU CA 171 -6.06 -47.80 39.52
CA LEU CA 171 -6.70 -48.92 40.21
C LEU CA 171 -7.86 -48.41 41.08
N TYR CA 172 -7.68 -47.25 41.74
CA TYR CA 172 -8.71 -46.60 42.56
C TYR CA 172 -9.78 -46.01 41.65
N LEU CA 173 -9.35 -45.23 40.62
CA LEU CA 173 -10.21 -44.55 39.64
C LEU CA 173 -11.16 -45.54 38.95
N LEU CA 174 -10.70 -46.78 38.69
CA LEU CA 174 -11.50 -47.84 38.08
C LEU CA 174 -12.66 -48.23 39.00
N GLN CA 175 -12.38 -48.35 40.32
CA GLN CA 175 -13.36 -48.71 41.34
C GLN CA 175 -14.27 -47.52 41.66
N PHE CA 176 -13.68 -46.31 41.82
CA PHE CA 176 -14.36 -45.07 42.15
C PHE CA 176 -15.37 -44.64 41.05
N SER CA 177 -14.93 -44.60 39.78
CA SER CA 177 -15.77 -44.21 38.64
C SER CA 177 -16.99 -45.12 38.48
N ARG CA 178 -16.86 -46.41 38.80
CA ARG CA 178 -17.96 -47.37 38.73
C ARG CA 178 -18.94 -47.18 39.90
N VAL CA 179 -18.45 -46.64 41.04
CA VAL CA 179 -19.30 -46.40 42.22
C VAL CA 179 -20.14 -45.12 42.00
N ILE CA 180 -19.51 -44.00 41.63
CA ILE CA 180 -20.22 -42.72 41.42
C ILE CA 180 -21.06 -42.73 40.13
N ASN CA 181 -20.60 -43.42 39.08
CA ASN CA 181 -21.35 -43.50 37.82
C ASN CA 181 -21.95 -44.92 37.68
N PRO CA 182 -23.29 -45.07 37.79
CA PRO CA 182 -23.89 -46.41 37.75
C PRO CA 182 -23.89 -47.11 36.38
N ASN CA 183 -23.91 -46.35 35.27
CA ASN CA 183 -23.93 -46.93 33.92
C ASN CA 183 -22.56 -47.50 33.50
N LEU CA 184 -21.47 -47.18 34.23
CA LEU CA 184 -20.12 -47.68 33.96
C LEU CA 184 -19.83 -49.01 34.69
N ARG CA 185 -20.75 -49.47 35.56
CA ARG CA 185 -20.64 -50.69 36.37
C ARG CA 185 -20.50 -51.96 35.51
N GLY CA 186 -21.33 -52.09 34.49
CA GLY CA 186 -21.34 -53.25 33.59
C GLY CA 186 -20.25 -53.25 32.54
N ARG CA 187 -19.74 -52.05 32.20
CA ARG CA 187 -18.69 -51.84 31.19
C ARG CA 187 -17.31 -52.31 31.70
N THR CA 188 -16.50 -52.86 30.78
CA THR CA 188 -15.16 -53.42 31.03
C THR CA 188 -14.13 -52.35 31.45
N LYS CA 189 -12.95 -52.81 31.95
CA LYS CA 189 -11.82 -52.00 32.43
C LYS CA 189 -11.40 -50.93 31.40
N GLU CA 190 -11.30 -51.31 30.11
CA GLU CA 190 -10.91 -50.43 29.00
C GLU CA 190 -11.92 -49.30 28.77
N GLU CA 191 -13.23 -49.60 28.92
CA GLU CA 191 -14.32 -48.63 28.76
C GLU CA 191 -14.31 -47.59 29.88
N VAL CA 192 -14.07 -48.03 31.13
CA VAL CA 192 -14.00 -47.19 32.32
C VAL CA 192 -12.71 -46.33 32.27
N ALA CA 193 -11.57 -46.93 31.83
CA ALA CA 193 -10.27 -46.25 31.73
C ALA CA 193 -10.33 -45.02 30.84
N ALA CA 194 -11.03 -45.10 29.69
CA ALA CA 194 -11.17 -44.03 28.70
C ALA CA 194 -11.86 -42.76 29.26
N THR CA 195 -12.66 -42.90 30.33
CA THR CA 195 -13.37 -41.76 30.94
C THR CA 195 -12.50 -40.98 31.94
N PHE CA 196 -11.58 -41.65 32.67
CA PHE CA 196 -10.75 -40.97 33.67
C PHE CA 196 -9.29 -40.68 33.23
N THR CA 197 -8.78 -41.34 32.17
CA THR CA 197 -7.40 -41.14 31.70
C THR CA 197 -7.15 -39.74 31.12
N GLN CA 198 -8.15 -39.14 30.44
CA GLN CA 198 -8.06 -37.82 29.84
C GLN CA 198 -7.91 -36.70 30.91
N PRO CA 199 -8.80 -36.55 31.95
CA PRO CA 199 -8.58 -35.48 32.94
C PRO CA 199 -7.39 -35.74 33.87
N MET CA 200 -6.95 -37.01 33.99
CA MET CA 200 -5.82 -37.42 34.82
C MET CA 200 -4.52 -36.88 34.22
N ASN CA 201 -4.27 -37.16 32.91
CA ASN CA 201 -3.09 -36.72 32.17
C ASN CA 201 -3.01 -35.19 32.09
N ALA CA 202 -4.18 -34.51 32.03
CA ALA CA 202 -4.29 -33.05 31.98
C ALA CA 202 -3.80 -32.40 33.28
N ALA CA 203 -4.03 -33.08 34.43
CA ALA CA 203 -3.62 -32.62 35.75
C ALA CA 203 -2.12 -32.86 36.00
N VAL CA 204 -1.56 -33.93 35.38
CA VAL CA 204 -0.15 -34.29 35.50
C VAL CA 204 0.68 -33.30 34.67
N ASN CA 205 0.24 -33.01 33.43
CA ASN CA 205 0.90 -32.12 32.49
C ASN CA 205 0.58 -30.62 32.73
N SER CA 206 -0.21 -30.30 33.78
CA SER CA 206 -0.56 -28.91 34.11
C SER CA 206 0.66 -28.18 34.72
N ASN CA 207 0.81 -26.89 34.38
CA ASN CA 207 1.93 -26.05 34.81
C ASN CA 207 1.85 -25.62 36.29
N PHE CA 208 0.69 -25.84 36.96
CA PHE CA 208 0.48 -25.47 38.37
C PHE CA 208 1.29 -26.38 39.29
N ILE CA 209 2.17 -25.77 40.12
CA ILE CA 209 3.13 -26.38 41.06
C ILE CA 209 4.25 -27.03 40.23
N SER CA 210 5.50 -26.53 40.41
CA SER CA 210 6.69 -26.98 39.68
C SER CA 210 6.97 -28.48 39.87
N HIS CA 211 7.71 -29.06 38.90
CA HIS CA 211 8.10 -30.47 38.82
C HIS CA 211 8.89 -30.93 40.05
N GLU CA 212 9.78 -30.07 40.58
CA GLU CA 212 10.61 -30.35 41.74
C GLU CA 212 9.79 -30.33 43.03
N LYS CA 213 8.84 -29.37 43.15
CA LYS CA 213 7.95 -29.24 44.31
C LYS CA 213 6.98 -30.41 44.38
N ARG CA 214 6.46 -30.86 43.20
CA ARG CA 214 5.54 -32.00 43.08
C ARG CA 214 6.23 -33.29 43.51
N ARG CA 215 7.53 -33.44 43.14
CA ARG CA 215 8.38 -34.59 43.47
C ARG CA 215 8.59 -34.67 44.99
N GLU CA 216 8.71 -33.51 45.67
CA GLU CA 216 8.91 -33.40 47.11
C GLU CA 216 7.69 -33.93 47.88
N PHE CA 217 6.47 -33.65 47.36
CA PHE CA 217 5.20 -34.11 47.96
C PHE CA 217 5.09 -35.62 47.94
N LEU CA 218 5.42 -36.25 46.79
CA LEU CA 218 5.40 -37.70 46.59
C LEU CA 218 6.40 -38.39 47.53
N LYS CA 219 7.55 -37.74 47.82
CA LYS CA 219 8.58 -38.22 48.75
C LYS CA 219 8.08 -38.11 50.19
N ALA CA 220 7.38 -37.00 50.52
CA ALA CA 220 6.82 -36.72 51.83
C ALA CA 220 5.67 -37.67 52.19
N PHE CA 221 4.84 -38.05 51.19
CA PHE CA 221 3.72 -38.98 51.38
C PHE CA 221 4.21 -40.43 51.50
N GLY CA 222 5.46 -40.67 51.12
CA GLY CA 222 6.08 -41.99 51.16
C GLY CA 222 5.73 -42.84 49.97
N LEU CA 223 5.64 -42.22 48.78
CA LEU CA 223 5.30 -42.88 47.52
C LEU CA 223 6.56 -43.21 46.73
N VAL CA 224 7.51 -42.26 46.63
CA VAL CA 224 8.78 -42.43 45.92
C VAL CA 224 9.97 -42.18 46.89
N ASP CA 225 11.14 -42.76 46.56
CA ASP CA 225 12.36 -42.61 47.37
C ASP CA 225 13.09 -41.28 47.03
N SER CA 226 14.33 -41.12 47.54
CA SER CA 226 15.18 -39.93 47.35
C SER CA 226 15.46 -39.61 45.87
N ASN CA 227 15.51 -40.63 45.00
CA ASN CA 227 15.78 -40.46 43.57
C ASN CA 227 14.49 -40.25 42.77
N GLY CA 228 13.53 -41.18 42.91
CA GLY CA 228 12.24 -41.11 42.22
C GLY CA 228 11.57 -42.45 41.97
N LYS CA 229 12.19 -43.54 42.46
CA LYS CA 229 11.69 -44.91 42.34
C LYS CA 229 10.49 -45.13 43.29
N PRO CA 230 9.33 -45.60 42.78
CA PRO CA 230 8.17 -45.82 43.68
C PRO CA 230 8.36 -46.99 44.64
N SER CA 231 7.63 -46.96 45.76
CA SER CA 231 7.66 -47.98 46.81
C SER CA 231 7.00 -49.29 46.34
N ALA CA 232 7.24 -50.38 47.10
CA ALA CA 232 6.70 -51.72 46.83
C ALA CA 232 5.16 -51.73 46.81
N ALA CA 233 4.53 -50.84 47.61
CA ALA CA 233 3.08 -50.68 47.71
C ALA CA 233 2.49 -50.13 46.41
N VAL CA 234 3.20 -49.18 45.76
CA VAL CA 234 2.82 -48.54 44.50
C VAL CA 234 3.03 -49.53 43.34
N MET CA 235 4.17 -50.26 43.34
CA MET CA 235 4.54 -51.24 42.32
C MET CA 235 3.54 -52.42 42.27
N ALA CA 236 3.03 -52.85 43.44
CA ALA CA 236 2.06 -53.94 43.55
C ALA CA 236 0.69 -53.51 43.02
N ALA CA 237 0.31 -52.24 43.26
CA ALA CA 237 -0.96 -51.66 42.80
C ALA CA 237 -0.97 -51.44 41.29
N ALA CA 238 0.22 -51.12 40.70
CA ALA CA 238 0.38 -50.91 39.27
C ALA CA 238 0.29 -52.25 38.52
N GLN CA 239 0.80 -53.33 39.15
CA GLN CA 239 0.79 -54.70 38.61
C GLN CA 239 -0.63 -55.28 38.71
N ALA CA 240 -1.38 -54.89 39.77
CA ALA CA 240 -2.76 -55.33 40.02
C ALA CA 240 -3.73 -54.76 38.98
N TYR CA 241 -3.46 -53.54 38.48
CA TYR CA 241 -4.27 -52.86 37.46
C TYR CA 241 -4.13 -53.53 36.09
N LYS CA 242 -2.95 -54.12 35.81
CA LYS CA 242 -2.64 -54.81 34.56
C LYS CA 242 -3.46 -56.11 34.41
N THR CA 243 -3.74 -56.80 35.53
CA THR CA 243 -4.51 -58.05 35.58
C THR CA 243 -5.95 -57.83 36.10
N ALA CA 244 -6.34 -56.55 36.33
CA ALA CA 244 -7.67 -56.17 36.83
C ALA CA 244 -8.77 -56.43 35.82
N ALA CA 245 -10.00 -56.68 36.30
CA ALA CA 245 -11.19 -56.95 35.49
C ALA CA 245 -12.10 -55.72 35.42
N GLN DA 5 -22.73 -70.75 -26.99
CA GLN DA 5 -22.96 -69.69 -26.01
C GLN DA 5 -21.74 -69.48 -25.12
N GLU DA 6 -20.98 -70.56 -24.83
CA GLU DA 6 -19.78 -70.49 -23.99
C GLU DA 6 -18.60 -69.90 -24.80
N LEU DA 7 -18.68 -68.58 -25.05
CA LEU DA 7 -17.69 -67.81 -25.81
C LEU DA 7 -16.97 -66.81 -24.89
N ALA DA 8 -17.28 -66.86 -23.58
CA ALA DA 8 -16.69 -66.01 -22.53
C ALA DA 8 -15.24 -66.39 -22.27
N ILE DA 9 -14.86 -67.65 -22.59
CA ILE DA 9 -13.51 -68.21 -22.44
C ILE DA 9 -12.52 -67.43 -23.34
N GLN DA 10 -12.97 -67.12 -24.57
CA GLN DA 10 -12.22 -66.37 -25.59
C GLN DA 10 -12.05 -64.92 -25.15
N PHE DA 11 -13.08 -64.34 -24.48
CA PHE DA 11 -13.08 -62.98 -23.95
C PHE DA 11 -12.13 -62.89 -22.75
N ALA DA 12 -12.02 -63.99 -21.98
CA ALA DA 12 -11.16 -64.12 -20.80
C ALA DA 12 -9.71 -64.39 -21.19
N ALA DA 13 -9.48 -65.11 -22.31
CA ALA DA 13 -8.15 -65.45 -22.83
C ALA DA 13 -7.39 -64.21 -23.32
N GLN DA 14 -8.12 -63.10 -23.58
CA GLN DA 14 -7.60 -61.81 -24.03
C GLN DA 14 -6.63 -61.22 -23.01
N ALA DA 15 -5.54 -60.61 -23.49
CA ALA DA 15 -4.53 -59.97 -22.65
C ALA DA 15 -5.10 -58.67 -22.06
N VAL DA 16 -5.03 -58.53 -20.72
CA VAL DA 16 -5.56 -57.37 -20.00
C VAL DA 16 -4.67 -56.15 -20.25
N ASP DA 17 -5.28 -55.04 -20.72
CA ASP DA 17 -4.58 -53.79 -20.98
C ASP DA 17 -4.55 -52.95 -19.70
N ARG DA 18 -3.36 -52.90 -19.06
CA ARG DA 18 -3.09 -52.22 -17.80
C ARG DA 18 -3.54 -50.76 -17.79
N ASN DA 19 -3.21 -50.00 -18.85
CA ASN DA 19 -3.53 -48.58 -18.96
C ASN DA 19 -4.98 -48.33 -19.37
N GLU DA 20 -5.62 -49.26 -20.11
CA GLU DA 20 -7.01 -49.12 -20.54
C GLU DA 20 -7.93 -49.15 -19.32
N ILE DA 21 -7.58 -49.97 -18.32
CA ILE DA 21 -8.30 -50.13 -17.05
C ILE DA 21 -8.00 -48.90 -16.17
N GLU DA 22 -6.74 -48.41 -16.19
CA GLU DA 22 -6.26 -47.24 -15.44
C GLU DA 22 -7.00 -45.95 -15.82
N GLN DA 23 -7.47 -45.86 -17.08
CA GLN DA 23 -8.21 -44.71 -17.60
C GLN DA 23 -9.62 -44.66 -17.00
N TRP DA 24 -10.28 -45.82 -16.91
CA TRP DA 24 -11.64 -45.95 -16.42
C TRP DA 24 -11.75 -45.85 -14.89
N VAL DA 25 -10.73 -46.33 -14.14
CA VAL DA 25 -10.74 -46.28 -12.67
C VAL DA 25 -10.68 -44.80 -12.20
N ARG DA 26 -9.88 -43.95 -12.90
CA ARG DA 26 -9.74 -42.53 -12.61
C ARG DA 26 -11.00 -41.77 -13.04
N GLU DA 27 -11.68 -42.25 -14.10
CA GLU DA 27 -12.91 -41.68 -14.63
C GLU DA 27 -14.08 -42.00 -13.70
N PHE DA 28 -14.20 -43.27 -13.26
CA PHE DA 28 -15.25 -43.75 -12.36
C PHE DA 28 -14.78 -43.76 -10.89
N ALA DA 29 -13.95 -42.77 -10.51
CA ALA DA 29 -13.42 -42.63 -9.15
C ALA DA 29 -14.44 -41.97 -8.21
N TYR DA 30 -14.30 -42.21 -6.89
CA TYR DA 30 -15.15 -41.62 -5.86
C TYR DA 30 -14.79 -40.13 -5.74
N GLN DA 31 -15.68 -39.26 -6.23
CA GLN DA 31 -15.50 -37.80 -6.27
C GLN DA 31 -15.32 -37.17 -4.88
N GLY DA 32 -15.70 -37.89 -3.83
CA GLY DA 32 -15.57 -37.43 -2.45
C GLY DA 32 -14.14 -37.46 -1.94
N PHE DA 33 -13.21 -36.83 -2.70
CA PHE DA 33 -11.79 -36.71 -2.38
C PHE DA 33 -11.57 -35.69 -1.25
N ASP DA 34 -10.30 -35.35 -0.95
CA ASP DA 34 -9.98 -34.37 0.08
C ASP DA 34 -8.99 -33.34 -0.45
N ALA DA 35 -7.76 -33.77 -0.77
CA ALA DA 35 -6.65 -32.93 -1.26
C ALA DA 35 -6.99 -32.16 -2.56
N ARG DA 36 -6.18 -31.12 -2.85
CA ARG DA 36 -6.24 -30.18 -3.99
C ARG DA 36 -7.31 -29.10 -3.80
N ARG DA 37 -8.57 -29.49 -3.47
CA ARG DA 37 -9.69 -28.56 -3.26
C ARG DA 37 -9.48 -27.75 -1.97
N VAL DA 38 -8.92 -28.38 -0.91
CA VAL DA 38 -8.65 -27.77 0.41
C VAL DA 38 -7.68 -26.58 0.26
N ILE DA 39 -6.52 -26.81 -0.41
CA ILE DA 39 -5.50 -25.79 -0.65
C ILE DA 39 -6.07 -24.68 -1.55
N GLU DA 40 -6.89 -25.07 -2.56
CA GLU DA 40 -7.56 -24.16 -3.50
C GLU DA 40 -8.53 -23.23 -2.77
N LEU DA 41 -9.22 -23.76 -1.72
CA LEU DA 41 -10.16 -22.99 -0.90
C LEU DA 41 -9.43 -22.16 0.17
N LEU DA 42 -8.29 -22.66 0.70
CA LEU DA 42 -7.48 -21.96 1.70
C LEU DA 42 -6.92 -20.65 1.14
N LYS DA 43 -6.45 -20.66 -0.12
CA LYS DA 43 -5.91 -19.48 -0.81
C LYS DA 43 -7.04 -18.56 -1.30
N GLN DA 44 -8.25 -19.12 -1.48
CA GLN DA 44 -9.45 -18.39 -1.93
C GLN DA 44 -9.99 -17.48 -0.82
N TYR DA 45 -10.05 -17.98 0.43
CA TYR DA 45 -10.56 -17.23 1.58
C TYR DA 45 -9.45 -16.45 2.30
N GLY DA 46 -8.30 -17.11 2.51
CA GLY DA 46 -7.15 -16.52 3.20
C GLY DA 46 -6.39 -15.48 2.41
N GLY DA 47 -5.97 -15.85 1.20
CA GLY DA 47 -5.22 -14.99 0.29
C GLY DA 47 -3.72 -15.10 0.51
N ALA DA 48 -3.15 -14.15 1.27
CA ALA DA 48 -1.72 -14.10 1.58
C ALA DA 48 -1.44 -14.62 2.99
N ASP DA 49 -2.37 -14.42 3.93
CA ASP DA 49 -2.27 -14.85 5.33
C ASP DA 49 -2.80 -16.29 5.53
N TRP DA 50 -2.94 -17.07 4.44
CA TRP DA 50 -3.44 -18.44 4.48
C TRP DA 50 -2.46 -19.42 5.14
N GLU DA 51 -1.13 -19.18 5.00
CA GLU DA 51 -0.09 -20.04 5.56
C GLU DA 51 0.01 -19.92 7.08
N LYS DA 52 -0.11 -18.70 7.62
CA LYS DA 52 -0.05 -18.44 9.07
C LYS DA 52 -1.29 -19.01 9.77
N ASP DA 53 -2.48 -18.85 9.14
CA ASP DA 53 -3.75 -19.34 9.66
C ASP DA 53 -3.85 -20.86 9.60
N ALA DA 54 -3.22 -21.49 8.58
CA ALA DA 54 -3.19 -22.95 8.43
C ALA DA 54 -2.40 -23.59 9.57
N LYS DA 55 -1.30 -22.94 10.00
CA LYS DA 55 -0.45 -23.36 11.11
C LYS DA 55 -1.24 -23.31 12.43
N LYS DA 56 -2.11 -22.28 12.57
CA LYS DA 56 -2.98 -22.08 13.73
C LYS DA 56 -4.08 -23.15 13.78
N MET DA 57 -4.64 -23.48 12.60
CA MET DA 57 -5.71 -24.48 12.43
C MET DA 57 -5.22 -25.91 12.67
N ILE DA 58 -3.92 -26.19 12.42
CA ILE DA 58 -3.32 -27.52 12.64
C ILE DA 58 -3.21 -27.76 14.16
N VAL DA 59 -2.70 -26.76 14.91
CA VAL DA 59 -2.55 -26.82 16.38
C VAL DA 59 -3.93 -26.95 17.04
N LEU DA 60 -4.95 -26.25 16.50
CA LEU DA 60 -6.33 -26.24 16.98
C LEU DA 60 -7.01 -27.61 16.81
N ALA DA 61 -6.84 -28.25 15.63
CA ALA DA 61 -7.43 -29.55 15.30
C ALA DA 61 -6.77 -30.71 16.06
N LEU DA 62 -5.46 -30.60 16.33
CA LEU DA 62 -4.66 -31.61 17.02
C LEU DA 62 -4.93 -31.66 18.52
N THR DA 63 -5.03 -30.50 19.18
CA THR DA 63 -5.22 -30.39 20.62
C THR DA 63 -6.68 -30.47 21.04
N ARG DA 64 -7.59 -29.76 20.32
CA ARG DA 64 -9.01 -29.74 20.69
C ARG DA 64 -9.83 -30.77 19.88
N GLY DA 65 -10.19 -30.44 18.64
CA GLY DA 65 -10.98 -31.34 17.79
C GLY DA 65 -11.39 -30.79 16.45
N ASN DA 66 -12.52 -31.29 15.93
CA ASN DA 66 -13.07 -30.90 14.63
C ASN DA 66 -14.22 -29.88 14.77
N LYS DA 67 -15.03 -29.98 15.84
CA LYS DA 67 -16.18 -29.09 16.09
C LYS DA 67 -15.69 -27.73 16.62
N PRO DA 68 -15.78 -26.63 15.84
CA PRO DA 68 -15.27 -25.33 16.31
C PRO DA 68 -16.18 -24.57 17.27
N ARG DA 69 -17.51 -24.70 17.11
CA ARG DA 69 -18.49 -24.03 17.96
C ARG DA 69 -18.59 -24.69 19.35
N ARG DA 70 -18.30 -26.00 19.43
CA ARG DA 70 -18.36 -26.77 20.68
C ARG DA 70 -17.12 -26.48 21.56
N MET DA 71 -15.92 -26.38 20.95
CA MET DA 71 -14.67 -26.11 21.67
C MET DA 71 -14.58 -24.65 22.16
N MET DA 72 -15.30 -23.73 21.49
CA MET DA 72 -15.32 -22.30 21.82
C MET DA 72 -16.02 -22.03 23.16
N MET DA 73 -16.93 -22.93 23.57
CA MET DA 73 -17.69 -22.84 24.83
C MET DA 73 -16.76 -22.93 26.05
N LYS DA 74 -15.76 -23.82 26.00
CA LYS DA 74 -14.78 -24.01 27.07
C LYS DA 74 -13.38 -23.62 26.56
N MET DA 75 -13.15 -22.30 26.39
CA MET DA 75 -11.90 -21.71 25.89
C MET DA 75 -11.69 -20.30 26.46
N SER DA 76 -10.42 -19.82 26.45
CA SER DA 76 -10.04 -18.49 26.93
C SER DA 76 -10.54 -17.39 25.97
N LYS DA 77 -10.62 -16.13 26.46
CA LYS DA 77 -11.07 -14.95 25.71
C LYS DA 77 -10.17 -14.69 24.48
N GLU DA 78 -8.85 -14.97 24.63
CA GLU DA 78 -7.84 -14.81 23.58
C GLU DA 78 -8.08 -15.83 22.45
N GLY DA 79 -8.44 -17.06 22.83
CA GLY DA 79 -8.73 -18.14 21.91
C GLY DA 79 -10.06 -17.96 21.19
N LYS DA 80 -11.11 -17.56 21.94
CA LYS DA 80 -12.48 -17.32 21.46
C LYS DA 80 -12.52 -16.35 20.27
N ALA DA 81 -11.71 -15.27 20.32
CA ALA DA 81 -11.65 -14.26 19.26
C ALA DA 81 -10.89 -14.76 18.02
N THR DA 82 -9.78 -15.50 18.22
CA THR DA 82 -8.93 -16.04 17.16
C THR DA 82 -9.64 -17.18 16.40
N VAL DA 83 -10.35 -18.07 17.11
CA VAL DA 83 -11.08 -19.21 16.53
C VAL DA 83 -12.27 -18.69 15.69
N GLU DA 84 -13.06 -17.74 16.24
CA GLU DA 84 -14.22 -17.15 15.56
C GLU DA 84 -13.80 -16.40 14.28
N ALA DA 85 -12.59 -15.81 14.28
CA ALA DA 85 -12.01 -15.09 13.13
C ALA DA 85 -11.76 -16.06 11.97
N LEU DA 86 -11.38 -17.31 12.27
CA LEU DA 86 -11.11 -18.37 11.30
C LEU DA 86 -12.40 -18.95 10.71
N ILE DA 87 -13.47 -19.02 11.54
CA ILE DA 87 -14.79 -19.55 11.14
C ILE DA 87 -15.46 -18.56 10.17
N ASN DA 88 -15.41 -17.25 10.46
CA ASN DA 88 -16.01 -16.21 9.62
C ASN DA 88 -15.23 -15.94 8.33
N LYS DA 89 -13.94 -16.32 8.27
CA LYS DA 89 -13.08 -16.10 7.10
C LYS DA 89 -13.08 -17.31 6.16
N TYR DA 90 -12.72 -18.51 6.69
CA TYR DA 90 -12.59 -19.75 5.91
C TYR DA 90 -13.90 -20.55 5.82
N LYS DA 91 -14.98 -20.08 6.49
CA LYS DA 91 -16.31 -20.69 6.53
C LYS DA 91 -16.21 -22.17 6.98
N LEU DA 92 -15.48 -22.38 8.10
CA LEU DA 92 -15.22 -23.68 8.70
C LEU DA 92 -16.48 -24.31 9.28
N LYS DA 93 -16.67 -25.62 9.04
CA LYS DA 93 -17.83 -26.38 9.51
C LYS DA 93 -17.40 -27.56 10.41
N GLU DA 94 -18.38 -28.35 10.88
CA GLU DA 94 -18.14 -29.52 11.73
C GLU DA 94 -18.83 -30.77 11.15
N GLY DA 95 -18.11 -31.88 11.17
CA GLY DA 95 -18.59 -33.16 10.65
C GLY DA 95 -18.05 -33.48 9.27
N ASN DA 96 -18.90 -34.12 8.43
CA ASN DA 96 -18.56 -34.49 7.06
C ASN DA 96 -19.49 -33.75 6.07
N PRO DA 97 -19.12 -32.51 5.67
CA PRO DA 97 -19.99 -31.75 4.75
C PRO DA 97 -19.64 -32.00 3.28
N SER DA 98 -20.07 -31.09 2.38
CA SER DA 98 -19.85 -31.18 0.94
C SER DA 98 -18.37 -30.91 0.56
N ARG DA 99 -18.02 -31.18 -0.71
CA ARG DA 99 -16.70 -31.03 -1.32
C ARG DA 99 -16.17 -29.58 -1.21
N ASP DA 100 -17.06 -28.59 -1.40
CA ASP DA 100 -16.72 -27.16 -1.37
C ASP DA 100 -16.60 -26.59 0.05
N GLU DA 101 -16.91 -27.40 1.09
CA GLU DA 101 -16.82 -26.96 2.49
C GLU DA 101 -15.50 -27.38 3.14
N LEU DA 102 -15.06 -26.60 4.16
CA LEU DA 102 -13.81 -26.84 4.90
C LEU DA 102 -14.07 -27.18 6.37
N THR DA 103 -13.25 -28.08 6.92
CA THR DA 103 -13.24 -28.50 8.32
C THR DA 103 -11.80 -28.49 8.84
N LEU DA 104 -11.63 -28.42 10.17
CA LEU DA 104 -10.30 -28.40 10.80
C LEU DA 104 -9.51 -29.69 10.54
N SER DA 105 -10.21 -30.84 10.41
CA SER DA 105 -9.61 -32.14 10.13
C SER DA 105 -9.11 -32.23 8.69
N ARG DA 106 -9.83 -31.58 7.74
CA ARG DA 106 -9.49 -31.57 6.31
C ARG DA 106 -8.23 -30.74 6.04
N VAL DA 107 -8.02 -29.65 6.82
CA VAL DA 107 -6.85 -28.75 6.70
C VAL DA 107 -5.60 -29.52 7.19
N ALA DA 108 -5.74 -30.26 8.31
CA ALA DA 108 -4.68 -31.06 8.90
C ALA DA 108 -4.30 -32.27 8.03
N ALA DA 109 -5.29 -32.83 7.30
CA ALA DA 109 -5.11 -33.98 6.42
C ALA DA 109 -4.40 -33.59 5.12
N ALA DA 110 -4.76 -32.42 4.53
CA ALA DA 110 -4.18 -31.91 3.28
C ALA DA 110 -2.71 -31.51 3.47
N LEU DA 111 -2.38 -30.89 4.61
CA LEU DA 111 -1.03 -30.45 4.96
C LEU DA 111 -0.44 -31.43 5.99
N ALA DA 112 -0.39 -32.72 5.62
CA ALA DA 112 0.08 -33.86 6.42
C ALA DA 112 1.54 -33.73 6.89
N GLY DA 113 2.39 -33.10 6.08
CA GLY DA 113 3.81 -32.90 6.38
C GLY DA 113 4.08 -32.01 7.58
N ARG DA 114 3.35 -30.88 7.68
CA ARG DA 114 3.47 -29.93 8.77
C ARG DA 114 2.78 -30.49 10.04
N THR DA 115 1.65 -31.20 9.85
CA THR DA 115 0.84 -31.82 10.90
C THR DA 115 1.67 -32.86 11.69
N CYS DA 116 2.40 -33.75 10.99
CA CYS DA 116 3.24 -34.81 11.57
C CYS DA 116 4.40 -34.22 12.37
N GLN DA 117 4.99 -33.11 11.88
CA GLN DA 117 6.10 -32.42 12.53
C GLN DA 117 5.64 -31.70 13.81
N ALA DA 118 4.38 -31.24 13.83
CA ALA DA 118 3.75 -30.55 14.97
C ALA DA 118 3.49 -31.49 16.14
N LEU DA 119 3.38 -32.81 15.87
CA LEU DA 119 3.12 -33.86 16.87
C LEU DA 119 4.31 -34.07 17.82
N VAL DA 120 5.54 -33.69 17.39
CA VAL DA 120 6.76 -33.79 18.19
C VAL DA 120 6.69 -32.77 19.33
N VAL DA 121 6.21 -31.54 19.02
CA VAL DA 121 6.03 -30.46 20.00
C VAL DA 121 4.77 -30.76 20.82
N LEU DA 122 3.61 -30.92 20.14
CA LEU DA 122 2.33 -31.24 20.77
C LEU DA 122 2.24 -32.75 21.01
N SER DA 123 2.95 -33.23 22.05
CA SER DA 123 2.99 -34.66 22.38
C SER DA 123 2.06 -34.99 23.54
N GLU DA 124 2.08 -34.18 24.61
CA GLU DA 124 1.30 -34.40 25.82
C GLU DA 124 -0.02 -33.61 25.83
N TRP DA 125 -0.32 -32.87 24.73
CA TRP DA 125 -1.54 -32.08 24.61
C TRP DA 125 -2.60 -32.77 23.73
N LEU DA 126 -2.23 -33.91 23.11
CA LEU DA 126 -3.11 -34.74 22.26
C LEU DA 126 -4.12 -35.52 23.13
N PRO DA 127 -5.25 -36.05 22.57
CA PRO DA 127 -6.17 -36.86 23.41
C PRO DA 127 -5.49 -38.11 23.96
N VAL DA 128 -4.57 -38.69 23.18
CA VAL DA 128 -3.74 -39.83 23.56
C VAL DA 128 -2.30 -39.29 23.63
N THR DA 129 -1.75 -39.22 24.86
CA THR DA 129 -0.41 -38.67 25.11
C THR DA 129 0.68 -39.65 24.64
N GLY DA 130 1.88 -39.11 24.42
CA GLY DA 130 3.06 -39.86 24.01
C GLY DA 130 3.54 -40.87 25.04
N THR DA 131 3.34 -40.54 26.33
CA THR DA 131 3.70 -41.38 27.47
C THR DA 131 2.80 -42.63 27.51
N THR DA 132 1.51 -42.47 27.13
CA THR DA 132 0.52 -43.56 27.06
C THR DA 132 0.91 -44.53 25.93
N MET DA 133 1.36 -43.99 24.78
CA MET DA 133 1.80 -44.77 23.63
C MET DA 133 3.12 -45.49 23.89
N ASP DA 134 3.97 -44.90 24.78
CA ASP DA 134 5.27 -45.46 25.17
C ASP DA 134 5.09 -46.71 26.05
N GLY DA 135 3.96 -46.79 26.77
CA GLY DA 135 3.60 -47.91 27.61
C GLY DA 135 3.25 -49.16 26.83
N LEU DA 136 2.58 -48.98 25.68
CA LEU DA 136 2.18 -50.06 24.77
C LEU DA 136 3.39 -50.54 23.97
N SER DA 137 4.15 -49.60 23.38
CA SER DA 137 5.36 -49.86 22.60
C SER DA 137 6.47 -48.88 23.03
N PRO DA 138 7.63 -49.37 23.51
CA PRO DA 138 8.70 -48.45 23.95
C PRO DA 138 9.21 -47.56 22.82
N ALA DA 139 9.31 -46.24 23.10
CA ALA DA 139 9.75 -45.16 22.20
C ALA DA 139 8.92 -45.15 20.89
N TYR DA 140 7.58 -44.98 21.04
CA TYR DA 140 6.64 -44.96 19.93
C TYR DA 140 6.87 -43.70 19.04
N PRO DA 141 6.90 -43.85 17.68
CA PRO DA 141 7.12 -42.68 16.81
C PRO DA 141 6.01 -41.64 16.93
N ARG DA 142 6.40 -40.41 17.32
CA ARG DA 142 5.50 -39.28 17.54
C ARG DA 142 4.81 -38.80 16.25
N HIS DA 143 5.48 -38.95 15.09
CA HIS DA 143 4.97 -38.53 13.78
C HIS DA 143 3.73 -39.34 13.32
N MET DA 144 3.56 -40.57 13.85
CA MET DA 144 2.44 -41.46 13.51
C MET DA 144 1.18 -41.19 14.34
N MET DA 145 1.27 -40.28 15.33
CA MET DA 145 0.20 -39.97 16.29
C MET DA 145 -0.91 -39.02 15.76
N HIS DA 146 -1.40 -39.27 14.53
CA HIS DA 146 -2.52 -38.55 13.91
C HIS DA 146 -3.00 -39.29 12.66
N PRO DA 147 -4.33 -39.42 12.40
CA PRO DA 147 -4.81 -40.16 11.21
C PRO DA 147 -4.32 -39.59 9.87
N SER DA 148 -3.87 -38.32 9.85
CA SER DA 148 -3.36 -37.64 8.64
C SER DA 148 -1.99 -38.19 8.18
N PHE DA 149 -1.30 -38.98 9.04
CA PHE DA 149 0.00 -39.60 8.75
C PHE DA 149 -0.10 -40.57 7.56
N ALA DA 150 -1.30 -41.15 7.33
CA ALA DA 150 -1.59 -42.08 6.23
C ALA DA 150 -1.32 -41.44 4.85
N GLY DA 151 -1.38 -40.11 4.78
CA GLY DA 151 -1.10 -39.33 3.59
C GLY DA 151 0.38 -39.15 3.32
N MET DA 152 1.24 -39.53 4.29
CA MET DA 152 2.70 -39.46 4.21
C MET DA 152 3.31 -40.84 3.92
N VAL DA 153 2.49 -41.91 4.02
CA VAL DA 153 2.88 -43.30 3.79
C VAL DA 153 3.05 -43.55 2.28
N ASP DA 154 4.21 -44.13 1.89
CA ASP DA 154 4.57 -44.45 0.52
C ASP DA 154 4.05 -45.86 0.14
N PRO DA 155 3.08 -45.99 -0.80
CA PRO DA 155 2.57 -47.33 -1.14
C PRO DA 155 3.52 -48.16 -2.01
N SER DA 156 4.53 -47.52 -2.65
CA SER DA 156 5.52 -48.20 -3.51
C SER DA 156 6.53 -49.01 -2.68
N LEU DA 157 6.53 -48.85 -1.33
CA LEU DA 157 7.40 -49.55 -0.38
C LEU DA 157 7.13 -51.07 -0.41
N PRO DA 158 8.15 -51.94 -0.15
CA PRO DA 158 7.90 -53.39 -0.16
C PRO DA 158 6.83 -53.85 0.84
N GLY DA 159 6.11 -54.90 0.48
CA GLY DA 159 5.01 -55.49 1.24
C GLY DA 159 5.19 -55.59 2.74
N ASP DA 160 6.30 -56.21 3.18
CA ASP DA 160 6.64 -56.40 4.61
C ASP DA 160 6.88 -55.06 5.31
N TYR DA 161 7.50 -54.10 4.60
CA TYR DA 161 7.81 -52.76 5.12
C TYR DA 161 6.56 -51.89 5.18
N LEU DA 162 5.73 -51.92 4.11
CA LEU DA 162 4.49 -51.15 3.98
C LEU DA 162 3.50 -51.55 5.08
N ARG DA 163 3.39 -52.87 5.36
CA ARG DA 163 2.52 -53.41 6.41
C ARG DA 163 3.02 -53.03 7.79
N ALA DA 164 4.37 -52.98 7.98
CA ALA DA 164 5.02 -52.61 9.24
C ALA DA 164 4.74 -51.16 9.64
N ILE DA 165 4.64 -50.25 8.65
CA ILE DA 165 4.35 -48.82 8.86
C ILE DA 165 2.86 -48.67 9.23
N LEU DA 166 1.97 -49.37 8.48
CA LEU DA 166 0.52 -49.33 8.68
C LEU DA 166 0.10 -49.97 10.00
N ASP DA 167 0.73 -51.11 10.40
CA ASP DA 167 0.44 -51.81 11.66
C ASP DA 167 0.88 -50.98 12.87
N ALA DA 168 2.01 -50.26 12.75
CA ALA DA 168 2.54 -49.40 13.80
C ALA DA 168 1.64 -48.18 13.99
N HIS DA 169 1.15 -47.61 12.87
CA HIS DA 169 0.25 -46.46 12.85
C HIS DA 169 -1.15 -46.85 13.36
N SER DA 170 -1.58 -48.10 13.10
CA SER DA 170 -2.88 -48.64 13.53
C SER DA 170 -2.96 -48.78 15.06
N LEU DA 171 -1.80 -48.91 15.73
CA LEU DA 171 -1.68 -49.02 17.19
C LEU DA 171 -2.26 -47.74 17.84
N TYR DA 172 -1.92 -46.56 17.28
CA TYR DA 172 -2.42 -45.26 17.73
C TYR DA 172 -3.91 -45.14 17.38
N LEU DA 173 -4.26 -45.43 16.10
CA LEU DA 173 -5.61 -45.37 15.54
C LEU DA 173 -6.60 -46.19 16.37
N LEU DA 174 -6.14 -47.32 16.93
CA LEU DA 174 -6.95 -48.19 17.79
C LEU DA 174 -7.28 -47.50 19.11
N GLN DA 175 -6.27 -46.84 19.71
CA GLN DA 175 -6.41 -46.13 20.99
C GLN DA 175 -7.16 -44.80 20.82
N PHE DA 176 -6.82 -44.02 19.77
CA PHE DA 176 -7.41 -42.70 19.49
C PHE DA 176 -8.89 -42.81 19.11
N SER DA 177 -9.26 -43.76 18.22
CA SER DA 177 -10.65 -43.93 17.77
C SER DA 177 -11.58 -44.31 18.92
N ARG DA 178 -11.09 -45.11 19.90
CA ARG DA 178 -11.86 -45.49 21.09
C ARG DA 178 -12.02 -44.31 22.05
N VAL DA 179 -11.09 -43.33 22.00
CA VAL DA 179 -11.12 -42.12 22.83
C VAL DA 179 -12.18 -41.13 22.29
N ILE DA 180 -12.12 -40.79 20.98
CA ILE DA 180 -13.04 -39.84 20.35
C ILE DA 180 -14.45 -40.44 20.15
N ASN DA 181 -14.54 -41.75 19.88
CA ASN DA 181 -15.83 -42.42 19.70
C ASN DA 181 -16.12 -43.30 20.92
N PRO DA 182 -17.12 -42.93 21.77
CA PRO DA 182 -17.37 -43.70 23.00
C PRO DA 182 -18.02 -45.07 22.80
N ASN DA 183 -18.79 -45.28 21.70
CA ASN DA 183 -19.46 -46.58 21.47
C ASN DA 183 -18.49 -47.67 20.95
N LEU DA 184 -17.27 -47.28 20.54
CA LEU DA 184 -16.24 -48.21 20.05
C LEU DA 184 -15.33 -48.73 21.19
N ARG DA 185 -15.51 -48.20 22.42
CA ARG DA 185 -14.73 -48.55 23.62
C ARG DA 185 -14.86 -50.03 24.01
N GLY DA 186 -16.08 -50.54 24.02
CA GLY DA 186 -16.39 -51.92 24.38
C GLY DA 186 -16.10 -52.95 23.30
N ARG DA 187 -16.09 -52.51 22.04
CA ARG DA 187 -15.86 -53.34 20.87
C ARG DA 187 -14.38 -53.74 20.75
N THR DA 188 -14.14 -54.98 20.27
CA THR DA 188 -12.82 -55.61 20.12
C THR DA 188 -11.95 -54.90 19.05
N LYS DA 189 -10.63 -55.23 19.02
CA LYS DA 189 -9.61 -54.73 18.12
C LYS DA 189 -10.03 -54.79 16.65
N GLU DA 190 -10.62 -55.94 16.22
CA GLU DA 190 -11.08 -56.19 14.85
C GLU DA 190 -12.24 -55.28 14.46
N GLU DA 191 -13.16 -54.99 15.41
CA GLU DA 191 -14.32 -54.12 15.21
C GLU DA 191 -13.89 -52.66 15.02
N VAL DA 192 -12.90 -52.21 15.82
CA VAL DA 192 -12.35 -50.86 15.78
C VAL DA 192 -11.51 -50.68 14.50
N ALA DA 193 -10.74 -51.72 14.12
CA ALA DA 193 -9.89 -51.74 12.92
C ALA DA 193 -10.68 -51.45 11.65
N ALA DA 194 -11.86 -52.08 11.50
CA ALA DA 194 -12.75 -51.96 10.34
C ALA DA 194 -13.24 -50.52 10.07
N THR DA 195 -13.26 -49.65 11.10
CA THR DA 195 -13.71 -48.26 10.97
C THR DA 195 -12.60 -47.31 10.46
N PHE DA 196 -11.32 -47.57 10.82
CA PHE DA 196 -10.23 -46.68 10.40
C PHE DA 196 -9.37 -47.22 9.24
N THR DA 197 -9.41 -48.53 8.94
CA THR DA 197 -8.60 -49.13 7.86
C THR DA 197 -9.00 -48.62 6.46
N GLN DA 198 -10.31 -48.36 6.23
CA GLN DA 198 -10.83 -47.88 4.94
C GLN DA 198 -10.32 -46.44 4.62
N PRO DA 199 -10.49 -45.39 5.46
CA PRO DA 199 -9.95 -44.06 5.09
C PRO DA 199 -8.41 -43.98 5.15
N MET DA 200 -7.75 -44.92 5.87
CA MET DA 200 -6.30 -44.99 5.99
C MET DA 200 -5.69 -45.42 4.65
N ASN DA 201 -6.18 -46.55 4.08
CA ASN DA 201 -5.72 -47.10 2.80
C ASN DA 201 -6.01 -46.15 1.64
N ALA DA 202 -7.10 -45.36 1.73
CA ALA DA 202 -7.49 -44.37 0.73
C ALA DA 202 -6.48 -43.21 0.68
N ALA DA 203 -5.90 -42.84 1.83
CA ALA DA 203 -4.90 -41.77 1.94
C ALA DA 203 -3.51 -42.25 1.48
N VAL DA 204 -3.21 -43.55 1.65
CA VAL DA 204 -1.95 -44.17 1.23
C VAL DA 204 -1.93 -44.29 -0.30
N ASN DA 205 -3.05 -44.78 -0.89
CA ASN DA 205 -3.20 -45.00 -2.32
C ASN DA 205 -3.61 -43.73 -3.09
N SER DA 206 -3.73 -42.57 -2.41
CA SER DA 206 -4.07 -41.29 -3.05
C SER DA 206 -2.91 -40.76 -3.90
N ASN DA 207 -3.23 -40.15 -5.05
CA ASN DA 207 -2.26 -39.62 -6.01
C ASN DA 207 -1.56 -38.33 -5.54
N PHE DA 208 -2.07 -37.68 -4.47
CA PHE DA 208 -1.51 -36.44 -3.92
C PHE DA 208 -0.15 -36.72 -3.23
N ILE DA 209 0.92 -36.03 -3.72
CA ILE DA 209 2.33 -36.12 -3.31
C ILE DA 209 2.87 -37.46 -3.84
N SER DA 210 3.87 -37.39 -4.75
CA SER DA 210 4.49 -38.55 -5.39
C SER DA 210 5.12 -39.54 -4.40
N HIS DA 211 5.26 -40.81 -4.84
CA HIS DA 211 5.80 -41.94 -4.09
C HIS DA 211 7.23 -41.68 -3.56
N GLU DA 212 8.07 -41.03 -4.37
CA GLU DA 212 9.45 -40.70 -4.05
C GLU DA 212 9.53 -39.58 -3.00
N LYS DA 213 8.66 -38.54 -3.13
CA LYS DA 213 8.58 -37.41 -2.21
C LYS DA 213 8.06 -37.87 -0.85
N ARG DA 214 7.07 -38.80 -0.83
CA ARG DA 214 6.49 -39.38 0.37
C ARG DA 214 7.52 -40.19 1.14
N ARG DA 215 8.39 -40.93 0.41
CA ARG DA 215 9.47 -41.76 0.95
C ARG DA 215 10.53 -40.88 1.63
N GLU DA 216 10.79 -39.67 1.07
CA GLU DA 216 11.74 -38.69 1.60
C GLU DA 216 11.31 -38.17 2.96
N PHE DA 217 9.99 -37.95 3.16
CA PHE DA 217 9.40 -37.46 4.41
C PHE DA 217 9.59 -38.48 5.54
N LEU DA 218 9.32 -39.77 5.25
CA LEU DA 218 9.47 -40.88 6.19
C LEU DA 218 10.93 -41.04 6.63
N LYS DA 219 11.89 -40.76 5.71
CA LYS DA 219 13.32 -40.80 5.97
C LYS DA 219 13.73 -39.61 6.84
N ALA DA 220 13.14 -38.42 6.59
CA ALA DA 220 13.39 -37.17 7.31
C ALA DA 220 12.85 -37.22 8.73
N PHE DA 221 11.69 -37.89 8.95
CA PHE DA 221 11.08 -38.04 10.28
C PHE DA 221 11.82 -39.10 11.12
N GLY DA 222 12.66 -39.91 10.47
CA GLY DA 222 13.44 -40.97 11.10
C GLY DA 222 12.64 -42.24 11.30
N LEU DA 223 11.78 -42.57 10.33
CA LEU DA 223 10.92 -43.76 10.38
C LEU DA 223 11.55 -44.90 9.58
N VAL DA 224 12.06 -44.61 8.36
CA VAL DA 224 12.71 -45.59 7.48
C VAL DA 224 14.16 -45.16 7.17
N ASP DA 225 15.02 -46.13 6.81
CA ASP DA 225 16.42 -45.87 6.47
C ASP DA 225 16.56 -45.43 4.99
N SER DA 226 17.81 -45.38 4.47
CA SER DA 226 18.17 -44.97 3.11
C SER DA 226 17.47 -45.80 2.01
N ASN DA 227 17.20 -47.10 2.29
CA ASN DA 227 16.56 -48.01 1.34
C ASN DA 227 15.03 -47.98 1.48
N GLY DA 228 14.52 -48.23 2.69
CA GLY DA 228 13.09 -48.24 2.98
C GLY DA 228 12.68 -49.10 4.16
N LYS DA 229 13.66 -49.72 4.85
CA LYS DA 229 13.46 -50.57 6.02
C LYS DA 229 13.09 -49.71 7.24
N PRO DA 230 11.96 -50.00 7.94
CA PRO DA 230 11.59 -49.20 9.12
C PRO DA 230 12.52 -49.41 10.31
N SER DA 231 12.57 -48.41 11.21
CA SER DA 231 13.39 -48.43 12.42
C SER DA 231 12.84 -49.43 13.46
N ALA DA 232 13.67 -49.76 14.48
CA ALA DA 232 13.35 -50.67 15.58
C ALA DA 232 12.11 -50.22 16.36
N ALA DA 233 11.88 -48.90 16.45
CA ALA DA 233 10.75 -48.26 17.12
C ALA DA 233 9.43 -48.57 16.40
N VAL DA 234 9.46 -48.57 15.05
CA VAL DA 234 8.31 -48.84 14.18
C VAL DA 234 8.01 -50.35 14.21
N MET DA 235 9.06 -51.21 14.14
CA MET DA 235 8.97 -52.67 14.16
C MET DA 235 8.36 -53.20 15.46
N ALA DA 236 8.70 -52.57 16.60
CA ALA DA 236 8.19 -52.92 17.92
C ALA DA 236 6.71 -52.56 18.05
N ALA DA 237 6.30 -51.42 17.47
CA ALA DA 237 4.91 -50.92 17.48
C ALA DA 237 4.01 -51.78 16.58
N ALA DA 238 4.55 -52.30 15.48
CA ALA DA 238 3.84 -53.18 14.54
C ALA DA 238 3.60 -54.56 15.16
N GLN DA 239 4.57 -55.03 15.97
CA GLN DA 239 4.51 -56.31 16.69
C GLN DA 239 3.53 -56.20 17.87
N ALA DA 240 3.45 -55.01 18.50
CA ALA DA 240 2.56 -54.72 19.63
C ALA DA 240 1.10 -54.73 19.21
N TYR DA 241 0.80 -54.30 17.96
CA TYR DA 241 -0.56 -54.27 17.40
C TYR DA 241 -1.08 -55.69 17.13
N LYS DA 242 -0.18 -56.64 16.81
CA LYS DA 242 -0.51 -58.03 16.53
C LYS DA 242 -1.00 -58.76 17.78
N THR DA 243 -0.47 -58.40 18.96
CA THR DA 243 -0.82 -58.99 20.26
C THR DA 243 -1.73 -58.05 21.10
N ALA DA 244 -2.16 -56.90 20.51
CA ALA DA 244 -3.01 -55.90 21.15
C ALA DA 244 -4.42 -56.42 21.41
N ALA DA 245 -5.09 -55.89 22.45
CA ALA DA 245 -6.45 -56.26 22.84
C ALA DA 245 -7.46 -55.19 22.38
N GLN EA 5 -51.96 -99.38 5.95
CA GLN EA 5 -51.60 -97.98 5.75
C GLN EA 5 -50.08 -97.81 5.58
N GLU EA 6 -49.28 -98.68 6.24
CA GLU EA 6 -47.82 -98.65 6.15
C GLU EA 6 -47.37 -99.29 4.82
N LEU EA 7 -47.59 -98.56 3.72
CA LEU EA 7 -47.25 -98.96 2.35
C LEU EA 7 -46.11 -98.09 1.79
N ALA EA 8 -45.58 -97.18 2.64
CA ALA EA 8 -44.46 -96.28 2.31
C ALA EA 8 -43.14 -97.05 2.16
N ILE EA 9 -43.05 -98.25 2.80
CA ILE EA 9 -41.90 -99.16 2.77
C ILE EA 9 -41.67 -99.64 1.33
N GLN EA 10 -42.76 -99.95 0.61
CA GLN EA 10 -42.77 -100.41 -0.79
C GLN EA 10 -42.33 -99.27 -1.72
N PHE EA 11 -42.72 -98.03 -1.39
CA PHE EA 11 -42.37 -96.81 -2.13
C PHE EA 11 -40.88 -96.49 -1.93
N ALA EA 12 -40.36 -96.80 -0.73
CA ALA EA 12 -38.97 -96.60 -0.34
C ALA EA 12 -38.05 -97.69 -0.89
N ALA EA 13 -38.57 -98.93 -1.03
CA ALA EA 13 -37.84 -100.09 -1.55
C ALA EA 13 -37.50 -99.93 -3.05
N GLN EA 14 -38.20 -99.00 -3.74
CA GLN EA 14 -38.02 -98.67 -5.16
C GLN EA 14 -36.60 -98.16 -5.44
N ALA EA 15 -35.99 -98.63 -6.54
CA ALA EA 15 -34.65 -98.23 -6.97
C ALA EA 15 -34.68 -96.78 -7.46
N VAL EA 16 -33.79 -95.93 -6.91
CA VAL EA 16 -33.71 -94.51 -7.25
C VAL EA 16 -33.12 -94.33 -8.66
N ASP EA 17 -33.87 -93.62 -9.52
CA ASP EA 17 -33.45 -93.32 -10.88
C ASP EA 17 -32.65 -92.01 -10.88
N ARG EA 18 -31.33 -92.13 -11.07
CA ARG EA 18 -30.35 -91.04 -11.07
C ARG EA 18 -30.74 -89.91 -12.04
N ASN EA 19 -31.14 -90.25 -13.28
CA ASN EA 19 -31.49 -89.28 -14.32
C ASN EA 19 -32.89 -88.69 -14.14
N GLU EA 20 -33.83 -89.43 -13.51
CA GLU EA 20 -35.20 -88.95 -13.26
C GLU EA 20 -35.17 -87.79 -12.26
N ILE EA 21 -34.26 -87.86 -11.28
CA ILE EA 21 -34.03 -86.84 -10.26
C ILE EA 21 -33.28 -85.65 -10.90
N GLU EA 22 -32.32 -85.94 -11.82
CA GLU EA 22 -31.52 -84.97 -12.56
C GLU EA 22 -32.39 -84.03 -13.44
N GLN EA 23 -33.54 -84.54 -13.91
CA GLN EA 23 -34.49 -83.78 -14.73
C GLN EA 23 -35.22 -82.73 -13.90
N TRP EA 24 -35.64 -83.12 -12.68
CA TRP EA 24 -36.40 -82.25 -11.76
C TRP EA 24 -35.52 -81.21 -11.07
N VAL EA 25 -34.24 -81.51 -10.77
CA VAL EA 25 -33.34 -80.56 -10.11
C VAL EA 25 -33.05 -79.35 -11.06
N ARG EA 26 -32.91 -79.63 -12.37
CA ARG EA 26 -32.68 -78.60 -13.39
C ARG EA 26 -33.97 -77.80 -13.65
N GLU EA 27 -35.14 -78.45 -13.48
CA GLU EA 27 -36.46 -77.86 -13.65
C GLU EA 27 -36.78 -76.94 -12.46
N PHE EA 28 -36.51 -77.43 -11.22
CA PHE EA 28 -36.75 -76.70 -9.97
C PHE EA 28 -35.46 -76.01 -9.48
N ALA EA 29 -34.64 -75.50 -10.41
CA ALA EA 29 -33.38 -74.80 -10.13
C ALA EA 29 -33.63 -73.33 -9.75
N TYR EA 30 -32.61 -72.67 -9.13
CA TYR EA 30 -32.65 -71.26 -8.67
C TYR EA 30 -33.01 -70.27 -9.80
N GLN EA 31 -32.04 -69.84 -10.62
CA GLN EA 31 -32.31 -68.90 -11.71
C GLN EA 31 -32.62 -69.64 -13.01
N GLY EA 32 -33.43 -69.01 -13.87
CA GLY EA 32 -33.82 -69.56 -15.16
C GLY EA 32 -32.64 -69.60 -16.11
N PHE EA 33 -31.91 -70.74 -16.08
CA PHE EA 33 -30.69 -71.05 -16.85
C PHE EA 33 -29.50 -70.20 -16.35
N ASP EA 34 -29.62 -68.85 -16.39
CA ASP EA 34 -28.69 -67.79 -15.97
C ASP EA 34 -27.29 -67.92 -16.63
N ALA EA 35 -26.37 -66.95 -16.32
CA ALA EA 35 -24.99 -66.80 -16.84
C ALA EA 35 -24.98 -66.72 -18.37
N ARG EA 36 -25.66 -67.68 -19.02
CA ARG EA 36 -25.90 -67.80 -20.46
C ARG EA 36 -26.80 -66.66 -20.92
N ARG EA 37 -27.80 -66.30 -20.10
CA ARG EA 37 -28.77 -65.23 -20.36
C ARG EA 37 -28.09 -63.85 -20.37
N VAL EA 38 -27.08 -63.65 -19.50
CA VAL EA 38 -26.32 -62.39 -19.37
C VAL EA 38 -25.60 -62.06 -20.69
N ILE EA 39 -24.83 -63.03 -21.25
CA ILE EA 39 -24.09 -62.89 -22.51
C ILE EA 39 -25.08 -62.69 -23.67
N GLU EA 40 -26.23 -63.42 -23.63
CA GLU EA 40 -27.31 -63.34 -24.62
C GLU EA 40 -27.93 -61.94 -24.65
N LEU EA 41 -28.06 -61.30 -23.46
CA LEU EA 41 -28.61 -59.95 -23.33
C LEU EA 41 -27.55 -58.88 -23.66
N LEU EA 42 -26.27 -59.14 -23.35
CA LEU EA 42 -25.15 -58.22 -23.62
C LEU EA 42 -24.99 -57.98 -25.13
N LYS EA 43 -25.12 -59.05 -25.94
CA LYS EA 43 -25.03 -58.99 -27.41
C LYS EA 43 -26.32 -58.44 -28.02
N GLN EA 44 -27.46 -58.56 -27.29
CA GLN EA 44 -28.77 -58.08 -27.72
C GLN EA 44 -28.85 -56.55 -27.67
N TYR EA 45 -28.34 -55.94 -26.59
CA TYR EA 45 -28.34 -54.48 -26.40
C TYR EA 45 -27.09 -53.80 -27.00
N GLY EA 46 -25.92 -54.39 -26.75
CA GLY EA 46 -24.64 -53.88 -27.21
C GLY EA 46 -24.38 -54.05 -28.70
N GLY EA 47 -24.50 -55.28 -29.18
CA GLY EA 47 -24.28 -55.62 -30.57
C GLY EA 47 -22.83 -55.99 -30.85
N ALA EA 48 -22.06 -55.03 -31.39
CA ALA EA 48 -20.65 -55.21 -31.73
C ALA EA 48 -19.74 -54.59 -30.66
N ASP EA 49 -20.20 -53.50 -30.02
CA ASP EA 49 -19.46 -52.77 -28.98
C ASP EA 49 -19.72 -53.35 -27.56
N TRP EA 50 -20.26 -54.59 -27.49
CA TRP EA 50 -20.59 -55.25 -26.23
C TRP EA 50 -19.35 -55.67 -25.43
N GLU EA 51 -18.24 -56.02 -26.13
CA GLU EA 51 -16.99 -56.46 -25.51
C GLU EA 51 -16.24 -55.32 -24.82
N LYS EA 52 -16.22 -54.12 -25.45
CA LYS EA 52 -15.56 -52.93 -24.91
C LYS EA 52 -16.32 -52.40 -23.68
N ASP EA 53 -17.67 -52.41 -23.75
CA ASP EA 53 -18.55 -51.94 -22.68
C ASP EA 53 -18.54 -52.90 -21.49
N ALA EA 54 -18.37 -54.22 -21.74
CA ALA EA 54 -18.30 -55.25 -20.68
C ALA EA 54 -17.05 -55.05 -19.84
N LYS EA 55 -15.92 -54.67 -20.49
CA LYS EA 55 -14.63 -54.37 -19.85
C LYS EA 55 -14.77 -53.15 -18.93
N LYS EA 56 -15.56 -52.14 -19.38
CA LYS EA 56 -15.86 -50.91 -18.65
C LYS EA 56 -16.74 -51.22 -17.42
N MET EA 57 -17.74 -52.10 -17.60
CA MET EA 57 -18.69 -52.50 -16.56
C MET EA 57 -18.02 -53.37 -15.47
N ILE EA 58 -16.95 -54.13 -15.82
CA ILE EA 58 -16.20 -54.96 -14.86
C ILE EA 58 -15.42 -54.04 -13.90
N VAL EA 59 -14.72 -53.03 -14.45
CA VAL EA 59 -13.93 -52.04 -13.69
C VAL EA 59 -14.86 -51.22 -12.78
N LEU EA 60 -16.05 -50.86 -13.29
CA LEU EA 60 -17.08 -50.08 -12.59
C LEU EA 60 -17.67 -50.84 -11.38
N ALA EA 61 -17.99 -52.14 -11.55
CA ALA EA 61 -18.56 -52.99 -10.50
C ALA EA 61 -17.54 -53.36 -9.41
N LEU EA 62 -16.26 -53.48 -9.79
CA LEU EA 62 -15.17 -53.87 -8.89
C LEU EA 62 -14.73 -52.72 -7.98
N THR EA 63 -14.61 -51.50 -8.53
CA THR EA 63 -14.14 -50.32 -7.79
C THR EA 63 -15.26 -49.60 -7.03
N ARG EA 64 -16.44 -49.42 -7.66
CA ARG EA 64 -17.55 -48.70 -7.04
C ARG EA 64 -18.56 -49.65 -6.38
N GLY EA 65 -19.47 -50.24 -7.16
CA GLY EA 65 -20.48 -51.15 -6.64
C GLY EA 65 -21.50 -51.67 -7.64
N ASN EA 66 -22.70 -52.02 -7.13
CA ASN EA 66 -23.82 -52.59 -7.89
C ASN EA 66 -24.89 -51.56 -8.26
N LYS EA 67 -25.13 -50.55 -7.38
CA LYS EA 67 -26.12 -49.49 -7.59
C LYS EA 67 -25.55 -48.41 -8.54
N PRO EA 68 -26.07 -48.27 -9.79
CA PRO EA 68 -25.48 -47.29 -10.72
C PRO EA 68 -25.94 -45.85 -10.50
N ARG EA 69 -27.20 -45.65 -10.04
CA ARG EA 69 -27.76 -44.33 -9.79
C ARG EA 69 -27.18 -43.69 -8.52
N ARG EA 70 -26.79 -44.52 -7.54
CA ARG EA 70 -26.22 -44.06 -6.27
C ARG EA 70 -24.75 -43.63 -6.43
N MET EA 71 -23.96 -44.37 -7.23
CA MET EA 71 -22.54 -44.07 -7.47
C MET EA 71 -22.36 -42.84 -8.39
N MET EA 72 -23.38 -42.53 -9.23
CA MET EA 72 -23.38 -41.40 -10.16
C MET EA 72 -23.43 -40.06 -9.43
N MET EA 73 -23.99 -40.04 -8.21
CA MET EA 73 -24.13 -38.84 -7.36
C MET EA 73 -22.76 -38.28 -6.94
N LYS EA 74 -21.81 -39.19 -6.61
CA LYS EA 74 -20.44 -38.81 -6.22
C LYS EA 74 -19.45 -39.36 -7.26
N MET EA 75 -19.44 -38.72 -8.46
CA MET EA 75 -18.59 -39.09 -9.60
C MET EA 75 -18.28 -37.86 -10.48
N SER EA 76 -17.19 -37.94 -11.27
CA SER EA 76 -16.76 -36.89 -12.20
C SER EA 76 -17.72 -36.77 -13.39
N LYS EA 77 -17.70 -35.60 -14.09
CA LYS EA 77 -18.53 -35.30 -15.26
C LYS EA 77 -18.28 -36.29 -16.40
N GLU EA 78 -17.01 -36.74 -16.55
CA GLU EA 78 -16.57 -37.71 -17.56
C GLU EA 78 -17.18 -39.09 -17.29
N GLY EA 79 -17.23 -39.46 -16.00
CA GLY EA 79 -17.79 -40.71 -15.53
C GLY EA 79 -19.30 -40.75 -15.62
N LYS EA 80 -19.96 -39.64 -15.18
CA LYS EA 80 -21.42 -39.45 -15.18
C LYS EA 80 -22.05 -39.72 -16.56
N ALA EA 81 -21.40 -39.24 -17.63
CA ALA EA 81 -21.89 -39.42 -19.01
C ALA EA 81 -21.70 -40.86 -19.51
N THR EA 82 -20.55 -41.49 -19.18
CA THR EA 82 -20.21 -42.86 -19.60
C THR EA 82 -21.09 -43.91 -18.89
N VAL EA 83 -21.35 -43.72 -17.57
CA VAL EA 83 -22.16 -44.63 -16.76
C VAL EA 83 -23.63 -44.57 -17.22
N GLU EA 84 -24.19 -43.34 -17.42
CA GLU EA 84 -25.57 -43.13 -17.87
C GLU EA 84 -25.81 -43.72 -19.26
N ALA EA 85 -24.77 -43.72 -20.12
CA ALA EA 85 -24.81 -44.29 -21.47
C ALA EA 85 -25.01 -45.81 -21.42
N LEU EA 86 -24.42 -46.48 -20.40
CA LEU EA 86 -24.52 -47.92 -20.19
C LEU EA 86 -25.88 -48.32 -19.61
N ILE EA 87 -26.48 -47.45 -18.77
CA ILE EA 87 -27.79 -47.66 -18.14
C ILE EA 87 -28.91 -47.57 -19.21
N ASN EA 88 -28.83 -46.58 -20.10
CA ASN EA 88 -29.82 -46.36 -21.15
C ASN EA 88 -29.71 -47.37 -22.31
N LYS EA 89 -28.54 -48.03 -22.47
CA LYS EA 89 -28.30 -49.00 -23.54
C LYS EA 89 -28.60 -50.43 -23.10
N TYR EA 90 -27.96 -50.88 -22.00
CA TYR EA 90 -28.09 -52.26 -21.48
C TYR EA 90 -29.23 -52.43 -20.47
N LYS EA 91 -29.95 -51.33 -20.14
CA LYS EA 91 -31.08 -51.28 -19.20
C LYS EA 91 -30.66 -51.89 -17.84
N LEU EA 92 -29.51 -51.42 -17.32
CA LEU EA 92 -28.91 -51.87 -16.06
C LEU EA 92 -29.75 -51.43 -14.86
N LYS EA 93 -29.91 -52.35 -13.89
CA LYS EA 93 -30.69 -52.12 -12.68
C LYS EA 93 -29.82 -52.30 -11.42
N GLU EA 94 -30.42 -52.13 -10.22
CA GLU EA 94 -29.75 -52.28 -8.94
C GLU EA 94 -30.53 -53.25 -8.04
N GLY EA 95 -29.78 -54.11 -7.36
CA GLY EA 95 -30.34 -55.12 -6.47
C GLY EA 95 -30.45 -56.49 -7.09
N ASN EA 96 -31.53 -57.21 -6.76
CA ASN EA 96 -31.78 -58.56 -7.27
C ASN EA 96 -33.10 -58.57 -8.10
N PRO EA 97 -33.04 -58.24 -9.41
CA PRO EA 97 -34.27 -58.22 -10.22
C PRO EA 97 -34.56 -59.57 -10.89
N SER EA 98 -35.40 -59.56 -11.96
CA SER EA 98 -35.80 -60.75 -12.72
C SER EA 98 -34.67 -61.29 -13.60
N ARG EA 99 -34.87 -62.49 -14.18
CA ARG EA 99 -33.96 -63.24 -15.05
C ARG EA 99 -33.56 -62.44 -16.30
N ASP EA 100 -34.52 -61.71 -16.89
CA ASP EA 100 -34.34 -60.92 -18.12
C ASP EA 100 -33.65 -59.56 -17.86
N GLU EA 101 -33.41 -59.19 -16.58
CA GLU EA 101 -32.78 -57.93 -16.21
C GLU EA 101 -31.27 -58.10 -15.97
N LEU EA 102 -30.50 -57.02 -16.20
CA LEU EA 102 -29.04 -56.99 -16.03
C LEU EA 102 -28.61 -56.04 -14.91
N THR EA 103 -27.56 -56.43 -14.18
CA THR EA 103 -26.93 -55.64 -13.11
C THR EA 103 -25.41 -55.70 -13.31
N LEU EA 104 -24.67 -54.74 -12.73
CA LEU EA 104 -23.21 -54.67 -12.83
C LEU EA 104 -22.52 -55.90 -12.21
N SER EA 105 -23.11 -56.47 -11.15
CA SER EA 105 -22.60 -57.66 -10.46
C SER EA 105 -22.79 -58.93 -11.31
N ARG EA 106 -23.90 -58.99 -12.08
CA ARG EA 106 -24.22 -60.13 -12.96
C ARG EA 106 -23.27 -60.20 -14.17
N VAL EA 107 -22.84 -59.05 -14.69
CA VAL EA 107 -21.90 -58.94 -15.82
C VAL EA 107 -20.51 -59.44 -15.38
N ALA EA 108 -20.07 -59.04 -14.16
CA ALA EA 108 -18.80 -59.44 -13.56
C ALA EA 108 -18.79 -60.94 -13.19
N ALA EA 109 -19.96 -61.48 -12.80
CA ALA EA 109 -20.11 -62.89 -12.41
C ALA EA 109 -20.09 -63.81 -13.64
N ALA EA 110 -20.75 -63.42 -14.74
CA ALA EA 110 -20.83 -64.19 -15.99
C ALA EA 110 -19.46 -64.27 -16.68
N LEU EA 111 -18.71 -63.16 -16.68
CA LEU EA 111 -17.37 -63.07 -17.29
C LEU EA 111 -16.32 -63.10 -16.16
N ALA EA 112 -16.36 -64.19 -15.35
CA ALA EA 112 -15.52 -64.43 -14.18
C ALA EA 112 -14.01 -64.48 -14.51
N GLY EA 113 -13.67 -64.97 -15.71
CA GLY EA 113 -12.30 -65.09 -16.19
C GLY EA 113 -11.57 -63.77 -16.35
N ARG EA 114 -12.26 -62.76 -16.96
CA ARG EA 114 -11.73 -61.42 -17.18
C ARG EA 114 -11.72 -60.62 -15.86
N THR EA 115 -12.76 -60.84 -15.02
CA THR EA 115 -12.97 -60.20 -13.71
C THR EA 115 -11.81 -60.53 -12.74
N CYS EA 116 -11.42 -61.81 -12.66
CA CYS EA 116 -10.34 -62.30 -11.78
C CYS EA 116 -8.99 -61.74 -12.21
N GLN EA 117 -8.76 -61.61 -13.53
CA GLN EA 117 -7.52 -61.06 -14.11
C GLN EA 117 -7.40 -59.56 -13.85
N ALA EA 118 -8.55 -58.85 -13.80
CA ALA EA 118 -8.65 -57.41 -13.56
C ALA EA 118 -8.30 -57.05 -12.11
N LEU EA 119 -8.42 -58.01 -11.17
CA LEU EA 119 -8.12 -57.84 -9.75
C LEU EA 119 -6.63 -57.66 -9.48
N VAL EA 120 -5.76 -58.14 -10.40
CA VAL EA 120 -4.30 -58.01 -10.30
C VAL EA 120 -3.92 -56.53 -10.49
N VAL EA 121 -4.58 -55.85 -11.46
CA VAL EA 121 -4.38 -54.43 -11.76
C VAL EA 121 -5.11 -53.61 -10.68
N LEU EA 122 -6.44 -53.83 -10.53
CA LEU EA 122 -7.27 -53.16 -9.53
C LEU EA 122 -7.14 -53.87 -8.19
N SER EA 123 -6.01 -53.66 -7.50
CA SER EA 123 -5.72 -54.30 -6.22
C SER EA 123 -6.00 -53.36 -5.03
N GLU EA 124 -5.56 -52.10 -5.14
CA GLU EA 124 -5.69 -51.11 -4.07
C GLU EA 124 -6.92 -50.20 -4.26
N TRP EA 125 -7.72 -50.43 -5.31
CA TRP EA 125 -8.92 -49.65 -5.60
C TRP EA 125 -10.21 -50.37 -5.16
N LEU EA 126 -10.09 -51.64 -4.71
CA LEU EA 126 -11.18 -52.47 -4.22
C LEU EA 126 -11.63 -52.00 -2.81
N PRO EA 127 -12.85 -52.37 -2.30
CA PRO EA 127 -13.22 -51.96 -0.93
C PRO EA 127 -12.28 -52.54 0.12
N VAL EA 128 -11.77 -53.75 -0.13
CA VAL EA 128 -10.77 -54.45 0.69
C VAL EA 128 -9.51 -54.52 -0.16
N THR EA 129 -8.47 -53.77 0.23
CA THR EA 129 -7.20 -53.69 -0.51
C THR EA 129 -6.37 -54.97 -0.35
N GLY EA 130 -5.44 -55.18 -1.28
CA GLY EA 130 -4.53 -56.33 -1.29
C GLY EA 130 -3.56 -56.34 -0.13
N THR EA 131 -3.17 -55.14 0.35
CA THR EA 131 -2.27 -54.94 1.48
C THR EA 131 -2.96 -55.38 2.78
N THR EA 132 -4.28 -55.14 2.88
CA THR EA 132 -5.11 -55.53 4.03
C THR EA 132 -5.20 -57.07 4.11
N MET EA 133 -5.37 -57.72 2.94
CA MET EA 133 -5.45 -59.18 2.82
C MET EA 133 -4.09 -59.84 3.08
N ASP EA 134 -3.00 -59.12 2.79
CA ASP EA 134 -1.62 -59.58 3.01
C ASP EA 134 -1.28 -59.64 4.50
N GLY EA 135 -1.95 -58.80 5.30
CA GLY EA 135 -1.78 -58.74 6.75
C GLY EA 135 -2.36 -59.95 7.45
N LEU EA 136 -3.50 -60.47 6.95
CA LEU EA 136 -4.18 -61.65 7.48
C LEU EA 136 -3.45 -62.93 7.05
N SER EA 137 -3.11 -63.03 5.75
CA SER EA 137 -2.38 -64.14 5.14
C SER EA 137 -1.27 -63.60 4.22
N PRO EA 138 0.02 -63.92 4.47
CA PRO EA 138 1.10 -63.40 3.62
C PRO EA 138 0.96 -63.85 2.16
N ALA EA 139 1.10 -62.88 1.23
CA ALA EA 139 0.98 -63.01 -0.23
C ALA EA 139 -0.34 -63.69 -0.64
N TYR EA 140 -1.47 -63.05 -0.26
CA TYR EA 140 -2.83 -63.53 -0.54
C TYR EA 140 -3.11 -63.49 -2.06
N PRO EA 141 -3.70 -64.57 -2.65
CA PRO EA 141 -3.98 -64.57 -4.10
C PRO EA 141 -4.98 -63.48 -4.50
N ARG EA 142 -4.54 -62.58 -5.40
CA ARG EA 142 -5.32 -61.43 -5.90
C ARG EA 142 -6.55 -61.85 -6.71
N HIS EA 143 -6.47 -63.00 -7.41
CA HIS EA 143 -7.55 -63.53 -8.25
C HIS EA 143 -8.79 -63.95 -7.44
N MET EA 144 -8.62 -64.26 -6.14
CA MET EA 144 -9.70 -64.69 -5.25
C MET EA 144 -10.47 -63.51 -4.62
N MET EA 145 -10.00 -62.26 -4.87
CA MET EA 145 -10.54 -61.04 -4.26
C MET EA 145 -11.81 -60.49 -4.93
N HIS EA 146 -12.81 -61.36 -5.19
CA HIS EA 146 -14.13 -61.02 -5.72
C HIS EA 146 -15.08 -62.24 -5.62
N PRO EA 147 -16.37 -62.05 -5.22
CA PRO EA 147 -17.28 -63.22 -5.11
C PRO EA 147 -17.51 -64.00 -6.41
N SER EA 148 -17.18 -63.39 -7.57
CA SER EA 148 -17.32 -64.00 -8.90
C SER EA 148 -16.28 -65.11 -9.14
N PHE EA 149 -15.22 -65.19 -8.30
CA PHE EA 149 -14.16 -66.21 -8.38
C PHE EA 149 -14.73 -67.63 -8.20
N ALA EA 150 -15.86 -67.75 -7.46
CA ALA EA 150 -16.55 -69.02 -7.20
C ALA EA 150 -17.00 -69.71 -8.50
N GLY EA 151 -17.17 -68.93 -9.57
CA GLY EA 151 -17.52 -69.42 -10.91
C GLY EA 151 -16.34 -69.99 -11.67
N MET EA 152 -15.11 -69.79 -11.15
CA MET EA 152 -13.85 -70.29 -11.71
C MET EA 152 -13.35 -71.54 -10.96
N VAL EA 153 -13.96 -71.84 -9.79
CA VAL EA 153 -13.62 -72.98 -8.94
C VAL EA 153 -14.15 -74.28 -9.59
N ASP EA 154 -13.27 -75.29 -9.69
CA ASP EA 154 -13.56 -76.60 -10.26
C ASP EA 154 -14.10 -77.56 -9.16
N PRO EA 155 -15.39 -78.00 -9.24
CA PRO EA 155 -15.91 -78.89 -8.19
C PRO EA 155 -15.41 -80.34 -8.28
N SER EA 156 -14.86 -80.74 -9.45
CA SER EA 156 -14.33 -82.10 -9.67
C SER EA 156 -12.99 -82.33 -8.92
N LEU EA 157 -12.39 -81.25 -8.36
CA LEU EA 157 -11.15 -81.28 -7.58
C LEU EA 157 -11.30 -82.13 -6.31
N PRO EA 158 -10.23 -82.80 -5.81
CA PRO EA 158 -10.36 -83.62 -4.59
C PRO EA 158 -10.83 -82.81 -3.37
N GLY EA 159 -11.59 -83.47 -2.50
CA GLY EA 159 -12.19 -82.91 -1.29
C GLY EA 159 -11.33 -81.95 -0.50
N ASP EA 160 -10.12 -82.38 -0.12
CA ASP EA 160 -9.16 -81.59 0.66
C ASP EA 160 -8.69 -80.35 -0.10
N TYR EA 161 -8.51 -80.48 -1.44
CA TYR EA 161 -8.07 -79.39 -2.32
C TYR EA 161 -9.20 -78.40 -2.59
N LEU EA 162 -10.42 -78.92 -2.85
CA LEU EA 162 -11.62 -78.13 -3.13
C LEU EA 162 -11.98 -77.25 -1.92
N ARG EA 163 -11.88 -77.81 -0.70
CA ARG EA 163 -12.15 -77.10 0.56
C ARG EA 163 -11.09 -76.03 0.81
N ALA EA 164 -9.82 -76.32 0.43
CA ALA EA 164 -8.67 -75.41 0.59
C ALA EA 164 -8.82 -74.15 -0.27
N ILE EA 165 -9.41 -74.26 -1.47
CA ILE EA 165 -9.66 -73.14 -2.39
C ILE EA 165 -10.81 -72.29 -1.85
N LEU EA 166 -11.91 -72.96 -1.40
CA LEU EA 166 -13.10 -72.32 -0.87
C LEU EA 166 -12.85 -71.61 0.47
N ASP EA 167 -12.06 -72.22 1.39
CA ASP EA 167 -11.74 -71.63 2.70
C ASP EA 167 -10.80 -70.42 2.54
N ALA EA 168 -9.91 -70.44 1.53
CA ALA EA 168 -8.99 -69.34 1.22
C ALA EA 168 -9.77 -68.17 0.63
N HIS EA 169 -10.76 -68.47 -0.24
CA HIS EA 169 -11.64 -67.50 -0.88
C HIS EA 169 -12.61 -66.91 0.15
N SER EA 170 -13.01 -67.70 1.18
CA SER EA 170 -13.91 -67.30 2.26
C SER EA 170 -13.26 -66.28 3.21
N LEU EA 171 -11.91 -66.18 3.21
CA LEU EA 171 -11.15 -65.24 4.03
C LEU EA 171 -11.41 -63.81 3.52
N TYR EA 172 -11.50 -63.62 2.19
CA TYR EA 172 -11.81 -62.33 1.56
C TYR EA 172 -13.27 -62.00 1.78
N LEU EA 173 -14.18 -62.97 1.48
CA LEU EA 173 -15.63 -62.84 1.61
C LEU EA 173 -16.05 -62.41 3.02
N LEU EA 174 -15.33 -62.90 4.05
CA LEU EA 174 -15.56 -62.54 5.46
C LEU EA 174 -15.30 -61.05 5.68
N GLN EA 175 -14.20 -60.53 5.09
CA GLN EA 175 -13.81 -59.12 5.19
C GLN EA 175 -14.69 -58.24 4.31
N PHE EA 176 -14.94 -58.67 3.05
CA PHE EA 176 -15.72 -57.97 2.04
C PHE EA 176 -17.19 -57.79 2.46
N SER EA 177 -17.86 -58.88 2.91
CA SER EA 177 -19.27 -58.86 3.34
C SER EA 177 -19.50 -57.91 4.51
N ARG EA 178 -18.52 -57.80 5.42
CA ARG EA 178 -18.60 -56.90 6.58
C ARG EA 178 -18.38 -55.44 6.16
N VAL EA 179 -17.66 -55.20 5.04
CA VAL EA 179 -17.41 -53.85 4.53
C VAL EA 179 -18.66 -53.32 3.80
N ILE EA 180 -19.21 -54.10 2.84
CA ILE EA 180 -20.37 -53.69 2.04
C ILE EA 180 -21.69 -53.74 2.86
N ASN EA 181 -21.80 -54.66 3.84
CA ASN EA 181 -22.98 -54.76 4.71
C ASN EA 181 -22.60 -54.30 6.13
N PRO EA 182 -23.12 -53.14 6.60
CA PRO EA 182 -22.70 -52.62 7.92
C PRO EA 182 -23.27 -53.38 9.12
N ASN EA 183 -24.44 -54.02 9.00
CA ASN EA 183 -25.06 -54.75 10.12
C ASN EA 183 -24.36 -56.10 10.40
N LEU EA 184 -23.50 -56.58 9.48
CA LEU EA 184 -22.75 -57.83 9.63
C LEU EA 184 -21.38 -57.62 10.34
N ARG EA 185 -21.00 -56.35 10.59
CA ARG EA 185 -19.74 -55.95 11.22
C ARG EA 185 -19.56 -56.52 12.63
N GLY EA 186 -20.61 -56.40 13.46
CA GLY EA 186 -20.60 -56.87 14.84
C GLY EA 186 -20.77 -58.37 15.01
N ARG EA 187 -21.39 -59.02 14.02
CA ARG EA 187 -21.68 -60.46 14.00
C ARG EA 187 -20.41 -61.28 13.77
N THR EA 188 -20.33 -62.46 14.43
CA THR EA 188 -19.19 -63.40 14.40
C THR EA 188 -18.97 -64.04 13.01
N LYS EA 189 -17.80 -64.70 12.84
CA LYS EA 189 -17.36 -65.39 11.62
C LYS EA 189 -18.41 -66.36 11.07
N GLU EA 190 -19.04 -67.16 11.95
CA GLU EA 190 -20.07 -68.14 11.60
C GLU EA 190 -21.33 -67.49 11.04
N GLU EA 191 -21.73 -66.31 11.59
CA GLU EA 191 -22.90 -65.55 11.17
C GLU EA 191 -22.70 -64.95 9.78
N VAL EA 192 -21.48 -64.42 9.51
CA VAL EA 192 -21.10 -63.82 8.23
C VAL EA 192 -20.94 -64.92 7.17
N ALA EA 193 -20.37 -66.09 7.54
CA ALA EA 193 -20.15 -67.23 6.65
C ALA EA 193 -21.45 -67.75 6.04
N ALA EA 194 -22.53 -67.83 6.84
CA ALA EA 194 -23.85 -68.32 6.44
C ALA EA 194 -24.50 -67.49 5.31
N THR EA 195 -24.10 -66.21 5.16
CA THR EA 195 -24.66 -65.32 4.14
C THR EA 195 -23.98 -65.49 2.77
N PHE EA 196 -22.66 -65.80 2.73
CA PHE EA 196 -21.94 -65.93 1.46
C PHE EA 196 -21.68 -67.39 1.00
N THR EA 197 -21.76 -68.38 1.91
CA THR EA 197 -21.50 -69.80 1.56
C THR EA 197 -22.52 -70.38 0.57
N GLN EA 198 -23.81 -69.97 0.68
CA GLN EA 198 -24.88 -70.44 -0.19
C GLN EA 198 -24.70 -69.97 -1.66
N PRO EA 199 -24.52 -68.66 -2.00
CA PRO EA 199 -24.31 -68.30 -3.42
C PRO EA 199 -22.95 -68.71 -3.98
N MET EA 200 -21.96 -68.97 -3.08
CA MET EA 200 -20.62 -69.41 -3.44
C MET EA 200 -20.66 -70.83 -4.00
N ASN EA 201 -21.27 -71.77 -3.24
CA ASN EA 201 -21.44 -73.19 -3.61
C ASN EA 201 -22.28 -73.35 -4.87
N ALA EA 202 -23.26 -72.43 -5.09
CA ALA EA 202 -24.14 -72.42 -6.26
C ALA EA 202 -23.36 -72.10 -7.54
N ALA EA 203 -22.33 -71.23 -7.44
CA ALA EA 203 -21.47 -70.84 -8.55
C ALA EA 203 -20.43 -71.91 -8.86
N VAL EA 204 -20.02 -72.69 -7.85
CA VAL EA 204 -19.04 -73.78 -7.98
C VAL EA 204 -19.72 -74.97 -8.68
N ASN EA 205 -20.93 -75.32 -8.23
CA ASN EA 205 -21.72 -76.45 -8.74
C ASN EA 205 -22.52 -76.08 -10.02
N SER EA 206 -22.37 -74.85 -10.56
CA SER EA 206 -23.05 -74.42 -11.77
C SER EA 206 -22.44 -75.10 -13.00
N ASN EA 207 -23.29 -75.45 -13.98
CA ASN EA 207 -22.92 -76.15 -15.21
C ASN EA 207 -22.15 -75.25 -16.22
N PHE EA 208 -22.15 -73.92 -16.02
CA PHE EA 208 -21.49 -72.96 -16.91
C PHE EA 208 -19.96 -73.08 -16.78
N ILE EA 209 -19.28 -73.37 -17.92
CA ILE EA 209 -17.84 -73.60 -18.10
C ILE EA 209 -17.47 -74.96 -17.49
N SER EA 210 -16.85 -75.82 -18.32
CA SER EA 210 -16.36 -77.18 -18.07
C SER EA 210 -15.51 -77.31 -16.82
N HIS EA 211 -15.59 -78.50 -16.16
CA HIS EA 211 -14.73 -78.83 -15.01
C HIS EA 211 -13.24 -78.76 -15.40
N GLU EA 212 -12.90 -79.24 -16.62
CA GLU EA 212 -11.54 -79.26 -17.14
C GLU EA 212 -11.08 -77.85 -17.53
N LYS EA 213 -11.98 -77.03 -18.14
CA LYS EA 213 -11.70 -75.64 -18.54
C LYS EA 213 -11.51 -74.76 -17.31
N ARG EA 214 -12.32 -74.99 -16.24
CA ARG EA 214 -12.24 -74.26 -14.97
C ARG EA 214 -10.93 -74.55 -14.26
N ARG EA 215 -10.46 -75.81 -14.34
CA ARG EA 215 -9.20 -76.27 -13.75
C ARG EA 215 -8.00 -75.59 -14.44
N GLU EA 216 -8.11 -75.35 -15.77
CA GLU EA 216 -7.07 -74.69 -16.58
C GLU EA 216 -6.88 -73.24 -16.16
N PHE EA 217 -7.98 -72.53 -15.80
CA PHE EA 217 -7.96 -71.14 -15.35
C PHE EA 217 -7.21 -71.00 -14.03
N LEU EA 218 -7.50 -71.90 -13.07
CA LEU EA 218 -6.87 -71.95 -11.74
C LEU EA 218 -5.36 -72.20 -11.87
N LYS EA 219 -4.95 -73.01 -12.87
CA LYS EA 219 -3.55 -73.31 -13.17
C LYS EA 219 -2.87 -72.10 -13.79
N ALA EA 220 -3.58 -71.38 -14.69
CA ALA EA 220 -3.12 -70.17 -15.39
C ALA EA 220 -2.94 -68.99 -14.43
N PHE EA 221 -3.82 -68.86 -13.41
CA PHE EA 221 -3.75 -67.79 -12.42
C PHE EA 221 -2.63 -68.06 -11.38
N GLY EA 222 -2.14 -69.31 -11.35
CA GLY EA 222 -1.10 -69.75 -10.43
C GLY EA 222 -1.63 -70.11 -9.06
N LEU EA 223 -2.81 -70.73 -9.02
CA LEU EA 223 -3.47 -71.14 -7.78
C LEU EA 223 -3.22 -72.61 -7.49
N VAL EA 224 -3.34 -73.49 -8.51
CA VAL EA 224 -3.10 -74.94 -8.39
C VAL EA 224 -1.99 -75.38 -9.36
N ASP EA 225 -1.32 -76.51 -9.06
CA ASP EA 225 -0.25 -77.07 -9.89
C ASP EA 225 -0.83 -77.91 -11.06
N SER EA 226 0.03 -78.67 -11.76
CA SER EA 226 -0.31 -79.52 -12.91
C SER EA 226 -1.36 -80.59 -12.58
N ASN EA 227 -1.39 -81.09 -11.32
CA ASN EA 227 -2.33 -82.11 -10.88
C ASN EA 227 -3.63 -81.50 -10.34
N GLY EA 228 -3.51 -80.60 -9.36
CA GLY EA 228 -4.65 -79.93 -8.74
C GLY EA 228 -4.42 -79.46 -7.31
N LYS EA 229 -3.19 -79.65 -6.78
CA LYS EA 229 -2.79 -79.26 -5.44
C LYS EA 229 -2.61 -77.73 -5.37
N PRO EA 230 -3.26 -77.03 -4.41
CA PRO EA 230 -3.11 -75.57 -4.33
C PRO EA 230 -1.72 -75.14 -3.85
N SER EA 231 -1.33 -73.90 -4.19
CA SER EA 231 -0.04 -73.29 -3.82
C SER EA 231 0.02 -72.96 -2.33
N ALA EA 232 1.25 -72.69 -1.81
CA ALA EA 232 1.52 -72.34 -0.42
C ALA EA 232 0.76 -71.09 0.04
N ALA EA 233 0.50 -70.16 -0.91
CA ALA EA 233 -0.24 -68.91 -0.69
C ALA EA 233 -1.72 -69.19 -0.39
N VAL EA 234 -2.31 -70.18 -1.08
CA VAL EA 234 -3.70 -70.60 -0.93
C VAL EA 234 -3.85 -71.39 0.38
N MET EA 235 -2.89 -72.31 0.68
CA MET EA 235 -2.87 -73.15 1.87
C MET EA 235 -2.77 -72.32 3.16
N ALA EA 236 -1.99 -71.22 3.13
CA ALA EA 236 -1.81 -70.31 4.27
C ALA EA 236 -3.09 -69.51 4.53
N ALA EA 237 -3.80 -69.12 3.46
CA ALA EA 237 -5.05 -68.35 3.53
C ALA EA 237 -6.20 -69.22 4.04
N ALA EA 238 -6.19 -70.53 3.71
CA ALA EA 238 -7.19 -71.52 4.16
C ALA EA 238 -7.02 -71.82 5.65
N GLN EA 239 -5.76 -71.82 6.14
CA GLN EA 239 -5.40 -72.05 7.54
C GLN EA 239 -5.73 -70.81 8.38
N ALA EA 240 -5.59 -69.61 7.78
CA ALA EA 240 -5.87 -68.32 8.41
C ALA EA 240 -7.37 -68.14 8.69
N TYR EA 241 -8.23 -68.70 7.82
CA TYR EA 241 -9.70 -68.64 7.94
C TYR EA 241 -10.19 -69.52 9.10
N LYS EA 242 -9.48 -70.62 9.38
CA LYS EA 242 -9.81 -71.57 10.46
C LYS EA 242 -9.62 -70.93 11.85
N THR EA 243 -8.63 -70.03 11.99
CA THR EA 243 -8.31 -69.33 13.25
C THR EA 243 -8.79 -67.86 13.23
N ALA EA 244 -9.51 -67.45 12.15
CA ALA EA 244 -10.03 -66.10 11.97
C ALA EA 244 -11.15 -65.77 12.97
N ALA EA 245 -11.29 -64.46 13.30
CA ALA EA 245 -12.30 -63.96 14.23
C ALA EA 245 -13.46 -63.31 13.47
N GLN FA 5 -54.52 -87.64 57.08
CA GLN FA 5 -54.43 -87.03 55.78
C GLN FA 5 -53.27 -87.60 54.96
N GLU FA 6 -52.16 -88.03 55.63
CA GLU FA 6 -51.00 -88.61 54.96
C GLU FA 6 -51.29 -90.06 54.56
N LEU FA 7 -52.15 -90.22 53.54
CA LEU FA 7 -52.59 -91.50 52.98
C LEU FA 7 -52.04 -91.68 51.55
N ALA FA 8 -51.22 -90.71 51.09
CA ALA FA 8 -50.58 -90.72 49.77
C ALA FA 8 -49.50 -91.79 49.67
N ILE FA 9 -48.94 -92.21 50.84
CA ILE FA 9 -47.91 -93.25 50.98
C ILE FA 9 -48.48 -94.60 50.48
N GLN FA 10 -49.75 -94.89 50.84
CA GLN FA 10 -50.47 -96.10 50.45
C GLN FA 10 -50.76 -96.10 48.95
N PHE FA 11 -51.05 -94.91 48.38
CA PHE FA 11 -51.30 -94.70 46.95
C PHE FA 11 -50.01 -94.88 46.16
N ALA FA 12 -48.88 -94.50 46.77
CA ALA FA 12 -47.54 -94.60 46.19
C ALA FA 12 -46.97 -96.01 46.30
N ALA FA 13 -47.34 -96.75 47.37
CA ALA FA 13 -46.91 -98.14 47.62
C ALA FA 13 -47.49 -99.12 46.59
N GLN FA 14 -48.55 -98.70 45.87
CA GLN FA 14 -49.23 -99.47 44.82
C GLN FA 14 -48.28 -99.79 43.67
N ALA FA 15 -48.33 -101.03 43.15
CA ALA FA 15 -47.50 -101.45 42.02
C ALA FA 15 -48.01 -100.81 40.75
N VAL FA 16 -47.11 -100.12 40.00
CA VAL FA 16 -47.46 -99.41 38.77
C VAL FA 16 -47.74 -100.40 37.64
N ASP FA 17 -48.94 -100.28 37.03
CA ASP FA 17 -49.38 -101.11 35.92
C ASP FA 17 -48.92 -100.48 34.61
N ARG FA 18 -47.90 -101.09 33.98
CA ARG FA 18 -47.25 -100.66 32.74
C ARG FA 18 -48.26 -100.40 31.60
N ASN FA 19 -49.21 -101.33 31.39
CA ASN FA 19 -50.19 -101.24 30.32
C ASN FA 19 -51.35 -100.30 30.64
N GLU FA 20 -51.68 -100.09 31.94
CA GLU FA 20 -52.75 -99.18 32.37
C GLU FA 20 -52.37 -97.73 32.04
N ILE FA 21 -51.08 -97.41 32.17
CA ILE FA 21 -50.48 -96.10 31.86
C ILE FA 21 -50.39 -95.95 30.33
N GLU FA 22 -50.05 -97.06 29.62
CA GLU FA 22 -49.92 -97.13 28.16
C GLU FA 22 -51.25 -96.83 27.44
N GLN FA 23 -52.39 -97.12 28.09
CA GLN FA 23 -53.73 -96.87 27.57
C GLN FA 23 -54.05 -95.37 27.58
N TRP FA 24 -53.68 -94.69 28.68
CA TRP FA 24 -53.95 -93.26 28.88
C TRP FA 24 -53.02 -92.36 28.07
N VAL FA 25 -51.74 -92.77 27.86
CA VAL FA 25 -50.77 -91.96 27.08
C VAL FA 25 -51.22 -91.87 25.61
N ARG FA 26 -51.78 -92.97 25.05
CA ARG FA 26 -52.29 -93.04 23.68
C ARG FA 26 -53.61 -92.27 23.57
N GLU FA 27 -54.40 -92.23 24.66
CA GLU FA 27 -55.67 -91.53 24.75
C GLU FA 27 -55.43 -90.01 24.85
N PHE FA 28 -54.48 -89.60 25.72
CA PHE FA 28 -54.12 -88.20 25.95
C PHE FA 28 -52.88 -87.80 25.11
N ALA FA 29 -52.78 -88.35 23.88
CA ALA FA 29 -51.65 -88.08 22.98
C ALA FA 29 -51.83 -86.75 22.25
N TYR FA 30 -50.70 -86.12 21.90
CA TYR FA 30 -50.62 -84.86 21.17
C TYR FA 30 -50.81 -85.16 19.68
N GLN FA 31 -51.73 -84.42 19.02
CA GLN FA 31 -52.08 -84.59 17.60
C GLN FA 31 -50.86 -84.33 16.70
N GLY FA 32 -50.52 -83.06 16.48
CA GLY FA 32 -49.39 -82.61 15.68
C GLY FA 32 -49.25 -83.27 14.32
N PHE FA 33 -48.02 -83.68 13.98
CA PHE FA 33 -47.71 -84.36 12.72
C PHE FA 33 -48.11 -85.84 12.78
N ASP FA 34 -48.81 -86.31 11.73
CA ASP FA 34 -49.25 -87.70 11.61
C ASP FA 34 -48.83 -88.20 10.22
N ALA FA 35 -47.93 -89.19 10.18
CA ALA FA 35 -47.38 -89.79 8.96
C ALA FA 35 -48.43 -90.58 8.16
N ARG FA 36 -49.45 -91.11 8.85
CA ARG FA 36 -50.54 -91.91 8.27
C ARG FA 36 -51.53 -91.03 7.51
N ARG FA 37 -51.83 -89.83 8.06
CA ARG FA 37 -52.76 -88.86 7.47
C ARG FA 37 -52.21 -88.29 6.14
N VAL FA 38 -50.87 -88.10 6.05
CA VAL FA 38 -50.18 -87.57 4.87
C VAL FA 38 -50.40 -88.49 3.65
N ILE FA 39 -50.14 -89.81 3.80
CA ILE FA 39 -50.32 -90.82 2.76
C ILE FA 39 -51.81 -90.93 2.39
N GLU FA 40 -52.70 -90.84 3.41
CA GLU FA 40 -54.15 -90.89 3.24
C GLU FA 40 -54.65 -89.70 2.41
N LEU FA 41 -54.03 -88.52 2.57
CA LEU FA 41 -54.36 -87.30 1.83
C LEU FA 41 -53.71 -87.30 0.43
N LEU FA 42 -52.50 -87.89 0.29
CA LEU FA 42 -51.78 -87.98 -0.97
C LEU FA 42 -52.56 -88.82 -2.00
N LYS FA 43 -53.17 -89.93 -1.55
CA LYS FA 43 -53.97 -90.82 -2.40
C LYS FA 43 -55.37 -90.22 -2.65
N GLN FA 44 -55.83 -89.32 -1.74
CA GLN FA 44 -57.13 -88.66 -1.82
C GLN FA 44 -57.15 -87.61 -2.93
N TYR FA 45 -56.06 -86.80 -3.05
CA TYR FA 45 -55.94 -85.75 -4.06
C TYR FA 45 -55.30 -86.26 -5.35
N GLY FA 46 -54.23 -87.03 -5.22
CA GLY FA 46 -53.47 -87.58 -6.35
C GLY FA 46 -54.17 -88.70 -7.09
N GLY FA 47 -54.57 -89.73 -6.36
CA GLY FA 47 -55.25 -90.90 -6.91
C GLY FA 47 -54.28 -91.99 -7.33
N ALA FA 48 -53.97 -92.04 -8.64
CA ALA FA 48 -53.05 -93.02 -9.22
C ALA FA 48 -51.67 -92.41 -9.48
N ASP FA 49 -51.63 -91.10 -9.80
CA ASP FA 49 -50.40 -90.36 -10.10
C ASP FA 49 -49.77 -89.76 -8.81
N TRP FA 50 -50.17 -90.26 -7.63
CA TRP FA 50 -49.68 -89.77 -6.34
C TRP FA 50 -48.21 -90.14 -6.08
N GLU FA 51 -47.76 -91.31 -6.59
CA GLU FA 51 -46.39 -91.80 -6.40
C GLU FA 51 -45.36 -91.00 -7.21
N LYS FA 52 -45.71 -90.62 -8.47
CA LYS FA 52 -44.84 -89.85 -9.35
C LYS FA 52 -44.70 -88.41 -8.83
N ASP FA 53 -45.81 -87.82 -8.35
CA ASP FA 53 -45.86 -86.46 -7.81
C ASP FA 53 -45.14 -86.36 -6.46
N ALA FA 54 -45.18 -87.44 -5.64
CA ALA FA 54 -44.49 -87.51 -4.35
C ALA FA 54 -42.97 -87.44 -4.54
N LYS FA 55 -42.47 -88.12 -5.60
CA LYS FA 55 -41.05 -88.14 -5.98
C LYS FA 55 -40.61 -86.73 -6.39
N LYS FA 56 -41.49 -85.99 -7.08
CA LYS FA 56 -41.26 -84.61 -7.53
C LYS FA 56 -41.22 -83.66 -6.33
N MET FA 57 -42.14 -83.86 -5.36
CA MET FA 57 -42.27 -83.05 -4.14
C MET FA 57 -41.10 -83.26 -3.18
N ILE FA 58 -40.46 -84.46 -3.19
CA ILE FA 58 -39.31 -84.77 -2.33
C ILE FA 58 -38.09 -83.96 -2.83
N VAL FA 59 -37.84 -83.97 -4.16
CA VAL FA 59 -36.75 -83.24 -4.82
C VAL FA 59 -36.92 -81.72 -4.61
N LEU FA 60 -38.18 -81.25 -4.69
CA LEU FA 60 -38.57 -79.84 -4.53
C LEU FA 60 -38.31 -79.33 -3.10
N ALA FA 61 -38.69 -80.12 -2.07
CA ALA FA 61 -38.53 -79.78 -0.65
C ALA FA 61 -37.07 -79.83 -0.20
N LEU FA 62 -36.27 -80.73 -0.78
CA LEU FA 62 -34.87 -80.95 -0.44
C LEU FA 62 -33.95 -79.86 -1.00
N THR FA 63 -34.16 -79.45 -2.27
CA THR FA 63 -33.33 -78.46 -2.95
C THR FA 63 -33.77 -77.01 -2.68
N ARG FA 64 -35.09 -76.72 -2.69
CA ARG FA 64 -35.57 -75.36 -2.48
C ARG FA 64 -36.01 -75.12 -1.02
N GLY FA 65 -37.20 -75.55 -0.65
CA GLY FA 65 -37.71 -75.36 0.71
C GLY FA 65 -39.12 -75.83 0.96
N ASN FA 66 -39.79 -75.18 1.94
CA ASN FA 66 -41.17 -75.51 2.34
C ASN FA 66 -42.20 -74.55 1.75
N LYS FA 67 -41.85 -73.25 1.59
CA LYS FA 67 -42.74 -72.22 1.04
C LYS FA 67 -42.84 -72.37 -0.49
N PRO FA 68 -44.00 -72.80 -1.05
CA PRO FA 68 -44.08 -73.01 -2.51
C PRO FA 68 -44.30 -71.73 -3.33
N ARG FA 69 -45.01 -70.74 -2.78
CA ARG FA 69 -45.29 -69.47 -3.46
C ARG FA 69 -44.06 -68.57 -3.50
N ARG FA 70 -43.17 -68.70 -2.50
CA ARG FA 70 -41.94 -67.90 -2.40
C ARG FA 70 -40.87 -68.40 -3.38
N MET FA 71 -40.72 -69.73 -3.53
CA MET FA 71 -39.73 -70.34 -4.42
C MET FA 71 -40.12 -70.19 -5.91
N MET FA 72 -41.43 -70.04 -6.20
CA MET FA 72 -41.97 -69.89 -7.55
C MET FA 72 -41.57 -68.56 -8.20
N MET FA 73 -41.29 -67.54 -7.38
CA MET FA 73 -40.87 -66.20 -7.81
C MET FA 73 -39.53 -66.24 -8.55
N LYS FA 74 -38.58 -67.05 -8.04
CA LYS FA 74 -37.25 -67.21 -8.64
C LYS FA 74 -37.09 -68.66 -9.11
N MET FA 75 -37.77 -69.01 -10.22
CA MET FA 75 -37.76 -70.34 -10.83
C MET FA 75 -38.00 -70.27 -12.35
N SER FA 76 -37.61 -71.33 -13.09
CA SER FA 76 -37.78 -71.45 -14.54
C SER FA 76 -39.26 -71.67 -14.92
N LYS FA 77 -39.62 -71.40 -16.20
CA LYS FA 77 -40.98 -71.56 -16.75
C LYS FA 77 -41.47 -73.01 -16.61
N GLU FA 78 -40.55 -74.00 -16.77
CA GLU FA 78 -40.81 -75.43 -16.67
C GLU FA 78 -41.21 -75.79 -15.24
N GLY FA 79 -40.49 -75.22 -14.28
CA GLY FA 79 -40.72 -75.42 -12.86
C GLY FA 79 -41.98 -74.76 -12.35
N LYS FA 80 -42.21 -73.48 -12.77
CA LYS FA 80 -43.37 -72.66 -12.40
C LYS FA 80 -44.71 -73.35 -12.68
N ALA FA 81 -44.83 -74.03 -13.84
CA ALA FA 81 -46.04 -74.74 -14.24
C ALA FA 81 -46.25 -76.04 -13.44
N THR FA 82 -45.16 -76.80 -13.20
CA THR FA 82 -45.18 -78.08 -12.49
C THR FA 82 -45.46 -77.88 -10.99
N VAL FA 83 -44.86 -76.84 -10.36
CA VAL FA 83 -45.04 -76.54 -8.93
C VAL FA 83 -46.48 -76.07 -8.68
N GLU FA 84 -47.02 -75.15 -9.51
CA GLU FA 84 -48.39 -74.63 -9.39
C GLU FA 84 -49.44 -75.74 -9.57
N ALA FA 85 -49.12 -76.75 -10.41
CA ALA FA 85 -49.99 -77.90 -10.65
C ALA FA 85 -50.15 -78.75 -9.39
N LEU FA 86 -49.08 -78.84 -8.57
CA LEU FA 86 -49.05 -79.59 -7.31
C LEU FA 86 -49.80 -78.85 -6.19
N ILE FA 87 -49.75 -77.49 -6.19
CA ILE FA 87 -50.41 -76.62 -5.21
C ILE FA 87 -51.94 -76.70 -5.41
N ASN FA 88 -52.41 -76.62 -6.67
CA ASN FA 88 -53.83 -76.65 -7.01
C ASN FA 88 -54.46 -78.05 -6.86
N LYS FA 89 -53.63 -79.13 -6.89
CA LYS FA 89 -54.10 -80.51 -6.78
C LYS FA 89 -54.10 -81.02 -5.35
N TYR FA 90 -52.93 -80.95 -4.67
CA TYR FA 90 -52.73 -81.46 -3.30
C TYR FA 90 -53.05 -80.43 -2.21
N LYS FA 91 -53.39 -79.18 -2.60
CA LYS FA 91 -53.71 -78.05 -1.73
C LYS FA 91 -52.57 -77.82 -0.71
N LEU FA 92 -51.33 -77.75 -1.24
CA LEU FA 92 -50.11 -77.56 -0.48
C LEU FA 92 -50.03 -76.16 0.14
N LYS FA 93 -49.58 -76.10 1.40
CA LYS FA 93 -49.47 -74.86 2.16
C LYS FA 93 -48.02 -74.63 2.63
N GLU FA 94 -47.79 -73.53 3.35
CA GLU FA 94 -46.49 -73.16 3.89
C GLU FA 94 -46.58 -72.88 5.39
N GLY FA 95 -45.60 -73.39 6.13
CA GLY FA 95 -45.52 -73.25 7.58
C GLY FA 95 -46.01 -74.48 8.33
N ASN FA 96 -46.67 -74.25 9.47
CA ASN FA 96 -47.21 -75.32 10.33
C ASN FA 96 -48.74 -75.19 10.40
N PRO FA 97 -49.49 -75.78 9.44
CA PRO FA 97 -50.96 -75.67 9.47
C PRO FA 97 -51.62 -76.81 10.25
N SER FA 98 -52.93 -77.04 10.02
CA SER FA 98 -53.73 -78.07 10.70
C SER FA 98 -53.36 -79.50 10.23
N ARG FA 99 -53.89 -80.52 10.95
CA ARG FA 99 -53.71 -81.95 10.71
C ARG FA 99 -54.13 -82.38 9.29
N ASP FA 100 -55.24 -81.81 8.78
CA ASP FA 100 -55.81 -82.12 7.47
C ASP FA 100 -55.08 -81.42 6.31
N GLU FA 101 -54.08 -80.58 6.62
CA GLU FA 101 -53.31 -79.85 5.62
C GLU FA 101 -52.02 -80.56 5.22
N LEU FA 102 -51.51 -80.23 4.02
CA LEU FA 102 -50.27 -80.80 3.50
C LEU FA 102 -49.23 -79.71 3.19
N THR FA 103 -47.96 -80.01 3.48
CA THR FA 103 -46.79 -79.16 3.20
C THR FA 103 -45.71 -80.03 2.56
N LEU FA 104 -44.76 -79.40 1.85
CA LEU FA 104 -43.65 -80.10 1.18
C LEU FA 104 -42.75 -80.85 2.17
N SER FA 105 -42.58 -80.30 3.39
CA SER FA 105 -41.78 -80.89 4.46
C SER FA 105 -42.46 -82.13 5.05
N ARG FA 106 -43.81 -82.13 5.12
CA ARG FA 106 -44.61 -83.24 5.66
C ARG FA 106 -44.57 -84.46 4.73
N VAL FA 107 -44.53 -84.23 3.40
CA VAL FA 107 -44.47 -85.28 2.37
C VAL FA 107 -43.09 -85.98 2.46
N ALA FA 108 -42.01 -85.19 2.62
CA ALA FA 108 -40.63 -85.66 2.74
C ALA FA 108 -40.41 -86.41 4.06
N ALA FA 109 -41.12 -86.01 5.13
CA ALA FA 109 -41.02 -86.63 6.45
C ALA FA 109 -41.76 -87.98 6.52
N ALA FA 110 -42.95 -88.07 5.90
CA ALA FA 110 -43.77 -89.29 5.86
C ALA FA 110 -43.11 -90.41 5.05
N LEU FA 111 -42.49 -90.04 3.91
CA LEU FA 111 -41.79 -90.97 3.01
C LEU FA 111 -40.27 -90.80 3.21
N ALA FA 112 -39.83 -91.00 4.47
CA ALA FA 112 -38.44 -90.85 4.93
C ALA FA 112 -37.45 -91.77 4.21
N GLY FA 113 -37.90 -92.97 3.81
CA GLY FA 113 -37.08 -93.96 3.12
C GLY FA 113 -36.59 -93.52 1.75
N ARG FA 114 -37.49 -92.93 0.94
CA ARG FA 114 -37.19 -92.42 -0.40
C ARG FA 114 -36.39 -91.11 -0.31
N THR FA 115 -36.72 -90.27 0.70
CA THR FA 115 -36.09 -88.98 0.97
C THR FA 115 -34.59 -89.14 1.29
N CYS FA 116 -34.24 -90.11 2.15
CA CYS FA 116 -32.85 -90.40 2.56
C CYS FA 116 -32.01 -90.90 1.38
N GLN FA 117 -32.62 -91.72 0.49
CA GLN FA 117 -31.98 -92.28 -0.70
C GLN FA 117 -31.72 -91.19 -1.75
N ALA FA 118 -32.60 -90.17 -1.80
CA ALA FA 118 -32.51 -89.04 -2.73
C ALA FA 118 -31.35 -88.09 -2.38
N LEU FA 119 -30.90 -88.10 -1.11
CA LEU FA 119 -29.81 -87.27 -0.60
C LEU FA 119 -28.44 -87.68 -1.17
N VAL FA 120 -28.30 -88.94 -1.63
CA VAL FA 120 -27.07 -89.48 -2.24
C VAL FA 120 -26.88 -88.79 -3.60
N VAL FA 121 -27.97 -88.64 -4.37
CA VAL FA 121 -27.98 -87.98 -5.68
C VAL FA 121 -27.91 -86.46 -5.45
N LEU FA 122 -28.87 -85.90 -4.69
CA LEU FA 122 -28.94 -84.47 -4.35
C LEU FA 122 -28.04 -84.19 -3.16
N SER FA 123 -26.71 -84.16 -3.39
CA SER FA 123 -25.72 -83.93 -2.34
C SER FA 123 -25.22 -82.48 -2.32
N GLU FA 124 -24.92 -81.93 -3.50
CA GLU FA 124 -24.37 -80.57 -3.63
C GLU FA 124 -25.46 -79.53 -3.94
N TRP FA 125 -26.74 -79.95 -4.01
CA TRP FA 125 -27.86 -79.06 -4.29
C TRP FA 125 -28.63 -78.68 -3.01
N LEU FA 126 -28.28 -79.28 -1.86
CA LEU FA 126 -28.87 -79.03 -0.55
C LEU FA 126 -28.38 -77.67 0.03
N PRO FA 127 -29.06 -77.05 1.04
CA PRO FA 127 -28.54 -75.78 1.60
C PRO FA 127 -27.15 -75.96 2.23
N VAL FA 128 -26.90 -77.14 2.82
CA VAL FA 128 -25.63 -77.56 3.39
C VAL FA 128 -25.12 -78.70 2.50
N THR FA 129 -24.05 -78.44 1.74
CA THR FA 129 -23.48 -79.42 0.78
C THR FA 129 -22.73 -80.54 1.52
N GLY FA 130 -22.54 -81.66 0.83
CA GLY FA 130 -21.83 -82.84 1.33
C GLY FA 130 -20.36 -82.58 1.59
N THR FA 131 -19.75 -81.69 0.77
CA THR FA 131 -18.35 -81.28 0.87
C THR FA 131 -18.12 -80.48 2.16
N THR FA 132 -19.13 -79.66 2.56
CA THR FA 132 -19.10 -78.84 3.78
C THR FA 132 -19.15 -79.76 5.01
N MET FA 133 -19.98 -80.83 4.95
CA MET FA 133 -20.13 -81.82 6.02
C MET FA 133 -18.89 -82.70 6.13
N ASP FA 134 -18.18 -82.91 5.01
CA ASP FA 134 -16.95 -83.70 4.94
C ASP FA 134 -15.78 -82.99 5.64
N GLY FA 135 -15.84 -81.66 5.69
CA GLY FA 135 -14.84 -80.82 6.35
C GLY FA 135 -14.89 -80.94 7.86
N LEU FA 136 -16.11 -81.07 8.42
CA LEU FA 136 -16.35 -81.22 9.86
C LEU FA 136 -16.03 -82.64 10.31
N SER FA 137 -16.54 -83.64 9.56
CA SER FA 137 -16.32 -85.07 9.81
C SER FA 137 -15.98 -85.76 8.48
N PRO FA 138 -14.79 -86.42 8.35
CA PRO FA 138 -14.44 -87.07 7.08
C PRO FA 138 -15.42 -88.18 6.70
N ALA FA 139 -15.86 -88.16 5.43
CA ALA FA 139 -16.82 -89.09 4.79
C ALA FA 139 -18.13 -89.17 5.61
N TYR FA 140 -18.80 -88.02 5.76
CA TYR FA 140 -20.07 -87.90 6.50
C TYR FA 140 -21.20 -88.67 5.77
N PRO FA 141 -22.04 -89.48 6.49
CA PRO FA 141 -23.10 -90.23 5.81
C PRO FA 141 -24.18 -89.31 5.21
N ARG FA 142 -24.36 -89.42 3.88
CA ARG FA 142 -25.27 -88.61 3.05
C ARG FA 142 -26.74 -88.79 3.42
N HIS FA 143 -27.13 -90.00 3.88
CA HIS FA 143 -28.50 -90.36 4.26
C HIS FA 143 -29.02 -89.57 5.48
N MET FA 144 -28.11 -89.05 6.33
CA MET FA 144 -28.47 -88.28 7.54
C MET FA 144 -28.57 -86.77 7.27
N MET FA 145 -28.48 -86.36 5.99
CA MET FA 145 -28.48 -84.94 5.60
C MET FA 145 -29.90 -84.38 5.35
N HIS FA 146 -30.84 -84.68 6.28
CA HIS FA 146 -32.22 -84.17 6.26
C HIS FA 146 -32.92 -84.48 7.60
N PRO FA 147 -33.70 -83.52 8.18
CA PRO FA 147 -34.38 -83.80 9.47
C PRO FA 147 -35.35 -85.00 9.46
N SER FA 148 -35.79 -85.44 8.26
CA SER FA 148 -36.70 -86.58 8.08
C SER FA 148 -36.02 -87.93 8.38
N PHE FA 149 -34.67 -87.96 8.48
CA PHE FA 149 -33.89 -89.16 8.79
C PHE FA 149 -34.25 -89.72 10.18
N ALA FA 150 -34.70 -88.84 11.11
CA ALA FA 150 -35.12 -89.20 12.47
C ALA FA 150 -36.25 -90.25 12.48
N GLY FA 151 -37.03 -90.29 11.40
CA GLY FA 151 -38.12 -91.25 11.19
C GLY FA 151 -37.64 -92.62 10.76
N MET FA 152 -36.34 -92.73 10.41
CA MET FA 152 -35.69 -93.98 9.98
C MET FA 152 -34.85 -94.58 11.13
N VAL FA 153 -34.64 -93.80 12.21
CA VAL FA 153 -33.85 -94.20 13.40
C VAL FA 153 -34.67 -95.20 14.24
N ASP FA 154 -34.04 -96.32 14.59
CA ASP FA 154 -34.63 -97.40 15.39
C ASP FA 154 -34.41 -97.12 16.90
N PRO FA 155 -35.49 -96.87 17.70
CA PRO FA 155 -35.29 -96.59 19.13
C PRO FA 155 -34.95 -97.83 19.97
N SER FA 156 -35.21 -99.04 19.44
CA SER FA 156 -34.92 -100.31 20.14
C SER FA 156 -33.41 -100.62 20.18
N LEU FA 157 -32.58 -99.85 19.43
CA LEU FA 157 -31.12 -99.97 19.38
C LEU FA 157 -30.49 -99.69 20.75
N PRO FA 158 -29.33 -100.33 21.09
CA PRO FA 158 -28.71 -100.07 22.42
C PRO FA 158 -28.33 -98.60 22.63
N GLY FA 159 -28.40 -98.16 23.89
CA GLY FA 159 -28.13 -96.80 24.34
C GLY FA 159 -26.96 -96.09 23.69
N ASP FA 160 -25.77 -96.71 23.73
CA ASP FA 160 -24.53 -96.17 23.16
C ASP FA 160 -24.61 -96.02 21.64
N TYR FA 161 -25.29 -96.98 20.97
CA TYR FA 161 -25.46 -97.00 19.52
C TYR FA 161 -26.52 -95.98 19.08
N LEU FA 162 -27.65 -95.92 19.82
CA LEU FA 162 -28.77 -95.02 19.57
C LEU FA 162 -28.33 -93.56 19.68
N ARG FA 163 -27.51 -93.24 20.69
CA ARG FA 163 -26.97 -91.90 20.92
C ARG FA 163 -25.97 -91.52 19.83
N ALA FA 164 -25.17 -92.50 19.35
CA ALA FA 164 -24.16 -92.30 18.30
C ALA FA 164 -24.80 -91.91 16.96
N ILE FA 165 -25.99 -92.48 16.65
CA ILE FA 165 -26.75 -92.18 15.42
C ILE FA 165 -27.34 -90.76 15.53
N LEU FA 166 -27.94 -90.44 16.69
CA LEU FA 166 -28.58 -89.15 16.96
C LEU FA 166 -27.57 -87.99 17.03
N ASP FA 167 -26.40 -88.20 17.67
CA ASP FA 167 -25.36 -87.17 17.76
C ASP FA 167 -24.72 -86.90 16.39
N ALA FA 168 -24.53 -87.96 15.56
CA ALA FA 168 -23.98 -87.84 14.21
C ALA FA 168 -24.94 -87.08 13.30
N HIS FA 169 -26.25 -87.33 13.47
CA HIS FA 169 -27.33 -86.68 12.72
C HIS FA 169 -27.51 -85.23 13.20
N SER FA 170 -27.22 -84.96 14.50
CA SER FA 170 -27.31 -83.63 15.10
C SER FA 170 -26.25 -82.67 14.56
N LEU FA 171 -25.12 -83.23 14.03
CA LEU FA 171 -24.01 -82.46 13.43
C LEU FA 171 -24.52 -81.70 12.19
N TYR FA 172 -25.39 -82.36 11.38
CA TYR FA 172 -26.01 -81.75 10.20
C TYR FA 172 -27.04 -80.72 10.64
N LEU FA 173 -27.95 -81.13 11.56
CA LEU FA 173 -29.05 -80.31 12.11
C LEU FA 173 -28.53 -79.00 12.69
N LEU FA 174 -27.34 -79.01 13.32
CA LEU FA 174 -26.69 -77.83 13.90
C LEU FA 174 -26.33 -76.83 12.79
N GLN FA 175 -25.80 -77.34 11.65
CA GLN FA 175 -25.40 -76.53 10.50
C GLN FA 175 -26.63 -76.08 9.70
N PHE FA 176 -27.59 -77.01 9.46
CA PHE FA 176 -28.81 -76.79 8.70
C PHE FA 176 -29.75 -75.76 9.36
N SER FA 177 -30.03 -75.90 10.68
CA SER FA 177 -30.90 -74.99 11.43
C SER FA 177 -30.37 -73.56 11.42
N ARG FA 178 -29.03 -73.38 11.45
CA ARG FA 178 -28.41 -72.06 11.42
C ARG FA 178 -28.47 -71.45 10.01
N VAL FA 179 -28.54 -72.28 8.95
CA VAL FA 179 -28.64 -71.81 7.57
C VAL FA 179 -30.07 -71.33 7.27
N ILE FA 180 -31.09 -72.17 7.54
CA ILE FA 180 -32.50 -71.85 7.27
C ILE FA 180 -33.07 -70.80 8.25
N ASN FA 181 -32.57 -70.76 9.51
CA ASN FA 181 -33.02 -69.78 10.50
C ASN FA 181 -31.87 -68.79 10.78
N PRO FA 182 -32.00 -67.51 10.37
CA PRO FA 182 -30.89 -66.56 10.54
C PRO FA 182 -30.62 -66.09 11.97
N ASN FA 183 -31.67 -66.06 12.84
CA ASN FA 183 -31.52 -65.61 14.23
C ASN FA 183 -30.77 -66.62 15.12
N LEU FA 184 -30.64 -67.88 14.67
CA LEU FA 184 -29.93 -68.93 15.42
C LEU FA 184 -28.42 -68.95 15.14
N ARG FA 185 -27.96 -68.21 14.10
CA ARG FA 185 -26.56 -68.13 13.64
C ARG FA 185 -25.58 -67.74 14.75
N GLY FA 186 -25.93 -66.70 15.52
CA GLY FA 186 -25.10 -66.19 16.61
C GLY FA 186 -25.15 -67.00 17.89
N ARG FA 187 -26.26 -67.74 18.08
CA ARG FA 187 -26.49 -68.56 19.27
C ARG FA 187 -25.60 -69.82 19.27
N THR FA 188 -25.15 -70.23 20.47
CA THR FA 188 -24.26 -71.37 20.72
C THR FA 188 -24.92 -72.73 20.37
N LYS FA 189 -24.08 -73.80 20.32
CA LYS FA 189 -24.46 -75.19 20.01
C LYS FA 189 -25.64 -75.68 20.86
N GLU FA 190 -25.63 -75.40 22.18
CA GLU FA 190 -26.66 -75.79 23.14
C GLU FA 190 -28.00 -75.11 22.84
N GLU FA 191 -27.98 -73.83 22.41
CA GLU FA 191 -29.16 -73.04 22.07
C GLU FA 191 -29.83 -73.57 20.79
N VAL FA 192 -29.01 -73.94 19.79
CA VAL FA 192 -29.47 -74.48 18.50
C VAL FA 192 -30.01 -75.91 18.70
N ALA FA 193 -29.33 -76.71 19.56
CA ALA FA 193 -29.70 -78.10 19.86
C ALA FA 193 -31.13 -78.20 20.42
N ALA FA 194 -31.50 -77.28 21.33
CA ALA FA 194 -32.81 -77.23 22.01
C ALA FA 194 -33.99 -77.06 21.03
N THR FA 195 -33.76 -76.50 19.83
CA THR FA 195 -34.80 -76.27 18.83
C THR FA 195 -35.08 -77.52 17.97
N PHE FA 196 -34.05 -78.34 17.68
CA PHE FA 196 -34.23 -79.52 16.82
C PHE FA 196 -34.31 -80.87 17.56
N THR FA 197 -33.86 -80.95 18.83
CA THR FA 197 -33.86 -82.20 19.62
C THR FA 197 -35.29 -82.69 19.93
N GLN FA 198 -36.25 -81.77 20.17
CA GLN FA 198 -37.64 -82.12 20.48
C GLN FA 198 -38.35 -82.79 19.27
N PRO FA 199 -38.41 -82.21 18.04
CA PRO FA 199 -39.09 -82.92 16.93
C PRO FA 199 -38.31 -84.16 16.43
N MET FA 200 -37.00 -84.23 16.71
CA MET FA 200 -36.14 -85.36 16.33
C MET FA 200 -36.51 -86.60 17.14
N ASN FA 201 -36.56 -86.48 18.50
CA ASN FA 201 -36.92 -87.56 19.43
C ASN FA 201 -38.36 -88.04 19.20
N ALA FA 202 -39.26 -87.12 18.78
CA ALA FA 202 -40.67 -87.42 18.49
C ALA FA 202 -40.80 -88.33 17.26
N ALA FA 203 -39.90 -88.17 16.27
CA ALA FA 203 -39.87 -88.97 15.04
C ALA FA 203 -39.24 -90.35 15.29
N VAL FA 204 -38.29 -90.43 16.24
CA VAL FA 204 -37.60 -91.69 16.60
C VAL FA 204 -38.58 -92.57 17.40
N ASN FA 205 -39.29 -91.97 18.38
CA ASN FA 205 -40.23 -92.66 19.26
C ASN FA 205 -41.64 -92.83 18.63
N SER FA 206 -41.84 -92.40 17.36
CA SER FA 206 -43.12 -92.53 16.66
C SER FA 206 -43.37 -94.00 16.28
N ASN FA 207 -44.64 -94.43 16.36
CA ASN FA 207 -45.08 -95.80 16.09
C ASN FA 207 -45.08 -96.16 14.59
N PHE FA 208 -44.95 -95.15 13.69
CA PHE FA 208 -44.95 -95.37 12.24
C PHE FA 208 -43.65 -96.06 11.79
N ILE FA 209 -43.80 -97.23 11.13
CA ILE FA 209 -42.75 -98.16 10.65
C ILE FA 209 -42.12 -98.84 11.88
N SER FA 210 -42.27 -100.18 11.96
CA SER FA 210 -41.78 -101.02 13.06
C SER FA 210 -40.26 -100.91 13.28
N HIS FA 211 -39.83 -101.22 14.52
CA HIS FA 211 -38.44 -101.18 15.00
C HIS FA 211 -37.50 -102.03 14.16
N GLU FA 212 -37.97 -103.23 13.74
CA GLU FA 212 -37.20 -104.18 12.93
C GLU FA 212 -37.04 -103.69 11.50
N LYS FA 213 -38.12 -103.10 10.91
CA LYS FA 213 -38.12 -102.56 9.55
C LYS FA 213 -37.21 -101.33 9.46
N ARG FA 214 -37.23 -100.48 10.51
CA ARG FA 214 -36.40 -99.27 10.62
C ARG FA 214 -34.92 -99.64 10.69
N ARG FA 215 -34.59 -100.73 11.41
CA ARG FA 215 -33.24 -101.26 11.58
C ARG FA 215 -32.70 -101.77 10.24
N GLU FA 216 -33.57 -102.36 9.40
CA GLU FA 216 -33.23 -102.88 8.06
C GLU FA 216 -32.80 -101.76 7.12
N PHE FA 217 -33.47 -100.58 7.20
CA PHE FA 217 -33.17 -99.42 6.38
C PHE FA 217 -31.77 -98.87 6.67
N LEU FA 218 -31.43 -98.71 7.97
CA LEU FA 218 -30.12 -98.23 8.42
C LEU FA 218 -28.99 -99.18 7.95
N LYS FA 219 -29.28 -100.51 7.94
CA LYS FA 219 -28.34 -101.54 7.46
C LYS FA 219 -28.15 -101.43 5.94
N ALA FA 220 -29.26 -101.16 5.21
CA ALA FA 220 -29.29 -101.02 3.75
C ALA FA 220 -28.56 -99.76 3.30
N PHE FA 221 -28.66 -98.66 4.08
CA PHE FA 221 -28.00 -97.39 3.77
C PHE FA 221 -26.49 -97.45 4.10
N GLY FA 222 -26.09 -98.46 4.86
CA GLY FA 222 -24.70 -98.67 5.28
C GLY FA 222 -24.29 -97.84 6.47
N LEU FA 223 -25.21 -97.68 7.45
CA LEU FA 223 -24.98 -96.91 8.66
C LEU FA 223 -24.62 -97.82 9.83
N VAL FA 224 -25.34 -98.95 9.98
CA VAL FA 224 -25.11 -99.95 11.03
C VAL FA 224 -24.82 -101.32 10.41
N ASP FA 225 -24.11 -102.20 11.16
CA ASP FA 225 -23.77 -103.55 10.72
C ASP FA 225 -24.94 -104.53 10.96
N SER FA 226 -24.68 -105.86 10.81
CA SER FA 226 -25.65 -106.95 10.98
C SER FA 226 -26.30 -106.97 12.37
N ASN FA 227 -25.58 -106.53 13.42
CA ASN FA 227 -26.07 -106.52 14.80
C ASN FA 227 -26.78 -105.20 15.13
N GLY FA 228 -26.08 -104.08 14.93
CA GLY FA 228 -26.61 -102.74 15.20
C GLY FA 228 -25.56 -101.69 15.51
N LYS FA 229 -24.27 -102.07 15.46
CA LYS FA 229 -23.14 -101.18 15.73
C LYS FA 229 -22.93 -100.22 14.55
N PRO FA 230 -22.87 -98.88 14.79
CA PRO FA 230 -22.67 -97.94 13.68
C PRO FA 230 -21.27 -98.00 13.07
N SER FA 231 -21.16 -97.56 11.81
CA SER FA 231 -19.89 -97.54 11.06
C SER FA 231 -18.94 -96.45 11.58
N ALA FA 232 -17.64 -96.54 11.17
CA ALA FA 232 -16.58 -95.59 11.55
C ALA FA 232 -16.91 -94.15 11.14
N ALA FA 233 -17.65 -93.98 10.03
CA ALA FA 233 -18.09 -92.69 9.49
C ALA FA 233 -19.10 -92.02 10.43
N VAL FA 234 -20.00 -92.82 11.04
CA VAL FA 234 -21.04 -92.37 11.97
C VAL FA 234 -20.39 -92.04 13.33
N MET FA 235 -19.46 -92.89 13.79
CA MET FA 235 -18.73 -92.73 15.05
C MET FA 235 -17.86 -91.47 15.08
N ALA FA 236 -17.25 -91.11 13.92
CA ALA FA 236 -16.43 -89.91 13.78
C ALA FA 236 -17.28 -88.65 13.81
N ALA FA 237 -18.49 -88.70 13.21
CA ALA FA 237 -19.45 -87.60 13.16
C ALA FA 237 -20.07 -87.33 14.55
N ALA FA 238 -20.26 -88.39 15.35
CA ALA FA 238 -20.81 -88.32 16.71
C ALA FA 238 -19.79 -87.70 17.67
N GLN FA 239 -18.48 -87.97 17.43
CA GLN FA 239 -17.36 -87.45 18.21
C GLN FA 239 -17.11 -85.98 17.84
N ALA FA 240 -17.35 -85.61 16.57
CA ALA FA 240 -17.19 -84.26 16.04
C ALA FA 240 -18.21 -83.29 16.64
N TYR FA 241 -19.44 -83.79 16.92
CA TYR FA 241 -20.54 -83.01 17.52
C TYR FA 241 -20.24 -82.67 18.98
N LYS FA 242 -19.51 -83.55 19.69
CA LYS FA 242 -19.13 -83.37 21.09
C LYS FA 242 -18.14 -82.19 21.28
N THR FA 243 -17.27 -81.97 20.29
CA THR FA 243 -16.26 -80.91 20.30
C THR FA 243 -16.65 -79.74 19.36
N ALA FA 244 -17.86 -79.79 18.77
CA ALA FA 244 -18.39 -78.76 17.85
C ALA FA 244 -18.67 -77.43 18.57
N ALA FA 245 -18.59 -76.31 17.83
CA ALA FA 245 -18.84 -74.96 18.34
C ALA FA 245 -20.22 -74.46 17.90
N GLN GA 5 -29.78 -45.38 74.00
CA GLN GA 5 -30.45 -45.90 72.80
C GLN GA 5 -29.91 -47.28 72.41
N GLU GA 6 -28.63 -47.56 72.70
CA GLU GA 6 -27.99 -48.84 72.40
C GLU GA 6 -28.43 -49.89 73.43
N LEU GA 7 -29.70 -50.32 73.33
CA LEU GA 7 -30.32 -51.31 74.21
C LEU GA 7 -30.63 -52.61 73.44
N ALA GA 8 -30.21 -52.66 72.16
CA ALA GA 8 -30.37 -53.82 71.27
C ALA GA 8 -29.46 -54.97 71.69
N ILE GA 9 -28.37 -54.66 72.42
CA ILE GA 9 -27.38 -55.62 72.95
C ILE GA 9 -28.06 -56.56 73.95
N GLN GA 10 -28.95 -56.00 74.81
CA GLN GA 10 -29.73 -56.72 75.82
C GLN GA 10 -30.77 -57.63 75.16
N PHE GA 11 -31.35 -57.17 74.02
CA PHE GA 11 -32.32 -57.90 73.23
C PHE GA 11 -31.64 -59.07 72.49
N ALA GA 12 -30.37 -58.87 72.11
CA ALA GA 12 -29.52 -59.84 71.43
C ALA GA 12 -28.93 -60.87 72.40
N ALA GA 13 -28.67 -60.46 73.66
CA ALA GA 13 -28.12 -61.31 74.72
C ALA GA 13 -29.11 -62.41 75.15
N GLN GA 14 -30.41 -62.21 74.82
CA GLN GA 14 -31.52 -63.13 75.12
C GLN GA 14 -31.31 -64.49 74.44
N ALA GA 15 -31.61 -65.58 75.16
CA ALA GA 15 -31.48 -66.94 74.64
C ALA GA 15 -32.58 -67.20 73.60
N VAL GA 16 -32.19 -67.65 72.39
CA VAL GA 16 -33.12 -67.92 71.29
C VAL GA 16 -33.91 -69.21 71.56
N ASP GA 17 -35.25 -69.10 71.54
CA ASP GA 17 -36.16 -70.22 71.75
C ASP GA 17 -36.43 -70.90 70.42
N ARG GA 18 -35.85 -72.10 70.22
CA ARG GA 18 -35.92 -72.92 69.01
C ARG GA 18 -37.37 -73.16 68.54
N ASN GA 19 -38.27 -73.55 69.47
CA ASN GA 19 -39.65 -73.86 69.15
C ASN GA 19 -40.54 -72.62 68.98
N GLU GA 20 -40.19 -71.48 69.62
CA GLU GA 20 -40.92 -70.22 69.50
C GLU GA 20 -40.80 -69.68 68.07
N ILE GA 21 -39.62 -69.87 67.45
CA ILE GA 21 -39.31 -69.48 66.07
C ILE GA 21 -40.00 -70.47 65.11
N GLU GA 22 -40.02 -71.77 65.47
CA GLU GA 22 -40.63 -72.87 64.72
C GLU GA 22 -42.14 -72.68 64.54
N GLN GA 23 -42.80 -72.01 65.50
CA GLN GA 23 -44.24 -71.71 65.48
C GLN GA 23 -44.55 -70.65 64.43
N TRP GA 24 -43.71 -69.59 64.35
CA TRP GA 24 -43.88 -68.46 63.44
C TRP GA 24 -43.51 -68.79 62.00
N VAL GA 25 -42.51 -69.66 61.76
CA VAL GA 25 -42.08 -70.03 60.41
C VAL GA 25 -43.21 -70.83 59.69
N ARG GA 26 -43.93 -71.70 60.44
CA ARG GA 26 -45.05 -72.49 59.94
C ARG GA 26 -46.29 -71.60 59.74
N GLU GA 27 -46.42 -70.55 60.56
CA GLU GA 27 -47.50 -69.57 60.51
C GLU GA 27 -47.31 -68.64 59.31
N PHE GA 28 -46.07 -68.14 59.11
CA PHE GA 28 -45.71 -67.22 58.02
C PHE GA 28 -45.09 -68.01 56.83
N ALA GA 29 -45.60 -69.23 56.58
CA ALA GA 29 -45.16 -70.08 55.46
C ALA GA 29 -45.88 -69.72 54.15
N TYR GA 30 -45.40 -70.25 53.01
CA TYR GA 30 -45.99 -70.01 51.68
C TYR GA 30 -47.33 -70.77 51.52
N GLN GA 31 -48.32 -70.15 50.83
CA GLN GA 31 -49.64 -70.75 50.56
C GLN GA 31 -49.63 -71.54 49.24
N GLY GA 32 -50.70 -72.31 49.00
CA GLY GA 32 -50.83 -73.17 47.83
C GLY GA 32 -49.95 -74.39 48.02
N PHE GA 33 -49.74 -74.77 49.30
CA PHE GA 33 -48.91 -75.88 49.76
C PHE GA 33 -49.53 -77.20 49.31
N ASP GA 34 -49.16 -77.59 48.08
CA ASP GA 34 -49.62 -78.80 47.40
C ASP GA 34 -49.14 -80.05 48.13
N ALA GA 35 -49.90 -80.45 49.17
CA ALA GA 35 -49.57 -81.60 50.00
C ALA GA 35 -50.79 -82.19 50.70
N ARG GA 36 -51.41 -81.42 51.62
CA ARG GA 36 -52.53 -81.89 52.43
C ARG GA 36 -53.87 -81.43 51.89
N ARG GA 37 -53.95 -80.16 51.43
CA ARG GA 37 -55.14 -79.53 50.87
C ARG GA 37 -55.54 -80.18 49.54
N VAL GA 38 -54.54 -80.60 48.73
CA VAL GA 38 -54.73 -81.23 47.41
C VAL GA 38 -55.52 -82.55 47.57
N ILE GA 39 -55.06 -83.46 48.48
CA ILE GA 39 -55.70 -84.76 48.76
C ILE GA 39 -57.10 -84.52 49.36
N GLU GA 40 -57.23 -83.49 50.22
CA GLU GA 40 -58.49 -83.08 50.87
C GLU GA 40 -59.52 -82.63 49.82
N LEU GA 41 -59.06 -81.94 48.76
CA LEU GA 41 -59.89 -81.46 47.67
C LEU GA 41 -60.18 -82.58 46.65
N LEU GA 42 -59.22 -83.49 46.43
CA LEU GA 42 -59.37 -84.63 45.50
C LEU GA 42 -60.50 -85.57 45.94
N LYS GA 43 -60.61 -85.84 47.27
CA LYS GA 43 -61.65 -86.68 47.85
C LYS GA 43 -62.98 -85.92 47.96
N GLN GA 44 -62.93 -84.58 48.00
CA GLN GA 44 -64.09 -83.70 48.09
C GLN GA 44 -64.87 -83.68 46.77
N TYR GA 45 -64.16 -83.58 45.62
CA TYR GA 45 -64.77 -83.54 44.29
C TYR GA 45 -64.95 -84.94 43.69
N GLY GA 46 -63.90 -85.77 43.80
CA GLY GA 46 -63.89 -87.13 43.27
C GLY GA 46 -64.77 -88.12 44.01
N GLY GA 47 -64.55 -88.21 45.31
CA GLY GA 47 -65.29 -89.12 46.18
C GLY GA 47 -64.63 -90.48 46.29
N ALA GA 48 -65.14 -91.47 45.52
CA ALA GA 48 -64.62 -92.83 45.50
C ALA GA 48 -63.73 -93.08 44.28
N ASP GA 49 -64.03 -92.42 43.15
CA ASP GA 49 -63.30 -92.53 41.89
C ASP GA 49 -62.11 -91.53 41.82
N TRP GA 50 -61.68 -90.98 42.97
CA TRP GA 50 -60.60 -90.00 43.05
C TRP GA 50 -59.22 -90.63 42.77
N GLU GA 51 -59.03 -91.92 43.13
CA GLU GA 51 -57.75 -92.63 42.93
C GLU GA 51 -57.50 -92.97 41.46
N LYS GA 52 -58.54 -93.38 40.72
CA LYS GA 52 -58.44 -93.71 39.30
C LYS GA 52 -58.20 -92.44 38.46
N ASP GA 53 -58.88 -91.34 38.81
CA ASP GA 53 -58.76 -90.04 38.12
C ASP GA 53 -57.41 -89.38 38.41
N ALA GA 54 -56.84 -89.59 39.62
CA ALA GA 54 -55.53 -89.05 40.01
C ALA GA 54 -54.43 -89.69 39.15
N LYS GA 55 -54.55 -91.00 38.87
CA LYS GA 55 -53.63 -91.77 38.01
C LYS GA 55 -53.67 -91.23 36.58
N LYS GA 56 -54.87 -90.84 36.11
CA LYS GA 56 -55.11 -90.26 34.78
C LYS GA 56 -54.49 -88.87 34.69
N MET GA 57 -54.63 -88.06 35.76
CA MET GA 57 -54.12 -86.69 35.86
C MET GA 57 -52.59 -86.65 35.96
N ILE GA 58 -51.95 -87.71 36.52
CA ILE GA 58 -50.48 -87.80 36.64
C ILE GA 58 -49.89 -88.01 35.22
N VAL GA 59 -50.46 -88.94 34.43
CA VAL GA 59 -50.05 -89.26 33.06
C VAL GA 59 -50.25 -88.03 32.15
N LEU GA 60 -51.36 -87.29 32.36
CA LEU GA 60 -51.73 -86.08 31.61
C LEU GA 60 -50.75 -84.92 31.85
N ALA GA 61 -50.36 -84.68 33.12
CA ALA GA 61 -49.44 -83.61 33.52
C ALA GA 61 -47.99 -83.89 33.09
N LEU GA 62 -47.59 -85.18 33.09
CA LEU GA 62 -46.25 -85.62 32.74
C LEU GA 62 -45.95 -85.57 31.24
N THR GA 63 -46.92 -86.00 30.40
CA THR GA 63 -46.77 -86.06 28.95
C THR GA 63 -47.12 -84.75 28.25
N ARG GA 64 -48.22 -84.08 28.66
CA ARG GA 64 -48.64 -82.84 28.01
C ARG GA 64 -48.16 -81.59 28.77
N GLY GA 65 -48.86 -81.21 29.85
CA GLY GA 65 -48.48 -80.04 30.64
C GLY GA 65 -49.41 -79.68 31.77
N ASN GA 66 -49.45 -78.38 32.12
CA ASN GA 66 -50.28 -77.85 33.21
C ASN GA 66 -51.56 -77.17 32.71
N LYS GA 67 -51.52 -76.50 31.53
CA LYS GA 67 -52.66 -75.82 30.93
C LYS GA 67 -53.63 -76.86 30.30
N PRO GA 68 -54.85 -77.07 30.87
CA PRO GA 68 -55.74 -78.10 30.32
C PRO GA 68 -56.53 -77.66 29.08
N ARG GA 69 -56.89 -76.36 29.00
CA ARG GA 69 -57.65 -75.82 27.87
C ARG GA 69 -56.78 -75.68 26.61
N ARG GA 70 -55.46 -75.46 26.79
CA ARG GA 70 -54.51 -75.31 25.69
C ARG GA 70 -54.16 -76.65 25.04
N MET GA 71 -53.99 -77.72 25.86
CA MET GA 71 -53.66 -79.06 25.38
C MET GA 71 -54.86 -79.75 24.70
N MET GA 72 -56.10 -79.35 25.06
CA MET GA 72 -57.35 -79.88 24.51
C MET GA 72 -57.54 -79.53 23.04
N MET GA 73 -56.93 -78.40 22.59
CA MET GA 73 -56.99 -77.91 21.21
C MET GA 73 -56.34 -78.89 20.23
N LYS GA 74 -55.20 -79.49 20.62
CA LYS GA 74 -54.46 -80.46 19.81
C LYS GA 74 -54.47 -81.83 20.52
N MET GA 75 -55.64 -82.48 20.52
CA MET GA 75 -55.88 -83.79 21.16
C MET GA 75 -56.99 -84.57 20.43
N SER GA 76 -57.01 -85.91 20.61
CA SER GA 76 -58.02 -86.81 20.03
C SER GA 76 -59.39 -86.63 20.69
N LYS GA 77 -60.47 -87.06 20.00
CA LYS GA 77 -61.86 -86.98 20.48
C LYS GA 77 -62.06 -87.75 21.80
N GLU GA 78 -61.34 -88.87 21.96
CA GLU GA 78 -61.37 -89.73 23.16
C GLU GA 78 -60.76 -89.00 24.35
N GLY GA 79 -59.67 -88.27 24.10
CA GLY GA 79 -58.96 -87.47 25.10
C GLY GA 79 -59.71 -86.23 25.51
N LYS GA 80 -60.27 -85.50 24.51
CA LYS GA 80 -61.05 -84.27 24.67
C LYS GA 80 -62.21 -84.43 25.67
N ALA GA 81 -62.92 -85.57 25.62
CA ALA GA 81 -64.05 -85.87 26.49
C ALA GA 81 -63.60 -86.21 27.91
N THR GA 82 -62.50 -86.99 28.06
CA THR GA 82 -61.95 -87.44 29.34
C THR GA 82 -61.31 -86.28 30.11
N VAL GA 83 -60.57 -85.38 29.42
CA VAL GA 83 -59.90 -84.21 30.01
C VAL GA 83 -60.95 -83.20 30.51
N GLU GA 84 -61.97 -82.89 29.68
CA GLU GA 84 -63.05 -81.95 30.01
C GLU GA 84 -63.87 -82.45 31.22
N ALA GA 85 -64.01 -83.78 31.36
CA ALA GA 85 -64.72 -84.43 32.48
C ALA GA 85 -64.00 -84.16 33.81
N LEU GA 86 -62.66 -84.10 33.78
CA LEU GA 86 -61.81 -83.84 34.94
C LEU GA 86 -61.84 -82.36 35.34
N ILE GA 87 -61.95 -81.44 34.35
CA ILE GA 87 -62.00 -79.99 34.55
C ILE GA 87 -63.34 -79.60 35.22
N ASN GA 88 -64.45 -80.18 34.75
CA ASN GA 88 -65.80 -79.90 35.27
C ASN GA 88 -66.06 -80.56 36.64
N LYS GA 89 -65.30 -81.60 37.00
CA LYS GA 89 -65.47 -82.32 38.27
C LYS GA 89 -64.55 -81.77 39.37
N TYR GA 90 -63.23 -81.72 39.12
CA TYR GA 90 -62.22 -81.29 40.09
C TYR GA 90 -61.95 -79.76 40.06
N LYS GA 91 -62.59 -79.03 39.12
CA LYS GA 91 -62.47 -77.57 38.91
C LYS GA 91 -60.99 -77.19 38.72
N LEU GA 92 -60.30 -77.94 37.82
CA LEU GA 92 -58.89 -77.77 37.49
C LEU GA 92 -58.63 -76.44 36.76
N LYS GA 93 -57.54 -75.76 37.15
CA LYS GA 93 -57.14 -74.47 36.58
C LYS GA 93 -55.73 -74.56 35.96
N GLU GA 94 -55.24 -73.42 35.42
CA GLU GA 94 -53.92 -73.31 34.81
C GLU GA 94 -53.14 -72.15 35.41
N GLY GA 95 -51.86 -72.39 35.69
CA GLY GA 95 -50.96 -71.40 36.27
C GLY GA 95 -50.77 -71.59 37.76
N ASN GA 96 -50.66 -70.45 38.50
CA ASN GA 96 -50.47 -70.45 39.95
C ASN GA 96 -51.67 -69.76 40.63
N PRO GA 97 -52.77 -70.50 40.93
CA PRO GA 97 -53.94 -69.88 41.56
C PRO GA 97 -53.88 -69.92 43.09
N SER GA 98 -55.05 -69.75 43.76
CA SER GA 98 -55.19 -69.75 45.22
C SER GA 98 -55.02 -71.17 45.83
N ARG GA 99 -54.91 -71.23 47.16
CA ARG GA 99 -54.74 -72.44 47.99
C ARG GA 99 -55.87 -73.47 47.78
N ASP GA 100 -57.12 -72.99 47.63
CA ASP GA 100 -58.32 -73.81 47.46
C ASP GA 100 -58.51 -74.32 46.02
N GLU GA 101 -57.65 -73.86 45.08
CA GLU GA 101 -57.72 -74.28 43.68
C GLU GA 101 -56.76 -75.43 43.36
N LEU GA 102 -57.11 -76.24 42.35
CA LEU GA 102 -56.33 -77.40 41.91
C LEU GA 102 -55.80 -77.24 40.49
N THR GA 103 -54.56 -77.73 40.24
CA THR GA 103 -53.90 -77.73 38.94
C THR GA 103 -53.30 -79.14 38.72
N LEU GA 104 -53.02 -79.50 37.46
CA LEU GA 104 -52.45 -80.81 37.10
C LEU GA 104 -51.06 -81.02 37.72
N SER GA 105 -50.28 -79.93 37.87
CA SER GA 105 -48.95 -79.96 38.45
C SER GA 105 -48.99 -80.18 39.97
N ARG GA 106 -50.04 -79.65 40.64
CA ARG GA 106 -50.23 -79.78 42.09
C ARG GA 106 -50.63 -81.21 42.48
N VAL GA 107 -51.39 -81.90 41.61
CA VAL GA 107 -51.83 -83.29 41.83
C VAL GA 107 -50.60 -84.21 41.72
N ALA GA 108 -49.73 -83.97 40.71
CA ALA GA 108 -48.50 -84.72 40.46
C ALA GA 108 -47.44 -84.47 41.55
N ALA GA 109 -47.49 -83.28 42.20
CA ALA GA 109 -46.54 -82.89 43.24
C ALA GA 109 -46.93 -83.48 44.61
N ALA GA 110 -48.25 -83.52 44.92
CA ALA GA 110 -48.79 -84.07 46.17
C ALA GA 110 -48.60 -85.60 46.23
N LEU GA 111 -48.81 -86.29 45.10
CA LEU GA 111 -48.66 -87.74 44.99
C LEU GA 111 -47.35 -88.05 44.25
N ALA GA 112 -46.23 -87.54 44.82
CA ALA GA 112 -44.87 -87.66 44.28
C ALA GA 112 -44.38 -89.11 44.13
N GLY GA 113 -44.83 -90.00 45.01
CA GLY GA 113 -44.47 -91.42 45.00
C GLY GA 113 -44.94 -92.17 43.76
N ARG GA 114 -46.19 -91.95 43.35
CA ARG GA 114 -46.80 -92.56 42.16
C ARG GA 114 -46.24 -91.90 40.89
N THR GA 115 -46.01 -90.58 40.94
CA THR GA 115 -45.50 -89.75 39.85
C THR GA 115 -44.08 -90.21 39.42
N CYS GA 116 -43.18 -90.46 40.38
CA CYS GA 116 -41.80 -90.90 40.15
C CYS GA 116 -41.76 -92.31 39.54
N GLN GA 117 -42.69 -93.19 39.96
CA GLN GA 117 -42.80 -94.57 39.46
C GLN GA 117 -43.33 -94.59 38.03
N ALA GA 118 -44.19 -93.61 37.67
CA ALA GA 118 -44.79 -93.46 36.34
C ALA GA 118 -43.76 -93.02 35.28
N LEU GA 119 -42.65 -92.40 35.72
CA LEU GA 119 -41.56 -91.91 34.87
C LEU GA 119 -40.77 -93.05 34.23
N VAL GA 120 -40.78 -94.25 34.85
CA VAL GA 120 -40.09 -95.45 34.35
C VAL GA 120 -40.81 -95.93 33.08
N VAL GA 121 -42.17 -95.90 33.08
CA VAL GA 121 -43.01 -96.27 31.95
C VAL GA 121 -42.98 -95.13 30.93
N LEU GA 122 -43.37 -93.91 31.36
CA LEU GA 122 -43.39 -92.70 30.54
C LEU GA 122 -41.98 -92.09 30.50
N SER GA 123 -41.07 -92.70 29.74
CA SER GA 123 -39.68 -92.25 29.65
C SER GA 123 -39.42 -91.44 28.38
N GLU GA 124 -39.94 -91.91 27.24
CA GLU GA 124 -39.73 -91.28 25.93
C GLU GA 124 -40.90 -90.36 25.53
N TRP GA 125 -41.92 -90.21 26.40
CA TRP GA 125 -43.09 -89.37 26.14
C TRP GA 125 -43.00 -88.02 26.87
N LEU GA 126 -41.98 -87.84 27.73
CA LEU GA 126 -41.71 -86.61 28.48
C LEU GA 126 -41.13 -85.52 27.55
N PRO GA 127 -41.15 -84.20 27.93
CA PRO GA 127 -40.54 -83.18 27.05
C PRO GA 127 -39.04 -83.42 26.85
N VAL GA 128 -38.37 -83.94 27.90
CA VAL GA 128 -36.96 -84.32 27.89
C VAL GA 128 -36.95 -85.85 28.02
N THR GA 129 -36.55 -86.55 26.95
CA THR GA 129 -36.55 -88.02 26.91
C THR GA 129 -35.38 -88.60 27.74
N GLY GA 130 -35.52 -89.87 28.13
CA GLY GA 130 -34.52 -90.61 28.89
C GLY GA 130 -33.22 -90.82 28.16
N THR GA 131 -33.30 -90.94 26.81
CA THR GA 131 -32.16 -91.13 25.92
C THR GA 131 -31.31 -89.85 25.88
N THR GA 132 -31.97 -88.67 25.95
CA THR GA 132 -31.33 -87.34 25.96
C THR GA 132 -30.55 -87.17 27.28
N MET GA 133 -31.13 -87.62 28.40
CA MET GA 133 -30.53 -87.56 29.73
C MET GA 133 -29.37 -88.55 29.86
N ASP GA 134 -29.43 -89.67 29.11
CA ASP GA 134 -28.40 -90.71 29.08
C ASP GA 134 -27.12 -90.21 28.40
N GLY GA 135 -27.28 -89.25 27.48
CA GLY GA 135 -26.18 -88.63 26.74
C GLY GA 135 -25.33 -87.73 27.61
N LEU GA 136 -25.97 -87.01 28.55
CA LEU GA 136 -25.31 -86.11 29.50
C LEU GA 136 -24.63 -86.92 30.62
N SER GA 137 -25.38 -87.88 31.20
CA SER GA 137 -24.91 -88.78 32.25
C SER GA 137 -25.33 -90.22 31.93
N PRO GA 138 -24.38 -91.18 31.80
CA PRO GA 138 -24.76 -92.56 31.46
C PRO GA 138 -25.65 -93.20 32.53
N ALA GA 139 -26.76 -93.83 32.08
CA ALA GA 139 -27.80 -94.50 32.87
C ALA GA 139 -28.37 -93.55 33.96
N TYR GA 140 -28.95 -92.42 33.50
CA TYR GA 140 -29.55 -91.39 34.37
C TYR GA 140 -30.80 -91.96 35.09
N PRO GA 141 -30.96 -91.72 36.42
CA PRO GA 141 -32.14 -92.24 37.13
C PRO GA 141 -33.45 -91.63 36.61
N ARG GA 142 -34.35 -92.51 36.13
CA ARG GA 142 -35.65 -92.15 35.55
C ARG GA 142 -36.59 -91.51 36.57
N HIS GA 143 -36.49 -91.89 37.86
CA HIS GA 143 -37.33 -91.40 38.95
C HIS GA 143 -37.11 -89.90 39.25
N MET GA 144 -35.94 -89.35 38.89
CA MET GA 144 -35.57 -87.95 39.11
C MET GA 144 -36.08 -87.02 38.00
N MET GA 145 -36.66 -87.59 36.92
CA MET GA 145 -37.10 -86.86 35.72
C MET GA 145 -38.47 -86.15 35.85
N HIS GA 146 -38.66 -85.40 36.96
CA HIS GA 146 -39.84 -84.55 37.21
C HIS GA 146 -39.58 -83.66 38.44
N PRO GA 147 -39.99 -82.36 38.42
CA PRO GA 147 -39.74 -81.48 39.58
C PRO GA 147 -40.39 -81.94 40.89
N SER GA 148 -41.39 -82.83 40.82
CA SER GA 148 -42.10 -83.38 41.98
C SER GA 148 -41.24 -84.36 42.81
N PHE GA 149 -40.09 -84.82 42.24
CA PHE GA 149 -39.14 -85.74 42.90
C PHE GA 149 -38.56 -85.10 44.17
N ALA GA 150 -38.47 -83.76 44.23
CA ALA GA 150 -37.97 -82.99 45.36
C ALA GA 150 -38.76 -83.27 46.65
N GLY GA 151 -40.02 -83.70 46.50
CA GLY GA 151 -40.89 -84.07 47.60
C GLY GA 151 -40.62 -85.46 48.16
N MET GA 152 -39.77 -86.24 47.46
CA MET GA 152 -39.35 -87.60 47.84
C MET GA 152 -37.95 -87.59 48.46
N VAL GA 153 -37.22 -86.45 48.35
CA VAL GA 153 -35.88 -86.26 48.87
C VAL GA 153 -35.93 -86.10 50.40
N ASP GA 154 -35.08 -86.88 51.12
CA ASP GA 154 -34.97 -86.87 52.57
C ASP GA 154 -33.94 -85.82 53.03
N PRO GA 155 -34.37 -84.74 53.76
CA PRO GA 155 -33.39 -83.71 54.17
C PRO GA 155 -32.49 -84.15 55.34
N SER GA 156 -32.87 -85.21 56.07
CA SER GA 156 -32.10 -85.73 57.21
C SER GA 156 -30.83 -86.47 56.75
N LEU GA 157 -30.69 -86.73 55.43
CA LEU GA 157 -29.53 -87.38 54.81
C LEU GA 157 -28.25 -86.55 55.01
N PRO GA 158 -27.05 -87.19 55.10
CA PRO GA 158 -25.81 -86.40 55.28
C PRO GA 158 -25.56 -85.41 54.15
N GLY GA 159 -24.94 -84.28 54.50
CA GLY GA 159 -24.62 -83.16 53.62
C GLY GA 159 -24.13 -83.52 52.22
N ASP GA 160 -23.09 -84.36 52.15
CA ASP GA 160 -22.47 -84.82 50.89
C ASP GA 160 -23.43 -85.68 50.06
N TYR GA 161 -24.27 -86.48 50.73
CA TYR GA 161 -25.25 -87.36 50.08
C TYR GA 161 -26.47 -86.55 49.62
N LEU GA 162 -26.97 -85.64 50.47
CA LEU GA 162 -28.13 -84.77 50.21
C LEU GA 162 -27.86 -83.87 48.99
N ARG GA 163 -26.65 -83.31 48.90
CA ARG GA 163 -26.22 -82.45 47.79
C ARG GA 163 -26.08 -83.26 46.50
N ALA GA 164 -25.62 -84.53 46.60
CA ALA GA 164 -25.44 -85.45 45.47
C ALA GA 164 -26.78 -85.80 44.81
N ILE GA 165 -27.86 -85.92 45.61
CA ILE GA 165 -29.22 -86.22 45.12
C ILE GA 165 -29.77 -84.97 44.41
N LEU GA 166 -29.62 -83.79 45.04
CA LEU GA 166 -30.10 -82.51 44.53
C LEU GA 166 -29.37 -82.07 43.26
N ASP GA 167 -28.03 -82.27 43.19
CA ASP GA 167 -27.21 -81.92 42.02
C ASP GA 167 -27.54 -82.81 40.82
N ALA GA 168 -27.84 -84.10 41.07
CA ALA GA 168 -28.22 -85.07 40.04
C ALA GA 168 -29.60 -84.74 39.48
N HIS GA 169 -30.54 -84.33 40.37
CA HIS GA 169 -31.90 -83.95 40.02
C HIS GA 169 -31.91 -82.60 39.28
N SER GA 170 -30.97 -81.70 39.61
CA SER GA 170 -30.81 -80.38 38.99
C SER GA 170 -30.38 -80.48 37.52
N LEU GA 171 -29.71 -81.59 37.13
CA LEU GA 171 -29.27 -81.87 35.76
C LEU GA 171 -30.47 -81.95 34.82
N TYR GA 172 -31.58 -82.59 35.28
CA TYR GA 172 -32.83 -82.70 34.53
C TYR GA 172 -33.51 -81.34 34.50
N LEU GA 173 -33.65 -80.70 35.68
CA LEU GA 173 -34.29 -79.40 35.88
C LEU GA 173 -33.69 -78.33 34.96
N LEU GA 174 -32.36 -78.38 34.74
CA LEU GA 174 -31.64 -77.46 33.86
C LEU GA 174 -32.11 -77.62 32.40
N GLN GA 175 -32.29 -78.88 31.96
CA GLN GA 175 -32.74 -79.20 30.62
C GLN GA 175 -34.24 -78.97 30.46
N PHE GA 176 -35.04 -79.39 31.46
CA PHE GA 176 -36.50 -79.27 31.49
C PHE GA 176 -36.97 -77.81 31.51
N SER GA 177 -36.41 -76.96 32.41
CA SER GA 177 -36.77 -75.54 32.53
C SER GA 177 -36.51 -74.77 31.24
N ARG GA 178 -35.44 -75.13 30.49
CA ARG GA 178 -35.10 -74.50 29.22
C ARG GA 178 -36.05 -74.95 28.10
N VAL GA 179 -36.64 -76.15 28.23
CA VAL GA 179 -37.57 -76.69 27.23
C VAL GA 179 -38.96 -76.03 27.40
N ILE GA 180 -39.52 -76.03 28.63
CA ILE GA 180 -40.85 -75.47 28.92
C ILE GA 180 -40.85 -73.92 28.91
N ASN GA 181 -39.72 -73.27 29.28
CA ASN GA 181 -39.58 -71.82 29.27
C ASN GA 181 -38.61 -71.42 28.14
N PRO GA 182 -39.11 -70.77 27.06
CA PRO GA 182 -38.22 -70.44 25.92
C PRO GA 182 -37.22 -69.31 26.17
N ASN GA 183 -37.54 -68.36 27.07
CA ASN GA 183 -36.64 -67.22 27.34
C ASN GA 183 -35.42 -67.61 28.20
N LEU GA 184 -35.44 -68.82 28.82
CA LEU GA 184 -34.34 -69.33 29.65
C LEU GA 184 -33.31 -70.12 28.83
N ARG GA 185 -33.59 -70.37 27.54
CA ARG GA 185 -32.75 -71.13 26.60
C ARG GA 185 -31.36 -70.52 26.40
N GLY GA 186 -31.31 -69.20 26.20
CA GLY GA 186 -30.06 -68.47 25.98
C GLY GA 186 -29.25 -68.18 27.24
N ARG GA 187 -29.94 -68.15 28.39
CA ARG GA 187 -29.34 -67.86 29.70
C ARG GA 187 -28.50 -69.03 30.20
N THR GA 188 -27.39 -68.72 30.90
CA THR GA 188 -26.40 -69.67 31.44
C THR GA 188 -26.97 -70.55 32.57
N LYS GA 189 -26.22 -71.61 32.93
CA LYS GA 189 -26.54 -72.61 33.97
C LYS GA 189 -26.95 -71.97 35.31
N GLU GA 190 -26.19 -70.94 35.75
CA GLU GA 190 -26.41 -70.21 36.99
C GLU GA 190 -27.74 -69.44 36.99
N GLU GA 191 -28.11 -68.86 35.82
CA GLU GA 191 -29.36 -68.11 35.63
C GLU GA 191 -30.59 -69.03 35.70
N VAL GA 192 -30.48 -70.23 35.08
CA VAL GA 192 -31.54 -71.24 35.04
C VAL GA 192 -31.68 -71.88 36.44
N ALA GA 193 -30.54 -72.14 37.13
CA ALA GA 193 -30.50 -72.74 38.46
C ALA GA 193 -31.30 -71.93 39.49
N ALA GA 194 -31.18 -70.59 39.46
CA ALA GA 194 -31.84 -69.66 40.38
C ALA GA 194 -33.38 -69.72 40.32
N THR GA 195 -33.96 -70.19 39.19
CA THR GA 195 -35.42 -70.27 39.02
C THR GA 195 -36.00 -71.57 39.61
N PHE GA 196 -35.25 -72.70 39.59
CA PHE GA 196 -35.78 -73.98 40.09
C PHE GA 196 -35.25 -74.38 41.49
N THR GA 197 -34.12 -73.80 41.97
CA THR GA 197 -33.53 -74.15 43.27
C THR GA 197 -34.43 -73.77 44.46
N GLN GA 198 -35.17 -72.65 44.37
CA GLN GA 198 -36.07 -72.17 45.42
C GLN GA 198 -37.27 -73.13 45.63
N PRO GA 199 -38.10 -73.51 44.62
CA PRO GA 199 -39.22 -74.45 44.89
C PRO GA 199 -38.76 -75.88 45.17
N MET GA 200 -37.52 -76.24 44.76
CA MET GA 200 -36.93 -77.56 44.98
C MET GA 200 -36.62 -77.75 46.47
N ASN GA 201 -35.88 -76.79 47.08
CA ASN GA 201 -35.50 -76.80 48.50
C ASN GA 201 -36.73 -76.73 49.41
N ALA GA 202 -37.80 -76.04 48.96
CA ALA GA 202 -39.07 -75.91 49.68
C ALA GA 202 -39.80 -77.25 49.80
N ALA GA 203 -39.68 -78.11 48.76
CA ALA GA 203 -40.29 -79.44 48.71
C ALA GA 203 -39.50 -80.45 49.54
N VAL GA 204 -38.16 -80.26 49.64
CA VAL GA 204 -37.26 -81.13 50.42
C VAL GA 204 -37.49 -80.86 51.92
N ASN GA 205 -37.54 -79.57 52.30
CA ASN GA 205 -37.72 -79.12 53.68
C ASN GA 205 -39.19 -79.11 54.14
N SER GA 206 -40.13 -79.56 53.28
CA SER GA 206 -41.56 -79.63 53.62
C SER GA 206 -41.82 -80.78 54.62
N ASN GA 207 -42.73 -80.53 55.57
CA ASN GA 207 -43.09 -81.47 56.63
C ASN GA 207 -43.94 -82.67 56.14
N PHE GA 208 -44.47 -82.61 54.89
CA PHE GA 208 -45.30 -83.68 54.31
C PHE GA 208 -44.44 -84.92 54.00
N ILE GA 209 -44.82 -86.08 54.60
CA ILE GA 209 -44.16 -87.40 54.54
C ILE GA 209 -42.87 -87.32 55.37
N SER GA 210 -42.79 -88.12 56.44
CA SER GA 210 -41.67 -88.17 57.38
C SER GA 210 -40.33 -88.52 56.70
N HIS GA 211 -39.23 -88.10 57.35
CA HIS GA 211 -37.83 -88.29 56.91
C HIS GA 211 -37.48 -89.76 56.66
N GLU GA 212 -37.95 -90.66 57.53
CA GLU GA 212 -37.71 -92.09 57.47
C GLU GA 212 -38.48 -92.73 56.31
N LYS GA 213 -39.75 -92.30 56.10
CA LYS GA 213 -40.61 -92.80 55.02
C LYS GA 213 -40.08 -92.35 53.65
N ARG GA 214 -39.57 -91.10 53.57
CA ARG GA 214 -38.98 -90.52 52.36
C ARG GA 214 -37.71 -91.28 51.96
N ARG GA 215 -36.90 -91.67 52.98
CA ARG GA 215 -35.66 -92.43 52.81
C ARG GA 215 -35.95 -93.83 52.24
N GLU GA 216 -37.09 -94.45 52.66
CA GLU GA 216 -37.53 -95.76 52.21
C GLU GA 216 -37.86 -95.77 50.72
N PHE GA 217 -38.48 -94.67 50.21
CA PHE GA 217 -38.84 -94.49 48.80
C PHE GA 217 -37.60 -94.45 47.91
N LEU GA 218 -36.58 -93.67 48.33
CA LEU GA 218 -35.31 -93.51 47.62
C LEU GA 218 -34.56 -94.86 47.54
N LYS GA 219 -34.69 -95.71 48.59
CA LYS GA 219 -34.11 -97.05 48.66
C LYS GA 219 -34.86 -98.00 47.71
N ALA GA 220 -36.20 -97.86 47.66
CA ALA GA 220 -37.10 -98.68 46.83
C ALA GA 220 -36.92 -98.37 45.34
N PHE GA 221 -36.66 -97.10 44.98
CA PHE GA 221 -36.44 -96.67 43.60
C PHE GA 221 -35.03 -97.07 43.10
N GLY GA 222 -34.16 -97.44 44.04
CA GLY GA 222 -32.78 -97.83 43.77
C GLY GA 222 -31.85 -96.65 43.58
N LEU GA 223 -32.06 -95.60 44.38
CA LEU GA 223 -31.26 -94.36 44.34
C LEU GA 223 -30.18 -94.39 45.42
N VAL GA 224 -30.53 -94.79 46.66
CA VAL GA 224 -29.61 -94.89 47.80
C VAL GA 224 -29.57 -96.32 48.35
N ASP GA 225 -28.48 -96.69 49.03
CA ASP GA 225 -28.29 -98.02 49.62
C ASP GA 225 -28.98 -98.10 51.01
N SER GA 226 -28.72 -99.19 51.77
CA SER GA 226 -29.27 -99.46 53.10
C SER GA 226 -28.98 -98.36 54.13
N ASN GA 227 -27.83 -97.66 54.00
CA ASN GA 227 -27.42 -96.60 54.91
C ASN GA 227 -27.95 -95.23 54.45
N GLY GA 228 -27.63 -94.85 53.21
CA GLY GA 228 -28.05 -93.58 52.62
C GLY GA 228 -27.14 -93.05 51.53
N LYS GA 229 -26.09 -93.82 51.17
CA LYS GA 229 -25.13 -93.46 50.12
C LYS GA 229 -25.76 -93.64 48.73
N PRO GA 230 -25.73 -92.59 47.86
CA PRO GA 230 -26.34 -92.74 46.53
C PRO GA 230 -25.56 -93.68 45.61
N SER GA 231 -26.26 -94.22 44.59
CA SER GA 231 -25.70 -95.14 43.61
C SER GA 231 -24.75 -94.42 42.64
N ALA GA 232 -23.94 -95.20 41.87
CA ALA GA 232 -22.98 -94.72 40.89
C ALA GA 232 -23.64 -93.87 39.79
N ALA GA 233 -24.91 -94.18 39.46
CA ALA GA 233 -25.73 -93.48 38.47
C ALA GA 233 -26.05 -92.06 38.92
N VAL GA 234 -26.35 -91.89 40.23
CA VAL GA 234 -26.67 -90.61 40.86
C VAL GA 234 -25.39 -89.76 41.00
N MET GA 235 -24.27 -90.39 41.42
CA MET GA 235 -22.96 -89.75 41.62
C MET GA 235 -22.40 -89.19 40.30
N ALA GA 236 -22.61 -89.91 39.18
CA ALA GA 236 -22.16 -89.51 37.85
C ALA GA 236 -22.97 -88.31 37.34
N ALA GA 237 -24.28 -88.29 37.64
CA ALA GA 237 -25.20 -87.20 37.26
C ALA GA 237 -24.93 -85.92 38.04
N ALA GA 238 -24.51 -86.06 39.32
CA ALA GA 238 -24.16 -84.92 40.19
C ALA GA 238 -22.85 -84.28 39.74
N GLN GA 239 -21.90 -85.10 39.25
CA GLN GA 239 -20.59 -84.67 38.74
C GLN GA 239 -20.76 -84.01 37.37
N ALA GA 240 -21.74 -84.49 36.56
CA ALA GA 240 -22.06 -83.97 35.24
C ALA GA 240 -22.64 -82.56 35.31
N TYR GA 241 -23.41 -82.25 36.38
CA TYR GA 241 -24.03 -80.94 36.61
C TYR GA 241 -22.97 -79.88 36.96
N LYS GA 242 -21.87 -80.30 37.61
CA LYS GA 242 -20.77 -79.43 38.02
C LYS GA 242 -19.99 -78.89 36.80
N THR GA 243 -19.88 -79.70 35.73
CA THR GA 243 -19.18 -79.35 34.49
C THR GA 243 -20.17 -79.01 33.35
N ALA GA 244 -21.49 -78.96 33.65
CA ALA GA 244 -22.55 -78.66 32.68
C ALA GA 244 -22.51 -77.21 32.21
N ALA GA 245 -22.99 -76.95 30.97
CA ALA GA 245 -23.04 -75.63 30.36
C ALA GA 245 -24.45 -75.05 30.41
N GLN HA 5 14.46 9.00 101.58
CA GLN HA 5 15.58 9.42 100.75
C GLN HA 5 15.25 10.70 99.97
N GLU HA 6 13.97 10.89 99.60
CA GLU HA 6 13.50 12.07 98.87
C GLU HA 6 13.39 13.28 99.82
N LEU HA 7 14.55 13.81 100.23
CA LEU HA 7 14.70 14.95 101.12
C LEU HA 7 15.32 16.16 100.37
N ALA HA 8 15.53 15.98 99.05
CA ALA HA 8 16.08 16.98 98.14
C ALA HA 8 15.08 18.12 97.91
N ILE HA 9 13.77 17.83 98.10
CA ILE HA 9 12.65 18.77 97.95
C ILE HA 9 12.80 19.90 98.98
N GLN HA 10 13.19 19.56 100.22
CA GLN HA 10 13.42 20.48 101.34
C GLN HA 10 14.64 21.36 101.06
N PHE HA 11 15.67 20.79 100.42
CA PHE HA 11 16.91 21.48 100.03
C PHE HA 11 16.62 22.46 98.88
N ALA HA 12 15.66 22.10 98.01
CA ALA HA 12 15.23 22.89 96.86
C ALA HA 12 14.26 24.00 97.27
N ALA HA 13 13.43 23.75 98.31
CA ALA HA 13 12.45 24.69 98.84
C ALA HA 13 13.11 25.91 99.49
N GLN HA 14 14.41 25.79 99.83
CA GLN HA 14 15.24 26.84 100.44
C GLN HA 14 15.32 28.08 99.55
N ALA HA 15 15.18 29.27 100.17
CA ALA HA 15 15.29 30.56 99.46
C ALA HA 15 16.75 30.80 99.11
N VAL HA 16 17.04 31.09 97.83
CA VAL HA 16 18.40 31.29 97.34
C VAL HA 16 18.97 32.63 97.84
N ASP HA 17 20.13 32.56 98.51
CA ASP HA 17 20.84 33.72 99.05
C ASP HA 17 21.77 34.26 97.97
N ARG HA 18 21.39 35.42 97.40
CA ARG HA 18 22.10 36.12 96.32
C ARG HA 18 23.59 36.35 96.66
N ASN HA 19 23.87 36.81 97.89
CA ASN HA 19 25.20 37.12 98.41
C ASN HA 19 26.06 35.89 98.69
N GLU HA 20 25.42 34.79 99.16
CA GLU HA 20 26.09 33.52 99.50
C GLU HA 20 26.69 32.87 98.25
N ILE HA 21 25.98 32.99 97.12
CA ILE HA 21 26.38 32.49 95.82
C ILE HA 21 27.50 33.40 95.25
N GLU HA 22 27.36 34.74 95.46
CA GLU HA 22 28.31 35.76 95.03
C GLU HA 22 29.71 35.58 95.65
N GLN HA 23 29.78 34.99 96.86
CA GLN HA 23 31.02 34.71 97.58
C GLN HA 23 31.79 33.57 96.92
N TRP HA 24 31.06 32.50 96.52
CA TRP HA 24 31.63 31.31 95.91
C TRP HA 24 32.03 31.50 94.45
N VAL HA 25 31.30 32.34 93.67
CA VAL HA 25 31.61 32.60 92.26
C VAL HA 25 32.97 33.34 92.15
N ARG HA 26 33.26 34.27 93.09
CA ARG HA 26 34.50 35.03 93.14
C ARG HA 26 35.65 34.13 93.63
N GLU HA 27 35.31 33.15 94.49
CA GLU HA 27 36.26 32.18 95.05
C GLU HA 27 36.64 31.14 93.97
N PHE HA 28 35.64 30.62 93.24
CA PHE HA 28 35.83 29.62 92.18
C PHE HA 28 35.86 30.29 90.78
N ALA HA 29 36.48 31.50 90.70
CA ALA HA 29 36.61 32.27 89.47
C ALA HA 29 37.77 31.78 88.60
N TYR HA 30 37.79 32.22 87.31
CA TYR HA 30 38.78 31.88 86.29
C TYR HA 30 40.21 32.35 86.71
N GLN HA 31 40.71 33.48 86.16
CA GLN HA 31 42.03 33.96 86.55
C GLN HA 31 41.92 34.76 87.84
N GLY HA 32 42.60 34.27 88.88
CA GLY HA 32 42.62 34.88 90.21
C GLY HA 32 43.29 36.23 90.28
N PHE HA 33 44.24 36.49 89.35
CA PHE HA 33 44.98 37.74 89.25
C PHE HA 33 44.99 38.17 87.76
N ASP HA 34 43.93 38.90 87.34
CA ASP HA 34 43.74 39.36 85.96
C ASP HA 34 43.52 40.88 85.90
N ALA HA 35 43.99 41.53 84.80
CA ALA HA 35 43.95 42.97 84.48
C ALA HA 35 44.75 43.81 85.49
N ARG HA 36 44.48 43.63 86.79
CA ARG HA 36 45.14 44.27 87.92
C ARG HA 36 46.61 43.85 88.00
N ARG HA 37 46.89 42.57 87.67
CA ARG HA 37 48.23 41.97 87.66
C ARG HA 37 49.11 42.59 86.57
N VAL HA 38 48.52 42.94 85.41
CA VAL HA 38 49.21 43.53 84.26
C VAL HA 38 49.82 44.89 84.65
N ILE HA 39 49.03 45.80 85.25
CA ILE HA 39 49.47 47.13 85.71
C ILE HA 39 50.51 46.98 86.83
N GLU HA 40 50.30 45.98 87.73
CA GLU HA 40 51.20 45.65 88.84
C GLU HA 40 52.58 45.21 88.32
N LEU HA 41 52.60 44.47 87.19
CA LEU HA 41 53.83 43.99 86.55
C LEU HA 41 54.48 45.08 85.69
N LEU HA 42 53.67 45.96 85.06
CA LEU HA 42 54.14 47.07 84.23
C LEU HA 42 54.98 48.06 85.05
N LYS HA 43 54.53 48.37 86.28
CA LYS HA 43 55.22 49.28 87.20
C LYS HA 43 56.41 48.58 87.89
N GLN HA 44 56.38 47.23 87.94
CA GLN HA 44 57.43 46.41 88.55
C GLN HA 44 58.68 46.38 87.66
N TYR HA 45 58.50 46.22 86.33
CA TYR HA 45 59.60 46.17 85.36
C TYR HA 45 59.97 47.57 84.83
N GLY HA 46 58.97 48.35 84.47
CA GLY HA 46 59.13 49.69 83.92
C GLY HA 46 59.60 50.74 84.92
N GLY HA 47 58.86 50.87 86.02
CA GLY HA 47 59.14 51.82 87.08
C GLY HA 47 58.47 53.16 86.85
N ALA HA 48 59.22 54.14 86.31
CA ALA HA 48 58.73 55.48 86.01
C ALA HA 48 58.41 55.65 84.52
N ASP HA 49 59.17 54.95 83.64
CA ASP HA 49 59.01 55.01 82.20
C ASP HA 49 57.99 53.96 81.68
N TRP HA 50 57.14 53.43 82.59
CA TRP HA 50 56.13 52.41 82.26
C TRP HA 50 54.98 52.98 81.41
N GLU HA 51 54.63 54.26 81.60
CA GLU HA 51 53.53 54.92 80.87
C GLU HA 51 53.88 55.19 79.41
N LYS HA 52 55.14 55.62 79.14
CA LYS HA 52 55.61 55.91 77.78
C LYS HA 52 55.77 54.62 76.98
N ASP HA 53 56.27 53.54 77.62
CA ASP HA 53 56.47 52.23 77.01
C ASP HA 53 55.14 51.52 76.75
N ALA HA 54 54.11 51.74 77.61
CA ALA HA 54 52.77 51.17 77.45
C ALA HA 54 52.10 51.73 76.20
N LYS HA 55 52.31 53.04 75.93
CA LYS HA 55 51.79 53.74 74.75
C LYS HA 55 52.42 53.16 73.48
N LYS HA 56 53.72 52.81 73.55
CA LYS HA 56 54.49 52.19 72.46
C LYS HA 56 53.99 50.77 72.19
N MET HA 57 53.72 50.01 73.26
CA MET HA 57 53.24 48.63 73.21
C MET HA 57 51.79 48.53 72.68
N ILE HA 58 50.96 49.57 72.88
CA ILE HA 58 49.57 49.62 72.39
C ILE HA 58 49.59 49.76 70.86
N VAL HA 59 50.42 50.68 70.32
CA VAL HA 59 50.59 50.94 68.88
C VAL HA 59 51.17 49.69 68.20
N LEU HA 60 52.12 49.02 68.87
CA LEU HA 60 52.81 47.81 68.43
C LEU HA 60 51.86 46.60 68.29
N ALA HA 61 50.96 46.40 69.29
CA ALA HA 61 50.00 45.29 69.31
C ALA HA 61 48.83 45.50 68.34
N LEU HA 62 48.44 46.76 68.11
CA LEU HA 62 47.33 47.14 67.23
C LEU HA 62 47.67 47.02 65.74
N THR HA 63 48.88 47.47 65.35
CA THR HA 63 49.33 47.48 63.96
C THR HA 63 49.96 46.16 63.52
N ARG HA 64 50.83 45.56 64.35
CA ARG HA 64 51.53 44.32 63.99
C ARG HA 64 50.81 43.08 64.54
N GLY HA 65 51.01 42.75 65.82
CA GLY HA 65 50.39 41.59 66.44
C GLY HA 65 50.81 41.32 67.88
N ASN HA 66 50.72 40.03 68.28
CA ASN HA 66 51.07 39.60 69.64
C ASN HA 66 52.46 38.98 69.70
N LYS HA 67 52.89 38.23 68.66
CA LYS HA 67 54.20 37.58 68.59
C LYS HA 67 55.32 38.63 68.37
N PRO HA 68 56.18 38.91 69.37
CA PRO HA 68 57.21 39.96 69.19
C PRO HA 68 58.44 39.51 68.40
N ARG HA 69 58.83 38.23 68.52
CA ARG HA 69 60.00 37.69 67.81
C ARG HA 69 59.72 37.47 66.33
N ARG HA 70 58.45 37.22 65.95
CA ARG HA 70 58.03 37.00 64.57
C ARG HA 70 57.95 38.31 63.79
N MET HA 71 57.43 39.39 64.42
CA MET HA 71 57.29 40.71 63.80
C MET HA 71 58.66 41.42 63.63
N MET HA 72 59.65 41.07 64.48
CA MET HA 72 61.00 41.64 64.47
C MET HA 72 61.78 41.25 63.21
N MET HA 73 61.43 40.09 62.59
CA MET HA 73 62.06 39.56 61.38
C MET HA 73 61.83 40.48 60.18
N LYS HA 74 60.62 41.05 60.06
CA LYS HA 74 60.26 41.98 58.98
C LYS HA 74 59.94 43.36 59.59
N MET HA 75 61.01 44.06 60.03
CA MET HA 75 60.94 45.38 60.66
C MET HA 75 62.23 46.19 60.41
N SER HA 76 62.15 47.52 60.53
CA SER HA 76 63.29 48.44 60.37
C SER HA 76 64.28 48.32 61.53
N LYS HA 77 65.54 48.77 61.33
CA LYS HA 77 66.62 48.75 62.33
C LYS HA 77 66.24 49.56 63.57
N GLU HA 78 65.51 50.67 63.39
CA GLU HA 78 65.02 51.56 64.46
C GLU HA 78 63.99 50.84 65.32
N GLY HA 79 63.11 50.08 64.68
CA GLY HA 79 62.07 49.29 65.34
C GLY HA 79 62.62 48.08 66.07
N LYS HA 80 63.55 47.35 65.42
CA LYS HA 80 64.22 46.15 65.93
C LYS HA 80 64.87 46.39 67.31
N ALA HA 81 65.52 47.55 67.50
CA ALA HA 81 66.18 47.91 68.76
C ALA HA 81 65.18 48.29 69.86
N THR HA 82 64.10 49.03 69.50
CA THR HA 82 63.06 49.49 70.43
C THR HA 82 62.19 48.33 70.92
N VAL HA 83 61.82 47.39 70.02
CA VAL HA 83 60.99 46.21 70.33
C VAL HA 83 61.77 45.26 71.27
N GLU HA 84 63.05 44.96 70.93
CA GLU HA 84 63.91 44.08 71.73
C GLU HA 84 64.17 44.64 73.13
N ALA HA 85 64.19 45.99 73.27
CA ALA HA 85 64.36 46.69 74.54
C ALA HA 85 63.17 46.44 75.47
N LEU HA 86 61.95 46.32 74.89
CA LEU HA 86 60.72 46.06 75.63
C LEU HA 86 60.61 44.60 76.07
N ILE HA 87 61.15 43.66 75.25
CA ILE HA 87 61.15 42.21 75.52
C ILE HA 87 62.10 41.91 76.69
N ASN HA 88 63.30 42.51 76.68
CA ASN HA 88 64.32 42.31 77.72
C ASN HA 88 63.99 43.01 79.05
N LYS HA 89 63.11 44.03 79.02
CA LYS HA 89 62.73 44.80 80.21
C LYS HA 89 61.46 44.24 80.87
N TYR HA 90 60.36 44.13 80.10
CA TYR HA 90 59.05 43.68 80.59
C TYR HA 90 58.85 42.15 80.52
N LYS HA 91 59.84 41.42 79.97
CA LYS HA 91 59.86 39.96 79.79
C LYS HA 91 58.59 39.51 79.02
N LEU HA 92 58.32 40.19 77.89
CA LEU HA 92 57.16 39.94 77.02
C LEU HA 92 57.26 38.60 76.32
N LYS HA 93 56.12 37.88 76.25
CA LYS HA 93 56.02 36.56 75.62
C LYS HA 93 54.98 36.56 74.49
N GLU HA 94 54.78 35.40 73.84
CA GLU HA 94 53.82 35.22 72.75
C GLU HA 94 52.89 34.04 73.05
N GLY HA 95 51.61 34.24 72.76
CA GLY HA 95 50.57 33.23 72.99
C GLY HA 95 49.79 33.44 74.27
N ASN HA 96 49.41 32.35 74.94
CA ASN HA 96 48.66 32.37 76.19
C ASN HA 96 49.51 31.74 77.32
N PRO HA 97 50.37 32.54 78.00
CA PRO HA 97 51.20 31.98 79.07
C PRO HA 97 50.53 32.07 80.46
N SER HA 98 51.33 31.98 81.54
CA SER HA 98 50.86 32.03 82.93
C SER HA 98 50.41 33.45 83.34
N ARG HA 99 49.75 33.56 84.52
CA ARG HA 99 49.21 34.80 85.08
C ARG HA 99 50.32 35.85 85.38
N ASP HA 100 51.53 35.40 85.78
CA ASP HA 100 52.67 36.27 86.08
C ASP HA 100 53.42 36.75 84.81
N GLU HA 101 53.04 36.24 83.63
CA GLU HA 101 53.67 36.62 82.35
C GLU HA 101 52.88 37.71 81.62
N LEU HA 102 53.60 38.51 80.81
CA LEU HA 102 53.02 39.62 80.04
C LEU HA 102 53.13 39.39 78.53
N THR HA 103 52.10 39.81 77.79
CA THR HA 103 52.01 39.76 76.33
C THR HA 103 51.52 41.13 75.83
N LEU HA 104 51.76 41.45 74.54
CA LEU HA 104 51.35 42.72 73.93
C LEU HA 104 49.82 42.89 73.92
N SER HA 105 49.08 41.78 73.78
CA SER HA 105 47.61 41.76 73.78
C SER HA 105 47.04 42.04 75.18
N ARG HA 106 47.74 41.56 76.23
CA ARG HA 106 47.33 41.74 77.64
C ARG HA 106 47.49 43.20 78.08
N VAL HA 107 48.53 43.90 77.58
CA VAL HA 107 48.80 45.31 77.89
C VAL HA 107 47.70 46.18 77.25
N ALA HA 108 47.31 45.86 76.00
CA ALA HA 108 46.25 46.55 75.25
C ALA HA 108 44.86 46.31 75.85
N ALA HA 109 44.65 45.11 76.44
CA ALA HA 109 43.37 44.72 77.07
C ALA HA 109 43.19 45.39 78.43
N ALA HA 110 44.26 45.49 79.25
CA ALA HA 110 44.24 46.11 80.58
C ALA HA 110 44.01 47.63 80.49
N LEU HA 111 44.65 48.28 79.52
CA LEU HA 111 44.52 49.73 79.29
C LEU HA 111 43.60 49.96 78.08
N ALA HA 112 42.36 49.43 78.17
CA ALA HA 112 41.31 49.47 77.15
C ALA HA 112 40.90 50.89 76.74
N GLY HA 113 40.95 51.83 77.68
CA GLY HA 113 40.59 53.22 77.45
C GLY HA 113 41.48 53.95 76.48
N ARG HA 114 42.81 53.77 76.61
CA ARG HA 114 43.82 54.37 75.73
C ARG HA 114 43.85 53.65 74.38
N THR HA 115 43.65 52.32 74.39
CA THR HA 115 43.64 51.43 73.23
C THR HA 115 42.51 51.82 72.24
N CYS HA 116 41.29 52.06 72.77
CA CYS HA 116 40.10 52.44 71.98
C CYS HA 116 40.29 53.82 71.33
N GLN HA 117 40.94 54.76 72.05
CA GLN HA 117 41.20 56.12 71.57
C GLN HA 117 42.27 56.12 70.47
N ALA HA 118 43.22 55.16 70.52
CA ALA HA 118 44.31 54.99 69.56
C ALA HA 118 43.81 54.48 68.21
N LEU HA 119 42.64 53.82 68.19
CA LEU HA 119 42.00 53.25 67.00
C LEU HA 119 41.49 54.34 66.04
N VAL HA 120 41.23 55.55 66.56
CA VAL HA 120 40.77 56.70 65.77
C VAL HA 120 41.92 57.17 64.87
N VAL HA 121 43.15 57.21 65.41
CA VAL HA 121 44.38 57.59 64.70
C VAL HA 121 44.79 56.39 63.81
N LEU HA 122 45.01 55.22 64.42
CA LEU HA 122 45.39 53.98 63.73
C LEU HA 122 44.14 53.30 63.18
N SER HA 123 43.60 53.85 62.08
CA SER HA 123 42.37 53.32 61.46
C SER HA 123 42.67 52.46 60.24
N GLU HA 124 43.58 52.92 59.37
CA GLU HA 124 43.94 52.23 58.12
C GLU HA 124 45.20 51.35 58.28
N TRP HA 125 45.78 51.28 59.48
CA TRP HA 125 46.98 50.48 59.76
C TRP HA 125 46.63 49.15 60.47
N LEU HA 126 45.36 48.97 60.85
CA LEU HA 126 44.84 47.76 61.49
C LEU HA 126 44.71 46.60 60.47
N PRO HA 127 44.60 45.30 60.89
CA PRO HA 127 44.42 44.22 59.90
C PRO HA 127 43.13 44.39 59.10
N VAL HA 128 42.08 44.91 59.76
CA VAL HA 128 40.79 45.24 59.15
C VAL HA 128 40.70 46.77 59.20
N THR HA 129 40.75 47.41 58.03
CA THR HA 129 40.71 48.88 57.91
C THR HA 129 39.30 49.44 58.18
N GLY HA 130 39.25 50.72 58.51
CA GLY HA 130 38.00 51.45 58.78
C GLY HA 130 37.11 51.58 57.57
N THR HA 131 37.72 51.65 56.37
CA THR HA 131 37.03 51.76 55.08
C THR HA 131 36.30 50.44 54.77
N THR HA 132 36.91 49.29 55.16
CA THR HA 132 36.35 47.95 54.99
C THR HA 132 35.10 47.80 55.87
N MET HA 133 35.18 48.31 57.12
CA MET HA 133 34.08 48.27 58.10
C MET HA 133 32.95 49.22 57.69
N ASP HA 134 33.29 50.31 56.97
CA ASP HA 134 32.33 51.30 56.48
C ASP HA 134 31.46 50.73 55.35
N GLY HA 135 31.99 49.75 54.62
CA GLY HA 135 31.30 49.06 53.54
C GLY HA 135 30.18 48.17 54.03
N LEU HA 136 30.40 47.51 55.19
CA LEU HA 136 29.44 46.61 55.83
C LEU HA 136 28.35 47.43 56.54
N SER HA 137 28.77 48.45 57.32
CA SER HA 137 27.89 49.36 58.05
C SER HA 137 28.38 50.81 57.86
N PRO HA 138 27.55 51.73 57.29
CA PRO HA 138 28.01 53.11 57.08
C PRO HA 138 28.37 53.81 58.39
N ALA HA 139 29.55 54.48 58.39
CA ALA HA 139 30.16 55.20 59.51
C ALA HA 139 30.27 54.32 60.78
N TYR HA 140 31.01 53.21 60.65
CA TYR HA 140 31.22 52.24 61.73
C TYR HA 140 32.07 52.86 62.86
N PRO HA 141 31.67 52.69 64.16
CA PRO HA 141 32.46 53.28 65.26
C PRO HA 141 33.87 52.71 65.34
N ARG HA 142 34.87 53.60 65.23
CA ARG HA 142 36.31 53.27 65.23
C ARG HA 142 36.77 52.71 66.58
N HIS HA 143 36.14 53.14 67.69
CA HIS HA 143 36.48 52.72 69.06
C HIS HA 143 36.20 51.21 69.30
N MET HA 144 35.31 50.62 68.49
CA MET HA 144 34.91 49.20 68.56
C MET HA 144 35.81 48.29 67.70
N MET HA 145 36.89 48.84 67.12
CA MET HA 145 37.77 48.10 66.21
C MET HA 145 38.95 47.39 66.91
N HIS HA 146 38.67 46.71 68.05
CA HIS HA 146 39.65 45.92 68.81
C HIS HA 146 38.94 45.06 69.86
N PRO HA 147 39.35 43.77 70.07
CA PRO HA 147 38.67 42.93 71.08
C PRO HA 147 38.72 43.46 72.51
N SER HA 148 39.65 44.40 72.80
CA SER HA 148 39.81 45.01 74.12
C SER HA 148 38.66 45.98 74.48
N PHE HA 149 37.83 46.37 73.48
CA PHE HA 149 36.68 47.26 73.66
C PHE HA 149 35.64 46.64 74.62
N ALA HA 150 35.58 45.29 74.69
CA ALA HA 150 34.66 44.54 75.55
C ALA HA 150 34.85 44.90 77.04
N GLY HA 151 36.06 45.37 77.39
CA GLY HA 151 36.40 45.82 78.73
C GLY HA 151 35.89 47.22 79.06
N MET HA 152 35.37 47.94 78.04
CA MET HA 152 34.82 49.28 78.17
C MET HA 152 33.27 49.24 78.16
N VAL HA 153 32.69 48.07 77.82
CA VAL HA 153 31.24 47.85 77.76
C VAL HA 153 30.67 47.75 79.18
N ASP HA 154 29.59 48.52 79.45
CA ASP HA 154 28.90 48.56 80.74
C ASP HA 154 27.79 47.47 80.78
N PRO HA 155 27.91 46.44 81.67
CA PRO HA 155 26.87 45.40 81.70
C PRO HA 155 25.57 45.83 82.39
N SER HA 156 25.59 46.94 83.17
CA SER HA 156 24.42 47.46 83.88
C SER HA 156 23.42 48.15 82.92
N LEU HA 157 23.83 48.36 81.64
CA LEU HA 157 23.01 48.95 80.59
C LEU HA 157 21.76 48.09 80.28
N PRO HA 158 20.61 48.69 79.86
CA PRO HA 158 19.42 47.87 79.56
C PRO HA 158 19.66 46.84 78.46
N GLY HA 159 18.97 45.70 78.59
CA GLY HA 159 19.05 44.54 77.70
C GLY HA 159 19.16 44.83 76.21
N ASP HA 160 18.22 45.62 75.66
CA ASP HA 160 18.18 45.99 74.25
C ASP HA 160 19.39 46.85 73.85
N TYR HA 161 19.84 47.73 74.75
CA TYR HA 161 21.00 48.61 74.53
C TYR HA 161 22.31 47.85 74.64
N LEU HA 162 22.44 46.98 75.66
CA LEU HA 162 23.62 46.14 75.92
C LEU HA 162 23.89 45.20 74.74
N ARG HA 163 22.82 44.59 74.19
CA ARG HA 163 22.90 43.68 73.05
C ARG HA 163 23.28 44.44 71.78
N ALA HA 164 22.80 45.69 71.63
CA ALA HA 164 23.07 46.57 70.49
C ALA HA 164 24.56 46.94 70.40
N ILE HA 165 25.22 47.13 71.56
CA ILE HA 165 26.66 47.46 71.66
C ILE HA 165 27.47 46.21 71.31
N LEU HA 166 27.09 45.04 71.88
CA LEU HA 166 27.77 43.76 71.68
C LEU HA 166 27.60 43.22 70.24
N ASP HA 167 26.41 43.41 69.62
CA ASP HA 167 26.17 42.97 68.25
C ASP HA 167 26.93 43.82 67.23
N ALA HA 168 27.08 45.13 67.52
CA ALA HA 168 27.83 46.08 66.69
C ALA HA 168 29.33 45.78 66.76
N HIS HA 169 29.84 45.43 67.95
CA HIS HA 169 31.24 45.09 68.21
C HIS HA 169 31.57 43.72 67.60
N SER HA 170 30.59 42.79 67.57
CA SER HA 170 30.74 41.45 67.01
C SER HA 170 30.94 41.48 65.48
N LEU HA 171 30.47 42.55 64.82
CA LEU HA 171 30.60 42.75 63.37
C LEU HA 171 32.08 42.86 62.99
N TYR HA 172 32.89 43.55 63.82
CA TYR HA 172 34.34 43.68 63.63
C TYR HA 172 35.02 42.35 63.95
N LEU HA 173 34.69 41.76 65.11
CA LEU HA 173 35.24 40.49 65.61
C LEU HA 173 35.06 39.35 64.59
N LEU HA 174 33.94 39.35 63.84
CA LEU HA 174 33.64 38.38 62.79
C LEU HA 174 34.66 38.50 61.65
N GLN HA 175 34.98 39.76 61.26
CA GLN HA 175 35.92 40.06 60.19
C GLN HA 175 37.37 39.87 60.67
N PHE HA 176 37.69 40.36 61.88
CA PHE HA 176 39.01 40.30 62.50
C PHE HA 176 39.47 38.86 62.77
N SER HA 177 38.62 38.03 63.41
CA SER HA 177 38.94 36.62 63.73
C SER HA 177 39.23 35.80 62.47
N ARG HA 178 38.55 36.10 61.35
CA ARG HA 178 38.77 35.40 60.08
C ARG HA 178 40.08 35.87 59.41
N VAL HA 179 40.54 37.10 59.71
CA VAL HA 179 41.78 37.64 59.15
C VAL HA 179 43.00 37.03 59.89
N ILE HA 180 43.02 37.11 61.24
CA ILE HA 180 44.13 36.61 62.06
C ILE HA 180 44.17 35.06 62.11
N ASN HA 181 43.01 34.38 62.03
CA ASN HA 181 42.93 32.92 62.03
C ASN HA 181 42.50 32.44 60.63
N PRO HA 182 43.41 31.79 59.86
CA PRO HA 182 43.05 31.39 58.48
C PRO HA 182 42.07 30.22 58.36
N ASN HA 183 42.01 29.31 59.35
CA ASN HA 183 41.11 28.15 59.29
C ASN HA 183 39.64 28.52 59.57
N LEU HA 184 39.38 29.74 60.10
CA LEU HA 184 38.03 30.23 60.39
C LEU HA 184 37.39 30.97 59.20
N ARG HA 185 38.17 31.18 58.11
CA ARG HA 185 37.76 31.87 56.88
C ARG HA 185 36.57 31.20 56.18
N GLY HA 186 36.64 29.88 56.02
CA GLY HA 186 35.60 29.09 55.35
C GLY HA 186 34.37 28.80 56.19
N ARG HA 187 34.53 28.84 57.53
CA ARG HA 187 33.47 28.57 58.50
C ARG HA 187 32.46 29.73 58.58
N THR HA 188 31.17 29.39 58.79
CA THR HA 188 30.03 30.31 58.84
C THR HA 188 30.09 31.25 60.06
N LYS HA 189 29.22 32.29 60.05
CA LYS HA 189 29.07 33.33 61.08
C LYS HA 189 28.92 32.75 62.48
N GLU HA 190 28.07 31.70 62.64
CA GLU HA 190 27.79 31.01 63.90
C GLU HA 190 29.04 30.31 64.46
N GLU HA 191 29.85 29.71 63.57
CA GLU HA 191 31.10 29.00 63.93
C GLU HA 191 32.16 29.97 64.44
N VAL HA 192 32.28 31.14 63.77
CA VAL HA 192 33.24 32.19 64.12
C VAL HA 192 32.79 32.89 65.42
N ALA HA 193 31.47 33.11 65.59
CA ALA HA 193 30.88 33.76 66.78
C ALA HA 193 31.21 33.02 68.07
N ALA HA 194 31.14 31.67 68.05
CA ALA HA 194 31.41 30.79 69.19
C ALA HA 194 32.84 30.92 69.76
N THR HA 195 33.81 31.36 68.94
CA THR HA 195 35.20 31.52 69.37
C THR HA 195 35.48 32.85 70.09
N PHE HA 196 34.77 33.95 69.70
CA PHE HA 196 35.02 35.26 70.31
C PHE HA 196 33.96 35.69 71.35
N THR HA 197 32.75 35.08 71.37
CA THR HA 197 31.68 35.44 72.31
C THR HA 197 32.03 35.15 73.78
N GLN HA 198 32.76 34.05 74.04
CA GLN HA 198 33.17 33.65 75.39
C GLN HA 198 34.16 34.67 76.02
N PRO HA 199 35.33 35.05 75.41
CA PRO HA 199 36.20 36.04 76.06
C PRO HA 199 35.63 37.46 76.06
N MET HA 200 34.66 37.75 75.17
CA MET HA 200 33.99 39.05 75.06
C MET HA 200 33.10 39.29 76.29
N ASN HA 201 32.21 38.31 76.59
CA ASN HA 201 31.28 38.36 77.73
C ASN HA 201 32.03 38.39 79.07
N ALA HA 202 33.22 37.72 79.12
CA ALA HA 202 34.09 37.67 80.31
C ALA HA 202 34.68 39.04 80.63
N ALA HA 203 34.97 39.86 79.59
CA ALA HA 203 35.51 41.21 79.73
C ALA HA 203 34.42 42.22 80.11
N VAL HA 204 33.16 41.97 79.67
CA VAL HA 204 32.01 42.84 79.97
C VAL HA 204 31.61 42.63 81.45
N ASN HA 205 31.53 41.36 81.89
CA ASN HA 205 31.13 40.97 83.23
C ASN HA 205 32.30 41.04 84.25
N SER HA 206 33.50 41.49 83.83
CA SER HA 206 34.66 41.61 84.71
C SER HA 206 34.48 42.80 85.67
N ASN HA 207 34.96 42.64 86.93
CA ASN HA 207 34.85 43.62 88.00
C ASN HA 207 35.79 44.84 87.82
N PHE HA 208 36.78 44.75 86.91
CA PHE HA 208 37.75 45.83 86.65
C PHE HA 208 37.06 47.02 85.96
N ILE HA 209 37.14 48.21 86.60
CA ILE HA 209 36.52 49.50 86.21
C ILE HA 209 35.01 49.40 86.45
N SER HA 210 34.48 50.23 87.37
CA SER HA 210 33.07 50.26 87.77
C SER HA 210 32.11 50.53 86.60
N HIS HA 211 30.85 50.10 86.75
CA HIS HA 211 29.75 50.21 85.79
C HIS HA 211 29.49 51.66 85.36
N GLU HA 212 29.56 52.61 86.31
CA GLU HA 212 29.33 54.03 86.09
C GLU HA 212 30.49 54.67 85.30
N LYS HA 213 31.75 54.28 85.63
CA LYS HA 213 32.96 54.77 84.97
C LYS HA 213 33.03 54.26 83.54
N ARG HA 214 32.62 52.99 83.31
CA ARG HA 214 32.58 52.34 81.98
C ARG HA 214 31.56 53.04 81.09
N ARG HA 215 30.41 53.44 81.66
CA ARG HA 215 29.32 54.15 80.98
C ARG HA 215 29.78 55.54 80.52
N GLU HA 216 30.64 56.21 81.33
CA GLU HA 216 31.21 57.52 81.03
C GLU HA 216 32.12 57.48 79.80
N PHE HA 217 32.90 56.39 79.64
CA PHE HA 217 33.81 56.18 78.50
C PHE HA 217 33.03 56.06 77.21
N LEU HA 218 31.95 55.26 77.19
CA LEU HA 218 31.06 55.04 76.05
C LEU HA 218 30.39 56.35 75.61
N LYS HA 219 30.07 57.23 76.58
CA LYS HA 219 29.48 58.56 76.35
C LYS HA 219 30.54 59.51 75.75
N ALA HA 220 31.79 59.42 76.24
CA ALA HA 220 32.93 60.23 75.81
C ALA HA 220 33.37 59.87 74.39
N PHE HA 221 33.31 58.58 74.02
CA PHE HA 221 33.67 58.10 72.67
C PHE HA 221 32.58 58.43 71.64
N GLY HA 222 31.39 58.77 72.13
CA GLY HA 222 30.24 59.12 71.30
C GLY HA 222 29.49 57.90 70.81
N LEU HA 223 29.36 56.88 71.68
CA LEU HA 223 28.67 55.63 71.38
C LEU HA 223 27.25 55.64 71.92
N VAL HA 224 27.07 56.11 73.18
CA VAL HA 224 25.75 56.20 73.84
C VAL HA 224 25.48 57.67 74.26
N ASP HA 225 24.19 58.02 74.43
CA ASP HA 225 23.77 59.36 74.83
C ASP HA 225 23.84 59.52 76.37
N SER HA 226 23.26 60.62 76.91
CA SER HA 226 23.23 60.97 78.34
C SER HA 226 22.57 59.88 79.22
N ASN HA 227 21.58 59.14 78.67
CA ASN HA 227 20.86 58.10 79.40
C ASN HA 227 21.55 56.73 79.24
N GLY HA 228 21.76 56.30 78.00
CA GLY HA 228 22.40 55.02 77.69
C GLY HA 228 22.03 54.42 76.35
N LYS HA 229 21.20 55.13 75.56
CA LYS HA 229 20.74 54.71 74.23
C LYS HA 229 21.88 54.85 73.21
N PRO HA 230 22.22 53.79 72.45
CA PRO HA 230 23.32 53.90 71.46
C PRO HA 230 22.96 54.78 70.27
N SER HA 231 24.00 55.31 69.59
CA SER HA 231 23.87 56.17 68.42
C SER HA 231 23.41 55.39 67.18
N ALA HA 232 22.97 56.11 66.13
CA ALA HA 232 22.50 55.55 64.86
C ALA HA 232 23.57 54.69 64.17
N ALA HA 233 24.86 55.04 64.37
CA ALA HA 233 26.02 54.33 63.82
C ALA HA 233 26.16 52.94 64.44
N VAL HA 234 25.90 52.83 65.76
CA VAL HA 234 25.97 51.59 66.53
C VAL HA 234 24.76 50.69 66.17
N MET HA 235 23.55 51.30 66.08
CA MET HA 235 22.29 50.61 65.75
C MET HA 235 22.33 49.99 64.35
N ALA HA 236 22.96 50.67 63.38
CA ALA HA 236 23.10 50.19 62.00
C ALA HA 236 24.07 49.01 61.93
N ALA HA 237 25.15 49.04 62.74
CA ALA HA 237 26.17 47.99 62.81
C ALA HA 237 25.62 46.73 63.48
N ALA HA 238 24.72 46.89 64.47
CA ALA HA 238 24.07 45.79 65.18
C ALA HA 238 23.06 45.06 64.27
N GLN HA 239 22.38 45.84 63.40
CA GLN HA 239 21.41 45.33 62.43
C GLN HA 239 22.12 44.62 61.27
N ALA HA 240 23.34 45.10 60.92
CA ALA HA 240 24.18 44.54 59.85
C ALA HA 240 24.71 43.15 60.24
N TYR HA 241 24.99 42.92 61.54
CA TYR HA 241 25.48 41.66 62.07
C TYR HA 241 24.39 40.56 62.02
N LYS HA 242 23.12 40.96 62.16
CA LYS HA 242 21.96 40.06 62.13
C LYS HA 242 21.76 39.45 60.74
N THR HA 243 22.07 40.20 59.67
CA THR HA 243 21.94 39.77 58.28
C THR HA 243 23.30 39.43 57.64
N ALA HA 244 24.39 39.44 58.45
CA ALA HA 244 25.76 39.15 58.02
C ALA HA 244 25.94 37.67 57.63
N ALA HA 245 26.89 37.41 56.71
CA ALA HA 245 27.22 36.07 56.23
C ALA HA 245 28.52 35.55 56.88
N GLN IA 5 2.81 -23.74 61.06
CA GLN IA 5 3.85 -22.83 61.55
C GLN IA 5 3.28 -21.44 61.83
N GLU IA 6 2.25 -21.01 61.07
CA GLU IA 6 1.61 -19.70 61.23
C GLU IA 6 0.69 -19.70 62.46
N LEU IA 7 1.31 -19.74 63.66
CA LEU IA 7 0.63 -19.75 64.96
C LEU IA 7 0.89 -18.43 65.72
N ALA IA 8 1.62 -17.50 65.07
CA ALA IA 8 1.96 -16.17 65.60
C ALA IA 8 0.73 -15.28 65.68
N ILE IA 9 -0.32 -15.58 64.87
CA ILE IA 9 -1.61 -14.87 64.81
C ILE IA 9 -2.32 -14.99 66.17
N GLN IA 10 -2.27 -16.19 66.77
CA GLN IA 10 -2.85 -16.52 68.07
C GLN IA 10 -2.11 -15.79 69.20
N PHE IA 11 -0.78 -15.65 69.05
CA PHE IA 11 0.10 -14.96 69.99
C PHE IA 11 -0.14 -13.45 69.92
N ALA IA 12 -0.49 -12.95 68.73
CA ALA IA 12 -0.78 -11.55 68.44
C ALA IA 12 -2.20 -11.17 68.85
N ALA IA 13 -3.15 -12.13 68.77
CA ALA IA 13 -4.57 -11.94 69.14
C ALA IA 13 -4.74 -11.72 70.65
N GLN IA 14 -3.71 -12.08 71.45
CA GLN IA 14 -3.66 -11.92 72.90
C GLN IA 14 -3.75 -10.45 73.31
N ALA IA 15 -4.55 -10.16 74.35
CA ALA IA 15 -4.71 -8.80 74.89
C ALA IA 15 -3.45 -8.43 75.68
N VAL IA 16 -2.85 -7.27 75.35
CA VAL IA 16 -1.63 -6.80 76.01
C VAL IA 16 -1.93 -6.30 77.43
N ASP IA 17 -1.23 -6.86 78.43
CA ASP IA 17 -1.37 -6.50 79.83
C ASP IA 17 -0.42 -5.34 80.14
N ARG IA 18 -0.98 -4.14 80.33
CA ARG IA 18 -0.28 -2.88 80.57
C ARG IA 18 0.72 -2.96 81.75
N ASN IA 19 0.30 -3.53 82.89
CA ASN IA 19 1.20 -3.59 84.04
C ASN IA 19 2.16 -4.79 84.02
N GLU IA 20 1.86 -5.86 83.24
CA GLU IA 20 2.76 -7.01 83.08
C GLU IA 20 4.03 -6.56 82.35
N ILE IA 21 3.87 -5.63 81.39
CA ILE IA 21 4.94 -5.03 80.61
C ILE IA 21 5.69 -4.01 81.51
N GLU IA 22 4.93 -3.27 82.36
CA GLU IA 22 5.45 -2.27 83.30
C GLU IA 22 6.43 -2.88 84.32
N GLN IA 23 6.22 -4.16 84.68
CA GLN IA 23 7.06 -4.90 85.62
C GLN IA 23 8.43 -5.20 85.01
N TRP IA 24 8.45 -5.60 83.73
CA TRP IA 24 9.66 -5.96 83.00
C TRP IA 24 10.49 -4.76 82.55
N VAL IA 25 9.85 -3.61 82.22
CA VAL IA 25 10.57 -2.39 81.79
C VAL IA 25 11.39 -1.83 82.97
N ARG IA 26 10.85 -1.89 84.21
CA ARG IA 26 11.53 -1.44 85.42
C ARG IA 26 12.64 -2.43 85.81
N GLU IA 27 12.45 -3.71 85.46
CA GLU IA 27 13.40 -4.79 85.69
C GLU IA 27 14.55 -4.66 84.68
N PHE IA 28 14.23 -4.48 83.39
CA PHE IA 28 15.21 -4.31 82.31
C PHE IA 28 15.50 -2.82 82.04
N ALA IA 29 15.58 -2.01 83.12
CA ALA IA 29 15.87 -0.58 83.03
C ALA IA 29 17.38 -0.35 82.86
N TYR IA 30 17.96 0.78 83.34
CA TYR IA 30 19.39 0.98 83.14
C TYR IA 30 20.12 1.63 84.33
N GLN IA 31 21.38 1.20 84.54
CA GLN IA 31 22.32 1.71 85.54
C GLN IA 31 23.01 2.96 84.97
N GLY IA 32 23.67 3.73 85.84
CA GLY IA 32 24.32 4.98 85.44
C GLY IA 32 23.33 6.13 85.49
N PHE IA 33 22.12 5.81 85.99
CA PHE IA 33 20.96 6.68 86.21
C PHE IA 33 21.34 7.77 87.21
N ASP IA 34 21.82 7.35 88.41
CA ASP IA 34 22.34 8.16 89.52
C ASP IA 34 21.45 9.38 89.88
N ALA IA 35 20.54 9.18 90.85
CA ALA IA 35 19.62 10.21 91.36
C ALA IA 35 19.44 10.04 92.87
N ARG IA 36 19.26 8.77 93.29
CA ARG IA 36 19.11 8.32 94.69
C ARG IA 36 20.47 7.98 95.28
N ARG IA 37 21.36 7.39 94.47
CA ARG IA 37 22.71 6.99 94.83
C ARG IA 37 23.60 8.21 95.14
N VAL IA 38 23.41 9.32 94.40
CA VAL IA 38 24.17 10.57 94.55
C VAL IA 38 23.97 11.15 95.97
N ILE IA 39 22.71 11.30 96.42
CA ILE IA 39 22.35 11.81 97.76
C ILE IA 39 22.86 10.84 98.84
N GLU IA 40 22.77 9.52 98.58
CA GLU IA 40 23.23 8.45 99.46
C GLU IA 40 24.75 8.52 99.67
N LEU IA 41 25.50 8.90 98.60
CA LEU IA 41 26.96 9.04 98.64
C LEU IA 41 27.37 10.39 99.23
N LEU IA 42 26.56 11.46 99.00
CA LEU IA 42 26.83 12.80 99.54
C LEU IA 42 26.80 12.81 101.07
N LYS IA 43 25.84 12.10 101.67
CA LYS IA 43 25.69 11.97 103.13
C LYS IA 43 26.72 10.99 103.70
N GLN IA 44 27.22 10.06 102.86
CA GLN IA 44 28.21 9.05 103.24
C GLN IA 44 29.60 9.67 103.44
N TYR IA 45 30.01 10.58 102.54
CA TYR IA 45 31.31 11.25 102.60
C TYR IA 45 31.25 12.56 103.40
N GLY IA 46 30.22 13.37 103.17
CA GLY IA 46 30.01 14.65 103.82
C GLY IA 46 29.60 14.57 105.27
N GLY IA 47 28.51 13.84 105.52
CA GLY IA 47 27.96 13.66 106.87
C GLY IA 47 26.93 14.71 107.22
N ALA IA 48 27.37 15.74 107.97
CA ALA IA 48 26.51 16.86 108.40
C ALA IA 48 26.73 18.10 107.53
N ASP IA 49 27.98 18.29 107.04
CA ASP IA 49 28.38 19.44 106.21
C ASP IA 49 28.15 19.16 104.70
N TRP IA 50 27.32 18.14 104.38
CA TRP IA 50 27.03 17.74 102.99
C TRP IA 50 26.16 18.78 102.26
N GLU IA 51 25.26 19.48 102.98
CA GLU IA 51 24.36 20.48 102.40
C GLU IA 51 25.08 21.76 101.99
N LYS IA 52 26.05 22.23 102.81
CA LYS IA 52 26.84 23.43 102.53
C LYS IA 52 27.80 23.18 101.36
N ASP IA 53 28.42 21.99 101.31
CA ASP IA 53 29.36 21.59 100.26
C ASP IA 53 28.64 21.34 98.93
N ALA IA 54 27.37 20.86 98.97
CA ALA IA 54 26.55 20.62 97.77
C ALA IA 54 26.24 21.95 97.07
N LYS IA 55 25.97 23.00 97.87
CA LYS IA 55 25.70 24.37 97.40
C LYS IA 55 26.94 24.93 96.71
N LYS IA 56 28.15 24.62 97.25
CA LYS IA 56 29.44 25.03 96.70
C LYS IA 56 29.72 24.32 95.38
N MET IA 57 29.39 23.01 95.32
CA MET IA 57 29.59 22.15 94.14
C MET IA 57 28.64 22.51 92.99
N ILE IA 58 27.45 23.07 93.31
CA ILE IA 58 26.45 23.50 92.31
C ILE IA 58 26.99 24.75 91.58
N VAL IA 59 27.52 25.74 92.33
CA VAL IA 59 28.10 26.98 91.81
C VAL IA 59 29.36 26.67 90.98
N LEU IA 60 30.16 25.68 91.43
CA LEU IA 60 31.39 25.24 90.78
C LEU IA 60 31.13 24.57 89.42
N ALA IA 61 30.11 23.69 89.34
CA ALA IA 61 29.74 22.96 88.12
C ALA IA 61 29.08 23.86 87.08
N LEU IA 62 28.32 24.87 87.54
CA LEU IA 62 27.57 25.81 86.69
C LEU IA 62 28.47 26.86 86.03
N THR IA 63 29.44 27.41 86.77
CA THR IA 63 30.34 28.46 86.29
C THR IA 63 31.57 27.92 85.57
N ARG IA 64 32.23 26.88 86.11
CA ARG IA 64 33.45 26.36 85.50
C ARG IA 64 33.20 25.14 84.59
N GLY IA 65 32.87 23.98 85.17
CA GLY IA 65 32.61 22.78 84.38
C GLY IA 65 32.52 21.50 85.20
N ASN IA 66 32.87 20.36 84.56
CA ASN IA 66 32.81 19.04 85.20
C ASN IA 66 34.19 18.54 85.63
N LYS IA 67 35.25 18.83 84.84
CA LYS IA 67 36.64 18.41 85.13
C LYS IA 67 37.22 19.24 86.29
N PRO IA 68 37.45 18.66 87.50
CA PRO IA 68 37.95 19.46 88.64
C PRO IA 68 39.45 19.73 88.61
N ARG IA 69 40.25 18.79 88.07
CA ARG IA 69 41.71 18.94 88.01
C ARG IA 69 42.14 19.91 86.92
N ARG IA 70 41.32 20.05 85.85
CA ARG IA 70 41.58 20.95 84.72
C ARG IA 70 41.27 22.41 85.09
N MET IA 71 40.17 22.65 85.83
CA MET IA 71 39.77 24.00 86.24
C MET IA 71 40.67 24.56 87.36
N MET IA 72 41.32 23.67 88.15
CA MET IA 72 42.21 24.04 89.25
C MET IA 72 43.51 24.70 88.75
N MET IA 73 43.92 24.40 87.51
CA MET IA 73 45.11 24.94 86.86
C MET IA 73 45.02 26.46 86.68
N LYS IA 74 43.83 26.96 86.30
CA LYS IA 74 43.55 28.38 86.10
C LYS IA 74 42.50 28.84 87.12
N MET IA 75 42.92 28.96 88.41
CA MET IA 75 42.08 29.36 89.53
C MET IA 75 42.91 30.06 90.62
N SER IA 76 42.23 30.85 91.48
CA SER IA 76 42.85 31.56 92.61
C SER IA 76 43.27 30.59 93.72
N LYS IA 77 44.21 31.03 94.59
CA LYS IA 77 44.73 30.25 95.72
C LYS IA 77 43.62 29.84 96.71
N GLU IA 78 42.62 30.74 96.90
CA GLU IA 78 41.45 30.53 97.76
C GLU IA 78 40.57 29.41 97.20
N GLY IA 79 40.39 29.40 95.88
CA GLY IA 79 39.60 28.40 95.16
C GLY IA 79 40.28 27.05 95.11
N LYS IA 80 41.60 27.04 94.81
CA LYS IA 80 42.45 25.85 94.71
C LYS IA 80 42.37 24.96 95.95
N ALA IA 81 42.36 25.57 97.16
CA ALA IA 81 42.29 24.86 98.43
C ALA IA 81 40.88 24.30 98.71
N THR IA 82 39.82 25.07 98.38
CA THR IA 82 38.42 24.69 98.60
C THR IA 82 37.98 23.57 97.64
N VAL IA 83 38.40 23.63 96.36
CA VAL IA 83 38.08 22.64 95.32
C VAL IA 83 38.77 21.30 95.66
N GLU IA 84 40.08 21.33 96.00
CA GLU IA 84 40.86 20.14 96.35
C GLU IA 84 40.31 19.45 97.60
N ALA IA 85 39.73 20.22 98.54
CA ALA IA 85 39.11 19.72 99.76
C ALA IA 85 37.88 18.87 99.44
N LEU IA 86 37.12 19.24 98.39
CA LEU IA 86 35.92 18.54 97.92
C LEU IA 86 36.27 17.25 97.17
N ILE IA 87 37.41 17.25 96.43
CA ILE IA 87 37.90 16.10 95.66
C ILE IA 87 38.39 15.00 96.62
N ASN IA 88 39.14 15.37 97.67
CA ASN IA 88 39.67 14.43 98.65
C ASN IA 88 38.61 13.90 99.64
N LYS IA 89 37.47 14.60 99.78
CA LYS IA 89 36.40 14.20 100.69
C LYS IA 89 35.33 13.36 100.00
N TYR IA 90 34.74 13.89 98.90
CA TYR IA 90 33.65 13.25 98.15
C TYR IA 90 34.14 12.32 97.03
N LYS IA 91 35.48 12.24 96.80
CA LYS IA 91 36.15 11.42 95.79
C LYS IA 91 35.57 11.72 94.39
N LEU IA 92 35.48 13.03 94.06
CA LEU IA 92 34.94 13.55 92.80
C LEU IA 92 35.83 13.20 91.62
N LYS IA 93 35.21 12.81 90.50
CA LYS IA 93 35.90 12.41 89.27
C LYS IA 93 35.46 13.29 88.08
N GLU IA 94 36.01 13.01 86.88
CA GLU IA 94 35.69 13.74 85.64
C GLU IA 94 35.29 12.77 84.53
N GLY IA 95 34.26 13.14 83.79
CA GLY IA 95 33.72 12.35 82.69
C GLY IA 95 32.49 11.54 83.07
N ASN IA 96 32.39 10.31 82.53
CA ASN IA 96 31.28 9.40 82.79
C ASN IA 96 31.81 8.11 83.47
N PRO IA 97 31.95 8.10 84.82
CA PRO IA 97 32.47 6.90 85.50
C PRO IA 97 31.36 5.93 85.92
N SER IA 98 31.65 5.03 86.89
CA SER IA 98 30.72 4.02 87.41
C SER IA 98 29.62 4.64 88.30
N ARG IA 99 28.60 3.82 88.64
CA ARG IA 99 27.43 4.16 89.46
C ARG IA 99 27.81 4.68 90.86
N ASP IA 100 28.85 4.06 91.47
CA ASP IA 100 29.33 4.39 92.82
C ASP IA 100 30.23 5.65 92.85
N GLU IA 101 30.57 6.21 91.68
CA GLU IA 101 31.41 7.41 91.58
C GLU IA 101 30.59 8.70 91.45
N LEU IA 102 31.15 9.82 91.93
CA LEU IA 102 30.51 11.14 91.91
C LEU IA 102 31.26 12.13 91.01
N THR IA 103 30.50 12.97 90.30
CA THR IA 103 31.00 14.05 89.43
C THR IA 103 30.23 15.33 89.77
N LEU IA 104 30.78 16.49 89.40
CA LEU IA 104 30.16 17.79 89.65
C LEU IA 104 28.83 17.96 88.89
N SER IA 105 28.70 17.32 87.71
CA SER IA 105 27.49 17.35 86.89
C SER IA 105 26.38 16.49 87.49
N ARG IA 106 26.75 15.37 88.16
CA ARG IA 106 25.82 14.44 88.80
C ARG IA 106 25.17 15.03 90.04
N VAL IA 107 25.92 15.85 90.81
CA VAL IA 107 25.42 16.51 92.04
C VAL IA 107 24.39 17.58 91.63
N ALA IA 108 24.68 18.34 90.55
CA ALA IA 108 23.79 19.37 90.00
C ALA IA 108 22.53 18.76 89.39
N ALA IA 109 22.64 17.55 88.78
CA ALA IA 109 21.52 16.85 88.16
C ALA IA 109 20.57 16.26 89.21
N ALA IA 110 21.12 15.69 90.30
CA ALA IA 110 20.35 15.09 91.41
C ALA IA 110 19.58 16.15 92.21
N LEU IA 111 20.22 17.31 92.46
CA LEU IA 111 19.62 18.43 93.19
C LEU IA 111 19.22 19.51 92.18
N ALA IA 112 18.37 19.12 91.19
CA ALA IA 112 17.87 19.96 90.09
C ALA IA 112 17.11 21.21 90.56
N GLY IA 113 16.40 21.09 91.68
CA GLY IA 113 15.62 22.17 92.27
C GLY IA 113 16.44 23.37 92.72
N ARG IA 114 17.57 23.11 93.42
CA ARG IA 114 18.48 24.14 93.90
C ARG IA 114 19.33 24.71 92.73
N THR IA 115 19.70 23.84 91.78
CA THR IA 115 20.50 24.15 90.59
C THR IA 115 19.77 25.18 89.70
N CYS IA 116 18.46 24.98 89.44
CA CYS IA 116 17.64 25.86 88.61
C CYS IA 116 17.46 27.24 89.26
N GLN IA 117 17.35 27.28 90.60
CA GLN IA 117 17.19 28.51 91.38
C GLN IA 117 18.50 29.32 91.41
N ALA IA 118 19.65 28.63 91.35
CA ALA IA 118 20.99 29.22 91.34
C ALA IA 118 21.31 29.95 90.01
N LEU IA 119 20.60 29.56 88.93
CA LEU IA 119 20.76 30.12 87.58
C LEU IA 119 20.26 31.58 87.50
N VAL IA 120 19.35 31.97 88.40
CA VAL IA 120 18.79 33.33 88.49
C VAL IA 120 19.90 34.29 88.94
N VAL IA 121 20.70 33.86 89.93
CA VAL IA 121 21.84 34.61 90.47
C VAL IA 121 23.01 34.51 89.47
N LEU IA 122 23.43 33.27 89.15
CA LEU IA 122 24.52 32.99 88.20
C LEU IA 122 23.96 33.03 86.78
N SER IA 123 23.70 34.25 86.28
CA SER IA 123 23.12 34.48 84.96
C SER IA 123 24.17 34.83 83.90
N GLU IA 124 25.13 35.70 84.26
CA GLU IA 124 26.17 36.17 83.35
C GLU IA 124 27.52 35.45 83.55
N TRP IA 125 27.57 34.47 84.47
CA TRP IA 125 28.78 33.70 84.76
C TRP IA 125 28.77 32.31 84.09
N LEU IA 126 27.64 31.94 83.46
CA LEU IA 126 27.46 30.69 82.72
C LEU IA 126 28.22 30.72 81.38
N PRO IA 127 28.50 29.55 80.70
CA PRO IA 127 29.18 29.63 79.39
C PRO IA 127 28.34 30.38 78.35
N VAL IA 128 27.00 30.24 78.45
CA VAL IA 128 26.02 30.95 77.63
C VAL IA 128 25.30 31.91 78.59
N THR IA 129 25.53 33.23 78.42
CA THR IA 129 24.95 34.27 79.29
C THR IA 129 23.45 34.46 79.01
N GLY IA 130 22.76 35.04 79.98
CA GLY IA 130 21.32 35.35 79.90
C GLY IA 130 20.99 36.39 78.85
N THR IA 131 21.93 37.33 78.62
CA THR IA 131 21.81 38.40 77.62
C THR IA 131 21.85 37.80 76.21
N THR IA 132 22.67 36.75 76.00
CA THR IA 132 22.83 36.03 74.74
C THR IA 132 21.52 35.29 74.42
N MET IA 133 20.90 34.67 75.44
CA MET IA 133 19.63 33.95 75.31
C MET IA 133 18.45 34.90 75.08
N ASP IA 134 18.57 36.14 75.59
CA ASP IA 134 17.55 37.19 75.45
C ASP IA 134 17.49 37.71 74.00
N GLY IA 135 18.61 37.61 73.29
CA GLY IA 135 18.74 38.01 71.89
C GLY IA 135 17.99 37.09 70.95
N LEU IA 136 18.01 35.77 71.25
CA LEU IA 136 17.32 34.74 70.48
C LEU IA 136 15.82 34.77 70.77
N SER IA 137 15.46 34.80 72.07
CA SER IA 137 14.08 34.87 72.56
C SER IA 137 13.96 35.92 73.65
N PRO IA 138 13.11 36.97 73.49
CA PRO IA 138 12.99 38.01 74.52
C PRO IA 138 12.51 37.46 75.87
N ALA IA 139 13.22 37.85 76.95
CA ALA IA 139 13.01 37.46 78.35
C ALA IA 139 12.98 35.92 78.50
N TYR IA 140 14.10 35.27 78.12
CA TYR IA 140 14.26 33.82 78.18
C TYR IA 140 14.26 33.33 79.65
N PRO IA 141 13.51 32.24 79.99
CA PRO IA 141 13.50 31.75 81.38
C PRO IA 141 14.88 31.27 81.85
N ARG IA 142 15.39 31.91 82.92
CA ARG IA 142 16.70 31.65 83.51
C ARG IA 142 16.81 30.24 84.12
N HIS IA 143 15.69 29.68 84.62
CA HIS IA 143 15.62 28.36 85.24
C HIS IA 143 15.91 27.20 84.25
N MET IA 144 15.68 27.43 82.94
CA MET IA 144 15.88 26.43 81.88
C MET IA 144 17.34 26.39 81.39
N MET IA 145 18.20 27.30 81.88
CA MET IA 145 19.59 27.47 81.44
C MET IA 145 20.61 26.48 82.06
N HIS IA 146 20.26 25.17 82.06
CA HIS IA 146 21.11 24.06 82.50
C HIS IA 146 20.47 22.71 82.11
N PRO IA 147 21.26 21.72 81.61
CA PRO IA 147 20.67 20.43 81.22
C PRO IA 147 19.95 19.67 82.35
N SER IA 148 20.22 20.03 83.62
CA SER IA 148 19.61 19.40 84.80
C SER IA 148 18.12 19.79 84.97
N PHE IA 149 17.65 20.83 84.23
CA PHE IA 149 16.26 21.31 84.25
C PHE IA 149 15.29 20.21 83.77
N ALA IA 150 15.76 19.29 82.90
CA ALA IA 150 14.99 18.17 82.37
C ALA IA 150 14.43 17.26 83.48
N GLY IA 151 15.11 17.26 84.63
CA GLY IA 151 14.70 16.51 85.83
C GLY IA 151 13.58 17.18 86.59
N MET IA 152 13.25 18.44 86.25
CA MET IA 152 12.18 19.23 86.87
C MET IA 152 10.93 19.26 85.97
N VAL IA 153 11.05 18.78 84.71
CA VAL IA 153 9.96 18.74 83.72
C VAL IA 153 8.99 17.60 84.08
N ASP IA 154 7.69 17.92 84.12
CA ASP IA 154 6.60 17.00 84.42
C ASP IA 154 6.10 16.30 83.13
N PRO IA 155 6.29 14.97 82.98
CA PRO IA 155 5.83 14.30 81.74
C PRO IA 155 4.31 14.10 81.66
N SER IA 156 3.60 14.20 82.80
CA SER IA 156 2.14 14.03 82.86
C SER IA 156 1.39 15.24 82.26
N LEU IA 157 2.12 16.34 81.95
CA LEU IA 157 1.60 17.56 81.32
C LEU IA 157 1.03 17.28 79.92
N PRO IA 158 -0.01 18.04 79.45
CA PRO IA 158 -0.56 17.77 78.10
C PRO IA 158 0.48 17.92 76.99
N GLY IA 159 0.32 17.13 75.93
CA GLY IA 159 1.19 17.06 74.76
C GLY IA 159 1.73 18.37 74.24
N ASP IA 160 0.83 19.33 73.94
CA ASP IA 160 1.18 20.66 73.42
C ASP IA 160 2.00 21.48 74.43
N TYR IA 161 1.67 21.33 75.73
CA TYR IA 161 2.36 22.03 76.83
C TYR IA 161 3.72 21.41 77.12
N LEU IA 162 3.79 20.06 77.14
CA LEU IA 162 5.01 19.28 77.41
C LEU IA 162 6.06 19.56 76.33
N ARG IA 163 5.63 19.62 75.05
CA ARG IA 163 6.50 19.92 73.90
C ARG IA 163 7.01 21.36 73.95
N ALA IA 164 6.15 22.30 74.42
CA ALA IA 164 6.48 23.73 74.55
C ALA IA 164 7.59 23.98 75.58
N ILE IA 165 7.62 23.19 76.67
CA ILE IA 165 8.63 23.28 77.72
C ILE IA 165 9.96 22.71 77.19
N LEU IA 166 9.90 21.54 76.52
CA LEU IA 166 11.06 20.84 75.97
C LEU IA 166 11.70 21.61 74.81
N ASP IA 167 10.89 22.23 73.92
CA ASP IA 167 11.36 23.02 72.78
C ASP IA 167 12.05 24.31 73.25
N ALA IA 168 11.51 24.93 74.32
CA ALA IA 168 12.06 26.16 74.93
C ALA IA 168 13.40 25.86 75.60
N HIS IA 169 13.49 24.70 76.29
CA HIS IA 169 14.70 24.24 76.98
C HIS IA 169 15.78 23.81 75.96
N SER IA 170 15.35 23.26 74.81
CA SER IA 170 16.24 22.82 73.72
C SER IA 170 16.98 23.99 73.06
N LEU IA 171 16.40 25.22 73.13
CA LEU IA 171 16.98 26.45 72.58
C LEU IA 171 18.32 26.76 73.28
N TYR IA 172 18.38 26.53 74.61
CA TYR IA 172 19.61 26.72 75.41
C TYR IA 172 20.59 25.60 75.10
N LEU IA 173 20.11 24.33 75.14
CA LEU IA 173 20.90 23.13 74.88
C LEU IA 173 21.60 23.17 73.52
N LEU IA 174 20.95 23.77 72.51
CA LEU IA 174 21.51 23.94 71.17
C LEU IA 174 22.74 24.87 71.22
N GLN IA 175 22.64 25.96 71.99
CA GLN IA 175 23.72 26.94 72.15
C GLN IA 175 24.80 26.41 73.08
N PHE IA 176 24.42 25.79 74.21
CA PHE IA 176 25.30 25.24 75.24
C PHE IA 176 26.15 24.08 74.72
N SER IA 177 25.55 23.09 74.04
CA SER IA 177 26.25 21.92 73.49
C SER IA 177 27.31 22.32 72.46
N ARG IA 178 27.05 23.38 71.68
CA ARG IA 178 28.01 23.89 70.69
C ARG IA 178 29.16 24.65 71.36
N VAL IA 179 28.93 25.21 72.56
CA VAL IA 179 29.96 25.96 73.30
C VAL IA 179 30.93 24.95 73.98
N ILE IA 180 30.39 23.98 74.75
CA ILE IA 180 31.20 22.99 75.49
C ILE IA 180 31.83 21.93 74.56
N ASN IA 181 31.18 21.60 73.42
CA ASN IA 181 31.70 20.65 72.44
C ASN IA 181 32.07 21.42 71.15
N PRO IA 182 33.39 21.54 70.82
CA PRO IA 182 33.79 22.34 69.65
C PRO IA 182 33.49 21.70 68.29
N ASN IA 183 33.43 20.36 68.19
CA ASN IA 183 33.18 19.68 66.92
C ASN IA 183 31.70 19.76 66.49
N LEU IA 184 30.79 20.16 67.40
CA LEU IA 184 29.35 20.31 67.12
C LEU IA 184 29.00 21.71 66.60
N ARG IA 185 29.97 22.65 66.60
CA ARG IA 185 29.82 24.05 66.17
C ARG IA 185 29.38 24.19 64.71
N GLY IA 186 30.03 23.43 63.81
CA GLY IA 186 29.75 23.46 62.38
C GLY IA 186 28.52 22.69 61.95
N ARG IA 187 28.13 21.70 62.76
CA ARG IA 187 26.97 20.83 62.51
C ARG IA 187 25.65 21.56 62.73
N THR IA 188 24.65 21.24 61.90
CA THR IA 188 23.30 21.84 61.88
C THR IA 188 22.49 21.53 63.17
N LYS IA 189 21.36 22.26 63.35
CA LYS IA 189 20.42 22.16 64.47
C LYS IA 189 19.99 20.71 64.76
N GLU IA 190 19.65 19.96 63.68
CA GLU IA 190 19.19 18.56 63.75
C GLU IA 190 20.30 17.63 64.28
N GLU IA 191 21.57 17.88 63.88
CA GLU IA 191 22.74 17.10 64.29
C GLU IA 191 23.05 17.31 65.78
N VAL IA 192 22.92 18.56 66.26
CA VAL IA 192 23.16 18.95 67.65
C VAL IA 192 22.02 18.42 68.54
N ALA IA 193 20.75 18.49 68.03
CA ALA IA 193 19.56 18.03 68.74
C ALA IA 193 19.64 16.56 69.13
N ALA IA 194 20.14 15.70 68.21
CA ALA IA 194 20.28 14.24 68.39
C ALA IA 194 21.20 13.84 69.55
N THR IA 195 22.13 14.73 69.97
CA THR IA 195 23.07 14.45 71.06
C THR IA 195 22.48 14.76 72.45
N PHE IA 196 21.60 15.77 72.57
CA PHE IA 196 21.03 16.15 73.86
C PHE IA 196 19.58 15.67 74.11
N THR IA 197 18.82 15.31 73.04
CA THR IA 197 17.42 14.87 73.16
C THR IA 197 17.27 13.55 73.93
N GLN IA 198 18.23 12.61 73.77
CA GLN IA 198 18.21 11.31 74.44
C GLN IA 198 18.38 11.43 75.97
N PRO IA 199 19.43 12.10 76.56
CA PRO IA 199 19.51 12.20 78.02
C PRO IA 199 18.45 13.15 78.62
N MET IA 200 17.86 14.06 77.80
CA MET IA 200 16.82 15.00 78.21
C MET IA 200 15.52 14.25 78.51
N ASN IA 201 15.05 13.42 77.54
CA ASN IA 201 13.84 12.61 77.65
C ASN IA 201 13.95 11.57 78.78
N ALA IA 202 15.17 11.06 79.04
CA ALA IA 202 15.46 10.10 80.11
C ALA IA 202 15.27 10.72 81.49
N ALA IA 203 15.58 12.03 81.63
CA ALA IA 203 15.42 12.78 82.87
C ALA IA 203 13.97 13.20 83.11
N VAL IA 204 13.20 13.40 82.02
CA VAL IA 204 11.78 13.76 82.09
C VAL IA 204 10.97 12.51 82.50
N ASN IA 205 11.25 11.36 81.87
CA ASN IA 205 10.57 10.08 82.12
C ASN IA 205 11.12 9.32 83.35
N SER IA 206 12.11 9.91 84.07
CA SER IA 206 12.72 9.32 85.26
C SER IA 206 11.72 9.30 86.43
N ASN IA 207 11.78 8.25 87.26
CA ASN IA 207 10.89 8.06 88.40
C ASN IA 207 11.23 8.95 89.61
N PHE IA 208 12.42 9.58 89.62
CA PHE IA 208 12.87 10.46 90.72
C PHE IA 208 12.06 11.77 90.73
N ILE IA 209 11.38 12.04 91.87
CA ILE IA 209 10.47 13.17 92.15
C ILE IA 209 9.17 12.95 91.36
N SER IA 210 8.04 12.80 92.08
CA SER IA 210 6.72 12.56 91.51
C SER IA 210 6.25 13.66 90.54
N HIS IA 211 5.33 13.30 89.63
CA HIS IA 211 4.74 14.16 88.59
C HIS IA 211 4.09 15.42 89.15
N GLU IA 212 3.40 15.29 90.30
CA GLU IA 212 2.70 16.39 90.96
C GLU IA 212 3.70 17.36 91.63
N LYS IA 213 4.77 16.82 92.25
CA LYS IA 213 5.82 17.61 92.90
C LYS IA 213 6.64 18.38 91.87
N ARG IA 214 6.90 17.75 90.70
CA ARG IA 214 7.63 18.34 89.58
C ARG IA 214 6.84 19.52 88.98
N ARG IA 215 5.51 19.37 88.90
CA ARG IA 215 4.58 20.38 88.40
C ARG IA 215 4.57 21.62 89.31
N GLU IA 216 4.70 21.40 90.65
CA GLU IA 216 4.74 22.45 91.67
C GLU IA 216 5.98 23.35 91.50
N PHE IA 217 7.13 22.74 91.14
CA PHE IA 217 8.40 23.44 90.93
C PHE IA 217 8.30 24.40 89.74
N LEU IA 218 7.74 23.91 88.62
CA LEU IA 218 7.54 24.68 87.38
C LEU IA 218 6.61 25.88 87.63
N LYS IA 219 5.61 25.72 88.53
CA LYS IA 219 4.67 26.76 88.93
C LYS IA 219 5.38 27.80 89.81
N ALA IA 220 6.26 27.32 90.72
CA ALA IA 220 7.05 28.15 91.65
C ALA IA 220 8.09 28.99 90.92
N PHE IA 221 8.71 28.44 89.85
CA PHE IA 221 9.71 29.15 89.05
C PHE IA 221 9.07 30.18 88.12
N GLY IA 222 7.75 30.08 87.93
CA GLY IA 222 6.97 30.96 87.08
C GLY IA 222 7.03 30.57 85.62
N LEU IA 223 7.03 29.25 85.35
CA LEU IA 223 7.09 28.71 83.99
C LEU IA 223 5.70 28.34 83.49
N VAL IA 224 4.88 27.68 84.34
CA VAL IA 224 3.50 27.29 84.03
C VAL IA 224 2.52 27.91 85.03
N ASP IA 225 1.24 28.08 84.64
CA ASP IA 225 0.20 28.64 85.49
C ASP IA 225 -0.39 27.56 86.43
N SER IA 226 -1.52 27.87 87.11
CA SER IA 226 -2.23 27.01 88.05
C SER IA 226 -2.67 25.67 87.44
N ASN IA 227 -2.98 25.64 86.13
CA ASN IA 227 -3.43 24.44 85.42
C ASN IA 227 -2.25 23.64 84.84
N GLY IA 228 -1.43 24.29 84.02
CA GLY IA 228 -0.27 23.67 83.38
C GLY IA 228 0.16 24.32 82.08
N LYS IA 229 -0.49 25.43 81.70
CA LYS IA 229 -0.21 26.20 80.49
C LYS IA 229 1.08 27.04 80.67
N PRO IA 230 2.09 26.92 79.78
CA PRO IA 230 3.32 27.69 79.94
C PRO IA 230 3.13 29.19 79.69
N SER IA 231 4.03 30.02 80.26
CA SER IA 231 4.01 31.47 80.13
C SER IA 231 4.42 31.93 78.72
N ALA IA 232 4.17 33.21 78.40
CA ALA IA 232 4.49 33.85 77.10
C ALA IA 232 5.99 33.78 76.79
N ALA IA 233 6.84 33.81 77.84
CA ALA IA 233 8.30 33.73 77.74
C ALA IA 233 8.75 32.35 77.25
N VAL IA 234 8.07 31.29 77.71
CA VAL IA 234 8.34 29.89 77.35
C VAL IA 234 7.84 29.63 75.91
N MET IA 235 6.63 30.13 75.59
CA MET IA 235 5.98 29.99 74.27
C MET IA 235 6.80 30.65 73.16
N ALA IA 236 7.42 31.81 73.45
CA ALA IA 236 8.26 32.55 72.49
C ALA IA 236 9.57 31.81 72.23
N ALA IA 237 10.14 31.18 73.28
CA ALA IA 237 11.39 30.41 73.19
C ALA IA 237 11.20 29.09 72.43
N ALA IA 238 10.00 28.49 72.54
CA ALA IA 238 9.64 27.25 71.85
C ALA IA 238 9.46 27.51 70.35
N GLN IA 239 8.91 28.70 70.01
CA GLN IA 239 8.67 29.16 68.64
C GLN IA 239 10.01 29.55 67.98
N ALA IA 240 10.95 30.10 68.77
CA ALA IA 240 12.28 30.50 68.33
C ALA IA 240 13.15 29.31 67.93
N TYR IA 241 12.96 28.16 68.61
CA TYR IA 241 13.69 26.91 68.36
C TYR IA 241 13.26 26.28 67.01
N LYS IA 242 11.99 26.47 66.63
CA LYS IA 242 11.40 25.97 65.39
C LYS IA 242 12.03 26.63 64.15
N THR IA 243 12.38 27.93 64.26
CA THR IA 243 12.99 28.72 63.18
C THR IA 243 14.51 28.94 63.40
N ALA IA 244 15.08 28.29 64.44
CA ALA IA 244 16.50 28.39 64.79
C ALA IA 244 17.41 27.72 63.74
N ALA IA 245 18.66 28.21 63.62
CA ALA IA 245 19.66 27.71 62.68
C ALA IA 245 20.69 26.83 63.40
N GLN JA 5 19.60 -13.63 12.26
CA GLN JA 5 20.03 -13.56 13.65
C GLN JA 5 18.98 -12.84 14.52
N GLU JA 6 18.25 -11.87 13.93
CA GLU JA 6 17.20 -11.12 14.62
C GLU JA 6 15.93 -11.99 14.75
N LEU JA 7 16.00 -12.99 15.64
CA LEU JA 7 14.93 -13.94 15.94
C LEU JA 7 14.40 -13.71 17.38
N ALA JA 8 14.92 -12.67 18.06
CA ALA JA 8 14.55 -12.27 19.41
C ALA JA 8 13.13 -11.68 19.45
N ILE JA 9 12.66 -11.16 18.28
CA ILE JA 9 11.32 -10.57 18.08
C ILE JA 9 10.25 -11.64 18.31
N GLN JA 10 10.51 -12.87 17.81
CA GLN JA 10 9.63 -14.04 17.94
C GLN JA 10 9.59 -14.51 19.40
N PHE JA 11 10.73 -14.41 20.11
CA PHE JA 11 10.86 -14.78 21.52
C PHE JA 11 10.13 -13.76 22.41
N ALA JA 12 10.11 -12.49 21.96
CA ALA JA 12 9.45 -11.37 22.63
C ALA JA 12 7.93 -11.36 22.36
N ALA JA 13 7.51 -11.82 21.16
CA ALA JA 13 6.10 -11.89 20.75
C ALA JA 13 5.31 -12.92 21.56
N GLN JA 14 6.04 -13.84 22.25
CA GLN JA 14 5.48 -14.90 23.10
C GLN JA 14 4.68 -14.32 24.26
N ALA JA 15 3.50 -14.94 24.53
CA ALA JA 15 2.62 -14.57 25.65
C ALA JA 15 3.27 -15.02 26.96
N VAL JA 16 3.40 -14.08 27.91
CA VAL JA 16 4.04 -14.34 29.20
C VAL JA 16 3.15 -15.22 30.09
N ASP JA 17 3.72 -16.34 30.56
CA ASP JA 17 3.04 -17.31 31.43
C ASP JA 17 3.25 -16.89 32.88
N ARG JA 18 2.17 -16.37 33.51
CA ARG JA 18 2.13 -15.86 34.88
C ARG JA 18 2.68 -16.87 35.90
N ASN JA 19 2.24 -18.14 35.83
CA ASN JA 19 2.65 -19.20 36.77
C ASN JA 19 4.04 -19.76 36.49
N GLU JA 20 4.51 -19.71 35.22
CA GLU JA 20 5.84 -20.20 34.84
C GLU JA 20 6.93 -19.31 35.47
N ILE JA 21 6.65 -18.00 35.55
CA ILE JA 21 7.51 -16.98 36.15
C ILE JA 21 7.43 -17.12 37.68
N GLU JA 22 6.23 -17.41 38.22
CA GLU JA 22 5.95 -17.61 39.65
C GLU JA 22 6.74 -18.78 40.26
N GLN JA 23 7.06 -19.79 39.44
CA GLN JA 23 7.83 -20.96 39.84
C GLN JA 23 9.30 -20.60 40.05
N TRP JA 24 9.86 -19.79 39.13
CA TRP JA 24 11.26 -19.37 39.14
C TRP JA 24 11.56 -18.29 40.19
N VAL JA 25 10.61 -17.37 40.48
CA VAL JA 25 10.81 -16.31 41.47
C VAL JA 25 10.94 -16.93 42.89
N ARG JA 26 10.16 -17.98 43.19
CA ARG JA 26 10.21 -18.69 44.47
C ARG JA 26 11.46 -19.55 44.56
N GLU JA 27 11.95 -20.04 43.40
CA GLU JA 27 13.16 -20.87 43.29
C GLU JA 27 14.40 -19.98 43.47
N PHE JA 28 14.44 -18.82 42.78
CA PHE JA 28 15.55 -17.86 42.84
C PHE JA 28 15.27 -16.73 43.85
N ALA JA 29 14.61 -17.06 44.97
CA ALA JA 29 14.25 -16.11 46.02
C ALA JA 29 15.46 -15.80 46.91
N TYR JA 30 15.53 -14.55 47.41
CA TYR JA 30 16.60 -14.07 48.27
C TYR JA 30 16.50 -14.75 49.64
N GLN JA 31 17.44 -15.71 49.91
CA GLN JA 31 17.56 -16.51 51.14
C GLN JA 31 16.35 -17.46 51.29
N GLY JA 32 15.16 -16.89 51.42
CA GLY JA 32 13.89 -17.57 51.60
C GLY JA 32 12.98 -16.70 52.44
N PHE JA 33 13.28 -16.64 53.76
CA PHE JA 33 12.60 -15.83 54.78
C PHE JA 33 13.41 -15.88 56.11
N ASP JA 34 12.76 -15.62 57.27
CA ASP JA 34 13.37 -15.60 58.60
C ASP JA 34 12.42 -16.14 59.68
N ALA JA 35 11.25 -15.48 59.87
CA ALA JA 35 10.22 -15.75 60.89
C ALA JA 35 9.84 -17.21 61.10
N ARG JA 36 9.69 -18.03 60.02
CA ARG JA 36 9.33 -19.44 60.19
C ARG JA 36 10.38 -20.18 61.04
N ARG JA 37 11.67 -19.93 60.76
CA ARG JA 37 12.81 -20.53 61.45
C ARG JA 37 12.91 -20.01 62.91
N VAL JA 38 12.55 -18.72 63.13
CA VAL JA 38 12.59 -18.06 64.44
C VAL JA 38 11.64 -18.78 65.43
N ILE JA 39 10.36 -18.98 65.03
CA ILE JA 39 9.33 -19.66 65.83
C ILE JA 39 9.74 -21.14 66.05
N GLU JA 40 10.32 -21.77 65.02
CA GLU JA 40 10.81 -23.15 65.05
C GLU JA 40 11.94 -23.31 66.08
N LEU JA 41 12.82 -22.29 66.20
CA LEU JA 41 13.93 -22.27 67.15
C LEU JA 41 13.46 -21.88 68.55
N LEU JA 42 12.44 -20.98 68.66
CA LEU JA 42 11.87 -20.54 69.94
C LEU JA 42 11.25 -21.70 70.71
N LYS JA 43 10.53 -22.60 70.01
CA LYS JA 43 9.90 -23.78 70.59
C LYS JA 43 10.93 -24.89 70.84
N GLN JA 44 12.06 -24.86 70.11
CA GLN JA 44 13.15 -25.83 70.23
C GLN JA 44 13.94 -25.63 71.53
N TYR JA 45 14.25 -24.37 71.89
CA TYR JA 45 15.01 -24.02 73.09
C TYR JA 45 14.08 -23.80 74.29
N GLY JA 46 12.99 -23.06 74.10
CA GLY JA 46 12.02 -22.73 75.14
C GLY JA 46 11.16 -23.88 75.59
N GLY JA 47 10.48 -24.51 74.63
CA GLY JA 47 9.58 -25.63 74.88
C GLY JA 47 8.16 -25.20 75.14
N ALA JA 48 7.77 -25.11 76.44
CA ALA JA 48 6.44 -24.70 76.87
C ALA JA 48 6.43 -23.24 77.36
N ASP JA 49 7.56 -22.78 77.95
CA ASP JA 49 7.73 -21.43 78.48
C ASP JA 49 8.25 -20.45 77.40
N TRP JA 50 8.13 -20.83 76.10
CA TRP JA 50 8.60 -20.01 74.98
C TRP JA 50 7.74 -18.75 74.76
N GLU JA 51 6.43 -18.83 75.05
CA GLU JA 51 5.48 -17.71 74.88
C GLU JA 51 5.70 -16.60 75.92
N LYS JA 52 5.98 -16.96 77.18
CA LYS JA 52 6.22 -16.00 78.27
C LYS JA 52 7.56 -15.29 78.06
N ASP JA 53 8.60 -16.05 77.62
CA ASP JA 53 9.94 -15.53 77.37
C ASP JA 53 9.97 -14.63 76.12
N ALA JA 54 9.13 -14.93 75.10
CA ALA JA 54 9.02 -14.14 73.87
C ALA JA 54 8.48 -12.74 74.19
N LYS JA 55 7.50 -12.66 75.11
CA LYS JA 55 6.90 -11.41 75.59
C LYS JA 55 7.95 -10.55 76.29
N LYS JA 56 8.83 -11.21 77.08
CA LYS JA 56 9.94 -10.58 77.80
C LYS JA 56 10.98 -10.03 76.83
N MET JA 57 11.29 -10.81 75.76
CA MET JA 57 12.26 -10.47 74.73
C MET JA 57 11.79 -9.32 73.82
N ILE JA 58 10.44 -9.16 73.64
CA ILE JA 58 9.86 -8.09 72.83
C ILE JA 58 10.05 -6.74 73.57
N VAL JA 59 9.74 -6.71 74.89
CA VAL JA 59 9.88 -5.54 75.76
C VAL JA 59 11.37 -5.13 75.86
N LEU JA 60 12.28 -6.13 75.93
CA LEU JA 60 13.73 -5.96 76.03
C LEU JA 60 14.32 -5.32 74.75
N ALA JA 61 13.89 -5.81 73.56
CA ALA JA 61 14.37 -5.32 72.26
C ALA JA 61 13.84 -3.93 71.91
N LEU JA 62 12.61 -3.61 72.36
CA LEU JA 62 11.93 -2.34 72.10
C LEU JA 62 12.49 -1.19 72.94
N THR JA 63 12.76 -1.43 74.24
CA THR JA 63 13.24 -0.40 75.17
C THR JA 63 14.76 -0.24 75.15
N ARG JA 64 15.51 -1.36 75.15
CA ARG JA 64 16.96 -1.31 75.18
C ARG JA 64 17.57 -1.38 73.76
N GLY JA 65 17.71 -2.59 73.20
CA GLY JA 65 18.28 -2.77 71.86
C GLY JA 65 18.44 -4.20 71.41
N ASN JA 66 19.42 -4.43 70.52
CA ASN JA 66 19.72 -5.74 69.93
C ASN JA 66 20.89 -6.45 70.64
N LYS JA 67 21.91 -5.69 71.10
CA LYS JA 67 23.11 -6.22 71.78
C LYS JA 67 22.78 -6.60 73.23
N PRO JA 68 22.74 -7.91 73.60
CA PRO JA 68 22.37 -8.28 74.98
C PRO JA 68 23.49 -8.14 76.00
N ARG JA 69 24.76 -8.37 75.60
CA ARG JA 69 25.91 -8.28 76.48
C ARG JA 69 26.27 -6.82 76.80
N ARG JA 70 25.96 -5.89 75.87
CA ARG JA 70 26.23 -4.46 76.03
C ARG JA 70 25.24 -3.79 76.98
N MET JA 71 23.94 -4.16 76.88
CA MET JA 71 22.87 -3.59 77.72
C MET JA 71 22.94 -4.14 79.17
N MET JA 72 23.54 -5.32 79.37
CA MET JA 72 23.69 -5.98 80.67
C MET JA 72 24.65 -5.23 81.60
N MET JA 73 25.61 -4.48 81.00
CA MET JA 73 26.62 -3.69 81.71
C MET JA 73 25.98 -2.57 82.54
N LYS JA 74 24.95 -1.90 81.97
CA LYS JA 74 24.21 -0.82 82.63
C LYS JA 74 22.75 -1.26 82.84
N MET JA 75 22.53 -2.18 83.80
CA MET JA 75 21.22 -2.74 84.14
C MET JA 75 21.18 -3.16 85.61
N SER JA 76 19.95 -3.29 86.18
CA SER JA 76 19.71 -3.70 87.56
C SER JA 76 20.03 -5.20 87.76
N LYS JA 77 20.25 -5.62 89.03
CA LYS JA 77 20.57 -7.00 89.42
C LYS JA 77 19.44 -7.97 89.01
N GLU JA 78 18.17 -7.50 89.09
CA GLU JA 78 16.97 -8.26 88.72
C GLU JA 78 16.95 -8.53 87.21
N GLY JA 79 17.33 -7.52 86.43
CA GLY JA 79 17.40 -7.58 84.98
C GLY JA 79 18.56 -8.43 84.48
N LYS JA 80 19.75 -8.26 85.09
CA LYS JA 80 20.99 -8.97 84.77
C LYS JA 80 20.82 -10.49 84.80
N ALA JA 81 20.08 -11.02 85.80
CA ALA JA 81 19.82 -12.45 85.96
C ALA JA 81 18.82 -12.98 84.93
N THR JA 82 17.74 -12.21 84.64
CA THR JA 82 16.68 -12.57 83.71
C THR JA 82 17.18 -12.55 82.25
N VAL JA 83 17.99 -11.53 81.88
CA VAL JA 83 18.55 -11.37 80.52
C VAL JA 83 19.55 -12.51 80.23
N GLU JA 84 20.48 -12.78 81.18
CA GLU JA 84 21.49 -13.84 81.05
C GLU JA 84 20.84 -15.23 80.93
N ALA JA 85 19.67 -15.43 81.57
CA ALA JA 85 18.91 -16.68 81.53
C ALA JA 85 18.38 -16.94 80.11
N LEU JA 86 18.02 -15.87 79.38
CA LEU JA 86 17.52 -15.92 78.00
C LEU JA 86 18.64 -16.19 77.00
N ILE JA 87 19.86 -15.66 77.27
CA ILE JA 87 21.04 -15.82 76.42
C ILE JA 87 21.54 -17.28 76.49
N ASN JA 88 21.58 -17.86 77.70
CA ASN JA 88 22.04 -19.24 77.91
C ASN JA 88 21.02 -20.30 77.46
N LYS JA 89 19.73 -19.93 77.34
CA LYS JA 89 18.67 -20.85 76.93
C LYS JA 89 18.42 -20.81 75.41
N TYR JA 90 18.14 -19.61 74.85
CA TYR JA 90 17.81 -19.41 73.44
C TYR JA 90 19.04 -19.17 72.55
N LYS JA 91 20.25 -19.10 73.16
CA LYS JA 91 21.55 -18.86 72.49
C LYS JA 91 21.49 -17.58 71.64
N LEU JA 92 21.00 -16.49 72.26
CA LEU JA 92 20.81 -15.17 71.64
C LEU JA 92 22.16 -14.51 71.32
N LYS JA 93 22.25 -13.89 70.14
CA LYS JA 93 23.46 -13.22 69.65
C LYS JA 93 23.18 -11.74 69.35
N GLU JA 94 24.22 -11.02 68.87
CA GLU JA 94 24.12 -9.59 68.52
C GLU JA 94 24.64 -9.35 67.10
N GLY JA 95 23.91 -8.51 66.35
CA GLY JA 95 24.23 -8.17 64.98
C GLY JA 95 23.43 -8.95 63.96
N ASN JA 96 24.07 -9.31 62.84
CA ASN JA 96 23.45 -10.07 61.75
C ASN JA 96 24.18 -11.43 61.58
N PRO JA 97 23.77 -12.48 62.36
CA PRO JA 97 24.44 -13.77 62.24
C PRO JA 97 23.78 -14.70 61.20
N SER JA 98 24.04 -16.02 61.29
CA SER JA 98 23.51 -17.04 60.39
C SER JA 98 22.00 -17.30 60.59
N ARG JA 99 21.39 -18.06 59.66
CA ARG JA 99 19.97 -18.44 59.61
C ARG JA 99 19.53 -19.19 60.88
N ASP JA 100 20.40 -20.09 61.40
CA ASP JA 100 20.13 -20.92 62.58
C ASP JA 100 20.31 -20.16 63.92
N GLU JA 101 20.80 -18.91 63.87
CA GLU JA 101 21.01 -18.09 65.07
C GLU JA 101 19.84 -17.14 65.35
N LEU JA 102 19.64 -16.79 66.63
CA LEU JA 102 18.56 -15.90 67.09
C LEU JA 102 19.11 -14.61 67.69
N THR JA 103 18.39 -13.50 67.44
CA THR JA 103 18.68 -12.16 67.98
C THR JA 103 17.38 -11.57 68.51
N LEU JA 104 17.47 -10.56 69.40
CA LEU JA 104 16.31 -9.89 70.00
C LEU JA 104 15.45 -9.18 68.95
N SER JA 105 16.09 -8.64 67.88
CA SER JA 105 15.40 -7.96 66.78
C SER JA 105 14.62 -8.94 65.90
N ARG JA 106 15.14 -10.19 65.73
CA ARG JA 106 14.52 -11.24 64.92
C ARG JA 106 13.24 -11.78 65.59
N VAL JA 107 13.23 -11.84 66.94
CA VAL JA 107 12.07 -12.32 67.72
C VAL JA 107 10.94 -11.28 67.62
N ALA JA 108 11.31 -9.98 67.70
CA ALA JA 108 10.38 -8.85 67.60
C ALA JA 108 9.80 -8.71 66.18
N ALA JA 109 10.59 -9.09 65.15
CA ALA JA 109 10.19 -9.03 63.74
C ALA JA 109 9.25 -10.18 63.36
N ALA JA 110 9.52 -11.41 63.87
CA ALA JA 110 8.73 -12.61 63.61
C ALA JA 110 7.33 -12.52 64.22
N LEU JA 111 7.24 -11.98 65.45
CA LEU JA 111 5.98 -11.80 66.19
C LEU JA 111 5.59 -10.32 66.13
N ALA JA 112 5.45 -9.79 64.90
CA ALA JA 112 5.12 -8.39 64.58
C ALA JA 112 3.79 -7.92 65.18
N GLY JA 113 2.81 -8.82 65.28
CA GLY JA 113 1.49 -8.52 65.82
C GLY JA 113 1.48 -8.13 67.29
N ARG JA 114 2.24 -8.87 68.13
CA ARG JA 114 2.38 -8.61 69.57
C ARG JA 114 3.28 -7.39 69.80
N THR JA 115 4.33 -7.23 68.96
CA THR JA 115 5.31 -6.15 69.00
C THR JA 115 4.63 -4.78 68.80
N CYS JA 116 3.74 -4.66 67.77
CA CYS JA 116 3.02 -3.44 67.44
C CYS JA 116 2.04 -3.03 68.55
N GLN JA 117 1.41 -4.02 69.21
CA GLN JA 117 0.46 -3.82 70.31
C GLN JA 117 1.19 -3.34 71.58
N ALA JA 118 2.45 -3.79 71.77
CA ALA JA 118 3.31 -3.45 72.91
C ALA JA 118 3.77 -1.98 72.86
N LEU JA 119 3.78 -1.38 71.65
CA LEU JA 119 4.19 0.00 71.40
C LEU JA 119 3.21 1.02 72.00
N VAL JA 120 1.94 0.62 72.20
CA VAL JA 120 0.89 1.46 72.80
C VAL JA 120 1.22 1.69 74.28
N VAL JA 121 1.68 0.62 74.97
CA VAL JA 121 2.08 0.66 76.38
C VAL JA 121 3.47 1.31 76.46
N LEU JA 122 4.46 0.74 75.76
CA LEU JA 122 5.84 1.25 75.70
C LEU JA 122 5.93 2.36 74.67
N SER JA 123 5.42 3.55 75.02
CA SER JA 123 5.40 4.71 74.12
C SER JA 123 6.53 5.70 74.43
N GLU JA 124 6.74 6.00 75.72
CA GLU JA 124 7.74 6.96 76.17
C GLU JA 124 9.06 6.30 76.58
N TRP JA 125 9.17 4.95 76.45
CA TRP JA 125 10.36 4.20 76.81
C TRP JA 125 11.20 3.82 75.57
N LEU JA 126 10.68 4.11 74.36
CA LEU JA 126 11.34 3.86 73.08
C LEU JA 126 12.47 4.88 72.83
N PRO JA 127 13.45 4.65 71.91
CA PRO JA 127 14.49 5.67 71.66
C PRO JA 127 13.89 6.97 71.12
N VAL JA 128 12.81 6.86 70.33
CA VAL JA 128 12.04 7.97 69.80
C VAL JA 128 10.66 7.88 70.49
N THR JA 129 10.36 8.85 71.38
CA THR JA 129 9.12 8.87 72.15
C THR JA 129 7.92 9.27 71.27
N GLY JA 130 6.72 8.93 71.75
CA GLY JA 130 5.45 9.23 71.08
C GLY JA 130 5.15 10.72 71.01
N THR JA 131 5.61 11.47 72.02
CA THR JA 131 5.45 12.92 72.13
C THR JA 131 6.29 13.62 71.05
N THR JA 132 7.49 13.07 70.74
CA THR JA 132 8.41 13.57 69.71
C THR JA 132 7.77 13.38 68.32
N MET JA 133 7.12 12.20 68.10
CA MET JA 133 6.44 11.87 66.85
C MET JA 133 5.16 12.70 66.66
N ASP JA 134 4.53 13.12 67.78
CA ASP JA 134 3.32 13.94 67.79
C ASP JA 134 3.61 15.37 67.33
N GLY JA 135 4.85 15.82 67.55
CA GLY JA 135 5.33 17.15 67.15
C GLY JA 135 5.47 17.28 65.64
N LEU JA 136 5.92 16.19 64.98
CA LEU JA 136 6.10 16.13 63.52
C LEU JA 136 4.74 15.97 62.83
N SER JA 137 3.91 15.03 63.32
CA SER JA 137 2.57 14.75 62.82
C SER JA 137 1.60 14.61 64.00
N PRO JA 138 0.53 15.44 64.08
CA PRO JA 138 -0.39 15.34 65.22
C PRO JA 138 -1.08 13.96 65.29
N ALA JA 139 -1.10 13.37 66.51
CA ALA JA 139 -1.65 12.05 66.86
C ALA JA 139 -1.09 10.95 65.95
N TYR JA 140 0.24 10.78 65.97
CA TYR JA 140 0.97 9.78 65.17
C TYR JA 140 0.60 8.35 65.62
N PRO JA 141 0.32 7.40 64.68
CA PRO JA 141 -0.04 6.03 65.09
C PRO JA 141 1.10 5.32 65.81
N ARG JA 142 0.84 4.89 67.06
CA ARG JA 142 1.80 4.23 67.95
C ARG JA 142 2.25 2.87 67.43
N HIS JA 143 1.37 2.15 66.69
CA HIS JA 143 1.62 0.82 66.15
C HIS JA 143 2.71 0.82 65.05
N MET JA 144 2.95 1.98 64.39
CA MET JA 144 3.95 2.13 63.33
C MET JA 144 5.35 2.43 63.88
N MET JA 145 5.49 2.61 65.20
CA MET JA 145 6.73 3.01 65.87
C MET JA 145 7.73 1.86 66.13
N HIS JA 146 8.00 1.04 65.10
CA HIS JA 146 8.99 -0.05 65.12
C HIS JA 146 9.20 -0.60 63.69
N PRO JA 147 10.45 -0.90 63.26
CA PRO JA 147 10.66 -1.41 61.88
C PRO JA 147 9.95 -2.73 61.57
N SER JA 148 9.52 -3.48 62.62
CA SER JA 148 8.81 -4.76 62.49
C SER JA 148 7.36 -4.59 61.98
N PHE JA 149 6.83 -3.33 61.99
CA PHE JA 149 5.49 -2.99 61.50
C PHE JA 149 5.34 -3.30 60.01
N ALA JA 150 6.46 -3.25 59.25
CA ALA JA 150 6.54 -3.54 57.82
C ALA JA 150 6.02 -4.96 57.49
N GLY JA 151 6.09 -5.86 58.47
CA GLY JA 151 5.59 -7.23 58.36
C GLY JA 151 4.09 -7.36 58.55
N MET JA 152 3.43 -6.28 59.00
CA MET JA 152 1.98 -6.20 59.22
C MET JA 152 1.28 -5.46 58.05
N VAL JA 153 2.07 -4.81 57.17
CA VAL JA 153 1.59 -4.05 56.01
C VAL JA 153 1.12 -5.03 54.93
N ASP JA 154 -0.11 -4.81 54.42
CA ASP JA 154 -0.75 -5.61 53.38
C ASP JA 154 -0.35 -5.09 51.98
N PRO JA 155 0.45 -5.84 51.19
CA PRO JA 155 0.86 -5.34 49.86
C PRO JA 155 -0.26 -5.39 48.81
N SER JA 156 -1.33 -6.17 49.05
CA SER JA 156 -2.47 -6.30 48.13
C SER JA 156 -3.36 -5.04 48.13
N LEU JA 157 -3.12 -4.11 49.07
CA LEU JA 157 -3.83 -2.83 49.20
C LEU JA 157 -3.64 -1.97 47.94
N PRO JA 158 -4.66 -1.19 47.51
CA PRO JA 158 -4.48 -0.35 46.31
C PRO JA 158 -3.44 0.74 46.54
N GLY JA 159 -2.65 1.03 45.50
CA GLY JA 159 -1.57 2.02 45.50
C GLY JA 159 -1.87 3.31 46.24
N ASP JA 160 -3.12 3.80 46.10
CA ASP JA 160 -3.66 5.00 46.74
C ASP JA 160 -3.48 4.98 48.26
N TYR JA 161 -3.77 3.83 48.87
CA TYR JA 161 -3.73 3.62 50.32
C TYR JA 161 -2.42 2.95 50.78
N LEU JA 162 -1.84 2.08 49.93
CA LEU JA 162 -0.59 1.35 50.21
C LEU JA 162 0.60 2.33 50.39
N ARG JA 163 0.66 3.40 49.55
CA ARG JA 163 1.71 4.41 49.60
C ARG JA 163 1.60 5.28 50.86
N ALA JA 164 0.36 5.51 51.36
CA ALA JA 164 0.09 6.30 52.56
C ALA JA 164 0.57 5.61 53.83
N ILE JA 165 0.51 4.26 53.88
CA ILE JA 165 0.92 3.46 55.05
C ILE JA 165 2.46 3.45 55.14
N LEU JA 166 3.14 3.20 54.00
CA LEU JA 166 4.60 3.13 53.89
C LEU JA 166 5.25 4.49 54.18
N ASP JA 167 4.68 5.60 53.66
CA ASP JA 167 5.19 6.96 53.86
C ASP JA 167 5.02 7.43 55.31
N ALA JA 168 3.88 7.07 55.96
CA ALA JA 168 3.60 7.42 57.36
C ALA JA 168 4.55 6.68 58.30
N HIS JA 169 4.84 5.40 57.99
CA HIS JA 169 5.73 4.52 58.75
C HIS JA 169 7.19 4.97 58.57
N SER JA 170 7.55 5.45 57.35
CA SER JA 170 8.89 5.94 57.00
C SER JA 170 9.29 7.17 57.83
N LEU JA 171 8.29 7.95 58.31
CA LEU JA 171 8.49 9.15 59.13
C LEU JA 171 9.19 8.78 60.45
N TYR JA 172 8.80 7.64 61.06
CA TYR JA 172 9.41 7.12 62.29
C TYR JA 172 10.81 6.60 61.99
N LEU JA 173 10.94 5.74 60.95
CA LEU JA 173 12.20 5.13 60.52
C LEU JA 173 13.28 6.17 60.25
N LEU JA 174 12.89 7.34 59.67
CA LEU JA 174 13.79 8.46 59.40
C LEU JA 174 14.40 9.00 60.71
N GLN JA 175 13.56 9.13 61.75
CA GLN JA 175 13.96 9.62 63.08
C GLN JA 175 14.72 8.53 63.85
N PHE JA 176 14.21 7.28 63.82
CA PHE JA 176 14.76 6.12 64.52
C PHE JA 176 16.16 5.74 64.00
N SER JA 177 16.33 5.61 62.66
CA SER JA 177 17.62 5.26 62.03
C SER JA 177 18.73 6.27 62.36
N ARG JA 178 18.37 7.56 62.48
CA ARG JA 178 19.33 8.61 62.82
C ARG JA 178 19.69 8.56 64.31
N VAL JA 179 18.80 8.03 65.18
CA VAL JA 179 19.05 7.92 66.62
C VAL JA 179 19.99 6.72 66.89
N ILE JA 180 19.67 5.52 66.37
CA ILE JA 180 20.46 4.29 66.59
C ILE JA 180 21.78 4.31 65.79
N ASN JA 181 21.82 4.96 64.61
CA ASN JA 181 23.04 5.08 63.80
C ASN JA 181 23.53 6.54 63.82
N PRO JA 182 24.67 6.82 64.48
CA PRO JA 182 25.13 8.22 64.60
C PRO JA 182 25.67 8.85 63.32
N ASN JA 183 26.23 8.06 62.38
CA ASN JA 183 26.80 8.59 61.15
C ASN JA 183 25.72 9.01 60.12
N LEU JA 184 24.45 8.61 60.33
CA LEU JA 184 23.32 8.96 59.46
C LEU JA 184 22.63 10.28 59.88
N ARG JA 185 23.06 10.86 61.03
CA ARG JA 185 22.51 12.10 61.61
C ARG JA 185 22.67 13.31 60.69
N GLY JA 186 23.85 13.49 60.12
CA GLY JA 186 24.17 14.60 59.23
C GLY JA 186 23.65 14.46 57.82
N ARG JA 187 23.42 13.21 57.38
CA ARG JA 187 22.96 12.87 56.03
C ARG JA 187 21.47 13.22 55.86
N THR JA 188 21.10 13.67 54.63
CA THR JA 188 19.75 14.10 54.25
C THR JA 188 18.72 12.95 54.26
N LYS JA 189 17.41 13.32 54.17
CA LYS JA 189 16.24 12.42 54.16
C LYS JA 189 16.40 11.28 53.14
N GLU JA 190 16.84 11.60 51.91
CA GLU JA 190 17.04 10.66 50.80
C GLU JA 190 18.13 9.63 51.12
N GLU JA 191 19.21 10.06 51.78
CA GLU JA 191 20.34 9.21 52.18
C GLU JA 191 19.93 8.20 53.25
N VAL JA 192 19.13 8.65 54.23
CA VAL JA 192 18.62 7.83 55.34
C VAL JA 192 17.56 6.85 54.80
N ALA JA 193 16.70 7.30 53.86
CA ALA JA 193 15.63 6.51 53.24
C ALA JA 193 16.17 5.25 52.55
N ALA JA 194 17.30 5.37 51.83
CA ALA JA 194 17.96 4.30 51.09
C ALA JA 194 18.42 3.12 51.98
N THR JA 195 18.65 3.36 53.28
CA THR JA 195 19.11 2.32 54.22
C THR JA 195 17.95 1.48 54.79
N PHE JA 196 16.76 2.08 55.00
CA PHE JA 196 15.63 1.35 55.60
C PHE JA 196 14.55 0.91 54.59
N THR JA 197 14.49 1.50 53.37
CA THR JA 197 13.47 1.15 52.35
C THR JA 197 13.61 -0.29 51.84
N GLN JA 198 14.84 -0.81 51.71
CA GLN JA 198 15.12 -2.16 51.22
C GLN JA 198 14.60 -3.25 52.20
N PRO JA 199 14.96 -3.27 53.52
CA PRO JA 199 14.40 -4.33 54.40
C PRO JA 199 12.92 -4.14 54.72
N MET JA 200 12.38 -2.91 54.52
CA MET JA 200 10.97 -2.58 54.75
C MET JA 200 10.09 -3.26 53.68
N ASN JA 201 10.43 -3.05 52.38
CA ASN JA 201 9.73 -3.63 51.23
C ASN JA 201 9.81 -5.15 51.22
N ALA JA 202 10.93 -5.71 51.74
CA ALA JA 202 11.16 -7.16 51.84
C ALA JA 202 10.19 -7.80 52.86
N ALA JA 203 9.83 -7.04 53.92
CA ALA JA 203 8.89 -7.47 54.96
C ALA JA 203 7.44 -7.29 54.51
N VAL JA 204 7.15 -6.28 53.68
CA VAL JA 204 5.80 -6.04 53.12
C VAL JA 204 5.52 -7.14 52.10
N ASN JA 205 6.46 -7.33 51.14
CA ASN JA 205 6.39 -8.36 50.11
C ASN JA 205 7.04 -9.65 50.62
N SER JA 206 6.34 -10.33 51.55
CA SER JA 206 6.78 -11.58 52.16
C SER JA 206 5.59 -12.51 52.35
N ASN JA 207 5.80 -13.82 52.12
CA ASN JA 207 4.74 -14.83 52.16
C ASN JA 207 4.23 -15.16 53.58
N PHE JA 208 4.97 -14.77 54.64
CA PHE JA 208 4.58 -15.03 56.04
C PHE JA 208 3.39 -14.15 56.44
N ILE JA 209 2.28 -14.80 56.86
CA ILE JA 209 0.96 -14.22 57.22
C ILE JA 209 0.29 -13.71 55.93
N SER JA 210 -0.85 -14.29 55.56
CA SER JA 210 -1.61 -13.97 54.34
C SER JA 210 -2.04 -12.48 54.28
N HIS JA 211 -2.27 -11.99 53.05
CA HIS JA 211 -2.68 -10.63 52.72
C HIS JA 211 -3.97 -10.19 53.43
N GLU JA 212 -4.94 -11.11 53.54
CA GLU JA 212 -6.24 -10.87 54.18
C GLU JA 212 -6.09 -10.79 55.71
N LYS JA 213 -5.24 -11.65 56.31
CA LYS JA 213 -4.97 -11.67 57.75
C LYS JA 213 -4.20 -10.41 58.15
N ARG JA 214 -3.25 -9.94 57.29
CA ARG JA 214 -2.47 -8.72 57.52
C ARG JA 214 -3.37 -7.49 57.50
N ARG JA 215 -4.36 -7.47 56.58
CA ARG JA 215 -5.35 -6.40 56.43
C ARG JA 215 -6.23 -6.29 57.68
N GLU JA 216 -6.55 -7.45 58.31
CA GLU JA 216 -7.36 -7.53 59.53
C GLU JA 216 -6.65 -6.87 60.71
N PHE JA 217 -5.32 -7.03 60.81
CA PHE JA 217 -4.48 -6.45 61.86
C PHE JA 217 -4.49 -4.93 61.78
N LEU JA 218 -4.32 -4.37 60.57
CA LEU JA 218 -4.33 -2.93 60.30
C LEU JA 218 -5.68 -2.31 60.67
N LYS JA 219 -6.78 -3.07 60.46
CA LYS JA 219 -8.16 -2.66 60.80
C LYS JA 219 -8.35 -2.69 62.32
N ALA JA 220 -7.78 -3.70 63.00
CA ALA JA 220 -7.85 -3.91 64.45
C ALA JA 220 -7.04 -2.84 65.21
N PHE JA 221 -5.89 -2.40 64.66
CA PHE JA 221 -5.04 -1.37 65.26
C PHE JA 221 -5.65 0.04 65.06
N GLY JA 222 -6.62 0.14 64.15
CA GLY JA 222 -7.30 1.39 63.82
C GLY JA 222 -6.52 2.25 62.85
N LEU JA 223 -5.87 1.60 61.87
CA LEU JA 223 -5.05 2.27 60.85
C LEU JA 223 -5.85 2.46 59.57
N VAL JA 224 -6.58 1.40 59.12
CA VAL JA 224 -7.42 1.43 57.91
C VAL JA 224 -8.87 1.10 58.26
N ASP JA 225 -9.83 1.54 57.41
CA ASP JA 225 -11.26 1.29 57.60
C ASP JA 225 -11.66 -0.10 57.07
N SER JA 226 -12.98 -0.38 56.97
CA SER JA 226 -13.57 -1.65 56.50
C SER JA 226 -13.12 -2.03 55.08
N ASN JA 227 -12.85 -1.04 54.20
CA ASN JA 227 -12.43 -1.27 52.82
C ASN JA 227 -10.90 -1.38 52.70
N GLY JA 228 -10.19 -0.36 53.18
CA GLY JA 228 -8.73 -0.30 53.15
C GLY JA 228 -8.14 1.09 53.14
N LYS JA 229 -9.00 2.13 53.23
CA LYS JA 229 -8.60 3.54 53.26
C LYS JA 229 -7.98 3.90 54.63
N PRO JA 230 -6.76 4.48 54.66
CA PRO JA 230 -6.15 4.82 55.96
C PRO JA 230 -6.83 5.99 56.66
N SER JA 231 -6.67 6.06 57.99
CA SER JA 231 -7.24 7.10 58.85
C SER JA 231 -6.54 8.46 58.64
N ALA JA 232 -7.16 9.55 59.14
CA ALA JA 232 -6.66 10.92 59.04
C ALA JA 232 -5.27 11.08 59.70
N ALA JA 233 -4.99 10.28 60.75
CA ALA JA 233 -3.73 10.26 61.49
C ALA JA 233 -2.59 9.72 60.61
N VAL JA 234 -2.88 8.70 59.79
CA VAL JA 234 -1.94 8.05 58.86
C VAL JA 234 -1.68 8.99 57.67
N MET JA 235 -2.76 9.61 57.11
CA MET JA 235 -2.71 10.53 55.98
C MET JA 235 -1.88 11.78 56.28
N ALA JA 236 -1.97 12.30 57.53
CA ALA JA 236 -1.22 13.48 57.98
C ALA JA 236 0.27 13.16 58.12
N ALA JA 237 0.60 11.94 58.58
CA ALA JA 237 1.98 11.48 58.76
C ALA JA 237 2.66 11.21 57.42
N ALA JA 238 1.89 10.73 56.43
CA ALA JA 238 2.38 10.47 55.07
C ALA JA 238 2.71 11.78 54.35
N GLN JA 239 1.89 12.83 54.61
CA GLN JA 239 2.06 14.18 54.05
C GLN JA 239 3.25 14.88 54.72
N ALA JA 240 3.48 14.61 56.02
CA ALA JA 240 4.57 15.17 56.82
C ALA JA 240 5.93 14.66 56.34
N TYR JA 241 6.00 13.40 55.86
CA TYR JA 241 7.21 12.76 55.35
C TYR JA 241 7.65 13.38 54.01
N LYS JA 242 6.68 13.84 53.21
CA LYS JA 242 6.90 14.46 51.90
C LYS JA 242 7.62 15.82 52.04
N THR JA 243 7.33 16.57 53.12
CA THR JA 243 7.91 17.88 53.40
C THR JA 243 8.98 17.81 54.52
N ALA JA 244 9.32 16.58 54.99
CA ALA JA 244 10.31 16.34 56.04
C ALA JA 244 11.73 16.67 55.59
N ALA JA 245 12.60 17.04 56.55
CA ALA JA 245 14.00 17.39 56.31
C ALA JA 245 14.93 16.26 56.73
N GLN KA 5 51.35 27.72 4.14
CA GLN KA 5 51.00 26.70 5.12
C GLN KA 5 49.49 26.66 5.36
N GLU KA 6 48.80 27.83 5.25
CA GLU KA 6 47.35 27.92 5.45
C GLU KA 6 46.61 27.37 4.21
N LEU KA 7 46.64 26.04 4.07
CA LEU KA 7 46.01 25.28 2.99
C LEU KA 7 44.84 24.42 3.54
N ALA KA 8 44.55 24.57 4.85
CA ALA KA 8 43.47 23.88 5.56
C ALA KA 8 42.10 24.40 5.11
N ILE KA 9 42.05 25.64 4.59
CA ILE KA 9 40.85 26.32 4.07
C ILE KA 9 40.30 25.54 2.87
N GLN KA 10 41.20 25.05 1.99
CA GLN KA 10 40.89 24.26 0.80
C GLN KA 10 40.36 22.88 1.20
N PHE KA 11 40.91 22.31 2.29
CA PHE KA 11 40.50 21.02 2.86
C PHE KA 11 39.11 21.14 3.50
N ALA KA 12 38.81 22.32 4.07
CA ALA KA 12 37.54 22.65 4.71
C ALA KA 12 36.46 22.99 3.68
N ALA KA 13 36.85 23.60 2.55
CA ALA KA 13 35.95 24.00 1.46
C ALA KA 13 35.34 22.78 0.75
N GLN KA 14 35.95 21.58 0.93
CA GLN KA 14 35.53 20.30 0.36
C GLN KA 14 34.12 19.92 0.83
N ALA KA 15 33.29 19.43 -0.11
CA ALA KA 15 31.92 18.97 0.18
C ALA KA 15 31.99 17.67 0.95
N VAL KA 16 31.28 17.60 2.09
CA VAL KA 16 31.28 16.41 2.95
C VAL KA 16 30.47 15.27 2.32
N ASP KA 17 31.12 14.10 2.17
CA ASP KA 17 30.51 12.90 1.59
C ASP KA 17 29.86 12.10 2.73
N ARG KA 18 28.52 12.11 2.77
CA ARG KA 18 27.68 11.45 3.78
C ARG KA 18 28.01 9.96 3.96
N ASN KA 19 28.15 9.21 2.86
CA ASN KA 19 28.43 7.77 2.89
C ASN KA 19 29.90 7.44 3.16
N GLU KA 20 30.84 8.34 2.81
CA GLU KA 20 32.28 8.15 3.06
C GLU KA 20 32.55 8.16 4.57
N ILE KA 21 31.82 9.01 5.31
CA ILE KA 21 31.89 9.16 6.76
C ILE KA 21 31.18 7.94 7.41
N GLU KA 22 30.05 7.49 6.81
CA GLU KA 22 29.24 6.35 7.24
C GLU KA 22 30.03 5.03 7.23
N GLN KA 23 31.02 4.92 6.34
CA GLN KA 23 31.89 3.75 6.21
C GLN KA 23 32.87 3.66 7.38
N TRP KA 24 33.45 4.81 7.77
CA TRP KA 24 34.44 4.90 8.84
C TRP KA 24 33.82 4.82 10.24
N VAL KA 25 32.58 5.33 10.44
CA VAL KA 25 31.93 5.29 11.76
C VAL KA 25 31.60 3.82 12.14
N ARG KA 26 31.21 2.99 11.15
CA ARG KA 26 30.91 1.56 11.34
C ARG KA 26 32.21 0.77 11.55
N GLU KA 27 33.31 1.24 10.91
CA GLU KA 27 34.64 0.64 11.00
C GLU KA 27 35.26 0.94 12.38
N PHE KA 28 35.18 2.22 12.82
CA PHE KA 28 35.71 2.68 14.10
C PHE KA 28 34.61 2.72 15.19
N ALA KA 29 33.69 1.74 15.15
CA ALA KA 29 32.59 1.63 16.11
C ALA KA 29 33.06 1.00 17.42
N TYR KA 30 32.39 1.34 18.54
CA TYR KA 30 32.69 0.82 19.87
C TYR KA 30 32.22 -0.64 19.95
N GLN KA 31 33.03 -1.58 19.42
CA GLN KA 31 32.66 -3.00 19.42
C GLN KA 31 32.80 -3.54 20.85
N GLY KA 32 31.67 -3.54 21.53
CA GLY KA 32 31.49 -3.98 22.90
C GLY KA 32 30.03 -3.92 23.31
N PHE KA 33 29.15 -3.62 22.33
CA PHE KA 33 27.70 -3.53 22.50
C PHE KA 33 27.14 -4.91 22.87
N ASP KA 34 27.50 -5.94 22.05
CA ASP KA 34 27.16 -7.36 22.17
C ASP KA 34 25.64 -7.59 22.26
N ALA KA 35 25.02 -7.90 21.11
CA ALA KA 35 23.59 -8.19 20.96
C ALA KA 35 23.39 -9.40 20.05
N ARG KA 36 24.17 -9.45 18.96
CA ARG KA 36 24.18 -10.53 17.97
C ARG KA 36 25.00 -11.71 18.48
N ARG KA 37 26.14 -11.40 19.14
CA ARG KA 37 27.08 -12.38 19.71
C ARG KA 37 26.45 -13.15 20.87
N VAL KA 38 25.60 -12.47 21.68
CA VAL KA 38 24.90 -13.05 22.85
C VAL KA 38 23.99 -14.22 22.40
N ILE KA 39 23.11 -13.98 21.40
CA ILE KA 39 22.18 -14.97 20.84
C ILE KA 39 22.98 -16.12 20.18
N GLU KA 40 24.10 -15.77 19.49
CA GLU KA 40 25.01 -16.71 18.83
C GLU KA 40 25.66 -17.65 19.85
N LEU KA 41 25.99 -17.13 21.06
CA LEU KA 41 26.59 -17.91 22.14
C LEU KA 41 25.53 -18.70 22.93
N LEU KA 42 24.30 -18.15 23.05
CA LEU KA 42 23.19 -18.81 23.75
C LEU KA 42 22.79 -20.12 23.06
N LYS KA 43 22.76 -20.12 21.71
CA LYS KA 43 22.44 -21.29 20.90
C LYS KA 43 23.62 -22.26 20.82
N GLN KA 44 24.86 -21.74 21.03
CA GLN KA 44 26.10 -22.51 21.00
C GLN KA 44 26.22 -23.42 22.23
N TYR KA 45 25.89 -22.88 23.43
CA TYR KA 45 25.98 -23.62 24.69
C TYR KA 45 24.67 -24.36 25.02
N GLY KA 46 23.54 -23.67 24.85
CA GLY KA 46 22.21 -24.20 25.13
C GLY KA 46 21.72 -25.24 24.14
N GLY KA 47 21.71 -24.88 22.86
CA GLY KA 47 21.27 -25.75 21.78
C GLY KA 47 19.79 -25.59 21.49
N ALA KA 48 18.98 -26.51 22.02
CA ALA KA 48 17.52 -26.49 21.85
C ALA KA 48 16.80 -25.93 23.08
N ASP KA 49 17.38 -26.14 24.28
CA ASP KA 49 16.84 -25.67 25.56
C ASP KA 49 17.32 -24.25 25.91
N TRP KA 50 17.83 -23.50 24.91
CA TRP KA 50 18.34 -22.14 25.10
C TRP KA 50 17.23 -21.12 25.38
N GLU KA 51 16.02 -21.32 24.82
CA GLU KA 51 14.88 -20.42 24.99
C GLU KA 51 14.27 -20.51 26.40
N LYS KA 52 14.18 -21.73 26.97
CA LYS KA 52 13.64 -21.94 28.32
C LYS KA 52 14.61 -21.40 29.39
N ASP KA 53 15.93 -21.61 29.17
CA ASP KA 53 16.98 -21.14 30.08
C ASP KA 53 17.15 -19.62 30.03
N ALA KA 54 16.89 -19.00 28.85
CA ALA KA 54 16.96 -17.53 28.67
C ALA KA 54 15.87 -16.85 29.50
N LYS KA 55 14.67 -17.46 29.54
CA LYS KA 55 13.51 -16.99 30.31
C LYS KA 55 13.83 -17.04 31.81
N LYS KA 56 14.57 -18.09 32.25
CA LYS KA 56 15.02 -18.30 33.63
C LYS KA 56 16.06 -17.25 34.01
N MET KA 57 17.00 -16.95 33.08
CA MET KA 57 18.10 -15.99 33.27
C MET KA 57 17.59 -14.54 33.30
N ILE KA 58 16.45 -14.23 32.62
CA ILE KA 58 15.85 -12.89 32.61
C ILE KA 58 15.26 -12.60 34.00
N VAL KA 59 14.50 -13.57 34.57
CA VAL KA 59 13.87 -13.48 35.90
C VAL KA 59 14.97 -13.36 36.99
N LEU KA 60 16.07 -14.11 36.83
CA LEU KA 60 17.22 -14.14 37.73
C LEU KA 60 17.97 -12.80 37.78
N ALA KA 61 18.22 -12.19 36.60
CA ALA KA 61 18.93 -10.91 36.48
C ALA KA 61 18.09 -9.71 36.96
N LEU KA 62 16.76 -9.79 36.78
CA LEU KA 62 15.82 -8.73 37.14
C LEU KA 62 15.57 -8.65 38.64
N THR KA 63 15.40 -9.81 39.32
CA THR KA 63 15.09 -9.88 40.74
C THR KA 63 16.33 -9.84 41.63
N ARG KA 64 17.40 -10.59 41.26
CA ARG KA 64 18.61 -10.65 42.09
C ARG KA 64 19.69 -9.67 41.59
N GLY KA 65 20.44 -10.03 40.55
CA GLY KA 65 21.50 -9.17 40.01
C GLY KA 65 22.32 -9.77 38.90
N ASN KA 66 23.58 -9.30 38.77
CA ASN KA 66 24.52 -9.73 37.73
C ASN KA 66 25.53 -10.78 38.24
N LYS KA 67 25.97 -10.66 39.51
CA LYS KA 67 26.93 -11.59 40.14
C LYS KA 67 26.24 -12.92 40.49
N PRO KA 68 26.56 -14.04 39.79
CA PRO KA 68 25.87 -15.31 40.08
C PRO KA 68 26.39 -16.06 41.30
N ARG KA 69 27.70 -15.96 41.59
CA ARG KA 69 28.33 -16.64 42.74
C ARG KA 69 27.98 -15.96 44.06
N ARG KA 70 27.72 -14.64 44.03
CA ARG KA 70 27.37 -13.84 45.21
C ARG KA 70 25.91 -14.08 45.63
N MET KA 71 24.98 -14.16 44.66
CA MET KA 71 23.55 -14.38 44.93
C MET KA 71 23.26 -15.83 45.38
N MET KA 72 24.12 -16.79 45.00
CA MET KA 72 24.01 -18.21 45.34
C MET KA 72 24.20 -18.46 46.83
N MET KA 73 24.96 -17.57 47.52
CA MET KA 73 25.25 -17.65 48.96
C MET KA 73 23.99 -17.51 49.80
N LYS KA 74 23.07 -16.60 49.39
CA LYS KA 74 21.80 -16.35 50.08
C LYS KA 74 20.64 -16.73 49.14
N MET KA 75 20.45 -18.05 48.94
CA MET KA 75 19.42 -18.63 48.07
C MET KA 75 19.00 -20.02 48.55
N SER KA 76 17.79 -20.47 48.13
CA SER KA 76 17.24 -21.80 48.47
C SER KA 76 18.00 -22.91 47.75
N LYS KA 77 17.89 -24.16 48.26
CA LYS KA 77 18.53 -25.37 47.71
C LYS KA 77 18.08 -25.63 46.26
N GLU KA 78 16.81 -25.34 45.96
CA GLU KA 78 16.19 -25.50 44.63
C GLU KA 78 16.82 -24.51 43.64
N GLY KA 79 17.06 -23.28 44.09
CA GLY KA 79 17.67 -22.22 43.31
C GLY KA 79 19.15 -22.44 43.07
N LYS KA 80 19.88 -22.84 44.13
CA LYS KA 80 21.33 -23.13 44.13
C LYS KA 80 21.73 -24.12 43.03
N ALA KA 81 20.93 -25.18 42.83
CA ALA KA 81 21.18 -26.21 41.82
C ALA KA 81 20.89 -25.72 40.39
N THR KA 82 19.79 -24.95 40.22
CA THR KA 82 19.35 -24.42 38.92
C THR KA 82 20.30 -23.32 38.41
N VAL KA 83 20.76 -22.42 39.31
CA VAL KA 83 21.68 -21.32 38.99
C VAL KA 83 23.05 -21.88 38.59
N GLU KA 84 23.61 -22.84 39.38
CA GLU KA 84 24.90 -23.47 39.12
C GLU KA 84 24.90 -24.24 37.79
N ALA KA 85 23.74 -24.80 37.40
CA ALA KA 85 23.55 -25.53 36.15
C ALA KA 85 23.72 -24.58 34.94
N LEU KA 86 23.28 -23.31 35.09
CA LEU KA 86 23.38 -22.29 34.05
C LEU KA 86 24.80 -21.74 33.92
N ILE KA 87 25.55 -21.68 35.04
CA ILE KA 87 26.95 -21.20 35.09
C ILE KA 87 27.87 -22.22 34.40
N ASN KA 88 27.68 -23.51 34.67
CA ASN KA 88 28.49 -24.59 34.11
C ASN KA 88 28.17 -24.87 32.62
N LYS KA 89 26.98 -24.47 32.14
CA LYS KA 89 26.55 -24.70 30.76
C LYS KA 89 26.88 -23.50 29.85
N TYR KA 90 26.41 -22.30 30.21
CA TYR KA 90 26.58 -21.07 29.42
C TYR KA 90 27.88 -20.30 29.75
N LYS KA 91 28.66 -20.78 30.73
CA LYS KA 91 29.93 -20.19 31.20
C LYS KA 91 29.72 -18.71 31.57
N LEU KA 92 28.68 -18.46 32.40
CA LEU KA 92 28.27 -17.13 32.86
C LEU KA 92 29.30 -16.53 33.82
N LYS KA 93 29.59 -15.24 33.66
CA LYS KA 93 30.56 -14.51 34.47
C LYS KA 93 29.90 -13.30 35.17
N GLU KA 94 30.69 -12.53 35.94
CA GLU KA 94 30.23 -11.34 36.67
C GLU KA 94 31.11 -10.14 36.33
N GLY KA 95 30.47 -9.00 36.13
CA GLY KA 95 31.13 -7.74 35.80
C GLY KA 95 31.09 -7.42 34.32
N ASN KA 96 32.19 -6.83 33.79
CA ASN KA 96 32.31 -6.46 32.39
C ASN KA 96 33.49 -7.24 31.75
N PRO KA 97 33.23 -8.48 31.24
CA PRO KA 97 34.33 -9.26 30.64
C PRO KA 97 34.47 -9.02 29.13
N SER KA 98 35.14 -9.95 28.41
CA SER KA 98 35.38 -9.88 26.97
C SER KA 98 34.10 -10.12 26.14
N ARG KA 99 34.19 -9.87 24.81
CA ARG KA 99 33.13 -10.00 23.82
C ARG KA 99 32.55 -11.43 23.75
N ASP KA 100 33.43 -12.45 23.86
CA ASP KA 100 33.07 -13.87 23.79
C ASP KA 100 32.48 -14.41 25.11
N GLU KA 101 32.45 -13.60 26.19
CA GLU KA 101 31.92 -14.00 27.49
C GLU KA 101 30.46 -13.54 27.67
N LEU KA 102 29.69 -14.29 28.50
CA LEU KA 102 28.28 -14.01 28.79
C LEU KA 102 28.05 -13.66 30.26
N THR KA 103 27.13 -12.72 30.51
CA THR KA 103 26.69 -12.28 31.84
C THR KA 103 25.17 -12.24 31.85
N LEU KA 104 24.56 -12.27 33.05
CA LEU KA 104 23.10 -12.24 33.22
C LEU KA 104 22.48 -10.93 32.69
N SER KA 105 23.22 -9.82 32.80
CA SER KA 105 22.80 -8.49 32.34
C SER KA 105 22.80 -8.41 30.81
N ARG KA 106 23.76 -9.10 30.15
CA ARG KA 106 23.91 -9.14 28.69
C ARG KA 106 22.79 -9.93 28.03
N VAL KA 107 22.30 -11.01 28.69
CA VAL KA 107 21.20 -11.86 28.21
C VAL KA 107 19.89 -11.04 28.24
N ALA KA 108 19.68 -10.28 29.34
CA ALA KA 108 18.52 -9.42 29.53
C ALA KA 108 18.51 -8.22 28.57
N ALA KA 109 19.70 -7.71 28.22
CA ALA KA 109 19.87 -6.58 27.31
C ALA KA 109 19.62 -6.97 25.84
N ALA KA 110 20.12 -8.17 25.43
CA ALA KA 110 19.98 -8.68 24.07
C ALA KA 110 18.52 -9.03 23.75
N LEU KA 111 17.80 -9.63 24.71
CA LEU KA 111 16.39 -10.00 24.58
C LEU KA 111 15.53 -8.98 25.34
N ALA KA 112 15.67 -7.69 24.96
CA ALA KA 112 15.00 -6.53 25.56
C ALA KA 112 13.48 -6.61 25.50
N GLY KA 113 12.93 -7.22 24.45
CA GLY KA 113 11.49 -7.38 24.24
C GLY KA 113 10.79 -8.24 25.28
N ARG KA 114 11.41 -9.39 25.64
CA ARG KA 114 10.89 -10.33 26.64
C ARG KA 114 11.12 -9.76 28.06
N THR KA 115 12.28 -9.07 28.26
CA THR KA 115 12.71 -8.46 29.51
C THR KA 115 11.70 -7.38 29.96
N CYS KA 116 11.29 -6.48 29.04
CA CYS KA 116 10.34 -5.39 29.30
C CYS KA 116 8.95 -5.93 29.66
N GLN KA 117 8.52 -7.03 29.02
CA GLN KA 117 7.24 -7.68 29.25
C GLN KA 117 7.21 -8.39 30.62
N ALA KA 118 8.37 -8.87 31.08
CA ALA KA 118 8.55 -9.57 32.35
C ALA KA 118 8.44 -8.61 33.55
N LEU KA 119 8.68 -7.31 33.31
CA LEU KA 119 8.63 -6.25 34.32
C LEU KA 119 7.19 -5.98 34.82
N VAL KA 120 6.17 -6.33 34.00
CA VAL KA 120 4.76 -6.18 34.33
C VAL KA 120 4.40 -7.18 35.45
N VAL KA 121 4.91 -8.42 35.33
CA VAL KA 121 4.73 -9.49 36.31
C VAL KA 121 5.64 -9.21 37.52
N LEU KA 122 6.96 -9.09 37.26
CA LEU KA 122 7.98 -8.81 38.30
C LEU KA 122 8.03 -7.30 38.54
N SER KA 123 7.04 -6.76 39.26
CA SER KA 123 6.94 -5.33 39.53
C SER KA 123 7.43 -4.98 40.95
N GLU KA 124 7.02 -5.78 41.95
CA GLU KA 124 7.36 -5.54 43.35
C GLU KA 124 8.58 -6.37 43.82
N TRP KA 125 9.20 -7.15 42.90
CA TRP KA 125 10.36 -7.98 43.21
C TRP KA 125 11.68 -7.33 42.73
N LEU KA 126 11.58 -6.20 42.00
CA LEU KA 126 12.72 -5.41 41.49
C LEU KA 126 13.41 -4.63 42.64
N PRO KA 127 14.66 -4.13 42.48
CA PRO KA 127 15.27 -3.33 43.58
C PRO KA 127 14.49 -2.04 43.84
N VAL KA 128 13.91 -1.46 42.78
CA VAL KA 128 13.03 -0.29 42.83
C VAL KA 128 11.64 -0.79 42.44
N THR KA 129 10.70 -0.83 43.40
CA THR KA 129 9.34 -1.33 43.19
C THR KA 129 8.49 -0.34 42.36
N GLY KA 130 7.42 -0.85 41.77
CA GLY KA 130 6.47 -0.09 40.97
C GLY KA 130 5.69 0.95 41.76
N THR KA 131 5.44 0.64 43.06
CA THR KA 131 4.74 1.51 44.00
C THR KA 131 5.60 2.74 44.31
N THR KA 132 6.95 2.55 44.39
CA THR KA 132 7.93 3.61 44.66
C THR KA 132 7.97 4.57 43.46
N MET KA 133 7.91 4.02 42.22
CA MET KA 133 7.91 4.79 40.98
C MET KA 133 6.60 5.54 40.78
N ASP KA 134 5.49 4.99 41.32
CA ASP KA 134 4.15 5.57 41.26
C ASP KA 134 4.05 6.83 42.13
N GLY KA 135 4.87 6.90 43.18
CA GLY KA 135 4.93 8.04 44.08
C GLY KA 135 5.56 9.27 43.46
N LEU KA 136 6.58 9.05 42.61
CA LEU KA 136 7.30 10.10 41.88
C LEU KA 136 6.45 10.60 40.71
N SER KA 137 5.91 9.66 39.91
CA SER KA 137 5.05 9.92 38.75
C SER KA 137 3.83 8.98 38.79
N PRO KA 138 2.58 9.50 38.85
CA PRO KA 138 1.41 8.61 38.89
C PRO KA 138 1.29 7.71 37.67
N ALA KA 139 1.06 6.41 37.91
CA ALA KA 139 0.93 5.31 36.94
C ALA KA 139 2.15 5.27 35.99
N TYR KA 140 3.35 5.07 36.58
CA TYR KA 140 4.62 5.00 35.86
C TYR KA 140 4.66 3.75 34.96
N PRO KA 141 5.10 3.86 33.67
CA PRO KA 141 5.16 2.69 32.79
C PRO KA 141 6.13 1.61 33.30
N ARG KA 142 5.60 0.41 33.55
CA ARG KA 142 6.32 -0.75 34.07
C ARG KA 142 7.39 -1.27 33.10
N HIS KA 143 7.16 -1.13 31.78
CA HIS KA 143 8.08 -1.58 30.72
C HIS KA 143 9.43 -0.83 30.71
N MET KA 144 9.46 0.41 31.25
CA MET KA 144 10.68 1.22 31.26
C MET KA 144 11.57 0.91 32.48
N MET KA 145 11.08 0.09 33.42
CA MET KA 145 11.75 -0.22 34.70
C MET KA 145 12.92 -1.23 34.59
N HIS KA 146 13.83 -1.00 33.63
CA HIS KA 146 15.07 -1.76 33.42
C HIS KA 146 15.97 -1.05 32.41
N PRO KA 147 17.31 -0.97 32.63
CA PRO KA 147 18.19 -0.27 31.66
C PRO KA 147 18.18 -0.85 30.23
N SER KA 148 17.70 -2.10 30.07
CA SER KA 148 17.61 -2.80 28.78
C SER KA 148 16.50 -2.21 27.87
N PHE KA 149 15.59 -1.39 28.44
CA PHE KA 149 14.49 -0.73 27.71
C PHE KA 149 15.04 0.22 26.62
N ALA KA 150 16.26 0.76 26.82
CA ALA KA 150 16.94 1.68 25.89
C ALA KA 150 17.17 1.02 24.52
N GLY KA 151 17.17 -0.31 24.48
CA GLY KA 151 17.31 -1.08 23.25
C GLY KA 151 16.01 -1.22 22.49
N MET KA 152 14.87 -0.81 23.11
CA MET KA 152 13.54 -0.85 22.52
C MET KA 152 13.10 0.54 22.04
N VAL KA 153 13.87 1.60 22.41
CA VAL KA 153 13.62 3.00 22.05
C VAL KA 153 13.99 3.22 20.57
N ASP KA 154 13.05 3.83 19.80
CA ASP KA 154 13.21 4.15 18.39
C ASP KA 154 13.86 5.54 18.23
N PRO KA 155 15.10 5.64 17.68
CA PRO KA 155 15.74 6.95 17.52
C PRO KA 155 15.17 7.80 16.37
N SER KA 156 14.44 7.16 15.42
CA SER KA 156 13.83 7.85 14.27
C SER KA 156 12.61 8.70 14.68
N LEU KA 157 12.14 8.56 15.94
CA LEU KA 157 11.02 9.30 16.51
C LEU KA 157 11.31 10.81 16.57
N PRO KA 158 10.29 11.71 16.44
CA PRO KA 158 10.56 13.17 16.51
C PRO KA 158 11.20 13.60 17.82
N GLY KA 159 12.02 14.65 17.76
CA GLY KA 159 12.77 15.20 18.90
C GLY KA 159 12.03 15.31 20.21
N ASP KA 160 10.89 16.02 20.20
CA ASP KA 160 10.03 16.26 21.36
C ASP KA 160 9.48 14.96 21.94
N TYR KA 161 9.25 13.94 21.08
CA TYR KA 161 8.75 12.63 21.48
C TYR KA 161 9.88 11.73 21.97
N LEU KA 162 11.03 11.74 21.25
CA LEU KA 162 12.22 10.95 21.56
C LEU KA 162 12.77 11.34 22.94
N ARG KA 163 12.84 12.66 23.21
CA ARG KA 163 13.31 13.20 24.49
C ARG KA 163 12.35 12.83 25.63
N ALA KA 164 11.03 12.80 25.34
CA ALA KA 164 9.98 12.46 26.31
C ALA KA 164 10.08 11.00 26.78
N ILE KA 165 10.49 10.08 25.88
CA ILE KA 165 10.66 8.66 26.21
C ILE KA 165 11.94 8.49 27.05
N LEU KA 166 13.04 9.17 26.63
CA LEU KA 166 14.35 9.13 27.28
C LEU KA 166 14.33 9.77 28.68
N ASP KA 167 13.59 10.87 28.87
CA ASP KA 167 13.47 11.57 30.14
C ASP KA 167 12.62 10.78 31.14
N ALA KA 168 11.57 10.08 30.64
CA ALA KA 168 10.69 9.24 31.45
C ALA KA 168 11.42 8.00 31.94
N HIS KA 169 12.27 7.40 31.08
CA HIS KA 169 13.09 6.23 31.37
C HIS KA 169 14.22 6.59 32.34
N SER KA 170 14.76 7.82 32.22
CA SER KA 170 15.84 8.35 33.07
C SER KA 170 15.40 8.49 34.54
N LEU KA 171 14.06 8.66 34.78
CA LEU KA 171 13.47 8.80 36.12
C LEU KA 171 13.71 7.52 36.94
N TYR KA 172 13.60 6.33 36.29
CA TYR KA 172 13.86 5.04 36.90
C TYR KA 172 15.36 4.87 37.11
N LEU KA 173 16.16 5.12 36.05
CA LEU KA 173 17.63 5.01 36.05
C LEU KA 173 18.27 5.85 37.16
N LEU KA 174 17.68 7.02 37.46
CA LEU KA 174 18.11 7.93 38.52
C LEU KA 174 17.99 7.22 39.88
N GLN KA 175 16.85 6.55 40.12
CA GLN KA 175 16.55 5.81 41.35
C GLN KA 175 17.32 4.49 41.42
N PHE KA 176 17.41 3.79 40.26
CA PHE KA 176 18.07 2.48 40.09
C PHE KA 176 19.58 2.56 40.35
N SER KA 177 20.30 3.50 39.67
CA SER KA 177 21.74 3.67 39.81
C SER KA 177 22.17 4.02 41.24
N ARG KA 178 21.32 4.76 41.99
CA ARG KA 178 21.59 5.14 43.37
C ARG KA 178 21.43 3.95 44.34
N VAL KA 179 20.53 3.00 44.02
CA VAL KA 179 20.27 1.82 44.86
C VAL KA 179 21.40 0.79 44.73
N ILE KA 180 21.76 0.39 43.49
CA ILE KA 180 22.79 -0.62 43.21
C ILE KA 180 24.23 -0.09 43.50
N ASN KA 181 24.46 1.22 43.30
CA ASN KA 181 25.76 1.85 43.57
C ASN KA 181 25.61 2.77 44.81
N PRO KA 182 26.09 2.31 46.00
CA PRO KA 182 25.90 3.11 47.23
C PRO KA 182 26.65 4.45 47.28
N ASN KA 183 27.75 4.61 46.50
CA ASN KA 183 28.52 5.85 46.49
C ASN KA 183 27.80 6.99 45.74
N LEU KA 184 26.80 6.66 44.88
CA LEU KA 184 26.04 7.65 44.11
C LEU KA 184 24.79 8.15 44.87
N ARG KA 185 24.50 7.58 46.06
CA ARG KA 185 23.35 7.94 46.91
C ARG KA 185 23.35 9.42 47.32
N GLY KA 186 24.50 9.93 47.75
CA GLY KA 186 24.65 11.32 48.18
C GLY KA 186 24.81 12.32 47.05
N ARG KA 187 25.26 11.85 45.88
CA ARG KA 187 25.51 12.67 44.69
C ARG KA 187 24.19 13.09 44.00
N THR KA 188 24.16 14.35 43.49
CA THR KA 188 23.02 15.01 42.85
C THR KA 188 22.56 14.35 41.53
N LYS KA 189 21.36 14.76 41.04
CA LYS KA 189 20.69 14.32 39.80
C LYS KA 189 21.64 14.33 38.60
N GLU KA 190 22.41 15.43 38.41
CA GLU KA 190 23.35 15.62 37.30
C GLU KA 190 24.51 14.62 37.34
N GLU KA 191 25.05 14.36 38.56
CA GLU KA 191 26.16 13.44 38.80
C GLU KA 191 25.79 12.01 38.43
N VAL KA 192 24.57 11.58 38.82
CA VAL KA 192 24.03 10.24 38.57
C VAL KA 192 23.71 10.11 37.07
N ALA KA 193 23.13 11.18 36.45
CA ALA KA 193 22.75 11.23 35.03
C ALA KA 193 23.90 10.89 34.09
N ALA KA 194 25.08 11.51 34.32
CA ALA KA 194 26.29 11.35 33.52
C ALA KA 194 26.83 9.91 33.45
N THR KA 195 26.50 9.06 34.45
CA THR KA 195 26.96 7.67 34.50
C THR KA 195 26.12 6.72 33.64
N PHE KA 196 24.79 6.95 33.56
CA PHE KA 196 23.88 6.06 32.82
C PHE KA 196 23.47 6.57 31.43
N THR KA 197 23.58 7.89 31.16
CA THR KA 197 23.16 8.49 29.87
C THR KA 197 23.98 8.00 28.67
N GLN KA 198 25.31 7.84 28.83
CA GLN KA 198 26.21 7.39 27.76
C GLN KA 198 25.88 5.95 27.28
N PRO KA 199 25.79 4.90 28.16
CA PRO KA 199 25.43 3.57 27.64
C PRO KA 199 23.94 3.46 27.22
N MET KA 200 23.08 4.40 27.69
CA MET KA 200 21.66 4.43 27.35
C MET KA 200 21.49 4.85 25.89
N ASN KA 201 22.09 5.99 25.50
CA ASN KA 201 22.06 6.54 24.13
C ASN KA 201 22.72 5.59 23.14
N ALA KA 202 23.71 4.78 23.61
CA ALA KA 202 24.42 3.77 22.81
C ALA KA 202 23.49 2.61 22.42
N ALA KA 203 22.51 2.28 23.30
CA ALA KA 203 21.51 1.24 23.06
C ALA KA 203 20.39 1.74 22.15
N VAL KA 204 20.09 3.05 22.19
CA VAL KA 204 19.07 3.69 21.36
C VAL KA 204 19.58 3.82 19.90
N ASN KA 205 20.84 4.25 19.74
CA ASN KA 205 21.50 4.44 18.43
C ASN KA 205 22.11 3.14 17.87
N SER KA 206 21.96 1.99 18.57
CA SER KA 206 22.47 0.69 18.12
C SER KA 206 21.67 0.17 16.91
N ASN KA 207 22.37 -0.49 15.97
CA ASN KA 207 21.80 -1.02 14.74
C ASN KA 207 20.93 -2.27 14.94
N PHE KA 208 21.00 -2.92 16.13
CA PHE KA 208 20.22 -4.12 16.46
C PHE KA 208 18.73 -3.79 16.61
N ILE KA 209 17.88 -4.46 15.79
CA ILE KA 209 16.42 -4.31 15.65
C ILE KA 209 16.14 -2.97 14.96
N SER KA 210 15.52 -3.02 13.76
CA SER KA 210 15.20 -1.85 12.92
C SER KA 210 14.30 -0.84 13.63
N HIS KA 211 14.35 0.43 13.17
CA HIS KA 211 13.61 1.59 13.67
C HIS KA 211 12.09 1.37 13.67
N GLU KA 212 11.57 0.73 12.61
CA GLU KA 212 10.15 0.45 12.43
C GLU KA 212 9.68 -0.66 13.39
N LYS KA 213 10.51 -1.71 13.58
CA LYS KA 213 10.22 -2.84 14.47
C LYS KA 213 10.25 -2.38 15.93
N ARG KA 214 11.19 -1.47 16.28
CA ARG KA 214 11.34 -0.90 17.62
C ARG KA 214 10.11 -0.04 17.98
N ARG KA 215 9.59 0.70 16.98
CA ARG KA 215 8.41 1.56 17.10
C ARG KA 215 7.16 0.72 17.38
N GLU KA 216 7.07 -0.49 16.77
CA GLU KA 216 5.97 -1.43 16.93
C GLU KA 216 5.89 -1.95 18.38
N PHE KA 217 7.06 -2.20 19.02
CA PHE KA 217 7.15 -2.67 20.40
C PHE KA 217 6.61 -1.63 21.38
N LEU KA 218 7.00 -0.36 21.20
CA LEU KA 218 6.57 0.78 22.01
C LEU KA 218 5.05 0.98 21.92
N LYS KA 219 4.47 0.70 20.73
CA LYS KA 219 3.02 0.77 20.47
C LYS KA 219 2.30 -0.39 21.17
N ALA KA 220 2.91 -1.60 21.13
CA ALA KA 220 2.39 -2.82 21.74
C ALA KA 220 2.40 -2.75 23.26
N PHE KA 221 3.43 -2.10 23.86
CA PHE KA 221 3.54 -1.95 25.32
C PHE KA 221 2.59 -0.85 25.84
N GLY KA 222 2.06 -0.04 24.92
CA GLY KA 222 1.14 1.05 25.23
C GLY KA 222 1.85 2.30 25.69
N LEU KA 223 3.01 2.60 25.08
CA LEU KA 223 3.84 3.77 25.41
C LEU KA 223 3.56 4.91 24.42
N VAL KA 224 3.49 4.61 23.12
CA VAL KA 224 3.21 5.59 22.06
C VAL KA 224 1.95 5.17 21.26
N ASP KA 225 1.28 6.15 20.62
CA ASP KA 225 0.07 5.92 19.82
C ASP KA 225 0.44 5.44 18.39
N SER KA 226 -0.55 5.39 17.48
CA SER KA 226 -0.41 4.97 16.08
C SER KA 226 0.63 5.78 15.28
N ASN KA 227 0.81 7.07 15.62
CA ASN KA 227 1.76 7.95 14.93
C ASN KA 227 3.15 7.90 15.59
N GLY KA 228 3.22 8.15 16.90
CA GLY KA 228 4.45 8.15 17.67
C GLY KA 228 4.46 9.03 18.90
N LYS KA 229 3.31 9.67 19.20
CA LYS KA 229 3.12 10.55 20.37
C LYS KA 229 3.02 9.70 21.65
N PRO KA 230 3.84 9.99 22.69
CA PRO KA 230 3.78 9.20 23.93
C PRO KA 230 2.50 9.44 24.74
N SER KA 231 2.13 8.47 25.58
CA SER KA 231 0.94 8.52 26.44
C SER KA 231 1.13 9.52 27.60
N ALA KA 232 0.01 9.88 28.28
CA ALA KA 232 -0.03 10.81 29.42
C ALA KA 232 0.85 10.33 30.58
N ALA KA 233 1.00 9.00 30.75
CA ALA KA 233 1.82 8.36 31.78
C ALA KA 233 3.30 8.62 31.55
N VAL KA 234 3.74 8.60 30.26
CA VAL KA 234 5.12 8.84 29.83
C VAL KA 234 5.45 10.34 29.95
N MET KA 235 4.50 11.22 29.52
CA MET KA 235 4.62 12.67 29.55
C MET KA 235 4.76 13.21 30.99
N ALA KA 236 4.04 12.60 31.95
CA ALA KA 236 4.08 12.98 33.36
C ALA KA 236 5.41 12.59 33.99
N ALA KA 237 5.96 11.42 33.60
CA ALA KA 237 7.24 10.90 34.09
C ALA KA 237 8.43 11.70 33.55
N ALA KA 238 8.31 12.23 32.32
CA ALA KA 238 9.33 13.06 31.68
C ALA KA 238 9.39 14.44 32.33
N GLN KA 239 8.21 14.97 32.74
CA GLN KA 239 8.07 16.26 33.42
C GLN KA 239 8.57 16.15 34.86
N ALA KA 240 8.38 14.97 35.50
CA ALA KA 240 8.82 14.68 36.87
C ALA KA 240 10.35 14.64 36.99
N TYR KA 241 11.04 14.17 35.92
CA TYR KA 241 12.50 14.09 35.86
C TYR KA 241 13.13 15.49 35.76
N LYS KA 242 12.43 16.45 35.14
CA LYS KA 242 12.88 17.84 34.97
C LYS KA 242 12.95 18.58 36.32
N THR KA 243 12.04 18.25 37.25
CA THR KA 243 11.95 18.87 38.59
C THR KA 243 12.48 17.91 39.68
N ALA KA 244 13.04 16.75 39.29
CA ALA KA 244 13.59 15.74 40.20
C ALA KA 244 14.86 16.22 40.92
N ALA KA 245 15.10 15.68 42.12
CA ALA KA 245 16.27 16.01 42.95
C ALA KA 245 17.34 14.91 42.89
N GLN LA 5 64.13 59.44 44.39
CA GLN LA 5 63.85 58.05 44.06
C GLN LA 5 62.53 57.92 43.30
N GLU LA 6 61.55 58.80 43.58
CA GLU LA 6 60.24 58.80 42.93
C GLU LA 6 60.36 59.42 41.52
N LEU LA 7 60.99 58.65 40.61
CA LEU LA 7 61.22 59.02 39.20
C LEU LA 7 60.38 58.12 38.27
N ALA LA 8 59.55 57.24 38.86
CA ALA LA 8 58.66 56.31 38.16
C ALA LA 8 57.50 57.06 37.49
N ILE LA 9 57.17 58.28 38.00
CA ILE LA 9 56.12 59.17 37.49
C ILE LA 9 56.47 59.60 36.05
N GLN LA 10 57.76 59.90 35.81
CA GLN LA 10 58.31 60.31 34.51
C GLN LA 10 58.27 59.14 33.52
N PHE LA 11 58.51 57.91 34.03
CA PHE LA 11 58.48 56.67 33.25
C PHE LA 11 57.03 56.33 32.87
N ALA LA 12 56.08 56.68 33.76
CA ALA LA 12 54.64 56.46 33.59
C ALA LA 12 54.02 57.52 32.68
N ALA LA 13 54.54 58.76 32.70
CA ALA LA 13 54.08 59.89 31.88
C ALA LA 13 54.34 59.66 30.38
N GLN LA 14 55.25 58.71 30.06
CA GLN LA 14 55.63 58.32 28.69
C GLN LA 14 54.44 57.77 27.92
N ALA LA 15 54.32 58.18 26.64
CA ALA LA 15 53.25 57.72 25.75
C ALA LA 15 53.51 56.27 25.35
N VAL LA 16 52.52 55.39 25.54
CA VAL LA 16 52.65 53.96 25.23
C VAL LA 16 52.61 53.74 23.71
N ASP LA 17 53.67 53.09 23.19
CA ASP LA 17 53.81 52.77 21.76
C ASP LA 17 53.14 51.43 21.50
N ARG LA 18 51.99 51.48 20.81
CA ARG LA 18 51.11 50.34 20.47
C ARG LA 18 51.86 49.19 19.78
N ASN LA 19 52.68 49.47 18.75
CA ASN LA 19 53.37 48.41 18.04
C ASN LA 19 54.75 48.06 18.62
N GLU LA 20 55.25 48.86 19.58
CA GLU LA 20 56.50 48.56 20.29
C GLU LA 20 56.22 47.38 21.25
N ILE LA 21 54.98 47.37 21.81
CA ILE LA 21 54.44 46.35 22.71
C ILE LA 21 54.07 45.11 21.85
N GLU LA 22 53.52 45.33 20.64
CA GLU LA 22 53.11 44.28 19.69
C GLU LA 22 54.30 43.42 19.21
N GLN LA 23 55.52 43.98 19.21
CA GLN LA 23 56.75 43.27 18.84
C GLN LA 23 57.15 42.26 19.92
N TRP LA 24 57.04 42.68 21.20
CA TRP LA 24 57.42 41.88 22.35
C TRP LA 24 56.39 40.79 22.69
N VAL LA 25 55.09 41.03 22.46
CA VAL LA 25 54.03 40.05 22.75
C VAL LA 25 54.19 38.83 21.80
N ARG LA 26 54.56 39.06 20.53
CA ARG LA 26 54.78 38.01 19.54
C ARG LA 26 56.09 37.28 19.82
N GLU LA 27 57.08 37.98 20.40
CA GLU LA 27 58.38 37.45 20.78
C GLU LA 27 58.25 36.56 22.04
N PHE LA 28 57.52 37.06 23.06
CA PHE LA 28 57.29 36.37 24.33
C PHE LA 28 55.93 35.63 24.32
N ALA LA 29 55.54 35.08 23.15
CA ALA LA 29 54.27 34.37 22.96
C ALA LA 29 54.31 32.98 23.55
N TYR LA 30 53.13 32.51 24.00
CA TYR LA 30 52.86 31.22 24.60
C TYR LA 30 52.30 30.28 23.52
N GLN LA 31 53.19 29.46 22.92
CA GLN LA 31 52.89 28.47 21.87
C GLN LA 31 54.14 27.68 21.46
N GLY LA 32 55.25 28.39 21.26
CA GLY LA 32 56.50 27.83 20.78
C GLY LA 32 56.54 27.86 19.27
N PHE LA 33 55.88 26.86 18.62
CA PHE LA 33 55.77 26.70 17.16
C PHE LA 33 54.77 25.57 16.81
N ASP LA 34 53.49 25.69 17.26
CA ASP LA 34 52.45 24.68 17.04
C ASP LA 34 51.38 25.13 16.00
N ALA LA 35 50.27 24.33 15.87
CA ALA LA 35 49.11 24.49 14.97
C ALA LA 35 49.52 24.28 13.49
N ARG LA 36 50.41 25.15 12.96
CA ARG LA 36 51.01 25.09 11.62
C ARG LA 36 51.93 23.86 11.52
N ARG LA 37 52.47 23.46 12.68
CA ARG LA 37 53.35 22.30 12.86
C ARG LA 37 52.60 20.99 12.58
N VAL LA 38 51.29 20.92 12.91
CA VAL LA 38 50.42 19.75 12.72
C VAL LA 38 50.33 19.40 11.22
N ILE LA 39 49.98 20.41 10.36
CA ILE LA 39 49.86 20.25 8.90
C ILE LA 39 51.24 19.90 8.31
N GLU LA 40 52.32 20.54 8.84
CA GLU LA 40 53.71 20.31 8.43
C GLU LA 40 54.13 18.86 8.70
N LEU LA 41 53.66 18.28 9.82
CA LEU LA 41 53.95 16.89 10.22
C LEU LA 41 53.05 15.90 9.48
N LEU LA 42 51.79 16.29 9.18
CA LEU LA 42 50.82 15.45 8.45
C LEU LA 42 51.31 15.13 7.04
N LYS LA 43 51.90 16.13 6.35
CA LYS LA 43 52.45 15.99 5.00
C LYS LA 43 53.81 15.30 5.03
N GLN LA 44 54.50 15.36 6.18
CA GLN LA 44 55.83 14.76 6.39
C GLN LA 44 55.73 13.23 6.49
N TYR LA 45 54.72 12.72 7.25
CA TYR LA 45 54.50 11.28 7.45
C TYR LA 45 53.57 10.69 6.38
N GLY LA 46 52.47 11.38 6.07
CA GLY LA 46 51.48 10.95 5.10
C GLY LA 46 51.92 11.05 3.65
N GLY LA 47 52.35 12.23 3.25
CA GLY LA 47 52.80 12.51 1.89
C GLY LA 47 51.68 12.98 0.99
N ALA LA 48 51.12 12.05 0.18
CA ALA LA 48 50.03 12.32 -0.74
C ALA LA 48 48.69 11.84 -0.18
N ASP LA 49 48.70 10.76 0.62
CA ASP LA 49 47.51 10.17 1.24
C ASP LA 49 47.20 10.81 2.61
N TRP LA 50 47.76 12.00 2.90
CA TRP LA 50 47.58 12.71 4.16
C TRP LA 50 46.16 13.28 4.31
N GLU LA 51 45.51 13.68 3.19
CA GLU LA 51 44.16 14.27 3.20
C GLU LA 51 43.08 13.22 3.50
N LYS LA 52 43.21 12.00 2.95
CA LYS LA 52 42.26 10.90 3.16
C LYS LA 52 42.36 10.39 4.60
N ASP LA 53 43.60 10.28 5.14
CA ASP LA 53 43.86 9.81 6.50
C ASP LA 53 43.43 10.84 7.54
N ALA LA 54 43.52 12.15 7.22
CA ALA LA 54 43.10 13.25 8.11
C ALA LA 54 41.59 13.20 8.32
N LYS LA 55 40.83 12.87 7.24
CA LYS LA 55 39.37 12.71 7.26
C LYS LA 55 38.98 11.55 8.16
N LYS LA 56 39.77 10.46 8.13
CA LYS LA 56 39.60 9.25 8.95
C LYS LA 56 39.87 9.56 10.43
N MET LA 57 40.93 10.35 10.69
CA MET LA 57 41.36 10.75 12.04
C MET LA 57 40.38 11.73 12.70
N ILE LA 58 39.65 12.54 11.90
CA ILE LA 58 38.65 13.50 12.41
C ILE LA 58 37.43 12.71 12.94
N VAL LA 59 36.95 11.73 12.16
CA VAL LA 59 35.81 10.86 12.51
C VAL LA 59 36.15 10.02 13.76
N LEU LA 60 37.42 9.55 13.84
CA LEU LA 60 37.94 8.74 14.94
C LEU LA 60 38.01 9.53 16.27
N ALA LA 61 38.50 10.79 16.23
CA ALA LA 61 38.64 11.66 17.40
C ALA LA 61 37.29 12.17 17.91
N LEU LA 62 36.32 12.38 17.00
CA LEU LA 62 34.98 12.90 17.30
C LEU LA 62 34.08 11.85 17.96
N THR LA 63 34.09 10.61 17.45
CA THR LA 63 33.24 9.52 17.93
C THR LA 63 33.83 8.77 19.13
N ARG LA 64 35.14 8.45 19.09
CA ARG LA 64 35.78 7.69 20.17
C ARG LA 64 36.49 8.61 21.17
N GLY LA 65 37.70 9.09 20.83
CA GLY LA 65 38.46 9.97 21.70
C GLY LA 65 39.87 10.32 21.24
N ASN LA 66 40.75 10.64 22.21
CA ASN LA 66 42.14 11.03 21.95
C ASN LA 66 43.12 9.87 22.13
N LYS LA 67 42.86 8.95 23.09
CA LYS LA 67 43.71 7.79 23.38
C LYS LA 67 43.51 6.69 22.33
N PRO LA 68 44.52 6.40 21.45
CA PRO LA 68 44.31 5.40 20.38
C PRO LA 68 44.48 3.94 20.82
N ARG LA 69 45.38 3.67 21.79
CA ARG LA 69 45.63 2.32 22.29
C ARG LA 69 44.49 1.82 23.19
N ARG LA 70 43.78 2.75 23.86
CA ARG LA 70 42.68 2.44 24.76
C ARG LA 70 41.39 2.10 23.97
N MET LA 71 41.11 2.84 22.88
CA MET LA 71 39.92 2.64 22.04
C MET LA 71 40.04 1.38 21.17
N MET LA 72 41.29 0.93 20.89
CA MET LA 72 41.59 -0.25 20.06
C MET LA 72 41.18 -1.54 20.77
N MET LA 73 41.13 -1.54 22.12
CA MET LA 73 40.76 -2.68 22.96
C MET LA 73 39.30 -3.10 22.72
N LYS LA 74 38.40 -2.11 22.56
CA LYS LA 74 36.97 -2.34 22.30
C LYS LA 74 36.60 -1.78 20.91
N MET LA 75 37.06 -2.47 19.85
CA MET LA 75 36.84 -2.09 18.46
C MET LA 75 36.83 -3.32 17.53
N SER LA 76 36.21 -3.18 16.34
CA SER LA 76 36.11 -4.23 15.33
C SER LA 76 37.49 -4.55 14.70
N LYS LA 77 37.64 -5.76 14.13
CA LYS LA 77 38.86 -6.24 13.46
C LYS LA 77 39.27 -5.31 12.30
N GLU LA 78 38.27 -4.75 11.59
CA GLU LA 78 38.43 -3.82 10.47
C GLU LA 78 39.02 -2.49 10.97
N GLY LA 79 38.50 -2.01 12.10
CA GLY LA 79 38.94 -0.77 12.74
C GLY LA 79 40.31 -0.90 13.37
N LYS LA 80 40.56 -2.02 14.07
CA LYS LA 80 41.85 -2.34 14.73
C LYS LA 80 43.04 -2.23 13.78
N ALA LA 81 42.89 -2.71 12.53
CA ALA LA 81 43.94 -2.67 11.51
C ALA LA 81 44.15 -1.26 10.95
N THR LA 82 43.05 -0.50 10.72
CA THR LA 82 43.07 0.85 10.16
C THR LA 82 43.64 1.87 11.17
N VAL LA 83 43.28 1.75 12.47
CA VAL LA 83 43.73 2.64 13.55
C VAL LA 83 45.24 2.42 13.79
N GLU LA 84 45.69 1.16 13.89
CA GLU LA 84 47.10 0.79 14.11
C GLU LA 84 48.00 1.27 12.94
N ALA LA 85 47.43 1.30 11.71
CA ALA LA 85 48.13 1.77 10.51
C ALA LA 85 48.45 3.27 10.61
N LEU LA 86 47.54 4.04 11.25
CA LEU LA 86 47.69 5.49 11.45
C LEU LA 86 48.70 5.80 12.56
N ILE LA 87 48.77 4.93 13.61
CA ILE LA 87 49.69 5.08 14.76
C ILE LA 87 51.13 4.83 14.28
N ASN LA 88 51.35 3.79 13.47
CA ASN LA 88 52.68 3.41 12.97
C ASN LA 88 53.19 4.35 11.86
N LYS LA 89 52.29 5.10 11.19
CA LYS LA 89 52.65 6.01 10.11
C LYS LA 89 52.87 7.45 10.61
N TYR LA 90 51.86 8.03 11.30
CA TYR LA 90 51.88 9.41 11.79
C TYR LA 90 52.49 9.55 13.20
N LYS LA 91 52.86 8.42 13.84
CA LYS LA 91 53.46 8.33 15.19
C LYS LA 91 52.55 9.06 16.21
N LEU LA 92 51.25 8.73 16.17
CA LEU LA 92 50.20 9.31 17.03
C LEU LA 92 50.37 8.88 18.48
N LYS LA 93 50.18 9.84 19.40
CA LYS LA 93 50.32 9.63 20.85
C LYS LA 93 49.00 9.98 21.58
N GLU LA 94 49.00 9.85 22.92
CA GLU LA 94 47.84 10.14 23.78
C GLU LA 94 48.23 11.10 24.89
N GLY LA 95 47.36 12.08 25.15
CA GLY LA 95 47.56 13.10 26.17
C GLY LA 95 48.07 14.41 25.62
N ASN LA 96 48.97 15.08 26.38
CA ASN LA 96 49.58 16.35 25.99
C ASN LA 96 51.11 16.18 25.85
N PRO LA 97 51.61 15.76 24.67
CA PRO LA 97 53.06 15.57 24.50
C PRO LA 97 53.77 16.82 23.99
N SER LA 98 54.98 16.67 23.42
CA SER LA 98 55.81 17.75 22.89
C SER LA 98 55.25 18.33 21.58
N ARG LA 99 55.83 19.47 21.14
CA ARG LA 99 55.48 20.24 19.94
C ARG LA 99 55.59 19.38 18.66
N ASP LA 100 56.62 18.54 18.57
CA ASP LA 100 56.91 17.68 17.40
C ASP LA 100 56.03 16.42 17.36
N GLU LA 101 55.22 16.16 18.41
CA GLU LA 101 54.35 14.99 18.48
C GLU LA 101 52.93 15.30 18.02
N LEU LA 102 52.22 14.28 17.51
CA LEU LA 102 50.84 14.39 17.01
C LEU LA 102 49.86 13.55 17.84
N THR LA 103 48.64 14.08 18.02
CA THR LA 103 47.52 13.43 18.71
C THR LA 103 46.27 13.59 17.85
N LEU LA 104 45.25 12.74 18.08
CA LEU LA 104 43.98 12.78 17.33
C LEU LA 104 43.22 14.10 17.56
N SER LA 105 43.34 14.69 18.76
CA SER LA 105 42.71 15.96 19.12
C SER LA 105 43.38 17.14 18.41
N ARG LA 106 44.71 17.07 18.20
CA ARG LA 106 45.49 18.12 17.54
C ARG LA 106 45.18 18.19 16.04
N VAL LA 107 44.90 17.03 15.40
CA VAL LA 107 44.56 16.94 13.98
C VAL LA 107 43.17 17.57 13.76
N ALA LA 108 42.21 17.29 14.67
CA ALA LA 108 40.85 17.81 14.65
C ALA LA 108 40.81 19.32 14.93
N ALA LA 109 41.73 19.82 15.78
CA ALA LA 109 41.82 21.23 16.14
C ALA LA 109 42.42 22.06 15.00
N ALA LA 110 43.49 21.55 14.34
CA ALA LA 110 44.18 22.22 13.23
C ALA LA 110 43.29 22.37 12.00
N LEU LA 111 42.50 21.33 11.69
CA LEU LA 111 41.56 21.31 10.57
C LEU LA 111 40.13 21.50 11.10
N ALA LA 112 39.92 22.62 11.82
CA ALA LA 112 38.66 23.01 12.48
C ALA LA 112 37.48 23.15 11.51
N GLY LA 113 37.75 23.58 10.28
CA GLY LA 113 36.74 23.78 9.24
C GLY LA 113 36.04 22.51 8.80
N ARG LA 114 36.82 21.43 8.59
CA ARG LA 114 36.32 20.11 8.19
C ARG LA 114 35.65 19.40 9.38
N THR LA 115 36.23 19.59 10.59
CA THR LA 115 35.77 19.02 11.86
C THR LA 115 34.34 19.50 12.19
N CYS LA 116 34.07 20.82 12.07
CA CYS LA 116 32.77 21.44 12.35
C CYS LA 116 31.68 20.95 11.37
N GLN LA 117 32.06 20.74 10.09
CA GLN LA 117 31.18 20.26 9.04
C GLN LA 117 30.81 18.78 9.25
N ALA LA 118 31.75 18.00 9.83
CA ALA LA 118 31.58 16.56 10.12
C ALA LA 118 30.59 16.32 11.26
N LEU LA 119 30.39 17.33 12.14
CA LEU LA 119 29.47 17.29 13.28
C LEU LA 119 27.99 17.22 12.86
N VAL LA 120 27.68 17.70 11.64
CA VAL LA 120 26.32 17.69 11.07
C VAL LA 120 25.93 16.23 10.77
N VAL LA 121 26.88 15.46 10.21
CA VAL LA 121 26.70 14.03 9.90
C VAL LA 121 26.80 13.23 11.22
N LEU LA 122 27.93 13.37 11.94
CA LEU LA 122 28.17 12.70 13.23
C LEU LA 122 27.52 13.51 14.35
N SER LA 123 26.19 13.42 14.47
CA SER LA 123 25.42 14.16 15.47
C SER LA 123 25.06 13.30 16.67
N GLU LA 124 24.59 12.07 16.43
CA GLU LA 124 24.14 11.15 17.48
C GLU LA 124 25.24 10.15 17.89
N TRP LA 125 26.45 10.26 17.30
CA TRP LA 125 27.58 9.37 17.61
C TRP LA 125 28.60 10.04 18.56
N LEU LA 126 28.40 11.33 18.86
CA LEU LA 126 29.24 12.12 19.77
C LEU LA 126 28.97 11.73 21.24
N PRO LA 127 29.86 12.05 22.23
CA PRO LA 127 29.56 11.71 23.63
C PRO LA 127 28.30 12.43 24.12
N VAL LA 128 28.08 13.66 23.63
CA VAL LA 128 26.89 14.47 23.90
C VAL LA 128 26.14 14.56 22.57
N THR LA 129 24.97 13.92 22.47
CA THR LA 129 24.16 13.87 21.24
C THR LA 129 23.47 15.22 20.98
N GLY LA 130 23.08 15.42 19.71
CA GLY LA 130 22.39 16.62 19.24
C GLY LA 130 21.01 16.79 19.83
N THR LA 131 20.33 15.66 20.13
CA THR LA 131 19.00 15.60 20.74
C THR LA 131 19.08 16.09 22.19
N THR LA 132 20.18 15.78 22.89
CA THR LA 132 20.44 16.19 24.28
C THR LA 132 20.63 17.71 24.34
N MET LA 133 21.36 18.27 23.35
CA MET LA 133 21.63 19.71 23.23
C MET LA 133 20.36 20.48 22.83
N ASP LA 134 19.44 19.81 22.09
CA ASP LA 134 18.17 20.38 21.65
C ASP LA 134 17.20 20.57 22.82
N GLY LA 135 17.36 19.75 23.86
CA GLY LA 135 16.55 19.80 25.08
C GLY LA 135 16.87 21.01 25.93
N LEU LA 136 18.16 21.41 25.97
CA LEU LA 136 18.65 22.58 26.72
C LEU LA 136 18.29 23.87 25.97
N SER LA 137 18.59 23.89 24.65
CA SER LA 137 18.30 25.02 23.75
C SER LA 137 17.68 24.49 22.45
N PRO LA 138 16.46 24.93 22.09
CA PRO LA 138 15.82 24.41 20.85
C PRO LA 138 16.62 24.76 19.60
N ALA LA 139 16.81 23.74 18.73
CA ALA LA 139 17.57 23.78 17.47
C ALA LA 139 19.00 24.31 17.68
N TYR LA 140 19.75 23.60 18.53
CA TYR LA 140 21.13 23.93 18.86
C TYR LA 140 22.03 23.70 17.62
N PRO LA 141 22.83 24.72 17.20
CA PRO LA 141 23.69 24.53 16.01
C PRO LA 141 24.75 23.44 16.24
N ARG LA 142 24.76 22.45 15.32
CA ARG LA 142 25.62 21.28 15.35
C ARG LA 142 27.12 21.61 15.19
N HIS LA 143 27.45 22.69 14.46
CA HIS LA 143 28.83 23.11 14.19
C HIS LA 143 29.61 23.50 15.46
N MET LA 144 28.90 23.91 16.53
CA MET LA 144 29.46 24.32 17.83
C MET LA 144 29.73 23.13 18.77
N MET LA 145 29.39 21.90 18.34
CA MET LA 145 29.47 20.69 19.16
C MET LA 145 30.87 20.01 19.15
N HIS LA 146 31.94 20.80 19.35
CA HIS LA 146 33.33 20.33 19.48
C HIS LA 146 34.23 21.49 19.95
N PRO LA 147 35.18 21.26 20.89
CA PRO LA 147 36.05 22.37 21.36
C PRO LA 147 36.89 23.05 20.26
N SER LA 148 37.04 22.40 19.08
CA SER LA 148 37.79 22.93 17.94
C SER LA 148 37.08 24.12 17.26
N PHE LA 149 35.78 24.34 17.56
CA PHE LA 149 34.98 25.45 17.03
C PHE LA 149 35.52 26.82 17.50
N ALA LA 150 36.21 26.85 18.67
CA ALA LA 150 36.83 28.06 19.24
C ALA LA 150 37.83 28.68 18.26
N GLY LA 151 38.49 27.83 17.46
CA GLY LA 151 39.43 28.24 16.44
C GLY LA 151 38.78 28.74 15.16
N MET LA 152 37.43 28.81 15.15
CA MET LA 152 36.62 29.29 14.02
C MET LA 152 35.92 30.61 14.36
N VAL LA 153 35.89 30.96 15.67
CA VAL LA 153 35.27 32.18 16.19
C VAL LA 153 36.17 33.39 15.83
N ASP LA 154 35.57 34.44 15.24
CA ASP LA 154 36.27 35.66 14.86
C ASP LA 154 36.33 36.63 16.06
N PRO LA 155 37.55 36.99 16.55
CA PRO LA 155 37.63 37.92 17.69
C PRO LA 155 37.34 39.39 17.32
N SER LA 156 37.40 39.74 16.00
CA SER LA 156 37.15 41.09 15.50
C SER LA 156 35.64 41.44 15.49
N LEU LA 157 34.78 40.48 15.86
CA LEU LA 157 33.34 40.64 15.96
C LEU LA 157 32.98 41.57 17.14
N PRO LA 158 31.86 42.35 17.06
CA PRO LA 158 31.50 43.23 18.19
C PRO LA 158 31.27 42.49 19.50
N GLY LA 159 31.60 43.15 20.61
CA GLY LA 159 31.51 42.63 21.98
C GLY LA 159 30.31 41.78 22.32
N ASP LA 160 29.09 42.32 22.07
CA ASP LA 160 27.82 41.64 22.34
C ASP LA 160 27.65 40.39 21.48
N TYR LA 161 28.12 40.44 20.21
CA TYR LA 161 28.04 39.34 19.26
C TYR LA 161 29.08 38.26 19.57
N LEU LA 162 30.33 38.67 19.89
CA LEU LA 162 31.46 37.79 20.23
C LEU LA 162 31.13 36.98 21.49
N ARG LA 163 30.53 37.62 22.50
CA ARG LA 163 30.13 36.97 23.76
C ARG LA 163 28.98 36.00 23.52
N ALA LA 164 28.05 36.33 22.60
CA ALA LA 164 26.88 35.50 22.24
C ALA LA 164 27.31 34.18 21.58
N ILE LA 165 28.40 34.20 20.79
CA ILE LA 165 28.94 33.01 20.11
C ILE LA 165 29.64 32.13 21.16
N LEU LA 166 30.46 32.75 22.04
CA LEU LA 166 31.22 32.06 23.08
C LEU LA 166 30.32 31.47 24.16
N ASP LA 167 29.23 32.19 24.58
CA ASP LA 167 28.28 31.71 25.58
C ASP LA 167 27.46 30.52 25.05
N ALA LA 168 27.11 30.54 23.75
CA ALA LA 168 26.37 29.47 23.07
C ALA LA 168 27.24 28.23 22.94
N HIS LA 169 28.55 28.41 22.63
CA HIS LA 169 29.53 27.34 22.50
C HIS LA 169 29.90 26.74 23.86
N SER LA 170 29.86 27.58 24.92
CA SER LA 170 30.14 27.17 26.30
C SER LA 170 29.07 26.21 26.86
N LEU LA 171 27.83 26.27 26.31
CA LEU LA 171 26.71 25.41 26.69
C LEU LA 171 27.04 23.94 26.40
N TYR LA 172 27.70 23.67 25.26
CA TYR LA 172 28.14 22.32 24.87
C TYR LA 172 29.32 21.91 25.74
N LEU LA 173 30.34 22.80 25.85
CA LEU LA 173 31.57 22.58 26.63
C LEU LA 173 31.28 22.23 28.08
N LEU LA 174 30.21 22.82 28.66
CA LEU LA 174 29.77 22.55 30.03
C LEU LA 174 29.30 21.10 30.16
N GLN LA 175 28.54 20.61 29.16
CA GLN LA 175 28.02 19.24 29.13
C GLN LA 175 29.13 18.24 28.76
N PHE LA 176 29.94 18.57 27.74
CA PHE LA 176 31.03 17.75 27.20
C PHE LA 176 32.15 17.52 28.23
N SER LA 177 32.64 18.60 28.90
CA SER LA 177 33.70 18.53 29.91
C SER LA 177 33.32 17.66 31.09
N ARG LA 178 32.02 17.64 31.47
CA ARG LA 178 31.52 16.83 32.57
C ARG LA 178 31.39 15.35 32.15
N VAL LA 179 31.22 15.08 30.85
CA VAL LA 179 31.09 13.71 30.33
C VAL LA 179 32.48 13.05 30.25
N ILE LA 180 33.46 13.71 29.59
CA ILE LA 180 34.82 13.19 29.41
C ILE LA 180 35.65 13.22 30.72
N ASN LA 181 35.40 14.20 31.61
CA ASN LA 181 36.09 14.29 32.90
C ASN LA 181 35.11 13.98 34.03
N PRO LA 182 35.28 12.83 34.73
CA PRO LA 182 34.30 12.44 35.76
C PRO LA 182 34.35 13.26 37.06
N ASN LA 183 35.51 13.84 37.42
CA ASN LA 183 35.63 14.61 38.66
C ASN LA 183 34.99 16.01 38.55
N LEU LA 184 34.64 16.47 37.33
CA LEU LA 184 34.01 17.77 37.08
C LEU LA 184 32.46 17.68 37.12
N ARG LA 185 31.91 16.45 37.24
CA ARG LA 185 30.47 16.16 37.27
C ARG LA 185 29.75 16.84 38.45
N GLY LA 186 30.32 16.74 39.64
CA GLY LA 186 29.77 17.31 40.87
C GLY LA 186 29.96 18.80 41.04
N ARG LA 187 30.99 19.35 40.39
CA ARG LA 187 31.37 20.76 40.44
C ARG LA 187 30.38 21.63 39.63
N THR LA 188 30.10 22.84 40.16
CA THR LA 188 29.16 23.83 39.60
C THR LA 188 29.61 24.38 38.24
N LYS LA 189 28.68 25.09 37.55
CA LYS LA 189 28.86 25.72 36.23
C LYS LA 189 30.12 26.60 36.16
N GLU LA 190 30.36 27.43 37.21
CA GLU LA 190 31.52 28.33 37.32
C GLU LA 190 32.84 27.58 37.41
N GLU LA 191 32.87 26.47 38.17
CA GLU LA 191 34.04 25.62 38.37
C GLU LA 191 34.43 24.95 37.06
N VAL LA 192 33.43 24.46 36.30
CA VAL LA 192 33.57 23.80 35.00
C VAL LA 192 34.02 24.84 33.96
N ALA LA 193 33.47 26.08 34.04
CA ALA LA 193 33.79 27.20 33.14
C ALA LA 193 35.27 27.59 33.24
N ALA LA 194 35.85 27.56 34.45
CA ALA LA 194 37.24 27.91 34.74
C ALA LA 194 38.29 27.01 34.05
N THR LA 195 37.86 25.83 33.53
CA THR LA 195 38.77 24.88 32.86
C THR LA 195 38.72 24.99 31.33
N PHE LA 196 37.51 25.06 30.73
CA PHE LA 196 37.37 25.10 29.27
C PHE LA 196 37.55 26.49 28.64
N THR LA 197 37.36 27.60 29.40
CA THR LA 197 37.51 28.97 28.88
C THR LA 197 38.97 29.34 28.58
N GLN LA 198 39.92 28.71 29.30
CA GLN LA 198 41.37 28.94 29.18
C GLN LA 198 41.88 28.70 27.73
N PRO LA 199 41.76 27.50 27.11
CA PRO LA 199 42.25 27.34 25.74
C PRO LA 199 41.24 27.81 24.69
N MET LA 200 40.00 28.17 25.12
CA MET LA 200 38.94 28.66 24.25
C MET LA 200 39.31 30.04 23.72
N ASN LA 201 39.59 31.01 24.63
CA ASN LA 201 39.99 32.38 24.29
C ASN LA 201 41.33 32.38 23.54
N ALA LA 202 42.25 31.46 23.91
CA ALA LA 202 43.55 31.28 23.29
C ALA LA 202 43.42 30.82 21.83
N ALA LA 203 42.37 30.02 21.52
CA ALA LA 203 42.08 29.56 20.17
C ALA LA 203 41.37 30.65 19.36
N VAL LA 204 40.60 31.53 20.05
CA VAL LA 204 39.88 32.66 19.42
C VAL LA 204 40.90 33.76 19.05
N ASN LA 205 41.83 34.07 19.97
CA ASN LA 205 42.87 35.10 19.80
C ASN LA 205 44.11 34.62 19.01
N SER LA 206 44.16 33.32 18.63
CA SER LA 206 45.28 32.76 17.87
C SER LA 206 45.40 33.41 16.49
N ASN LA 207 46.62 33.45 15.93
CA ASN LA 207 46.91 34.07 14.63
C ASN LA 207 46.52 33.19 13.43
N PHE LA 208 46.24 31.88 13.65
CA PHE LA 208 45.86 30.92 12.59
C PHE LA 208 44.47 31.26 12.04
N ILE LA 209 44.35 31.29 10.69
CA ILE LA 209 43.16 31.62 9.89
C ILE LA 209 42.78 33.10 10.11
N SER LA 210 42.78 33.88 9.01
CA SER LA 210 42.46 35.32 9.00
C SER LA 210 41.13 35.62 9.69
N HIS LA 211 41.05 36.81 10.35
CA HIS LA 211 39.86 37.29 11.07
C HIS LA 211 38.65 37.37 10.13
N GLU LA 212 38.90 37.75 8.88
CA GLU LA 212 37.90 37.86 7.83
C GLU LA 212 37.54 36.49 7.27
N LYS LA 213 38.53 35.58 7.16
CA LYS LA 213 38.32 34.20 6.68
C LYS LA 213 37.51 33.40 7.70
N ARG LA 214 37.75 33.63 9.01
CA ARG LA 214 37.04 32.99 10.12
C ARG LA 214 35.57 33.42 10.13
N ARG LA 215 35.31 34.71 9.83
CA ARG LA 215 33.98 35.31 9.75
C ARG LA 215 33.17 34.69 8.60
N GLU LA 216 33.85 34.35 7.48
CA GLU LA 216 33.25 33.72 6.29
C GLU LA 216 32.73 32.32 6.61
N PHE LA 217 33.48 31.54 7.44
CA PHE LA 217 33.12 30.19 7.88
C PHE LA 217 31.84 30.20 8.71
N LEU LA 218 31.75 31.14 9.68
CA LEU LA 218 30.59 31.32 10.56
C LEU LA 218 29.34 31.69 9.75
N LYS LA 219 29.51 32.46 8.66
CA LYS LA 219 28.44 32.84 7.73
C LYS LA 219 27.99 31.63 6.89
N ALA LA 220 28.96 30.80 6.45
CA ALA LA 220 28.75 29.60 5.65
C ALA LA 220 28.03 28.50 6.45
N PHE LA 221 28.34 28.36 7.76
CA PHE LA 221 27.72 27.38 8.65
C PHE LA 221 26.30 27.80 9.05
N GLY LA 222 25.97 29.08 8.82
CA GLY LA 222 24.67 29.66 9.15
C GLY LA 222 24.56 30.07 10.60
N LEU LA 223 25.65 30.60 11.16
CA LEU LA 223 25.73 31.05 12.56
C LEU LA 223 25.51 32.56 12.67
N VAL LA 224 26.16 33.35 11.79
CA VAL LA 224 26.03 34.82 11.74
C VAL LA 224 25.54 35.27 10.35
N ASP LA 225 24.91 36.45 10.28
CA ASP LA 225 24.39 37.03 9.04
C ASP LA 225 25.51 37.75 8.25
N SER LA 226 25.14 38.52 7.20
CA SER LA 226 26.05 39.27 6.32
C SER LA 226 26.92 40.29 7.06
N ASN LA 227 26.42 40.86 8.18
CA ASN LA 227 27.15 41.85 8.97
C ASN LA 227 28.00 41.18 10.06
N GLY LA 228 27.36 40.36 10.91
CA GLY LA 228 28.02 39.65 12.00
C GLY LA 228 27.12 39.29 13.17
N LYS LA 229 25.81 39.63 13.07
CA LYS LA 229 24.80 39.35 14.09
C LYS LA 229 24.47 37.84 14.11
N PRO LA 230 24.55 37.17 15.28
CA PRO LA 230 24.25 35.73 15.33
C PRO LA 230 22.76 35.42 15.14
N SER LA 231 22.45 34.19 14.69
CA SER LA 231 21.09 33.71 14.44
C SER LA 231 20.33 33.49 15.74
N ALA LA 232 19.00 33.34 15.66
CA ALA LA 232 18.08 33.11 16.78
C ALA LA 232 18.44 31.83 17.57
N ALA LA 233 19.01 30.82 16.88
CA ALA LA 233 19.44 29.54 17.45
C ALA LA 233 20.64 29.74 18.37
N VAL LA 234 21.57 30.64 18.00
CA VAL LA 234 22.79 30.97 18.76
C VAL LA 234 22.39 31.83 19.98
N MET LA 235 21.51 32.83 19.77
CA MET LA 235 21.02 33.75 20.80
C MET LA 235 20.27 33.01 21.93
N ALA LA 236 19.49 31.97 21.57
CA ALA LA 236 18.74 31.15 22.53
C ALA LA 236 19.68 30.29 23.36
N ALA LA 237 20.76 29.77 22.73
CA ALA LA 237 21.77 28.94 23.39
C ALA LA 237 22.62 29.75 24.36
N ALA LA 238 22.90 31.02 24.02
CA ALA LA 238 23.68 31.95 24.86
C ALA LA 238 22.88 32.35 26.10
N GLN LA 239 21.55 32.48 25.95
CA GLN LA 239 20.61 32.83 27.03
C GLN LA 239 20.41 31.62 27.95
N ALA LA 240 20.46 30.39 27.38
CA ALA LA 240 20.31 29.13 28.11
C ALA LA 240 21.50 28.87 29.04
N TYR LA 241 22.71 29.31 28.65
CA TYR LA 241 23.94 29.17 29.42
C TYR LA 241 23.93 30.08 30.66
N LYS LA 242 23.26 31.23 30.56
CA LYS LA 242 23.14 32.21 31.65
C LYS LA 242 22.29 31.67 32.81
N THR LA 243 21.27 30.84 32.50
CA THR LA 243 20.37 30.24 33.49
C THR LA 243 20.69 28.74 33.72
N ALA LA 244 21.79 28.24 33.11
CA ALA LA 244 22.23 26.84 33.22
C ALA LA 244 22.74 26.51 34.64
N ALA LA 245 22.63 25.23 35.04
CA ALA LA 245 23.07 24.72 36.34
C ALA LA 245 24.39 23.97 36.22
N GLN MA 5 44.99 50.87 92.91
CA GLN MA 5 45.47 50.14 91.74
C GLN MA 5 44.75 50.60 90.47
N GLU MA 6 43.47 51.04 90.59
CA GLU MA 6 42.68 51.51 89.45
C GLU MA 6 43.11 52.95 89.08
N LEU MA 7 44.31 53.05 88.48
CA LEU MA 7 44.93 54.30 88.03
C LEU MA 7 45.01 54.34 86.49
N ALA MA 8 44.44 53.31 85.83
CA ALA MA 8 44.39 53.17 84.37
C ALA MA 8 43.42 54.19 83.75
N ILE MA 9 42.45 54.69 84.56
CA ILE MA 9 41.44 55.68 84.17
C ILE MA 9 42.15 57.01 83.82
N GLN MA 10 43.18 57.38 84.62
CA GLN MA 10 44.00 58.58 84.44
C GLN MA 10 44.87 58.46 83.18
N PHE MA 11 45.34 57.23 82.88
CA PHE MA 11 46.14 56.91 81.69
C PHE MA 11 45.28 56.98 80.44
N ALA MA 12 43.98 56.61 80.58
CA ALA MA 12 42.98 56.62 79.52
C ALA MA 12 42.43 58.03 79.26
N ALA MA 13 42.34 58.86 80.32
CA ALA MA 13 41.85 60.24 80.26
C ALA MA 13 42.78 61.15 79.46
N GLN MA 14 44.05 60.71 79.25
CA GLN MA 14 45.09 61.41 78.51
C GLN MA 14 44.69 61.67 77.07
N ALA MA 15 44.97 62.90 76.58
CA ALA MA 15 44.71 63.31 75.20
C ALA MA 15 45.70 62.63 74.27
N VAL MA 16 45.19 61.96 73.22
CA VAL MA 16 46.01 61.21 72.27
C VAL MA 16 46.78 62.17 71.34
N ASP MA 17 48.11 62.02 71.29
CA ASP MA 17 49.00 62.81 70.45
C ASP MA 17 49.14 62.11 69.09
N ARG MA 18 48.48 62.68 68.06
CA ARG MA 18 48.43 62.15 66.68
C ARG MA 18 49.82 61.87 66.10
N ASN MA 19 50.76 62.81 66.27
CA ASN MA 19 52.12 62.68 65.73
C ASN MA 19 53.04 61.79 66.56
N GLU MA 20 52.78 61.65 67.89
CA GLU MA 20 53.56 60.76 68.77
C GLU MA 20 53.35 59.29 68.38
N ILE MA 21 52.12 58.96 67.96
CA ILE MA 21 51.70 57.64 67.48
C ILE MA 21 52.27 57.43 66.06
N GLU MA 22 52.27 58.49 65.23
CA GLU MA 22 52.79 58.51 63.86
C GLU MA 22 54.29 58.19 63.78
N GLN MA 23 55.04 58.51 64.85
CA GLN MA 23 56.48 58.24 64.96
C GLN MA 23 56.74 56.75 65.17
N TRP MA 24 55.93 56.11 66.02
CA TRP MA 24 56.05 54.70 66.38
C TRP MA 24 55.54 53.75 65.27
N VAL MA 25 54.48 54.15 64.53
CA VAL MA 25 53.92 53.32 63.45
C VAL MA 25 54.95 53.17 62.30
N ARG MA 26 55.71 54.25 61.99
CA ARG MA 26 56.76 54.25 60.97
C ARG MA 26 57.99 53.49 61.45
N GLU MA 27 58.23 53.50 62.77
CA GLU MA 27 59.34 52.79 63.44
C GLU MA 27 59.05 51.28 63.47
N PHE MA 28 57.81 50.91 63.86
CA PHE MA 28 57.36 49.51 63.96
C PHE MA 28 56.59 49.08 62.69
N ALA MA 29 57.03 49.58 61.52
CA ALA MA 29 56.41 49.27 60.22
C ALA MA 29 56.90 47.95 59.64
N TYR MA 30 56.16 47.41 58.66
CA TYR MA 30 56.50 46.17 57.94
C TYR MA 30 57.69 46.44 57.02
N GLN MA 31 58.65 45.50 56.93
CA GLN MA 31 59.83 45.65 56.08
C GLN MA 31 59.71 44.80 54.80
N GLY MA 32 58.57 44.16 54.62
CA GLY MA 32 58.27 43.34 53.45
C GLY MA 32 58.03 44.22 52.24
N PHE MA 33 56.76 44.60 52.01
CA PHE MA 33 56.28 45.49 50.94
C PHE MA 33 56.96 45.22 49.58
N ASP MA 34 57.29 46.31 48.87
CA ASP MA 34 57.99 46.43 47.60
C ASP MA 34 58.41 47.91 47.46
N ALA MA 35 58.61 48.43 46.23
CA ALA MA 35 58.97 49.81 45.88
C ALA MA 35 60.32 50.29 46.47
N ARG MA 36 60.79 51.42 45.93
CA ARG MA 36 62.03 52.17 46.14
C ARG MA 36 63.26 51.30 45.85
N ARG MA 37 63.35 50.11 46.49
CA ARG MA 37 64.45 49.15 46.33
C ARG MA 37 64.47 48.55 44.92
N VAL MA 38 63.28 48.35 44.31
CA VAL MA 38 63.10 47.78 42.96
C VAL MA 38 63.78 48.68 41.91
N ILE MA 39 63.47 49.99 41.92
CA ILE MA 39 64.03 50.99 40.99
C ILE MA 39 65.55 51.14 41.25
N GLU MA 40 65.96 51.08 42.53
CA GLU MA 40 67.36 51.16 42.97
C GLU MA 40 68.18 49.98 42.41
N LEU MA 41 67.56 48.78 42.35
CA LEU MA 41 68.19 47.57 41.83
C LEU MA 41 68.15 47.53 40.30
N LEU MA 42 67.07 48.08 39.68
CA LEU MA 42 66.91 48.13 38.22
C LEU MA 42 68.02 48.98 37.56
N LYS MA 43 68.38 50.11 38.20
CA LYS MA 43 69.43 51.01 37.71
C LYS MA 43 70.82 50.45 38.06
N GLN MA 44 70.91 49.59 39.09
CA GLN MA 44 72.15 48.95 39.55
C GLN MA 44 72.62 47.88 38.56
N TYR MA 45 71.69 47.05 38.05
CA TYR MA 45 72.01 45.97 37.09
C TYR MA 45 71.92 46.46 35.64
N GLY MA 46 70.86 47.19 35.31
CA GLY MA 46 70.60 47.70 33.97
C GLY MA 46 71.52 48.83 33.54
N GLY MA 47 71.57 49.88 34.34
CA GLY MA 47 72.38 51.06 34.08
C GLY MA 47 71.65 52.11 33.28
N ALA MA 48 71.88 52.14 31.95
CA ALA MA 48 71.25 53.08 31.03
C ALA MA 48 70.09 52.43 30.26
N ASP MA 49 70.21 51.12 29.98
CA ASP MA 49 69.22 50.32 29.25
C ASP MA 49 68.14 49.73 30.18
N TRP MA 50 68.04 50.26 31.41
CA TRP MA 50 67.09 49.78 32.42
C TRP MA 50 65.62 50.12 32.06
N GLU MA 51 65.38 51.26 31.39
CA GLU MA 51 64.04 51.72 31.00
C GLU MA 51 63.44 50.87 29.88
N LYS MA 52 64.26 50.49 28.87
CA LYS MA 52 63.82 49.67 27.73
C LYS MA 52 63.53 48.23 28.20
N ASP MA 53 64.37 47.69 29.10
CA ASP MA 53 64.23 46.34 29.64
C ASP MA 53 63.05 46.24 30.60
N ALA MA 54 62.73 47.32 31.34
CA ALA MA 54 61.59 47.39 32.26
C ALA MA 54 60.28 47.28 31.48
N LYS MA 55 60.21 47.93 30.30
CA LYS MA 55 59.07 47.90 29.39
C LYS MA 55 58.85 46.48 28.87
N LYS MA 56 59.95 45.74 28.59
CA LYS MA 56 59.95 44.36 28.13
C LYS MA 56 59.46 43.43 29.25
N MET MA 57 59.91 43.67 30.49
CA MET MA 57 59.57 42.89 31.68
C MET MA 57 58.11 43.08 32.10
N ILE MA 58 57.50 44.25 31.81
CA ILE MA 58 56.09 44.54 32.12
C ILE MA 58 55.19 43.69 31.20
N VAL MA 59 55.49 43.66 29.88
CA VAL MA 59 54.77 42.90 28.85
C VAL MA 59 54.90 41.39 29.15
N LEU MA 60 56.09 40.95 29.58
CA LEU MA 60 56.40 39.56 29.93
C LEU MA 60 55.61 39.06 31.15
N ALA MA 61 55.53 39.88 32.22
CA ALA MA 61 54.82 39.54 33.46
C ALA MA 61 53.29 39.56 33.29
N LEU MA 62 52.78 40.44 32.41
CA LEU MA 62 51.35 40.62 32.15
C LEU MA 62 50.76 39.50 31.29
N THR MA 63 51.48 39.08 30.23
CA THR MA 63 51.02 38.05 29.29
C THR MA 63 51.33 36.63 29.75
N ARG MA 64 52.55 36.38 30.28
CA ARG MA 64 52.93 35.03 30.70
C ARG MA 64 52.74 34.82 32.21
N GLY MA 65 53.67 35.29 33.04
CA GLY MA 65 53.59 35.14 34.48
C GLY MA 65 54.78 35.64 35.27
N ASN MA 66 55.01 35.04 36.46
CA ASN MA 66 56.09 35.41 37.37
C ASN MA 66 57.30 34.46 37.27
N LYS MA 67 57.07 33.15 37.02
CA LYS MA 67 58.13 32.14 36.89
C LYS MA 67 58.84 32.27 35.53
N PRO MA 68 60.11 32.72 35.47
CA PRO MA 68 60.77 32.90 34.16
C PRO MA 68 61.31 31.62 33.54
N ARG MA 69 61.77 30.65 34.36
CA ARG MA 69 62.32 29.38 33.89
C ARG MA 69 61.22 28.45 33.38
N ARG MA 70 59.99 28.57 33.93
CA ARG MA 70 58.85 27.74 33.56
C ARG MA 70 58.24 28.19 32.21
N MET MA 71 58.15 29.52 31.98
CA MET MA 71 57.58 30.09 30.75
C MET MA 71 58.54 29.92 29.55
N MET MA 72 59.85 29.79 29.82
CA MET MA 72 60.90 29.62 28.80
C MET MA 72 60.81 28.27 28.09
N MET MA 73 60.22 27.25 28.76
CA MET MA 73 60.03 25.89 28.25
C MET MA 73 59.09 25.88 27.03
N LYS MA 74 58.00 26.68 27.08
CA LYS MA 74 57.03 26.80 26.00
C LYS MA 74 57.05 28.24 25.45
N MET MA 75 58.13 28.56 24.70
CA MET MA 75 58.36 29.87 24.09
C MET MA 75 59.21 29.75 22.81
N SER MA 76 59.15 30.77 21.94
CA SER MA 76 59.90 30.84 20.68
C SER MA 76 61.40 31.07 20.94
N LYS MA 77 62.26 30.75 19.95
CA LYS MA 77 63.72 30.90 20.01
C LYS MA 77 64.12 32.37 20.24
N GLU MA 78 63.36 33.32 19.65
CA GLU MA 78 63.56 34.77 19.78
C GLU MA 78 63.30 35.22 21.22
N GLY MA 79 62.25 34.66 21.83
CA GLY MA 79 61.86 34.95 23.20
C GLY MA 79 62.80 34.34 24.23
N LYS MA 80 63.19 33.06 24.00
CA LYS MA 80 64.11 32.29 24.86
C LYS MA 80 65.43 33.02 25.11
N ALA MA 81 66.00 33.67 24.08
CA ALA MA 81 67.26 34.41 24.19
C ALA MA 81 67.10 35.74 24.92
N THR MA 82 65.99 36.47 24.67
CA THR MA 82 65.68 37.78 25.27
C THR MA 82 65.34 37.64 26.78
N VAL MA 83 64.56 36.59 27.14
CA VAL MA 83 64.15 36.33 28.54
C VAL MA 83 65.38 35.92 29.38
N GLU MA 84 66.22 35.00 28.85
CA GLU MA 84 67.43 34.52 29.54
C GLU MA 84 68.44 35.66 29.75
N ALA MA 85 68.47 36.65 28.83
CA ALA MA 85 69.34 37.82 28.91
C ALA MA 85 68.95 38.70 30.10
N LEU MA 86 67.64 38.77 30.43
CA LEU MA 86 67.10 39.54 31.55
C LEU MA 86 67.35 38.85 32.89
N ILE MA 87 67.34 37.50 32.90
CA ILE MA 87 67.58 36.67 34.10
C ILE MA 87 69.06 36.78 34.53
N ASN MA 88 69.99 36.71 33.55
CA ASN MA 88 71.43 36.77 33.80
C ASN MA 88 71.92 38.20 34.14
N LYS MA 89 71.14 39.24 33.76
CA LYS MA 89 71.51 40.64 34.00
C LYS MA 89 70.92 41.18 35.32
N TYR MA 90 69.58 41.09 35.48
CA TYR MA 90 68.84 41.60 36.63
C TYR MA 90 68.71 40.60 37.79
N LYS MA 91 69.22 39.36 37.60
CA LYS MA 91 69.20 38.25 38.56
C LYS MA 91 67.76 37.99 39.05
N LEU MA 92 66.83 37.88 38.08
CA LEU MA 92 65.39 37.67 38.30
C LEU MA 92 65.12 36.27 38.86
N LYS MA 93 64.20 36.20 39.85
CA LYS MA 93 63.82 34.96 40.54
C LYS MA 93 62.31 34.70 40.40
N GLU MA 94 61.83 33.60 40.99
CA GLU MA 94 60.41 33.21 40.96
C GLU MA 94 59.89 32.96 42.39
N GLY MA 95 58.69 33.45 42.65
CA GLY MA 95 58.02 33.32 43.95
C GLY MA 95 58.14 34.56 44.81
N ASN MA 96 58.30 34.37 46.13
CA ASN MA 96 58.43 35.45 47.10
C ASN MA 96 59.82 35.37 47.79
N PRO MA 97 60.88 35.98 47.19
CA PRO MA 97 62.21 35.90 47.80
C PRO MA 97 62.48 37.08 48.76
N SER MA 98 63.78 37.35 49.05
CA SER MA 98 64.22 38.42 49.95
C SER MA 98 64.04 39.82 49.32
N ARG MA 99 64.22 40.87 50.15
CA ARG MA 99 64.10 42.30 49.81
C ARG MA 99 65.06 42.71 48.68
N ASP MA 100 66.29 42.17 48.69
CA ASP MA 100 67.34 42.47 47.71
C ASP MA 100 67.16 41.73 46.36
N GLU MA 101 66.18 40.81 46.28
CA GLU MA 101 65.92 40.04 45.06
C GLU MA 101 64.80 40.67 44.22
N LEU MA 102 64.85 40.43 42.89
CA LEU MA 102 63.88 40.95 41.93
C LEU MA 102 63.08 39.83 41.25
N THR MA 103 61.79 40.09 41.01
CA THR MA 103 60.86 39.20 40.32
C THR MA 103 60.10 40.02 39.27
N LEU MA 104 59.51 39.36 38.27
CA LEU MA 104 58.77 40.00 37.19
C LEU MA 104 57.51 40.73 37.70
N SER MA 105 56.90 40.22 38.79
CA SER MA 105 55.72 40.81 39.44
C SER MA 105 56.10 42.08 40.23
N ARG MA 106 57.32 42.11 40.81
CA ARG MA 106 57.82 43.24 41.59
C ARG MA 106 58.15 44.45 40.71
N VAL MA 107 58.60 44.20 39.47
CA VAL MA 107 58.93 45.24 38.48
C VAL MA 107 57.62 45.89 38.00
N ALA MA 108 56.57 45.06 37.76
CA ALA MA 108 55.23 45.47 37.32
C ALA MA 108 54.46 46.22 38.42
N ALA MA 109 54.76 45.90 39.71
CA ALA MA 109 54.11 46.53 40.86
C ALA MA 109 54.74 47.90 41.18
N ALA MA 110 56.08 48.03 41.07
CA ALA MA 110 56.82 49.27 41.33
C ALA MA 110 56.51 50.34 40.28
N LEU MA 111 56.41 49.94 39.01
CA LEU MA 111 56.10 50.84 37.88
C LEU MA 111 54.63 50.63 37.47
N ALA MA 112 53.72 50.85 38.44
CA ALA MA 112 52.26 50.68 38.31
C ALA MA 112 51.62 51.62 37.27
N GLY MA 113 52.23 52.79 37.05
CA GLY MA 113 51.75 53.78 36.10
C GLY MA 113 51.85 53.35 34.65
N ARG MA 114 52.96 52.67 34.28
CA ARG MA 114 53.23 52.15 32.93
C ARG MA 114 52.49 50.82 32.71
N THR MA 115 52.39 49.99 33.77
CA THR MA 115 51.75 48.68 33.79
C THR MA 115 50.24 48.80 33.46
N CYS MA 116 49.54 49.76 34.09
CA CYS MA 116 48.10 49.95 33.87
C CYS MA 116 47.80 50.53 32.48
N GLN MA 117 48.72 51.33 31.91
CA GLN MA 117 48.60 51.88 30.55
C GLN MA 117 48.81 50.78 29.50
N ALA MA 118 49.65 49.77 29.82
CA ALA MA 118 49.98 48.63 28.96
C ALA MA 118 48.79 47.66 28.83
N LEU MA 119 47.86 47.68 29.80
CA LEU MA 119 46.66 46.82 29.84
C LEU MA 119 45.65 47.19 28.75
N VAL MA 120 45.68 48.44 28.26
CA VAL MA 120 44.81 48.94 27.19
C VAL MA 120 45.20 48.24 25.88
N VAL MA 121 46.52 48.10 25.62
CA VAL MA 121 47.07 47.43 24.45
C VAL MA 121 46.93 45.90 24.65
N LEU MA 122 47.54 45.36 25.73
CA LEU MA 122 47.47 43.94 26.06
C LEU MA 122 46.16 43.64 26.81
N SER MA 123 45.04 43.60 26.07
CA SER MA 123 43.72 43.36 26.64
C SER MA 123 43.28 41.90 26.49
N GLU MA 124 43.48 41.32 25.29
CA GLU MA 124 43.07 39.95 24.98
C GLU MA 124 44.21 38.92 25.16
N TRP MA 125 45.39 39.39 25.62
CA TRP MA 125 46.55 38.52 25.83
C TRP MA 125 46.74 38.17 27.32
N LEU MA 126 45.95 38.79 28.21
CA LEU MA 126 45.95 38.56 29.66
C LEU MA 126 45.30 37.21 30.01
N PRO MA 127 45.52 36.61 31.23
CA PRO MA 127 44.85 35.34 31.55
C PRO MA 127 43.32 35.50 31.56
N VAL MA 128 42.84 36.68 31.98
CA VAL MA 128 41.43 37.08 31.98
C VAL MA 128 41.30 38.19 30.93
N THR MA 129 40.64 37.89 29.81
CA THR MA 129 40.48 38.83 28.69
C THR MA 129 39.47 39.93 29.03
N GLY MA 130 39.56 41.05 28.29
CA GLY MA 130 38.68 42.21 28.44
C GLY MA 130 37.25 41.92 28.07
N THR MA 131 37.04 40.99 27.11
CA THR MA 131 35.73 40.55 26.62
C THR MA 131 35.00 39.76 27.74
N THR MA 132 35.77 38.97 28.52
CA THR MA 132 35.27 38.17 29.65
C THR MA 132 34.79 39.12 30.77
N MET MA 133 35.55 40.20 31.03
CA MET MA 133 35.24 41.20 32.04
C MET MA 133 34.05 42.07 31.61
N ASP MA 134 33.84 42.23 30.29
CA ASP MA 134 32.75 43.00 29.70
C ASP MA 134 31.41 42.28 29.89
N GLY MA 135 31.45 40.95 29.99
CA GLY MA 135 30.29 40.11 30.21
C GLY MA 135 29.72 40.25 31.59
N LEU MA 136 30.60 40.41 32.61
CA LEU MA 136 30.23 40.59 34.02
C LEU MA 136 29.73 42.02 34.26
N SER MA 137 30.49 43.02 33.75
CA SER MA 137 30.17 44.45 33.85
C SER MA 137 30.39 45.11 32.49
N PRO MA 138 29.35 45.73 31.87
CA PRO MA 138 29.54 46.37 30.55
C PRO MA 138 30.57 47.49 30.57
N ALA MA 139 31.50 47.46 29.58
CA ALA MA 139 32.62 48.39 29.39
C ALA MA 139 33.48 48.51 30.67
N TYR MA 140 34.05 47.37 31.12
CA TYR MA 140 34.89 47.28 32.30
C TYR MA 140 36.21 48.06 32.10
N PRO MA 141 36.66 48.88 33.10
CA PRO MA 141 37.92 49.63 32.92
C PRO MA 141 39.13 48.72 32.78
N ARG MA 142 39.84 48.86 31.66
CA ARG MA 142 41.02 48.06 31.28
C ARG MA 142 42.20 48.30 32.23
N HIS MA 143 42.32 49.52 32.80
CA HIS MA 143 43.39 49.90 33.73
C HIS MA 143 43.30 49.12 35.05
N MET MA 144 42.07 48.69 35.41
CA MET MA 144 41.75 47.93 36.63
C MET MA 144 41.92 46.41 36.42
N MET MA 145 42.80 45.98 35.49
CA MET MA 145 42.95 44.56 35.20
C MET MA 145 44.37 44.04 35.47
N HIS MA 146 44.90 44.35 36.67
CA HIS MA 146 46.18 43.88 37.20
C HIS MA 146 46.27 44.20 38.69
N PRO MA 147 46.78 43.26 39.56
CA PRO MA 147 46.88 43.55 41.00
C PRO MA 147 47.74 44.77 41.36
N SER MA 148 48.60 45.23 40.42
CA SER MA 148 49.49 46.38 40.61
C SER MA 148 48.73 47.72 40.61
N PHE MA 149 47.44 47.74 40.16
CA PHE MA 149 46.58 48.93 40.13
C PHE MA 149 46.33 49.48 41.56
N ALA MA 150 46.36 48.60 42.58
CA ALA MA 150 46.16 48.97 43.99
C ALA MA 150 47.19 50.03 44.44
N GLY MA 151 48.32 50.12 43.73
CA GLY MA 151 49.37 51.10 43.97
C GLY MA 151 49.08 52.45 43.34
N MET MA 152 48.04 52.52 42.49
CA MET MA 152 47.59 53.75 41.81
C MET MA 152 46.35 54.34 42.50
N VAL MA 153 45.73 53.56 43.42
CA VAL MA 153 44.53 53.95 44.17
C VAL MA 153 44.91 54.98 45.24
N ASP MA 154 44.17 56.10 45.28
CA ASP MA 154 44.35 57.20 46.24
C ASP MA 154 43.52 56.93 47.53
N PRO MA 155 44.16 56.70 48.70
CA PRO MA 155 43.38 56.44 49.92
C PRO MA 155 42.71 57.68 50.52
N SER MA 156 43.16 58.89 50.14
CA SER MA 156 42.61 60.16 50.63
C SER MA 156 41.22 60.46 50.04
N LEU MA 157 40.78 59.67 49.02
CA LEU MA 157 39.48 59.78 48.36
C LEU MA 157 38.33 59.53 49.34
N PRO MA 158 37.12 60.15 49.16
CA PRO MA 158 36.01 59.91 50.10
C PRO MA 158 35.59 58.44 50.16
N GLY MA 159 35.13 58.03 51.34
CA GLY MA 159 34.71 56.67 51.68
C GLY MA 159 33.92 55.92 50.62
N ASP MA 160 32.82 56.53 50.14
CA ASP MA 160 31.93 55.95 49.12
C ASP MA 160 32.65 55.78 47.78
N TYR MA 161 33.52 56.74 47.43
CA TYR MA 161 34.30 56.73 46.19
C TYR MA 161 35.45 55.73 46.26
N LEU MA 162 36.18 55.70 47.39
CA LEU MA 162 37.31 54.81 47.64
C LEU MA 162 36.87 53.35 47.59
N ARG MA 163 35.71 53.04 48.19
CA ARG MA 163 35.13 51.68 48.20
C ARG MA 163 34.67 51.29 46.79
N ALA MA 164 34.15 52.25 46.00
CA ALA MA 164 33.68 52.03 44.63
C ALA MA 164 34.82 51.63 43.68
N ILE MA 165 36.04 52.19 43.90
CA ILE MA 165 37.24 51.88 43.11
C ILE MA 165 37.74 50.48 43.50
N LEU MA 166 37.81 50.18 44.82
CA LEU MA 166 38.27 48.90 45.36
C LEU MA 166 37.33 47.75 44.98
N ASP MA 167 35.98 47.96 45.06
CA ASP MA 167 34.98 46.95 44.72
C ASP MA 167 34.99 46.62 43.22
N ALA MA 168 35.21 47.65 42.37
CA ALA MA 168 35.29 47.49 40.92
C ALA MA 168 36.54 46.73 40.53
N HIS MA 169 37.67 47.00 41.21
CA HIS MA 169 38.95 46.35 40.98
C HIS MA 169 38.92 44.89 41.47
N SER MA 170 38.18 44.64 42.57
CA SER MA 170 38.01 43.31 43.18
C SER MA 170 37.28 42.33 42.25
N LEU MA 171 36.50 42.84 41.26
CA LEU MA 171 35.77 42.06 40.27
C LEU MA 171 36.78 41.30 39.39
N TYR MA 172 37.90 41.94 39.02
CA TYR MA 172 38.97 41.31 38.25
C TYR MA 172 39.77 40.37 39.16
N LEU MA 173 40.16 40.86 40.38
CA LEU MA 173 40.94 40.12 41.38
C LEU MA 173 40.28 38.80 41.76
N LEU MA 174 38.94 38.73 41.68
CA LEU MA 174 38.17 37.52 41.97
C LEU MA 174 38.36 36.50 40.84
N GLN MA 175 38.23 36.96 39.58
CA GLN MA 175 38.37 36.12 38.38
C GLN MA 175 39.82 35.72 38.14
N PHE MA 176 40.78 36.63 38.41
CA PHE MA 176 42.22 36.41 38.23
C PHE MA 176 42.74 35.33 39.19
N SER MA 177 42.43 35.47 40.50
CA SER MA 177 42.86 34.54 41.56
C SER MA 177 42.34 33.11 41.32
N ARG MA 178 41.15 32.96 40.71
CA ARG MA 178 40.60 31.64 40.39
C ARG MA 178 41.36 31.01 39.22
N VAL MA 179 41.82 31.85 38.27
CA VAL MA 179 42.55 31.41 37.07
C VAL MA 179 44.00 30.99 37.42
N ILE MA 180 44.78 31.87 38.08
CA ILE MA 180 46.19 31.61 38.41
C ILE MA 180 46.34 30.63 39.60
N ASN MA 181 45.33 30.56 40.50
CA ASN MA 181 45.34 29.64 41.63
C ASN MA 181 44.12 28.69 41.51
N PRO MA 182 44.34 27.43 41.03
CA PRO MA 182 43.20 26.52 40.79
C PRO MA 182 42.47 26.04 42.04
N ASN MA 183 43.09 26.11 43.24
CA ASN MA 183 42.44 25.66 44.47
C ASN MA 183 41.37 26.65 44.97
N LEU MA 184 41.33 27.90 44.42
CA LEU MA 184 40.36 28.95 44.76
C LEU MA 184 39.13 28.95 43.82
N ARG MA 185 39.11 28.03 42.82
CA ARG MA 185 38.03 27.90 41.84
C ARG MA 185 36.70 27.47 42.48
N GLY MA 186 36.77 26.50 43.39
CA GLY MA 186 35.62 25.94 44.09
C GLY MA 186 35.11 26.75 45.27
N ARG MA 187 36.02 27.50 45.92
CA ARG MA 187 35.74 28.32 47.09
C ARG MA 187 34.94 29.57 46.71
N THR MA 188 34.04 30.00 47.62
CA THR MA 188 33.12 31.15 47.46
C THR MA 188 33.87 32.49 47.38
N LYS MA 189 33.13 33.56 46.97
CA LYS MA 189 33.59 34.95 46.81
C LYS MA 189 34.32 35.46 48.06
N GLU MA 190 33.77 35.20 49.26
CA GLU MA 190 34.32 35.62 50.55
C GLU MA 190 35.68 34.96 50.84
N GLU MA 191 35.83 33.66 50.47
CA GLU MA 191 37.06 32.88 50.65
C GLU MA 191 38.19 33.39 49.74
N VAL MA 192 37.84 33.74 48.49
CA VAL MA 192 38.78 34.25 47.48
C VAL MA 192 39.19 35.70 47.86
N ALA MA 193 38.22 36.50 48.36
CA ALA MA 193 38.44 37.90 48.77
C ALA MA 193 39.50 38.02 49.86
N ALA MA 194 39.49 37.11 50.86
CA ALA MA 194 40.43 37.07 51.99
C ALA MA 194 41.91 36.91 51.57
N THR MA 195 42.18 36.34 50.37
CA THR MA 195 43.55 36.13 49.88
C THR MA 195 44.13 37.37 49.18
N PHE MA 196 43.30 38.19 48.49
CA PHE MA 196 43.79 39.36 47.76
C PHE MA 196 43.52 40.72 48.47
N THR MA 197 42.61 40.79 49.46
CA THR MA 197 42.29 42.04 50.17
C THR MA 197 43.45 42.57 51.01
N GLN MA 198 44.27 41.67 51.62
CA GLN MA 198 45.41 42.06 52.45
C GLN MA 198 46.53 42.75 51.62
N PRO MA 199 47.08 42.17 50.51
CA PRO MA 199 48.14 42.90 49.76
C PRO MA 199 47.59 44.10 48.97
N MET MA 200 46.26 44.14 48.72
CA MET MA 200 45.58 45.24 48.01
C MET MA 200 45.58 46.49 48.89
N ASN MA 201 45.09 46.38 50.14
CA ASN MA 201 45.02 47.47 51.12
C ASN MA 201 46.41 48.00 51.48
N ALA MA 202 47.44 47.11 51.48
CA ALA MA 202 48.83 47.45 51.76
C ALA MA 202 49.43 48.34 50.67
N ALA MA 203 48.99 48.14 49.41
CA ALA MA 203 49.44 48.92 48.25
C ALA MA 203 48.73 50.29 48.17
N VAL MA 204 47.49 50.36 48.67
CA VAL MA 204 46.68 51.59 48.71
C VAL MA 204 47.24 52.52 49.80
N ASN MA 205 47.50 51.95 50.99
CA ASN MA 205 48.00 52.69 52.16
C ASN MA 205 49.54 52.88 52.14
N SER MA 206 50.24 52.43 51.08
CA SER MA 206 51.69 52.58 50.95
C SER MA 206 52.07 54.04 50.68
N ASN MA 207 53.20 54.48 51.25
CA ASN MA 207 53.72 55.85 51.14
C ASN MA 207 54.32 56.19 49.76
N PHE MA 208 54.56 55.17 48.90
CA PHE MA 208 55.13 55.37 47.56
C PHE MA 208 54.11 56.03 46.63
N ILE MA 209 54.48 57.22 46.08
CA ILE MA 209 53.70 58.12 45.21
C ILE MA 209 52.62 58.78 46.08
N SER MA 210 52.69 60.13 46.20
CA SER MA 210 51.78 60.94 47.01
C SER MA 210 50.30 60.79 46.59
N HIS MA 211 49.39 61.09 47.54
CA HIS MA 211 47.93 61.00 47.40
C HIS MA 211 47.40 61.85 46.23
N GLU MA 212 47.97 63.05 46.03
CA GLU MA 212 47.57 63.97 44.98
C GLU MA 212 48.04 63.50 43.60
N LYS MA 213 49.27 62.94 43.53
CA LYS MA 213 49.85 62.40 42.29
C LYS MA 213 49.09 61.14 41.84
N ARG MA 214 48.68 60.29 42.81
CA ARG MA 214 47.92 59.07 42.58
C ARG MA 214 46.53 59.40 42.03
N ARG MA 215 45.91 60.49 42.54
CA ARG MA 215 44.60 60.99 42.13
C ARG MA 215 44.66 61.49 40.68
N GLU MA 216 45.80 62.09 40.26
CA GLU MA 216 46.03 62.60 38.90
C GLU MA 216 46.04 61.46 37.88
N PHE MA 217 46.64 60.29 38.25
CA PHE MA 217 46.72 59.11 37.40
C PHE MA 217 45.33 58.54 37.11
N LEU MA 218 44.48 58.42 38.16
CA LEU MA 218 43.10 57.93 38.07
C LEU MA 218 42.26 58.84 37.17
N LYS MA 219 42.53 60.16 37.20
CA LYS MA 219 41.87 61.18 36.37
C LYS MA 219 42.33 61.07 34.91
N ALA MA 220 43.63 60.77 34.69
CA ALA MA 220 44.26 60.61 33.39
C ALA MA 220 43.81 59.33 32.69
N PHE MA 221 43.59 58.23 33.46
CA PHE MA 221 43.12 56.95 32.92
C PHE MA 221 41.61 57.00 32.59
N GLY MA 222 40.92 58.02 33.10
CA GLY MA 222 39.49 58.22 32.90
C GLY MA 222 38.65 57.40 33.84
N LEU MA 223 39.11 57.25 35.10
CA LEU MA 223 38.42 56.49 36.14
C LEU MA 223 37.59 57.41 37.04
N VAL MA 224 38.19 58.54 37.48
CA VAL MA 224 37.55 59.56 38.33
C VAL MA 224 37.59 60.93 37.62
N ASP MA 225 36.66 61.83 37.96
CA ASP MA 225 36.56 63.18 37.38
C ASP MA 225 37.40 64.22 38.15
N SER MA 226 37.14 65.53 37.90
CA SER MA 226 37.85 66.68 38.46
C SER MA 226 37.87 66.71 39.99
N ASN MA 227 36.78 66.25 40.64
CA ASN MA 227 36.68 66.22 42.10
C ASN MA 227 37.21 64.90 42.67
N GLY MA 228 36.70 63.77 42.16
CA GLY MA 228 37.10 62.43 42.60
C GLY MA 228 36.03 61.37 42.46
N LYS MA 229 34.85 61.73 41.90
CA LYS MA 229 33.72 60.83 41.68
C LYS MA 229 34.04 59.83 40.55
N PRO MA 230 33.91 58.50 40.77
CA PRO MA 230 34.21 57.54 39.70
C PRO MA 230 33.19 57.56 38.56
N SER MA 231 33.61 57.10 37.37
CA SER MA 231 32.79 57.04 36.16
C SER MA 231 31.71 55.94 36.26
N ALA MA 232 30.71 55.98 35.36
CA ALA MA 232 29.60 55.02 35.28
C ALA MA 232 30.09 53.58 35.08
N ALA MA 233 31.23 53.41 34.39
CA ALA MA 233 31.87 52.12 34.11
C ALA MA 233 32.40 51.48 35.40
N VAL MA 234 32.96 52.31 36.30
CA VAL MA 234 33.52 51.90 37.60
C VAL MA 234 32.36 51.56 38.56
N MET MA 235 31.32 52.41 38.58
CA MET MA 235 30.13 52.26 39.44
C MET MA 235 29.35 50.97 39.12
N ALA MA 236 29.27 50.59 37.83
CA ALA MA 236 28.59 49.38 37.38
C ALA MA 236 29.37 48.13 37.80
N ALA MA 237 30.72 48.20 37.75
CA ALA MA 237 31.63 47.11 38.12
C ALA MA 237 31.63 46.87 39.64
N ALA MA 238 31.46 47.96 40.43
CA ALA MA 238 31.40 47.90 41.90
C ALA MA 238 30.08 47.27 42.35
N GLN MA 239 28.99 47.53 41.61
CA GLN MA 239 27.65 46.99 41.86
C GLN MA 239 27.61 45.51 41.46
N ALA MA 240 28.36 45.13 40.42
CA ALA MA 240 28.46 43.75 39.90
C ALA MA 240 29.18 42.83 40.90
N TYR MA 241 30.15 43.37 41.66
CA TYR MA 241 30.92 42.63 42.67
C TYR MA 241 30.06 42.29 43.89
N LYS MA 242 29.08 43.17 44.21
CA LYS MA 242 28.16 43.01 45.33
C LYS MA 242 27.22 41.80 45.13
N THR MA 243 26.84 41.53 43.86
CA THR MA 243 25.95 40.43 43.48
C THR MA 243 26.72 39.26 42.83
N ALA MA 244 28.08 39.35 42.79
CA ALA MA 244 28.96 38.33 42.21
C ALA MA 244 28.95 37.02 43.01
N ALA MA 245 29.22 35.90 42.31
CA ALA MA 245 29.26 34.56 42.90
C ALA MA 245 30.69 34.09 43.10
#